data_6RUI
#
_entry.id   6RUI
#
_cell.length_a   1.00
_cell.length_b   1.00
_cell.length_c   1.00
_cell.angle_alpha   90.00
_cell.angle_beta   90.00
_cell.angle_gamma   90.00
#
_symmetry.space_group_name_H-M   'P 1'
#
loop_
_entity.id
_entity.type
_entity.pdbx_description
1 polymer 'Template strand'
2 polymer 'Nontemplate strand'
3 polymer 'DNA-directed RNA polymerase I subunit RPA12'
4 polymer 'DNA-directed RNA polymerase I subunit RPA34'
5 polymer 'DNA-directed RNA polymerase I subunit RPA49'
6 polymer 'DNA-directed RNA polymerase I subunit RPA190'
7 polymer 'DNA-directed RNA polymerase I subunit RPA135'
8 polymer 'DNA-directed RNA polymerases I and III subunit RPAC1'
9 polymer 'DNA-directed RNA polymerase I subunit RPA14'
10 polymer 'DNA-directed RNA polymerases I, II, and III subunit RPABC1'
11 polymer 'DNA-directed RNA polymerases I, II, and III subunit RPABC2'
12 polymer 'DNA-directed RNA polymerase I subunit RPA43'
13 polymer 'DNA-directed RNA polymerases I, II, and III subunit RPABC3'
14 polymer 'DNA-directed RNA polymerases I, II, and III subunit RPABC5'
15 polymer 'DNA-directed RNA polymerases I and III subunit RPAC2'
16 polymer 'DNA-directed RNA polymerases I, II, and III subunit RPABC4'
17 polymer 'RNA polymerase I-specific transcription initiation factor RRN3'
18 polymer 'RNA polymerase I-specific transcription initiation factor RRN7'
19 polymer 'RNA polymerase I-specific transcription initiation factor RRN6'
20 polymer 'RNA polymerase I-specific transcription initiation factor RRN11'
21 non-polymer 'ZINC ION'
#
loop_
_entity_poly.entity_id
_entity_poly.type
_entity_poly.pdbx_seq_one_letter_code
_entity_poly.pdbx_strand_id
1 'polydeoxyribonucleotide'
;(DG)(DT)(DC)(DT)(DT)(DC)(DA)(DA)(DC)(DT)(DG)(DC)(DT)(DT)(DT)(DC)(DG)(DC)(DA)(DT)
(DG)(DA)(DA)(DG)(DT)(DA)(DC)(DC)(DT)(DC)(DC)(DC)(DA)(DA)(DC)(DT)(DA)(DC)(DT)(DT)
(DT)(DT)(DC)(DC)(DT)(DC)(DA)(DC)(DA)(DC)(DT)(DT)(DG)(DT)(DA)(DC)(DT)(DC)(DC)(DA)
(DT)(DG)(DA)(DC)(DT)(DA)(DA)(DA)(DC)(DC)
;
T
2 'polydeoxyribonucleotide'
;(DG)(DG)(DT)(DT)(DT)(DA)(DG)(DT)(DC)(DA)(DT)(DG)(DG)(DA)(DG)(DT)(DA)(DC)(DA)(DA)
(DG)(DT)(DG)(DT)(DG)(DA)(DG)(DG)(DA)(DA)(DA)(DA)(DG)(DT)(DA)(DG)(DT)(DT)(DG)(DG)
(DG)(DA)(DG)(DG)(DT)(DA)(DC)(DT)(DT)(DC)(DA)(DT)(DG)(DC)(DG)(DA)(DA)(DA)(DG)(DC)
(DA)(DG)(DT)(DT)(DG)(DA)(DA)(DG)(DA)(DC)
;
U
3 'polypeptide(L)'
;MSVVGSLIFCLDCGDLLENPNAVLGSNVECSQCKAIYPKSQFSNLKVVTTTADDAFPSSLRAKKSVVKTSLKKNELKDGA
TIKEKCPQCGNEEMNYHTLQLRSADEGATVFYTCTSCGYKFRTNN
;
I
4 'polypeptide(L)'
;MSKLSKDYVSDSDSDDEVISNEFSIPDGFKKCKHLKNFPLNGDNKKKAKQQQVWLIKFPSNVDISKLKSLPVDFESSTTM
TIDKHDYKIMDDTDIESSLTQDNLSNMTLLVPSESKESLKIASTAKDNAPLQFDKVFSVSETAKIPAIDYSKVRVPRKDV
PKVEGLKLEHFATGYDAEDFHVAEEVKENKKEPKKRSHHDDEEESSEKKKKKKEKREKREKKDKKDKKKKHRD
;
N
5 'polypeptide(L)'
;MSVKRSVSEIEIESVQDQPSVAVGSFFKGFRAPSDTTFDLYKKKKSEKDEFVLHGENERLEYEGYTDSSSQASNQYVVGL
FNPEKKSIQLYKAPVLVSKVVSKSSKNLRGPKIKSKSDTRPSALRNALGEAFGTKKAKKAIADLERNRIDSDKLTDSAID
IVDSVRTASKDLPTRAQLDEITSNDRPTPLANIDATDVEQIYPIESIIPKKELQFIRVSSILKEADKEKKLELFPYQNNS
KYVAKKLDSLTQPSQMTKLQLLYYLSLLLGVYENRRVNNKTKLLERLNSPPEILVDGILSRFTVIKPGQFGRSKDRSYFI
DPQNEDKILCYILAIIMHLDNFIVEITPLAHELNLKPSKVVSLFRVLGAIVKGATVAQAEAFGIPKSTAASYKIATMKVP
FKLPEMTRRGRGPRR
;
M
6 'polypeptide(L)'
;MDISKPVGSEITSVDFGILTAKEIRNLSAKQITNPTVLDNLGHPVSGGLYDLALGAFLRNLCSTCGLDEKFCPGHQGHIE
LPVPCYNPLFFNQLYIYLRASCLFCHHFRLKSVEVHRYACKLRLLQYGLIDESYKLDEITLGSLNSSMYTDDEAIEDNED
EMDGEGSKQSKDISSTLLNELKSKRSEYVDMAIAKALSDGRTTERGSFTATVNDERKKLVHEFHKKLLSRGKCDNCGMFS
PKFRKDGFTKIFETALNEKQITNNRVKGFIRQDMIKKQKQAKKLDGSNEASANDEESFDVGRNPTTRPKTGSTYILSTEV
KNILDTVFRKEQCVLQYVFHSRPNLSRKLVKADSFFMDVLVVPPTRFRLPSKLGEEVHENSQNQLLSKVLTTSLLIRDLN
DDLSKLQKDKVSLEDRRVIFSRLMNAFVTIQNDVNAFIDSTKAQGRTSGKVPIPGVKQALEKKEGLFRKHMMGKRVNYAA
RSVISPDPNIETNEIGVPPVFAVKLTYPEPVTAYNIAELRQAVINGPDKWPGATQIQNEDGSLVSLIGMSVEQRKALANQ
LLTPSSNVSTHTLNKKVYRHIKNRDVVLMNRQPTLHKASMMGHKVRVLPNEKTLRLHYANTGAYNADFDGDEMNMHFPQN
ENARAEALNLANTDSQYLTPTSGSPVRGLIQDHISAGVWLTSKDSFFTREQYQQYIYGCIRPEDGHTTRSKIVTLPPTIF
KPYPLWTGKQIITTVLLNVTPPDMPGINLISKNKIKNEYWGKGSLENEVLFKDGALLCGILDKSQYGASKYGIVHSLHEV
YGPEVAAKVLSVLGRLFTNYITATAFTCGMDDLRLTAEGNKWRTDILKTSVDTGREAAAEVTNLDKDTPADDPELLKRLQ
EILRDNNKSGILDAVTSSKVNAITSQVVSKCVPDGTMKKFPCNSMQAMALSGAKGSNVNVSQIMCLLGQQALEGRRVPVM
VSGKTLPSFKPYETDAMAGGYVKGRFYSGIKPQEYYFHCMAGREGLIDTAVKTSRSGYLQRCLTKQLEGVHVSYDNSIRD
ADGTLVQFMYGGDAIDITKESHMTQFEFCLDNYYALLKKYNPSALIEHLDVESALKYSKKTLKYRKKHSKEPHYKQSVKY
DPVLAKYNPAKYLGSVSENFQDKLESFLDKNSKLFKSSDGVNEKKFRALMQLKYMRSLINPGEAVGIIASQSVGEPSTQM
TLNTFHFAGHGAANVTLGIPRLREIVMTASAAIKTPQMTLPIWNDVSDEQADTFCKSISKVLLSEVIDKVIVTETTGTSN
TAGGNAARSYVIHMRFFDNNEYSEEYDVSKEELQNVISNQFIHLLEAAIVKEIKKQKRTTGPDIGVAVPRLQTDVANSSS
NSKRLEEDNDEEQSHKKTKQAVSYDEPDEDEIETMREAEKSSDEEGIDSDKESDSDSEDEDVDMNEQINKSIVEANNNMN
KVQRDRQSAIISHHRFITKYNFDDESGKWCEFKLELAADTEKLLMVNIVEEICRKSIIRQIPHIDRCVHPEPENGKRVLV
TEGVNFQAMWDQEAFIDVDGITSNDVAAVLKTYGVEAARNTIVNEINNVFSRYAISVSFRHLDLIADMMTRQGTYLAFNR
QGMETSTSSFMKMSYETTCQFLTKAVLDNEREQLDSPSARIVVGKLNNVGTGSFDVLAKVPNAA
;
A
7 'polypeptide(L)'
;MSKVIKPPGQARTADFRTLERESRFINPPKDKSAFPLLQEAVQPHIGSFNALTEGPDGGLLNLGVKDIGEKVIFDGKPLN
SEDEISNSGYLGNKLSVSVEQVSIAKPMSNDGVSSAVERKVYPSESRQRLTSYRGKLLLKLKWSVNNGEENLFEVRDCGG
LPVMLQSNRCHLNKMSPYELVQHKEESDEIGGYFIVNGIEKLIRMLIVQRRNHPMAIIRPSFANRGASYSHYGIQIRSVR
PDQTSQTNVLHYLNDGQVTFRFSWRKNEYLVPVVMILKALCHTSDREIFDGIIGNDVKDSFLTDRLELLLRGFKKRYPHL
QNRTQVLQYLGDKFRVVFQASPDQSDLEVGQEVLDRIVLVHLGKDGSQDKFRMLLFMIRKLYSLVAGECSPDNPDATQHQ
EVLLGGFLYGMILKEKIDEYLQNIIAQVRMDINRGMAINFKDKRYMSRVLMRVNENIGSKMQYFLSTGNLVSQSGLDLQQ
VSGYTVVAEKINFYRFISHFRMVHRGSFFAQLKTTTVRKLLPESWGFLCPVHTPDGSPCGLLNHFAHKCRISTQQSDVSR
IPSILYSLGVAPASHTFAAGPSLCCVQIDGKIIGWVSHEQGKIIADTLRYWKVEGKTPGLPIDLEIGYVPPSTRGQYPGL
YLFGGHSRMLRPVRYLPLDKEDIVGPFEQVYMNIAVTPQEIQNNVHTHVEFTPTNILSILANLTPFSDFNQSPRNMYQCQ
MGKQTMGTPGVALCHRSDNKLYRLQTGQTPIVKANLYDDYGMDNFPNGFNAVVAVISYTGYDMDDAMIINKSADERGFGY
GTMYKTEKVDLALNRNRGDPITQHFGFGNDEWPKEWLEKLDEDGLPYIGTYVEEGDPICAYFDDTLNKTKIKTYHSSEPA
YIEEVNLIGDESNKFQELQTVSIKYRIRRTPQIGDKFSSRHGQKGVCSRKWPTIDMPFSETGIQPDIIINPHAFPSRMTI
GMFVESLAGKAGALHGIAQDSTPWIFNEDDTPADYFGEQLAKAGYNYHGNEPMYSGATGEELRADIYVGVVYYQRLRHMV
NDKFQVRSTGPVNSLTMQPVKGRKRHGGIRVGEMERDALIGHGTSFLLQDRLLNSSDYTQASVCRECGSILTTQQSVPRI
GSISTVCCRRCSMRFEDAKKLLTKSEDGEKIFIDDSQIWEDGQGNKFVGGNETTTVAIPFVLKYLDSELSAMGIRLRYNV
EPK
;
B
8 'polypeptide(L)'
;MSNIVGIEYNRVTNTTSTDFPGFSKDAENEWNVEKFKKDFEVNISSLDAREANFDLINIDTSIANAFRRIMISEVPSVAA
EYVYFFNNTSVIQDEVLAHRIGLVPLKVDPDMLTWVDSNLPDDEKFTDENTIVLSLNVKCTRNPDAPKGSTDPKELYNNA
HVYARDLKFEPQGRQSTTFADCPVVPADPDILLAKLRPGQEISLKAHCILGIGGDHAKFSPVSTASYRLLPQINILQPIK
GESARRFQKCFPPGVIGIDEGSDEAYVKDARKDTVSREVLRYEEFADKVKLGRVRNHFIFNVESAGAMTPEEIFFKSVRI
LKNKAEYLKNCPITQ
;
C
9 'polypeptide(L)'
;MMKGSRRTGNNTATTLNTPVVIHATQLPQHVSTDEVLQFLESFIDEKENIIDSTTMNTISGNAADADAAAVANTSLNIDT
NLSSSISQLKRIQRDFKGLPPAQDFSAAPIQVSTTEKKETSIGVSATGGKKTTFADE
;
D
10 'polypeptide(L)'
;MDQENERNISRLWRAFRTVKEMVKDRGYFITQEEVELPLEDFKAKYCDSMGRPQRKMMSFQANPTEESISKFPDMGSLWV
EFCDEPSVGVKTMKTFVIHIQEKNFQTGIFVYQNNITPSAMKLVPSIPPATIETFNEAALVVNITHHELVPKHIRLSSDE
KRELLKRYRLKESQLPRIQRADPVALYLGLKRGEVVKIIRKSETSGRYASYRICM
;
E
11 'polypeptide(L)'
;MSDYEEAFNDGNENFEDFDVEHFSDEETYEEKPQFKDGETTDANGKTIVTGGNGPEDFQQHEQIRRKTLKEKAIPKDQRA
TTPYMTKYERARILGTRALQISMNAPVFVDLEGETDPLRIAMKELAEKKIPLVIRRYLPDGSFEDWSVEELIVDL
;
F
12 'polypeptide(L)'
;MSQVKRANENRETARFIKKHKKQVTNPIDEKNGTSNCIVRVPIALYVSLAPMYLENPLQGVMKQHLNPLVMKYNNKVGGV
VLGYEGLKILDADPLSKEDTSEKLIKITPDTPFGFTWCHVNLYVWQPQVGDVLEGYIFIQSASHIGLLIHDAFNASIKKN
NIPVDWTFVHNDVEEDADVINTDENNGNNNNEDNKDSNGGSNSLGKFSFGNRSLGHWVDSNGEPIDGKLRFTVRNVHTTG
RVVSVDGTLISDADEEGNGYNSSRSQAESLPIVSNKKIVFDDEVSIENKESHKELDLPEVKEDNGSEIVYEENTSESNDG
ESSDSD
;
G
13 'polypeptide(L)'
;MSNTLFDDIFQVSEVDPGRYNKVCRIEAASTTQDQCKLTLDINVELFPVAAQDSLTVTIASSLNLEDTPANDSSATRSWR
PPQAGDRSLADDYDYVMYGTAYKFEEVSKDLIAVYYSFGGLLMRLEGNYRNLNNLKQENAYLLIRR
;
H
14 'polypeptide(L)' MIVPVRCFSCGKVVGDKWESYLNLLQEDELDEGTALSRLGLKRYCCRRMILTHVDLIEKFLRYNPLEKRD J
15 'polypeptide(L)'
;MTEDIEQKKTATEVTPQEPKHIQEEEEQDVDMTGDEEQEEEPDREKIKLLTQATSEDGTSASFQIVEEDHTLGNALRYVI
MKNPDVEFCGYSIPHPSENLLNIRIQTYGETTAVDALQKGLKDLMDLCDVVESKFTEKIKSM
;
K
16 'polypeptide(L)' MSREGFQIPTNLDAAAAGTSQARTATLKYICAECSSKLSLSRTDAVRCKDCGHRILLKARTKRLVQFEAR L
17 'polypeptide(L)'
;MMAFENTSKRPPQDFVAPIDQKKRKVQFSDSTGLVTLQPEEIKDEVFSAAMYSRFVKSALDDLDKNDSTQIGIIANQVAL
PSKNPERINDKNLNILLDILSSNINRIESSRGTFLIQSIINFEKWWELPPHTLSKYIYFIKILCSSIPKWWQDVSMILVS
CFILPIKQTVCHHDMLKYFLRMIPSSMGFIDTYLAKFFPNKNDTRRKLVNYTSNLLKLRGYCSELGFQIWSLLIEKIISI
DVELQNELDELDDDVDDDDLEEVDLEDDDDLDDDSGDDDDENCGNSNEELRSGAADGSQSDSEDMDIIEGMDGTEEYNVE
LTQGIKELSTKLDSILTLVSTHVEEQVTPESLESGEGVGVFNTLTTLFKTHVLPTYYTRSIQYIMFHVSQQQLELMDSFL
VTLIDISFAVNEAAEKKIKSLQYLGSYIARAKKLSRTQIIFVASYLTSWLNRYVIEREEEVDQRGGMERFKHFYAAFQAL
CYIFCFRHNIFRDTDGNWECELDKFFQRMVISKFNPLKFCNENVMLMFARIAQQESVAYCFSIIENNNNERLRGIIGKAD
SDKKENSAQANTTSSSWSLATRQQFIDLQSYFPYDPLFLKNYKILMKEYYIEWSEASGEYESDGSDD
;
O
18 'polypeptide(L)'
;MSTFIRGPICGTDNCPSRLWRIIDGRRTCQYGHVMEGDVEFNDDEDDLNGLGAGVITRRLNLTTNATGSFQSSQLTNSQL
LQQQQRQSHKKFKKLIGHEAKLLFLKSFQFILKRQIRWLITEMRFPKEFEHVAKIIWLKILKTINDQPQEELKLQLHMTS
TISILYLASTHLSLPVYTCDYIKWICTAKMPYFQASEILPKSWRIQLPNYYVSILEGSISPFNGQLYNKIALTCGMIHFK
EFFNSEISCQGLLLKLVMQCALPPEFYFYTKQVIEFEETDIRNLTLWERTDERHTGRVSNHAELRVLSYFMLTINWMLSF
DRDRQYPLKWILSLTESLTQRTTTSESIGRNIVKVVYPDKPTSSDYFQWSEEETLEFLKWMEKQFLPTQTKSLHNENGSM
EMTIDQKIARRKLYKIFPLDREANHDGEFNDSTHQLTFIEDLQERYAKQTPFFESNKIRDSLNYQEANPPARKEAIGRLL
THIASQLLVDFAISKEQLKDCISRIKNACLHRMN
;
Q
19 'polypeptide(L)'
;MSEGQIPSSDVLGSQLGVGVQGASLYCPQENYTTKKQEKPQWLRPVDDTLAEDALDLHIVVKSLLCDTAIRYISDDKVLQ
ESDADDDLITSDIDEDTDNQGDTSIVVNPVIPVVPKDVHFFKKVDVGNDSMFGVNCDTPVSFQDYIPSDLLRNLDDTLQE
STNSSRPMQDAFFWDPTVANRLDSQYIQTASDLRNYRDGTEIIAYASGKTGSVLNIAVLTRQNTLHLNRHNNVTSIELHS
PIKSIKIPGASESIGRRSNLVGIITENSFQIFRIESVHSRSCDVMVSSSEPLYFVEIDDLQVVDFAFNPWDLQQFAIIDI
KGNWSIGRIPKNFNNNNKRKLQLIDNLHGTIFDPEELSSWKRIEWFSHFQKILVFDRSKMIEIDFMNNWQTEVVQAKAWS
NIRDYKRIDDKNGILLTSREIIIVGASESNDPVRRISWKHDLDPDDTTLRITVQKVKKPDHILLVAFVYSMRHKRIYMHV
FSHRKANLFQSLGCSTVLEIPGGTPTGIETILTLDHIDDESRREEDADENFELVVDFLVKLRNSSEVYYYALSNTQNSEP
NKQETPIIVDHPEWASLFNNADEREKESIGALVSQIKLKERERISRVQNLIEHENSHDEDKYLQDLGYRLSIATNELLES
WQKTKDESILSGSLSHSKLKNLLENSDSFASIPEFSSLLDQFFQYYQDQDVTFIGFEKLLHLFLHEDVPGLDIFYNKLLQ
CWVLVSPQAELLTKEIVKDIIWSLARLEKPSLFEPIQNEISRSLSGPYQDIISSWDMDDINEEDESNEFNFDSQFSAPFN
GRPPFNLNSQSQIPTIKSSQSSGLARRKRILKTQSQKATPLSQSTQNLSVLPDSMTPAFTLMQPPSSQISFVNDSQPRNS
QKAKKKKKRIRGFG
;
S
20 'polypeptide(L)'
;MFEVPITLTNRKFAQRRKLKYQYINYISRRFDRISKKSTTTDSLPTPENSAAENNDEEEGQNSEAGTYRRSVLQQKKRRR
ERHWRSVVGEIYSTTESETDSQEEETEEGGEHDTGIDKEDSDEERKFWKKYEKPEKSFEIWRTVSSQNKQPINKQKMTYH
NFKKIEKIPLRKMEIPLLHCTKENKLYFQSISRGLEPLKTSTSEVRNYRTRHIVTLTDLLHLNVSRHNWSLAYKIFATLI
RIPGVQIKSLWGIGVEILDNLSNSSSGLDFLQWMCQIYSSKSRFVQNINYRSIVPPFQTGSRTHTAKFAITYLWSSLINC
QKSMEPSSNIIDKPFDTENDLLQELIDKISEWVLTPPFMEDAEVWFIYASCHLLKADTLSRQFVNDNKNNDLIGLDRDIK
INQVIKHIHYVRTFLKICLDKGGFAVPSRLIENQLKSFESRLYGEAQDIQERDVANVYDSIDNSSVENSFGDVYETNAEF
LDTQLMDLSPEDNGLDEMHYSDEDSSE
;
R
#
loop_
_chem_comp.id
_chem_comp.type
_chem_comp.name
_chem_comp.formula
DA DNA linking 2'-DEOXYADENOSINE-5'-MONOPHOSPHATE 'C10 H14 N5 O6 P'
DC DNA linking 2'-DEOXYCYTIDINE-5'-MONOPHOSPHATE 'C9 H14 N3 O7 P'
DG DNA linking 2'-DEOXYGUANOSINE-5'-MONOPHOSPHATE 'C10 H14 N5 O7 P'
DT DNA linking THYMIDINE-5'-MONOPHOSPHATE 'C10 H15 N2 O8 P'
ZN non-polymer 'ZINC ION' 'Zn 2'
#
# COMPACT_ATOMS: atom_id res chain seq x y z
N SER C 2 -3.34 52.04 53.38
CA SER C 2 -4.38 52.87 52.78
C SER C 2 -5.53 52.03 52.30
N VAL C 3 -6.72 52.61 52.30
CA VAL C 3 -7.95 51.86 52.09
C VAL C 3 -8.31 51.88 50.62
N VAL C 4 -8.56 50.70 50.06
CA VAL C 4 -9.23 50.58 48.76
C VAL C 4 -10.43 49.69 49.00
N GLY C 5 -11.61 50.29 49.13
CA GLY C 5 -12.82 49.54 49.39
C GLY C 5 -12.78 48.76 50.69
N SER C 6 -12.87 47.45 50.59
CA SER C 6 -12.75 46.59 51.76
C SER C 6 -11.32 46.22 52.05
N LEU C 7 -10.37 46.64 51.21
CA LEU C 7 -8.97 46.28 51.37
C LEU C 7 -8.24 47.43 52.03
N ILE C 8 -7.15 47.08 52.71
CA ILE C 8 -6.35 48.08 53.38
C ILE C 8 -4.90 47.60 53.40
N PHE C 9 -3.99 48.51 53.11
CA PHE C 9 -2.60 48.18 52.87
C PHE C 9 -1.72 49.05 53.74
N CYS C 10 -0.52 48.56 54.06
CA CYS C 10 0.36 49.29 54.94
C CYS C 10 1.24 50.25 54.16
N LEU C 11 1.46 51.41 54.73
CA LEU C 11 2.14 52.47 54.02
C LEU C 11 3.64 52.42 54.22
N ASP C 12 4.13 51.49 55.03
CA ASP C 12 5.57 51.26 55.16
C ASP C 12 6.02 50.06 54.35
N CYS C 13 5.52 48.88 54.70
CA CYS C 13 5.97 47.63 54.11
C CYS C 13 5.25 47.29 52.81
N GLY C 14 4.16 47.99 52.50
CA GLY C 14 3.35 47.65 51.35
C GLY C 14 2.47 46.42 51.50
N ASP C 15 2.53 45.74 52.63
CA ASP C 15 1.80 44.50 52.86
C ASP C 15 0.32 44.78 53.02
N LEU C 16 -0.48 43.73 52.85
CA LEU C 16 -1.91 43.77 53.13
C LEU C 16 -2.15 43.59 54.62
N LEU C 17 -2.87 44.53 55.23
CA LEU C 17 -3.24 44.39 56.62
C LEU C 17 -4.30 43.31 56.80
N GLU C 18 -4.45 42.88 58.05
CA GLU C 18 -5.50 41.95 58.41
C GLU C 18 -6.79 42.73 58.63
N ASN C 19 -7.91 42.10 58.31
CA ASN C 19 -9.21 42.75 58.43
C ASN C 19 -9.56 42.93 59.91
N PRO C 20 -9.80 44.16 60.39
CA PRO C 20 -10.06 44.35 61.82
C PRO C 20 -11.44 43.88 62.27
N ASN C 21 -11.73 42.61 62.14
CA ASN C 21 -12.91 42.09 62.81
C ASN C 21 -12.62 40.84 63.61
N ALA C 22 -11.84 39.92 63.08
CA ALA C 22 -11.60 38.63 63.73
C ALA C 22 -10.30 38.63 64.51
N VAL C 23 -9.79 39.81 64.82
CA VAL C 23 -8.56 39.91 65.59
C VAL C 23 -8.81 39.56 67.05
N LEU C 24 -7.77 39.07 67.71
CA LEU C 24 -7.84 38.78 69.14
C LEU C 24 -7.02 39.81 69.89
N GLY C 25 -7.58 40.32 70.97
CA GLY C 25 -6.87 41.27 71.79
C GLY C 25 -6.79 42.68 71.23
N SER C 26 -7.53 42.99 70.16
CA SER C 26 -7.68 44.33 69.60
C SER C 26 -6.34 44.95 69.17
N ASN C 27 -5.77 44.39 68.10
CA ASN C 27 -4.62 44.99 67.43
C ASN C 27 -4.58 44.54 65.97
N VAL C 28 -4.19 45.47 65.08
CA VAL C 28 -3.75 45.12 63.72
C VAL C 28 -2.43 45.84 63.45
N GLU C 29 -1.67 45.29 62.50
CA GLU C 29 -0.30 45.72 62.25
C GLU C 29 0.15 45.22 60.88
N CYS C 30 1.24 45.78 60.39
CA CYS C 30 1.94 45.14 59.27
C CYS C 30 2.51 43.81 59.73
N SER C 31 2.60 42.88 58.79
CA SER C 31 3.22 41.60 59.11
C SER C 31 4.68 41.56 58.70
N GLN C 32 5.05 42.32 57.66
CA GLN C 32 6.45 42.35 57.24
C GLN C 32 7.24 43.23 58.20
N CYS C 33 6.93 44.53 58.22
CA CYS C 33 7.42 45.40 59.27
C CYS C 33 6.35 45.39 60.36
N LYS C 34 6.40 46.33 61.29
CA LYS C 34 5.36 46.42 62.29
C LYS C 34 4.76 47.82 62.28
N ALA C 35 3.45 47.88 62.34
CA ALA C 35 2.73 49.10 62.61
C ALA C 35 1.97 48.90 63.91
N ILE C 36 1.29 49.95 64.38
CA ILE C 36 0.67 49.92 65.69
C ILE C 36 -0.75 50.45 65.55
N TYR C 37 -1.75 49.58 65.75
CA TYR C 37 -3.16 49.97 65.75
C TYR C 37 -3.92 49.12 66.74
N PRO C 38 -3.87 49.46 68.02
CA PRO C 38 -4.70 48.73 68.99
C PRO C 38 -6.16 49.14 68.94
N LYS C 39 -6.46 50.31 68.39
CA LYS C 39 -7.81 50.84 68.44
C LYS C 39 -8.71 50.25 67.36
N SER C 40 -8.13 49.61 66.35
CA SER C 40 -8.80 49.22 65.11
C SER C 40 -9.53 50.43 64.51
N GLN C 41 -8.71 51.42 64.17
CA GLN C 41 -9.17 52.79 63.97
C GLN C 41 -10.11 52.92 62.77
N PHE C 42 -9.96 52.06 61.77
CA PHE C 42 -10.58 52.29 60.48
C PHE C 42 -12.07 51.97 60.52
N SER C 43 -12.84 52.76 59.78
CA SER C 43 -14.28 52.84 59.94
C SER C 43 -14.97 51.68 59.23
N ASN C 44 -16.29 51.77 59.11
CA ASN C 44 -17.04 50.82 58.29
C ASN C 44 -16.71 51.05 56.84
N LEU C 45 -16.44 49.98 56.12
CA LEU C 45 -16.01 50.04 54.72
C LEU C 45 -17.13 49.49 53.87
N LYS C 46 -17.94 50.39 53.30
CA LYS C 46 -19.16 50.01 52.60
C LYS C 46 -18.85 49.84 51.12
N VAL C 47 -18.91 48.61 50.64
CA VAL C 47 -18.50 48.27 49.28
C VAL C 47 -19.72 47.83 48.48
N VAL C 48 -20.32 48.79 47.77
CA VAL C 48 -21.52 48.53 47.00
C VAL C 48 -21.17 47.82 45.70
N THR C 49 -21.77 46.66 45.49
CA THR C 49 -21.57 45.83 44.31
C THR C 49 -22.89 45.63 43.61
N THR C 50 -22.94 45.98 42.34
CA THR C 50 -24.15 45.86 41.53
C THR C 50 -24.03 44.60 40.69
N THR C 51 -25.16 43.96 40.43
CA THR C 51 -25.15 42.78 39.57
C THR C 51 -24.88 43.17 38.13
N ALA C 52 -24.42 42.20 37.35
CA ALA C 52 -24.14 42.46 35.95
C ALA C 52 -25.44 42.56 35.18
N ASP C 53 -25.45 43.39 34.14
CA ASP C 53 -26.66 43.49 33.32
C ASP C 53 -26.63 42.52 32.15
N ASP C 54 -26.26 41.29 32.49
CA ASP C 54 -26.36 40.08 31.69
C ASP C 54 -26.86 38.95 32.56
N ALA C 55 -26.91 39.16 33.87
CA ALA C 55 -27.02 38.06 34.82
C ALA C 55 -28.41 37.47 34.85
N PHE C 56 -29.41 38.25 34.48
CA PHE C 56 -30.78 37.78 34.50
C PHE C 56 -31.35 37.97 33.11
N PRO C 57 -31.08 37.05 32.19
CA PRO C 57 -31.70 37.16 30.87
C PRO C 57 -33.16 36.74 30.94
N SER C 58 -34.00 37.48 30.24
CA SER C 58 -35.43 37.26 30.31
C SER C 58 -36.06 37.82 29.06
N SER C 59 -37.36 37.58 28.91
CA SER C 59 -38.12 38.18 27.83
C SER C 59 -38.41 39.63 28.08
N LEU C 60 -38.29 40.09 29.32
CA LEU C 60 -38.60 41.46 29.65
C LEU C 60 -37.38 42.33 29.60
N ARG C 61 -36.21 41.77 29.90
CA ARG C 61 -34.96 42.49 29.69
C ARG C 61 -34.69 42.71 28.22
N ALA C 62 -35.05 41.73 27.40
CA ALA C 62 -34.86 41.84 25.95
C ALA C 62 -35.73 42.93 25.35
N LYS C 63 -36.91 43.16 25.93
CA LYS C 63 -37.74 44.27 25.47
C LYS C 63 -37.19 45.61 25.88
N LYS C 64 -36.26 45.65 26.82
CA LYS C 64 -35.57 46.87 27.20
C LYS C 64 -34.32 47.10 26.36
N SER C 65 -34.19 46.39 25.26
CA SER C 65 -33.16 46.66 24.28
C SER C 65 -33.65 47.67 23.27
N VAL C 66 -32.75 48.56 22.85
CA VAL C 66 -33.11 49.55 21.85
C VAL C 66 -33.21 48.94 20.46
N VAL C 67 -32.49 47.88 20.20
CA VAL C 67 -32.58 47.19 18.92
C VAL C 67 -33.65 46.11 19.02
N LYS C 68 -34.07 45.61 17.86
CA LYS C 68 -35.08 44.56 17.82
C LYS C 68 -34.48 43.24 18.22
N THR C 69 -35.15 42.53 19.11
CA THR C 69 -34.68 41.25 19.62
C THR C 69 -35.57 40.09 19.25
N SER C 70 -36.71 40.33 18.62
CA SER C 70 -37.61 39.25 18.27
C SER C 70 -38.37 39.63 17.02
N LEU C 71 -38.45 38.72 16.07
CA LEU C 71 -39.22 38.94 14.86
C LEU C 71 -40.71 38.95 15.15
N LYS C 72 -41.46 39.57 14.26
CA LYS C 72 -42.90 39.45 14.28
C LYS C 72 -43.30 38.03 13.90
N LYS C 73 -44.55 37.67 14.19
CA LYS C 73 -44.96 36.29 14.02
C LYS C 73 -45.16 35.93 12.54
N ASN C 74 -45.92 36.73 11.82
CA ASN C 74 -46.32 36.36 10.47
C ASN C 74 -45.73 37.29 9.41
N GLU C 75 -44.75 38.12 9.75
CA GLU C 75 -44.23 39.12 8.82
C GLU C 75 -42.87 38.73 8.24
N LEU C 76 -42.68 37.46 7.89
CA LEU C 76 -41.46 37.03 7.21
C LEU C 76 -41.79 35.84 6.33
N LYS C 77 -41.56 35.97 5.02
CA LYS C 77 -41.90 34.90 4.09
C LYS C 77 -40.86 34.71 2.98
N ASP C 78 -39.65 35.27 3.16
CA ASP C 78 -38.46 35.03 2.32
C ASP C 78 -38.67 35.54 0.88
N GLY C 79 -39.64 36.44 0.67
CA GLY C 79 -39.80 37.15 -0.60
C GLY C 79 -40.08 36.32 -1.84
N ALA C 80 -41.28 35.73 -1.95
CA ALA C 80 -41.58 34.71 -2.94
C ALA C 80 -42.38 35.28 -4.11
N THR C 81 -41.81 35.17 -5.31
CA THR C 81 -42.60 35.14 -6.54
C THR C 81 -41.98 34.17 -7.55
N ILE C 82 -41.40 33.08 -7.04
CA ILE C 82 -40.63 32.13 -7.84
C ILE C 82 -41.61 31.28 -8.64
N LYS C 83 -41.68 31.52 -9.94
CA LYS C 83 -42.74 30.95 -10.75
C LYS C 83 -42.46 29.49 -11.01
N GLU C 84 -43.13 28.64 -10.25
CA GLU C 84 -43.08 27.18 -10.40
C GLU C 84 -44.51 26.71 -10.56
N LYS C 85 -44.88 26.30 -11.77
CA LYS C 85 -46.25 25.86 -12.02
C LYS C 85 -46.46 24.52 -11.33
N CYS C 86 -46.92 24.56 -10.10
CA CYS C 86 -47.00 23.33 -9.35
C CYS C 86 -48.46 22.95 -9.10
N PRO C 87 -48.78 21.65 -9.19
CA PRO C 87 -50.16 21.19 -9.04
C PRO C 87 -50.59 20.99 -7.59
N GLN C 88 -49.91 21.65 -6.65
CA GLN C 88 -50.07 21.37 -5.22
C GLN C 88 -51.44 21.82 -4.73
N CYS C 89 -51.75 23.11 -4.81
CA CYS C 89 -53.15 23.54 -4.75
C CYS C 89 -53.57 24.23 -6.04
N GLY C 90 -53.00 25.38 -6.36
CA GLY C 90 -53.16 26.02 -7.66
C GLY C 90 -51.91 26.84 -7.91
N ASN C 91 -50.90 26.59 -7.08
CA ASN C 91 -49.91 27.60 -6.76
C ASN C 91 -48.92 27.81 -7.91
N GLU C 92 -48.49 29.06 -8.06
CA GLU C 92 -47.40 29.42 -8.94
C GLU C 92 -46.08 29.63 -8.19
N GLU C 93 -46.12 29.95 -6.91
CA GLU C 93 -44.93 30.36 -6.16
C GLU C 93 -44.45 29.24 -5.25
N MET C 94 -43.13 29.22 -5.01
CA MET C 94 -42.52 28.23 -4.14
C MET C 94 -41.14 28.73 -3.74
N ASN C 95 -40.88 28.84 -2.44
CA ASN C 95 -39.58 29.30 -1.94
C ASN C 95 -38.52 28.22 -2.12
N TYR C 96 -37.26 28.65 -2.25
CA TYR C 96 -36.17 27.72 -2.53
C TYR C 96 -34.93 28.10 -1.74
N HIS C 97 -33.95 27.20 -1.79
CA HIS C 97 -32.69 27.24 -1.05
C HIS C 97 -31.80 26.12 -1.58
N THR C 98 -30.48 26.35 -1.59
CA THR C 98 -29.55 25.39 -2.17
C THR C 98 -28.37 25.09 -1.25
N LEU C 99 -27.74 23.95 -1.49
CA LEU C 99 -26.53 23.48 -0.80
C LEU C 99 -25.70 22.68 -1.79
N GLN C 100 -24.80 21.85 -1.28
CA GLN C 100 -24.07 20.86 -2.08
C GLN C 100 -23.81 19.65 -1.19
N LEU C 101 -24.72 18.68 -1.22
CA LEU C 101 -24.67 17.60 -0.26
C LEU C 101 -23.84 16.41 -0.71
N ARG C 102 -23.62 16.26 -2.02
CA ARG C 102 -23.01 15.07 -2.59
C ARG C 102 -21.48 15.13 -2.44
N SER C 103 -20.79 14.24 -3.13
CA SER C 103 -19.32 14.14 -3.03
C SER C 103 -18.62 15.06 -4.01
N ALA C 104 -19.00 16.34 -4.01
CA ALA C 104 -18.40 17.43 -4.79
C ALA C 104 -18.40 17.18 -6.30
N ASP C 105 -19.18 16.21 -6.79
CA ASP C 105 -19.24 15.87 -8.19
C ASP C 105 -20.64 15.95 -8.76
N GLU C 106 -21.66 15.55 -8.01
CA GLU C 106 -23.03 15.67 -8.47
C GLU C 106 -23.63 16.96 -7.94
N GLY C 107 -24.48 17.58 -8.76
CA GLY C 107 -24.84 18.97 -8.60
C GLY C 107 -25.69 19.28 -7.39
N ALA C 108 -26.04 20.56 -7.28
CA ALA C 108 -26.81 21.08 -6.15
C ALA C 108 -28.25 20.63 -6.24
N THR C 109 -28.77 20.07 -5.15
CA THR C 109 -30.19 19.72 -5.05
C THR C 109 -30.89 20.80 -4.23
N VAL C 110 -31.98 21.31 -4.76
CA VAL C 110 -32.63 22.54 -4.32
C VAL C 110 -33.66 22.21 -3.24
N PHE C 111 -33.68 23.02 -2.19
CA PHE C 111 -34.60 22.84 -1.07
C PHE C 111 -35.83 23.71 -1.31
N TYR C 112 -36.87 23.12 -1.91
CA TYR C 112 -38.09 23.83 -2.23
C TYR C 112 -39.05 23.90 -1.05
N THR C 113 -39.92 24.91 -1.06
CA THR C 113 -40.86 25.15 0.04
C THR C 113 -42.07 25.91 -0.52
N CYS C 114 -43.24 25.28 -0.51
CA CYS C 114 -44.42 25.95 -1.04
C CYS C 114 -44.98 26.98 -0.06
N THR C 115 -45.82 27.86 -0.57
CA THR C 115 -46.35 29.00 0.19
C THR C 115 -47.85 28.96 0.38
N SER C 116 -48.63 28.83 -0.70
CA SER C 116 -50.06 29.05 -0.65
C SER C 116 -50.78 27.96 0.14
N CYS C 117 -50.60 26.71 -0.26
CA CYS C 117 -51.12 25.59 0.50
C CYS C 117 -50.15 25.08 1.54
N GLY C 118 -48.86 25.39 1.41
CA GLY C 118 -47.88 24.88 2.32
C GLY C 118 -47.52 23.44 2.12
N TYR C 119 -48.03 22.79 1.09
CA TYR C 119 -47.80 21.36 0.89
C TYR C 119 -46.42 21.13 0.31
N LYS C 120 -45.64 20.30 0.99
CA LYS C 120 -44.22 20.13 0.67
C LYS C 120 -44.04 19.32 -0.60
N PHE C 121 -43.47 19.96 -1.61
CA PHE C 121 -43.15 19.37 -2.89
C PHE C 121 -41.66 19.57 -3.14
N ARG C 122 -40.96 18.49 -3.45
CA ARG C 122 -39.51 18.53 -3.62
C ARG C 122 -39.11 17.88 -4.94
N THR C 123 -38.15 18.49 -5.63
CA THR C 123 -37.62 18.00 -6.90
C THR C 123 -36.10 18.02 -6.83
N ASN C 124 -35.46 16.95 -7.30
CA ASN C 124 -34.01 16.93 -7.47
C ASN C 124 -33.64 17.36 -8.90
N ASN C 125 -34.24 16.73 -9.90
CA ASN C 125 -34.01 17.13 -11.28
C ASN C 125 -35.32 17.46 -11.99
N PHE D 23 24.96 47.30 51.89
CA PHE D 23 24.93 46.99 50.47
C PHE D 23 26.19 46.21 50.06
N SER D 24 27.33 46.92 50.04
CA SER D 24 28.64 46.41 49.62
C SER D 24 28.61 45.82 48.22
N ILE D 25 27.86 46.47 47.33
CA ILE D 25 27.65 46.06 45.94
C ILE D 25 28.95 46.12 45.15
N PRO D 26 29.07 45.39 44.03
CA PRO D 26 30.29 45.52 43.21
C PRO D 26 30.38 46.89 42.53
N ASP D 27 31.58 47.17 42.05
CA ASP D 27 31.99 48.53 41.70
C ASP D 27 31.41 48.96 40.36
N GLY D 28 31.88 50.10 39.87
CA GLY D 28 31.24 50.86 38.82
C GLY D 28 30.32 51.88 39.44
N PHE D 29 29.63 51.49 40.51
CA PHE D 29 28.67 52.32 41.22
C PHE D 29 29.43 53.21 42.21
N LYS D 30 30.08 54.24 41.66
CA LYS D 30 30.68 55.28 42.47
C LYS D 30 29.60 56.22 42.97
N LYS D 31 29.62 56.54 44.26
CA LYS D 31 28.50 57.25 44.84
C LYS D 31 28.49 58.72 44.44
N CYS D 32 27.37 59.36 44.68
CA CYS D 32 27.19 60.78 44.43
C CYS D 32 27.44 61.49 45.75
N LYS D 33 28.69 61.90 45.97
CA LYS D 33 29.04 62.64 47.17
C LYS D 33 28.37 64.01 47.19
N HIS D 34 28.64 64.82 46.18
CA HIS D 34 28.21 66.21 46.14
C HIS D 34 27.07 66.37 45.13
N LEU D 35 26.03 67.09 45.51
CA LEU D 35 24.89 67.33 44.65
C LEU D 35 24.58 68.82 44.62
N LYS D 36 23.79 69.23 43.63
CA LYS D 36 23.58 70.63 43.36
C LYS D 36 22.36 71.17 44.10
N ASN D 37 22.09 72.44 43.85
CA ASN D 37 21.00 73.15 44.50
C ASN D 37 19.70 72.97 43.72
N PHE D 38 18.61 72.76 44.44
CA PHE D 38 17.27 72.83 43.88
C PHE D 38 16.37 73.56 44.87
N PRO D 39 16.16 74.85 44.70
CA PRO D 39 15.32 75.61 45.66
C PRO D 39 13.81 75.48 45.45
N LEU D 40 13.23 74.43 46.01
CA LEU D 40 11.78 74.30 46.14
C LEU D 40 11.37 74.64 47.56
N ASN D 41 10.68 75.76 47.73
CA ASN D 41 10.40 76.34 49.03
C ASN D 41 8.97 76.13 49.47
N GLY D 42 7.99 76.39 48.60
CA GLY D 42 6.60 76.12 48.94
C GLY D 42 6.00 77.06 49.96
N ASP D 43 5.78 78.31 49.57
CA ASP D 43 5.21 79.31 50.47
C ASP D 43 3.71 79.07 50.65
N ASN D 44 3.07 80.01 51.35
CA ASN D 44 1.63 80.02 51.65
C ASN D 44 1.11 78.74 52.32
N LYS D 49 3.24 83.66 40.70
CA LYS D 49 3.42 83.80 42.13
C LYS D 49 4.32 82.71 42.69
N GLN D 50 3.79 81.49 42.73
CA GLN D 50 4.46 80.39 43.39
C GLN D 50 5.22 79.51 42.39
N GLN D 51 6.18 78.75 42.92
CA GLN D 51 7.02 77.86 42.12
C GLN D 51 6.24 76.59 41.84
N GLN D 52 5.74 76.43 40.62
CA GLN D 52 5.12 75.19 40.20
C GLN D 52 6.20 74.18 39.87
N VAL D 53 5.96 72.92 40.24
CA VAL D 53 6.92 71.84 40.01
C VAL D 53 6.45 71.04 38.81
N TRP D 54 7.22 71.09 37.73
CA TRP D 54 6.85 70.36 36.53
C TRP D 54 7.72 69.12 36.37
N LEU D 55 7.20 68.15 35.61
CA LEU D 55 7.94 66.96 35.21
C LEU D 55 7.66 66.76 33.73
N ILE D 56 8.61 67.10 32.90
CA ILE D 56 8.41 67.00 31.45
C ILE D 56 9.29 65.89 30.90
N LYS D 57 8.80 65.26 29.83
CA LYS D 57 9.52 64.21 29.12
C LYS D 57 10.22 64.77 27.89
N PHE D 58 11.23 64.04 27.45
CA PHE D 58 11.89 64.23 26.17
C PHE D 58 12.41 62.87 25.72
N PRO D 59 12.46 62.62 24.42
CA PRO D 59 13.27 61.49 23.94
C PRO D 59 14.74 61.78 24.16
N SER D 60 15.55 60.73 24.18
CA SER D 60 16.98 60.88 24.43
C SER D 60 17.72 61.50 23.25
N ASN D 61 17.08 61.63 22.10
CA ASN D 61 17.72 62.20 20.92
C ASN D 61 17.77 63.72 20.98
N VAL D 62 16.78 64.36 21.56
CA VAL D 62 16.78 65.83 21.61
C VAL D 62 17.66 66.28 22.76
N ASP D 63 18.53 67.26 22.48
CA ASP D 63 19.49 67.75 23.45
C ASP D 63 18.99 69.08 23.99
N ILE D 64 18.83 69.14 25.31
CA ILE D 64 17.96 70.15 25.91
C ILE D 64 18.62 71.51 25.95
N SER D 65 19.94 71.55 26.13
CA SER D 65 20.67 72.82 26.11
C SER D 65 20.74 73.44 24.73
N LYS D 66 20.48 72.67 23.67
CA LYS D 66 20.54 73.20 22.31
C LYS D 66 19.40 74.14 21.99
N LEU D 67 18.28 74.04 22.69
CA LEU D 67 17.10 74.84 22.36
C LEU D 67 16.79 75.77 23.52
N LYS D 68 15.95 76.76 23.24
CA LYS D 68 15.76 77.88 24.15
C LYS D 68 14.33 78.10 24.58
N SER D 69 13.34 77.58 23.85
CA SER D 69 11.93 77.86 24.14
C SER D 69 11.11 76.58 24.06
N LEU D 70 10.12 76.47 24.94
CA LEU D 70 9.25 75.30 24.99
C LEU D 70 7.80 75.75 24.86
N PRO D 71 7.22 75.62 23.67
CA PRO D 71 5.82 76.05 23.46
C PRO D 71 4.85 75.11 24.17
N VAL D 72 4.03 75.67 25.05
CA VAL D 72 3.20 74.88 25.94
C VAL D 72 1.75 75.18 25.59
N ASP D 73 0.86 74.27 26.01
CA ASP D 73 -0.57 74.45 25.82
C ASP D 73 -1.32 74.00 27.07
N PHE D 74 -2.53 74.52 27.22
CA PHE D 74 -3.45 74.05 28.25
C PHE D 74 -3.91 72.62 27.96
N GLU D 75 -4.47 72.40 26.77
CA GLU D 75 -4.81 71.07 26.27
C GLU D 75 -3.60 70.49 25.54
N SER D 76 -3.81 69.45 24.74
CA SER D 76 -2.72 68.70 24.11
C SER D 76 -2.46 69.13 22.67
N SER D 77 -2.55 70.42 22.36
CA SER D 77 -2.40 70.89 20.97
C SER D 77 -1.17 71.78 20.85
N THR D 78 -0.01 71.15 20.61
CA THR D 78 1.17 71.85 20.14
C THR D 78 1.79 71.05 19.01
N THR D 79 2.66 71.72 18.25
CA THR D 79 3.56 71.04 17.32
C THR D 79 4.75 71.95 17.12
N MET D 80 5.90 71.56 17.64
CA MET D 80 7.14 72.26 17.38
C MET D 80 7.97 71.46 16.39
N THR D 81 8.89 72.14 15.71
CA THR D 81 9.70 71.52 14.67
C THR D 81 11.16 71.87 14.91
N ILE D 82 11.96 70.85 15.19
CA ILE D 82 13.40 71.02 15.39
C ILE D 82 14.09 70.06 14.42
N ASP D 83 14.57 70.60 13.30
CA ASP D 83 15.36 69.90 12.27
C ASP D 83 14.60 68.71 11.70
N LYS D 84 13.51 69.04 11.00
CA LYS D 84 12.63 68.14 10.23
C LYS D 84 11.85 67.15 11.08
N HIS D 85 12.03 67.15 12.40
CA HIS D 85 11.34 66.25 13.31
C HIS D 85 10.27 67.05 14.02
N ASP D 86 9.02 66.66 13.84
CA ASP D 86 7.91 67.35 14.48
C ASP D 86 7.63 66.70 15.84
N TYR D 87 7.53 67.53 16.86
CA TYR D 87 7.30 67.08 18.22
C TYR D 87 5.93 67.57 18.67
N LYS D 88 5.51 67.14 19.86
CA LYS D 88 4.16 67.41 20.30
C LYS D 88 4.08 67.26 21.81
N ILE D 89 3.32 68.15 22.44
CA ILE D 89 2.89 67.96 23.83
C ILE D 89 1.54 67.25 23.79
N MET D 90 1.54 66.02 24.26
CA MET D 90 0.32 65.26 24.49
C MET D 90 0.10 65.30 26.00
N ASP D 91 -0.53 66.39 26.45
CA ASP D 91 -0.62 66.70 27.87
C ASP D 91 -1.56 65.75 28.60
N ASP D 92 -1.09 65.27 29.75
CA ASP D 92 -1.82 64.33 30.59
C ASP D 92 -1.74 64.76 32.05
N THR D 93 -2.07 66.03 32.31
CA THR D 93 -1.89 66.60 33.63
C THR D 93 -2.84 65.99 34.65
N ASP D 94 -4.15 66.17 34.47
CA ASP D 94 -5.09 65.51 35.37
C ASP D 94 -5.27 64.05 34.99
N ASN D 106 1.64 57.40 40.58
CA ASN D 106 2.14 58.71 40.92
C ASN D 106 3.58 58.56 41.43
N MET D 107 4.43 59.49 41.03
CA MET D 107 5.86 59.34 41.18
C MET D 107 6.42 60.40 42.12
N THR D 108 7.40 60.00 42.92
CA THR D 108 7.82 60.76 44.08
C THR D 108 8.99 61.67 43.72
N LEU D 109 8.87 62.94 44.08
CA LEU D 109 9.99 63.88 43.95
C LEU D 109 11.03 63.60 45.04
N LEU D 110 12.31 63.75 44.71
CA LEU D 110 13.40 63.49 45.64
C LEU D 110 14.40 64.64 45.53
N VAL D 111 14.51 65.46 46.56
CA VAL D 111 15.40 66.62 46.54
C VAL D 111 16.65 66.29 47.35
N PRO D 112 17.79 66.94 47.09
CA PRO D 112 18.98 66.68 47.94
C PRO D 112 18.78 67.28 49.33
N SER D 113 19.17 66.50 50.35
CA SER D 113 18.95 66.83 51.75
C SER D 113 19.65 68.12 52.15
N GLU D 114 20.99 68.13 52.16
CA GLU D 114 21.72 69.38 51.99
C GLU D 114 22.62 69.32 50.76
N SER D 115 23.65 68.49 50.76
CA SER D 115 24.28 68.03 49.53
C SER D 115 24.86 66.63 49.66
N LYS D 116 24.72 65.98 50.82
CA LYS D 116 25.47 64.76 51.11
C LYS D 116 24.58 63.52 51.24
N GLU D 117 23.61 63.53 52.16
CA GLU D 117 22.70 62.39 52.27
C GLU D 117 21.73 62.35 51.10
N SER D 118 21.32 63.54 50.65
CA SER D 118 20.87 63.77 49.28
C SER D 118 19.55 63.05 48.97
N LEU D 119 18.70 62.93 49.98
CA LEU D 119 17.32 62.59 49.72
C LEU D 119 16.43 63.14 50.83
N LYS D 120 15.49 63.98 50.42
CA LYS D 120 14.28 64.27 51.20
C LYS D 120 13.10 64.06 50.26
N ILE D 121 12.14 63.25 50.68
CA ILE D 121 10.86 63.25 49.98
C ILE D 121 10.21 64.59 50.27
N ALA D 122 10.09 65.42 49.24
CA ALA D 122 9.50 66.74 49.39
C ALA D 122 8.01 66.64 49.72
N SER D 123 7.54 67.51 50.60
CA SER D 123 6.18 67.43 51.12
C SER D 123 5.71 68.84 51.49
N THR D 124 4.59 68.90 52.20
CA THR D 124 3.99 70.15 52.64
C THR D 124 3.72 70.20 54.14
N ALA D 125 3.32 69.09 54.75
CA ALA D 125 3.00 69.06 56.17
C ALA D 125 4.19 68.57 56.97
N PRO D 130 5.37 63.33 49.79
CA PRO D 130 4.26 63.45 48.83
C PRO D 130 4.02 64.90 48.40
N LEU D 131 4.71 65.31 47.34
CA LEU D 131 4.52 66.62 46.73
C LEU D 131 4.19 66.38 45.26
N GLN D 132 2.90 66.40 44.93
CA GLN D 132 2.46 66.11 43.58
C GLN D 132 2.91 67.19 42.61
N PHE D 133 3.20 66.78 41.39
CA PHE D 133 3.60 67.71 40.34
C PHE D 133 2.40 68.54 39.90
N ASP D 134 2.63 69.81 39.65
CA ASP D 134 1.55 70.66 39.16
C ASP D 134 1.22 70.35 37.71
N LYS D 135 2.24 70.16 36.88
CA LYS D 135 2.03 69.83 35.48
C LYS D 135 3.02 68.75 35.05
N VAL D 136 2.54 67.82 34.23
CA VAL D 136 3.37 66.73 33.69
C VAL D 136 3.18 66.70 32.18
N PHE D 137 4.26 66.92 31.44
CA PHE D 137 4.18 66.99 29.99
C PHE D 137 5.03 65.89 29.36
N SER D 138 4.88 65.75 28.05
CA SER D 138 5.53 64.70 27.28
C SER D 138 5.79 65.24 25.89
N VAL D 139 7.06 65.40 25.54
CA VAL D 139 7.44 65.78 24.18
C VAL D 139 7.67 64.49 23.40
N SER D 140 6.84 64.25 22.40
CA SER D 140 6.84 62.99 21.66
C SER D 140 7.04 63.27 20.19
N GLU D 141 7.86 62.44 19.54
CA GLU D 141 8.12 62.62 18.13
C GLU D 141 6.93 62.16 17.31
N THR D 142 6.48 63.02 16.40
CA THR D 142 5.43 62.67 15.47
C THR D 142 6.03 62.50 14.08
N ALA D 143 5.19 62.08 13.15
CA ALA D 143 5.53 62.04 11.74
C ALA D 143 4.33 62.54 10.97
N LYS D 144 4.53 62.76 9.68
CA LYS D 144 3.47 63.22 8.79
C LYS D 144 3.15 62.10 7.80
N ILE D 145 2.06 61.39 8.03
CA ILE D 145 1.58 60.46 7.02
C ILE D 145 1.02 61.27 5.85
N PRO D 146 1.32 60.90 4.61
CA PRO D 146 0.88 61.71 3.48
C PRO D 146 -0.47 61.27 2.97
N ALA D 147 -1.17 62.24 2.37
CA ALA D 147 -2.48 61.97 1.80
C ALA D 147 -2.33 61.10 0.56
N ILE D 148 -3.34 60.26 0.33
CA ILE D 148 -3.33 59.36 -0.81
C ILE D 148 -3.70 60.19 -2.05
N ASP D 149 -2.81 60.21 -3.04
CA ASP D 149 -3.14 60.83 -4.32
C ASP D 149 -4.10 59.91 -5.05
N TYR D 150 -5.40 60.17 -4.88
CA TYR D 150 -6.43 59.30 -5.45
C TYR D 150 -6.49 59.43 -6.97
N SER D 151 -6.08 60.58 -7.50
CA SER D 151 -6.10 60.79 -8.95
C SER D 151 -5.10 59.91 -9.68
N LYS D 152 -4.06 59.47 -8.98
CA LYS D 152 -3.04 58.63 -9.58
C LYS D 152 -3.25 57.15 -9.28
N VAL D 153 -3.82 56.84 -8.12
CA VAL D 153 -3.75 55.46 -7.62
C VAL D 153 -4.97 54.63 -7.97
N ARG D 154 -6.12 55.25 -8.27
CA ARG D 154 -7.25 54.52 -8.84
C ARG D 154 -7.44 54.96 -10.29
N VAL D 155 -6.77 54.25 -11.18
CA VAL D 155 -6.90 54.38 -12.62
C VAL D 155 -8.19 53.66 -13.01
N PRO D 156 -9.00 54.18 -13.93
CA PRO D 156 -10.19 53.44 -14.36
C PRO D 156 -9.80 52.16 -15.10
N ARG D 157 -10.74 51.22 -15.11
CA ARG D 157 -10.44 49.84 -15.46
C ARG D 157 -10.08 49.69 -16.93
N LYS D 158 -8.94 49.04 -17.18
CA LYS D 158 -8.49 48.81 -18.54
C LYS D 158 -9.15 47.57 -19.11
N ASP D 159 -9.59 47.67 -20.37
CA ASP D 159 -10.29 46.58 -21.04
C ASP D 159 -9.34 45.44 -21.38
N VAL D 160 -9.93 44.25 -21.55
CA VAL D 160 -9.18 43.08 -22.00
C VAL D 160 -8.67 43.35 -23.42
N PRO D 161 -7.37 43.19 -23.69
CA PRO D 161 -6.82 43.64 -24.97
C PRO D 161 -7.29 42.83 -26.18
N LYS D 162 -8.07 43.49 -27.03
CA LYS D 162 -8.44 42.94 -28.32
C LYS D 162 -7.19 42.73 -29.15
N VAL D 163 -6.94 41.48 -29.53
CA VAL D 163 -5.73 41.15 -30.27
C VAL D 163 -5.84 41.75 -31.66
N GLU D 164 -4.82 42.50 -32.05
CA GLU D 164 -4.86 43.29 -33.27
C GLU D 164 -4.18 42.52 -34.39
N GLY D 165 -4.80 42.54 -35.56
CA GLY D 165 -4.27 41.84 -36.71
C GLY D 165 -4.94 40.52 -37.02
N LEU D 166 -6.21 40.36 -36.67
CA LEU D 166 -6.93 39.11 -36.88
C LEU D 166 -7.62 39.11 -38.24
N LYS D 167 -7.44 38.02 -38.99
CA LYS D 167 -7.85 37.94 -40.40
C LYS D 167 -8.74 36.72 -40.62
N LEU D 168 -9.18 36.54 -41.87
CA LEU D 168 -10.03 35.42 -42.24
C LEU D 168 -9.20 34.16 -42.39
N GLU D 169 -9.47 33.17 -41.55
CA GLU D 169 -8.67 31.96 -41.52
C GLU D 169 -9.52 30.69 -41.56
N HIS D 170 -10.81 30.81 -41.84
CA HIS D 170 -11.65 29.67 -42.16
C HIS D 170 -12.25 29.87 -43.53
N PHE D 171 -11.75 29.12 -44.51
CA PHE D 171 -12.30 29.11 -45.84
C PHE D 171 -12.98 27.78 -46.06
N ALA D 172 -13.99 27.80 -46.93
CA ALA D 172 -14.76 26.61 -47.21
C ALA D 172 -13.90 25.60 -47.97
N THR D 173 -14.39 24.35 -48.02
CA THR D 173 -13.60 23.23 -48.52
C THR D 173 -13.28 23.40 -50.00
N GLY D 174 -12.04 23.09 -50.34
CA GLY D 174 -11.53 23.34 -51.67
C GLY D 174 -11.08 24.76 -51.94
N TYR D 175 -11.58 25.73 -51.18
CA TYR D 175 -11.12 27.09 -51.30
C TYR D 175 -9.95 27.34 -50.34
N ASP D 176 -9.23 28.41 -50.65
CA ASP D 176 -8.05 28.86 -49.91
C ASP D 176 -8.17 30.37 -49.83
N ALA D 177 -7.07 31.07 -49.60
CA ALA D 177 -7.06 32.51 -49.77
C ALA D 177 -7.09 32.82 -51.27
N GLU D 178 -8.30 32.77 -51.83
CA GLU D 178 -8.61 33.34 -53.13
C GLU D 178 -9.34 34.65 -53.00
N ASP D 179 -9.54 35.14 -51.78
CA ASP D 179 -10.35 36.33 -51.51
C ASP D 179 -9.45 37.56 -51.47
N PHE D 180 -9.54 38.39 -52.49
CA PHE D 180 -8.66 39.55 -52.59
C PHE D 180 -9.45 40.79 -52.96
N SER E 8 1.83 81.49 22.99
CA SER E 8 2.37 81.07 24.28
C SER E 8 3.71 80.37 24.11
N GLU E 9 4.70 80.80 24.88
CA GLU E 9 6.01 80.18 24.86
C GLU E 9 6.65 80.34 26.23
N ILE E 10 7.64 79.48 26.51
CA ILE E 10 8.35 79.49 27.79
C ILE E 10 9.84 79.35 27.49
N GLU E 11 10.65 80.28 27.99
CA GLU E 11 12.09 80.25 27.78
C GLU E 11 12.79 79.35 28.79
N ILE E 12 13.54 78.38 28.30
CA ILE E 12 14.36 77.52 29.14
C ILE E 12 15.63 78.28 29.49
N GLU E 13 15.90 78.45 30.79
CA GLU E 13 17.06 79.23 31.21
C GLU E 13 18.30 78.37 31.45
N SER E 14 18.24 77.42 32.38
CA SER E 14 19.40 76.64 32.75
C SER E 14 19.12 75.16 32.55
N VAL E 15 20.12 74.44 32.06
CA VAL E 15 20.08 72.99 31.91
C VAL E 15 21.27 72.44 32.68
N GLN E 16 21.01 71.54 33.62
CA GLN E 16 22.04 71.00 34.50
C GLN E 16 22.37 69.57 34.09
N ASP E 17 23.65 69.31 33.84
CA ASP E 17 24.12 67.94 33.64
C ASP E 17 24.14 67.19 34.96
N GLN E 18 24.56 67.85 36.03
CA GLN E 18 24.84 67.19 37.28
C GLN E 18 23.55 66.77 38.00
N PRO E 19 23.59 65.69 38.77
CA PRO E 19 22.36 65.18 39.38
C PRO E 19 21.84 66.02 40.53
N SER E 20 21.05 67.06 40.23
CA SER E 20 20.35 67.78 41.27
C SER E 20 19.26 66.93 41.89
N VAL E 21 18.28 66.53 41.09
CA VAL E 21 17.03 65.95 41.56
C VAL E 21 16.85 64.58 40.93
N ALA E 22 16.52 63.58 41.74
CA ALA E 22 16.07 62.30 41.23
C ALA E 22 14.57 62.15 41.44
N VAL E 23 14.00 61.13 40.83
CA VAL E 23 12.57 60.83 40.92
C VAL E 23 12.43 59.34 41.18
N GLY E 24 11.73 59.00 42.25
CA GLY E 24 11.51 57.62 42.60
C GLY E 24 10.16 57.12 42.14
N SER E 25 10.01 55.80 42.12
CA SER E 25 8.76 55.16 41.76
C SER E 25 8.52 54.01 42.72
N PHE E 26 7.56 54.20 43.62
CA PHE E 26 7.20 53.23 44.64
C PHE E 26 5.75 52.79 44.39
N PHE E 27 5.22 52.00 45.32
CA PHE E 27 3.81 51.69 45.26
C PHE E 27 2.98 52.91 45.66
N LYS E 28 1.70 52.88 45.29
CA LYS E 28 0.81 54.00 45.56
C LYS E 28 0.49 54.05 47.06
N GLY E 29 0.74 55.20 47.67
CA GLY E 29 0.50 55.39 49.09
C GLY E 29 1.73 55.34 49.97
N PHE E 30 2.90 55.10 49.38
CA PHE E 30 4.16 54.96 50.11
C PHE E 30 4.53 56.23 50.87
N ARG E 31 4.87 56.09 52.16
CA ARG E 31 5.11 57.25 53.02
C ARG E 31 6.57 57.60 53.22
N ALA E 32 7.38 56.67 53.80
CA ALA E 32 8.79 56.87 54.16
C ALA E 32 9.02 58.11 55.02
N PRO E 33 8.82 58.02 56.34
CA PRO E 33 8.83 59.21 57.22
C PRO E 33 10.10 60.05 57.13
N SER E 34 9.93 61.37 57.22
CA SER E 34 10.92 62.35 56.76
C SER E 34 12.22 62.39 57.55
N ASP E 35 12.33 61.54 58.58
CA ASP E 35 13.62 61.30 59.22
C ASP E 35 14.64 60.71 58.26
N THR E 36 14.20 59.88 57.31
CA THR E 36 15.13 59.07 56.54
C THR E 36 15.66 59.81 55.32
N THR E 37 16.84 59.40 54.88
CA THR E 37 17.56 59.95 53.73
C THR E 37 18.23 58.78 53.03
N PHE E 38 18.21 58.77 51.69
CA PHE E 38 18.68 57.63 50.93
C PHE E 38 19.91 58.03 50.13
N ASP E 39 20.96 57.21 50.20
CA ASP E 39 22.19 57.45 49.44
C ASP E 39 21.94 57.20 47.95
N LEU E 40 22.93 57.61 47.14
CA LEU E 40 22.79 57.63 45.68
C LEU E 40 24.11 57.20 45.07
N TYR E 41 24.11 56.07 44.36
CA TYR E 41 25.31 55.52 43.74
C TYR E 41 25.15 55.60 42.23
N LYS E 42 26.27 55.81 41.53
CA LYS E 42 26.23 56.21 40.11
C LYS E 42 27.23 55.41 39.29
N LYS E 43 26.80 54.95 38.12
CA LYS E 43 27.68 54.28 37.18
C LYS E 43 28.09 55.23 36.06
N LYS E 44 29.38 55.19 35.71
CA LYS E 44 29.91 55.88 34.54
C LYS E 44 30.65 54.87 33.67
N LYS E 45 29.96 54.29 32.69
CA LYS E 45 30.61 53.48 31.66
C LYS E 45 30.94 54.32 30.42
N SER E 46 31.52 55.49 30.70
CA SER E 46 32.14 56.45 29.79
C SER E 46 31.20 57.13 28.79
N GLU E 47 29.94 56.72 28.70
CA GLU E 47 28.97 57.52 27.93
C GLU E 47 27.57 57.58 28.53
N LYS E 48 27.21 56.74 29.47
CA LYS E 48 25.83 56.66 29.94
C LYS E 48 25.75 56.97 31.43
N ASP E 49 24.54 56.88 31.97
CA ASP E 49 24.28 57.11 33.39
C ASP E 49 23.32 56.04 33.89
N GLU E 50 23.75 55.27 34.89
CA GLU E 50 22.89 54.31 35.56
C GLU E 50 23.00 54.54 37.05
N PHE E 51 21.94 55.08 37.64
CA PHE E 51 21.94 55.47 39.05
C PHE E 51 21.42 54.33 39.91
N VAL E 52 21.84 54.31 41.17
CA VAL E 52 21.37 53.34 42.15
C VAL E 52 21.00 54.10 43.41
N LEU E 53 19.78 53.88 43.89
CA LEU E 53 19.29 54.44 45.14
C LEU E 53 19.40 53.39 46.24
N HIS E 54 19.67 53.83 47.47
CA HIS E 54 19.68 52.98 48.65
C HIS E 54 19.58 53.84 49.90
N GLY E 55 18.81 53.37 50.87
CA GLY E 55 18.72 54.06 52.14
C GLY E 55 18.08 53.21 53.22
N GLU E 56 18.39 53.54 54.46
CA GLU E 56 17.94 52.77 55.62
C GLU E 56 17.19 53.65 56.59
N ASN E 57 16.49 52.99 57.51
CA ASN E 57 16.06 53.58 58.76
C ASN E 57 16.05 52.45 59.79
N GLU E 58 15.33 52.64 60.89
CA GLU E 58 15.35 51.70 62.00
C GLU E 58 14.79 50.32 61.65
N ARG E 59 13.74 50.25 60.83
CA ARG E 59 13.06 49.00 60.56
C ARG E 59 13.13 48.55 59.12
N LEU E 60 13.34 49.48 58.19
CA LEU E 60 13.29 49.21 56.76
C LEU E 60 14.61 49.61 56.12
N GLU E 61 14.91 48.97 55.01
CA GLU E 61 16.24 49.07 54.40
C GLU E 61 16.03 48.77 52.93
N TYR E 62 15.99 49.80 52.09
CA TYR E 62 15.41 49.56 50.79
C TYR E 62 15.95 50.49 49.71
N GLU E 63 16.11 49.90 48.52
CA GLU E 63 16.98 50.36 47.45
C GLU E 63 16.18 50.53 46.17
N GLY E 64 16.85 51.03 45.13
CA GLY E 64 16.26 51.21 43.82
C GLY E 64 17.30 51.09 42.73
N TYR E 65 16.88 51.29 41.49
CA TYR E 65 17.77 51.26 40.34
C TYR E 65 17.07 51.91 39.15
N THR E 66 17.84 52.13 38.09
CA THR E 66 17.30 52.57 36.81
C THR E 66 17.22 51.41 35.84
N ASP E 67 16.38 51.56 34.82
CA ASP E 67 16.06 50.49 33.89
C ASP E 67 16.90 50.64 32.63
N SER E 68 17.34 49.51 32.07
CA SER E 68 18.25 49.55 30.93
C SER E 68 17.54 50.03 29.67
N SER E 69 16.31 49.56 29.46
CA SER E 69 15.59 49.88 28.24
C SER E 69 15.15 51.34 28.21
N SER E 70 14.85 51.90 29.38
CA SER E 70 14.25 53.23 29.44
C SER E 70 15.30 54.33 29.26
N GLN E 71 16.36 54.30 30.08
CA GLN E 71 17.31 55.40 30.14
C GLN E 71 18.16 55.53 28.89
N ALA E 72 18.26 54.49 28.06
CA ALA E 72 18.94 54.62 26.79
C ALA E 72 18.09 55.36 25.76
N SER E 73 16.82 55.63 26.06
CA SER E 73 15.92 56.19 25.07
C SER E 73 15.00 57.28 25.58
N ASN E 74 14.89 57.50 26.89
CA ASN E 74 13.82 58.37 27.38
C ASN E 74 14.27 59.02 28.68
N GLN E 75 14.69 60.29 28.60
CA GLN E 75 15.06 61.05 29.78
C GLN E 75 13.91 61.93 30.23
N TYR E 76 13.82 62.16 31.54
CA TYR E 76 12.80 63.04 32.07
C TYR E 76 13.48 64.25 32.69
N VAL E 77 12.71 65.32 32.85
CA VAL E 77 13.21 66.59 33.36
C VAL E 77 12.25 67.10 34.43
N VAL E 78 12.76 67.40 35.62
CA VAL E 78 11.98 68.08 36.64
C VAL E 78 12.02 69.59 36.39
N GLY E 79 10.84 70.19 36.21
CA GLY E 79 10.73 71.59 35.88
C GLY E 79 10.32 72.45 37.06
N LEU E 80 10.41 73.76 36.85
CA LEU E 80 10.21 74.72 37.93
C LEU E 80 9.67 76.00 37.30
N PHE E 81 8.37 76.23 37.47
CA PHE E 81 7.67 77.31 36.75
C PHE E 81 7.10 78.31 37.75
N ASN E 82 7.55 79.56 37.64
CA ASN E 82 6.96 80.68 38.36
C ASN E 82 6.24 81.54 37.32
N PRO E 83 4.91 81.69 37.40
CA PRO E 83 4.18 82.34 36.30
C PRO E 83 4.36 83.84 36.20
N GLU E 84 5.13 84.47 37.08
CA GLU E 84 5.54 85.84 36.84
C GLU E 84 6.73 85.92 35.91
N LYS E 85 7.46 84.82 35.73
CA LYS E 85 8.68 84.84 34.92
C LYS E 85 8.38 84.74 33.44
N LYS E 86 7.42 83.88 33.07
CA LYS E 86 7.28 83.32 31.72
C LYS E 86 8.63 82.76 31.27
N SER E 87 9.22 81.95 32.14
CA SER E 87 10.45 81.19 31.91
C SER E 87 10.59 80.17 33.03
N ILE E 88 11.48 79.20 32.82
CA ILE E 88 11.70 78.07 33.73
C ILE E 88 13.19 77.79 33.81
N GLN E 89 13.56 76.96 34.78
CA GLN E 89 14.87 76.36 34.84
C GLN E 89 14.71 74.86 35.05
N LEU E 90 15.62 74.09 34.47
CA LEU E 90 15.46 72.66 34.34
C LEU E 90 16.65 71.92 34.91
N TYR E 91 16.40 70.69 35.35
CA TYR E 91 17.44 69.83 35.92
C TYR E 91 17.21 68.43 35.41
N LYS E 92 18.31 67.70 35.18
CA LYS E 92 18.19 66.30 34.77
C LYS E 92 17.69 65.46 35.93
N ALA E 93 16.64 64.68 35.66
CA ALA E 93 16.05 63.81 36.65
C ALA E 93 16.16 62.36 36.21
N PRO E 94 16.88 61.52 36.93
CA PRO E 94 16.74 60.08 36.74
C PRO E 94 15.40 59.59 37.26
N VAL E 95 15.06 58.36 36.88
CA VAL E 95 13.82 57.71 37.29
C VAL E 95 14.17 56.38 37.90
N LEU E 96 13.78 56.19 39.15
CA LEU E 96 14.26 55.08 39.96
C LEU E 96 13.12 54.11 40.21
N VAL E 97 13.33 52.85 39.89
CA VAL E 97 12.36 51.78 40.16
C VAL E 97 12.79 51.14 41.47
N SER E 98 12.07 51.45 42.54
CA SER E 98 12.53 51.14 43.88
C SER E 98 11.55 50.21 44.59
N LYS E 99 12.10 49.32 45.40
CA LYS E 99 11.33 48.35 46.16
C LYS E 99 11.42 48.69 47.65
N VAL E 100 10.69 47.93 48.45
CA VAL E 100 10.80 47.96 49.90
C VAL E 100 10.92 46.52 50.37
N VAL E 101 12.12 46.11 50.72
CA VAL E 101 12.35 44.89 51.49
C VAL E 101 12.34 45.24 52.96
N SER E 102 11.57 44.50 53.74
CA SER E 102 11.58 44.70 55.18
C SER E 102 12.82 44.03 55.75
N LYS E 103 13.48 44.72 56.68
CA LYS E 103 14.62 44.11 57.37
C LYS E 103 14.16 43.00 58.29
N SER E 104 12.92 43.08 58.80
CA SER E 104 12.42 42.11 59.76
C SER E 104 12.23 40.71 59.18
N SER E 105 12.00 40.59 57.88
CA SER E 105 11.57 39.34 57.27
C SER E 105 12.53 38.90 56.18
N LYS E 106 13.83 38.99 56.45
CA LYS E 106 14.84 38.44 55.55
C LYS E 106 15.29 37.07 56.08
N ASN E 107 14.35 36.13 56.02
CA ASN E 107 14.50 34.82 56.63
C ASN E 107 14.56 33.74 55.55
N LEU E 108 15.19 32.62 55.89
CA LEU E 108 15.45 31.54 54.94
C LEU E 108 15.72 30.27 55.73
N ARG E 109 15.23 29.13 55.22
CA ARG E 109 15.31 27.87 55.94
C ARG E 109 16.26 26.90 55.23
N GLY E 110 16.31 25.67 55.72
CA GLY E 110 17.23 24.67 55.23
C GLY E 110 16.87 24.10 53.86
N PRO E 111 17.87 23.72 53.09
CA PRO E 111 17.65 23.29 51.71
C PRO E 111 17.18 21.85 51.52
N LYS E 112 16.69 21.19 52.57
CA LYS E 112 16.13 19.85 52.43
C LYS E 112 15.12 19.64 53.55
N ILE E 113 14.75 18.38 53.79
CA ILE E 113 13.77 18.05 54.83
C ILE E 113 14.42 17.62 56.14
N LYS E 114 15.69 17.20 56.12
CA LYS E 114 16.47 16.73 57.27
C LYS E 114 15.76 15.59 58.01
N SER E 115 15.57 14.48 57.29
CA SER E 115 14.89 13.30 57.82
C SER E 115 15.54 12.02 57.29
N MET F 1 -24.82 -28.58 -4.26
CA MET F 1 -25.97 -29.47 -4.30
C MET F 1 -26.00 -30.23 -5.61
N ASP F 2 -26.49 -31.47 -5.58
CA ASP F 2 -26.96 -32.15 -6.77
C ASP F 2 -28.45 -32.39 -6.62
N ILE F 3 -29.18 -32.32 -7.74
CA ILE F 3 -30.60 -32.69 -7.71
C ILE F 3 -30.81 -34.16 -7.96
N SER F 4 -29.74 -34.89 -8.27
CA SER F 4 -29.82 -36.34 -8.42
C SER F 4 -29.37 -37.06 -7.16
N LYS F 5 -29.19 -36.34 -6.06
CA LYS F 5 -28.89 -36.93 -4.76
C LYS F 5 -29.88 -36.38 -3.75
N PRO F 6 -31.09 -36.94 -3.69
CA PRO F 6 -32.05 -36.47 -2.71
C PRO F 6 -31.68 -36.94 -1.31
N VAL F 7 -32.21 -36.23 -0.33
CA VAL F 7 -32.00 -36.53 1.08
C VAL F 7 -33.37 -36.80 1.70
N GLY F 8 -33.50 -37.92 2.38
CA GLY F 8 -34.80 -38.33 2.85
C GLY F 8 -35.15 -37.81 4.23
N SER F 9 -34.14 -37.63 5.05
CA SER F 9 -34.32 -37.29 6.45
C SER F 9 -33.88 -35.86 6.70
N GLU F 10 -34.70 -35.09 7.39
CA GLU F 10 -34.42 -33.69 7.63
C GLU F 10 -34.55 -33.38 9.11
N ILE F 11 -33.90 -32.30 9.51
CA ILE F 11 -33.86 -31.87 10.90
C ILE F 11 -35.08 -30.98 11.17
N THR F 12 -35.81 -31.28 12.24
CA THR F 12 -36.98 -30.51 12.61
C THR F 12 -36.80 -29.65 13.85
N SER F 13 -36.01 -30.07 14.81
CA SER F 13 -35.83 -29.28 16.01
C SER F 13 -34.46 -29.54 16.61
N VAL F 14 -33.99 -28.59 17.40
CA VAL F 14 -32.67 -28.64 18.01
C VAL F 14 -32.84 -28.50 19.51
N ASP F 15 -32.40 -29.51 20.26
CA ASP F 15 -32.42 -29.45 21.71
C ASP F 15 -31.06 -29.01 22.22
N PHE F 16 -31.05 -28.16 23.24
CA PHE F 16 -29.83 -27.75 23.91
C PHE F 16 -29.62 -28.58 25.17
N GLY F 17 -28.37 -28.83 25.50
CA GLY F 17 -28.08 -29.62 26.67
C GLY F 17 -26.70 -29.40 27.20
N ILE F 18 -26.25 -30.34 28.03
CA ILE F 18 -24.90 -30.37 28.58
C ILE F 18 -24.35 -31.77 28.41
N LEU F 19 -23.16 -31.88 27.84
CA LEU F 19 -22.45 -33.16 27.84
C LEU F 19 -22.02 -33.49 29.26
N THR F 20 -22.37 -34.68 29.72
CA THR F 20 -21.91 -35.15 31.01
C THR F 20 -20.64 -35.98 30.82
N ALA F 21 -20.23 -36.68 31.87
CA ALA F 21 -18.96 -37.41 31.89
C ALA F 21 -19.02 -38.75 31.16
N LYS F 22 -20.04 -38.98 30.33
CA LYS F 22 -20.06 -40.13 29.42
C LYS F 22 -19.38 -39.80 28.10
N ILE F 24 -18.45 -38.84 28.12
CA ILE F 24 -17.46 -38.64 27.06
C ILE F 24 -16.57 -39.87 26.92
N ARG F 25 -16.40 -40.63 28.01
CA ARG F 25 -15.57 -41.82 27.99
C ARG F 25 -16.05 -42.85 26.98
N ASN F 26 -17.36 -43.03 26.86
CA ASN F 26 -17.89 -43.90 25.82
C ASN F 26 -17.71 -43.26 24.45
N LEU F 27 -17.77 -41.94 24.39
CA LEU F 27 -17.65 -41.25 23.11
C LEU F 27 -16.21 -41.23 22.62
N SER F 28 -15.34 -40.57 23.36
CA SER F 28 -13.93 -40.49 23.01
C SER F 28 -13.16 -41.52 23.80
N ALA F 29 -12.40 -42.36 23.11
CA ALA F 29 -11.56 -43.37 23.74
C ALA F 29 -10.08 -43.12 23.47
N LYS F 30 -9.70 -41.84 23.46
CA LYS F 30 -8.32 -41.42 23.14
C LYS F 30 -7.49 -40.93 24.33
N GLN F 31 -8.09 -40.05 25.13
CA GLN F 31 -7.49 -39.51 26.37
C GLN F 31 -6.14 -38.84 26.14
N ILE F 32 -6.22 -37.67 25.51
CA ILE F 32 -5.07 -36.90 25.06
C ILE F 32 -4.28 -36.41 26.27
N THR F 33 -3.11 -37.01 26.52
CA THR F 33 -2.28 -36.74 27.69
C THR F 33 -0.99 -36.01 27.40
N ASN F 34 -0.38 -36.27 26.26
CA ASN F 34 0.96 -35.75 25.98
C ASN F 34 0.86 -34.29 25.57
N PRO F 35 1.46 -33.36 26.31
CA PRO F 35 1.38 -31.94 25.92
C PRO F 35 2.22 -31.61 24.72
N THR F 36 3.14 -32.46 24.32
CA THR F 36 3.97 -32.21 23.15
C THR F 36 3.17 -32.53 21.89
N VAL F 37 3.19 -31.60 20.93
CA VAL F 37 2.33 -31.71 19.76
C VAL F 37 3.08 -32.13 18.50
N LEU F 38 4.40 -31.91 18.46
CA LEU F 38 5.23 -32.37 17.35
C LEU F 38 6.34 -33.24 17.91
N ASP F 39 7.35 -33.52 17.10
CA ASP F 39 8.58 -34.14 17.59
C ASP F 39 9.72 -33.62 16.73
N ASN F 40 10.84 -34.33 16.76
CA ASN F 40 11.81 -34.23 15.70
C ASN F 40 11.41 -35.20 14.58
N LEU F 41 11.61 -34.77 13.33
CA LEU F 41 11.02 -35.21 12.07
C LEU F 41 9.56 -34.78 11.89
N GLY F 42 9.03 -33.93 12.77
CA GLY F 42 7.72 -33.33 12.58
C GLY F 42 6.54 -34.28 12.67
N HIS F 43 6.76 -35.53 13.04
CA HIS F 43 5.68 -36.52 13.04
C HIS F 43 4.76 -36.28 14.23
N PRO F 44 3.49 -36.63 14.13
CA PRO F 44 2.60 -36.55 15.31
C PRO F 44 2.93 -37.62 16.34
N VAL F 45 3.20 -37.20 17.56
CA VAL F 45 3.47 -38.13 18.64
C VAL F 45 2.15 -38.63 19.21
N SER F 46 2.06 -39.95 19.40
CA SER F 46 0.81 -40.56 19.83
C SER F 46 0.51 -40.19 21.28
N GLY F 47 -0.74 -39.82 21.53
CA GLY F 47 -1.15 -39.26 22.80
C GLY F 47 -1.13 -37.75 22.83
N GLY F 48 -0.55 -37.11 21.82
CA GLY F 48 -0.55 -35.67 21.74
C GLY F 48 -1.82 -35.13 21.15
N LEU F 49 -1.82 -33.81 20.94
CA LEU F 49 -3.01 -33.13 20.42
C LEU F 49 -3.26 -33.49 18.96
N TYR F 50 -2.20 -33.72 18.20
CA TYR F 50 -2.32 -34.10 16.80
C TYR F 50 -2.30 -35.58 16.60
N ASP F 51 -2.83 -36.35 17.54
CA ASP F 51 -2.85 -37.81 17.42
C ASP F 51 -3.69 -38.23 16.22
N LEU F 52 -3.36 -39.38 15.67
CA LEU F 52 -3.95 -39.83 14.43
C LEU F 52 -5.26 -40.55 14.60
N ALA F 53 -5.76 -40.65 15.83
CA ALA F 53 -7.14 -41.07 16.05
C ALA F 53 -8.07 -39.89 16.22
N LEU F 54 -7.58 -38.68 16.00
CA LEU F 54 -8.43 -37.51 15.96
C LEU F 54 -8.69 -37.05 14.53
N GLY F 55 -8.42 -37.91 13.55
CA GLY F 55 -8.54 -37.52 12.16
C GLY F 55 -7.25 -37.72 11.42
N ALA F 56 -7.33 -37.83 10.10
CA ALA F 56 -6.13 -37.94 9.28
C ALA F 56 -5.40 -36.60 9.24
N PHE F 57 -4.08 -36.67 9.10
CA PHE F 57 -3.24 -35.48 9.18
C PHE F 57 -1.88 -35.79 8.59
N LEU F 58 -1.38 -34.86 7.76
CA LEU F 58 -0.06 -34.94 7.12
C LEU F 58 0.13 -36.21 6.30
N ARG F 59 -0.87 -36.52 5.46
CA ARG F 59 -0.88 -37.66 4.55
C ARG F 59 -0.71 -38.97 5.31
N ASN F 60 -1.36 -39.07 6.47
CA ASN F 60 -1.49 -40.31 7.21
C ASN F 60 -2.92 -40.81 7.09
N LEU F 61 -3.11 -42.13 7.14
CA LEU F 61 -4.46 -42.63 7.34
C LEU F 61 -4.86 -42.45 8.78
N CYS F 62 -6.15 -42.29 9.02
CA CYS F 62 -6.64 -42.09 10.36
C CYS F 62 -6.67 -43.41 11.12
N SER F 63 -6.48 -43.32 12.44
CA SER F 63 -6.41 -44.52 13.27
C SER F 63 -7.79 -45.12 13.49
N THR F 64 -8.78 -44.28 13.75
CA THR F 64 -10.13 -44.76 13.96
C THR F 64 -10.96 -44.73 12.68
N CYS F 65 -10.79 -43.72 11.84
CA CYS F 65 -11.63 -43.63 10.65
C CYS F 65 -11.15 -44.58 9.57
N GLY F 66 -9.84 -44.85 9.54
CA GLY F 66 -9.29 -45.69 8.49
C GLY F 66 -9.29 -45.04 7.13
N LEU F 67 -9.40 -43.72 7.08
CA LEU F 67 -9.53 -43.00 5.83
C LEU F 67 -8.54 -41.86 5.81
N ASP F 68 -8.23 -41.41 4.60
CA ASP F 68 -7.31 -40.30 4.41
C ASP F 68 -7.99 -38.98 4.74
N GLU F 69 -7.28 -37.88 4.49
CA GLU F 69 -7.77 -36.54 4.80
C GLU F 69 -8.97 -36.17 3.95
N LYS F 70 -9.12 -36.83 2.80
CA LYS F 70 -10.17 -36.51 1.85
C LYS F 70 -11.53 -36.98 2.36
N PHE F 71 -11.55 -38.01 3.20
CA PHE F 71 -12.82 -38.61 3.61
C PHE F 71 -12.95 -38.79 5.11
N CYS F 72 -12.01 -38.30 5.91
CA CYS F 72 -12.37 -38.49 7.31
C CYS F 72 -13.06 -37.26 7.85
N PRO F 73 -14.02 -37.41 8.76
CA PRO F 73 -14.63 -36.25 9.39
C PRO F 73 -13.76 -35.60 10.44
N GLY F 74 -12.79 -36.33 10.97
CA GLY F 74 -12.21 -35.98 12.23
C GLY F 74 -13.03 -36.52 13.38
N HIS F 75 -12.36 -36.72 14.52
CA HIS F 75 -13.00 -37.33 15.67
C HIS F 75 -12.58 -36.56 16.91
N GLN F 76 -13.41 -36.61 17.94
CA GLN F 76 -13.18 -35.80 19.13
C GLN F 76 -12.38 -36.56 20.17
N GLY F 77 -11.46 -35.86 20.82
CA GLY F 77 -10.67 -36.44 21.88
C GLY F 77 -10.92 -35.75 23.21
N HIS F 78 -10.72 -36.42 24.33
CA HIS F 78 -11.01 -35.84 25.62
C HIS F 78 -9.76 -35.70 26.46
N ILE F 79 -9.70 -34.64 27.26
CA ILE F 79 -8.63 -34.42 28.22
C ILE F 79 -9.18 -34.69 29.61
N GLU F 80 -8.58 -35.64 30.32
CA GLU F 80 -8.99 -35.91 31.69
C GLU F 80 -8.58 -34.77 32.60
N LEU F 81 -9.52 -34.19 33.26
CA LEU F 81 -9.12 -33.22 34.27
C LEU F 81 -9.11 -33.90 35.63
N PRO F 82 -8.01 -33.80 36.38
CA PRO F 82 -7.93 -34.55 37.64
C PRO F 82 -8.83 -34.02 38.73
N VAL F 83 -9.33 -32.79 38.58
CA VAL F 83 -10.31 -32.23 39.51
C VAL F 83 -11.50 -31.74 38.70
N PRO F 84 -12.66 -31.60 39.34
CA PRO F 84 -13.76 -30.89 38.69
C PRO F 84 -13.57 -29.39 38.63
N CYS F 85 -12.85 -28.92 37.61
CA CYS F 85 -12.89 -27.51 37.28
C CYS F 85 -14.24 -27.17 36.68
N TYR F 86 -14.78 -26.02 37.05
CA TYR F 86 -16.13 -25.66 36.63
C TYR F 86 -16.12 -25.12 35.21
N ASN F 87 -17.23 -24.50 34.84
CA ASN F 87 -17.43 -23.94 33.53
C ASN F 87 -17.67 -22.45 33.67
N PRO F 88 -16.90 -21.60 32.99
CA PRO F 88 -17.13 -20.16 33.10
C PRO F 88 -18.39 -19.67 32.41
N LEU F 89 -19.07 -20.53 31.66
CA LEU F 89 -20.40 -20.18 31.16
C LEU F 89 -21.42 -20.23 32.29
N PHE F 90 -21.40 -21.30 33.07
CA PHE F 90 -22.40 -21.50 34.10
C PHE F 90 -21.95 -20.99 35.47
N PHE F 91 -20.87 -20.21 35.55
CA PHE F 91 -20.29 -19.88 36.85
C PHE F 91 -21.16 -18.89 37.62
N ASN F 92 -21.66 -17.85 36.93
CA ASN F 92 -22.55 -16.87 37.57
C ASN F 92 -23.85 -17.48 38.07
N GLN F 93 -24.22 -18.67 37.58
CA GLN F 93 -25.42 -19.33 38.04
C GLN F 93 -25.17 -20.38 39.10
N LEU F 94 -24.00 -21.02 39.12
CA LEU F 94 -23.67 -21.84 40.28
C LEU F 94 -23.30 -20.98 41.48
N TYR F 95 -22.90 -19.73 41.23
CA TYR F 95 -22.63 -18.78 42.31
C TYR F 95 -23.92 -18.29 42.96
N ILE F 96 -25.06 -18.48 42.32
CA ILE F 96 -26.34 -18.13 42.92
C ILE F 96 -26.91 -19.29 43.71
N TYR F 97 -26.80 -20.51 43.22
CA TYR F 97 -27.26 -21.65 44.00
C TYR F 97 -26.29 -22.03 45.09
N LEU F 98 -25.10 -21.43 45.13
CA LEU F 98 -24.25 -21.56 46.31
C LEU F 98 -24.67 -20.58 47.40
N ARG F 99 -24.86 -19.32 47.03
CA ARG F 99 -25.20 -18.26 47.98
C ARG F 99 -26.65 -18.29 48.44
N ALA F 100 -27.37 -19.37 48.18
CA ALA F 100 -28.76 -19.52 48.56
C ALA F 100 -29.02 -20.73 49.40
N SER F 101 -28.18 -21.75 49.31
CA SER F 101 -28.33 -22.91 50.16
C SER F 101 -27.79 -22.60 51.54
N CYS F 102 -28.09 -23.49 52.47
CA CYS F 102 -27.44 -23.45 53.77
C CYS F 102 -26.67 -24.75 53.96
N LEU F 103 -25.45 -24.62 54.47
CA LEU F 103 -24.54 -25.75 54.60
C LEU F 103 -24.99 -26.76 55.66
N PHE F 104 -25.85 -26.35 56.58
CA PHE F 104 -26.22 -27.21 57.69
C PHE F 104 -27.46 -28.03 57.35
N CYS F 105 -28.57 -27.37 57.02
CA CYS F 105 -29.83 -28.03 56.73
C CYS F 105 -29.88 -28.67 55.36
N HIS F 106 -28.94 -28.33 54.47
CA HIS F 106 -28.84 -28.80 53.08
C HIS F 106 -30.12 -28.54 52.28
N HIS F 107 -30.83 -27.50 52.62
CA HIS F 107 -31.92 -26.94 51.84
C HIS F 107 -31.53 -25.52 51.48
N PHE F 108 -32.41 -24.83 50.78
CA PHE F 108 -32.18 -23.41 50.60
C PHE F 108 -32.50 -22.68 51.90
N ARG F 109 -32.06 -21.43 51.97
CA ARG F 109 -32.42 -20.57 53.09
C ARG F 109 -33.76 -19.89 52.86
N LEU F 110 -34.77 -20.69 52.52
CA LEU F 110 -36.09 -20.18 52.21
C LEU F 110 -37.07 -21.23 52.69
N LYS F 111 -38.27 -20.80 53.02
CA LYS F 111 -39.23 -21.68 53.66
C LYS F 111 -39.71 -22.73 52.66
N SER F 112 -39.83 -23.96 53.10
CA SER F 112 -40.16 -25.05 52.19
C SER F 112 -41.60 -25.04 51.74
N VAL F 113 -42.42 -24.05 52.09
CA VAL F 113 -43.63 -23.76 51.35
C VAL F 113 -43.45 -22.55 50.43
N GLU F 114 -42.51 -21.66 50.73
CA GLU F 114 -42.19 -20.55 49.84
C GLU F 114 -41.48 -21.04 48.60
N VAL F 115 -40.53 -21.96 48.76
CA VAL F 115 -39.91 -22.64 47.62
C VAL F 115 -40.94 -23.50 46.91
N HIS F 116 -41.83 -24.15 47.67
CA HIS F 116 -42.82 -25.02 47.05
C HIS F 116 -43.81 -24.24 46.19
N ARG F 117 -44.08 -22.99 46.52
CA ARG F 117 -45.01 -22.19 45.72
C ARG F 117 -44.42 -21.84 44.36
N TYR F 118 -43.11 -21.57 44.28
CA TYR F 118 -42.51 -21.24 42.99
C TYR F 118 -42.37 -22.47 42.11
N ALA F 119 -42.03 -23.62 42.70
CA ALA F 119 -42.06 -24.87 41.94
C ALA F 119 -43.47 -25.22 41.49
N CYS F 120 -44.46 -24.80 42.26
CA CYS F 120 -45.84 -25.10 41.93
C CYS F 120 -46.34 -24.20 40.82
N LYS F 121 -45.86 -22.94 40.77
CA LYS F 121 -46.23 -22.03 39.70
C LYS F 121 -45.45 -22.30 38.42
N LEU F 122 -44.15 -22.55 38.53
CA LEU F 122 -43.34 -22.83 37.34
C LEU F 122 -43.67 -24.17 36.71
N ARG F 123 -44.27 -25.09 37.45
CA ARG F 123 -44.85 -26.26 36.79
C ARG F 123 -46.05 -25.87 35.94
N LEU F 124 -46.80 -24.87 36.36
CA LEU F 124 -47.95 -24.42 35.58
C LEU F 124 -47.51 -23.65 34.35
N LEU F 125 -46.44 -22.87 34.45
CA LEU F 125 -45.95 -22.10 33.31
C LEU F 125 -45.11 -22.90 32.35
N GLN F 126 -44.79 -24.16 32.63
CA GLN F 126 -44.22 -24.96 31.58
C GLN F 126 -45.30 -25.64 30.76
N TYR F 127 -46.55 -25.51 31.18
CA TYR F 127 -47.70 -25.58 30.31
C TYR F 127 -48.11 -24.15 29.99
N GLY F 128 -49.09 -23.98 29.14
CA GLY F 128 -49.25 -22.63 28.69
C GLY F 128 -50.11 -21.73 29.53
N LEU F 129 -50.45 -22.16 30.72
CA LEU F 129 -51.56 -21.57 31.46
C LEU F 129 -51.04 -20.59 32.49
N ILE F 130 -51.48 -19.34 32.38
CA ILE F 130 -50.92 -18.23 33.12
C ILE F 130 -51.87 -17.74 34.20
N ASP F 131 -53.17 -17.80 33.92
CA ASP F 131 -54.16 -17.35 34.90
C ASP F 131 -54.18 -18.28 36.11
N GLU F 132 -53.99 -19.58 35.88
CA GLU F 132 -53.90 -20.53 36.97
C GLU F 132 -52.68 -20.29 37.83
N SER F 133 -51.61 -19.77 37.25
CA SER F 133 -50.42 -19.49 38.05
C SER F 133 -50.63 -18.27 38.94
N TYR F 134 -51.54 -17.38 38.57
CA TYR F 134 -51.92 -16.31 39.47
C TYR F 134 -53.07 -16.68 40.39
N LYS F 135 -53.74 -17.80 40.13
CA LYS F 135 -54.75 -18.29 41.05
C LYS F 135 -54.17 -19.19 42.12
N LEU F 136 -52.85 -19.31 42.20
CA LEU F 136 -52.25 -20.11 43.26
C LEU F 136 -51.93 -19.26 44.48
N ASP F 137 -51.63 -17.98 44.28
CA ASP F 137 -51.47 -17.06 45.41
C ASP F 137 -52.79 -16.81 46.13
N GLU F 138 -53.90 -17.12 45.48
CA GLU F 138 -55.20 -17.16 46.14
C GLU F 138 -55.25 -18.22 47.22
N ILE F 139 -54.51 -19.31 47.06
CA ILE F 139 -54.55 -20.44 47.99
C ILE F 139 -53.67 -20.11 49.19
N THR F 140 -54.29 -19.81 50.34
CA THR F 140 -53.61 -19.71 51.62
C THR F 140 -54.42 -20.45 52.67
N LEU F 141 -53.83 -20.56 53.86
CA LEU F 141 -54.59 -20.98 55.03
C LEU F 141 -54.42 -20.01 56.17
N ASP F 172 -44.47 -19.63 64.04
CA ASP F 172 -44.59 -20.93 64.69
C ASP F 172 -45.77 -21.74 64.15
N ILE F 173 -45.88 -21.84 62.83
CA ILE F 173 -46.94 -22.65 62.24
C ILE F 173 -46.55 -24.12 62.35
N SER F 174 -47.46 -24.91 62.91
CA SER F 174 -47.18 -26.34 63.09
C SER F 174 -47.14 -27.04 61.74
N SER F 175 -46.33 -28.09 61.66
CA SER F 175 -46.04 -28.73 60.39
C SER F 175 -47.21 -29.55 59.85
N THR F 176 -48.25 -29.80 60.65
CA THR F 176 -49.45 -30.40 60.09
C THR F 176 -50.27 -29.41 59.28
N LEU F 177 -50.01 -28.12 59.42
CA LEU F 177 -50.73 -27.14 58.62
C LEU F 177 -50.05 -26.90 57.27
N LEU F 178 -48.72 -26.75 57.27
CA LEU F 178 -48.02 -26.42 56.02
C LEU F 178 -47.99 -27.61 55.08
N ASN F 179 -47.85 -28.82 55.60
CA ASN F 179 -47.90 -29.98 54.74
C ASN F 179 -49.32 -30.33 54.33
N GLU F 180 -50.32 -29.75 55.00
CA GLU F 180 -51.69 -29.72 54.49
C GLU F 180 -51.88 -28.60 53.48
N LEU F 181 -51.14 -27.51 53.61
CA LEU F 181 -51.14 -26.47 52.58
C LEU F 181 -50.49 -26.97 51.30
N LYS F 182 -49.34 -27.63 51.42
CA LYS F 182 -48.65 -28.18 50.25
C LYS F 182 -49.46 -29.28 49.58
N SER F 183 -50.31 -29.97 50.34
CA SER F 183 -51.23 -30.92 49.71
C SER F 183 -52.30 -30.19 48.92
N LYS F 184 -52.65 -28.96 49.34
CA LYS F 184 -53.73 -28.24 48.68
C LYS F 184 -53.26 -27.57 47.40
N ARG F 185 -52.06 -26.96 47.44
CA ARG F 185 -51.51 -26.31 46.25
C ARG F 185 -51.17 -27.31 45.17
N SER F 186 -50.57 -28.44 45.54
CA SER F 186 -50.17 -29.42 44.54
C SER F 186 -51.38 -30.14 43.96
N GLU F 187 -52.48 -30.19 44.69
CA GLU F 187 -53.69 -30.77 44.12
C GLU F 187 -54.34 -29.79 43.14
N TYR F 188 -54.15 -28.50 43.37
CA TYR F 188 -54.67 -27.49 42.45
C TYR F 188 -53.99 -27.57 41.10
N VAL F 189 -52.71 -27.91 41.09
CA VAL F 189 -51.95 -28.02 39.84
C VAL F 189 -52.37 -29.27 39.08
N ASP F 190 -52.51 -30.40 39.79
CA ASP F 190 -52.94 -31.63 39.16
C ASP F 190 -54.33 -31.53 38.57
N MET F 191 -55.22 -30.78 39.21
CA MET F 191 -56.53 -30.55 38.63
C MET F 191 -56.44 -29.58 37.46
N ALA F 192 -55.52 -28.62 37.52
CA ALA F 192 -55.46 -27.60 36.48
C ALA F 192 -54.90 -28.18 35.19
N ILE F 193 -53.80 -28.92 35.28
CA ILE F 193 -53.15 -29.47 34.09
C ILE F 193 -54.01 -30.55 33.46
N ALA F 194 -54.62 -31.40 34.28
CA ALA F 194 -55.48 -32.45 33.75
C ALA F 194 -56.77 -31.89 33.17
N LYS F 195 -57.17 -30.69 33.55
CA LYS F 195 -58.32 -30.07 32.91
C LYS F 195 -57.93 -29.44 31.59
N ALA F 196 -56.78 -28.77 31.55
CA ALA F 196 -56.35 -28.10 30.33
C ALA F 196 -55.94 -29.10 29.27
N LEU F 197 -55.27 -30.18 29.67
CA LEU F 197 -54.82 -31.17 28.72
C LEU F 197 -55.97 -32.03 28.22
N SER F 198 -57.03 -32.17 29.01
CA SER F 198 -58.23 -32.82 28.51
C SER F 198 -58.92 -31.98 27.45
N ASP F 199 -58.76 -30.66 27.53
CA ASP F 199 -59.17 -29.78 26.45
C ASP F 199 -58.04 -29.66 25.45
N GLY F 200 -58.17 -28.73 24.52
CA GLY F 200 -57.10 -28.52 23.56
C GLY F 200 -56.25 -27.32 23.90
N ARG F 201 -56.14 -27.00 25.19
CA ARG F 201 -55.37 -25.85 25.59
C ARG F 201 -53.88 -26.13 25.74
N THR F 202 -53.49 -27.39 25.89
CA THR F 202 -52.09 -27.72 26.00
C THR F 202 -51.86 -29.14 25.50
N THR F 203 -50.59 -29.52 25.42
CA THR F 203 -50.17 -30.82 24.93
C THR F 203 -49.35 -31.50 26.03
N GLU F 204 -48.76 -32.65 25.68
CA GLU F 204 -47.86 -33.30 26.61
C GLU F 204 -46.52 -32.57 26.71
N ARG F 205 -46.12 -31.84 25.66
CA ARG F 205 -44.85 -31.14 25.63
C ARG F 205 -45.00 -29.66 25.95
N GLY F 206 -46.02 -29.28 26.71
CA GLY F 206 -46.18 -27.90 27.11
C GLY F 206 -46.68 -27.01 26.00
N SER F 207 -46.88 -25.75 26.34
CA SER F 207 -47.44 -24.77 25.43
C SER F 207 -46.67 -23.46 25.52
N PHE F 208 -45.35 -23.56 25.39
CA PHE F 208 -44.46 -22.40 25.45
C PHE F 208 -44.69 -21.44 24.29
N THR F 209 -44.95 -20.18 24.61
CA THR F 209 -45.22 -19.12 23.64
C THR F 209 -44.40 -17.93 24.10
N ALA F 210 -44.53 -16.76 23.47
CA ALA F 210 -43.74 -15.62 23.92
C ALA F 210 -44.27 -15.01 25.20
N THR F 211 -45.59 -14.97 25.39
CA THR F 211 -46.09 -14.40 26.64
C THR F 211 -45.95 -15.36 27.80
N VAL F 212 -45.83 -16.65 27.52
CA VAL F 212 -45.50 -17.61 28.55
C VAL F 212 -44.02 -17.51 28.87
N ASN F 213 -43.21 -17.11 27.90
CA ASN F 213 -41.80 -16.84 28.14
C ASN F 213 -41.62 -15.60 28.99
N ASP F 214 -42.57 -14.67 28.93
CA ASP F 214 -42.49 -13.45 29.74
C ASP F 214 -42.69 -13.76 31.21
N GLU F 215 -43.79 -14.44 31.54
CA GLU F 215 -44.11 -14.72 32.92
C GLU F 215 -43.18 -15.75 33.54
N ARG F 216 -42.50 -16.54 32.72
CA ARG F 216 -41.52 -17.46 33.28
C ARG F 216 -40.24 -16.73 33.64
N LYS F 217 -39.81 -15.80 32.79
CA LYS F 217 -38.62 -15.03 33.09
C LYS F 217 -38.86 -13.97 34.16
N LYS F 218 -40.10 -13.70 34.52
CA LYS F 218 -40.37 -12.83 35.65
C LYS F 218 -40.37 -13.58 36.97
N LEU F 219 -40.73 -14.86 36.96
CA LEU F 219 -40.63 -15.65 38.18
C LEU F 219 -39.19 -16.01 38.50
N VAL F 220 -38.41 -16.43 37.51
CA VAL F 220 -37.05 -16.88 37.75
C VAL F 220 -36.17 -15.72 38.18
N HIS F 221 -36.46 -14.52 37.69
CA HIS F 221 -35.80 -13.35 38.22
C HIS F 221 -36.24 -13.04 39.64
N GLU F 222 -37.50 -13.31 39.96
CA GLU F 222 -37.98 -13.13 41.33
C GLU F 222 -37.48 -14.23 42.24
N PHE F 223 -37.56 -15.49 41.78
CA PHE F 223 -37.15 -16.64 42.58
C PHE F 223 -35.67 -16.60 42.91
N HIS F 224 -34.86 -16.03 42.03
CA HIS F 224 -33.45 -15.88 42.34
C HIS F 224 -33.16 -14.62 43.11
N LYS F 225 -34.19 -13.83 43.42
CA LYS F 225 -34.01 -12.64 44.24
C LYS F 225 -34.50 -12.84 45.66
N LYS F 226 -35.42 -13.77 45.88
CA LYS F 226 -35.80 -14.19 47.21
C LYS F 226 -34.97 -15.37 47.70
N LEU F 227 -34.09 -15.90 46.87
CA LEU F 227 -33.00 -16.74 47.33
C LEU F 227 -31.74 -15.93 47.62
N LEU F 228 -31.82 -14.62 47.49
CA LEU F 228 -30.65 -13.77 47.63
C LEU F 228 -30.46 -13.24 49.05
N SER F 229 -31.48 -12.62 49.62
CA SER F 229 -31.31 -11.83 50.83
C SER F 229 -32.12 -12.41 51.99
N ARG F 230 -32.08 -13.73 52.15
CA ARG F 230 -32.74 -14.40 53.26
C ARG F 230 -31.66 -14.93 54.21
N GLY F 231 -31.71 -14.49 55.46
CA GLY F 231 -30.62 -14.61 56.41
C GLY F 231 -30.31 -16.01 56.90
N LYS F 232 -31.27 -16.64 57.56
CA LYS F 232 -31.05 -17.95 58.14
C LYS F 232 -31.93 -18.99 57.49
N CYS F 233 -31.45 -20.23 57.48
CA CYS F 233 -32.22 -21.37 56.99
C CYS F 233 -33.50 -21.49 57.79
N ASP F 234 -34.63 -21.24 57.13
CA ASP F 234 -35.92 -21.13 57.78
C ASP F 234 -36.57 -22.48 58.01
N ASN F 235 -35.76 -23.53 58.05
CA ASN F 235 -36.22 -24.90 58.22
C ASN F 235 -35.49 -25.52 59.40
N CYS F 236 -34.32 -24.98 59.72
CA CYS F 236 -33.55 -25.43 60.88
C CYS F 236 -33.19 -24.30 61.82
N GLY F 237 -32.85 -23.13 61.29
CA GLY F 237 -32.56 -21.98 62.12
C GLY F 237 -31.15 -21.46 62.02
N MET F 238 -30.19 -22.37 61.99
CA MET F 238 -28.78 -22.00 61.91
C MET F 238 -28.46 -21.48 60.52
N PHE F 239 -27.53 -20.54 60.41
CA PHE F 239 -27.22 -19.98 59.12
C PHE F 239 -25.78 -20.19 58.69
N SER F 240 -25.63 -20.34 57.37
CA SER F 240 -24.36 -20.53 56.72
C SER F 240 -23.71 -19.18 56.41
N PRO F 241 -22.36 -19.12 56.36
CA PRO F 241 -21.70 -17.82 56.19
C PRO F 241 -21.81 -17.25 54.79
N LYS F 242 -21.18 -16.11 54.56
CA LYS F 242 -21.21 -15.47 53.27
C LYS F 242 -20.09 -16.03 52.40
N PHE F 243 -20.27 -15.95 51.09
CA PHE F 243 -19.24 -16.35 50.14
C PHE F 243 -18.75 -15.13 49.37
N ARG F 244 -17.50 -15.20 48.94
CA ARG F 244 -16.89 -14.11 48.17
C ARG F 244 -16.15 -14.71 46.98
N LYS F 245 -16.10 -13.95 45.90
CA LYS F 245 -15.40 -14.36 44.69
C LYS F 245 -14.51 -13.24 44.21
N ASP F 246 -13.73 -13.54 43.18
CA ASP F 246 -12.93 -12.58 42.44
C ASP F 246 -13.43 -12.56 41.00
N GLY F 247 -12.61 -12.11 40.07
CA GLY F 247 -12.99 -12.23 38.67
C GLY F 247 -12.99 -13.67 38.15
N PHE F 248 -13.98 -14.44 38.65
CA PHE F 248 -14.40 -15.74 38.12
C PHE F 248 -13.35 -16.83 38.32
N THR F 249 -12.54 -16.74 39.37
CA THR F 249 -11.62 -17.84 39.67
C THR F 249 -11.70 -18.34 41.11
N LYS F 250 -11.93 -17.48 42.09
CA LYS F 250 -11.84 -17.87 43.49
C LYS F 250 -13.22 -18.09 44.10
N ILE F 251 -13.27 -18.96 45.10
CA ILE F 251 -14.46 -19.18 45.92
C ILE F 251 -14.03 -19.05 47.37
N PHE F 252 -14.32 -17.90 47.98
CA PHE F 252 -13.99 -17.65 49.37
C PHE F 252 -15.17 -18.00 50.26
N GLU F 253 -14.87 -18.33 51.51
CA GLU F 253 -15.89 -18.49 52.56
C GLU F 253 -15.53 -17.49 53.66
N THR F 254 -16.22 -16.35 53.69
CA THR F 254 -15.83 -15.28 54.57
C THR F 254 -16.20 -15.57 56.02
N ALA F 255 -15.71 -14.71 56.90
CA ALA F 255 -15.92 -14.84 58.33
C ALA F 255 -17.26 -14.22 58.72
N LEU F 256 -17.46 -14.04 60.01
CA LEU F 256 -18.75 -13.64 60.55
C LEU F 256 -18.52 -12.81 61.80
N ASN F 257 -19.26 -11.73 61.95
CA ASN F 257 -19.08 -10.88 63.12
C ASN F 257 -19.69 -11.52 64.36
N GLU F 258 -19.18 -11.13 65.53
CA GLU F 258 -19.39 -11.89 66.75
C GLU F 258 -20.82 -11.84 67.26
N LYS F 259 -21.64 -10.90 66.78
CA LYS F 259 -23.04 -10.86 67.17
C LYS F 259 -23.85 -12.03 66.61
N GLN F 260 -23.27 -12.83 65.71
CA GLN F 260 -24.02 -13.81 64.93
C GLN F 260 -23.53 -15.24 65.08
N ILE F 261 -22.33 -15.48 65.64
CA ILE F 261 -21.90 -16.86 65.86
C ILE F 261 -22.69 -17.49 66.99
N THR F 262 -22.97 -16.71 68.03
CA THR F 262 -23.68 -17.20 69.20
C THR F 262 -25.14 -17.56 68.94
N ASN F 263 -25.72 -17.09 67.84
CA ASN F 263 -27.10 -17.43 67.53
C ASN F 263 -27.24 -18.85 67.00
N ASN F 264 -26.16 -19.45 66.51
CA ASN F 264 -26.22 -20.75 65.88
C ASN F 264 -25.74 -21.87 66.79
N ARG F 265 -25.14 -21.54 67.92
CA ARG F 265 -24.82 -22.52 68.95
C ARG F 265 -25.93 -22.70 69.97
N VAL F 266 -26.77 -21.69 70.16
CA VAL F 266 -27.91 -21.80 71.06
C VAL F 266 -29.10 -22.47 70.40
N LYS F 267 -28.96 -22.87 69.14
CA LYS F 267 -30.07 -23.33 68.32
C LYS F 267 -29.95 -24.79 67.93
N GLY F 268 -28.86 -25.15 67.26
CA GLY F 268 -28.72 -26.49 66.71
C GLY F 268 -27.79 -27.38 67.49
N PHE F 269 -27.60 -27.06 68.77
CA PHE F 269 -26.89 -27.92 69.68
C PHE F 269 -27.80 -28.54 70.73
N ILE F 270 -29.05 -28.10 70.81
CA ILE F 270 -30.00 -28.63 71.77
C ILE F 270 -30.47 -30.01 71.32
N SER F 312 -12.26 -15.20 55.90
CA SER F 312 -12.07 -14.98 54.48
C SER F 312 -11.06 -15.98 53.89
N THR F 313 -11.29 -17.25 54.17
CA THR F 313 -10.44 -18.31 53.63
C THR F 313 -10.96 -18.76 52.26
N TYR F 314 -10.11 -19.49 51.54
CA TYR F 314 -10.44 -19.99 50.22
C TYR F 314 -11.01 -21.40 50.30
N ILE F 315 -11.99 -21.69 49.42
CA ILE F 315 -12.58 -23.01 49.34
C ILE F 315 -12.04 -23.71 48.12
N LEU F 316 -11.53 -24.92 48.31
CA LEU F 316 -11.14 -25.74 47.18
C LEU F 316 -12.39 -26.18 46.42
N SER F 317 -12.30 -26.16 45.10
CA SER F 317 -13.50 -26.20 44.28
C SER F 317 -14.05 -27.60 44.04
N THR F 318 -13.58 -28.62 44.76
CA THR F 318 -14.29 -29.89 44.79
C THR F 318 -15.26 -29.96 45.95
N GLU F 319 -15.21 -28.99 46.86
CA GLU F 319 -16.14 -28.92 47.97
C GLU F 319 -17.39 -28.13 47.65
N VAL F 320 -17.28 -27.18 46.71
CA VAL F 320 -18.46 -26.47 46.23
C VAL F 320 -19.33 -27.42 45.42
N LYS F 321 -18.73 -28.46 44.83
CA LYS F 321 -19.52 -29.56 44.28
C LYS F 321 -20.31 -30.28 45.35
N ASN F 322 -19.65 -30.72 46.42
CA ASN F 322 -20.33 -31.53 47.43
C ASN F 322 -21.31 -30.74 48.26
N ILE F 323 -21.18 -29.41 48.31
CA ILE F 323 -22.30 -28.58 48.74
C ILE F 323 -23.47 -28.78 47.80
N LEU F 324 -23.25 -28.47 46.51
CA LEU F 324 -24.32 -28.46 45.54
C LEU F 324 -24.83 -29.85 45.18
N ASP F 325 -24.04 -30.90 45.41
CA ASP F 325 -24.53 -32.22 45.06
C ASP F 325 -25.36 -32.83 46.19
N THR F 326 -25.32 -32.24 47.38
CA THR F 326 -26.25 -32.65 48.43
C THR F 326 -27.50 -31.80 48.43
N VAL F 327 -27.37 -30.54 47.98
CA VAL F 327 -28.53 -29.68 47.82
C VAL F 327 -29.46 -30.22 46.74
N PHE F 328 -28.89 -30.63 45.61
CA PHE F 328 -29.72 -30.95 44.46
C PHE F 328 -30.43 -32.28 44.61
N ARG F 329 -30.05 -33.11 45.57
CA ARG F 329 -30.85 -34.29 45.85
C ARG F 329 -32.08 -33.94 46.65
N LYS F 330 -32.00 -32.92 47.50
CA LYS F 330 -33.11 -32.50 48.34
C LYS F 330 -34.03 -31.52 47.64
N GLU F 331 -33.48 -30.73 46.74
CA GLU F 331 -34.20 -29.66 46.07
C GLU F 331 -34.49 -30.01 44.62
N GLN F 332 -34.56 -31.30 44.31
CA GLN F 332 -34.80 -31.73 42.95
C GLN F 332 -36.21 -31.40 42.51
N CYS F 333 -37.14 -31.25 43.46
CA CYS F 333 -38.50 -30.87 43.13
C CYS F 333 -38.57 -29.47 42.53
N VAL F 334 -37.86 -28.51 43.13
CA VAL F 334 -37.97 -27.15 42.60
C VAL F 334 -37.08 -26.94 41.39
N LEU F 335 -35.91 -27.59 41.33
CA LEU F 335 -34.99 -27.39 40.22
C LEU F 335 -35.42 -28.12 38.97
N GLN F 336 -36.39 -29.01 39.07
CA GLN F 336 -36.88 -29.72 37.90
C GLN F 336 -37.66 -28.80 36.99
N TYR F 337 -38.18 -27.70 37.52
CA TYR F 337 -38.99 -26.76 36.76
C TYR F 337 -38.27 -25.46 36.47
N VAL F 338 -37.16 -25.19 37.15
CA VAL F 338 -36.39 -23.99 36.87
C VAL F 338 -35.48 -24.22 35.67
N PHE F 339 -35.00 -25.45 35.51
CA PHE F 339 -34.09 -25.75 34.42
C PHE F 339 -34.79 -26.27 33.18
N HIS F 340 -36.11 -26.46 33.20
CA HIS F 340 -36.84 -26.95 32.04
C HIS F 340 -37.98 -26.00 31.76
N SER F 341 -37.99 -25.40 30.58
CA SER F 341 -39.07 -24.52 30.21
C SER F 341 -40.24 -25.23 29.56
N ARG F 342 -40.02 -26.41 29.02
CA ARG F 342 -41.08 -27.30 28.62
C ARG F 342 -40.93 -28.52 29.50
N PRO F 343 -41.96 -29.37 29.63
CA PRO F 343 -41.86 -30.51 30.55
C PRO F 343 -40.74 -31.48 30.21
N ASN F 344 -40.02 -31.90 31.24
CA ASN F 344 -38.96 -32.88 31.13
C ASN F 344 -39.61 -34.25 31.00
N LEU F 345 -39.91 -34.63 29.75
CA LEU F 345 -40.57 -35.90 29.53
C LEU F 345 -39.65 -37.09 29.81
N SER F 346 -38.34 -36.90 29.64
CA SER F 346 -37.40 -37.96 29.98
C SER F 346 -37.19 -38.11 31.48
N ARG F 347 -37.72 -37.17 32.28
CA ARG F 347 -37.66 -37.04 33.73
C ARG F 347 -36.30 -37.33 34.35
N LYS F 348 -35.23 -36.95 33.65
CA LYS F 348 -33.91 -37.15 34.21
C LYS F 348 -33.60 -36.04 35.20
N LEU F 349 -32.58 -36.25 36.02
CA LEU F 349 -32.33 -35.42 37.18
C LEU F 349 -31.37 -34.30 36.84
N VAL F 350 -31.70 -33.08 37.26
CA VAL F 350 -30.76 -31.97 37.19
C VAL F 350 -29.66 -32.27 38.20
N LYS F 351 -28.46 -32.55 37.71
CA LYS F 351 -27.35 -32.90 38.56
C LYS F 351 -26.37 -31.74 38.62
N ALA F 352 -25.71 -31.59 39.76
CA ALA F 352 -24.84 -30.46 39.97
C ALA F 352 -23.48 -30.63 39.33
N ASP F 353 -23.17 -31.81 38.79
CA ASP F 353 -21.96 -31.97 38.00
C ASP F 353 -22.17 -31.56 36.55
N SER F 354 -23.32 -30.96 36.24
CA SER F 354 -23.50 -30.25 34.99
C SER F 354 -22.81 -28.90 35.01
N PHE F 355 -22.51 -28.36 36.18
CA PHE F 355 -21.78 -27.12 36.29
C PHE F 355 -20.27 -27.34 36.26
N PHE F 356 -19.82 -28.55 36.50
CA PHE F 356 -18.41 -28.86 36.63
C PHE F 356 -17.95 -29.75 35.49
N MET F 357 -16.68 -29.61 35.12
CA MET F 357 -16.13 -30.27 33.94
C MET F 357 -15.05 -31.23 34.41
N ASP F 358 -15.38 -32.52 34.48
CA ASP F 358 -14.36 -33.51 34.79
C ASP F 358 -13.50 -33.85 33.57
N VAL F 359 -14.02 -33.66 32.37
CA VAL F 359 -13.24 -33.80 31.15
C VAL F 359 -13.47 -32.59 30.25
N LEU F 360 -12.44 -32.20 29.53
CA LEU F 360 -12.64 -31.37 28.35
C LEU F 360 -12.80 -32.28 27.15
N VAL F 361 -13.32 -31.73 26.05
CA VAL F 361 -13.23 -32.43 24.79
C VAL F 361 -12.39 -31.56 23.85
N VAL F 362 -11.69 -32.22 22.95
CA VAL F 362 -10.80 -31.52 22.04
C VAL F 362 -11.45 -31.62 20.67
N PRO F 363 -11.55 -30.52 19.93
CA PRO F 363 -12.08 -30.58 18.57
C PRO F 363 -11.18 -31.41 17.69
N PRO F 364 -11.71 -31.99 16.62
CA PRO F 364 -10.89 -32.88 15.78
C PRO F 364 -9.75 -32.19 15.06
N THR F 365 -8.99 -32.98 14.29
CA THR F 365 -7.79 -32.47 13.66
C THR F 365 -8.12 -31.48 12.54
N ARG F 366 -9.20 -31.74 11.80
CA ARG F 366 -9.61 -30.86 10.70
C ARG F 366 -9.98 -29.48 11.18
N PHE F 367 -10.59 -29.39 12.36
CA PHE F 367 -10.95 -28.13 12.96
C PHE F 367 -9.79 -27.50 13.72
N ARG F 368 -8.64 -28.15 13.72
CA ARG F 368 -7.46 -27.64 14.41
C ARG F 368 -6.23 -27.73 13.53
N LEU F 369 -6.35 -27.27 12.30
CA LEU F 369 -5.21 -27.27 11.41
C LEU F 369 -4.27 -26.13 11.77
N PRO F 370 -2.97 -26.26 11.47
CA PRO F 370 -2.03 -25.18 11.79
C PRO F 370 -2.26 -23.97 10.90
N SER F 371 -2.11 -22.79 11.49
CA SER F 371 -2.20 -21.55 10.73
C SER F 371 -0.90 -21.29 9.99
N LYS F 372 -1.00 -20.50 8.92
CA LYS F 372 0.19 -20.06 8.22
C LYS F 372 -0.05 -18.72 7.52
N LEU F 373 0.92 -17.83 7.62
CA LEU F 373 0.95 -16.58 6.89
C LEU F 373 2.28 -16.48 6.17
N GLY F 374 2.28 -15.77 5.04
CA GLY F 374 3.41 -15.78 4.15
C GLY F 374 3.59 -17.16 3.56
N GLU F 375 4.67 -17.84 3.96
CA GLU F 375 4.81 -19.27 3.73
C GLU F 375 5.15 -19.98 5.03
N GLU F 376 5.06 -19.28 6.16
CA GLU F 376 5.54 -19.76 7.45
C GLU F 376 4.39 -20.43 8.19
N VAL F 377 4.49 -21.75 8.36
CA VAL F 377 3.54 -22.48 9.18
C VAL F 377 3.73 -22.09 10.64
N HIS F 378 2.62 -21.78 11.31
CA HIS F 378 2.61 -21.59 12.75
C HIS F 378 1.93 -22.77 13.42
N GLU F 379 1.92 -22.77 14.74
CA GLU F 379 1.09 -23.69 15.49
C GLU F 379 -0.27 -23.04 15.68
N ASN F 380 -1.31 -23.88 15.72
CA ASN F 380 -2.68 -23.41 15.85
C ASN F 380 -2.87 -22.67 17.16
N SER F 381 -3.66 -21.60 17.09
CA SER F 381 -3.95 -20.80 18.27
C SER F 381 -4.76 -21.59 19.29
N GLN F 382 -5.64 -22.48 18.82
CA GLN F 382 -6.41 -23.33 19.72
C GLN F 382 -5.55 -24.32 20.48
N ASN F 383 -4.35 -24.64 19.98
CA ASN F 383 -3.47 -25.57 20.66
C ASN F 383 -2.49 -24.89 21.59
N GLN F 384 -2.32 -23.58 21.47
CA GLN F 384 -1.38 -22.86 22.32
C GLN F 384 -1.92 -22.73 23.75
N LEU F 385 -3.20 -22.40 23.90
CA LEU F 385 -3.86 -22.40 25.19
C LEU F 385 -4.63 -23.68 25.46
N LEU F 386 -4.15 -24.79 24.95
CA LEU F 386 -4.73 -26.09 25.30
C LEU F 386 -3.70 -27.07 25.80
N SER F 387 -2.49 -27.04 25.26
CA SER F 387 -1.40 -27.78 25.87
C SER F 387 -0.97 -27.14 27.18
N LYS F 388 -1.24 -25.85 27.35
CA LYS F 388 -1.03 -25.18 28.62
C LYS F 388 -1.93 -25.77 29.71
N VAL F 389 -3.13 -26.20 29.34
CA VAL F 389 -3.96 -26.98 30.25
C VAL F 389 -3.34 -28.36 30.44
N LEU F 390 -2.67 -28.87 29.42
CA LEU F 390 -2.18 -30.23 29.47
C LEU F 390 -0.80 -30.31 30.13
N THR F 391 -0.10 -29.19 30.31
CA THR F 391 1.06 -29.20 31.19
C THR F 391 0.64 -29.14 32.65
N THR F 392 -0.36 -28.32 32.97
CA THR F 392 -0.83 -28.21 34.34
C THR F 392 -1.59 -29.46 34.75
N SER F 393 -2.13 -30.20 33.79
CA SER F 393 -2.61 -31.55 34.06
C SER F 393 -1.49 -32.50 34.46
N LEU F 394 -0.25 -32.19 34.09
CA LEU F 394 0.90 -33.00 34.43
C LEU F 394 1.71 -32.41 35.59
N LEU F 395 1.70 -31.09 35.76
CA LEU F 395 2.35 -30.47 36.91
C LEU F 395 1.69 -30.89 38.20
N ILE F 396 0.36 -30.90 38.23
CA ILE F 396 -0.39 -31.36 39.40
C ILE F 396 -0.36 -32.87 39.53
N ARG F 397 0.12 -33.58 38.51
CA ARG F 397 0.17 -35.04 38.49
C ARG F 397 1.43 -35.58 39.15
N ASP F 398 2.59 -34.97 38.88
CA ASP F 398 3.79 -35.29 39.64
C ASP F 398 3.68 -34.78 41.06
N LEU F 399 3.08 -33.60 41.25
CA LEU F 399 2.94 -33.01 42.57
C LEU F 399 1.95 -33.80 43.42
N ASN F 400 1.08 -34.59 42.79
CA ASN F 400 0.22 -35.50 43.52
C ASN F 400 0.99 -36.70 44.04
N ASP F 401 2.08 -37.07 43.38
CA ASP F 401 2.88 -38.20 43.84
C ASP F 401 3.67 -37.85 45.10
N ASP F 402 3.96 -36.56 45.30
CA ASP F 402 4.58 -36.14 46.57
C ASP F 402 3.60 -36.30 47.72
N LEU F 403 2.30 -36.16 47.45
CA LEU F 403 1.26 -36.47 48.41
C LEU F 403 1.13 -37.96 48.65
N SER F 404 1.57 -38.79 47.70
CA SER F 404 1.45 -40.24 47.86
C SER F 404 2.45 -40.77 48.87
N LYS F 405 3.54 -40.03 49.13
CA LYS F 405 4.51 -40.41 50.13
C LYS F 405 4.46 -39.52 51.37
N LEU F 406 3.73 -38.39 51.30
CA LEU F 406 3.47 -37.46 52.40
C LEU F 406 4.74 -36.91 53.03
N ARG F 417 1.70 -27.48 54.56
CA ARG F 417 3.13 -27.24 54.32
C ARG F 417 3.36 -26.56 52.97
N VAL F 418 4.56 -26.73 52.41
CA VAL F 418 4.89 -26.02 51.18
C VAL F 418 4.29 -26.73 49.95
N ILE F 419 4.11 -28.05 50.03
CA ILE F 419 3.56 -28.79 48.89
C ILE F 419 2.09 -28.46 48.68
N PHE F 420 1.38 -28.02 49.73
CA PHE F 420 0.03 -27.53 49.53
C PHE F 420 0.02 -26.13 48.96
N SER F 421 1.04 -25.32 49.28
CA SER F 421 1.16 -23.99 48.70
C SER F 421 1.40 -24.07 47.19
N ARG F 422 2.05 -25.13 46.73
CA ARG F 422 2.15 -25.42 45.30
C ARG F 422 0.90 -26.13 44.78
N LEU F 423 0.23 -26.91 45.61
CA LEU F 423 -0.98 -27.60 45.16
C LEU F 423 -2.13 -26.62 45.00
N MET F 424 -2.32 -25.72 45.96
CA MET F 424 -3.34 -24.68 45.81
C MET F 424 -2.98 -23.69 44.71
N ASN F 425 -1.69 -23.53 44.42
CA ASN F 425 -1.28 -22.71 43.29
C ASN F 425 -1.65 -23.38 41.98
N ALA F 426 -1.65 -24.71 41.96
CA ALA F 426 -2.02 -25.42 40.75
C ALA F 426 -3.51 -25.36 40.49
N PHE F 427 -4.34 -25.38 41.54
CA PHE F 427 -5.78 -25.33 41.34
C PHE F 427 -6.26 -23.98 40.84
N VAL F 428 -5.49 -22.92 41.06
CA VAL F 428 -5.87 -21.64 40.49
C VAL F 428 -5.60 -21.64 38.99
N THR F 429 -4.42 -22.10 38.57
CA THR F 429 -4.06 -22.02 37.16
C THR F 429 -4.73 -23.12 36.33
N ILE F 430 -5.05 -24.28 36.90
CA ILE F 430 -5.83 -25.26 36.15
C ILE F 430 -7.26 -24.78 36.01
N GLN F 431 -7.70 -23.89 36.88
CA GLN F 431 -8.93 -23.17 36.60
C GLN F 431 -8.67 -21.99 35.67
N ASN F 432 -7.56 -21.29 35.83
CA ASN F 432 -7.34 -20.10 35.02
C ASN F 432 -6.86 -20.43 33.61
N ASP F 433 -6.56 -21.70 33.33
CA ASP F 433 -6.33 -22.12 31.94
C ASP F 433 -7.57 -22.69 31.29
N VAL F 434 -8.40 -23.44 32.02
CA VAL F 434 -9.64 -23.94 31.45
C VAL F 434 -10.63 -22.80 31.27
N ASN F 435 -10.42 -21.70 32.00
CA ASN F 435 -11.13 -20.45 31.73
C ASN F 435 -10.61 -19.78 30.46
N ALA F 436 -9.34 -19.99 30.12
CA ALA F 436 -8.76 -19.36 28.95
C ALA F 436 -9.03 -20.13 27.66
N PHE F 437 -9.30 -21.43 27.77
CA PHE F 437 -9.72 -22.19 26.60
C PHE F 437 -11.13 -21.83 26.16
N ILE F 438 -11.95 -21.32 27.08
CA ILE F 438 -13.33 -21.01 26.79
C ILE F 438 -13.54 -19.52 26.55
N ASP F 439 -13.04 -18.65 27.42
CA ASP F 439 -13.12 -17.23 27.16
C ASP F 439 -11.72 -16.62 27.10
N SER F 440 -11.66 -15.30 27.00
CA SER F 440 -10.38 -14.60 27.00
C SER F 440 -10.34 -13.39 27.91
N THR F 441 -11.45 -12.74 28.19
CA THR F 441 -11.48 -11.73 29.23
C THR F 441 -11.87 -12.29 30.57
N LYS F 442 -12.48 -13.48 30.59
CA LYS F 442 -12.78 -14.17 31.83
C LYS F 442 -11.56 -14.84 32.41
N ALA F 443 -10.48 -14.94 31.65
CA ALA F 443 -9.18 -15.34 32.14
C ALA F 443 -8.24 -14.16 31.91
N GLN F 444 -7.92 -13.44 32.98
CA GLN F 444 -7.13 -12.22 32.87
C GLN F 444 -5.63 -12.52 32.91
N GLY F 445 -5.20 -13.39 33.82
CA GLY F 445 -3.85 -13.91 33.83
C GLY F 445 -2.76 -12.90 34.13
N ARG F 446 -1.96 -12.58 33.11
CA ARG F 446 -0.83 -11.69 33.26
C ARG F 446 -1.26 -10.22 33.21
N THR F 447 -2.35 -9.93 32.48
CA THR F 447 -2.92 -8.59 32.30
C THR F 447 -1.88 -7.60 31.74
N SER F 448 -1.46 -7.87 30.49
CA SER F 448 -0.45 -7.06 29.83
C SER F 448 -0.97 -6.34 28.58
N GLY F 449 -2.25 -6.46 28.27
CA GLY F 449 -2.82 -5.73 27.15
C GLY F 449 -2.66 -6.38 25.79
N LYS F 450 -3.69 -6.25 24.95
CA LYS F 450 -3.79 -6.87 23.62
C LYS F 450 -3.58 -8.38 23.69
N VAL F 451 -4.49 -9.04 24.39
CA VAL F 451 -4.33 -10.47 24.68
C VAL F 451 -4.55 -11.28 23.42
N PRO F 452 -3.64 -12.19 23.07
CA PRO F 452 -3.89 -13.08 21.93
C PRO F 452 -4.58 -14.35 22.36
N ILE F 453 -4.81 -15.24 21.40
CA ILE F 453 -5.57 -16.49 21.50
C ILE F 453 -6.94 -16.17 22.09
N PRO F 454 -7.88 -15.64 21.30
CA PRO F 454 -9.11 -15.09 21.88
C PRO F 454 -10.09 -16.13 22.44
N GLY F 455 -9.80 -17.42 22.37
CA GLY F 455 -10.66 -18.41 23.00
C GLY F 455 -11.96 -18.68 22.27
N VAL F 456 -12.67 -19.76 22.65
CA VAL F 456 -13.78 -20.23 21.82
C VAL F 456 -15.05 -19.41 21.98
N LYS F 457 -15.04 -18.37 22.80
CA LYS F 457 -16.18 -17.46 22.84
C LYS F 457 -16.02 -16.34 21.85
N GLN F 458 -14.81 -15.77 21.73
CA GLN F 458 -14.60 -14.65 20.83
C GLN F 458 -14.63 -15.08 19.38
N ALA F 459 -14.42 -16.38 19.11
CA ALA F 459 -14.73 -16.93 17.81
C ALA F 459 -16.22 -16.88 17.50
N LEU F 460 -17.08 -16.80 18.51
CA LEU F 460 -18.52 -16.76 18.32
C LEU F 460 -19.11 -15.37 18.40
N GLU F 461 -18.52 -14.46 19.17
CA GLU F 461 -19.11 -13.14 19.42
C GLU F 461 -18.24 -12.05 18.80
N LYS F 462 -18.74 -11.43 17.72
CA LYS F 462 -18.37 -10.10 17.26
C LYS F 462 -19.35 -9.74 16.14
N LYS F 463 -19.12 -8.59 15.50
CA LYS F 463 -19.64 -8.37 14.15
C LYS F 463 -19.22 -9.47 13.21
N GLU F 464 -17.96 -9.89 13.28
CA GLU F 464 -17.59 -11.05 12.48
C GLU F 464 -18.10 -12.34 13.13
N GLY F 465 -17.53 -12.73 14.27
CA GLY F 465 -18.02 -13.90 14.99
C GLY F 465 -18.00 -15.16 14.17
N LEU F 466 -19.09 -15.93 14.26
CA LEU F 466 -19.28 -17.10 13.41
C LEU F 466 -20.67 -17.07 12.81
N PHE F 467 -21.63 -16.52 13.56
CA PHE F 467 -23.01 -16.46 13.10
C PHE F 467 -23.20 -15.44 11.99
N ARG F 468 -22.74 -14.21 12.23
CA ARG F 468 -22.95 -13.17 11.24
C ARG F 468 -22.06 -13.36 10.02
N LYS F 469 -20.78 -13.68 10.23
CA LYS F 469 -19.84 -13.69 9.10
C LYS F 469 -19.94 -14.97 8.30
N HIS F 470 -20.43 -16.05 8.90
CA HIS F 470 -20.30 -17.34 8.26
C HIS F 470 -21.56 -18.19 8.21
N MET F 471 -22.62 -17.75 8.87
CA MET F 471 -23.92 -18.46 8.83
C MET F 471 -24.98 -17.54 8.19
N MET F 472 -25.10 -16.31 8.67
CA MET F 472 -26.08 -15.36 8.18
C MET F 472 -25.68 -14.83 6.81
N GLY F 473 -24.39 -14.59 6.61
CA GLY F 473 -23.88 -14.25 5.30
C GLY F 473 -22.73 -15.17 4.96
N LYS F 474 -22.59 -15.47 3.67
CA LYS F 474 -21.56 -16.41 3.23
C LYS F 474 -20.95 -15.89 1.94
N ARG F 475 -19.87 -16.53 1.51
CA ARG F 475 -19.34 -16.32 0.18
C ARG F 475 -19.77 -17.46 -0.72
N VAL F 476 -20.03 -17.16 -1.99
CA VAL F 476 -20.75 -18.09 -2.85
C VAL F 476 -19.94 -18.44 -4.09
N ASN F 477 -20.32 -19.59 -4.65
CA ASN F 477 -19.81 -20.12 -5.92
C ASN F 477 -20.82 -19.70 -7.00
N TYR F 478 -20.35 -19.51 -8.21
CA TYR F 478 -21.14 -19.11 -9.39
C TYR F 478 -21.57 -17.65 -9.32
N ALA F 479 -20.63 -16.79 -9.00
CA ALA F 479 -20.91 -15.37 -8.88
C ALA F 479 -19.77 -14.59 -9.50
N ALA F 480 -20.01 -13.31 -9.71
CA ALA F 480 -19.08 -12.48 -10.45
C ALA F 480 -19.35 -11.03 -10.07
N ARG F 481 -18.40 -10.18 -10.40
CA ARG F 481 -18.65 -8.75 -10.25
C ARG F 481 -17.80 -7.99 -11.25
N SER F 482 -18.24 -6.79 -11.57
CA SER F 482 -17.61 -5.95 -12.57
C SER F 482 -18.15 -4.54 -12.47
N VAL F 483 -17.41 -3.60 -13.03
CA VAL F 483 -17.90 -2.24 -13.17
C VAL F 483 -19.02 -2.24 -14.21
N ILE F 484 -20.00 -1.38 -14.03
CA ILE F 484 -21.13 -1.33 -14.94
C ILE F 484 -20.97 -0.17 -15.89
N SER F 485 -21.57 -0.31 -17.06
CA SER F 485 -21.52 0.66 -18.13
C SER F 485 -22.94 0.82 -18.67
N PRO F 486 -23.25 1.95 -19.29
CA PRO F 486 -24.63 2.15 -19.73
C PRO F 486 -24.90 1.57 -21.11
N ASP F 487 -26.16 1.26 -21.36
CA ASP F 487 -26.55 0.75 -22.68
C ASP F 487 -28.01 1.01 -22.99
N PRO F 488 -28.30 1.83 -24.00
CA PRO F 488 -29.69 1.99 -24.44
C PRO F 488 -30.14 0.92 -25.41
N ASN F 489 -29.29 -0.04 -25.75
CA ASN F 489 -29.56 -0.98 -26.81
C ASN F 489 -29.80 -2.39 -26.31
N ILE F 490 -29.78 -2.63 -25.02
CA ILE F 490 -30.31 -3.85 -24.46
C ILE F 490 -31.68 -3.52 -23.88
N GLU F 491 -32.44 -4.57 -23.55
CA GLU F 491 -33.74 -4.40 -22.96
C GLU F 491 -33.62 -3.84 -21.54
N THR F 492 -34.72 -3.31 -21.03
CA THR F 492 -34.69 -2.78 -19.67
C THR F 492 -34.63 -3.88 -18.63
N ASN F 493 -35.03 -5.10 -18.98
CA ASN F 493 -34.95 -6.20 -18.04
C ASN F 493 -33.71 -7.05 -18.22
N GLU F 494 -32.76 -6.60 -19.03
CA GLU F 494 -31.60 -7.42 -19.35
C GLU F 494 -30.33 -6.86 -18.75
N ILE F 495 -29.28 -7.64 -18.91
CA ILE F 495 -27.94 -7.31 -18.45
C ILE F 495 -26.98 -7.73 -19.55
N GLY F 496 -25.96 -6.92 -19.79
CA GLY F 496 -25.02 -7.24 -20.82
C GLY F 496 -23.78 -7.89 -20.28
N VAL F 497 -23.62 -9.18 -20.50
CA VAL F 497 -22.57 -9.98 -19.86
C VAL F 497 -21.37 -10.04 -20.79
N PRO F 498 -20.16 -9.73 -20.32
CA PRO F 498 -18.98 -9.85 -21.14
C PRO F 498 -18.71 -11.31 -21.51
N PRO F 499 -17.98 -11.56 -22.59
CA PRO F 499 -17.61 -12.95 -22.89
C PRO F 499 -16.57 -13.52 -21.96
N VAL F 500 -15.90 -12.67 -21.18
CA VAL F 500 -15.00 -13.17 -20.14
C VAL F 500 -15.80 -13.89 -19.06
N PHE F 501 -16.91 -13.29 -18.63
CA PHE F 501 -17.77 -13.94 -17.67
C PHE F 501 -18.51 -15.10 -18.28
N ALA F 502 -18.83 -14.99 -19.56
CA ALA F 502 -19.79 -15.88 -20.19
C ALA F 502 -19.24 -17.28 -20.41
N VAL F 503 -17.93 -17.42 -20.56
CA VAL F 503 -17.34 -18.73 -20.77
C VAL F 503 -16.77 -19.30 -19.48
N LYS F 504 -17.13 -18.71 -18.36
CA LYS F 504 -16.66 -19.17 -17.06
C LYS F 504 -17.79 -19.68 -16.19
N LEU F 505 -18.91 -18.97 -16.13
CA LEU F 505 -20.03 -19.38 -15.31
C LEU F 505 -20.82 -20.46 -16.02
N THR F 506 -21.15 -21.53 -15.31
CA THR F 506 -21.83 -22.65 -15.94
C THR F 506 -23.07 -23.04 -15.16
N TYR F 507 -23.91 -23.83 -15.81
CA TYR F 507 -25.18 -24.27 -15.28
C TYR F 507 -25.33 -25.77 -15.52
N PRO F 508 -25.61 -26.57 -14.50
CA PRO F 508 -25.74 -28.02 -14.65
C PRO F 508 -27.05 -28.45 -15.29
N GLU F 509 -27.08 -28.47 -16.60
CA GLU F 509 -28.27 -28.83 -17.34
C GLU F 509 -28.41 -30.34 -17.41
N PRO F 510 -29.51 -30.93 -16.94
CA PRO F 510 -29.70 -32.37 -17.14
C PRO F 510 -30.08 -32.66 -18.57
N VAL F 511 -29.51 -33.72 -19.13
CA VAL F 511 -29.68 -34.02 -20.55
C VAL F 511 -30.91 -34.90 -20.74
N THR F 512 -31.77 -34.49 -21.66
CA THR F 512 -33.04 -35.14 -21.89
C THR F 512 -33.27 -35.20 -23.39
N ALA F 513 -34.46 -35.67 -23.77
CA ALA F 513 -34.80 -35.91 -25.16
C ALA F 513 -35.19 -34.65 -25.90
N TYR F 514 -35.39 -33.53 -25.22
CA TYR F 514 -35.70 -32.28 -25.89
C TYR F 514 -34.53 -31.33 -25.98
N ASN F 515 -33.51 -31.48 -25.13
CA ASN F 515 -32.36 -30.60 -25.16
C ASN F 515 -31.09 -31.30 -25.63
N ILE F 516 -31.21 -32.48 -26.22
CA ILE F 516 -30.02 -33.17 -26.70
C ILE F 516 -29.49 -32.49 -27.96
N ALA F 517 -30.34 -31.79 -28.70
CA ALA F 517 -29.87 -31.02 -29.84
C ALA F 517 -29.03 -29.83 -29.39
N GLU F 518 -29.44 -29.14 -28.34
CA GLU F 518 -28.63 -28.05 -27.81
C GLU F 518 -27.40 -28.57 -27.10
N LEU F 519 -27.54 -29.62 -26.31
CA LEU F 519 -26.42 -30.03 -25.47
C LEU F 519 -25.37 -30.82 -26.22
N ARG F 520 -25.67 -31.34 -27.41
CA ARG F 520 -24.59 -31.89 -28.23
C ARG F 520 -23.66 -30.79 -28.72
N GLN F 521 -24.23 -29.72 -29.26
CA GLN F 521 -23.43 -28.62 -29.79
C GLN F 521 -22.67 -27.91 -28.68
N ALA F 522 -23.21 -27.94 -27.46
CA ALA F 522 -22.49 -27.35 -26.33
C ALA F 522 -21.25 -28.16 -25.97
N VAL F 523 -21.33 -29.49 -26.04
CA VAL F 523 -20.14 -30.30 -25.79
C VAL F 523 -19.15 -30.18 -26.94
N ILE F 524 -19.65 -30.04 -28.17
CA ILE F 524 -18.77 -29.90 -29.32
C ILE F 524 -18.02 -28.57 -29.30
N ASN F 525 -18.69 -27.50 -28.90
CA ASN F 525 -18.05 -26.19 -28.86
C ASN F 525 -16.99 -26.12 -27.77
N GLY F 526 -17.22 -26.77 -26.64
CA GLY F 526 -16.20 -26.87 -25.62
C GLY F 526 -16.00 -25.60 -24.86
N PRO F 527 -14.94 -25.54 -24.05
CA PRO F 527 -14.83 -24.46 -23.05
C PRO F 527 -14.40 -23.12 -23.60
N ASP F 528 -14.23 -22.97 -24.92
CA ASP F 528 -13.73 -21.72 -25.47
C ASP F 528 -14.72 -21.02 -26.39
N LYS F 529 -15.34 -21.74 -27.32
CA LYS F 529 -16.43 -21.16 -28.07
C LYS F 529 -17.62 -20.98 -27.15
N TRP F 530 -18.32 -19.84 -27.31
CA TRP F 530 -19.22 -19.42 -26.25
C TRP F 530 -20.45 -20.30 -26.08
N PRO F 531 -21.28 -20.56 -27.09
CA PRO F 531 -22.44 -21.38 -26.66
C PRO F 531 -22.04 -22.87 -26.55
N GLY F 532 -21.35 -23.16 -25.44
CA GLY F 532 -20.62 -24.38 -25.26
C GLY F 532 -20.81 -25.03 -23.90
N ALA F 533 -19.80 -25.76 -23.41
CA ALA F 533 -19.90 -26.44 -22.13
C ALA F 533 -18.50 -26.57 -21.54
N THR F 534 -18.41 -27.03 -20.30
CA THR F 534 -17.08 -27.21 -19.73
C THR F 534 -16.86 -28.51 -18.96
N GLN F 535 -17.90 -29.24 -18.57
CA GLN F 535 -17.80 -30.51 -17.87
C GLN F 535 -19.05 -31.30 -18.17
N ILE F 536 -18.94 -32.62 -18.22
CA ILE F 536 -20.12 -33.46 -18.19
C ILE F 536 -20.01 -34.31 -16.93
N GLN F 537 -21.16 -34.59 -16.34
CA GLN F 537 -21.24 -35.39 -15.13
C GLN F 537 -21.96 -36.68 -15.44
N ASN F 538 -21.32 -37.80 -15.17
CA ASN F 538 -21.91 -39.08 -15.50
C ASN F 538 -22.92 -39.49 -14.43
N GLU F 539 -23.57 -40.63 -14.63
CA GLU F 539 -24.63 -41.04 -13.71
C GLU F 539 -24.09 -41.60 -12.41
N ASP F 540 -22.78 -41.82 -12.28
CA ASP F 540 -22.22 -42.15 -10.98
C ASP F 540 -21.69 -40.93 -10.25
N GLY F 541 -22.08 -39.74 -10.69
CA GLY F 541 -21.63 -38.52 -10.06
C GLY F 541 -20.23 -38.09 -10.40
N SER F 542 -19.45 -38.91 -11.11
CA SER F 542 -18.09 -38.55 -11.47
C SER F 542 -18.11 -37.52 -12.59
N LEU F 543 -17.20 -36.55 -12.48
CA LEU F 543 -17.11 -35.47 -13.44
C LEU F 543 -16.05 -35.75 -14.48
N VAL F 544 -16.33 -35.38 -15.73
CA VAL F 544 -15.39 -35.50 -16.83
C VAL F 544 -15.16 -34.10 -17.38
N SER F 545 -13.95 -33.58 -17.21
CA SER F 545 -13.67 -32.24 -17.71
C SER F 545 -13.43 -32.27 -19.21
N LEU F 546 -13.72 -31.15 -19.85
CA LEU F 546 -13.63 -31.03 -21.30
C LEU F 546 -12.51 -30.14 -21.77
N ILE F 547 -11.59 -29.73 -20.90
CA ILE F 547 -10.70 -28.61 -21.21
C ILE F 547 -9.56 -29.05 -22.12
N GLY F 548 -8.95 -30.20 -21.84
CA GLY F 548 -7.86 -30.62 -22.69
C GLY F 548 -8.25 -31.24 -24.01
N MET F 549 -9.52 -31.56 -24.21
CA MET F 549 -9.91 -32.48 -25.27
C MET F 549 -9.97 -31.80 -26.64
N SER F 550 -9.78 -32.59 -27.68
CA SER F 550 -10.03 -32.13 -29.04
C SER F 550 -11.51 -32.21 -29.34
N VAL F 551 -11.89 -31.85 -30.58
CA VAL F 551 -13.28 -32.00 -30.97
C VAL F 551 -13.65 -33.47 -31.13
N GLU F 552 -12.68 -34.36 -31.35
CA GLU F 552 -13.01 -35.75 -31.55
C GLU F 552 -13.36 -36.44 -30.24
N GLN F 553 -12.60 -36.17 -29.18
CA GLN F 553 -13.03 -36.65 -27.86
C GLN F 553 -14.30 -35.96 -27.40
N ARG F 554 -14.50 -34.71 -27.79
CA ARG F 554 -15.73 -34.02 -27.47
C ARG F 554 -16.91 -34.47 -28.31
N LYS F 555 -16.72 -34.80 -29.59
CA LYS F 555 -17.83 -35.40 -30.33
C LYS F 555 -18.07 -36.84 -29.89
N ALA F 556 -17.05 -37.48 -29.32
CA ALA F 556 -17.24 -38.79 -28.71
C ALA F 556 -18.18 -38.69 -27.52
N LEU F 557 -17.91 -37.73 -26.63
CA LEU F 557 -18.74 -37.56 -25.45
C LEU F 557 -20.11 -37.01 -25.81
N ALA F 558 -20.19 -36.16 -26.83
CA ALA F 558 -21.46 -35.54 -27.18
C ALA F 558 -22.44 -36.53 -27.76
N ASN F 559 -21.96 -37.60 -28.39
CA ASN F 559 -22.83 -38.61 -28.95
C ASN F 559 -23.11 -39.74 -27.97
N GLN F 560 -22.73 -39.57 -26.70
CA GLN F 560 -22.99 -40.57 -25.68
C GLN F 560 -23.81 -40.01 -24.52
N LEU F 561 -24.48 -38.88 -24.71
CA LEU F 561 -25.18 -38.26 -23.60
C LEU F 561 -26.47 -38.98 -23.25
N LEU F 562 -27.13 -39.59 -24.22
CA LEU F 562 -28.37 -40.32 -23.95
C LEU F 562 -28.15 -41.82 -23.83
N THR F 563 -26.93 -42.31 -23.98
CA THR F 563 -26.67 -43.74 -23.87
C THR F 563 -26.79 -44.17 -22.42
N PRO F 564 -27.67 -45.13 -22.09
CA PRO F 564 -27.84 -45.54 -20.70
C PRO F 564 -26.66 -46.37 -20.23
N SER F 565 -26.04 -45.94 -19.13
CA SER F 565 -25.14 -46.81 -18.42
C SER F 565 -25.93 -47.97 -17.83
N SER F 566 -25.33 -49.15 -17.84
CA SER F 566 -26.04 -50.39 -17.58
C SER F 566 -26.09 -50.75 -16.11
N ASN F 567 -26.04 -49.77 -15.24
CA ASN F 567 -26.07 -50.00 -13.81
C ASN F 567 -27.51 -50.16 -13.34
N VAL F 568 -27.68 -50.63 -12.12
CA VAL F 568 -29.00 -50.74 -11.51
C VAL F 568 -29.18 -49.75 -10.37
N SER F 569 -28.10 -49.28 -9.75
CA SER F 569 -28.21 -48.27 -8.71
C SER F 569 -28.61 -46.92 -9.26
N THR F 570 -28.21 -46.62 -10.49
CA THR F 570 -28.34 -45.31 -11.07
C THR F 570 -29.12 -45.37 -12.37
N HIS F 571 -30.13 -46.24 -12.46
CA HIS F 571 -30.93 -46.23 -13.67
C HIS F 571 -31.91 -45.06 -13.68
N THR F 572 -32.14 -44.46 -12.52
CA THR F 572 -33.01 -43.30 -12.39
C THR F 572 -32.34 -42.04 -12.90
N LEU F 573 -31.05 -41.88 -12.58
CA LEU F 573 -30.31 -40.67 -12.87
C LEU F 573 -30.04 -40.54 -14.37
N ASN F 574 -29.65 -39.34 -14.77
CA ASN F 574 -29.13 -39.09 -16.11
C ASN F 574 -27.91 -38.18 -16.02
N LYS F 575 -27.29 -37.93 -17.17
CA LYS F 575 -26.08 -37.14 -17.18
C LYS F 575 -26.40 -35.66 -17.04
N LYS F 576 -25.37 -34.87 -16.78
CA LYS F 576 -25.51 -33.42 -16.67
C LYS F 576 -24.39 -32.77 -17.43
N VAL F 577 -24.74 -31.97 -18.41
CA VAL F 577 -23.78 -31.14 -19.12
C VAL F 577 -23.70 -29.82 -18.38
N TYR F 578 -22.49 -29.34 -18.14
CA TYR F 578 -22.38 -28.03 -17.50
C TYR F 578 -22.21 -27.02 -18.63
N ARG F 579 -23.31 -26.57 -19.18
CA ARG F 579 -23.30 -25.62 -20.28
C ARG F 579 -22.91 -24.23 -19.80
N HIS F 580 -22.47 -23.38 -20.73
CA HIS F 580 -22.17 -22.00 -20.38
C HIS F 580 -23.46 -21.22 -20.16
N ILE F 581 -23.31 -19.95 -19.86
CA ILE F 581 -24.46 -19.10 -19.63
C ILE F 581 -24.92 -18.50 -20.97
N LYS F 582 -26.18 -18.74 -21.30
CA LYS F 582 -26.74 -18.41 -22.59
C LYS F 582 -27.68 -17.23 -22.44
N ASN F 583 -28.36 -16.89 -23.53
CA ASN F 583 -29.26 -15.74 -23.47
C ASN F 583 -30.55 -16.03 -22.74
N ARG F 584 -30.87 -17.28 -22.45
CA ARG F 584 -32.10 -17.57 -21.75
C ARG F 584 -31.89 -17.70 -20.25
N ASP F 585 -30.69 -17.44 -19.77
CA ASP F 585 -30.44 -17.64 -18.35
C ASP F 585 -30.85 -16.41 -17.56
N VAL F 586 -30.76 -16.54 -16.24
CA VAL F 586 -31.24 -15.53 -15.32
C VAL F 586 -30.08 -15.15 -14.42
N VAL F 587 -30.12 -13.93 -13.91
CA VAL F 587 -29.05 -13.35 -13.13
C VAL F 587 -29.64 -12.45 -12.07
N LEU F 588 -29.21 -12.61 -10.83
CA LEU F 588 -29.50 -11.65 -9.78
C LEU F 588 -28.39 -10.62 -9.72
N MET F 589 -28.73 -9.37 -9.97
CA MET F 589 -27.77 -8.29 -9.90
C MET F 589 -28.02 -7.48 -8.63
N ASN F 590 -26.97 -7.07 -7.95
CA ASN F 590 -27.15 -6.13 -6.85
C ASN F 590 -26.01 -5.13 -6.73
N ARG F 591 -26.38 -3.86 -6.73
CA ARG F 591 -25.56 -2.82 -6.16
C ARG F 591 -25.40 -3.09 -4.68
N GLN F 592 -24.19 -2.89 -4.17
CA GLN F 592 -23.79 -3.60 -2.95
C GLN F 592 -24.38 -3.09 -1.64
N PRO F 593 -24.50 -1.76 -1.35
CA PRO F 593 -25.30 -1.41 -0.17
C PRO F 593 -26.77 -1.64 -0.45
N THR F 594 -27.28 -2.75 0.07
CA THR F 594 -28.57 -3.28 -0.34
C THR F 594 -29.61 -2.80 0.67
N LEU F 595 -30.13 -1.61 0.41
CA LEU F 595 -31.03 -0.98 1.37
C LEU F 595 -32.44 -1.53 1.26
N HIS F 596 -32.93 -1.69 0.05
CA HIS F 596 -34.27 -2.20 -0.17
C HIS F 596 -34.19 -3.29 -1.23
N LYS F 597 -35.25 -4.08 -1.33
CA LYS F 597 -35.21 -5.30 -2.13
C LYS F 597 -35.21 -5.04 -3.63
N ALA F 598 -35.50 -3.82 -4.08
CA ALA F 598 -35.37 -3.52 -5.49
C ALA F 598 -33.93 -3.27 -5.91
N SER F 599 -33.00 -3.25 -4.97
CA SER F 599 -31.58 -3.24 -5.27
C SER F 599 -31.01 -4.63 -5.44
N MET F 600 -31.87 -5.64 -5.61
CA MET F 600 -31.40 -6.98 -5.93
C MET F 600 -32.49 -7.63 -6.79
N MET F 601 -32.35 -7.50 -8.10
CA MET F 601 -33.39 -7.87 -9.04
C MET F 601 -32.89 -8.93 -10.01
N GLY F 602 -33.83 -9.53 -10.72
CA GLY F 602 -33.52 -10.59 -11.65
C GLY F 602 -33.51 -10.13 -13.09
N HIS F 603 -32.35 -10.23 -13.74
CA HIS F 603 -32.17 -9.80 -15.11
C HIS F 603 -32.09 -10.97 -16.04
N LYS F 604 -32.35 -10.72 -17.31
CA LYS F 604 -32.16 -11.73 -18.33
C LYS F 604 -30.79 -11.54 -18.97
N VAL F 605 -30.14 -12.63 -19.31
CA VAL F 605 -28.76 -12.57 -19.77
C VAL F 605 -28.76 -12.22 -21.25
N ARG F 606 -27.88 -11.28 -21.62
CA ARG F 606 -27.64 -10.91 -23.01
C ARG F 606 -26.13 -10.86 -23.18
N VAL F 607 -25.58 -11.84 -23.88
CA VAL F 607 -24.13 -11.97 -23.99
C VAL F 607 -23.67 -11.15 -25.18
N LEU F 608 -22.84 -10.14 -24.90
CA LEU F 608 -22.39 -9.14 -25.84
C LEU F 608 -20.93 -9.37 -26.15
N PRO F 609 -20.55 -9.45 -27.42
CA PRO F 609 -19.13 -9.59 -27.76
C PRO F 609 -18.36 -8.31 -27.51
N ASN F 610 -17.04 -8.44 -27.52
CA ASN F 610 -16.07 -7.34 -27.58
C ASN F 610 -16.12 -6.41 -26.39
N GLU F 611 -16.70 -6.81 -25.27
CA GLU F 611 -16.88 -5.90 -24.15
C GLU F 611 -16.35 -6.52 -22.87
N LYS F 612 -15.86 -5.68 -21.99
CA LYS F 612 -15.18 -6.16 -20.80
C LYS F 612 -15.85 -5.76 -19.49
N THR F 613 -16.98 -5.08 -19.53
CA THR F 613 -17.71 -4.70 -18.34
C THR F 613 -19.16 -5.15 -18.43
N LEU F 614 -19.80 -5.27 -17.27
CA LEU F 614 -21.24 -5.47 -17.21
C LEU F 614 -21.91 -4.23 -17.76
N ARG F 615 -23.10 -4.41 -18.32
CA ARG F 615 -23.65 -3.33 -19.13
C ARG F 615 -25.16 -3.30 -18.99
N LEU F 616 -25.69 -2.16 -18.55
CA LEU F 616 -27.00 -2.06 -17.95
C LEU F 616 -27.79 -0.94 -18.62
N HIS F 617 -29.11 -1.04 -18.58
CA HIS F 617 -29.95 -0.02 -19.18
C HIS F 617 -30.13 1.14 -18.21
N TYR F 618 -30.51 2.30 -18.76
CA TYR F 618 -30.71 3.48 -17.93
C TYR F 618 -31.96 3.38 -17.07
N ALA F 619 -32.97 2.61 -17.50
CA ALA F 619 -34.19 2.45 -16.72
C ALA F 619 -33.97 1.71 -15.43
N ASN F 620 -32.83 1.04 -15.28
CA ASN F 620 -32.51 0.28 -14.05
C ASN F 620 -31.68 1.10 -13.09
N THR F 621 -31.33 2.34 -13.40
CA THR F 621 -30.39 3.05 -12.55
C THR F 621 -31.06 3.70 -11.36
N GLY F 622 -32.39 3.86 -11.39
CA GLY F 622 -33.07 4.44 -10.25
C GLY F 622 -33.25 3.45 -9.13
N ALA F 623 -33.43 2.19 -9.45
CA ALA F 623 -33.65 1.17 -8.45
C ALA F 623 -32.37 0.74 -7.76
N TYR F 624 -31.23 0.84 -8.42
CA TYR F 624 -29.97 0.46 -7.80
C TYR F 624 -29.24 1.62 -7.16
N ASN F 625 -29.79 2.84 -7.25
CA ASN F 625 -29.13 4.08 -6.85
C ASN F 625 -27.78 4.20 -7.56
N ALA F 626 -27.79 3.97 -8.86
CA ALA F 626 -26.57 3.73 -9.60
C ALA F 626 -26.24 4.95 -10.45
N ASP F 627 -24.99 5.38 -10.40
CA ASP F 627 -24.43 6.24 -11.41
C ASP F 627 -23.22 5.55 -12.00
N PHE F 628 -22.97 5.79 -13.27
CA PHE F 628 -22.00 5.00 -14.01
C PHE F 628 -20.67 5.73 -13.94
N ASP F 629 -20.05 5.67 -12.76
CA ASP F 629 -18.80 6.37 -12.53
C ASP F 629 -17.85 5.54 -11.68
N GLY F 630 -17.73 4.26 -12.00
CA GLY F 630 -16.88 3.39 -11.23
C GLY F 630 -17.61 2.54 -10.23
N ASP F 631 -18.92 2.42 -10.33
CA ASP F 631 -19.66 1.53 -9.46
C ASP F 631 -19.60 0.10 -9.97
N GLU F 632 -19.67 -0.84 -9.04
CA GLU F 632 -19.65 -2.25 -9.34
C GLU F 632 -20.95 -2.88 -8.89
N MET F 633 -21.29 -3.99 -9.52
CA MET F 633 -22.50 -4.72 -9.19
C MET F 633 -22.18 -6.20 -9.24
N ASN F 634 -22.73 -6.97 -8.31
CA ASN F 634 -22.44 -8.39 -8.26
C ASN F 634 -23.45 -9.14 -9.10
N MET F 635 -23.00 -10.22 -9.73
CA MET F 635 -23.83 -10.99 -10.65
C MET F 635 -23.90 -12.43 -10.16
N HIS F 636 -25.02 -12.82 -9.58
CA HIS F 636 -25.19 -14.15 -9.05
C HIS F 636 -25.95 -15.01 -10.04
N PHE F 637 -25.46 -16.21 -10.27
CA PHE F 637 -26.05 -17.08 -11.27
C PHE F 637 -26.63 -18.32 -10.60
N PRO F 638 -27.95 -18.39 -10.41
CA PRO F 638 -28.55 -19.50 -9.67
C PRO F 638 -28.48 -20.80 -10.44
N GLN F 639 -28.61 -21.91 -9.69
CA GLN F 639 -28.12 -23.20 -10.15
C GLN F 639 -29.15 -24.31 -10.19
N ASN F 640 -30.44 -24.01 -10.05
CA ASN F 640 -31.47 -25.00 -10.32
C ASN F 640 -32.74 -24.30 -10.79
N GLU F 641 -33.71 -25.09 -11.19
CA GLU F 641 -34.93 -24.55 -11.77
C GLU F 641 -35.88 -23.97 -10.74
N ASN F 642 -35.73 -24.32 -9.47
CA ASN F 642 -36.47 -23.62 -8.43
C ASN F 642 -35.98 -22.19 -8.28
N ALA F 643 -34.68 -21.97 -8.41
CA ALA F 643 -34.16 -20.62 -8.27
C ALA F 643 -34.19 -19.84 -9.56
N ARG F 644 -34.27 -20.51 -10.71
CA ARG F 644 -34.54 -19.78 -11.95
C ARG F 644 -35.97 -19.28 -11.97
N ALA F 645 -36.90 -20.06 -11.43
CA ALA F 645 -38.30 -19.69 -11.49
C ALA F 645 -38.61 -18.56 -10.55
N GLU F 646 -37.83 -18.41 -9.48
CA GLU F 646 -38.07 -17.29 -8.57
C GLU F 646 -37.47 -16.01 -9.10
N ALA F 647 -36.31 -16.09 -9.73
CA ALA F 647 -35.70 -14.89 -10.26
C ALA F 647 -36.32 -14.44 -11.57
N LEU F 648 -37.23 -15.19 -12.15
CA LEU F 648 -37.96 -14.77 -13.33
C LEU F 648 -39.39 -14.36 -13.05
N ASN F 649 -39.92 -14.71 -11.89
CA ASN F 649 -41.32 -14.48 -11.60
C ASN F 649 -41.55 -13.69 -10.33
N LEU F 650 -40.61 -13.69 -9.42
CA LEU F 650 -40.78 -12.98 -8.16
C LEU F 650 -39.80 -11.84 -8.00
N ALA F 651 -38.55 -12.03 -8.40
CA ALA F 651 -37.53 -11.02 -8.24
C ALA F 651 -37.12 -10.36 -9.54
N ASN F 652 -37.89 -10.53 -10.62
CA ASN F 652 -37.50 -9.91 -11.87
C ASN F 652 -37.71 -8.41 -11.83
N THR F 653 -37.12 -7.70 -12.79
CA THR F 653 -37.22 -6.25 -12.79
C THR F 653 -38.59 -5.77 -13.25
N ASP F 654 -39.40 -6.62 -13.84
CA ASP F 654 -40.71 -6.18 -14.28
C ASP F 654 -41.72 -6.13 -13.14
N SER F 655 -41.53 -6.93 -12.11
CA SER F 655 -42.40 -6.87 -10.95
C SER F 655 -41.93 -5.86 -9.93
N GLN F 656 -40.80 -5.19 -10.17
CA GLN F 656 -40.29 -4.15 -9.30
C GLN F 656 -40.53 -2.77 -9.88
N TYR F 657 -41.60 -2.61 -10.66
CA TYR F 657 -41.88 -1.31 -11.28
C TYR F 657 -42.32 -0.29 -10.25
N LEU F 658 -43.21 -0.67 -9.34
CA LEU F 658 -43.65 0.18 -8.25
C LEU F 658 -42.90 -0.20 -7.00
N THR F 659 -42.45 0.77 -6.26
CA THR F 659 -41.73 0.49 -5.04
C THR F 659 -42.72 0.22 -3.91
N PRO F 660 -42.35 -0.61 -2.93
CA PRO F 660 -43.29 -0.88 -1.83
C PRO F 660 -43.35 0.20 -0.77
N THR F 661 -42.56 1.25 -0.89
CA THR F 661 -42.53 2.27 0.15
C THR F 661 -43.79 3.12 0.12
N SER F 662 -44.14 3.62 -1.06
CA SER F 662 -45.38 4.36 -1.20
C SER F 662 -46.11 4.06 -2.49
N GLY F 663 -45.72 3.01 -3.21
CA GLY F 663 -46.43 2.67 -4.43
C GLY F 663 -46.12 3.57 -5.59
N SER F 664 -45.02 4.17 -5.60
CA SER F 664 -44.65 5.04 -6.68
C SER F 664 -43.78 4.29 -7.67
N PRO F 665 -43.83 4.64 -8.95
CA PRO F 665 -42.93 4.00 -9.92
C PRO F 665 -41.49 4.46 -9.75
N VAL F 666 -40.56 3.54 -9.94
CA VAL F 666 -39.14 3.81 -9.80
C VAL F 666 -38.36 3.59 -11.08
N ARG F 667 -39.01 3.25 -12.18
CA ARG F 667 -38.31 2.94 -13.42
C ARG F 667 -38.81 3.84 -14.52
N GLY F 668 -37.89 4.44 -15.26
CA GLY F 668 -38.26 5.25 -16.41
C GLY F 668 -37.03 5.84 -17.02
N LEU F 669 -37.22 6.42 -18.21
CA LEU F 669 -36.13 6.98 -18.99
C LEU F 669 -35.63 8.27 -18.34
N ILE F 670 -34.43 8.71 -18.71
CA ILE F 670 -33.75 9.58 -17.76
C ILE F 670 -33.34 10.98 -18.25
N GLN F 671 -32.44 11.13 -19.23
CA GLN F 671 -31.95 12.46 -19.58
C GLN F 671 -32.18 12.83 -21.04
N ASP F 672 -31.59 12.11 -21.98
CA ASP F 672 -31.74 12.49 -23.39
C ASP F 672 -33.06 12.01 -23.91
N HIS F 673 -33.61 10.98 -23.29
CA HIS F 673 -34.89 10.47 -23.75
C HIS F 673 -36.02 11.39 -23.33
N ILE F 674 -35.84 12.10 -22.21
CA ILE F 674 -36.82 13.10 -21.83
C ILE F 674 -36.74 14.27 -22.79
N SER F 675 -35.54 14.65 -23.18
CA SER F 675 -35.36 15.80 -24.01
C SER F 675 -35.52 15.49 -25.49
N ALA F 676 -35.76 14.23 -25.83
CA ALA F 676 -36.12 13.88 -27.20
C ALA F 676 -37.61 13.75 -27.38
N GLY F 677 -38.34 13.39 -26.33
CA GLY F 677 -39.79 13.36 -26.44
C GLY F 677 -40.41 14.74 -26.51
N VAL F 678 -39.72 15.75 -25.97
CA VAL F 678 -40.18 17.12 -26.14
C VAL F 678 -39.91 17.60 -27.55
N TRP F 679 -39.01 16.96 -28.26
CA TRP F 679 -38.80 17.27 -29.67
C TRP F 679 -39.60 16.39 -30.61
N LEU F 680 -39.71 15.10 -30.31
CA LEU F 680 -40.38 14.21 -31.24
C LEU F 680 -41.89 14.39 -31.18
N THR F 681 -42.47 14.50 -30.00
CA THR F 681 -43.90 14.68 -29.89
C THR F 681 -44.34 16.11 -30.05
N SER F 682 -43.43 17.00 -30.46
CA SER F 682 -43.74 18.39 -30.73
C SER F 682 -44.63 18.54 -31.96
N LYS F 683 -45.02 19.77 -32.23
CA LYS F 683 -45.93 20.03 -33.32
C LYS F 683 -45.20 20.38 -34.61
N ASP F 684 -43.93 20.77 -34.52
CA ASP F 684 -43.10 20.96 -35.71
C ASP F 684 -42.57 19.66 -36.26
N SER F 685 -42.70 18.56 -35.55
CA SER F 685 -42.07 17.32 -35.98
C SER F 685 -42.90 16.69 -37.09
N PHE F 686 -42.37 16.72 -38.30
CA PHE F 686 -42.99 16.09 -39.45
C PHE F 686 -42.01 15.12 -40.09
N PHE F 687 -42.51 13.98 -40.53
CA PHE F 687 -41.66 12.92 -41.01
C PHE F 687 -42.24 12.38 -42.29
N THR F 688 -41.38 12.10 -43.26
CA THR F 688 -41.89 11.53 -44.49
C THR F 688 -41.90 10.01 -44.35
N ARG F 689 -42.32 9.32 -45.42
CA ARG F 689 -42.62 7.89 -45.32
C ARG F 689 -41.38 7.07 -45.09
N GLU F 690 -40.26 7.46 -45.70
CA GLU F 690 -39.02 6.73 -45.48
C GLU F 690 -38.45 7.02 -44.12
N GLN F 691 -38.75 8.18 -43.55
CA GLN F 691 -38.34 8.49 -42.20
C GLN F 691 -39.23 7.80 -41.19
N TYR F 692 -40.54 7.85 -41.42
CA TYR F 692 -41.50 7.23 -40.51
C TYR F 692 -41.29 5.73 -40.41
N GLN F 693 -41.11 5.05 -41.52
CA GLN F 693 -40.96 3.60 -41.47
C GLN F 693 -39.61 3.19 -40.91
N GLN F 694 -38.61 4.05 -41.01
CA GLN F 694 -37.32 3.73 -40.42
C GLN F 694 -37.33 3.90 -38.91
N TYR F 695 -38.07 4.88 -38.39
CA TYR F 695 -38.11 5.02 -36.95
C TYR F 695 -38.93 3.93 -36.27
N ILE F 696 -39.89 3.35 -36.98
CA ILE F 696 -40.66 2.29 -36.37
C ILE F 696 -39.86 0.99 -36.33
N TYR F 697 -39.09 0.70 -37.36
CA TYR F 697 -38.31 -0.52 -37.31
C TYR F 697 -37.00 -0.34 -36.55
N GLY F 698 -36.59 0.89 -36.28
CA GLY F 698 -35.44 1.08 -35.44
C GLY F 698 -35.69 0.75 -33.98
N CYS F 699 -36.94 0.83 -33.54
CA CYS F 699 -37.29 0.53 -32.16
C CYS F 699 -38.03 -0.79 -31.99
N ILE F 700 -38.74 -1.27 -33.01
CA ILE F 700 -39.56 -2.46 -32.90
C ILE F 700 -39.07 -3.47 -33.92
N ARG F 701 -38.47 -4.55 -33.45
CA ARG F 701 -38.14 -5.66 -34.33
C ARG F 701 -39.12 -6.80 -34.12
N PRO F 702 -39.77 -7.31 -35.18
CA PRO F 702 -40.57 -8.53 -35.03
C PRO F 702 -39.73 -9.77 -34.83
N GLU F 703 -38.44 -9.73 -35.15
CA GLU F 703 -37.61 -10.92 -34.98
C GLU F 703 -37.21 -11.11 -33.54
N ASP F 704 -37.14 -10.02 -32.78
CA ASP F 704 -36.86 -10.12 -31.36
C ASP F 704 -38.13 -10.26 -30.55
N GLY F 705 -39.28 -10.41 -31.20
CA GLY F 705 -40.51 -10.62 -30.50
C GLY F 705 -41.07 -9.37 -29.85
N HIS F 706 -40.87 -8.20 -30.47
CA HIS F 706 -41.50 -7.02 -29.91
C HIS F 706 -42.95 -6.89 -30.35
N THR F 707 -43.25 -7.23 -31.60
CA THR F 707 -44.61 -7.10 -32.09
C THR F 707 -45.52 -8.16 -31.49
N THR F 708 -46.80 -7.83 -31.46
CA THR F 708 -47.87 -8.75 -31.11
C THR F 708 -48.64 -9.22 -32.33
N ARG F 709 -48.13 -8.92 -33.53
CA ARG F 709 -48.85 -9.19 -34.77
C ARG F 709 -48.04 -9.91 -35.82
N SER F 710 -46.72 -10.02 -35.67
CA SER F 710 -45.72 -10.57 -36.59
C SER F 710 -45.53 -9.75 -37.86
N LYS F 711 -46.31 -8.70 -38.07
CA LYS F 711 -46.18 -7.80 -39.19
C LYS F 711 -46.38 -6.40 -38.66
N ILE F 712 -45.44 -5.51 -38.97
CA ILE F 712 -45.52 -4.14 -38.50
C ILE F 712 -46.64 -3.42 -39.23
N VAL F 713 -47.63 -2.96 -38.50
CA VAL F 713 -48.75 -2.20 -39.06
C VAL F 713 -48.43 -0.73 -38.89
N THR F 714 -48.92 0.07 -39.81
CA THR F 714 -48.69 1.51 -39.76
C THR F 714 -50.03 2.24 -39.87
N LEU F 715 -49.94 3.54 -40.02
CA LEU F 715 -51.04 4.49 -39.98
C LEU F 715 -51.05 5.32 -41.24
N PRO F 716 -52.21 5.85 -41.64
CA PRO F 716 -52.23 6.80 -42.74
C PRO F 716 -51.59 8.11 -42.29
N PRO F 717 -51.01 8.87 -43.23
CA PRO F 717 -50.38 10.12 -42.84
C PRO F 717 -51.41 11.15 -42.45
N THR F 718 -50.97 12.18 -41.70
CA THR F 718 -51.91 13.22 -41.34
C THR F 718 -51.93 14.36 -42.32
N ILE F 719 -51.11 14.32 -43.35
CA ILE F 719 -51.16 15.29 -44.43
C ILE F 719 -51.12 14.50 -45.71
N PHE F 720 -52.18 14.56 -46.50
CA PHE F 720 -52.20 13.78 -47.72
C PHE F 720 -51.63 14.52 -48.91
N LYS F 721 -52.20 15.67 -49.25
CA LYS F 721 -52.02 16.07 -50.64
C LYS F 721 -50.67 16.71 -51.01
N PRO F 722 -50.21 17.81 -50.38
CA PRO F 722 -49.06 18.52 -50.98
C PRO F 722 -47.79 17.70 -50.97
N TYR F 723 -47.65 16.86 -49.95
CA TYR F 723 -46.60 15.88 -49.78
C TYR F 723 -47.08 15.01 -48.63
N PRO F 724 -47.04 13.68 -48.74
CA PRO F 724 -47.53 12.84 -47.64
C PRO F 724 -46.56 12.77 -46.48
N LEU F 725 -47.01 13.26 -45.31
CA LEU F 725 -46.17 13.41 -44.13
C LEU F 725 -46.84 12.86 -42.89
N TRP F 726 -46.04 12.27 -42.02
CA TRP F 726 -46.48 11.82 -40.70
C TRP F 726 -46.05 12.83 -39.65
N THR F 727 -46.58 12.65 -38.46
CA THR F 727 -46.38 13.58 -37.37
C THR F 727 -45.68 12.81 -36.25
N GLY F 728 -44.94 13.53 -35.41
CA GLY F 728 -44.14 12.85 -34.42
C GLY F 728 -44.96 12.22 -33.29
N LYS F 729 -46.11 12.80 -32.97
CA LYS F 729 -47.04 12.14 -32.06
C LYS F 729 -47.59 10.87 -32.67
N GLN F 730 -47.67 10.82 -33.99
CA GLN F 730 -48.21 9.67 -34.68
C GLN F 730 -47.23 8.51 -34.72
N ILE F 731 -45.98 8.75 -34.34
CA ILE F 731 -45.01 7.68 -34.15
C ILE F 731 -45.18 7.03 -32.78
N ILE F 732 -45.51 7.82 -31.76
CA ILE F 732 -45.83 7.28 -30.44
C ILE F 732 -47.08 6.43 -30.50
N THR F 733 -48.03 6.82 -31.34
CA THR F 733 -49.24 6.04 -31.53
C THR F 733 -48.94 4.70 -32.17
N THR F 734 -48.04 4.67 -33.14
CA THR F 734 -47.75 3.45 -33.87
C THR F 734 -47.00 2.45 -33.00
N VAL F 735 -46.10 2.92 -32.15
CA VAL F 735 -45.36 1.97 -31.33
C VAL F 735 -46.20 1.46 -30.18
N LEU F 736 -47.26 2.17 -29.79
CA LEU F 736 -48.20 1.56 -28.86
C LEU F 736 -49.12 0.60 -29.57
N LEU F 737 -49.32 0.78 -30.86
CA LEU F 737 -50.18 -0.11 -31.61
C LEU F 737 -49.53 -1.46 -31.85
N ASN F 738 -48.21 -1.48 -31.93
CA ASN F 738 -47.50 -2.71 -32.25
C ASN F 738 -47.07 -3.51 -31.04
N VAL F 739 -47.00 -2.91 -29.85
CA VAL F 739 -46.54 -3.67 -28.69
C VAL F 739 -47.65 -3.96 -27.70
N THR F 740 -48.74 -3.35 -27.81
CA THR F 740 -49.85 -3.71 -26.95
C THR F 740 -50.69 -4.79 -27.62
N PRO F 741 -51.34 -5.67 -26.84
CA PRO F 741 -51.95 -6.86 -27.45
C PRO F 741 -53.14 -6.49 -28.31
N PRO F 742 -53.37 -7.23 -29.41
CA PRO F 742 -54.30 -6.75 -30.43
C PRO F 742 -55.74 -6.82 -30.03
N ASP F 743 -56.10 -7.78 -29.17
CA ASP F 743 -57.48 -8.02 -28.82
C ASP F 743 -57.91 -7.31 -27.54
N MET F 744 -57.32 -6.14 -27.28
CA MET F 744 -57.77 -5.22 -26.25
C MET F 744 -57.99 -3.85 -26.87
N PRO F 745 -58.85 -3.03 -26.28
CA PRO F 745 -58.95 -1.64 -26.71
C PRO F 745 -57.75 -0.82 -26.28
N GLY F 746 -57.60 0.33 -26.92
CA GLY F 746 -56.49 1.21 -26.65
C GLY F 746 -56.61 1.90 -25.31
N ILE F 747 -55.57 2.64 -24.98
CA ILE F 747 -55.50 3.32 -23.70
C ILE F 747 -56.24 4.64 -23.80
N ASN F 748 -56.84 5.05 -22.68
CA ASN F 748 -57.57 6.31 -22.58
C ASN F 748 -57.07 7.04 -21.36
N LEU F 749 -56.45 8.19 -21.58
CA LEU F 749 -55.73 8.85 -20.51
C LEU F 749 -55.73 10.35 -20.70
N ILE F 750 -56.13 11.09 -19.68
CA ILE F 750 -56.04 12.54 -19.68
C ILE F 750 -55.10 12.93 -18.56
N SER F 751 -53.90 13.33 -18.91
CA SER F 751 -52.87 13.70 -17.94
C SER F 751 -52.36 15.08 -18.29
N LYS F 752 -51.27 15.48 -17.64
CA LYS F 752 -50.63 16.75 -17.89
C LYS F 752 -49.15 16.54 -18.22
N ASN F 753 -48.51 17.63 -18.64
CA ASN F 753 -47.06 17.69 -18.76
C ASN F 753 -46.46 18.42 -17.58
N LYS F 754 -45.15 18.67 -17.68
CA LYS F 754 -44.48 19.65 -16.86
C LYS F 754 -44.35 21.00 -17.54
N ILE F 755 -44.73 21.10 -18.81
CA ILE F 755 -44.43 22.27 -19.64
C ILE F 755 -45.71 23.05 -19.85
N LYS F 756 -45.68 24.31 -19.43
CA LYS F 756 -46.81 25.22 -19.42
C LYS F 756 -47.22 25.59 -20.85
N ASN F 757 -48.50 25.94 -21.02
CA ASN F 757 -48.99 26.25 -22.37
C ASN F 757 -48.43 27.55 -22.90
N GLU F 758 -48.02 28.46 -22.03
CA GLU F 758 -47.46 29.73 -22.47
C GLU F 758 -46.14 29.59 -23.20
N TYR F 759 -45.41 28.50 -22.98
CA TYR F 759 -44.14 28.30 -23.67
C TYR F 759 -44.31 27.94 -25.13
N TRP F 760 -45.51 27.61 -25.58
CA TRP F 760 -45.72 27.21 -26.96
C TRP F 760 -46.38 28.28 -27.81
N GLY F 761 -46.75 29.40 -27.24
CA GLY F 761 -47.41 30.43 -28.02
C GLY F 761 -48.88 30.58 -27.65
N LYS F 762 -49.58 31.32 -28.50
CA LYS F 762 -50.96 31.67 -28.22
C LYS F 762 -51.91 30.51 -28.46
N GLY F 763 -52.76 30.23 -27.49
CA GLY F 763 -53.84 29.29 -27.67
C GLY F 763 -53.45 27.85 -27.79
N SER F 764 -52.22 27.49 -27.47
CA SER F 764 -51.80 26.10 -27.52
C SER F 764 -52.43 25.31 -26.40
N LEU F 765 -52.60 24.02 -26.62
CA LEU F 765 -53.08 23.12 -25.58
C LEU F 765 -52.09 21.99 -25.33
N GLU F 766 -50.81 22.26 -25.49
CA GLU F 766 -49.76 21.25 -25.37
C GLU F 766 -49.33 21.00 -23.96
N ASN F 767 -50.16 21.33 -22.97
CA ASN F 767 -49.95 20.88 -21.61
C ASN F 767 -50.87 19.73 -21.26
N GLU F 768 -52.05 19.64 -21.88
CA GLU F 768 -52.92 18.49 -21.70
C GLU F 768 -52.44 17.34 -22.55
N VAL F 769 -52.17 16.20 -21.93
CA VAL F 769 -51.82 14.98 -22.63
C VAL F 769 -53.08 14.15 -22.77
N LEU F 770 -53.42 13.81 -24.00
CA LEU F 770 -54.62 13.06 -24.28
C LEU F 770 -54.30 11.82 -25.09
N PHE F 771 -54.54 10.65 -24.50
CA PHE F 771 -54.57 9.41 -25.23
C PHE F 771 -56.02 9.02 -25.39
N LYS F 772 -56.44 8.76 -26.61
CA LYS F 772 -57.79 8.31 -26.88
C LYS F 772 -57.71 7.10 -27.78
N ASP F 773 -58.06 5.94 -27.24
CA ASP F 773 -57.97 4.64 -27.90
C ASP F 773 -56.55 4.38 -28.40
N GLY F 774 -55.57 4.70 -27.58
CA GLY F 774 -54.20 4.42 -27.91
C GLY F 774 -53.57 5.36 -28.89
N ALA F 775 -54.18 6.51 -29.16
CA ALA F 775 -53.63 7.48 -30.09
C ALA F 775 -53.31 8.76 -29.32
N LEU F 776 -52.06 9.18 -29.38
CA LEU F 776 -51.67 10.42 -28.72
C LEU F 776 -52.17 11.58 -29.56
N LEU F 777 -53.20 12.26 -29.06
CA LEU F 777 -53.85 13.32 -29.82
C LEU F 777 -53.45 14.71 -29.38
N CYS F 778 -52.83 14.86 -28.22
CA CYS F 778 -52.56 16.19 -27.72
C CYS F 778 -51.40 16.11 -26.73
N GLY F 779 -50.65 17.20 -26.62
CA GLY F 779 -49.63 17.32 -25.60
C GLY F 779 -48.33 16.61 -25.89
N ILE F 780 -47.21 17.20 -25.47
CA ILE F 780 -45.90 16.57 -25.63
C ILE F 780 -45.72 15.58 -24.49
N LEU F 781 -44.67 14.77 -24.54
CA LEU F 781 -44.41 13.78 -23.51
C LEU F 781 -43.14 14.13 -22.76
N ASP F 782 -43.19 14.00 -21.43
CA ASP F 782 -42.13 14.46 -20.53
C ASP F 782 -41.61 13.41 -19.59
N LYS F 783 -40.84 13.87 -18.60
CA LYS F 783 -40.56 13.11 -17.41
C LYS F 783 -41.84 12.76 -16.67
N SER F 784 -42.86 13.61 -16.76
CA SER F 784 -44.14 13.34 -16.15
C SER F 784 -44.90 12.20 -16.81
N GLN F 785 -44.46 11.70 -17.96
CA GLN F 785 -45.16 10.62 -18.64
C GLN F 785 -44.36 9.34 -18.72
N TYR F 786 -43.12 9.39 -19.20
CA TYR F 786 -42.34 8.17 -19.28
C TYR F 786 -41.06 8.24 -18.44
N GLY F 787 -40.98 9.17 -17.51
CA GLY F 787 -39.98 9.07 -16.47
C GLY F 787 -40.50 8.16 -15.37
N ALA F 788 -39.77 8.15 -14.26
CA ALA F 788 -40.23 7.41 -13.08
C ALA F 788 -41.23 8.28 -12.34
N SER F 789 -42.43 8.39 -12.89
CA SER F 789 -43.40 9.36 -12.41
C SER F 789 -44.80 8.78 -12.51
N LYS F 790 -45.61 9.08 -11.51
CA LYS F 790 -46.89 8.42 -11.32
C LYS F 790 -47.94 9.00 -12.26
N TYR F 791 -48.86 8.15 -12.72
CA TYR F 791 -50.06 8.47 -13.49
C TYR F 791 -49.77 8.98 -14.88
N GLY F 792 -48.57 8.72 -15.41
CA GLY F 792 -48.23 9.04 -16.77
C GLY F 792 -48.78 8.02 -17.74
N ILE F 793 -48.15 7.91 -18.90
CA ILE F 793 -48.58 6.89 -19.84
C ILE F 793 -47.98 5.54 -19.49
N VAL F 794 -46.73 5.52 -19.00
CA VAL F 794 -46.08 4.24 -18.71
C VAL F 794 -46.69 3.62 -17.47
N HIS F 795 -47.05 4.44 -16.50
CA HIS F 795 -47.70 3.93 -15.30
C HIS F 795 -49.13 3.54 -15.58
N SER F 796 -49.74 4.11 -16.61
CA SER F 796 -51.09 3.72 -16.96
C SER F 796 -51.13 2.42 -17.72
N LEU F 797 -50.18 2.21 -18.63
CA LEU F 797 -50.09 0.94 -19.34
C LEU F 797 -49.72 -0.20 -18.43
N HIS F 798 -49.07 0.09 -17.31
CA HIS F 798 -48.80 -0.93 -16.31
C HIS F 798 -50.07 -1.38 -15.63
N GLU F 799 -51.02 -0.48 -15.45
CA GLU F 799 -52.25 -0.86 -14.77
C GLU F 799 -53.19 -1.58 -15.71
N VAL F 800 -53.25 -1.16 -16.97
CA VAL F 800 -54.25 -1.71 -17.87
C VAL F 800 -53.74 -2.99 -18.53
N TYR F 801 -52.51 -2.97 -19.01
CA TYR F 801 -52.00 -4.08 -19.79
C TYR F 801 -51.08 -5.01 -19.00
N GLY F 802 -50.55 -4.57 -17.87
CA GLY F 802 -49.76 -5.44 -17.04
C GLY F 802 -48.29 -5.10 -17.06
N PRO F 803 -47.51 -5.77 -16.23
CA PRO F 803 -46.09 -5.41 -16.08
C PRO F 803 -45.22 -5.81 -17.26
N GLU F 804 -45.61 -6.80 -18.06
CA GLU F 804 -44.79 -7.17 -19.20
C GLU F 804 -44.90 -6.16 -20.32
N VAL F 805 -46.06 -5.54 -20.48
CA VAL F 805 -46.25 -4.58 -21.55
C VAL F 805 -45.59 -3.26 -21.19
N ALA F 806 -45.71 -2.82 -19.95
CA ALA F 806 -45.09 -1.57 -19.54
C ALA F 806 -43.58 -1.66 -19.48
N ALA F 807 -43.03 -2.86 -19.35
CA ALA F 807 -41.59 -3.00 -19.49
C ALA F 807 -41.15 -2.98 -20.94
N LYS F 808 -42.01 -3.44 -21.86
CA LYS F 808 -41.66 -3.38 -23.26
C LYS F 808 -41.82 -1.98 -23.83
N VAL F 809 -42.72 -1.18 -23.29
CA VAL F 809 -42.88 0.17 -23.79
C VAL F 809 -41.71 1.03 -23.35
N LEU F 810 -41.15 0.75 -22.17
CA LEU F 810 -39.93 1.44 -21.79
C LEU F 810 -38.74 1.04 -22.64
N SER F 811 -38.74 -0.15 -23.22
CA SER F 811 -37.63 -0.50 -24.11
C SER F 811 -37.86 0.06 -25.50
N VAL F 812 -39.09 0.01 -26.00
CA VAL F 812 -39.39 0.48 -27.34
C VAL F 812 -39.23 1.98 -27.43
N LEU F 813 -39.62 2.71 -26.39
CA LEU F 813 -39.42 4.16 -26.40
C LEU F 813 -37.95 4.51 -26.25
N GLY F 814 -37.22 3.74 -25.46
CA GLY F 814 -35.81 4.04 -25.25
C GLY F 814 -34.98 3.85 -26.51
N ARG F 815 -35.35 2.88 -27.36
CA ARG F 815 -34.70 2.76 -28.65
C ARG F 815 -35.21 3.78 -29.63
N LEU F 816 -36.46 4.21 -29.51
CA LEU F 816 -36.96 5.24 -30.40
C LEU F 816 -36.26 6.56 -30.15
N PHE F 817 -36.09 6.94 -28.89
CA PHE F 817 -35.45 8.22 -28.65
C PHE F 817 -33.94 8.14 -28.76
N THR F 818 -33.36 6.95 -28.76
CA THR F 818 -31.94 6.84 -29.02
C THR F 818 -31.67 7.01 -30.51
N ASN F 819 -32.49 6.39 -31.35
CA ASN F 819 -32.29 6.51 -32.79
C ASN F 819 -32.74 7.86 -33.30
N TYR F 820 -33.65 8.54 -32.61
CA TYR F 820 -34.02 9.89 -33.01
C TYR F 820 -32.96 10.90 -32.61
N ILE F 821 -32.25 10.64 -31.52
CA ILE F 821 -31.14 11.52 -31.13
C ILE F 821 -29.96 11.39 -32.07
N THR F 822 -29.73 10.20 -32.61
CA THR F 822 -28.64 10.03 -33.54
C THR F 822 -28.93 10.70 -34.89
N ALA F 823 -30.17 10.61 -35.36
CA ALA F 823 -30.50 11.28 -36.60
C ALA F 823 -30.65 12.78 -36.43
N THR F 824 -30.99 13.23 -35.23
CA THR F 824 -31.32 14.62 -34.96
C THR F 824 -30.80 14.91 -33.56
N ALA F 825 -29.67 15.61 -33.46
CA ALA F 825 -29.02 15.64 -32.16
C ALA F 825 -29.57 16.75 -31.28
N PHE F 826 -29.04 16.82 -30.07
CA PHE F 826 -29.42 17.80 -29.07
C PHE F 826 -28.13 18.37 -28.49
N THR F 827 -28.05 19.69 -28.40
CA THR F 827 -26.85 20.36 -27.90
C THR F 827 -27.23 21.54 -27.03
N CYS F 828 -26.29 21.95 -26.18
CA CYS F 828 -26.43 23.16 -25.37
C CYS F 828 -25.19 24.00 -25.57
N GLY F 829 -25.36 25.28 -25.86
CA GLY F 829 -24.24 26.12 -26.18
C GLY F 829 -24.05 27.32 -25.30
N MET F 830 -23.33 28.33 -25.79
CA MET F 830 -23.11 29.55 -25.04
C MET F 830 -24.24 30.53 -25.25
N ASP F 831 -24.87 30.50 -26.42
CA ASP F 831 -25.97 31.40 -26.71
C ASP F 831 -27.23 31.06 -25.96
N ASP F 832 -27.32 29.84 -25.44
CA ASP F 832 -28.44 29.45 -24.61
C ASP F 832 -28.43 30.15 -23.27
N LEU F 833 -27.31 30.73 -22.89
CA LEU F 833 -27.08 31.28 -21.57
C LEU F 833 -27.29 32.79 -21.54
N ARG F 834 -27.61 33.40 -22.68
CA ARG F 834 -27.55 34.84 -22.86
C ARG F 834 -28.93 35.44 -22.69
N LEU F 835 -28.98 36.58 -22.02
CA LEU F 835 -30.17 37.39 -22.01
C LEU F 835 -30.14 38.35 -23.18
N THR F 836 -31.32 38.72 -23.65
CA THR F 836 -31.39 39.65 -24.75
C THR F 836 -31.06 41.04 -24.23
N ALA F 837 -30.83 41.96 -25.18
CA ALA F 837 -30.32 43.29 -24.81
C ALA F 837 -31.31 44.09 -23.99
N GLU F 838 -32.61 43.86 -24.20
CA GLU F 838 -33.62 44.48 -23.35
C GLU F 838 -33.65 43.82 -21.98
N GLY F 839 -33.68 42.49 -21.94
CA GLY F 839 -33.73 41.78 -20.67
C GLY F 839 -32.48 41.95 -19.84
N ASN F 840 -31.38 42.26 -20.48
CA ASN F 840 -30.15 42.53 -19.76
C ASN F 840 -30.16 43.93 -19.15
N LYS F 841 -31.06 44.78 -19.61
CA LYS F 841 -31.28 46.08 -19.00
C LYS F 841 -32.28 46.01 -17.87
N TRP F 842 -33.23 45.08 -17.97
CA TRP F 842 -34.20 44.83 -16.90
C TRP F 842 -33.51 44.42 -15.61
N ARG F 843 -32.54 43.51 -15.69
CA ARG F 843 -31.85 43.13 -14.47
C ARG F 843 -30.92 44.21 -13.99
N THR F 844 -30.52 45.13 -14.84
CA THR F 844 -29.74 46.27 -14.37
C THR F 844 -30.59 47.23 -13.58
N ASP F 845 -31.82 47.46 -14.03
CA ASP F 845 -32.69 48.43 -13.36
C ASP F 845 -33.21 47.90 -12.05
N ILE F 846 -33.39 46.59 -11.91
CA ILE F 846 -33.89 46.04 -10.66
C ILE F 846 -32.77 45.96 -9.64
N LEU F 847 -31.57 45.59 -10.07
CA LEU F 847 -30.46 45.49 -9.14
C LEU F 847 -29.92 46.85 -8.71
N LYS F 848 -30.27 47.93 -9.42
CA LYS F 848 -30.00 49.26 -8.89
C LYS F 848 -30.83 49.58 -7.66
N THR F 849 -31.96 48.90 -7.48
CA THR F 849 -32.83 49.11 -6.34
C THR F 849 -32.46 48.24 -5.16
N SER F 850 -31.27 47.64 -5.16
CA SER F 850 -30.77 46.92 -4.00
C SER F 850 -29.50 47.54 -3.45
N VAL F 851 -29.16 48.75 -3.90
CA VAL F 851 -28.02 49.47 -3.33
C VAL F 851 -28.34 50.05 -1.97
N ASP F 852 -29.61 50.03 -1.58
CA ASP F 852 -30.10 50.67 -0.38
C ASP F 852 -30.85 49.66 0.48
N THR F 853 -30.94 48.41 0.03
CA THR F 853 -31.72 47.41 0.74
C THR F 853 -31.05 47.00 2.04
N GLY F 854 -29.72 46.94 2.04
CA GLY F 854 -29.00 46.55 3.25
C GLY F 854 -29.11 47.58 4.34
N ARG F 855 -29.22 48.86 3.98
CA ARG F 855 -29.36 49.89 5.01
C ARG F 855 -30.77 49.96 5.54
N GLU F 856 -31.76 49.86 4.65
CA GLU F 856 -33.14 49.90 5.07
C GLU F 856 -33.55 48.67 5.86
N ALA F 857 -32.88 47.55 5.65
CA ALA F 857 -33.06 46.42 6.54
C ALA F 857 -32.30 46.61 7.84
N ALA F 858 -31.24 47.40 7.83
CA ALA F 858 -30.50 47.64 9.06
C ALA F 858 -31.29 48.56 9.97
N ALA F 859 -31.77 49.69 9.43
CA ALA F 859 -32.50 50.67 10.23
C ALA F 859 -33.86 50.17 10.68
N GLU F 860 -34.37 49.09 10.09
CA GLU F 860 -35.55 48.44 10.63
C GLU F 860 -35.22 47.63 11.87
N VAL F 861 -34.11 46.90 11.85
CA VAL F 861 -33.75 46.05 12.98
C VAL F 861 -33.30 46.91 14.16
N THR F 862 -32.61 47.99 13.90
CA THR F 862 -32.15 48.78 15.02
C THR F 862 -33.14 49.85 15.46
N ASN F 863 -34.34 49.89 14.86
CA ASN F 863 -35.44 50.77 15.22
C ASN F 863 -35.04 52.24 15.11
N LEU F 864 -34.51 52.59 13.95
CA LEU F 864 -34.20 53.97 13.63
C LEU F 864 -35.03 54.40 12.43
N ASP F 865 -35.52 55.63 12.47
CA ASP F 865 -36.55 56.05 11.56
C ASP F 865 -36.10 57.18 10.65
N LYS F 866 -36.88 57.38 9.59
CA LYS F 866 -36.73 58.47 8.62
C LYS F 866 -35.39 58.41 7.89
N ASP F 867 -34.94 57.18 7.61
CA ASP F 867 -33.85 56.88 6.69
C ASP F 867 -32.54 57.54 7.11
N THR F 868 -32.03 57.07 8.24
CA THR F 868 -30.71 57.47 8.70
C THR F 868 -29.67 57.02 7.67
N PRO F 869 -28.64 57.83 7.44
CA PRO F 869 -27.58 57.40 6.53
C PRO F 869 -26.77 56.25 7.12
N ALA F 870 -25.99 55.62 6.25
CA ALA F 870 -25.26 54.42 6.65
C ALA F 870 -24.13 54.74 7.61
N ASP F 871 -23.55 55.92 7.48
CA ASP F 871 -22.42 56.32 8.29
C ASP F 871 -22.82 57.02 9.57
N ASP F 872 -24.08 56.93 9.97
CA ASP F 872 -24.55 57.64 11.14
C ASP F 872 -23.95 57.01 12.40
N PRO F 873 -23.36 57.80 13.29
CA PRO F 873 -22.62 57.21 14.42
C PRO F 873 -23.51 56.54 15.42
N GLU F 874 -24.78 56.91 15.48
CA GLU F 874 -25.69 56.25 16.38
C GLU F 874 -26.23 54.96 15.78
N LEU F 875 -26.09 54.78 14.47
CA LEU F 875 -26.38 53.50 13.83
C LEU F 875 -25.25 52.51 14.06
N LEU F 876 -24.00 52.97 13.96
CA LEU F 876 -22.85 52.11 14.13
C LEU F 876 -22.66 51.67 15.57
N LYS F 877 -23.20 52.41 16.53
CA LYS F 877 -23.17 51.92 17.90
C LYS F 877 -24.13 50.77 18.08
N ARG F 878 -25.27 50.82 17.41
CA ARG F 878 -26.30 49.80 17.52
C ARG F 878 -25.92 48.52 16.79
N LEU F 879 -25.32 48.66 15.61
CA LEU F 879 -24.92 47.50 14.84
C LEU F 879 -23.79 46.73 15.51
N GLN F 880 -22.95 47.41 16.28
CA GLN F 880 -21.96 46.71 17.09
C GLN F 880 -22.63 45.93 18.21
N GLU F 881 -23.72 46.47 18.75
CA GLU F 881 -24.47 45.76 19.80
C GLU F 881 -25.15 44.52 19.25
N ILE F 882 -25.58 44.55 17.99
CA ILE F 882 -26.15 43.38 17.35
C ILE F 882 -25.07 42.34 17.10
N LEU F 883 -23.84 42.78 16.85
CA LEU F 883 -22.73 41.88 16.52
C LEU F 883 -22.38 40.97 17.68
N ARG F 884 -22.48 41.47 18.90
CA ARG F 884 -22.02 40.74 20.05
C ARG F 884 -22.98 39.65 20.52
N ASP F 885 -24.17 39.57 19.94
CA ASP F 885 -25.19 38.61 20.36
C ASP F 885 -25.56 37.71 19.19
N ASN F 886 -25.68 36.42 19.46
CA ASN F 886 -26.07 35.47 18.41
C ASN F 886 -27.55 35.58 18.10
N ASN F 887 -28.37 35.91 19.10
CA ASN F 887 -29.79 36.11 18.87
C ASN F 887 -30.04 37.34 18.01
N LYS F 888 -29.44 38.47 18.39
CA LYS F 888 -29.68 39.72 17.68
C LYS F 888 -29.13 39.68 16.28
N SER F 889 -28.03 38.96 16.06
CA SER F 889 -27.47 38.84 14.72
C SER F 889 -28.34 37.96 13.85
N GLY F 890 -29.02 36.99 14.43
CA GLY F 890 -29.96 36.19 13.68
C GLY F 890 -31.17 36.95 13.21
N ILE F 891 -31.53 38.02 13.91
CA ILE F 891 -32.64 38.86 13.47
C ILE F 891 -32.22 39.76 12.33
N LEU F 892 -31.02 40.34 12.40
CA LEU F 892 -30.53 41.20 11.33
C LEU F 892 -30.29 40.40 10.06
N ASP F 893 -29.83 39.15 10.20
CA ASP F 893 -29.66 38.31 9.05
C ASP F 893 -31.01 37.96 8.42
N ALA F 894 -31.99 37.58 9.25
CA ALA F 894 -33.24 37.08 8.71
C ALA F 894 -34.13 38.19 8.16
N VAL F 895 -33.96 39.43 8.61
CA VAL F 895 -34.68 40.52 7.98
C VAL F 895 -34.05 40.86 6.64
N THR F 896 -32.73 40.95 6.60
CA THR F 896 -32.06 41.37 5.37
C THR F 896 -32.12 40.29 4.31
N SER F 897 -32.09 39.02 4.73
CA SER F 897 -32.24 37.93 3.79
C SER F 897 -33.63 37.87 3.19
N SER F 898 -34.62 38.44 3.87
CA SER F 898 -35.95 38.51 3.28
C SER F 898 -36.04 39.62 2.25
N LYS F 899 -35.35 40.74 2.48
CA LYS F 899 -35.47 41.87 1.58
C LYS F 899 -34.61 41.75 0.34
N VAL F 900 -33.57 40.91 0.36
CA VAL F 900 -32.81 40.72 -0.87
C VAL F 900 -33.33 39.54 -1.66
N ASN F 901 -33.97 38.57 -1.00
CA ASN F 901 -34.65 37.54 -1.75
C ASN F 901 -35.94 38.05 -2.37
N ALA F 902 -36.41 39.23 -1.97
CA ALA F 902 -37.43 39.90 -2.74
C ALA F 902 -36.85 40.46 -4.03
N ILE F 903 -35.66 41.06 -3.95
CA ILE F 903 -35.03 41.62 -5.14
C ILE F 903 -34.59 40.51 -6.08
N THR F 904 -34.17 39.37 -5.52
CA THR F 904 -33.76 38.22 -6.31
C THR F 904 -34.92 37.70 -7.15
N SER F 905 -36.07 37.49 -6.53
CA SER F 905 -37.17 36.87 -7.22
C SER F 905 -37.87 37.81 -8.19
N GLN F 906 -37.64 39.12 -8.11
CA GLN F 906 -38.15 40.01 -9.14
C GLN F 906 -37.34 39.90 -10.42
N VAL F 907 -36.03 39.67 -10.31
CA VAL F 907 -35.19 39.54 -11.49
C VAL F 907 -35.49 38.26 -12.23
N VAL F 908 -35.66 37.17 -11.49
CA VAL F 908 -35.99 35.89 -12.10
C VAL F 908 -37.38 35.92 -12.72
N SER F 909 -38.30 36.65 -12.12
CA SER F 909 -39.63 36.79 -12.70
C SER F 909 -39.60 37.64 -13.97
N LYS F 910 -38.81 38.69 -13.97
CA LYS F 910 -38.82 39.62 -15.08
C LYS F 910 -38.05 39.08 -16.28
N CYS F 911 -37.03 38.27 -16.05
CA CYS F 911 -36.04 37.99 -17.09
C CYS F 911 -35.99 36.57 -17.59
N VAL F 912 -36.41 35.57 -16.82
CA VAL F 912 -36.00 34.20 -17.16
C VAL F 912 -36.76 33.60 -18.34
N PRO F 913 -38.11 33.63 -18.45
CA PRO F 913 -38.66 33.19 -19.74
C PRO F 913 -38.62 34.30 -20.78
N ASP F 914 -38.80 35.55 -20.37
CA ASP F 914 -39.23 36.60 -21.27
C ASP F 914 -38.11 37.46 -21.80
N GLY F 915 -36.93 37.40 -21.22
CA GLY F 915 -35.87 38.27 -21.65
C GLY F 915 -34.63 37.54 -22.08
N THR F 916 -34.78 36.30 -22.52
CA THR F 916 -33.62 35.56 -23.00
C THR F 916 -33.49 35.72 -24.51
N MET F 917 -32.26 35.56 -24.98
CA MET F 917 -31.98 35.75 -26.39
C MET F 917 -32.60 34.65 -27.23
N LYS F 918 -32.47 33.41 -26.79
CA LYS F 918 -33.02 32.24 -27.46
C LYS F 918 -34.06 31.61 -26.56
N LYS F 919 -35.19 31.21 -27.12
CA LYS F 919 -36.35 30.82 -26.32
C LYS F 919 -36.69 29.35 -26.53
N PHE F 920 -37.66 28.86 -25.74
CA PHE F 920 -37.78 27.47 -25.29
C PHE F 920 -37.68 26.37 -26.36
N PRO F 921 -38.38 26.40 -27.50
CA PRO F 921 -38.17 25.31 -28.45
C PRO F 921 -36.92 25.47 -29.28
N CYS F 922 -35.97 26.30 -28.86
CA CYS F 922 -34.60 26.27 -29.34
C CYS F 922 -33.60 26.40 -28.23
N ASN F 923 -34.00 26.89 -27.06
CA ASN F 923 -33.10 27.09 -25.94
C ASN F 923 -33.02 25.82 -25.14
N SER F 924 -31.89 25.15 -25.18
CA SER F 924 -31.76 23.85 -24.55
C SER F 924 -31.55 23.92 -23.06
N MET F 925 -31.03 25.01 -22.55
CA MET F 925 -30.89 25.13 -21.10
C MET F 925 -32.26 25.33 -20.44
N GLN F 926 -33.20 25.93 -21.16
CA GLN F 926 -34.56 25.98 -20.64
C GLN F 926 -35.30 24.69 -20.92
N ALA F 927 -35.05 24.06 -22.06
CA ALA F 927 -35.72 22.82 -22.40
C ALA F 927 -35.33 21.69 -21.47
N MET F 928 -34.09 21.69 -20.97
CA MET F 928 -33.68 20.66 -20.04
C MET F 928 -34.28 20.89 -18.66
N ALA F 929 -34.44 22.14 -18.27
CA ALA F 929 -34.99 22.42 -16.94
C ALA F 929 -36.49 22.26 -16.90
N LEU F 930 -37.18 22.62 -17.98
CA LEU F 930 -38.63 22.53 -18.00
C LEU F 930 -39.12 21.12 -18.20
N SER F 931 -38.33 20.28 -18.85
CA SER F 931 -38.76 18.92 -19.09
C SER F 931 -38.59 18.02 -17.89
N GLY F 932 -37.67 18.35 -17.01
CA GLY F 932 -37.23 17.40 -16.02
C GLY F 932 -36.12 16.50 -16.50
N ALA F 933 -35.51 16.81 -17.64
CA ALA F 933 -34.37 16.03 -18.12
C ALA F 933 -33.18 16.19 -17.19
N LYS F 934 -32.71 17.42 -17.02
CA LYS F 934 -31.68 17.71 -16.03
C LYS F 934 -31.76 19.17 -15.64
N GLY F 935 -31.80 19.44 -14.35
CA GLY F 935 -31.69 20.80 -13.87
C GLY F 935 -32.99 21.31 -13.29
N SER F 936 -32.96 22.56 -12.91
CA SER F 936 -34.12 23.23 -12.34
C SER F 936 -34.10 24.68 -12.80
N ASN F 937 -35.17 25.40 -12.49
CA ASN F 937 -35.18 26.82 -12.80
C ASN F 937 -34.33 27.63 -11.84
N VAL F 938 -33.97 27.06 -10.70
CA VAL F 938 -33.03 27.69 -9.81
C VAL F 938 -31.64 27.69 -10.42
N ASN F 939 -31.27 26.61 -11.10
CA ASN F 939 -29.98 26.54 -11.77
C ASN F 939 -29.92 27.49 -12.95
N VAL F 940 -31.03 27.59 -13.69
CA VAL F 940 -31.10 28.46 -14.85
C VAL F 940 -31.03 29.92 -14.44
N SER F 941 -31.62 30.25 -13.29
CA SER F 941 -31.59 31.63 -12.85
C SER F 941 -30.24 32.04 -12.32
N GLN F 942 -29.48 31.13 -11.74
CA GLN F 942 -28.15 31.47 -11.26
C GLN F 942 -27.15 31.59 -12.38
N ILE F 943 -27.46 30.98 -13.52
CA ILE F 943 -26.62 31.15 -14.70
C ILE F 943 -26.93 32.48 -15.38
N MET F 944 -28.19 32.77 -15.58
CA MET F 944 -28.57 33.87 -16.45
C MET F 944 -28.87 35.16 -15.72
N CYS F 945 -29.26 35.12 -14.44
CA CYS F 945 -29.65 36.35 -13.77
C CYS F 945 -28.71 36.75 -12.64
N LEU F 946 -28.60 35.94 -11.60
CA LEU F 946 -27.83 36.26 -10.40
C LEU F 946 -27.77 35.09 -9.44
N LEU F 947 -26.74 35.02 -8.61
CA LEU F 947 -26.65 33.97 -7.61
C LEU F 947 -27.49 34.25 -6.38
N GLY F 948 -27.59 35.50 -5.98
CA GLY F 948 -28.42 35.83 -4.85
C GLY F 948 -27.70 35.67 -3.54
N GLN F 949 -28.51 35.63 -2.48
CA GLN F 949 -27.99 35.57 -1.13
C GLN F 949 -27.32 34.24 -0.85
N GLN F 950 -26.09 34.31 -0.35
CA GLN F 950 -25.37 33.12 0.11
C GLN F 950 -25.70 32.94 1.58
N ALA F 951 -26.34 31.84 1.92
CA ALA F 951 -26.83 31.61 3.28
C ALA F 951 -26.04 30.49 3.93
N LEU F 952 -25.54 30.75 5.13
CA LEU F 952 -24.68 29.81 5.84
C LEU F 952 -25.36 29.34 7.13
N GLU F 953 -25.80 28.09 7.13
CA GLU F 953 -26.67 27.45 8.14
C GLU F 953 -27.76 28.38 8.63
N GLY F 954 -28.58 28.81 7.66
CA GLY F 954 -29.73 29.63 7.92
C GLY F 954 -29.44 31.07 8.23
N ARG F 955 -28.19 31.45 8.30
CA ARG F 955 -27.77 32.80 8.62
C ARG F 955 -27.04 33.36 7.42
N ARG F 956 -26.51 34.54 7.60
CA ARG F 956 -25.88 35.25 6.52
C ARG F 956 -24.37 34.97 6.63
N VAL F 957 -23.57 35.74 5.92
CA VAL F 957 -22.11 35.59 5.92
C VAL F 957 -21.54 35.90 7.30
N PRO F 958 -20.57 35.13 7.80
CA PRO F 958 -20.00 35.42 9.12
C PRO F 958 -19.15 36.67 9.09
N VAL F 959 -18.97 37.24 10.26
CA VAL F 959 -18.40 38.57 10.40
C VAL F 959 -17.39 38.55 11.53
N MET F 960 -16.26 39.23 11.33
CA MET F 960 -15.13 39.16 12.24
C MET F 960 -15.44 39.90 13.55
N VAL F 961 -14.43 39.96 14.42
CA VAL F 961 -14.57 40.71 15.67
C VAL F 961 -14.66 42.20 15.38
N SER F 962 -13.98 42.66 14.34
CA SER F 962 -13.95 44.07 14.01
C SER F 962 -15.21 44.56 13.32
N GLY F 963 -16.20 43.71 13.12
CA GLY F 963 -17.39 44.11 12.40
C GLY F 963 -17.27 44.05 10.91
N LYS F 964 -16.32 43.30 10.39
CA LYS F 964 -16.05 43.21 8.97
C LYS F 964 -16.36 41.81 8.48
N THR F 965 -16.87 41.71 7.27
CA THR F 965 -17.11 40.41 6.67
C THR F 965 -16.02 40.00 5.70
N LEU F 966 -15.22 40.94 5.23
CA LEU F 966 -13.97 40.69 4.55
C LEU F 966 -13.07 41.90 4.82
N PRO F 967 -11.76 41.78 4.60
CA PRO F 967 -10.93 42.98 4.66
C PRO F 967 -11.20 44.01 3.59
N SER F 968 -11.93 43.66 2.54
CA SER F 968 -12.29 44.64 1.54
C SER F 968 -13.30 45.64 2.04
N PHE F 969 -14.11 45.27 3.03
CA PHE F 969 -15.27 46.05 3.42
C PHE F 969 -14.98 46.89 4.64
N LYS F 970 -15.66 48.02 4.70
CA LYS F 970 -15.71 48.88 5.87
C LYS F 970 -16.28 48.10 7.05
N PRO F 971 -15.87 48.38 8.28
CA PRO F 971 -16.56 47.80 9.43
C PRO F 971 -17.98 48.30 9.56
N TYR F 972 -18.89 47.35 9.77
CA TYR F 972 -20.34 47.56 9.84
C TYR F 972 -20.88 48.16 8.56
N GLU F 973 -20.46 47.59 7.43
CA GLU F 973 -20.93 48.01 6.13
C GLU F 973 -22.37 47.54 5.93
N THR F 974 -23.31 48.48 5.94
CA THR F 974 -24.71 48.19 5.68
C THR F 974 -24.88 48.12 4.17
N ASP F 975 -24.62 46.94 3.64
CA ASP F 975 -24.72 46.73 2.22
C ASP F 975 -25.16 45.29 2.04
N ALA F 976 -25.94 45.04 0.98
CA ALA F 976 -26.33 43.68 0.69
C ALA F 976 -25.13 42.86 0.26
N MET F 977 -24.25 43.48 -0.54
CA MET F 977 -23.07 42.78 -1.04
C MET F 977 -22.12 42.41 0.09
N ALA F 978 -22.03 43.26 1.11
CA ALA F 978 -21.13 42.99 2.22
C ALA F 978 -21.60 41.82 3.07
N GLY F 979 -22.89 41.51 3.06
CA GLY F 979 -23.40 40.35 3.73
C GLY F 979 -23.47 39.14 2.85
N GLY F 980 -22.95 39.20 1.65
CA GLY F 980 -22.89 38.05 0.78
C GLY F 980 -24.02 37.92 -0.20
N TYR F 981 -24.59 39.02 -0.67
CA TYR F 981 -25.62 38.98 -1.68
C TYR F 981 -24.97 39.14 -3.04
N VAL F 982 -24.83 38.03 -3.75
CA VAL F 982 -24.10 38.01 -5.00
C VAL F 982 -25.04 38.46 -6.10
N LYS F 983 -24.79 39.63 -6.65
CA LYS F 983 -25.52 40.11 -7.82
C LYS F 983 -24.88 39.67 -9.11
N GLY F 984 -23.83 38.89 -9.04
CA GLY F 984 -23.21 38.37 -10.21
C GLY F 984 -23.84 37.09 -10.64
N ARG F 985 -23.59 36.71 -11.88
CA ARG F 985 -24.14 35.51 -12.45
C ARG F 985 -23.02 34.72 -13.09
N PHE F 986 -23.24 33.42 -13.26
CA PHE F 986 -22.20 32.57 -13.79
C PHE F 986 -21.95 32.81 -15.27
N TYR F 987 -22.87 33.45 -15.99
CA TYR F 987 -22.61 33.83 -17.36
C TYR F 987 -21.49 34.86 -17.46
N SER F 988 -21.54 35.89 -16.64
CA SER F 988 -20.62 37.00 -16.72
C SER F 988 -19.54 36.97 -15.65
N GLY F 989 -19.56 35.99 -14.77
CA GLY F 989 -18.52 35.87 -13.76
C GLY F 989 -18.81 36.69 -12.53
N ILE F 990 -18.24 36.27 -11.41
CA ILE F 990 -18.48 36.90 -10.13
C ILE F 990 -17.20 37.58 -9.63
N LYS F 991 -17.39 38.64 -8.85
CA LYS F 991 -16.32 39.48 -8.35
C LYS F 991 -15.55 38.75 -7.24
N PRO F 992 -14.33 39.20 -6.90
CA PRO F 992 -13.55 38.46 -5.89
C PRO F 992 -14.12 38.47 -4.49
N GLN F 993 -14.87 39.51 -4.11
CA GLN F 993 -15.50 39.49 -2.79
C GLN F 993 -16.58 38.43 -2.76
N GLU F 994 -17.43 38.41 -3.76
CA GLU F 994 -18.52 37.47 -3.85
C GLU F 994 -18.09 36.12 -4.41
N TYR F 995 -16.85 36.01 -4.87
CA TYR F 995 -16.25 34.70 -5.10
C TYR F 995 -15.90 34.03 -3.79
N TYR F 996 -15.54 34.81 -2.79
CA TYR F 996 -15.10 34.23 -1.53
C TYR F 996 -16.29 33.79 -0.70
N PHE F 997 -17.42 34.49 -0.81
CA PHE F 997 -18.60 34.07 -0.08
C PHE F 997 -19.24 32.86 -0.71
N HIS F 998 -19.09 32.69 -2.02
CA HIS F 998 -19.65 31.52 -2.66
C HIS F 998 -18.83 30.28 -2.39
N CYS F 999 -17.56 30.43 -2.04
CA CYS F 999 -16.80 29.28 -1.55
C CYS F 999 -17.21 28.91 -0.13
N MET F 1000 -17.77 29.84 0.63
CA MET F 1000 -18.28 29.51 1.95
C MET F 1000 -19.54 28.67 1.86
N ALA F 1001 -20.41 28.98 0.91
CA ALA F 1001 -21.61 28.18 0.74
C ALA F 1001 -21.34 26.87 0.04
N GLY F 1002 -20.20 26.74 -0.62
CA GLY F 1002 -19.86 25.47 -1.23
C GLY F 1002 -19.27 24.50 -0.25
N ARG F 1003 -18.66 24.99 0.82
CA ARG F 1003 -18.11 24.11 1.82
C ARG F 1003 -19.09 23.73 2.91
N GLU F 1004 -20.19 24.45 3.08
CA GLU F 1004 -21.12 24.09 4.14
C GLU F 1004 -21.89 22.82 3.84
N GLY F 1005 -22.03 22.46 2.56
CA GLY F 1005 -22.66 21.19 2.27
C GLY F 1005 -21.68 20.05 2.37
N LEU F 1006 -20.42 20.30 2.02
CA LEU F 1006 -19.42 19.24 2.06
C LEU F 1006 -19.00 18.90 3.48
N ILE F 1007 -19.09 19.85 4.41
CA ILE F 1007 -18.78 19.53 5.79
C ILE F 1007 -19.91 18.77 6.47
N ASP F 1008 -21.13 18.85 5.94
CA ASP F 1008 -22.21 18.10 6.55
C ASP F 1008 -22.14 16.62 6.17
N THR F 1009 -21.67 16.33 4.96
CA THR F 1009 -21.34 14.95 4.62
C THR F 1009 -20.17 14.44 5.46
N ALA F 1010 -19.28 15.34 5.88
CA ALA F 1010 -18.13 14.94 6.68
C ALA F 1010 -18.53 14.57 8.11
N VAL F 1011 -19.72 14.93 8.54
CA VAL F 1011 -20.21 14.52 9.86
C VAL F 1011 -21.22 13.38 9.73
N LYS F 1012 -21.23 12.67 8.59
CA LYS F 1012 -22.29 11.76 8.20
C LYS F 1012 -21.68 10.37 7.93
N THR F 1013 -20.91 9.87 8.90
CA THR F 1013 -20.13 8.65 8.67
C THR F 1013 -21.03 7.42 8.68
N SER F 1014 -21.68 7.13 9.80
CA SER F 1014 -22.55 5.95 9.92
C SER F 1014 -23.80 6.37 10.67
N ARG F 1015 -24.92 6.49 9.95
CA ARG F 1015 -26.16 6.99 10.53
C ARG F 1015 -27.25 5.93 10.62
N SER F 1016 -27.65 5.34 9.49
CA SER F 1016 -28.85 4.53 9.44
C SER F 1016 -28.59 3.05 9.21
N GLY F 1017 -27.33 2.62 9.25
CA GLY F 1017 -27.05 1.21 8.99
C GLY F 1017 -27.48 0.29 10.12
N TYR F 1018 -27.51 0.80 11.35
CA TYR F 1018 -27.88 -0.01 12.48
C TYR F 1018 -29.35 0.14 12.86
N LEU F 1019 -30.00 1.20 12.37
CA LEU F 1019 -31.45 1.31 12.55
C LEU F 1019 -32.18 0.22 11.79
N GLN F 1020 -31.75 -0.06 10.57
CA GLN F 1020 -32.46 -1.02 9.74
C GLN F 1020 -32.15 -2.46 10.16
N ARG F 1021 -30.96 -2.69 10.72
CA ARG F 1021 -30.60 -4.02 11.18
C ARG F 1021 -31.43 -4.45 12.37
N CYS F 1022 -31.74 -3.51 13.25
CA CYS F 1022 -32.55 -3.80 14.42
C CYS F 1022 -34.00 -4.07 14.06
N LEU F 1023 -34.53 -3.36 13.07
CA LEU F 1023 -35.88 -3.65 12.60
C LEU F 1023 -35.95 -4.99 11.90
N THR F 1024 -35.00 -5.28 10.99
CA THR F 1024 -35.08 -6.50 10.21
C THR F 1024 -34.80 -7.74 11.01
N LYS F 1025 -34.18 -7.64 12.17
CA LYS F 1025 -33.94 -8.85 12.94
C LYS F 1025 -35.17 -9.26 13.71
N GLN F 1026 -35.94 -8.29 14.20
CA GLN F 1026 -37.19 -8.59 14.87
C GLN F 1026 -38.26 -8.97 13.87
N LEU F 1027 -38.42 -8.14 12.84
CA LEU F 1027 -39.46 -8.29 11.82
C LEU F 1027 -39.06 -9.21 10.70
N GLU F 1028 -38.13 -10.11 10.97
CA GLU F 1028 -37.61 -11.01 9.95
C GLU F 1028 -38.67 -11.98 9.48
N GLY F 1029 -39.33 -12.67 10.41
CA GLY F 1029 -40.26 -13.71 10.09
C GLY F 1029 -41.71 -13.31 10.06
N VAL F 1030 -42.02 -12.03 10.18
CA VAL F 1030 -43.39 -11.55 10.13
C VAL F 1030 -43.89 -11.62 8.70
N HIS F 1031 -44.99 -12.34 8.49
CA HIS F 1031 -45.46 -12.63 7.15
C HIS F 1031 -46.98 -12.67 7.15
N VAL F 1032 -47.56 -12.66 5.95
CA VAL F 1032 -49.02 -12.76 5.81
C VAL F 1032 -49.40 -14.23 5.84
N SER F 1033 -50.33 -14.59 6.70
CA SER F 1033 -50.77 -15.97 6.74
C SER F 1033 -51.95 -16.18 5.80
N TYR F 1034 -52.35 -17.44 5.66
CA TYR F 1034 -53.43 -17.78 4.74
C TYR F 1034 -54.80 -17.39 5.26
N ASP F 1035 -54.93 -17.07 6.55
CA ASP F 1035 -56.16 -16.52 7.06
C ASP F 1035 -56.14 -15.00 7.13
N ASN F 1036 -55.23 -14.37 6.37
CA ASN F 1036 -54.96 -12.95 6.22
C ASN F 1036 -54.41 -12.28 7.47
N SER F 1037 -54.24 -12.99 8.57
CA SER F 1037 -53.64 -12.39 9.74
C SER F 1037 -52.15 -12.22 9.54
N ILE F 1038 -51.59 -11.23 10.22
CA ILE F 1038 -50.17 -10.96 10.18
C ILE F 1038 -49.54 -11.60 11.40
N ARG F 1039 -48.73 -12.62 11.20
CA ARG F 1039 -48.20 -13.39 12.30
C ARG F 1039 -46.69 -13.44 12.24
N ASP F 1040 -46.09 -13.78 13.36
CA ASP F 1040 -44.67 -14.00 13.43
C ASP F 1040 -44.41 -15.47 13.17
N ALA F 1041 -43.14 -15.83 13.04
CA ALA F 1041 -42.78 -17.16 12.54
C ALA F 1041 -43.10 -18.25 13.54
N ASP F 1042 -43.02 -17.95 14.83
CA ASP F 1042 -43.40 -18.90 15.87
C ASP F 1042 -44.90 -19.10 15.95
N GLY F 1043 -45.68 -18.20 15.37
CA GLY F 1043 -47.12 -18.33 15.32
C GLY F 1043 -47.88 -17.21 15.98
N THR F 1044 -47.21 -16.35 16.74
CA THR F 1044 -47.91 -15.32 17.48
C THR F 1044 -48.45 -14.24 16.55
N LEU F 1045 -49.68 -13.84 16.79
CA LEU F 1045 -50.35 -12.91 15.92
C LEU F 1045 -49.88 -11.50 16.21
N VAL F 1046 -49.75 -10.69 15.17
CA VAL F 1046 -49.38 -9.30 15.30
C VAL F 1046 -50.52 -8.39 14.86
N GLN F 1047 -51.14 -8.69 13.73
CA GLN F 1047 -52.29 -7.97 13.24
C GLN F 1047 -53.31 -8.95 12.74
N PHE F 1048 -54.55 -8.50 12.63
CA PHE F 1048 -55.62 -9.35 12.12
C PHE F 1048 -55.86 -9.17 10.65
N MET F 1049 -55.34 -8.09 10.06
CA MET F 1049 -55.42 -7.82 8.64
C MET F 1049 -54.39 -6.76 8.33
N TYR F 1050 -53.78 -6.86 7.16
CA TYR F 1050 -52.63 -6.03 6.81
C TYR F 1050 -53.09 -4.62 6.52
N GLY F 1051 -52.70 -3.68 7.37
CA GLY F 1051 -53.06 -2.30 7.20
C GLY F 1051 -54.51 -1.99 7.42
N GLY F 1052 -55.27 -2.91 7.99
CA GLY F 1052 -56.69 -2.74 8.15
C GLY F 1052 -57.51 -3.16 6.96
N ASP F 1053 -56.91 -3.35 5.80
CA ASP F 1053 -57.66 -3.57 4.58
C ASP F 1053 -57.12 -4.68 3.68
N ALA F 1054 -55.94 -5.22 3.97
CA ALA F 1054 -55.31 -6.33 3.25
C ALA F 1054 -55.02 -5.99 1.79
N ILE F 1055 -54.48 -4.81 1.54
CA ILE F 1055 -54.15 -4.38 0.19
C ILE F 1055 -52.64 -4.29 0.06
N ASP F 1056 -52.12 -4.85 -1.03
CA ASP F 1056 -50.73 -4.66 -1.39
C ASP F 1056 -50.51 -3.21 -1.78
N ILE F 1057 -49.43 -2.60 -1.31
CA ILE F 1057 -49.17 -1.19 -1.60
C ILE F 1057 -48.83 -1.01 -3.06
N THR F 1058 -48.17 -2.00 -3.65
CA THR F 1058 -47.79 -1.95 -5.05
C THR F 1058 -48.93 -2.29 -6.00
N LYS F 1059 -50.15 -2.43 -5.51
CA LYS F 1059 -51.30 -2.70 -6.36
C LYS F 1059 -52.41 -1.68 -6.20
N GLU F 1060 -52.29 -0.73 -5.26
CA GLU F 1060 -53.39 0.15 -4.93
C GLU F 1060 -53.30 1.49 -5.63
N SER F 1061 -52.48 1.62 -6.66
CA SER F 1061 -52.21 2.95 -7.17
C SER F 1061 -53.38 3.50 -7.98
N HIS F 1062 -53.97 2.69 -8.85
CA HIS F 1062 -55.19 3.07 -9.54
C HIS F 1062 -56.42 2.54 -8.85
N MET F 1063 -56.36 2.35 -7.53
CA MET F 1063 -57.51 1.85 -6.80
C MET F 1063 -58.63 2.87 -6.76
N THR F 1064 -58.34 4.09 -6.34
CA THR F 1064 -59.33 5.14 -6.29
C THR F 1064 -59.17 6.14 -7.44
N GLN F 1065 -58.61 5.70 -8.56
CA GLN F 1065 -58.62 6.49 -9.77
C GLN F 1065 -59.81 6.05 -10.60
N PHE F 1066 -61.01 6.45 -10.13
CA PHE F 1066 -62.23 5.90 -10.68
C PHE F 1066 -62.52 6.39 -12.08
N GLU F 1067 -62.14 7.63 -12.39
CA GLU F 1067 -62.41 8.15 -13.72
C GLU F 1067 -61.47 7.56 -14.75
N PHE F 1068 -60.25 7.19 -14.35
CA PHE F 1068 -59.39 6.41 -15.23
C PHE F 1068 -59.96 5.02 -15.46
N CYS F 1069 -60.49 4.41 -14.40
CA CYS F 1069 -61.02 3.07 -14.54
C CYS F 1069 -62.35 3.06 -15.28
N LEU F 1070 -63.04 4.19 -15.33
CA LEU F 1070 -64.28 4.24 -16.08
C LEU F 1070 -64.02 4.50 -17.55
N ASP F 1071 -62.97 5.26 -17.88
CA ASP F 1071 -62.62 5.46 -19.28
C ASP F 1071 -62.06 4.20 -19.89
N ASN F 1072 -61.42 3.36 -19.09
CA ASN F 1072 -60.82 2.12 -19.53
C ASN F 1072 -61.59 0.93 -19.01
N TYR F 1073 -62.92 1.01 -19.05
CA TYR F 1073 -63.76 -0.05 -18.52
C TYR F 1073 -63.60 -1.34 -19.30
N TYR F 1074 -63.60 -1.27 -20.63
CA TYR F 1074 -63.61 -2.49 -21.41
C TYR F 1074 -62.25 -3.17 -21.41
N ALA F 1075 -61.19 -2.39 -21.25
CA ALA F 1075 -59.87 -3.00 -21.16
C ALA F 1075 -59.60 -3.54 -19.76
N LEU F 1076 -60.07 -2.84 -18.72
CA LEU F 1076 -59.95 -3.36 -17.36
C LEU F 1076 -60.85 -4.55 -17.12
N LEU F 1077 -61.91 -4.71 -17.90
CA LEU F 1077 -62.84 -5.81 -17.68
C LEU F 1077 -62.22 -7.13 -18.06
N LYS F 1078 -61.62 -7.21 -19.23
CA LYS F 1078 -61.07 -8.48 -19.67
C LYS F 1078 -59.72 -8.78 -19.04
N LYS F 1079 -59.09 -7.81 -18.39
CA LYS F 1079 -58.00 -8.13 -17.48
C LYS F 1079 -58.52 -8.88 -16.26
N TYR F 1080 -59.35 -8.21 -15.47
CA TYR F 1080 -60.02 -8.77 -14.30
C TYR F 1080 -61.23 -9.57 -14.76
N ASN F 1081 -60.96 -10.70 -15.38
CA ASN F 1081 -61.95 -11.37 -16.23
C ASN F 1081 -63.03 -12.07 -15.41
N PRO F 1082 -64.26 -11.55 -15.37
CA PRO F 1082 -65.26 -12.08 -14.43
C PRO F 1082 -66.07 -13.24 -14.97
N SER F 1083 -65.81 -13.64 -16.21
CA SER F 1083 -66.59 -14.69 -16.85
C SER F 1083 -66.34 -16.03 -16.20
N ALA F 1084 -65.10 -16.51 -16.26
CA ALA F 1084 -64.72 -17.74 -15.57
C ALA F 1084 -64.19 -17.41 -14.18
N LEU F 1085 -64.97 -16.63 -13.43
CA LEU F 1085 -64.56 -16.22 -12.09
C LEU F 1085 -65.69 -16.25 -11.09
N ILE F 1086 -66.95 -16.21 -11.51
CA ILE F 1086 -68.06 -16.12 -10.57
C ILE F 1086 -68.44 -17.48 -10.00
N GLU F 1087 -67.98 -18.56 -10.62
CA GLU F 1087 -68.29 -19.90 -10.12
C GLU F 1087 -67.43 -20.27 -8.92
N HIS F 1088 -66.37 -19.52 -8.64
CA HIS F 1088 -65.41 -19.87 -7.61
C HIS F 1088 -65.49 -19.01 -6.37
N LEU F 1089 -66.22 -17.92 -6.40
CA LEU F 1089 -66.23 -17.02 -5.27
C LEU F 1089 -67.64 -16.52 -5.01
N ASP F 1090 -67.95 -16.36 -3.72
CA ASP F 1090 -69.27 -15.91 -3.29
C ASP F 1090 -69.52 -14.48 -3.75
N VAL F 1091 -70.74 -14.24 -4.22
CA VAL F 1091 -71.08 -12.96 -4.83
C VAL F 1091 -72.06 -12.15 -4.00
N GLU F 1092 -72.94 -12.79 -3.22
CA GLU F 1092 -74.03 -12.08 -2.60
C GLU F 1092 -73.87 -11.82 -1.11
N SER F 1093 -73.16 -12.68 -0.36
CA SER F 1093 -73.19 -12.59 1.10
C SER F 1093 -72.48 -11.36 1.62
N ALA F 1094 -71.37 -10.97 1.01
CA ALA F 1094 -70.66 -9.79 1.48
C ALA F 1094 -71.34 -8.51 1.02
N LEU F 1095 -71.98 -8.54 -0.14
CA LEU F 1095 -72.66 -7.34 -0.62
C LEU F 1095 -73.91 -7.03 0.18
N LYS F 1096 -74.57 -8.05 0.69
CA LYS F 1096 -75.74 -7.81 1.53
C LYS F 1096 -75.33 -7.26 2.89
N TYR F 1097 -74.25 -7.79 3.46
CA TYR F 1097 -73.84 -7.33 4.78
C TYR F 1097 -73.21 -5.95 4.72
N SER F 1098 -72.64 -5.57 3.58
CA SER F 1098 -72.06 -4.24 3.46
C SER F 1098 -73.14 -3.18 3.39
N LYS F 1099 -74.24 -3.47 2.70
CA LYS F 1099 -75.32 -2.49 2.62
C LYS F 1099 -76.04 -2.36 3.95
N LYS F 1100 -76.04 -3.40 4.78
CA LYS F 1100 -76.59 -3.26 6.11
C LYS F 1100 -75.70 -2.44 7.01
N THR F 1101 -74.38 -2.58 6.87
CA THR F 1101 -73.50 -1.75 7.67
C THR F 1101 -73.42 -0.33 7.16
N LEU F 1102 -73.52 -0.12 5.85
CA LEU F 1102 -73.46 1.23 5.32
C LEU F 1102 -74.71 2.01 5.68
N LYS F 1103 -75.84 1.33 5.78
CA LYS F 1103 -77.05 2.00 6.23
C LYS F 1103 -76.98 2.32 7.71
N TYR F 1104 -76.38 1.43 8.49
CA TYR F 1104 -76.30 1.63 9.92
C TYR F 1104 -75.24 2.64 10.33
N ARG F 1105 -74.25 2.90 9.48
CA ARG F 1105 -73.14 3.75 9.84
C ARG F 1105 -73.37 5.19 9.48
N LYS F 1106 -74.29 5.45 8.55
CA LYS F 1106 -74.68 6.83 8.28
C LYS F 1106 -75.58 7.38 9.37
N LYS F 1107 -76.45 6.53 9.94
CA LYS F 1107 -77.40 6.98 10.93
C LYS F 1107 -76.73 7.38 12.23
N HIS F 1108 -75.55 6.84 12.50
CA HIS F 1108 -74.85 7.12 13.75
C HIS F 1108 -73.53 7.82 13.49
N SER F 1109 -73.41 8.49 12.35
CA SER F 1109 -72.20 9.23 12.02
C SER F 1109 -72.07 10.51 12.80
N LYS F 1110 -73.17 10.99 13.39
CA LYS F 1110 -73.15 12.25 14.11
C LYS F 1110 -72.60 12.10 15.53
N GLU F 1111 -72.52 10.95 16.01
CA GLU F 1111 -72.15 10.57 17.35
C GLU F 1111 -70.63 10.57 17.50
N PRO F 1112 -70.10 10.75 18.72
CA PRO F 1112 -68.66 10.59 18.91
C PRO F 1112 -68.25 9.13 18.86
N HIS F 1113 -66.94 8.89 18.89
CA HIS F 1113 -66.42 7.56 18.66
C HIS F 1113 -66.67 6.62 19.82
N TYR F 1114 -66.92 7.16 21.01
CA TYR F 1114 -67.20 6.30 22.15
C TYR F 1114 -68.68 5.98 22.29
N LYS F 1115 -69.55 6.83 21.75
CA LYS F 1115 -70.97 6.51 21.70
C LYS F 1115 -71.35 5.78 20.42
N GLN F 1116 -70.39 5.29 19.66
CA GLN F 1116 -70.70 4.44 18.53
C GLN F 1116 -71.17 3.09 19.03
N SER F 1117 -72.28 2.62 18.47
CA SER F 1117 -72.79 1.31 18.80
C SER F 1117 -72.10 0.27 17.95
N VAL F 1118 -71.99 -0.94 18.49
CA VAL F 1118 -71.10 -1.95 17.95
C VAL F 1118 -71.90 -3.16 17.48
N LYS F 1119 -73.11 -2.91 16.98
CA LYS F 1119 -73.96 -4.00 16.52
C LYS F 1119 -73.39 -4.65 15.26
N TYR F 1120 -72.76 -3.85 14.39
CA TYR F 1120 -72.19 -4.32 13.15
C TYR F 1120 -70.71 -3.97 13.15
N ASP F 1121 -69.86 -4.99 13.14
CA ASP F 1121 -68.43 -4.80 12.97
C ASP F 1121 -68.14 -4.62 11.47
N PRO F 1122 -66.94 -4.19 11.08
CA PRO F 1122 -66.62 -4.07 9.65
C PRO F 1122 -66.74 -5.40 8.91
N VAL F 1123 -67.07 -5.30 7.63
CA VAL F 1123 -67.35 -6.48 6.82
C VAL F 1123 -66.09 -7.31 6.60
N LEU F 1124 -64.91 -6.67 6.64
CA LEU F 1124 -63.66 -7.41 6.49
C LEU F 1124 -63.40 -8.30 7.69
N ALA F 1125 -63.96 -7.97 8.85
CA ALA F 1125 -63.85 -8.85 9.99
C ALA F 1125 -64.72 -10.09 9.83
N LYS F 1126 -65.73 -10.02 8.98
CA LYS F 1126 -66.73 -11.08 8.87
C LYS F 1126 -66.51 -11.99 7.68
N TYR F 1127 -65.98 -11.48 6.59
CA TYR F 1127 -65.85 -12.25 5.36
C TYR F 1127 -64.45 -12.11 4.81
N ASN F 1128 -63.93 -13.20 4.29
CA ASN F 1128 -62.60 -13.23 3.70
C ASN F 1128 -62.59 -12.36 2.45
N PRO F 1129 -61.70 -11.36 2.36
CA PRO F 1129 -61.67 -10.48 1.20
C PRO F 1129 -61.39 -11.18 -0.11
N ALA F 1130 -60.66 -12.29 -0.05
CA ALA F 1130 -60.28 -13.01 -1.25
C ALA F 1130 -61.30 -14.05 -1.67
N LYS F 1131 -62.32 -14.30 -0.86
CA LYS F 1131 -63.32 -15.30 -1.20
C LYS F 1131 -64.69 -14.70 -1.42
N TYR F 1132 -64.98 -13.54 -0.85
CA TYR F 1132 -66.30 -12.94 -0.92
C TYR F 1132 -66.21 -11.64 -1.71
N LEU F 1133 -67.03 -11.50 -2.74
CA LEU F 1133 -67.05 -10.30 -3.53
C LEU F 1133 -67.83 -9.23 -2.79
N GLY F 1134 -67.20 -8.08 -2.57
CA GLY F 1134 -67.84 -6.98 -1.91
C GLY F 1134 -67.44 -6.78 -0.48
N SER F 1135 -66.71 -7.72 0.10
CA SER F 1135 -66.13 -7.53 1.43
C SER F 1135 -64.92 -6.64 1.27
N VAL F 1136 -65.10 -5.37 1.62
CA VAL F 1136 -64.31 -4.24 1.17
C VAL F 1136 -64.07 -3.35 2.38
N SER F 1137 -62.91 -2.70 2.43
CA SER F 1137 -62.67 -1.74 3.50
C SER F 1137 -63.64 -0.58 3.39
N GLU F 1138 -64.05 -0.04 4.53
CA GLU F 1138 -65.07 0.99 4.55
C GLU F 1138 -64.60 2.32 4.00
N ASN F 1139 -63.31 2.47 3.77
CA ASN F 1139 -62.81 3.71 3.20
C ASN F 1139 -62.89 3.67 1.68
N PHE F 1140 -62.69 2.50 1.09
CA PHE F 1140 -62.91 2.31 -0.33
C PHE F 1140 -64.38 2.27 -0.66
N GLN F 1141 -65.21 1.87 0.28
CA GLN F 1141 -66.65 1.83 0.02
C GLN F 1141 -67.23 3.22 -0.02
N ASP F 1142 -66.76 4.12 0.86
CA ASP F 1142 -67.23 5.49 0.86
C ASP F 1142 -66.83 6.23 -0.40
N LYS F 1143 -65.56 6.12 -0.80
CA LYS F 1143 -65.06 6.83 -1.95
C LYS F 1143 -65.68 6.32 -3.24
N LEU F 1144 -65.98 5.03 -3.30
CA LEU F 1144 -66.65 4.49 -4.47
C LEU F 1144 -68.09 4.98 -4.55
N GLU F 1145 -68.80 4.99 -3.42
CA GLU F 1145 -70.17 5.46 -3.45
C GLU F 1145 -70.27 6.96 -3.55
N SER F 1146 -69.25 7.68 -3.05
CA SER F 1146 -69.19 9.11 -3.30
C SER F 1146 -68.93 9.40 -4.77
N PHE F 1147 -68.21 8.51 -5.46
CA PHE F 1147 -67.96 8.72 -6.88
C PHE F 1147 -69.21 8.47 -7.70
N LEU F 1148 -70.00 7.46 -7.34
CA LEU F 1148 -71.10 7.06 -8.20
C LEU F 1148 -72.26 8.04 -8.14
N ASP F 1149 -72.38 8.78 -7.04
CA ASP F 1149 -73.52 9.67 -6.90
C ASP F 1149 -73.20 11.09 -7.33
N LYS F 1150 -71.95 11.51 -7.25
CA LYS F 1150 -71.57 12.83 -7.71
C LYS F 1150 -71.20 12.88 -9.18
N ASN F 1151 -71.45 11.80 -9.92
CA ASN F 1151 -71.06 11.72 -11.32
C ASN F 1151 -72.16 11.03 -12.09
N SER F 1152 -72.75 11.73 -13.05
CA SER F 1152 -73.85 11.22 -13.86
C SER F 1152 -73.32 11.04 -15.29
N LYS F 1153 -72.90 9.82 -15.60
CA LYS F 1153 -72.31 9.48 -16.88
C LYS F 1153 -72.97 8.26 -17.48
N GLY F 1160 -71.36 2.65 -22.80
CA GLY F 1160 -72.59 2.09 -22.26
C GLY F 1160 -72.36 1.34 -20.97
N VAL F 1161 -72.01 2.07 -19.92
CA VAL F 1161 -71.63 1.49 -18.64
C VAL F 1161 -72.60 1.98 -17.58
N ASN F 1162 -73.13 1.07 -16.78
CA ASN F 1162 -74.02 1.41 -15.69
C ASN F 1162 -73.22 1.88 -14.49
N GLU F 1163 -73.89 2.01 -13.35
CA GLU F 1163 -73.20 2.02 -12.08
C GLU F 1163 -73.10 0.62 -11.49
N LYS F 1164 -74.07 -0.24 -11.81
CA LYS F 1164 -74.12 -1.56 -11.21
C LYS F 1164 -73.03 -2.46 -11.73
N LYS F 1165 -72.54 -2.22 -12.93
CA LYS F 1165 -71.39 -2.93 -13.46
C LYS F 1165 -70.11 -2.15 -13.33
N PHE F 1166 -70.17 -0.95 -12.76
CA PHE F 1166 -68.96 -0.29 -12.32
C PHE F 1166 -68.69 -0.53 -10.86
N ARG F 1167 -69.74 -0.83 -10.07
CA ARG F 1167 -69.52 -1.41 -8.75
C ARG F 1167 -68.77 -2.71 -8.86
N ALA F 1168 -69.27 -3.62 -9.72
CA ALA F 1168 -68.76 -4.97 -9.78
C ALA F 1168 -67.36 -5.03 -10.36
N LEU F 1169 -67.01 -4.08 -11.20
CA LEU F 1169 -65.64 -4.04 -11.69
C LEU F 1169 -64.69 -3.58 -10.60
N MET F 1170 -65.02 -2.48 -9.92
CA MET F 1170 -64.12 -1.95 -8.92
C MET F 1170 -64.09 -2.80 -7.67
N GLN F 1171 -65.18 -3.51 -7.37
CA GLN F 1171 -65.14 -4.44 -6.26
C GLN F 1171 -64.34 -5.68 -6.60
N LEU F 1172 -64.28 -6.04 -7.88
CA LEU F 1172 -63.40 -7.11 -8.30
C LEU F 1172 -61.96 -6.65 -8.34
N LYS F 1173 -61.73 -5.39 -8.68
CA LYS F 1173 -60.39 -4.83 -8.65
C LYS F 1173 -59.86 -4.75 -7.22
N TYR F 1174 -60.74 -4.59 -6.25
CA TYR F 1174 -60.31 -4.68 -4.86
C TYR F 1174 -59.85 -6.09 -4.54
N MET F 1175 -60.55 -7.09 -5.06
CA MET F 1175 -60.29 -8.46 -4.69
C MET F 1175 -59.02 -9.00 -5.34
N ARG F 1176 -58.58 -8.39 -6.42
CA ARG F 1176 -57.38 -8.78 -7.12
C ARG F 1176 -56.20 -7.89 -6.79
N SER F 1177 -56.34 -7.02 -5.80
CA SER F 1177 -55.23 -6.18 -5.35
C SER F 1177 -54.82 -6.51 -3.93
N LEU F 1178 -55.13 -7.70 -3.45
CA LEU F 1178 -54.89 -8.02 -2.06
C LEU F 1178 -53.45 -8.45 -1.88
N ILE F 1179 -53.01 -8.42 -0.65
CA ILE F 1179 -51.69 -8.91 -0.31
C ILE F 1179 -51.71 -10.43 -0.40
N ASN F 1180 -50.64 -11.00 -0.81
CA ASN F 1180 -50.73 -12.44 -0.95
C ASN F 1180 -50.27 -13.12 0.32
N PRO F 1181 -50.78 -14.30 0.65
CA PRO F 1181 -50.31 -14.99 1.85
C PRO F 1181 -48.90 -15.49 1.65
N GLY F 1182 -48.08 -15.32 2.68
CA GLY F 1182 -46.67 -15.61 2.58
C GLY F 1182 -45.83 -14.41 2.24
N GLU F 1183 -46.44 -13.25 1.99
CA GLU F 1183 -45.70 -12.04 1.70
C GLU F 1183 -44.90 -11.61 2.91
N ALA F 1184 -43.65 -11.21 2.70
CA ALA F 1184 -42.79 -10.79 3.80
C ALA F 1184 -43.03 -9.34 4.11
N VAL F 1185 -44.14 -9.06 4.78
CA VAL F 1185 -44.47 -7.67 5.07
C VAL F 1185 -43.62 -7.09 6.20
N GLY F 1186 -42.98 -7.94 6.99
CA GLY F 1186 -42.14 -7.44 8.06
C GLY F 1186 -40.80 -6.94 7.56
N ILE F 1187 -40.25 -7.60 6.55
CA ILE F 1187 -39.05 -7.11 5.90
C ILE F 1187 -39.34 -5.85 5.12
N ILE F 1188 -40.45 -5.84 4.38
CA ILE F 1188 -40.81 -4.72 3.52
C ILE F 1188 -41.06 -3.46 4.33
N ALA F 1189 -41.67 -3.59 5.51
CA ALA F 1189 -41.90 -2.45 6.38
C ALA F 1189 -40.60 -1.89 6.92
N SER F 1190 -39.68 -2.76 7.30
CA SER F 1190 -38.38 -2.33 7.80
C SER F 1190 -37.53 -1.73 6.69
N GLN F 1191 -37.66 -2.23 5.48
CA GLN F 1191 -36.98 -1.64 4.35
C GLN F 1191 -37.65 -0.38 3.85
N SER F 1192 -38.91 -0.15 4.21
CA SER F 1192 -39.58 1.08 3.82
C SER F 1192 -39.36 2.18 4.83
N VAL F 1193 -38.73 1.89 5.95
CA VAL F 1193 -38.26 2.90 6.87
C VAL F 1193 -36.75 3.03 6.80
N GLY F 1194 -36.04 1.92 6.67
CA GLY F 1194 -34.60 1.96 6.64
C GLY F 1194 -34.02 2.50 5.35
N GLU F 1195 -34.75 2.37 4.26
CA GLU F 1195 -34.21 2.95 3.03
C GLU F 1195 -34.45 4.46 2.93
N PRO F 1196 -35.65 5.04 3.13
CA PRO F 1196 -35.74 6.49 3.03
C PRO F 1196 -35.22 7.23 4.25
N SER F 1197 -34.74 6.53 5.27
CA SER F 1197 -34.00 7.20 6.32
C SER F 1197 -32.61 7.61 5.86
N THR F 1198 -32.10 6.99 4.80
CA THR F 1198 -30.81 7.40 4.27
C THR F 1198 -30.92 8.74 3.55
N GLN F 1199 -32.10 9.05 3.01
CA GLN F 1199 -32.38 10.38 2.50
C GLN F 1199 -32.45 11.40 3.63
N MET F 1200 -32.76 10.94 4.84
CA MET F 1200 -33.12 11.79 5.97
C MET F 1200 -31.91 11.93 6.88
N THR F 1201 -30.95 12.75 6.44
CA THR F 1201 -29.70 12.86 7.20
C THR F 1201 -29.09 14.26 7.21
N LEU F 1202 -29.86 15.32 6.97
CA LEU F 1202 -29.30 16.65 6.80
C LEU F 1202 -29.63 17.56 7.98
N ASN F 1203 -29.26 18.83 7.85
CA ASN F 1203 -29.23 19.81 8.94
C ASN F 1203 -30.58 20.54 9.02
N THR F 1204 -30.63 21.63 9.77
CA THR F 1204 -31.86 22.39 9.99
C THR F 1204 -32.16 23.28 8.80
N PHE F 1205 -33.41 23.23 8.36
CA PHE F 1205 -33.91 23.90 7.17
C PHE F 1205 -33.93 25.41 7.35
N ASN F 1214 -35.36 22.95 18.92
CA ASN F 1214 -36.81 22.89 18.96
C ASN F 1214 -37.28 21.47 19.24
N VAL F 1215 -37.59 20.72 18.17
CA VAL F 1215 -38.07 19.35 18.26
C VAL F 1215 -37.05 18.46 17.57
N THR F 1216 -36.82 17.28 18.12
CA THR F 1216 -35.89 16.32 17.53
C THR F 1216 -36.41 15.87 16.18
N LEU F 1217 -35.52 15.76 15.20
CA LEU F 1217 -35.89 15.46 13.83
C LEU F 1217 -35.11 14.27 13.32
N GLY F 1218 -35.61 13.68 12.24
CA GLY F 1218 -34.82 12.75 11.44
C GLY F 1218 -34.49 11.47 12.17
N ILE F 1219 -33.29 10.97 11.92
CA ILE F 1219 -32.76 9.76 12.54
C ILE F 1219 -32.61 9.84 14.05
N PRO F 1220 -32.09 10.92 14.69
CA PRO F 1220 -32.05 10.92 16.16
C PRO F 1220 -33.42 10.91 16.82
N ARG F 1221 -34.45 11.41 16.16
CA ARG F 1221 -35.81 11.22 16.65
C ARG F 1221 -36.29 9.80 16.40
N LEU F 1222 -35.92 9.25 15.25
CA LEU F 1222 -36.39 7.92 14.90
C LEU F 1222 -35.70 6.86 15.73
N ARG F 1223 -34.48 7.12 16.19
CA ARG F 1223 -33.80 6.18 17.07
C ARG F 1223 -34.39 6.22 18.47
N GLU F 1224 -35.07 7.31 18.83
CA GLU F 1224 -35.74 7.35 20.12
C GLU F 1224 -37.01 6.54 20.11
N ILE F 1225 -37.74 6.56 19.01
CA ILE F 1225 -38.98 5.83 18.92
C ILE F 1225 -38.70 4.35 18.68
N VAL F 1226 -38.07 4.05 17.55
CA VAL F 1226 -37.94 2.68 17.08
C VAL F 1226 -36.94 1.90 17.92
N MET F 1227 -35.76 2.44 18.11
CA MET F 1227 -34.79 1.88 19.04
C MET F 1227 -35.04 2.47 20.42
N THR F 1228 -34.44 1.84 21.42
CA THR F 1228 -34.26 2.35 22.79
C THR F 1228 -35.54 2.55 23.61
N ALA F 1229 -36.71 2.64 22.96
CA ALA F 1229 -38.03 2.90 23.55
C ALA F 1229 -37.97 3.91 24.69
N SER F 1230 -37.45 5.08 24.39
CA SER F 1230 -37.06 6.02 25.43
C SER F 1230 -38.29 6.58 26.13
N ALA F 1231 -38.33 6.43 27.44
CA ALA F 1231 -39.28 7.14 28.27
C ALA F 1231 -38.80 8.54 28.60
N ALA F 1232 -37.57 8.87 28.25
CA ALA F 1232 -37.00 10.19 28.48
C ALA F 1232 -36.65 10.78 27.12
N ILE F 1233 -37.63 11.38 26.48
CA ILE F 1233 -37.44 12.09 25.22
C ILE F 1233 -36.69 13.39 25.52
N LYS F 1234 -35.80 13.78 24.59
CA LYS F 1234 -35.06 15.04 24.72
C LYS F 1234 -36.00 16.23 24.80
N THR F 1235 -36.98 16.32 23.91
CA THR F 1235 -37.91 17.44 23.88
C THR F 1235 -39.35 16.91 23.98
N PRO F 1236 -39.81 16.55 25.17
CA PRO F 1236 -41.19 16.08 25.29
C PRO F 1236 -42.16 17.24 25.18
N GLN F 1237 -43.19 17.05 24.37
CA GLN F 1237 -44.16 18.11 24.16
C GLN F 1237 -45.57 17.60 24.39
N MET F 1238 -46.50 18.54 24.33
CA MET F 1238 -47.90 18.30 24.57
C MET F 1238 -48.70 19.31 23.79
N THR F 1239 -49.65 18.85 22.99
CA THR F 1239 -50.41 19.72 22.12
C THR F 1239 -51.81 19.87 22.69
N LEU F 1240 -52.20 21.12 22.95
CA LEU F 1240 -53.40 21.42 23.72
C LEU F 1240 -54.38 22.17 22.83
N PRO F 1241 -55.45 21.53 22.37
CA PRO F 1241 -56.45 22.24 21.58
C PRO F 1241 -57.28 23.15 22.47
N ILE F 1242 -57.46 24.39 22.01
CA ILE F 1242 -58.27 25.34 22.73
C ILE F 1242 -59.65 25.35 22.12
N TRP F 1243 -60.63 25.84 22.88
CA TRP F 1243 -62.02 25.80 22.45
C TRP F 1243 -62.28 26.81 21.33
N ASN F 1244 -63.51 26.79 20.83
CA ASN F 1244 -63.85 27.66 19.73
C ASN F 1244 -64.47 28.96 20.22
N ASP F 1245 -64.74 29.09 21.52
CA ASP F 1245 -65.21 30.35 22.06
C ASP F 1245 -64.09 31.17 22.70
N VAL F 1246 -63.04 30.51 23.17
CA VAL F 1246 -61.89 31.21 23.72
C VAL F 1246 -61.12 31.91 22.60
N SER F 1247 -60.64 33.12 22.88
CA SER F 1247 -60.04 33.96 21.87
C SER F 1247 -58.53 33.88 21.95
N ASP F 1248 -57.86 34.66 21.10
CA ASP F 1248 -56.40 34.68 21.11
C ASP F 1248 -55.86 35.48 22.29
N GLU F 1249 -56.56 36.54 22.67
CA GLU F 1249 -56.13 37.30 23.84
C GLU F 1249 -56.37 36.52 25.13
N GLN F 1250 -57.44 35.72 25.17
CA GLN F 1250 -57.66 34.86 26.33
C GLN F 1250 -56.65 33.72 26.37
N ALA F 1251 -56.19 33.27 25.20
CA ALA F 1251 -55.27 32.14 25.17
C ALA F 1251 -53.85 32.56 25.45
N ASP F 1252 -53.45 33.77 25.05
CA ASP F 1252 -52.11 34.23 25.38
C ASP F 1252 -51.99 34.54 26.86
N THR F 1253 -53.08 35.00 27.48
CA THR F 1253 -53.12 35.13 28.93
C THR F 1253 -53.03 33.76 29.60
N PHE F 1254 -53.63 32.75 28.98
CA PHE F 1254 -53.62 31.40 29.51
C PHE F 1254 -52.25 30.74 29.44
N CYS F 1255 -51.47 31.01 28.39
CA CYS F 1255 -50.13 30.44 28.30
C CYS F 1255 -49.21 30.97 29.38
N LYS F 1256 -49.43 32.22 29.80
CA LYS F 1256 -48.65 32.80 30.88
C LYS F 1256 -48.99 32.16 32.21
N SER F 1257 -50.22 31.68 32.37
CA SER F 1257 -50.63 31.04 33.60
C SER F 1257 -50.00 29.68 33.83
N ILE F 1258 -49.36 29.10 32.82
CA ILE F 1258 -48.79 27.78 32.91
C ILE F 1258 -47.28 27.82 33.01
N SER F 1259 -46.64 28.66 32.20
CA SER F 1259 -45.20 28.63 31.99
C SER F 1259 -44.46 28.96 33.27
N LYS F 1260 -43.32 28.30 33.48
CA LYS F 1260 -42.57 28.53 34.70
C LYS F 1260 -41.91 29.90 34.64
N VAL F 1261 -41.95 30.61 35.74
CA VAL F 1261 -41.38 31.95 35.83
C VAL F 1261 -40.36 31.90 36.94
N LEU F 1262 -39.09 32.03 36.58
CA LEU F 1262 -38.06 32.19 37.58
C LEU F 1262 -38.14 33.58 38.17
N LEU F 1263 -37.67 33.70 39.41
CA LEU F 1263 -37.60 35.02 40.05
C LEU F 1263 -36.55 35.89 39.39
N SER F 1264 -35.58 35.26 38.72
CA SER F 1264 -34.61 35.96 37.88
C SER F 1264 -35.26 36.79 36.79
N GLU F 1265 -36.41 36.36 36.28
CA GLU F 1265 -36.99 37.00 35.11
C GLU F 1265 -37.62 38.34 35.43
N VAL F 1266 -37.95 38.62 36.69
CA VAL F 1266 -38.60 39.87 37.04
C VAL F 1266 -37.65 40.85 37.70
N ILE F 1267 -36.39 40.48 37.87
CA ILE F 1267 -35.41 41.30 38.57
C ILE F 1267 -34.61 42.12 37.58
N ASP F 1268 -34.59 43.43 37.79
CA ASP F 1268 -33.78 44.34 36.99
C ASP F 1268 -32.35 44.42 37.51
N LYS F 1269 -32.18 44.66 38.80
CA LYS F 1269 -30.87 44.68 39.43
C LYS F 1269 -30.97 44.05 40.81
N VAL F 1270 -29.82 43.65 41.32
CA VAL F 1270 -29.63 43.40 42.74
C VAL F 1270 -28.41 44.18 43.14
N ILE F 1271 -28.59 45.20 43.97
CA ILE F 1271 -27.49 46.02 44.48
C ILE F 1271 -27.18 45.55 45.89
N VAL F 1272 -25.94 45.16 46.14
CA VAL F 1272 -25.52 44.66 47.44
C VAL F 1272 -24.47 45.59 47.99
N THR F 1273 -24.76 46.22 49.13
CA THR F 1273 -23.78 47.09 49.80
C THR F 1273 -23.28 46.34 51.03
N GLU F 1274 -22.22 45.57 50.83
CA GLU F 1274 -21.54 44.92 51.94
C GLU F 1274 -20.87 45.95 52.83
N THR F 1275 -21.04 45.78 54.13
CA THR F 1275 -20.35 46.64 55.09
C THR F 1275 -19.88 45.79 56.26
N THR F 1276 -18.67 46.07 56.72
CA THR F 1276 -18.05 45.33 57.80
C THR F 1276 -17.61 46.27 58.90
N GLY F 1277 -17.54 45.75 60.11
CA GLY F 1277 -17.33 46.53 61.31
C GLY F 1277 -18.38 46.16 62.34
N THR F 1278 -18.70 47.14 63.19
CA THR F 1278 -19.60 46.99 64.34
C THR F 1278 -19.28 45.79 65.23
N ALA F 1287 -19.54 42.06 62.98
CA ALA F 1287 -20.54 41.47 62.10
C ALA F 1287 -20.48 42.10 60.73
N ARG F 1288 -20.49 41.28 59.67
CA ARG F 1288 -20.49 41.78 58.31
C ARG F 1288 -21.93 41.92 57.85
N SER F 1289 -22.40 43.14 57.73
CA SER F 1289 -23.76 43.38 57.29
C SER F 1289 -23.83 43.40 55.77
N TYR F 1290 -24.75 42.61 55.21
CA TYR F 1290 -24.98 42.56 53.78
C TYR F 1290 -26.37 43.11 53.51
N VAL F 1291 -26.44 44.19 52.76
CA VAL F 1291 -27.70 44.86 52.44
C VAL F 1291 -28.06 44.49 51.01
N ILE F 1292 -29.00 43.57 50.84
CA ILE F 1292 -29.40 43.13 49.51
C ILE F 1292 -30.62 43.94 49.09
N HIS F 1293 -30.47 44.72 48.03
CA HIS F 1293 -31.55 45.54 47.48
C HIS F 1293 -31.87 45.08 46.07
N MET F 1294 -33.11 44.70 45.84
CA MET F 1294 -33.54 44.23 44.53
C MET F 1294 -34.32 45.31 43.82
N ARG F 1295 -34.00 45.52 42.56
CA ARG F 1295 -34.84 46.31 41.68
C ARG F 1295 -35.61 45.34 40.80
N PHE F 1296 -36.92 45.42 40.85
CA PHE F 1296 -37.70 44.66 39.91
C PHE F 1296 -37.98 45.56 38.71
N PHE F 1297 -38.77 45.09 37.76
CA PHE F 1297 -39.24 46.01 36.75
C PHE F 1297 -40.44 46.77 37.29
N ASP F 1298 -41.10 47.55 36.44
CA ASP F 1298 -42.35 48.15 36.87
C ASP F 1298 -43.41 47.08 37.05
N ASN F 1299 -44.34 47.33 37.97
CA ASN F 1299 -45.33 46.32 38.32
C ASN F 1299 -46.26 46.02 37.16
N ASN F 1300 -46.58 47.03 36.35
CA ASN F 1300 -47.39 46.76 35.18
C ASN F 1300 -46.61 45.96 34.13
N GLU F 1301 -45.29 46.00 34.17
CA GLU F 1301 -44.51 45.31 33.14
C GLU F 1301 -44.50 43.81 33.38
N TYR F 1302 -44.08 43.36 34.56
CA TYR F 1302 -44.02 41.91 34.76
C TYR F 1302 -45.38 41.28 34.99
N SER F 1303 -46.38 42.06 35.38
CA SER F 1303 -47.73 41.50 35.41
C SER F 1303 -48.30 41.29 34.02
N GLU F 1304 -47.84 42.07 33.04
CA GLU F 1304 -48.29 41.94 31.65
C GLU F 1304 -47.27 41.20 30.80
N GLU F 1305 -46.32 40.54 31.43
CA GLU F 1305 -45.41 39.64 30.76
C GLU F 1305 -45.42 38.25 31.36
N TYR F 1306 -45.67 38.13 32.66
CA TYR F 1306 -45.60 36.86 33.31
C TYR F 1306 -46.84 36.51 34.11
N ASP F 1307 -47.86 37.39 34.10
CA ASP F 1307 -49.11 37.22 34.83
C ASP F 1307 -48.86 37.06 36.33
N VAL F 1308 -47.90 37.83 36.83
CA VAL F 1308 -47.42 37.72 38.21
C VAL F 1308 -47.78 38.99 38.96
N SER F 1309 -48.45 38.83 40.09
CA SER F 1309 -48.80 39.96 40.94
C SER F 1309 -47.69 40.22 41.95
N LYS F 1310 -47.70 41.43 42.51
CA LYS F 1310 -46.69 41.80 43.49
C LYS F 1310 -46.88 41.08 44.82
N GLU F 1311 -48.07 40.56 45.08
CA GLU F 1311 -48.26 39.75 46.27
C GLU F 1311 -47.70 38.35 46.09
N GLU F 1312 -47.55 37.88 44.86
CA GLU F 1312 -46.90 36.60 44.64
C GLU F 1312 -45.40 36.69 44.89
N LEU F 1313 -44.80 37.84 44.60
CA LEU F 1313 -43.38 38.04 44.87
C LEU F 1313 -43.08 37.95 46.36
N GLN F 1314 -43.95 38.56 47.18
CA GLN F 1314 -43.77 38.55 48.63
C GLN F 1314 -43.76 37.14 49.19
N ASN F 1315 -44.66 36.29 48.71
CA ASN F 1315 -44.73 34.93 49.20
C ASN F 1315 -43.71 34.01 48.54
N VAL F 1316 -42.88 34.53 47.64
CA VAL F 1316 -41.75 33.79 47.11
C VAL F 1316 -40.44 34.27 47.71
N ILE F 1317 -40.28 35.58 47.84
CA ILE F 1317 -39.07 36.15 48.40
C ILE F 1317 -38.95 35.80 49.88
N SER F 1318 -40.01 36.05 50.65
CA SER F 1318 -39.96 35.79 52.08
C SER F 1318 -39.95 34.30 52.38
N ASN F 1319 -40.70 33.52 51.61
CA ASN F 1319 -40.91 32.13 51.98
C ASN F 1319 -39.87 31.21 51.34
N GLN F 1320 -39.60 31.37 50.06
CA GLN F 1320 -38.77 30.43 49.32
C GLN F 1320 -37.35 30.92 49.10
N PHE F 1321 -37.19 32.19 48.74
CA PHE F 1321 -35.91 32.70 48.27
C PHE F 1321 -34.86 32.74 49.38
N ILE F 1322 -35.23 33.28 50.53
CA ILE F 1322 -34.25 33.54 51.58
C ILE F 1322 -33.81 32.25 52.26
N HIS F 1323 -34.64 31.20 52.23
CA HIS F 1323 -34.18 29.89 52.69
C HIS F 1323 -33.10 29.34 51.77
N LEU F 1324 -33.21 29.57 50.47
CA LEU F 1324 -32.16 29.14 49.55
C LEU F 1324 -30.90 29.97 49.70
N LEU F 1325 -31.06 31.29 49.92
CA LEU F 1325 -29.91 32.17 50.04
C LEU F 1325 -29.09 31.83 51.28
N GLU F 1326 -29.75 31.58 52.41
CA GLU F 1326 -29.04 31.16 53.61
C GLU F 1326 -28.52 29.74 53.53
N ALA F 1327 -29.13 28.89 52.70
CA ALA F 1327 -28.59 27.56 52.51
C ALA F 1327 -27.34 27.60 51.66
N ALA F 1328 -27.18 28.62 50.84
CA ALA F 1328 -25.98 28.79 50.04
C ALA F 1328 -24.87 29.52 50.79
N ILE F 1329 -25.23 30.39 51.72
CA ILE F 1329 -24.23 31.12 52.49
C ILE F 1329 -23.52 30.18 53.46
N VAL F 1330 -24.29 29.39 54.21
CA VAL F 1330 -23.72 28.49 55.21
C VAL F 1330 -22.89 27.40 54.52
N LYS F 1331 -23.34 26.95 53.36
CA LYS F 1331 -22.56 26.00 52.57
C LYS F 1331 -21.25 26.62 52.10
N GLU F 1332 -21.27 27.89 51.71
CA GLU F 1332 -20.05 28.52 51.24
C GLU F 1332 -19.09 28.80 52.38
N ILE F 1333 -19.61 29.11 53.58
CA ILE F 1333 -18.77 29.23 54.75
C ILE F 1333 -18.20 27.87 55.16
N LYS F 1334 -18.97 26.80 54.94
CA LYS F 1334 -18.53 25.46 55.29
C LYS F 1334 -17.33 25.03 54.45
N LYS F 1335 -17.23 25.55 53.23
CA LYS F 1335 -16.04 25.35 52.42
C LYS F 1335 -14.98 26.40 52.71
N GLN F 1336 -15.38 27.53 53.27
CA GLN F 1336 -14.41 28.54 53.70
C GLN F 1336 -13.64 28.07 54.93
N LYS F 1337 -14.23 27.20 55.74
CA LYS F 1337 -13.53 26.64 56.89
C LYS F 1337 -12.57 25.53 56.46
N ARG F 1338 -13.01 24.67 55.56
CA ARG F 1338 -12.22 23.51 55.14
C ARG F 1338 -11.07 23.90 54.22
N VAL F 1433 -33.84 58.38 41.74
CA VAL F 1433 -33.44 57.75 42.99
C VAL F 1433 -34.62 57.64 43.95
N GLU F 1434 -34.35 57.17 45.16
CA GLU F 1434 -35.36 57.07 46.20
C GLU F 1434 -34.71 57.08 47.57
N ALA F 1435 -35.42 57.62 48.55
CA ALA F 1435 -34.99 57.59 49.95
C ALA F 1435 -36.22 57.35 50.80
N ASN F 1436 -36.24 56.23 51.53
CA ASN F 1436 -37.46 55.69 52.07
C ASN F 1436 -37.29 55.39 53.57
N ASN F 1437 -38.43 55.31 54.27
CA ASN F 1437 -38.46 55.21 55.73
C ASN F 1437 -39.87 54.76 56.14
N ASN F 1438 -40.10 54.69 57.45
CA ASN F 1438 -41.42 54.81 58.11
C ASN F 1438 -42.37 53.66 57.72
N MET F 1439 -42.00 52.47 58.20
CA MET F 1439 -42.89 51.33 58.15
C MET F 1439 -44.11 51.54 59.05
N ASN F 1440 -45.22 50.90 58.68
CA ASN F 1440 -46.43 50.91 59.48
C ASN F 1440 -46.43 49.71 60.43
N LYS F 1441 -47.60 49.36 60.97
CA LYS F 1441 -47.66 48.24 61.90
C LYS F 1441 -47.51 46.90 61.18
N VAL F 1442 -48.19 46.73 60.05
CA VAL F 1442 -48.24 45.42 59.40
C VAL F 1442 -46.89 45.06 58.80
N GLN F 1443 -46.20 46.05 58.24
CA GLN F 1443 -44.84 45.86 57.77
C GLN F 1443 -43.90 45.53 58.91
N ARG F 1444 -44.09 46.18 60.07
CA ARG F 1444 -43.30 45.88 61.25
C ARG F 1444 -43.59 44.48 61.77
N ASP F 1445 -44.80 43.98 61.54
CA ASP F 1445 -45.18 42.64 61.97
C ASP F 1445 -44.75 41.57 60.97
N ARG F 1446 -44.78 41.90 59.68
CA ARG F 1446 -44.26 41.00 58.66
C ARG F 1446 -42.76 40.80 58.82
N GLN F 1447 -42.04 41.87 59.22
CA GLN F 1447 -40.60 41.81 59.38
C GLN F 1447 -40.19 40.88 60.52
N SER F 1448 -40.86 40.99 61.66
CA SER F 1448 -40.52 40.12 62.78
C SER F 1448 -40.98 38.70 62.56
N ALA F 1449 -41.89 38.46 61.61
CA ALA F 1449 -42.27 37.11 61.27
C ALA F 1449 -41.17 36.38 60.52
N ILE F 1450 -40.25 37.10 59.89
CA ILE F 1450 -39.27 36.50 59.00
C ILE F 1450 -37.98 36.31 59.76
N ILE F 1451 -37.76 37.14 60.77
CA ILE F 1451 -36.58 37.00 61.61
C ILE F 1451 -36.64 35.71 62.44
N SER F 1452 -37.85 35.27 62.80
CA SER F 1452 -37.98 34.01 63.54
C SER F 1452 -37.69 32.81 62.65
N HIS F 1453 -38.15 32.84 61.41
CA HIS F 1453 -38.10 31.65 60.56
C HIS F 1453 -36.73 31.40 59.96
N HIS F 1454 -35.87 32.40 59.90
CA HIS F 1454 -34.59 32.26 59.22
C HIS F 1454 -33.44 32.34 60.21
N ARG F 1455 -32.22 32.34 59.68
CA ARG F 1455 -31.00 32.25 60.47
C ARG F 1455 -30.28 33.58 60.62
N PHE F 1456 -29.98 34.26 59.52
CA PHE F 1456 -29.23 35.51 59.52
C PHE F 1456 -30.01 36.51 58.70
N ILE F 1457 -30.99 37.18 59.27
CA ILE F 1457 -31.76 38.10 58.43
C ILE F 1457 -31.88 39.50 59.02
N THR F 1458 -32.54 39.65 60.16
CA THR F 1458 -32.63 40.83 61.02
C THR F 1458 -33.29 42.08 60.44
N LYS F 1459 -33.56 42.12 59.14
CA LYS F 1459 -34.36 43.18 58.51
C LYS F 1459 -35.03 42.61 57.27
N TYR F 1460 -36.16 43.19 56.92
CA TYR F 1460 -36.90 42.86 55.72
C TYR F 1460 -37.82 44.01 55.42
N ASN F 1461 -38.02 44.28 54.14
CA ASN F 1461 -39.04 45.21 53.72
C ASN F 1461 -39.50 44.76 52.34
N PHE F 1462 -40.53 45.41 51.83
CA PHE F 1462 -41.01 45.16 50.49
C PHE F 1462 -41.73 46.41 50.03
N ASP F 1463 -41.66 46.71 48.74
CA ASP F 1463 -42.48 47.80 48.21
C ASP F 1463 -43.90 47.28 48.13
N ASP F 1464 -44.67 47.53 49.19
CA ASP F 1464 -46.06 47.12 49.20
C ASP F 1464 -46.94 48.02 48.36
N GLU F 1465 -46.49 49.23 48.05
CA GLU F 1465 -47.33 50.17 47.33
C GLU F 1465 -47.22 50.02 45.82
N SER F 1466 -46.01 49.89 45.29
CA SER F 1466 -45.82 49.79 43.85
C SER F 1466 -45.19 48.49 43.39
N GLY F 1467 -44.74 47.63 44.30
CA GLY F 1467 -44.17 46.35 43.90
C GLY F 1467 -42.86 46.45 43.16
N LYS F 1468 -42.08 47.49 43.44
CA LYS F 1468 -40.91 47.81 42.64
C LYS F 1468 -39.60 47.34 43.24
N TRP F 1469 -39.48 47.30 44.55
CA TRP F 1469 -38.22 46.95 45.18
C TRP F 1469 -38.46 46.05 46.37
N CYS F 1470 -37.44 45.27 46.71
CA CYS F 1470 -37.41 44.49 47.92
C CYS F 1470 -36.10 44.77 48.62
N GLU F 1471 -36.05 44.47 49.91
CA GLU F 1471 -34.99 45.02 50.74
C GLU F 1471 -34.87 44.18 52.01
N PHE F 1472 -33.71 43.55 52.21
CA PHE F 1472 -33.48 42.80 53.42
C PHE F 1472 -31.98 42.76 53.69
N LYS F 1473 -31.62 42.79 54.96
CA LYS F 1473 -30.28 43.24 55.37
C LYS F 1473 -29.63 42.23 56.31
N LEU F 1474 -28.97 41.23 55.75
CA LEU F 1474 -28.42 40.11 56.51
C LEU F 1474 -27.28 40.55 57.43
N GLU F 1475 -27.08 39.79 58.50
CA GLU F 1475 -25.88 39.91 59.33
C GLU F 1475 -25.29 38.54 59.58
N LEU F 1476 -24.06 38.36 59.14
CA LEU F 1476 -23.23 37.21 59.48
C LEU F 1476 -22.28 37.61 60.59
N ALA F 1477 -21.42 36.69 61.00
CA ALA F 1477 -20.51 36.98 62.09
C ALA F 1477 -19.39 37.92 61.65
N ALA F 1478 -18.58 38.33 62.61
CA ALA F 1478 -17.34 39.04 62.28
C ALA F 1478 -16.21 38.08 61.93
N ASP F 1479 -16.39 36.79 62.19
CA ASP F 1479 -15.33 35.80 62.03
C ASP F 1479 -15.03 35.51 60.56
N THR F 1480 -16.03 35.62 59.69
CA THR F 1480 -15.87 35.22 58.30
C THR F 1480 -15.26 36.35 57.49
N GLU F 1481 -14.44 35.99 56.51
CA GLU F 1481 -13.87 36.93 55.57
C GLU F 1481 -14.73 36.98 54.31
N LYS F 1482 -14.20 37.59 53.25
CA LYS F 1482 -14.97 38.06 52.10
C LYS F 1482 -15.75 36.96 51.40
N LEU F 1483 -16.94 37.32 50.90
CA LEU F 1483 -17.92 36.40 50.37
C LEU F 1483 -18.54 37.03 49.13
N LEU F 1484 -18.41 36.38 47.98
CA LEU F 1484 -18.97 36.96 46.76
C LEU F 1484 -20.48 36.90 46.75
N MET F 1485 -21.11 37.90 47.34
CA MET F 1485 -22.54 37.85 47.59
C MET F 1485 -23.34 38.01 46.30
N VAL F 1486 -22.82 38.79 45.34
CA VAL F 1486 -23.55 39.01 44.10
C VAL F 1486 -23.62 37.73 43.29
N ASN F 1487 -22.54 36.97 43.25
CA ASN F 1487 -22.54 35.72 42.50
C ASN F 1487 -23.39 34.64 43.16
N ILE F 1488 -23.58 34.75 44.47
CA ILE F 1488 -24.46 33.80 45.15
C ILE F 1488 -25.91 34.13 44.86
N VAL F 1489 -26.26 35.41 44.90
CA VAL F 1489 -27.63 35.86 44.64
C VAL F 1489 -28.05 35.49 43.22
N GLU F 1490 -27.14 35.61 42.27
CA GLU F 1490 -27.47 35.32 40.87
C GLU F 1490 -27.76 33.83 40.65
N GLU F 1491 -27.04 32.96 41.35
CA GLU F 1491 -27.31 31.54 41.22
C GLU F 1491 -28.61 31.15 41.91
N ILE F 1492 -28.96 31.83 43.00
CA ILE F 1492 -30.20 31.54 43.70
C ILE F 1492 -31.41 32.09 42.95
N CYS F 1493 -31.26 33.29 42.38
CA CYS F 1493 -32.36 33.88 41.59
C CYS F 1493 -32.65 33.09 40.34
N ARG F 1494 -31.64 32.47 39.75
CA ARG F 1494 -31.86 31.66 38.56
C ARG F 1494 -32.33 30.25 38.90
N LYS F 1495 -32.57 29.94 40.17
CA LYS F 1495 -33.17 28.68 40.59
C LYS F 1495 -34.58 28.85 41.14
N SER F 1496 -34.87 29.98 41.77
CA SER F 1496 -36.14 30.19 42.45
C SER F 1496 -37.27 30.35 41.44
N ILE F 1497 -38.25 29.48 41.50
CA ILE F 1497 -39.43 29.62 40.66
C ILE F 1497 -40.47 30.42 41.42
N ILE F 1498 -41.10 31.36 40.72
CA ILE F 1498 -42.26 32.03 41.28
C ILE F 1498 -43.50 31.16 41.14
N ARG F 1499 -43.62 30.50 40.00
CA ARG F 1499 -44.85 29.76 39.68
C ARG F 1499 -44.50 28.72 38.63
N GLN F 1500 -44.53 27.45 39.01
CA GLN F 1500 -44.27 26.37 38.07
C GLN F 1500 -45.23 25.22 38.34
N ILE F 1501 -46.06 24.88 37.36
CA ILE F 1501 -46.69 23.57 37.38
C ILE F 1501 -45.67 22.53 36.97
N PRO F 1502 -45.50 21.41 37.70
CA PRO F 1502 -44.33 20.56 37.48
C PRO F 1502 -44.31 19.86 36.14
N HIS F 1503 -43.10 19.50 35.72
CA HIS F 1503 -42.75 18.87 34.46
C HIS F 1503 -43.13 19.70 33.24
N ILE F 1504 -43.33 21.01 33.41
CA ILE F 1504 -43.71 21.90 32.32
C ILE F 1504 -42.89 23.17 32.45
N ASP F 1505 -42.23 23.57 31.37
CA ASP F 1505 -41.45 24.80 31.37
C ASP F 1505 -42.18 25.94 30.67
N ARG F 1506 -42.60 25.72 29.44
CA ARG F 1506 -43.05 26.80 28.57
C ARG F 1506 -44.30 26.36 27.82
N CYS F 1507 -45.23 27.28 27.62
CA CYS F 1507 -46.43 27.03 26.83
C CYS F 1507 -46.56 28.17 25.83
N VAL F 1508 -46.61 27.85 24.54
CA VAL F 1508 -46.56 28.88 23.52
C VAL F 1508 -47.77 28.70 22.61
N HIS F 1509 -48.11 29.76 21.87
CA HIS F 1509 -49.30 29.84 21.03
C HIS F 1509 -48.87 29.96 19.58
N PRO F 1510 -48.72 28.86 18.87
CA PRO F 1510 -48.15 28.94 17.51
C PRO F 1510 -49.16 29.42 16.47
N GLU F 1511 -48.75 29.40 15.21
CA GLU F 1511 -49.67 29.70 14.13
C GLU F 1511 -50.65 28.55 13.96
N PRO F 1512 -51.95 28.82 13.81
CA PRO F 1512 -52.90 27.71 13.63
C PRO F 1512 -52.78 27.05 12.27
N GLU F 1513 -52.22 25.85 12.26
CA GLU F 1513 -52.00 25.10 11.03
C GLU F 1513 -53.19 24.20 10.77
N ASN F 1514 -53.91 24.48 9.68
CA ASN F 1514 -55.12 23.77 9.27
C ASN F 1514 -56.20 23.80 10.36
N GLY F 1515 -56.45 24.99 10.90
CA GLY F 1515 -57.58 25.22 11.77
C GLY F 1515 -57.45 24.70 13.19
N LYS F 1516 -56.52 23.79 13.46
CA LYS F 1516 -56.32 23.35 14.83
C LYS F 1516 -55.63 24.45 15.60
N ARG F 1517 -56.43 25.29 16.26
CA ARG F 1517 -55.90 26.25 17.20
C ARG F 1517 -55.36 25.48 18.38
N VAL F 1518 -54.04 25.40 18.52
CA VAL F 1518 -53.45 24.55 19.55
C VAL F 1518 -52.49 25.36 20.38
N LEU F 1519 -52.10 24.78 21.51
CA LEU F 1519 -51.03 25.28 22.35
C LEU F 1519 -50.02 24.16 22.53
N VAL F 1520 -48.77 24.44 22.26
CA VAL F 1520 -47.69 23.48 22.41
C VAL F 1520 -46.98 23.77 23.71
N THR F 1521 -46.74 22.74 24.50
CA THR F 1521 -46.20 22.84 25.85
C THR F 1521 -44.86 22.13 25.92
N GLU F 1522 -43.83 22.83 26.39
CA GLU F 1522 -42.53 22.18 26.60
C GLU F 1522 -42.62 21.35 27.87
N GLY F 1523 -43.05 20.11 27.73
CA GLY F 1523 -43.10 19.21 28.86
C GLY F 1523 -44.43 18.49 28.95
N VAL F 1524 -44.48 17.38 29.67
CA VAL F 1524 -45.64 16.49 29.68
C VAL F 1524 -46.13 16.30 31.10
N ASN F 1525 -47.38 16.71 31.35
CA ASN F 1525 -48.08 16.41 32.59
C ASN F 1525 -49.57 16.42 32.25
N PHE F 1526 -50.16 15.23 32.05
CA PHE F 1526 -51.58 15.18 31.71
C PHE F 1526 -52.46 15.38 32.92
N GLN F 1527 -51.94 15.05 34.11
CA GLN F 1527 -52.68 15.18 35.35
C GLN F 1527 -53.04 16.64 35.64
N ALA F 1528 -52.23 17.57 35.17
CA ALA F 1528 -52.46 18.98 35.46
C ALA F 1528 -53.28 19.68 34.38
N MET F 1529 -53.19 19.25 33.13
CA MET F 1529 -53.98 19.88 32.09
C MET F 1529 -55.43 19.43 32.10
N TRP F 1530 -55.73 18.36 32.84
CA TRP F 1530 -57.12 17.98 33.09
C TRP F 1530 -57.83 19.02 33.93
N ASP F 1531 -57.11 19.72 34.79
CA ASP F 1531 -57.69 20.70 35.67
C ASP F 1531 -57.92 22.04 34.98
N GLN F 1532 -57.44 22.19 33.75
CA GLN F 1532 -57.54 23.43 32.99
C GLN F 1532 -58.64 23.36 31.96
N GLU F 1533 -59.76 22.71 32.27
CA GLU F 1533 -60.72 22.29 31.27
C GLU F 1533 -61.56 23.42 30.71
N ALA F 1534 -61.46 24.63 31.26
CA ALA F 1534 -62.23 25.76 30.77
C ALA F 1534 -61.52 26.51 29.67
N PHE F 1535 -60.37 26.01 29.22
CA PHE F 1535 -59.63 26.61 28.12
C PHE F 1535 -59.31 25.55 27.08
N ILE F 1536 -59.20 24.31 27.54
CA ILE F 1536 -58.60 23.22 26.77
C ILE F 1536 -59.63 22.12 26.59
N ASP F 1537 -59.78 21.64 25.36
CA ASP F 1537 -60.51 20.41 25.09
C ASP F 1537 -59.65 19.24 25.55
N VAL F 1538 -59.93 18.71 26.73
CA VAL F 1538 -59.04 17.71 27.32
C VAL F 1538 -59.15 16.37 26.61
N ASP F 1539 -60.18 16.16 25.81
CA ASP F 1539 -60.33 14.91 25.09
C ASP F 1539 -59.42 14.81 23.87
N GLY F 1540 -58.75 15.89 23.49
CA GLY F 1540 -57.90 15.80 22.32
C GLY F 1540 -56.46 16.16 22.56
N ILE F 1541 -56.00 16.16 23.80
CA ILE F 1541 -54.65 16.62 24.10
C ILE F 1541 -53.64 15.55 23.71
N THR F 1542 -52.67 15.93 22.91
CA THR F 1542 -51.79 15.00 22.24
C THR F 1542 -50.36 15.29 22.65
N SER F 1543 -49.62 14.25 22.97
CA SER F 1543 -48.20 14.38 23.24
C SER F 1543 -47.40 13.67 22.17
N ASN F 1544 -46.09 13.87 22.22
CA ASN F 1544 -45.16 13.05 21.46
C ASN F 1544 -44.45 12.02 22.32
N ASP F 1545 -44.58 12.14 23.64
CA ASP F 1545 -44.02 11.16 24.55
C ASP F 1545 -44.91 9.93 24.52
N VAL F 1546 -44.36 8.81 24.06
CA VAL F 1546 -45.16 7.60 23.95
C VAL F 1546 -45.38 6.98 25.32
N ALA F 1547 -44.32 6.90 26.12
CA ALA F 1547 -44.42 6.24 27.42
C ALA F 1547 -45.23 7.05 28.42
N ALA F 1548 -45.41 8.33 28.18
CA ALA F 1548 -46.34 9.10 29.00
C ALA F 1548 -47.77 8.78 28.65
N VAL F 1549 -48.07 8.60 27.37
CA VAL F 1549 -49.42 8.24 26.96
C VAL F 1549 -49.74 6.83 27.37
N LEU F 1550 -48.75 5.93 27.30
CA LEU F 1550 -48.93 4.55 27.72
C LEU F 1550 -49.24 4.46 29.21
N LYS F 1551 -48.62 5.32 30.01
CA LYS F 1551 -48.83 5.31 31.45
C LYS F 1551 -50.20 5.86 31.80
N THR F 1552 -50.72 6.78 31.01
CA THR F 1552 -51.95 7.49 31.34
C THR F 1552 -53.15 6.98 30.55
N TYR F 1553 -53.03 6.87 29.24
CA TYR F 1553 -54.17 6.56 28.41
C TYR F 1553 -54.20 5.13 27.88
N GLY F 1554 -53.20 4.32 28.15
CA GLY F 1554 -53.28 2.93 27.79
C GLY F 1554 -52.46 2.60 26.56
N VAL F 1555 -52.61 1.35 26.11
CA VAL F 1555 -51.72 0.82 25.08
C VAL F 1555 -52.23 1.09 23.67
N GLU F 1556 -53.53 1.25 23.47
CA GLU F 1556 -53.99 1.60 22.13
C GLU F 1556 -53.75 3.06 21.84
N ALA F 1557 -53.76 3.90 22.86
CA ALA F 1557 -53.45 5.30 22.65
C ALA F 1557 -51.95 5.49 22.45
N ALA F 1558 -51.14 4.68 23.10
CA ALA F 1558 -49.71 4.71 22.84
C ALA F 1558 -49.37 4.21 21.45
N ARG F 1559 -50.20 3.30 20.91
CA ARG F 1559 -49.97 2.76 19.59
C ARG F 1559 -50.34 3.76 18.51
N ASN F 1560 -51.39 4.56 18.72
CA ASN F 1560 -51.70 5.64 17.80
C ASN F 1560 -50.70 6.79 17.89
N THR F 1561 -49.94 6.88 18.97
CA THR F 1561 -48.91 7.90 19.06
C THR F 1561 -47.72 7.54 18.19
N ILE F 1562 -47.36 6.26 18.17
CA ILE F 1562 -46.17 5.83 17.45
C ILE F 1562 -46.37 5.97 15.94
N VAL F 1563 -47.58 5.72 15.44
CA VAL F 1563 -47.79 5.93 14.02
C VAL F 1563 -47.91 7.41 13.67
N ASN F 1564 -48.23 8.26 14.63
CA ASN F 1564 -48.26 9.68 14.33
C ASN F 1564 -46.91 10.31 14.48
N GLU F 1565 -46.05 9.73 15.30
CA GLU F 1565 -44.71 10.28 15.47
C GLU F 1565 -43.77 9.87 14.36
N ILE F 1566 -43.86 8.62 13.89
CA ILE F 1566 -43.01 8.21 12.79
C ILE F 1566 -43.48 8.86 11.50
N ASN F 1567 -44.76 9.16 11.37
CA ASN F 1567 -45.23 9.89 10.21
C ASN F 1567 -44.69 11.32 10.22
N ASN F 1568 -44.59 11.94 11.39
CA ASN F 1568 -44.08 13.30 11.44
C ASN F 1568 -42.59 13.37 11.23
N VAL F 1569 -41.87 12.27 11.41
CA VAL F 1569 -40.45 12.25 11.08
C VAL F 1569 -40.27 12.31 9.57
N PHE F 1570 -41.14 11.65 8.83
CA PHE F 1570 -41.01 11.61 7.38
C PHE F 1570 -41.73 12.73 6.67
N SER F 1571 -42.78 13.29 7.26
CA SER F 1571 -43.52 14.34 6.59
C SER F 1571 -42.78 15.66 6.56
N ARG F 1572 -41.79 15.84 7.42
CA ARG F 1572 -40.98 17.05 7.48
C ARG F 1572 -39.84 17.01 6.49
N TYR F 1573 -39.72 15.91 5.74
CA TYR F 1573 -38.76 15.77 4.67
C TYR F 1573 -39.45 15.53 3.33
N ALA F 1574 -40.78 15.65 3.29
CA ALA F 1574 -41.64 15.33 2.14
C ALA F 1574 -41.45 13.89 1.66
N ILE F 1575 -41.05 13.00 2.56
CA ILE F 1575 -40.94 11.59 2.28
C ILE F 1575 -42.23 10.95 2.71
N SER F 1576 -42.84 10.16 1.83
CA SER F 1576 -44.11 9.53 2.14
C SER F 1576 -43.88 8.04 2.27
N VAL F 1577 -44.06 7.52 3.47
CA VAL F 1577 -44.15 6.08 3.68
C VAL F 1577 -45.61 5.75 3.90
N SER F 1578 -46.00 4.55 3.51
CA SER F 1578 -47.37 4.14 3.67
C SER F 1578 -47.68 3.86 5.14
N PHE F 1579 -48.95 4.03 5.51
CA PHE F 1579 -49.33 3.73 6.87
C PHE F 1579 -49.42 2.25 7.15
N ARG F 1580 -49.46 1.42 6.11
CA ARG F 1580 -49.46 -0.01 6.32
C ARG F 1580 -48.13 -0.48 6.87
N HIS F 1581 -47.05 0.25 6.56
CA HIS F 1581 -45.78 -0.07 7.18
C HIS F 1581 -45.75 0.39 8.62
N LEU F 1582 -46.28 1.56 8.89
CA LEU F 1582 -46.15 2.15 10.22
C LEU F 1582 -47.05 1.47 11.23
N ASP F 1583 -48.18 0.94 10.78
CA ASP F 1583 -49.06 0.19 11.68
C ASP F 1583 -48.43 -1.12 12.10
N LEU F 1584 -47.62 -1.72 11.23
CA LEU F 1584 -47.03 -3.01 11.56
C LEU F 1584 -45.86 -2.83 12.52
N ILE F 1585 -45.17 -1.71 12.43
CA ILE F 1585 -44.10 -1.42 13.36
C ILE F 1585 -44.67 -1.09 14.72
N ALA F 1586 -45.74 -0.30 14.77
CA ALA F 1586 -46.33 0.07 16.05
C ALA F 1586 -47.06 -1.09 16.69
N ASP F 1587 -47.58 -2.03 15.91
CA ASP F 1587 -48.23 -3.17 16.53
C ASP F 1587 -47.23 -4.21 16.98
N MET F 1588 -46.00 -4.18 16.46
CA MET F 1588 -44.98 -5.08 16.95
C MET F 1588 -44.37 -4.56 18.25
N MET F 1589 -44.35 -3.25 18.44
CA MET F 1589 -43.81 -2.68 19.66
C MET F 1589 -44.74 -2.83 20.84
N THR F 1590 -46.04 -2.83 20.60
CA THR F 1590 -47.04 -2.92 21.66
C THR F 1590 -47.62 -4.30 21.79
N ARG F 1591 -46.88 -5.33 21.39
CA ARG F 1591 -47.43 -6.68 21.35
C ARG F 1591 -47.49 -7.33 22.71
N GLN F 1592 -46.82 -6.77 23.71
CA GLN F 1592 -46.86 -7.28 25.08
C GLN F 1592 -47.60 -6.36 26.04
N GLY F 1593 -48.35 -5.40 25.52
CA GLY F 1593 -48.98 -4.42 26.35
C GLY F 1593 -48.11 -3.27 26.75
N THR F 1594 -46.80 -3.40 26.61
CA THR F 1594 -45.87 -2.37 26.97
C THR F 1594 -45.26 -1.78 25.71
N TYR F 1595 -44.32 -0.88 25.88
CA TYR F 1595 -43.71 -0.14 24.78
C TYR F 1595 -42.27 -0.64 24.63
N LEU F 1596 -42.11 -1.72 23.86
CA LEU F 1596 -40.82 -2.33 23.65
C LEU F 1596 -40.08 -1.65 22.53
N ALA F 1597 -38.79 -1.90 22.46
CA ALA F 1597 -37.96 -1.35 21.41
C ALA F 1597 -37.53 -2.46 20.46
N PHE F 1598 -36.82 -2.05 19.43
CA PHE F 1598 -36.12 -2.99 18.57
C PHE F 1598 -34.67 -3.06 19.03
N ASN F 1599 -34.49 -3.54 20.24
CA ASN F 1599 -33.14 -3.64 20.79
C ASN F 1599 -32.98 -5.01 21.44
N ARG F 1600 -31.91 -5.15 22.21
CA ARG F 1600 -31.60 -6.44 22.82
C ARG F 1600 -32.59 -6.80 23.91
N GLN F 1601 -33.05 -5.82 24.67
CA GLN F 1601 -34.04 -6.10 25.70
C GLN F 1601 -35.43 -6.30 25.12
N GLY F 1602 -35.74 -5.66 24.00
CA GLY F 1602 -36.99 -5.95 23.32
C GLY F 1602 -36.99 -7.31 22.68
N MET F 1603 -35.81 -7.82 22.32
CA MET F 1603 -35.69 -9.12 21.70
C MET F 1603 -35.84 -10.24 22.72
N GLU F 1604 -35.71 -9.90 24.02
CA GLU F 1604 -35.48 -10.87 25.08
C GLU F 1604 -36.63 -11.85 25.21
N THR F 1605 -37.86 -11.36 25.10
CA THR F 1605 -39.04 -12.19 25.27
C THR F 1605 -39.48 -12.65 23.88
N SER F 1606 -38.73 -13.63 23.36
CA SER F 1606 -39.04 -14.23 22.08
C SER F 1606 -38.65 -15.69 22.11
N THR F 1607 -39.13 -16.43 21.13
CA THR F 1607 -39.13 -17.88 21.22
C THR F 1607 -37.90 -18.50 20.59
N SER F 1608 -37.39 -17.92 19.52
CA SER F 1608 -36.27 -18.51 18.80
C SER F 1608 -34.96 -18.06 19.44
N SER F 1609 -34.13 -19.03 19.84
CA SER F 1609 -32.83 -18.69 20.38
C SER F 1609 -31.81 -18.37 19.32
N PHE F 1610 -31.92 -18.97 18.13
CA PHE F 1610 -30.92 -18.67 17.11
C PHE F 1610 -31.09 -17.29 16.50
N MET F 1611 -32.28 -16.69 16.57
CA MET F 1611 -32.38 -15.26 16.32
C MET F 1611 -31.56 -14.49 17.35
N LYS F 1612 -31.65 -14.90 18.60
CA LYS F 1612 -31.02 -14.15 19.68
C LYS F 1612 -29.50 -14.30 19.65
N MET F 1613 -29.02 -15.51 19.38
CA MET F 1613 -27.58 -15.75 19.34
C MET F 1613 -26.94 -15.06 18.15
N SER F 1614 -27.67 -14.94 17.04
CA SER F 1614 -27.09 -14.34 15.86
C SER F 1614 -27.17 -12.82 15.86
N TYR F 1615 -27.95 -12.22 16.75
CA TYR F 1615 -28.07 -10.76 16.73
C TYR F 1615 -26.88 -10.12 17.40
N GLU F 1616 -26.72 -10.35 18.70
CA GLU F 1616 -25.62 -9.85 19.51
C GLU F 1616 -25.67 -10.54 20.85
N THR F 1617 -24.53 -10.50 21.55
CA THR F 1617 -24.25 -11.22 22.81
C THR F 1617 -24.58 -12.70 22.65
N THR F 1618 -23.79 -13.35 21.79
CA THR F 1618 -24.11 -14.68 21.32
C THR F 1618 -24.07 -15.72 22.43
N CYS F 1619 -22.95 -15.82 23.14
CA CYS F 1619 -22.86 -16.82 24.20
C CYS F 1619 -23.68 -16.45 25.42
N GLN F 1620 -24.07 -15.18 25.53
CA GLN F 1620 -24.95 -14.75 26.60
C GLN F 1620 -26.33 -15.38 26.46
N PHE F 1621 -26.91 -15.34 25.25
CA PHE F 1621 -28.19 -16.00 25.03
C PHE F 1621 -28.05 -17.51 24.98
N LEU F 1622 -26.87 -18.00 24.57
CA LEU F 1622 -26.62 -19.43 24.54
C LEU F 1622 -26.65 -20.04 25.92
N THR F 1623 -26.12 -19.33 26.92
CA THR F 1623 -26.18 -19.80 28.30
C THR F 1623 -27.61 -19.82 28.79
N LYS F 1624 -28.40 -18.82 28.38
CA LYS F 1624 -29.81 -18.77 28.77
C LYS F 1624 -30.62 -19.89 28.17
N ALA F 1625 -30.17 -20.47 27.06
CA ALA F 1625 -30.91 -21.58 26.45
C ALA F 1625 -30.45 -22.94 26.93
N VAL F 1626 -29.20 -23.07 27.36
CA VAL F 1626 -28.71 -24.36 27.83
C VAL F 1626 -29.25 -24.66 29.23
N LEU F 1627 -29.30 -23.65 30.09
CA LEU F 1627 -29.90 -23.75 31.41
C LEU F 1627 -31.40 -23.99 31.37
N ASP F 1628 -32.02 -23.83 30.21
CA ASP F 1628 -33.44 -23.85 30.03
C ASP F 1628 -33.91 -25.09 29.28
N ASN F 1629 -32.98 -25.91 28.78
CA ASN F 1629 -33.23 -27.13 28.01
C ASN F 1629 -34.16 -26.87 26.82
N GLU F 1630 -33.92 -25.75 26.16
CA GLU F 1630 -34.86 -25.24 25.17
C GLU F 1630 -34.80 -26.04 23.87
N ARG F 1631 -35.97 -26.35 23.34
CA ARG F 1631 -36.09 -26.97 22.02
C ARG F 1631 -36.31 -25.86 21.01
N GLU F 1632 -35.29 -25.57 20.22
CA GLU F 1632 -35.43 -24.63 19.13
C GLU F 1632 -36.29 -25.27 18.05
N GLN F 1633 -37.45 -24.68 17.78
CA GLN F 1633 -38.40 -25.32 16.88
C GLN F 1633 -38.08 -25.11 15.41
N LEU F 1634 -37.07 -24.30 15.10
CA LEU F 1634 -36.58 -24.04 13.75
C LEU F 1634 -37.68 -23.48 12.85
N ASP F 1635 -38.17 -22.30 13.21
CA ASP F 1635 -39.17 -21.65 12.39
C ASP F 1635 -38.91 -20.18 12.13
N SER F 1636 -38.10 -19.51 12.92
CA SER F 1636 -37.65 -18.19 12.52
C SER F 1636 -36.65 -18.32 11.39
N PRO F 1637 -36.56 -17.33 10.49
CA PRO F 1637 -35.63 -17.45 9.37
C PRO F 1637 -34.17 -17.42 9.75
N SER F 1638 -33.80 -16.93 10.94
CA SER F 1638 -32.41 -17.04 11.38
C SER F 1638 -32.12 -18.44 11.89
N ALA F 1639 -33.10 -19.12 12.45
CA ALA F 1639 -32.89 -20.49 12.89
C ALA F 1639 -32.88 -21.47 11.74
N ARG F 1640 -33.53 -21.14 10.63
CA ARG F 1640 -33.58 -22.06 9.51
C ARG F 1640 -32.34 -21.98 8.64
N ILE F 1641 -31.69 -20.82 8.58
CA ILE F 1641 -30.48 -20.70 7.78
C ILE F 1641 -29.31 -21.35 8.50
N VAL F 1642 -29.31 -21.32 9.83
CA VAL F 1642 -28.29 -22.00 10.63
C VAL F 1642 -28.32 -23.50 10.36
N VAL F 1643 -29.50 -24.12 10.40
CA VAL F 1643 -29.60 -25.56 10.21
C VAL F 1643 -29.83 -25.92 8.75
N GLY F 1644 -29.94 -24.94 7.86
CA GLY F 1644 -30.05 -25.22 6.45
C GLY F 1644 -31.43 -25.63 5.99
N LYS F 1645 -32.44 -25.43 6.81
CA LYS F 1645 -33.81 -25.78 6.44
C LYS F 1645 -34.35 -24.69 5.52
N LEU F 1646 -35.32 -25.05 4.69
CA LEU F 1646 -35.92 -24.07 3.78
C LEU F 1646 -36.76 -23.07 4.55
N ASN F 1647 -36.64 -21.79 4.18
CA ASN F 1647 -37.32 -20.69 4.84
C ASN F 1647 -38.84 -20.83 4.69
N ASN F 1648 -39.57 -20.18 5.60
CA ASN F 1648 -41.02 -20.37 5.71
C ASN F 1648 -41.82 -19.16 5.26
N VAL F 1649 -41.24 -18.34 4.39
CA VAL F 1649 -41.83 -17.09 3.94
C VAL F 1649 -41.80 -17.08 2.42
N GLY F 1650 -42.95 -16.90 1.81
CA GLY F 1650 -42.97 -16.80 0.37
C GLY F 1650 -43.23 -18.12 -0.28
N THR F 1651 -42.21 -18.71 -0.87
CA THR F 1651 -42.37 -20.00 -1.53
C THR F 1651 -42.15 -21.17 -0.60
N GLY F 1652 -41.87 -20.92 0.68
CA GLY F 1652 -41.71 -21.98 1.64
C GLY F 1652 -42.81 -22.05 2.68
N SER F 1653 -43.94 -21.40 2.46
CA SER F 1653 -45.06 -21.41 3.39
C SER F 1653 -46.12 -22.41 3.00
N PHE F 1654 -45.77 -23.39 2.18
CA PHE F 1654 -46.70 -24.40 1.72
C PHE F 1654 -45.87 -25.58 1.22
N ASP F 1655 -46.54 -26.70 1.00
CA ASP F 1655 -45.90 -27.87 0.42
C ASP F 1655 -46.49 -28.17 -0.95
N VAL F 1656 -45.70 -28.87 -1.75
CA VAL F 1656 -46.11 -29.32 -3.08
C VAL F 1656 -46.13 -30.84 -3.05
N LEU F 1657 -47.20 -31.42 -3.57
CA LEU F 1657 -47.34 -32.86 -3.55
C LEU F 1657 -47.78 -33.34 -4.92
N ALA F 1658 -47.16 -34.41 -5.40
CA ALA F 1658 -47.40 -34.93 -6.74
C ALA F 1658 -48.49 -35.98 -6.67
N LYS F 1659 -49.52 -35.82 -7.48
CA LYS F 1659 -50.66 -36.72 -7.49
C LYS F 1659 -50.38 -37.90 -8.41
N VAL F 1660 -50.17 -39.08 -7.83
CA VAL F 1660 -49.75 -40.24 -8.63
C VAL F 1660 -50.96 -41.10 -8.99
N PRO F 1661 -51.03 -41.62 -10.22
CA PRO F 1661 -52.29 -42.22 -10.71
C PRO F 1661 -52.59 -43.65 -10.31
N ASN F 1662 -51.60 -44.48 -10.06
CA ASN F 1662 -51.86 -45.89 -9.78
C ASN F 1662 -52.06 -46.11 -8.28
N ALA F 1663 -52.92 -47.07 -7.96
CA ALA F 1663 -53.24 -47.47 -6.59
C ALA F 1663 -52.03 -47.98 -5.83
N ARG G 12 -7.26 38.01 -22.99
CA ARG G 12 -6.06 38.83 -23.11
C ARG G 12 -5.00 38.09 -23.90
N THR G 13 -3.90 38.77 -24.19
CA THR G 13 -2.77 38.13 -24.82
C THR G 13 -1.93 37.49 -23.72
N ALA G 14 -1.65 36.21 -23.86
CA ALA G 14 -0.78 35.51 -22.94
C ALA G 14 -0.07 34.42 -23.72
N ASP G 15 1.09 34.71 -24.28
CA ASP G 15 1.67 33.81 -25.26
C ASP G 15 2.27 32.57 -24.60
N PHE G 16 2.37 31.50 -25.37
CA PHE G 16 3.22 30.39 -25.00
C PHE G 16 4.58 30.59 -25.64
N ARG G 17 5.62 30.32 -24.88
CA ARG G 17 6.96 30.76 -25.20
C ARG G 17 7.66 29.60 -25.88
N THR G 18 7.28 29.37 -27.13
CA THR G 18 7.63 28.12 -27.79
C THR G 18 9.10 28.07 -28.19
N LEU G 19 9.70 29.17 -28.62
CA LEU G 19 11.13 29.12 -28.87
C LEU G 19 11.91 29.20 -27.56
N GLU G 20 11.36 29.91 -26.59
CA GLU G 20 12.00 30.04 -25.29
C GLU G 20 11.97 28.73 -24.53
N ARG G 21 10.89 27.95 -24.66
CA ARG G 21 10.86 26.62 -24.05
C ARG G 21 11.88 25.68 -24.64
N GLU G 22 11.98 25.64 -25.97
CA GLU G 22 12.84 24.65 -26.58
C GLU G 22 14.30 25.00 -26.42
N SER G 23 14.61 26.28 -26.29
CA SER G 23 15.98 26.66 -25.96
C SER G 23 16.33 26.23 -24.54
N ARG G 24 15.38 26.31 -23.62
CA ARG G 24 15.68 25.99 -22.23
C ARG G 24 15.67 24.48 -22.01
N PHE G 25 14.96 23.73 -22.86
CA PHE G 25 15.03 22.28 -22.76
C PHE G 25 16.39 21.76 -23.19
N ILE G 26 16.85 22.20 -24.37
CA ILE G 26 18.11 21.75 -24.91
C ILE G 26 19.27 22.28 -24.08
N ASN G 27 19.18 23.52 -23.64
CA ASN G 27 20.27 24.21 -22.97
C ASN G 27 19.79 24.65 -21.60
N PRO G 28 19.95 23.82 -20.56
CA PRO G 28 19.58 24.25 -19.23
C PRO G 28 20.44 25.38 -18.78
N PRO G 29 19.92 26.29 -17.94
CA PRO G 29 20.66 27.49 -17.58
C PRO G 29 21.88 27.19 -16.71
N LYS G 30 22.94 27.95 -16.95
CA LYS G 30 24.17 27.83 -16.18
C LYS G 30 24.30 28.92 -15.14
N ASP G 31 23.19 29.54 -14.77
CA ASP G 31 23.13 30.58 -13.76
C ASP G 31 22.10 30.12 -12.75
N LYS G 32 21.59 31.04 -11.95
CA LYS G 32 20.42 30.74 -11.14
C LYS G 32 19.23 30.35 -12.01
N SER G 33 18.33 29.60 -11.41
CA SER G 33 17.25 28.96 -12.15
C SER G 33 16.24 29.96 -12.66
N ALA G 34 15.68 29.63 -13.82
CA ALA G 34 14.40 30.21 -14.18
C ALA G 34 13.32 29.66 -13.26
N PHE G 35 12.13 30.23 -13.36
CA PHE G 35 10.94 29.94 -12.56
C PHE G 35 11.22 30.15 -11.09
N PRO G 36 11.49 31.38 -10.62
CA PRO G 36 11.85 31.54 -9.22
C PRO G 36 10.68 31.47 -8.26
N LEU G 37 9.44 31.64 -8.74
CA LEU G 37 8.28 31.40 -7.89
C LEU G 37 8.15 29.95 -7.48
N LEU G 38 8.74 29.03 -8.24
CA LEU G 38 8.68 27.63 -7.89
C LEU G 38 9.58 27.31 -6.71
N GLN G 39 10.71 28.02 -6.55
CA GLN G 39 11.53 27.83 -5.36
C GLN G 39 11.03 28.61 -4.16
N GLU G 40 10.14 29.56 -4.35
CA GLU G 40 9.55 30.24 -3.22
C GLU G 40 8.31 29.54 -2.73
N ALA G 41 7.93 28.44 -3.35
CA ALA G 41 6.82 27.63 -2.88
C ALA G 41 7.25 26.68 -1.80
N VAL G 42 8.52 26.26 -1.81
CA VAL G 42 9.06 25.36 -0.80
C VAL G 42 10.02 26.06 0.12
N GLN G 43 10.10 27.38 0.05
CA GLN G 43 10.84 28.14 1.04
C GLN G 43 10.36 27.96 2.49
N PRO G 44 9.09 27.67 2.80
CA PRO G 44 8.78 27.24 4.17
C PRO G 44 9.44 25.97 4.61
N HIS G 45 9.87 25.09 3.72
CA HIS G 45 10.46 23.85 4.16
C HIS G 45 11.98 23.93 4.19
N ILE G 46 12.56 24.49 3.14
CA ILE G 46 14.01 24.53 3.02
C ILE G 46 14.60 25.54 3.98
N GLY G 47 14.01 26.73 4.05
CA GLY G 47 14.50 27.74 4.97
C GLY G 47 14.37 27.35 6.41
N SER G 48 13.32 26.62 6.74
CA SER G 48 13.12 26.11 8.09
C SER G 48 14.21 25.12 8.48
N PHE G 49 14.58 24.23 7.58
CA PHE G 49 15.66 23.29 7.87
C PHE G 49 16.99 24.00 7.88
N ASN G 50 17.14 25.06 7.09
CA ASN G 50 18.39 25.77 7.06
C ASN G 50 18.66 26.56 8.33
N ALA G 51 17.63 26.87 9.10
CA ALA G 51 17.82 27.59 10.34
C ALA G 51 18.33 26.71 11.46
N LEU G 52 18.45 25.42 11.24
CA LEU G 52 19.03 24.54 12.23
C LEU G 52 20.53 24.66 12.34
N THR G 53 21.20 25.18 11.31
CA THR G 53 22.64 25.23 11.32
C THR G 53 23.17 26.62 11.01
N GLU G 54 22.45 27.39 10.21
CA GLU G 54 22.87 28.71 9.80
C GLU G 54 22.09 29.75 10.58
N GLY G 55 22.70 30.92 10.75
CA GLY G 55 21.98 32.04 11.30
C GLY G 55 22.55 32.49 12.63
N PRO G 56 21.80 33.35 13.32
CA PRO G 56 22.27 33.86 14.61
C PRO G 56 22.35 32.79 15.68
N ASP G 57 23.32 32.98 16.59
CA ASP G 57 23.62 32.07 17.71
C ASP G 57 23.97 30.65 17.26
N GLY G 58 24.53 30.50 16.06
CA GLY G 58 24.94 29.21 15.59
C GLY G 58 23.83 28.31 15.09
N GLY G 59 22.60 28.79 15.01
CA GLY G 59 21.51 27.98 14.55
C GLY G 59 20.77 27.32 15.70
N LEU G 60 19.59 26.79 15.38
CA LEU G 60 18.66 26.36 16.41
C LEU G 60 19.06 25.08 17.10
N LEU G 61 20.00 24.32 16.53
CA LEU G 61 20.47 23.13 17.23
C LEU G 61 21.52 23.48 18.28
N ASN G 62 22.50 24.31 17.93
CA ASN G 62 23.50 24.74 18.90
C ASN G 62 22.92 25.62 19.97
N LEU G 63 21.83 26.30 19.67
CA LEU G 63 21.15 27.13 20.64
C LEU G 63 20.24 26.32 21.55
N GLY G 64 19.97 25.07 21.19
CA GLY G 64 19.12 24.22 21.97
C GLY G 64 19.85 23.19 22.80
N VAL G 65 21.13 22.94 22.48
CA VAL G 65 21.91 22.06 23.32
C VAL G 65 22.34 22.74 24.61
N LYS G 66 22.22 24.06 24.71
CA LYS G 66 22.57 24.72 25.95
C LYS G 66 21.38 24.99 26.85
N ASP G 67 20.15 24.76 26.38
CA ASP G 67 19.01 24.80 27.27
C ASP G 67 18.88 23.52 28.10
N ILE G 68 19.58 22.46 27.72
CA ILE G 68 19.41 21.18 28.37
C ILE G 68 20.72 20.85 29.08
N GLY G 69 21.34 21.89 29.63
CA GLY G 69 22.77 21.96 29.94
C GLY G 69 23.46 20.83 30.67
N GLU G 70 23.18 20.62 31.96
CA GLU G 70 23.99 19.72 32.76
C GLU G 70 23.16 18.57 33.28
N LYS G 71 23.79 17.42 33.47
CA LYS G 71 23.17 16.25 34.10
C LYS G 71 24.15 15.77 35.16
N VAL G 72 23.89 16.12 36.41
CA VAL G 72 24.79 15.87 37.52
C VAL G 72 24.31 14.65 38.30
N ILE G 73 25.22 13.69 38.50
CA ILE G 73 25.13 12.71 39.57
C ILE G 73 26.49 12.59 40.24
N PHE G 74 26.46 12.08 41.45
CA PHE G 74 27.63 11.92 42.30
C PHE G 74 27.92 10.43 42.47
N ASP G 75 28.99 10.13 43.20
CA ASP G 75 29.30 8.78 43.60
C ASP G 75 28.72 8.47 44.97
N GLY G 76 28.99 7.26 45.44
CA GLY G 76 28.53 6.87 46.75
C GLY G 76 29.70 6.80 47.70
N LYS G 77 30.89 7.07 47.18
CA LYS G 77 32.09 6.88 47.97
C LYS G 77 32.26 8.02 48.97
N PRO G 78 32.78 7.73 50.15
CA PRO G 78 32.97 8.77 51.15
C PRO G 78 34.34 9.43 50.99
N LEU G 79 34.44 10.63 51.55
CA LEU G 79 35.74 11.22 51.77
C LEU G 79 36.40 10.63 53.00
N ASN G 80 35.61 9.98 53.86
CA ASN G 80 35.94 9.72 55.26
C ASN G 80 36.39 11.02 55.91
N SER G 81 35.52 12.03 55.81
CA SER G 81 35.85 13.42 56.09
C SER G 81 35.72 13.69 57.58
N GLU G 82 35.78 14.97 57.94
CA GLU G 82 35.74 15.38 59.34
C GLU G 82 34.33 15.20 59.89
N ASP G 83 34.25 14.79 61.16
CA ASP G 83 32.99 14.33 61.75
C ASP G 83 32.08 15.52 61.97
N GLU G 84 31.37 15.93 60.93
CA GLU G 84 30.45 17.06 61.00
C GLU G 84 29.16 16.64 60.30
N ILE G 85 28.29 17.61 60.02
CA ILE G 85 27.19 17.34 59.09
C ILE G 85 27.67 17.36 57.65
N SER G 86 28.88 17.84 57.39
CA SER G 86 29.52 17.65 56.09
C SER G 86 29.90 16.20 55.88
N ASN G 87 30.17 15.47 56.97
CA ASN G 87 30.49 14.04 56.88
C ASN G 87 29.33 13.24 56.32
N SER G 88 28.10 13.67 56.62
CA SER G 88 26.93 13.19 55.92
C SER G 88 26.63 13.99 54.67
N GLY G 89 26.97 15.29 54.69
CA GLY G 89 26.64 16.19 53.60
C GLY G 89 27.68 16.29 52.51
N TYR G 90 28.55 15.29 52.42
CA TYR G 90 29.45 15.14 51.29
C TYR G 90 28.96 13.99 50.43
N LEU G 91 28.93 14.21 49.12
CA LEU G 91 28.36 13.25 48.20
C LEU G 91 29.36 12.65 47.24
N GLY G 92 30.58 13.13 47.22
CA GLY G 92 31.58 12.58 46.34
C GLY G 92 31.97 13.55 45.25
N ASN G 93 32.62 13.01 44.24
CA ASN G 93 32.97 13.79 43.07
C ASN G 93 31.76 13.96 42.15
N LYS G 94 31.74 15.09 41.45
CA LYS G 94 30.56 15.56 40.73
C LYS G 94 30.75 15.35 39.24
N LEU G 95 30.13 14.35 38.66
CA LEU G 95 30.09 14.21 37.22
C LEU G 95 29.00 15.12 36.67
N SER G 96 29.36 16.07 35.80
CA SER G 96 28.38 16.93 35.15
C SER G 96 28.54 16.80 33.65
N VAL G 97 27.82 15.89 33.05
CA VAL G 97 27.93 15.67 31.62
C VAL G 97 27.08 16.70 30.91
N SER G 98 27.48 17.07 29.70
CA SER G 98 26.86 18.18 28.97
C SER G 98 27.14 18.01 27.49
N VAL G 99 26.47 18.84 26.68
CA VAL G 99 26.78 18.98 25.26
C VAL G 99 26.88 20.46 24.97
N GLU G 100 27.94 20.89 24.30
CA GLU G 100 28.03 22.28 23.95
C GLU G 100 28.08 22.55 22.46
N GLN G 101 28.18 21.53 21.62
CA GLN G 101 28.17 21.78 20.19
C GLN G 101 27.63 20.56 19.47
N VAL G 102 26.80 20.80 18.48
CA VAL G 102 26.29 19.77 17.59
C VAL G 102 26.51 20.27 16.17
N SER G 103 26.90 19.37 15.28
CA SER G 103 27.06 19.73 13.89
C SER G 103 26.57 18.57 13.03
N ILE G 104 25.98 18.91 11.90
CA ILE G 104 25.57 17.93 10.91
C ILE G 104 26.55 18.02 9.76
N ALA G 105 27.13 16.89 9.41
CA ALA G 105 28.00 16.83 8.25
C ALA G 105 27.17 16.64 7.00
N LYS G 106 27.54 17.36 5.97
CA LYS G 106 27.00 17.14 4.64
C LYS G 106 27.39 15.72 4.21
N PRO G 107 26.47 14.96 3.61
CA PRO G 107 26.65 13.50 3.54
C PRO G 107 27.78 13.05 2.64
N MET G 108 28.48 12.01 3.09
CA MET G 108 29.63 11.44 2.42
C MET G 108 29.50 9.92 2.47
N SER G 109 30.36 9.23 1.73
CA SER G 109 30.37 7.78 1.77
C SER G 109 31.74 7.28 2.17
N ASN G 110 31.79 6.03 2.59
CA ASN G 110 32.85 5.51 3.44
C ASN G 110 33.64 4.42 2.69
N ASP G 111 34.61 3.83 3.39
CA ASP G 111 35.41 2.72 2.89
C ASP G 111 34.84 1.40 3.40
N VAL G 117 38.74 5.97 0.48
CA VAL G 117 38.53 7.40 0.22
C VAL G 117 37.12 7.77 0.72
N GLU G 118 36.89 9.05 0.98
CA GLU G 118 35.56 9.57 1.28
C GLU G 118 35.03 10.24 0.02
N ARG G 119 34.08 9.58 -0.65
CA ARG G 119 33.47 10.17 -1.82
C ARG G 119 32.24 10.96 -1.41
N LYS G 120 31.78 11.77 -2.35
CA LYS G 120 30.68 12.70 -2.15
C LYS G 120 29.41 12.08 -2.70
N VAL G 121 28.43 11.85 -1.84
CA VAL G 121 27.22 11.13 -2.22
C VAL G 121 26.14 12.13 -2.62
N TYR G 122 25.40 11.80 -3.68
CA TYR G 122 24.31 12.59 -4.23
C TYR G 122 23.00 11.83 -4.06
N PRO G 123 21.86 12.51 -3.97
CA PRO G 123 20.60 11.81 -3.67
C PRO G 123 20.08 10.96 -4.80
N SER G 124 20.64 11.09 -6.00
CA SER G 124 20.31 10.18 -7.08
C SER G 124 20.80 8.78 -6.77
N GLU G 125 21.94 8.68 -6.09
CA GLU G 125 22.46 7.38 -5.67
C GLU G 125 21.59 6.77 -4.58
N SER G 126 21.00 7.60 -3.73
CA SER G 126 20.23 7.07 -2.62
C SER G 126 18.85 6.58 -3.04
N ARG G 127 18.33 7.06 -4.17
CA ARG G 127 17.09 6.50 -4.69
C ARG G 127 17.35 5.17 -5.39
N GLN G 128 18.49 5.06 -6.09
CA GLN G 128 18.88 3.83 -6.75
C GLN G 128 19.11 2.72 -5.73
N ARG G 129 19.93 3.00 -4.72
CA ARG G 129 20.32 2.05 -3.68
C ARG G 129 19.15 1.64 -2.79
N LEU G 130 18.06 2.41 -2.80
CA LEU G 130 16.94 2.32 -1.85
C LEU G 130 17.42 2.48 -0.42
N THR G 131 18.33 3.42 -0.21
CA THR G 131 18.83 3.74 1.10
C THR G 131 18.37 5.15 1.47
N SER G 132 18.78 5.59 2.65
CA SER G 132 18.39 6.87 3.19
C SER G 132 19.49 7.89 2.96
N TYR G 133 19.12 9.07 2.49
CA TYR G 133 20.10 10.11 2.21
C TYR G 133 20.44 10.76 3.54
N ARG G 134 21.55 10.32 4.13
CA ARG G 134 21.87 10.62 5.51
C ARG G 134 23.17 11.38 5.61
N GLY G 135 23.14 12.55 6.20
CA GLY G 135 24.34 13.18 6.68
C GLY G 135 24.69 12.64 8.04
N LYS G 136 25.92 12.87 8.46
CA LYS G 136 26.41 12.29 9.70
C LYS G 136 26.27 13.28 10.84
N LEU G 137 25.70 12.82 11.96
CA LEU G 137 25.48 13.68 13.11
C LEU G 137 26.67 13.60 14.06
N LEU G 138 27.23 14.76 14.38
CA LEU G 138 28.33 14.87 15.32
C LEU G 138 27.86 15.65 16.53
N LEU G 139 28.51 15.41 17.66
CA LEU G 139 28.00 15.91 18.93
C LEU G 139 29.16 15.87 19.91
N LYS G 140 29.62 17.02 20.40
CA LYS G 140 30.74 16.96 21.32
C LYS G 140 30.28 17.18 22.75
N LEU G 141 30.80 16.36 23.65
CA LEU G 141 30.39 16.33 25.04
C LEU G 141 31.28 17.20 25.90
N LYS G 142 30.83 17.41 27.13
CA LYS G 142 31.62 18.04 28.19
C LYS G 142 31.52 17.10 29.37
N TRP G 143 32.56 16.31 29.63
CA TRP G 143 32.63 15.45 30.80
C TRP G 143 33.36 16.23 31.87
N SER G 144 32.64 17.07 32.60
CA SER G 144 33.27 17.80 33.68
C SER G 144 33.12 17.04 34.97
N VAL G 145 34.20 17.01 35.75
CA VAL G 145 34.20 16.38 37.06
C VAL G 145 34.65 17.42 38.08
N ASN G 146 33.93 17.48 39.20
CA ASN G 146 34.17 18.41 40.31
C ASN G 146 34.13 19.87 39.84
N ASN G 147 33.09 20.18 39.07
CA ASN G 147 32.70 21.53 38.68
C ASN G 147 33.79 22.21 37.85
N GLY G 148 34.50 21.45 37.04
CA GLY G 148 35.47 22.01 36.14
C GLY G 148 36.89 22.02 36.64
N GLU G 149 37.27 21.09 37.52
CA GLU G 149 38.69 20.94 37.77
C GLU G 149 39.35 20.12 36.67
N GLU G 150 38.56 19.34 35.95
CA GLU G 150 39.06 18.43 34.91
C GLU G 150 37.94 18.23 33.91
N ASN G 151 38.14 18.73 32.70
CA ASN G 151 37.14 18.64 31.64
C ASN G 151 37.65 17.74 30.54
N LEU G 152 36.77 16.87 30.03
CA LEU G 152 37.05 15.93 28.93
C LEU G 152 36.18 16.33 27.73
N PHE G 153 36.74 16.61 26.57
CA PHE G 153 35.95 16.96 25.37
C PHE G 153 36.13 15.84 24.35
N GLU G 154 35.02 15.24 23.94
CA GLU G 154 34.99 14.15 22.97
C GLU G 154 33.92 14.37 21.93
N VAL G 155 34.33 14.64 20.69
CA VAL G 155 33.37 14.66 19.59
C VAL G 155 32.95 13.23 19.30
N ARG G 156 31.66 12.97 19.39
CA ARG G 156 31.19 11.60 19.35
C ARG G 156 30.20 11.42 18.22
N ASP G 157 30.46 10.43 17.37
CA ASP G 157 29.59 10.13 16.25
C ASP G 157 28.26 9.59 16.75
N CYS G 158 27.16 10.16 16.27
CA CYS G 158 25.84 9.81 16.76
C CYS G 158 24.93 9.33 15.64
N GLY G 159 25.45 8.49 14.77
CA GLY G 159 24.65 7.96 13.70
C GLY G 159 24.49 8.94 12.56
N GLY G 160 23.73 8.50 11.56
CA GLY G 160 23.43 9.37 10.45
C GLY G 160 22.02 9.90 10.49
N LEU G 161 21.86 11.22 10.55
CA LEU G 161 20.47 11.65 10.46
C LEU G 161 20.14 12.06 9.03
N PRO G 162 18.95 11.73 8.56
CA PRO G 162 18.58 12.08 7.18
C PRO G 162 18.41 13.57 7.01
N VAL G 163 18.67 14.03 5.79
CA VAL G 163 18.82 15.44 5.48
C VAL G 163 17.82 15.81 4.40
N MET G 164 17.15 16.95 4.58
CA MET G 164 16.28 17.52 3.57
C MET G 164 17.05 17.93 2.32
N LEU G 165 16.47 17.68 1.16
CA LEU G 165 17.15 17.96 -0.10
C LEU G 165 17.15 19.44 -0.43
N GLN G 166 18.22 19.87 -1.08
CA GLN G 166 18.52 21.26 -1.43
C GLN G 166 18.49 22.19 -0.22
N SER G 167 18.93 21.68 0.90
CA SER G 167 19.16 22.47 2.09
C SER G 167 20.63 22.86 2.14
N ASN G 168 21.07 23.41 3.29
CA ASN G 168 22.51 23.62 3.50
C ASN G 168 23.27 22.32 3.43
N ARG G 169 22.69 21.26 3.98
CA ARG G 169 23.38 20.02 4.20
C ARG G 169 23.10 19.02 3.10
N CYS G 170 22.66 19.48 1.94
CA CYS G 170 22.58 18.65 0.77
C CYS G 170 23.66 19.09 -0.20
N HIS G 171 24.09 18.18 -1.05
CA HIS G 171 25.11 18.56 -2.02
C HIS G 171 24.55 19.28 -3.23
N LEU G 172 23.24 19.45 -3.30
CA LEU G 172 22.59 20.14 -4.41
C LEU G 172 22.28 21.59 -4.09
N ASN G 173 22.91 22.16 -3.06
CA ASN G 173 22.51 23.44 -2.50
C ASN G 173 22.66 24.61 -3.45
N LYS G 174 23.89 24.97 -3.79
CA LYS G 174 24.14 26.16 -4.58
C LYS G 174 24.45 25.73 -6.01
N MET G 175 23.42 25.31 -6.72
CA MET G 175 23.68 24.48 -7.87
C MET G 175 22.73 24.80 -9.01
N SER G 176 23.31 25.02 -10.18
CA SER G 176 22.64 25.48 -11.37
C SER G 176 21.67 24.43 -11.90
N PRO G 177 20.67 24.82 -12.70
CA PRO G 177 19.89 23.81 -13.42
C PRO G 177 20.69 22.98 -14.37
N TYR G 178 21.78 23.52 -14.93
CA TYR G 178 22.67 22.72 -15.75
C TYR G 178 23.34 21.64 -14.93
N GLU G 179 23.88 22.01 -13.77
CA GLU G 179 24.60 21.05 -12.95
C GLU G 179 23.66 20.06 -12.30
N LEU G 180 22.42 20.44 -12.03
CA LEU G 180 21.43 19.51 -11.49
C LEU G 180 21.07 18.42 -12.49
N VAL G 181 21.09 18.74 -13.78
CA VAL G 181 20.87 17.73 -14.79
C VAL G 181 22.03 16.75 -14.84
N GLN G 182 23.25 17.26 -14.72
CA GLN G 182 24.43 16.42 -14.81
C GLN G 182 24.61 15.53 -13.59
N HIS G 183 23.93 15.82 -12.50
CA HIS G 183 23.94 14.97 -11.32
C HIS G 183 22.64 14.22 -11.17
N LYS G 184 22.01 13.93 -12.30
CA LYS G 184 20.91 12.98 -12.47
C LYS G 184 19.64 13.41 -11.75
N GLU G 185 19.46 14.70 -11.53
CA GLU G 185 18.23 15.25 -10.97
C GLU G 185 17.49 16.01 -12.07
N GLU G 186 16.27 16.44 -11.77
CA GLU G 186 15.58 17.34 -12.68
C GLU G 186 16.25 18.70 -12.68
N SER G 187 16.02 19.46 -13.75
CA SER G 187 16.63 20.77 -13.85
C SER G 187 16.06 21.73 -12.83
N ASP G 188 14.76 21.71 -12.67
CA ASP G 188 14.13 22.41 -11.56
C ASP G 188 13.78 21.43 -10.45
N GLU G 189 14.81 20.83 -9.87
CA GLU G 189 14.62 20.04 -8.68
C GLU G 189 14.22 20.95 -7.54
N ILE G 190 13.23 20.53 -6.79
CA ILE G 190 12.55 21.39 -5.84
C ILE G 190 13.10 21.20 -4.44
N GLY G 191 13.34 19.96 -4.04
CA GLY G 191 13.82 19.70 -2.71
C GLY G 191 12.72 19.78 -1.68
N GLY G 192 13.13 19.93 -0.43
CA GLY G 192 12.17 20.10 0.64
C GLY G 192 11.68 18.83 1.28
N TYR G 193 12.26 17.68 0.96
CA TYR G 193 11.79 16.40 1.47
C TYR G 193 12.98 15.56 1.85
N PHE G 194 12.72 14.43 2.49
CA PHE G 194 13.73 13.52 3.00
C PHE G 194 13.65 12.24 2.20
N ILE G 195 14.80 11.64 1.90
CA ILE G 195 14.83 10.31 1.33
C ILE G 195 15.13 9.33 2.46
N VAL G 196 14.15 8.52 2.81
CA VAL G 196 14.27 7.56 3.91
C VAL G 196 13.91 6.20 3.34
N ASN G 197 14.92 5.31 3.27
CA ASN G 197 14.84 4.02 2.60
C ASN G 197 14.32 4.14 1.18
N GLY G 198 14.78 5.18 0.47
CA GLY G 198 14.38 5.37 -0.90
C GLY G 198 12.99 5.92 -1.11
N ILE G 199 12.19 6.07 -0.06
CA ILE G 199 10.89 6.70 -0.15
C ILE G 199 11.05 8.17 0.22
N GLU G 200 10.51 9.05 -0.61
CA GLU G 200 10.56 10.48 -0.35
C GLU G 200 9.49 10.85 0.67
N LYS G 201 9.91 11.34 1.82
CA LYS G 201 8.94 11.73 2.84
C LYS G 201 9.25 13.13 3.30
N LEU G 202 8.22 13.83 3.78
CA LEU G 202 8.36 15.18 4.26
C LEU G 202 7.58 15.34 5.53
N ILE G 203 7.91 16.39 6.27
CA ILE G 203 7.25 16.67 7.53
C ILE G 203 6.12 17.64 7.26
N ARG G 204 4.91 17.24 7.61
CA ARG G 204 3.71 17.97 7.26
C ARG G 204 3.58 19.20 8.15
N MET G 205 3.27 20.35 7.55
CA MET G 205 3.09 21.56 8.34
C MET G 205 1.77 21.52 9.08
N LEU G 206 1.80 21.93 10.35
CA LEU G 206 0.63 21.96 11.19
C LEU G 206 0.29 23.39 11.60
N ILE G 207 -0.98 23.59 11.92
CA ILE G 207 -1.46 24.82 12.52
C ILE G 207 -1.40 24.69 14.03
N VAL G 208 -0.66 25.58 14.69
CA VAL G 208 -0.64 25.69 16.13
C VAL G 208 -0.96 27.13 16.48
N GLN G 209 -1.11 27.39 17.79
CA GLN G 209 -1.45 28.72 18.28
C GLN G 209 -0.31 29.69 18.03
N ARG G 210 -0.64 30.96 17.81
CA ARG G 210 0.35 32.01 17.73
C ARG G 210 1.15 32.12 19.01
N ARG G 211 2.46 32.21 18.87
CA ARG G 211 3.34 32.32 20.01
C ARG G 211 3.19 33.65 20.72
N ASN G 212 3.46 33.63 22.02
CA ASN G 212 3.72 34.80 22.85
C ASN G 212 2.55 35.77 22.91
N HIS G 213 1.33 35.30 22.71
CA HIS G 213 0.17 36.16 22.82
C HIS G 213 -0.84 35.47 23.70
N PRO G 214 -1.23 36.07 24.83
CA PRO G 214 -2.21 35.43 25.70
C PRO G 214 -3.61 35.53 25.10
N MET G 215 -4.30 34.41 25.05
CA MET G 215 -5.62 34.34 24.44
C MET G 215 -6.68 34.14 25.50
N ALA G 216 -7.59 35.09 25.60
CA ALA G 216 -8.78 34.91 26.42
C ALA G 216 -9.70 33.93 25.74
N ILE G 217 -9.90 32.77 26.35
CA ILE G 217 -10.65 31.69 25.71
C ILE G 217 -11.63 31.10 26.70
N ILE G 218 -12.83 30.79 26.23
CA ILE G 218 -13.77 29.98 26.99
C ILE G 218 -13.71 28.55 26.47
N ARG G 219 -13.60 27.61 27.37
CA ARG G 219 -13.68 26.20 27.03
C ARG G 219 -14.54 25.50 28.06
N PRO G 220 -15.60 24.80 27.65
CA PRO G 220 -16.37 23.99 28.62
C PRO G 220 -15.57 22.87 29.24
N SER G 221 -14.50 22.42 28.60
CA SER G 221 -13.61 21.43 29.18
C SER G 221 -12.84 21.94 30.38
N PHE G 222 -12.73 23.26 30.56
CA PHE G 222 -12.10 23.78 31.78
C PHE G 222 -12.93 23.47 33.01
N ALA G 223 -14.26 23.49 32.87
CA ALA G 223 -15.12 23.10 33.98
C ALA G 223 -15.05 21.63 34.27
N ASN G 224 -14.62 20.83 33.30
CA ASN G 224 -14.49 19.39 33.44
C ASN G 224 -13.24 19.00 34.23
N ARG G 225 -12.33 19.94 34.46
CA ARG G 225 -11.13 19.69 35.23
C ARG G 225 -11.37 19.70 36.73
N GLY G 226 -12.60 19.89 37.17
CA GLY G 226 -12.92 19.84 38.58
C GLY G 226 -14.10 20.73 38.88
N ALA G 227 -14.65 20.53 40.08
CA ALA G 227 -15.67 21.43 40.57
C ALA G 227 -15.03 22.78 40.89
N SER G 228 -15.87 23.82 40.86
CA SER G 228 -15.49 25.22 41.09
C SER G 228 -14.44 25.71 40.09
N TYR G 229 -14.45 25.15 38.89
CA TYR G 229 -13.70 25.71 37.77
C TYR G 229 -14.68 26.37 36.82
N SER G 230 -14.50 27.67 36.62
CA SER G 230 -15.23 28.33 35.56
C SER G 230 -14.71 27.88 34.21
N HIS G 231 -15.50 28.12 33.18
CA HIS G 231 -15.05 27.77 31.84
C HIS G 231 -14.21 28.86 31.19
N TYR G 232 -13.73 29.83 31.97
CA TYR G 232 -12.88 30.91 31.50
C TYR G 232 -11.41 30.60 31.77
N GLY G 233 -10.53 31.10 30.91
CA GLY G 233 -9.12 30.99 31.15
C GLY G 233 -8.29 31.78 30.17
N ILE G 234 -7.10 32.19 30.57
CA ILE G 234 -6.12 32.79 29.67
C ILE G 234 -5.10 31.72 29.32
N GLN G 235 -4.71 31.65 28.05
CA GLN G 235 -3.78 30.66 27.58
C GLN G 235 -2.68 31.34 26.77
N ILE G 236 -1.44 31.06 27.10
CA ILE G 236 -0.31 31.60 26.37
C ILE G 236 0.54 30.42 25.91
N ARG G 237 1.08 30.53 24.72
CA ARG G 237 1.99 29.53 24.17
C ARG G 237 3.34 30.20 24.00
N SER G 238 4.23 29.96 24.95
CA SER G 238 5.52 30.63 25.01
C SER G 238 6.55 29.74 24.36
N VAL G 239 7.30 30.27 23.40
CA VAL G 239 8.34 29.50 22.76
C VAL G 239 9.70 30.04 23.19
N ARG G 240 10.64 29.15 23.38
CA ARG G 240 12.00 29.51 23.69
C ARG G 240 12.72 29.84 22.38
N PRO G 241 13.84 30.57 22.42
CA PRO G 241 14.55 30.86 21.17
C PRO G 241 15.18 29.67 20.47
N ASP G 242 15.08 28.45 20.99
CA ASP G 242 15.35 27.25 20.22
C ASP G 242 14.06 26.56 19.79
N GLN G 243 12.98 27.31 19.66
CA GLN G 243 11.66 26.90 19.15
C GLN G 243 10.96 25.85 19.98
N THR G 244 11.42 25.58 21.19
CA THR G 244 10.72 24.66 22.06
C THR G 244 9.60 25.42 22.74
N SER G 245 8.42 24.81 22.80
CA SER G 245 7.24 25.53 23.21
C SER G 245 6.78 25.13 24.60
N GLN G 246 6.01 26.01 25.22
CA GLN G 246 5.54 25.82 26.58
C GLN G 246 4.20 26.53 26.74
N THR G 247 3.14 25.79 27.02
CA THR G 247 1.81 26.36 27.19
C THR G 247 1.50 26.53 28.66
N ASN G 248 1.17 27.75 29.08
CA ASN G 248 0.71 28.02 30.43
C ASN G 248 -0.72 28.53 30.38
N VAL G 249 -1.59 27.89 31.14
CA VAL G 249 -3.02 28.20 31.19
C VAL G 249 -3.33 28.76 32.57
N LEU G 250 -4.22 29.74 32.61
CA LEU G 250 -4.51 30.50 33.82
C LEU G 250 -6.00 30.37 34.12
N HIS G 251 -6.38 29.43 34.99
CA HIS G 251 -7.79 29.13 35.23
C HIS G 251 -8.41 30.09 36.21
N TYR G 252 -9.68 30.40 35.98
CA TYR G 252 -10.46 31.18 36.92
C TYR G 252 -11.42 30.25 37.64
N LEU G 253 -11.44 30.35 38.96
CA LEU G 253 -12.27 29.52 39.79
C LEU G 253 -13.48 30.31 40.25
N ASN G 254 -14.54 29.60 40.58
CA ASN G 254 -15.75 30.23 41.08
C ASN G 254 -15.66 30.69 42.52
N ASP G 255 -14.46 30.72 43.11
CA ASP G 255 -14.22 31.28 44.42
C ASP G 255 -13.50 32.62 44.34
N GLY G 256 -13.16 33.08 43.15
CA GLY G 256 -12.24 34.17 43.03
C GLY G 256 -10.79 33.76 43.02
N GLN G 257 -10.51 32.47 43.08
CA GLN G 257 -9.15 31.96 43.02
C GLN G 257 -8.69 31.82 41.59
N VAL G 258 -7.41 32.02 41.36
CA VAL G 258 -6.81 31.88 40.03
C VAL G 258 -5.68 30.86 40.18
N THR G 259 -5.67 29.85 39.31
CA THR G 259 -4.62 28.84 39.33
C THR G 259 -3.84 28.84 38.03
N PHE G 260 -2.59 28.44 38.13
CA PHE G 260 -1.61 28.51 37.06
C PHE G 260 -1.30 27.10 36.65
N ARG G 261 -1.78 26.67 35.50
CA ARG G 261 -1.60 25.31 35.06
C ARG G 261 -0.36 25.23 34.17
N PHE G 262 0.38 24.14 34.31
CA PHE G 262 1.42 23.82 33.34
C PHE G 262 1.52 22.31 33.20
N SER G 263 2.30 21.88 32.21
CA SER G 263 2.44 20.48 31.90
C SER G 263 3.93 20.17 31.80
N TRP G 264 4.38 19.15 32.52
CA TRP G 264 5.79 18.83 32.57
C TRP G 264 5.97 17.32 32.59
N ARG G 265 6.56 16.79 31.53
CA ARG G 265 6.75 15.35 31.30
C ARG G 265 5.42 14.62 31.40
N LYS G 266 4.43 15.12 30.65
CA LYS G 266 3.11 14.52 30.48
C LYS G 266 2.33 14.44 31.78
N ASN G 267 2.50 15.43 32.65
CA ASN G 267 1.80 15.50 33.92
C ASN G 267 1.39 16.95 34.16
N GLU G 268 0.10 17.19 34.33
CA GLU G 268 -0.36 18.54 34.62
C GLU G 268 -0.05 18.88 36.05
N TYR G 269 0.27 20.15 36.30
CA TYR G 269 0.47 20.63 37.65
C TYR G 269 -0.26 21.95 37.81
N LEU G 270 -0.71 22.22 39.03
CA LEU G 270 -1.50 23.40 39.34
C LEU G 270 -0.83 24.13 40.49
N VAL G 271 -0.70 25.44 40.36
CA VAL G 271 -0.17 26.27 41.44
C VAL G 271 -0.97 27.55 41.53
N PRO G 272 -1.12 28.08 42.74
CA PRO G 272 -1.73 29.40 42.91
C PRO G 272 -0.86 30.48 42.30
N VAL G 273 -1.50 31.45 41.66
CA VAL G 273 -0.78 32.38 40.83
C VAL G 273 -0.05 33.41 41.67
N VAL G 274 -0.59 33.77 42.82
CA VAL G 274 0.15 34.63 43.74
C VAL G 274 1.37 33.99 44.34
N MET G 275 1.54 32.68 44.20
CA MET G 275 2.82 32.09 44.53
C MET G 275 3.86 32.37 43.46
N ILE G 276 3.48 32.32 42.19
CA ILE G 276 4.42 32.65 41.12
C ILE G 276 4.74 34.13 41.15
N LEU G 277 3.73 34.98 41.34
CA LEU G 277 3.92 36.41 41.40
C LEU G 277 4.80 36.82 42.57
N LYS G 278 4.75 36.08 43.67
CA LYS G 278 5.61 36.38 44.80
C LYS G 278 6.97 35.71 44.67
N ALA G 279 7.12 34.77 43.73
CA ALA G 279 8.40 34.13 43.49
C ALA G 279 9.18 34.71 42.32
N LEU G 280 8.55 35.46 41.42
CA LEU G 280 9.26 35.97 40.25
C LEU G 280 10.16 37.12 40.60
N CYS G 281 9.64 38.13 41.28
CA CYS G 281 10.47 39.23 41.74
C CYS G 281 9.99 39.61 43.13
N HIS G 282 10.74 40.50 43.78
CA HIS G 282 10.34 40.91 45.10
C HIS G 282 9.19 41.90 45.02
N THR G 283 8.09 41.56 45.67
CA THR G 283 6.85 42.31 45.58
C THR G 283 6.39 42.72 46.96
N SER G 284 5.59 43.76 46.99
CA SER G 284 4.64 44.01 48.06
C SER G 284 3.26 43.50 47.62
N ASP G 285 2.26 43.70 48.47
CA ASP G 285 0.92 43.37 48.04
C ASP G 285 0.23 44.53 47.33
N ARG G 286 0.77 45.74 47.44
CA ARG G 286 0.28 46.80 46.58
C ARG G 286 0.69 46.60 45.14
N GLU G 287 1.88 46.05 44.92
CA GLU G 287 2.40 45.97 43.56
C GLU G 287 1.64 44.95 42.73
N ILE G 288 1.19 43.87 43.36
CA ILE G 288 0.26 42.96 42.69
C ILE G 288 -1.09 43.63 42.50
N PHE G 289 -1.59 44.30 43.55
CA PHE G 289 -2.90 44.99 43.55
C PHE G 289 -2.87 46.16 42.57
N ASP G 290 -1.77 46.92 42.56
CA ASP G 290 -1.58 48.12 41.69
C ASP G 290 -1.55 47.70 40.22
N GLY G 291 -0.88 46.60 39.90
CA GLY G 291 -0.76 46.10 38.51
C GLY G 291 -2.10 45.65 37.95
N ILE G 292 -2.88 44.91 38.73
CA ILE G 292 -4.23 44.41 38.34
C ILE G 292 -5.20 45.60 38.27
N ILE G 293 -5.10 46.51 39.24
CA ILE G 293 -5.92 47.72 39.33
C ILE G 293 -4.99 48.91 39.14
N GLY G 294 -4.82 49.37 37.91
CA GLY G 294 -3.90 50.47 37.70
C GLY G 294 -4.53 51.76 38.20
N ASN G 295 -5.56 52.15 37.50
CA ASN G 295 -6.59 53.04 37.98
C ASN G 295 -7.80 52.14 37.93
N ASP G 296 -9.02 52.69 37.96
CA ASP G 296 -10.27 51.93 38.05
C ASP G 296 -10.32 51.22 39.40
N VAL G 297 -9.89 51.96 40.42
CA VAL G 297 -10.04 51.59 41.82
C VAL G 297 -11.50 51.40 42.16
N LYS G 298 -12.37 52.22 41.60
CA LYS G 298 -13.77 52.26 41.93
C LYS G 298 -14.60 51.24 41.16
N ASP G 299 -13.98 50.19 40.62
CA ASP G 299 -14.72 49.07 40.05
C ASP G 299 -14.87 48.00 41.11
N SER G 300 -16.08 47.84 41.64
CA SER G 300 -16.31 46.94 42.75
C SER G 300 -16.19 45.47 42.36
N PHE G 301 -16.35 45.16 41.09
CA PHE G 301 -16.17 43.79 40.61
C PHE G 301 -14.74 43.34 40.79
N LEU G 302 -13.81 44.16 40.30
CA LEU G 302 -12.47 43.68 40.06
C LEU G 302 -11.66 43.75 41.34
N THR G 303 -12.06 44.65 42.25
CA THR G 303 -11.33 44.88 43.48
C THR G 303 -11.77 43.94 44.60
N ASP G 304 -12.85 43.19 44.42
CA ASP G 304 -13.29 42.20 45.40
C ASP G 304 -12.87 40.80 45.05
N ARG G 305 -12.71 40.52 43.75
CA ARG G 305 -12.01 39.32 43.32
C ARG G 305 -10.58 39.29 43.83
N LEU G 306 -9.98 40.46 43.99
CA LEU G 306 -8.55 40.55 44.16
C LEU G 306 -8.11 40.37 45.59
N GLU G 307 -8.98 40.66 46.56
CA GLU G 307 -8.65 40.30 47.93
C GLU G 307 -8.98 38.86 48.26
N LEU G 308 -9.85 38.21 47.48
CA LEU G 308 -10.00 36.78 47.63
C LEU G 308 -8.75 36.05 47.20
N LEU G 309 -8.01 36.65 46.27
CA LEU G 309 -6.77 36.08 45.78
C LEU G 309 -5.59 36.42 46.67
N LEU G 310 -5.58 37.60 47.27
CA LEU G 310 -4.52 37.95 48.22
C LEU G 310 -4.70 37.25 49.55
N ARG G 311 -5.88 37.39 50.16
CA ARG G 311 -6.14 36.73 51.43
C ARG G 311 -6.37 35.24 51.28
N GLY G 312 -6.53 34.73 50.07
CA GLY G 312 -6.47 33.30 49.89
C GLY G 312 -5.07 32.77 50.07
N PHE G 313 -4.08 33.55 49.65
CA PHE G 313 -2.69 33.14 49.79
C PHE G 313 -2.20 33.32 51.21
N LYS G 314 -2.56 34.43 51.85
CA LYS G 314 -2.04 34.73 53.18
C LYS G 314 -2.64 33.82 54.23
N LYS G 315 -3.81 33.26 53.97
CA LYS G 315 -4.45 32.28 54.84
C LYS G 315 -3.94 30.87 54.61
N ARG G 316 -3.87 30.45 53.34
CA ARG G 316 -3.42 29.10 53.02
C ARG G 316 -1.92 28.95 53.19
N TYR G 317 -1.15 30.01 52.93
CA TYR G 317 0.30 29.97 53.03
C TYR G 317 0.78 31.14 53.89
N PRO G 318 0.78 30.99 55.21
CA PRO G 318 1.05 32.13 56.08
C PRO G 318 2.52 32.41 56.37
N HIS G 319 3.43 31.51 56.03
CA HIS G 319 4.83 31.63 56.40
C HIS G 319 5.73 31.82 55.20
N LEU G 320 5.27 32.61 54.23
CA LEU G 320 5.99 32.88 52.99
C LEU G 320 6.01 34.38 52.81
N GLN G 321 7.00 35.04 53.41
CA GLN G 321 7.00 36.49 53.51
C GLN G 321 7.99 37.17 52.59
N ASN G 322 8.91 36.45 51.97
CA ASN G 322 9.87 37.07 51.06
C ASN G 322 10.23 36.08 49.97
N ARG G 323 10.96 36.59 48.97
CA ARG G 323 11.15 35.88 47.71
C ARG G 323 11.96 34.61 47.89
N THR G 324 12.91 34.60 48.81
CA THR G 324 13.74 33.43 49.04
C THR G 324 13.16 32.52 50.10
N GLN G 325 11.85 32.48 50.23
CA GLN G 325 11.19 31.57 51.15
C GLN G 325 10.03 30.91 50.42
N VAL G 326 9.48 31.62 49.43
CA VAL G 326 8.52 31.02 48.52
C VAL G 326 9.25 30.17 47.47
N LEU G 327 10.45 30.56 47.06
CA LEU G 327 11.25 29.70 46.19
C LEU G 327 11.77 28.48 46.91
N GLN G 328 12.02 28.58 48.22
CA GLN G 328 12.35 27.41 49.02
C GLN G 328 11.21 26.40 49.01
N TYR G 329 9.99 26.90 49.18
CA TYR G 329 8.82 26.03 49.23
C TYR G 329 8.55 25.39 47.89
N LEU G 330 8.69 26.16 46.83
CA LEU G 330 8.31 25.68 45.51
C LEU G 330 9.34 24.70 44.97
N GLY G 331 10.58 24.79 45.44
CA GLY G 331 11.56 23.77 45.11
C GLY G 331 11.46 22.53 45.96
N ASP G 332 10.83 22.62 47.12
CA ASP G 332 10.58 21.43 47.93
C ASP G 332 9.59 20.51 47.23
N LYS G 333 8.48 21.08 46.79
CA LYS G 333 7.41 20.25 46.23
C LYS G 333 7.74 19.76 44.84
N PHE G 334 8.51 20.53 44.08
CA PHE G 334 8.88 20.19 42.71
C PHE G 334 10.31 19.70 42.59
N ARG G 335 10.77 18.90 43.55
CA ARG G 335 12.15 18.45 43.48
C ARG G 335 12.28 17.15 42.70
N VAL G 336 11.37 16.21 42.94
CA VAL G 336 11.46 14.90 42.32
C VAL G 336 11.05 14.96 40.86
N VAL G 337 10.03 15.76 40.55
CA VAL G 337 9.49 15.81 39.20
C VAL G 337 10.45 16.52 38.24
N PHE G 338 11.12 17.56 38.70
CA PHE G 338 12.13 18.19 37.86
C PHE G 338 13.45 17.43 37.83
N GLN G 339 13.55 16.33 38.59
CA GLN G 339 14.71 15.45 38.64
C GLN G 339 15.97 16.24 39.00
N ALA G 340 15.90 16.93 40.13
CA ALA G 340 17.00 17.75 40.56
C ALA G 340 18.00 16.90 41.34
N SER G 341 19.26 17.32 41.29
CA SER G 341 20.33 16.63 41.98
C SER G 341 20.47 17.18 43.38
N PRO G 342 21.04 16.39 44.31
CA PRO G 342 21.09 16.82 45.71
C PRO G 342 22.04 17.97 46.00
N ASP G 343 22.91 18.36 45.07
CA ASP G 343 23.69 19.55 45.32
C ASP G 343 22.92 20.84 45.05
N GLN G 344 21.73 20.74 44.46
CA GLN G 344 20.92 21.90 44.17
C GLN G 344 20.09 22.26 45.39
N SER G 345 20.30 23.46 45.92
CA SER G 345 19.52 23.95 47.05
C SER G 345 18.13 24.33 46.59
N ASP G 346 17.27 24.66 47.55
CA ASP G 346 15.88 24.90 47.21
C ASP G 346 15.65 26.27 46.60
N LEU G 347 16.50 27.25 46.87
CA LEU G 347 16.41 28.49 46.12
C LEU G 347 17.14 28.41 44.78
N GLU G 348 17.57 27.23 44.39
CA GLU G 348 18.07 26.90 43.06
C GLU G 348 17.15 25.97 42.33
N VAL G 349 16.50 25.04 43.03
CA VAL G 349 15.54 24.15 42.38
C VAL G 349 14.29 24.92 41.99
N GLY G 350 13.77 25.73 42.90
CA GLY G 350 12.63 26.57 42.61
C GLY G 350 12.92 27.66 41.59
N GLN G 351 14.18 28.02 41.42
CA GLN G 351 14.55 28.94 40.36
C GLN G 351 14.63 28.23 39.01
N GLU G 352 14.96 26.94 39.01
CA GLU G 352 14.88 26.17 37.77
C GLU G 352 13.43 25.98 37.34
N VAL G 353 12.49 25.91 38.28
CA VAL G 353 11.08 25.85 37.91
C VAL G 353 10.66 27.13 37.23
N LEU G 354 11.14 28.26 37.72
CA LEU G 354 10.78 29.56 37.17
C LEU G 354 11.64 29.98 35.99
N ASP G 355 12.57 29.15 35.56
CA ASP G 355 13.25 29.38 34.30
C ASP G 355 12.84 28.42 33.21
N ARG G 356 12.23 27.31 33.56
CA ARG G 356 11.96 26.27 32.61
C ARG G 356 10.49 26.21 32.23
N ILE G 357 9.61 26.84 33.01
CA ILE G 357 8.17 26.71 32.76
C ILE G 357 7.41 28.02 32.64
N VAL G 358 7.55 28.95 33.59
CA VAL G 358 6.67 30.12 33.55
C VAL G 358 7.24 31.15 32.57
N LEU G 359 6.52 31.37 31.46
CA LEU G 359 6.75 32.44 30.49
C LEU G 359 8.15 32.41 29.91
N VAL G 360 8.45 31.30 29.24
CA VAL G 360 9.81 31.00 28.81
C VAL G 360 10.27 31.87 27.65
N HIS G 361 9.36 32.59 26.98
CA HIS G 361 9.81 33.46 25.92
C HIS G 361 10.50 34.70 26.43
N LEU G 362 10.18 35.14 27.63
CA LEU G 362 10.86 36.28 28.19
C LEU G 362 12.25 35.93 28.69
N GLY G 363 12.52 34.64 28.85
CA GLY G 363 13.87 34.16 29.04
C GLY G 363 14.34 34.27 30.47
N LYS G 364 15.45 33.59 30.74
CA LYS G 364 16.11 33.63 32.03
C LYS G 364 16.71 35.00 32.24
N ASP G 365 16.80 35.42 33.50
CA ASP G 365 17.22 36.77 33.90
C ASP G 365 16.34 37.84 33.26
N GLY G 366 15.04 37.58 33.25
CA GLY G 366 14.07 38.52 32.75
C GLY G 366 12.82 38.50 33.60
N SER G 367 12.97 38.21 34.88
CA SER G 367 11.83 37.94 35.74
C SER G 367 10.99 39.17 36.04
N GLN G 368 11.55 40.37 35.87
CA GLN G 368 10.72 41.57 35.97
C GLN G 368 9.68 41.60 34.86
N ASP G 369 10.04 41.09 33.69
CA ASP G 369 9.13 41.07 32.55
C ASP G 369 8.13 39.95 32.65
N LYS G 370 8.50 38.83 33.27
CA LYS G 370 7.55 37.76 33.51
C LYS G 370 6.55 38.15 34.58
N PHE G 371 6.92 39.10 35.42
CA PHE G 371 6.00 39.63 36.41
C PHE G 371 4.93 40.49 35.78
N ARG G 372 5.32 41.39 34.88
CA ARG G 372 4.37 42.32 34.29
C ARG G 372 3.39 41.63 33.37
N MET G 373 3.84 40.58 32.68
CA MET G 373 2.95 39.87 31.78
C MET G 373 1.92 39.06 32.55
N LEU G 374 2.28 38.49 33.71
CA LEU G 374 1.27 37.82 34.53
C LEU G 374 0.24 38.80 35.08
N LEU G 375 0.67 39.99 35.46
CA LEU G 375 -0.30 40.99 35.88
C LEU G 375 -1.17 41.45 34.72
N PHE G 376 -0.67 41.34 33.49
CA PHE G 376 -1.49 41.58 32.32
C PHE G 376 -2.46 40.44 32.09
N MET G 377 -2.01 39.22 32.30
CA MET G 377 -2.84 38.06 32.04
C MET G 377 -3.91 37.85 33.08
N ILE G 378 -3.73 38.39 34.28
CA ILE G 378 -4.76 38.25 35.31
C ILE G 378 -5.87 39.26 35.10
N ARG G 379 -5.53 40.50 34.74
CA ARG G 379 -6.60 41.47 34.49
C ARG G 379 -7.35 41.15 33.21
N LYS G 380 -6.67 40.61 32.21
CA LYS G 380 -7.36 40.12 31.02
C LYS G 380 -8.23 38.91 31.34
N LEU G 381 -7.89 38.15 32.39
CA LEU G 381 -8.79 37.12 32.86
C LEU G 381 -10.00 37.73 33.55
N TYR G 382 -9.76 38.73 34.39
CA TYR G 382 -10.87 39.42 35.06
C TYR G 382 -11.69 40.24 34.08
N SER G 383 -11.07 40.74 33.02
CA SER G 383 -11.85 41.45 32.01
C SER G 383 -12.64 40.50 31.12
N LEU G 384 -12.31 39.21 31.12
CA LEU G 384 -13.10 38.22 30.41
C LEU G 384 -14.28 37.76 31.23
N VAL G 385 -14.10 37.56 32.53
CA VAL G 385 -15.20 37.11 33.37
C VAL G 385 -16.18 38.22 33.68
N ALA G 386 -15.81 39.48 33.42
CA ALA G 386 -16.72 40.59 33.58
C ALA G 386 -17.55 40.85 32.34
N GLY G 387 -17.20 40.23 31.22
CA GLY G 387 -17.88 40.48 29.99
C GLY G 387 -17.34 41.64 29.19
N GLU G 388 -16.30 42.32 29.66
CA GLU G 388 -15.78 43.48 28.96
C GLU G 388 -15.03 43.11 27.69
N CYS G 389 -14.61 41.87 27.57
CA CYS G 389 -13.76 41.41 26.49
C CYS G 389 -14.39 40.17 25.89
N SER G 390 -14.42 40.10 24.57
CA SER G 390 -14.90 38.89 23.93
C SER G 390 -13.82 37.84 23.96
N PRO G 391 -14.18 36.56 24.04
CA PRO G 391 -13.16 35.52 24.02
C PRO G 391 -12.51 35.41 22.65
N ASP G 392 -11.20 35.22 22.65
CA ASP G 392 -10.47 35.02 21.41
C ASP G 392 -10.76 33.65 20.85
N ASN G 393 -10.89 33.56 19.55
CA ASN G 393 -11.22 32.30 18.91
C ASN G 393 -9.94 31.61 18.50
N PRO G 394 -9.65 30.41 19.01
CA PRO G 394 -8.44 29.71 18.58
C PRO G 394 -8.57 28.99 17.25
N ASP G 395 -9.63 29.24 16.49
CA ASP G 395 -9.78 28.67 15.17
C ASP G 395 -9.82 29.74 14.09
N ALA G 396 -9.50 30.98 14.42
CA ALA G 396 -9.89 32.11 13.61
C ALA G 396 -8.77 32.68 12.77
N THR G 397 -7.64 31.98 12.66
CA THR G 397 -6.56 32.21 11.71
C THR G 397 -5.78 33.51 11.99
N GLN G 398 -6.28 34.37 12.85
CA GLN G 398 -5.47 35.43 13.39
C GLN G 398 -4.77 35.01 14.66
N HIS G 399 -5.29 34.01 15.35
CA HIS G 399 -4.70 33.54 16.58
C HIS G 399 -3.93 32.25 16.38
N GLN G 400 -3.37 32.04 15.21
CA GLN G 400 -2.65 30.80 14.97
C GLN G 400 -1.55 31.02 13.95
N GLU G 401 -0.62 30.08 13.93
CA GLU G 401 0.56 30.15 13.08
C GLU G 401 0.90 28.75 12.63
N VAL G 402 2.04 28.61 11.96
CA VAL G 402 2.40 27.39 11.26
C VAL G 402 3.62 26.80 11.92
N LEU G 403 3.52 25.58 12.41
CA LEU G 403 4.70 24.89 12.89
C LEU G 403 5.40 24.24 11.70
N LEU G 404 6.55 24.78 11.32
CA LEU G 404 7.24 24.36 10.11
C LEU G 404 7.92 23.02 10.32
N GLY G 405 8.14 22.32 9.21
CA GLY G 405 8.65 20.97 9.28
C GLY G 405 10.07 20.86 9.80
N GLY G 406 10.95 21.79 9.40
CA GLY G 406 12.30 21.76 9.90
C GLY G 406 12.42 22.21 11.35
N PHE G 407 11.54 23.11 11.78
CA PHE G 407 11.53 23.53 13.18
C PHE G 407 11.08 22.40 14.09
N LEU G 408 10.10 21.61 13.66
CA LEU G 408 9.71 20.43 14.41
C LEU G 408 10.83 19.41 14.43
N TYR G 409 11.62 19.34 13.36
CA TYR G 409 12.71 18.38 13.26
C TYR G 409 13.83 18.69 14.24
N GLY G 410 13.95 19.93 14.67
CA GLY G 410 14.94 20.28 15.67
C GLY G 410 14.39 20.26 17.06
N MET G 411 13.07 20.37 17.20
CA MET G 411 12.45 20.16 18.50
C MET G 411 12.59 18.72 18.95
N ILE G 412 12.30 17.79 18.03
CA ILE G 412 12.38 16.31 18.27
C ILE G 412 13.85 15.91 18.49
N LEU G 413 14.78 16.49 17.74
CA LEU G 413 16.23 16.18 17.82
C LEU G 413 16.77 16.61 19.18
N LYS G 414 16.35 17.76 19.70
CA LYS G 414 16.82 18.30 21.01
C LYS G 414 16.43 17.31 22.11
N GLU G 415 15.23 16.73 22.02
CA GLU G 415 14.71 15.74 22.99
C GLU G 415 15.58 14.47 22.94
N LYS G 416 15.96 14.04 21.74
CA LYS G 416 16.78 12.81 21.51
C LYS G 416 18.17 12.98 22.13
N ILE G 417 18.82 14.14 21.92
CA ILE G 417 20.18 14.44 22.48
C ILE G 417 20.05 14.63 23.99
N ASP G 418 18.91 15.13 24.47
CA ASP G 418 18.61 15.32 25.91
C ASP G 418 18.55 13.93 26.57
N GLU G 419 17.94 12.97 25.90
CA GLU G 419 17.79 11.56 26.36
C GLU G 419 19.17 10.91 26.41
N TYR G 420 20.03 11.23 25.45
CA TYR G 420 21.42 10.71 25.32
C TYR G 420 22.21 11.12 26.56
N LEU G 421 22.06 12.36 27.04
CA LEU G 421 22.71 12.79 28.26
C LEU G 421 22.10 12.10 29.46
N GLN G 422 20.84 11.69 29.39
CA GLN G 422 20.27 10.96 30.50
C GLN G 422 20.68 9.50 30.50
N ASN G 423 20.94 8.92 29.32
CA ASN G 423 21.35 7.53 29.29
C ASN G 423 22.80 7.32 29.72
N ILE G 424 23.64 8.35 29.61
CA ILE G 424 24.96 8.28 30.22
C ILE G 424 24.82 8.21 31.72
N ILE G 425 24.01 9.09 32.29
CA ILE G 425 23.75 9.13 33.72
C ILE G 425 23.04 7.87 34.18
N ALA G 426 22.22 7.27 33.31
CA ALA G 426 21.64 5.97 33.62
C ALA G 426 22.68 4.87 33.61
N GLN G 427 23.77 5.06 32.85
CA GLN G 427 24.78 4.03 32.74
C GLN G 427 25.77 4.11 33.90
N VAL G 428 26.09 5.32 34.34
CA VAL G 428 26.99 5.48 35.47
C VAL G 428 26.30 5.06 36.76
N ARG G 429 25.00 5.31 36.86
CA ARG G 429 24.25 4.90 38.04
C ARG G 429 24.15 3.38 38.14
N MET G 430 24.12 2.68 37.01
CA MET G 430 24.20 1.23 37.01
C MET G 430 25.59 0.71 37.30
N ASP G 431 26.56 1.59 37.50
CA ASP G 431 27.87 1.19 37.98
C ASP G 431 28.10 1.56 39.44
N ILE G 432 27.47 2.61 39.95
CA ILE G 432 27.48 2.84 41.39
C ILE G 432 26.44 1.99 42.09
N ASN G 433 25.55 1.33 41.36
CA ASN G 433 24.68 0.31 41.92
C ASN G 433 25.24 -1.09 41.73
N ARG G 434 26.46 -1.21 41.23
CA ARG G 434 27.20 -2.45 41.30
C ARG G 434 28.56 -2.26 41.98
N GLY G 435 28.94 -1.02 42.27
CA GLY G 435 30.18 -0.71 42.96
C GLY G 435 31.43 -1.11 42.22
N MET G 436 31.38 -1.16 40.88
CA MET G 436 32.44 -1.79 40.10
C MET G 436 33.78 -1.06 40.17
N ALA G 437 33.90 0.08 39.50
CA ALA G 437 35.11 0.88 39.50
C ALA G 437 34.80 2.25 38.90
N ILE G 438 34.91 3.32 39.69
CA ILE G 438 34.53 4.64 39.21
C ILE G 438 35.63 5.62 39.57
N ASN G 439 36.33 6.10 38.56
CA ASN G 439 37.14 7.30 38.64
C ASN G 439 36.70 8.15 37.47
N PHE G 440 36.02 9.27 37.74
CA PHE G 440 35.50 10.08 36.65
C PHE G 440 36.60 10.78 35.90
N LYS G 441 37.71 11.05 36.55
CA LYS G 441 38.82 11.71 35.87
C LYS G 441 39.53 10.78 34.91
N ASP G 442 39.25 9.48 34.95
CA ASP G 442 39.89 8.55 34.04
C ASP G 442 39.35 8.72 32.63
N LYS G 443 40.28 8.96 31.70
CA LYS G 443 39.93 9.12 30.29
C LYS G 443 39.33 7.85 29.71
N ARG G 444 39.80 6.69 30.15
CA ARG G 444 39.29 5.45 29.58
C ARG G 444 38.09 4.91 30.33
N TYR G 445 37.75 5.45 31.49
CA TYR G 445 36.47 5.11 32.07
C TYR G 445 35.34 5.76 31.29
N MET G 446 35.58 6.97 30.77
CA MET G 446 34.59 7.64 29.93
C MET G 446 34.32 6.84 28.67
N SER G 447 35.38 6.34 28.04
CA SER G 447 35.21 5.50 26.86
C SER G 447 34.56 4.17 27.21
N ARG G 448 34.70 3.74 28.46
CA ARG G 448 34.07 2.51 28.91
C ARG G 448 32.57 2.70 29.10
N VAL G 449 32.14 3.93 29.39
CA VAL G 449 30.72 4.23 29.56
C VAL G 449 30.03 4.41 28.22
N LEU G 450 30.65 5.18 27.32
CA LEU G 450 30.00 5.56 26.07
C LEU G 450 29.90 4.41 25.09
N MET G 451 30.64 3.31 25.29
CA MET G 451 30.42 2.15 24.44
C MET G 451 29.13 1.43 24.75
N ARG G 452 28.53 1.69 25.90
CA ARG G 452 27.33 0.98 26.30
C ARG G 452 26.09 1.86 26.25
N VAL G 453 26.27 3.18 26.31
CA VAL G 453 25.19 4.11 26.03
C VAL G 453 24.80 3.97 24.56
N ASN G 454 23.51 3.82 24.31
CA ASN G 454 23.00 3.83 22.94
C ASN G 454 23.08 5.25 22.40
N GLU G 455 23.87 5.43 21.35
CA GLU G 455 24.07 6.75 20.77
C GLU G 455 23.82 6.75 19.27
N ASN G 456 22.89 5.94 18.82
CA ASN G 456 22.48 5.98 17.43
C ASN G 456 21.25 6.86 17.31
N ILE G 457 21.48 8.16 17.57
CA ILE G 457 20.40 9.14 17.54
C ILE G 457 19.90 9.34 16.13
N GLY G 458 20.80 9.27 15.15
CA GLY G 458 20.42 9.42 13.75
C GLY G 458 19.47 8.36 13.25
N SER G 459 19.46 7.19 13.87
CA SER G 459 18.48 6.18 13.51
C SER G 459 17.18 6.37 14.26
N LYS G 460 17.19 7.12 15.36
CA LYS G 460 15.95 7.47 16.00
C LYS G 460 15.25 8.59 15.27
N MET G 461 16.02 9.45 14.61
CA MET G 461 15.43 10.47 13.77
C MET G 461 14.89 9.88 12.48
N GLN G 462 15.48 8.78 12.02
CA GLN G 462 14.94 8.09 10.86
C GLN G 462 13.64 7.40 11.20
N TYR G 463 13.52 6.92 12.44
CA TYR G 463 12.29 6.26 12.87
C TYR G 463 11.11 7.24 12.92
N PHE G 464 11.38 8.47 13.33
CA PHE G 464 10.38 9.53 13.24
C PHE G 464 9.96 9.77 11.81
N LEU G 465 10.93 9.85 10.90
CA LEU G 465 10.61 10.14 9.52
C LEU G 465 10.11 8.95 8.74
N SER G 466 10.23 7.74 9.27
CA SER G 466 9.76 6.59 8.53
C SER G 466 8.34 6.21 8.89
N THR G 467 7.92 6.57 10.08
CA THR G 467 6.61 6.21 10.61
C THR G 467 5.72 7.40 10.92
N GLY G 468 6.29 8.52 11.34
CA GLY G 468 5.50 9.61 11.83
C GLY G 468 5.14 9.51 13.30
N ASN G 469 5.48 8.41 13.95
CA ASN G 469 5.19 8.25 15.36
C ASN G 469 6.14 9.11 16.17
N LEU G 470 5.58 9.93 17.03
CA LEU G 470 6.37 10.84 17.85
C LEU G 470 6.54 10.22 19.23
N VAL G 471 7.72 9.67 19.48
CA VAL G 471 8.08 9.19 20.81
C VAL G 471 8.91 10.25 21.51
N SER G 472 8.43 10.71 22.65
CA SER G 472 9.10 11.77 23.38
C SER G 472 8.78 11.62 24.85
N GLN G 473 9.81 11.60 25.69
CA GLN G 473 9.59 11.43 27.12
C GLN G 473 8.99 12.65 27.74
N SER G 474 9.28 13.82 27.19
CA SER G 474 8.60 15.03 27.63
C SER G 474 7.17 15.05 27.16
N GLY G 475 6.95 14.77 25.90
CA GLY G 475 5.77 15.26 25.24
C GLY G 475 6.10 16.66 24.82
N LEU G 476 5.96 16.96 23.53
CA LEU G 476 6.18 18.33 23.08
C LEU G 476 4.93 19.15 23.42
N ASP G 477 4.79 20.34 22.89
CA ASP G 477 3.60 21.10 23.22
C ASP G 477 2.45 20.78 22.27
N LEU G 478 2.45 19.57 21.73
CA LEU G 478 1.60 19.14 20.63
C LEU G 478 0.57 18.16 21.14
N GLN G 479 -0.55 18.08 20.45
CA GLN G 479 -1.69 17.35 20.98
C GLN G 479 -1.93 16.02 20.29
N GLN G 480 -1.08 15.61 19.35
CA GLN G 480 -1.13 14.25 18.86
C GLN G 480 0.27 13.68 18.78
N VAL G 481 0.34 12.36 18.63
CA VAL G 481 1.58 11.61 18.68
C VAL G 481 1.84 10.83 17.41
N SER G 482 1.14 11.15 16.32
CA SER G 482 1.29 10.37 15.09
C SER G 482 0.93 11.24 13.90
N GLY G 483 1.18 10.70 12.72
CA GLY G 483 0.82 11.37 11.49
C GLY G 483 1.63 12.59 11.17
N TYR G 484 2.82 12.73 11.76
CA TYR G 484 3.59 13.95 11.56
C TYR G 484 4.32 13.98 10.24
N THR G 485 4.40 12.88 9.52
CA THR G 485 5.13 12.87 8.26
C THR G 485 4.36 12.04 7.25
N VAL G 486 4.44 12.45 5.99
CA VAL G 486 3.67 11.86 4.90
C VAL G 486 4.62 11.51 3.76
N VAL G 487 4.10 10.71 2.83
CA VAL G 487 4.85 10.32 1.65
C VAL G 487 4.64 11.37 0.57
N ALA G 488 5.73 11.95 0.09
CA ALA G 488 5.68 12.87 -1.03
C ALA G 488 5.44 12.07 -2.30
N GLU G 489 4.21 12.08 -2.79
CA GLU G 489 3.83 11.30 -3.96
C GLU G 489 4.24 12.00 -5.24
N LYS G 490 4.51 11.22 -6.26
CA LYS G 490 4.91 11.71 -7.57
C LYS G 490 3.99 11.20 -8.66
N ILE G 491 2.68 11.27 -8.47
CA ILE G 491 1.85 10.71 -9.52
C ILE G 491 1.70 11.72 -10.65
N ASN G 492 1.78 13.01 -10.35
CA ASN G 492 2.11 14.04 -11.30
C ASN G 492 2.74 15.17 -10.52
N PHE G 493 3.02 16.27 -11.20
CA PHE G 493 3.69 17.36 -10.53
C PHE G 493 2.75 18.18 -9.68
N TYR G 494 1.46 18.20 -10.00
CA TYR G 494 0.54 19.02 -9.22
C TYR G 494 0.29 18.38 -7.87
N ARG G 495 0.26 17.05 -7.84
CA ARG G 495 0.22 16.32 -6.58
C ARG G 495 1.46 16.59 -5.75
N PHE G 496 2.61 16.68 -6.40
CA PHE G 496 3.86 16.78 -5.68
C PHE G 496 4.09 18.16 -5.11
N ILE G 497 3.82 19.20 -5.90
CA ILE G 497 4.08 20.55 -5.42
C ILE G 497 3.07 20.94 -4.33
N SER G 498 1.89 20.34 -4.34
CA SER G 498 0.88 20.72 -3.36
C SER G 498 1.03 19.97 -2.05
N HIS G 499 2.05 19.12 -1.88
CA HIS G 499 2.38 18.66 -0.55
C HIS G 499 3.06 19.75 0.25
N PHE G 500 3.68 20.69 -0.44
CA PHE G 500 4.52 21.68 0.19
C PHE G 500 3.78 22.94 0.52
N ARG G 501 2.62 23.16 -0.10
CA ARG G 501 1.75 24.26 0.25
C ARG G 501 0.66 23.82 1.21
N MET G 502 0.70 22.57 1.64
CA MET G 502 -0.34 21.97 2.44
C MET G 502 -0.13 22.22 3.93
N VAL G 503 -1.19 22.56 4.63
CA VAL G 503 -1.14 22.76 6.08
C VAL G 503 -2.34 22.04 6.68
N HIS G 504 -2.19 21.56 7.90
CA HIS G 504 -3.21 20.74 8.52
C HIS G 504 -3.51 21.28 9.91
N ARG G 505 -4.78 21.21 10.28
CA ARG G 505 -5.23 21.80 11.54
C ARG G 505 -4.74 20.99 12.74
N GLY G 506 -4.59 19.70 12.58
CA GLY G 506 -4.24 18.80 13.65
C GLY G 506 -5.14 17.59 13.61
N SER G 507 -4.60 16.41 13.92
CA SER G 507 -5.39 15.18 13.86
C SER G 507 -6.33 15.04 15.05
N PHE G 508 -6.16 15.86 16.08
CA PHE G 508 -7.09 15.92 17.20
C PHE G 508 -8.47 16.39 16.77
N PHE G 509 -8.55 17.20 15.72
CA PHE G 509 -9.78 17.80 15.27
C PHE G 509 -10.51 16.96 14.25
N ALA G 510 -9.89 15.87 13.78
CA ALA G 510 -10.54 15.00 12.82
C ALA G 510 -11.61 14.13 13.47
N GLN G 511 -11.53 13.96 14.78
CA GLN G 511 -12.45 13.11 15.51
C GLN G 511 -13.66 13.82 16.09
N LEU G 512 -13.66 15.15 16.03
CA LEU G 512 -14.75 15.97 16.54
C LEU G 512 -15.94 15.99 15.60
N LYS G 513 -17.13 16.13 16.18
CA LYS G 513 -18.38 16.21 15.43
C LYS G 513 -18.86 17.64 15.25
N THR G 514 -18.06 18.60 15.67
CA THR G 514 -18.39 20.02 15.52
C THR G 514 -17.68 20.57 14.29
N THR G 515 -18.41 21.27 13.44
CA THR G 515 -17.90 21.73 12.17
C THR G 515 -17.40 23.16 12.22
N THR G 516 -17.19 23.71 13.42
CA THR G 516 -16.72 25.08 13.52
C THR G 516 -15.25 25.18 13.12
N VAL G 517 -14.48 24.11 13.29
CA VAL G 517 -13.10 24.13 12.83
C VAL G 517 -13.01 23.90 11.33
N ARG G 518 -14.02 23.27 10.73
CA ARG G 518 -14.01 22.94 9.31
C ARG G 518 -14.50 24.08 8.44
N LYS G 519 -14.74 25.24 8.99
CA LYS G 519 -15.51 26.29 8.37
C LYS G 519 -14.58 27.32 7.75
N LEU G 520 -14.90 27.76 6.55
CA LEU G 520 -14.12 28.81 5.91
C LEU G 520 -14.43 30.15 6.56
N LEU G 521 -13.38 30.88 6.93
CA LEU G 521 -13.57 32.09 7.70
C LEU G 521 -12.94 33.27 6.99
N PRO G 522 -13.46 34.48 7.21
CA PRO G 522 -12.94 35.65 6.49
C PRO G 522 -11.55 36.09 6.88
N GLU G 523 -10.98 35.58 7.98
CA GLU G 523 -9.62 35.95 8.30
C GLU G 523 -8.61 35.15 7.49
N SER G 524 -9.05 34.18 6.73
CA SER G 524 -8.18 33.40 5.87
C SER G 524 -7.94 34.06 4.52
N TRP G 525 -8.47 35.26 4.31
CA TRP G 525 -8.32 35.97 3.04
C TRP G 525 -6.86 36.25 2.77
N GLY G 526 -6.34 35.65 1.71
CA GLY G 526 -4.98 35.86 1.33
C GLY G 526 -3.98 34.94 2.00
N PHE G 527 -4.41 34.15 2.98
CA PHE G 527 -3.51 33.29 3.71
C PHE G 527 -3.81 31.82 3.52
N LEU G 528 -5.05 31.43 3.38
CA LEU G 528 -5.41 30.07 3.04
C LEU G 528 -6.36 30.12 1.87
N CYS G 529 -6.25 29.14 0.98
CA CYS G 529 -7.06 29.17 -0.22
C CYS G 529 -8.50 28.86 0.13
N PRO G 530 -9.48 29.60 -0.40
CA PRO G 530 -10.87 29.23 -0.21
C PRO G 530 -11.28 27.97 -0.94
N VAL G 531 -10.56 27.59 -1.98
CA VAL G 531 -10.97 26.54 -2.88
C VAL G 531 -10.24 25.24 -2.59
N HIS G 532 -8.93 25.31 -2.43
CA HIS G 532 -8.09 24.11 -2.46
C HIS G 532 -8.12 23.45 -1.09
N THR G 533 -9.15 22.64 -0.88
CA THR G 533 -9.25 21.78 0.27
C THR G 533 -9.91 20.51 -0.28
N PRO G 534 -9.58 19.34 0.26
CA PRO G 534 -10.17 18.12 -0.27
C PRO G 534 -11.62 17.96 0.11
N ASP G 535 -12.20 16.88 -0.40
CA ASP G 535 -13.59 16.55 -0.20
C ASP G 535 -13.69 15.24 0.55
N GLY G 536 -14.61 15.18 1.52
CA GLY G 536 -14.81 13.99 2.31
C GLY G 536 -14.53 14.27 3.77
N SER G 537 -13.85 13.35 4.41
CA SER G 537 -13.44 13.50 5.79
C SER G 537 -12.46 14.65 6.07
N PRO G 538 -11.39 14.91 5.26
CA PRO G 538 -10.51 16.01 5.64
C PRO G 538 -10.94 17.37 5.12
N CYS G 539 -12.20 17.51 4.70
CA CYS G 539 -12.68 18.77 4.13
C CYS G 539 -12.71 19.86 5.18
N GLY G 540 -11.93 20.91 4.96
CA GLY G 540 -11.83 21.96 5.92
C GLY G 540 -10.79 21.75 6.99
N LEU G 541 -10.25 20.55 7.11
CA LEU G 541 -9.19 20.29 8.06
C LEU G 541 -7.83 20.30 7.40
N LEU G 542 -7.75 19.91 6.15
CA LEU G 542 -6.55 19.92 5.34
C LEU G 542 -6.77 21.03 4.34
N ASN G 543 -5.96 22.07 4.38
CA ASN G 543 -6.09 23.16 3.45
C ASN G 543 -4.72 23.67 3.03
N HIS G 544 -4.68 24.40 1.93
CA HIS G 544 -3.43 24.79 1.31
C HIS G 544 -3.26 26.28 1.44
N PHE G 545 -2.02 26.72 1.43
CA PHE G 545 -1.75 28.13 1.56
C PHE G 545 -2.14 28.87 0.30
N ALA G 546 -2.21 30.17 0.42
CA ALA G 546 -2.44 30.95 -0.77
C ALA G 546 -1.18 31.02 -1.59
N HIS G 547 -1.33 31.59 -2.77
CA HIS G 547 -0.28 31.64 -3.78
C HIS G 547 0.92 32.45 -3.31
N LYS G 548 0.68 33.66 -2.80
CA LYS G 548 1.77 34.54 -2.38
C LYS G 548 1.94 34.61 -0.88
N CYS G 549 1.40 33.66 -0.13
CA CYS G 549 1.61 33.65 1.30
C CYS G 549 3.02 33.13 1.61
N ARG G 550 3.71 33.82 2.51
CA ARG G 550 5.06 33.49 2.92
C ARG G 550 5.06 33.24 4.42
N ILE G 551 5.94 32.36 4.86
CA ILE G 551 6.05 32.02 6.27
C ILE G 551 7.41 32.46 6.76
N SER G 552 7.43 33.19 7.87
CA SER G 552 8.68 33.66 8.45
C SER G 552 9.53 32.50 8.92
N THR G 553 10.81 32.62 8.68
CA THR G 553 11.76 31.60 9.07
C THR G 553 12.74 32.09 10.11
N GLN G 554 13.39 33.21 9.88
CA GLN G 554 14.20 33.84 10.92
C GLN G 554 13.36 34.86 11.64
N GLN G 555 13.80 35.23 12.83
CA GLN G 555 13.17 36.35 13.50
C GLN G 555 13.92 37.63 13.16
N SER G 556 13.20 38.59 12.63
CA SER G 556 13.72 39.89 12.35
C SER G 556 14.04 40.59 13.67
N ASP G 557 15.13 41.37 13.67
CA ASP G 557 15.60 41.94 14.92
C ASP G 557 14.70 43.07 15.37
N VAL G 558 14.45 43.11 16.66
CA VAL G 558 13.53 44.07 17.25
C VAL G 558 14.19 44.87 18.35
N SER G 559 15.52 44.89 18.37
CA SER G 559 16.24 45.53 19.46
C SER G 559 16.07 47.05 19.44
N ARG G 560 15.91 47.62 18.25
CA ARG G 560 15.81 49.05 18.08
C ARG G 560 14.38 49.56 18.23
N ILE G 561 13.40 48.67 18.13
CA ILE G 561 11.98 49.07 18.23
C ILE G 561 11.58 49.70 19.56
N PRO G 562 12.03 49.24 20.75
CA PRO G 562 11.72 50.01 21.98
C PRO G 562 12.25 51.43 22.00
N SER G 563 13.38 51.70 21.38
CA SER G 563 13.91 53.06 21.33
C SER G 563 13.04 53.93 20.45
N ILE G 564 12.37 53.34 19.46
CA ILE G 564 11.56 54.10 18.53
C ILE G 564 10.21 54.40 19.14
N LEU G 565 9.66 53.47 19.93
CA LEU G 565 8.39 53.69 20.58
C LEU G 565 8.50 54.71 21.70
N TYR G 566 9.63 54.71 22.41
CA TYR G 566 9.86 55.72 23.45
C TYR G 566 10.02 57.10 22.84
N SER G 567 10.55 57.18 21.63
CA SER G 567 10.57 58.42 20.87
C SER G 567 9.17 58.91 20.55
N LEU G 568 8.25 57.99 20.35
CA LEU G 568 6.84 58.30 20.22
C LEU G 568 6.25 58.37 21.62
N GLY G 569 4.94 58.46 21.74
CA GLY G 569 4.38 58.77 23.04
C GLY G 569 4.32 57.66 24.07
N VAL G 570 5.17 56.65 23.98
CA VAL G 570 5.04 55.49 24.85
C VAL G 570 5.75 55.78 26.17
N ALA G 571 4.99 55.77 27.26
CA ALA G 571 5.60 55.82 28.58
C ALA G 571 6.19 54.46 28.90
N PRO G 572 7.37 54.41 29.51
CA PRO G 572 7.99 53.11 29.82
C PRO G 572 7.25 52.34 30.88
N ALA G 573 7.19 51.02 30.70
CA ALA G 573 6.39 50.14 31.55
C ALA G 573 7.00 49.94 32.92
N SER G 574 8.27 50.28 33.11
CA SER G 574 8.95 50.05 34.37
C SER G 574 8.45 50.95 35.48
N HIS G 575 7.91 52.12 35.15
CA HIS G 575 7.44 53.06 36.15
C HIS G 575 6.11 53.69 35.75
N THR G 576 5.17 52.89 35.27
CA THR G 576 3.87 53.42 34.88
C THR G 576 2.75 52.84 35.72
N PHE G 577 2.60 51.50 35.75
CA PHE G 577 1.62 50.76 36.54
C PHE G 577 0.18 51.22 36.26
N ALA G 578 -0.23 51.03 35.02
CA ALA G 578 -1.46 51.60 34.49
C ALA G 578 -2.24 50.59 33.70
N ALA G 579 -2.51 49.43 34.29
CA ALA G 579 -3.27 48.36 33.65
C ALA G 579 -4.69 48.79 33.30
N GLY G 580 -5.29 48.06 32.38
CA GLY G 580 -6.66 48.30 32.02
C GLY G 580 -6.94 48.35 30.54
N PRO G 581 -8.15 47.95 30.15
CA PRO G 581 -8.60 48.17 28.77
C PRO G 581 -8.91 49.61 28.42
N SER G 582 -8.79 50.54 29.35
CA SER G 582 -8.93 51.95 29.04
C SER G 582 -7.66 52.53 28.45
N LEU G 583 -6.58 51.76 28.39
CA LEU G 583 -5.33 52.17 27.78
C LEU G 583 -4.93 51.18 26.70
N CYS G 584 -3.83 51.48 26.04
CA CYS G 584 -3.31 50.62 24.98
C CYS G 584 -1.95 50.08 25.43
N CYS G 585 -1.91 48.81 25.79
CA CYS G 585 -0.68 48.15 26.16
C CYS G 585 0.13 47.85 24.91
N VAL G 586 1.38 48.29 24.89
CA VAL G 586 2.25 48.08 23.75
C VAL G 586 3.18 46.92 24.04
N GLN G 587 3.18 45.93 23.15
CA GLN G 587 4.00 44.74 23.32
C GLN G 587 4.81 44.47 22.06
N ILE G 588 6.02 43.95 22.21
CA ILE G 588 6.82 43.49 21.09
C ILE G 588 7.21 42.03 21.34
N ASP G 589 6.75 41.14 20.46
CA ASP G 589 6.89 39.68 20.59
C ASP G 589 6.43 39.18 21.95
N GLY G 590 5.35 39.75 22.45
CA GLY G 590 4.85 39.35 23.74
C GLY G 590 5.62 39.84 24.92
N LYS G 591 6.40 40.90 24.78
CA LYS G 591 7.02 41.57 25.91
C LYS G 591 6.42 42.96 26.03
N ILE G 592 5.72 43.21 27.13
CA ILE G 592 5.07 44.49 27.38
C ILE G 592 6.14 45.55 27.65
N ILE G 593 6.15 46.60 26.83
CA ILE G 593 7.17 47.64 26.99
C ILE G 593 6.57 49.02 27.21
N GLY G 594 5.25 49.15 27.35
CA GLY G 594 4.74 50.46 27.67
C GLY G 594 3.23 50.59 27.49
N TRP G 595 2.77 51.83 27.70
CA TRP G 595 1.37 52.16 27.83
C TRP G 595 1.11 53.50 27.16
N VAL G 596 0.02 53.59 26.41
CA VAL G 596 -0.45 54.82 25.78
C VAL G 596 -1.97 54.87 25.89
N SER G 597 -2.55 55.95 25.37
CA SER G 597 -3.98 56.03 25.17
C SER G 597 -4.36 55.35 23.87
N HIS G 598 -5.66 55.12 23.69
CA HIS G 598 -6.13 54.53 22.44
C HIS G 598 -6.04 55.50 21.29
N GLU G 599 -6.10 56.80 21.55
CA GLU G 599 -5.92 57.78 20.49
C GLU G 599 -4.47 57.85 20.04
N GLN G 600 -3.56 57.98 21.00
CA GLN G 600 -2.14 58.02 20.70
C GLN G 600 -1.65 56.69 20.16
N GLY G 601 -2.26 55.59 20.61
CA GLY G 601 -1.87 54.27 20.14
C GLY G 601 -2.22 54.02 18.68
N LYS G 602 -3.22 54.72 18.17
CA LYS G 602 -3.51 54.61 16.75
C LYS G 602 -2.56 55.46 15.91
N ILE G 603 -2.08 56.57 16.47
CA ILE G 603 -1.08 57.37 15.76
C ILE G 603 0.25 56.64 15.73
N ILE G 604 0.57 55.91 16.80
CA ILE G 604 1.80 55.12 16.84
C ILE G 604 1.72 53.98 15.83
N ALA G 605 0.59 53.30 15.77
CA ALA G 605 0.44 52.18 14.86
C ALA G 605 0.39 52.61 13.41
N ASP G 606 -0.06 53.84 13.15
CA ASP G 606 -0.12 54.31 11.78
C ASP G 606 1.21 54.85 11.30
N THR G 607 1.95 55.56 12.15
CA THR G 607 3.23 56.10 11.72
C THR G 607 4.28 55.02 11.61
N LEU G 608 4.19 53.97 12.42
CA LEU G 608 5.15 52.89 12.29
C LEU G 608 4.97 52.12 10.99
N ARG G 609 3.75 52.02 10.49
CA ARG G 609 3.59 51.46 9.16
C ARG G 609 4.06 52.45 8.09
N TYR G 610 4.03 53.74 8.40
CA TYR G 610 4.61 54.70 7.49
C TYR G 610 6.13 54.64 7.53
N TRP G 611 6.72 54.46 8.71
CA TRP G 611 8.16 54.33 8.76
C TRP G 611 8.66 53.00 8.23
N LYS G 612 7.78 52.01 8.10
CA LYS G 612 8.19 50.65 7.77
C LYS G 612 8.31 50.45 6.28
N VAL G 613 7.33 50.91 5.50
CA VAL G 613 7.39 50.72 4.07
C VAL G 613 8.35 51.70 3.42
N GLU G 614 8.61 52.83 4.05
CA GLU G 614 9.67 53.74 3.64
C GLU G 614 10.93 53.26 4.32
N GLY G 615 11.83 52.65 3.56
CA GLY G 615 12.95 51.96 4.19
C GLY G 615 14.06 52.82 4.74
N LYS G 616 13.79 54.09 5.01
CA LYS G 616 14.76 55.01 5.57
C LYS G 616 14.86 54.93 7.08
N THR G 617 14.05 54.12 7.71
CA THR G 617 14.14 53.93 9.16
C THR G 617 14.98 52.70 9.44
N PRO G 618 16.02 52.80 10.26
CA PRO G 618 17.02 51.71 10.31
C PRO G 618 16.53 50.49 11.05
N GLY G 619 15.80 50.65 12.14
CA GLY G 619 15.52 49.54 13.02
C GLY G 619 14.31 48.70 12.67
N LEU G 620 13.35 49.24 11.91
CA LEU G 620 12.14 48.50 11.59
C LEU G 620 12.37 47.59 10.40
N PRO G 621 12.24 46.29 10.54
CA PRO G 621 12.16 45.43 9.36
C PRO G 621 10.82 45.62 8.68
N ILE G 622 10.72 45.18 7.43
CA ILE G 622 9.46 45.40 6.74
C ILE G 622 8.42 44.38 7.16
N ASP G 623 8.82 43.20 7.58
CA ASP G 623 7.86 42.16 7.91
C ASP G 623 7.46 42.17 9.38
N LEU G 624 7.71 43.26 10.08
CA LEU G 624 7.14 43.49 11.39
C LEU G 624 5.65 43.70 11.26
N GLU G 625 4.84 42.84 11.89
CA GLU G 625 3.41 43.06 11.87
C GLU G 625 2.99 43.91 13.06
N ILE G 626 2.12 44.88 12.80
CA ILE G 626 1.74 45.90 13.77
C ILE G 626 0.28 45.66 14.11
N GLY G 627 0.02 44.83 15.10
CA GLY G 627 -1.33 44.45 15.43
C GLY G 627 -2.02 45.43 16.34
N TYR G 628 -2.50 46.53 15.79
CA TYR G 628 -3.29 47.45 16.58
C TYR G 628 -4.70 46.92 16.73
N VAL G 629 -5.13 46.74 17.97
CA VAL G 629 -6.50 46.35 18.30
C VAL G 629 -7.18 47.57 18.93
N PRO G 630 -8.12 48.21 18.26
CA PRO G 630 -8.74 49.42 18.78
C PRO G 630 -9.73 49.09 19.88
N PRO G 631 -10.12 50.05 20.70
CA PRO G 631 -11.13 49.78 21.71
C PRO G 631 -12.51 49.62 21.10
N SER G 632 -13.41 49.06 21.89
CA SER G 632 -14.73 48.71 21.44
C SER G 632 -15.61 48.52 22.66
N THR G 633 -16.80 47.99 22.43
CA THR G 633 -17.69 47.57 23.50
C THR G 633 -17.83 46.07 23.38
N ARG G 634 -17.25 45.36 24.35
CA ARG G 634 -17.30 43.90 24.47
C ARG G 634 -16.64 43.19 23.29
N GLY G 635 -15.65 43.82 22.68
CA GLY G 635 -14.92 43.22 21.57
C GLY G 635 -13.64 42.55 22.02
N GLN G 636 -12.66 42.53 21.12
CA GLN G 636 -11.35 41.98 21.48
C GLN G 636 -10.65 42.94 22.41
N TYR G 637 -9.83 42.39 23.29
CA TYR G 637 -9.03 43.15 24.24
C TYR G 637 -8.09 44.07 23.47
N PRO G 638 -8.13 45.38 23.71
CA PRO G 638 -7.31 46.29 22.90
C PRO G 638 -5.83 46.20 23.25
N GLY G 639 -5.01 46.70 22.34
CA GLY G 639 -3.58 46.62 22.51
C GLY G 639 -2.88 47.04 21.24
N LEU G 640 -1.55 46.98 21.29
CA LEU G 640 -0.71 47.43 20.20
C LEU G 640 0.37 46.38 19.95
N TYR G 641 -0.07 45.16 19.68
CA TYR G 641 0.80 43.99 19.70
C TYR G 641 1.69 43.96 18.48
N LEU G 642 3.01 43.97 18.69
CA LEU G 642 3.98 43.85 17.61
C LEU G 642 4.65 42.49 17.63
N PHE G 643 4.76 41.88 16.47
CA PHE G 643 5.35 40.56 16.35
C PHE G 643 6.42 40.57 15.29
N GLY G 644 7.49 39.82 15.51
CA GLY G 644 8.53 39.75 14.51
C GLY G 644 9.16 38.37 14.41
N GLY G 645 8.57 37.39 15.07
CA GLY G 645 9.22 36.12 15.29
C GLY G 645 9.11 35.17 14.11
N HIS G 646 9.42 33.92 14.40
CA HIS G 646 9.36 32.85 13.41
C HIS G 646 7.92 32.51 13.10
N SER G 647 7.74 31.73 12.03
CA SER G 647 6.55 30.95 11.78
C SER G 647 5.30 31.77 11.51
N ARG G 648 5.43 33.05 11.16
CA ARG G 648 4.27 33.88 10.93
C ARG G 648 3.84 33.81 9.49
N MET G 649 2.56 33.62 9.25
CA MET G 649 2.02 33.78 7.91
C MET G 649 2.07 35.24 7.50
N LEU G 650 2.51 35.51 6.27
CA LEU G 650 2.71 36.88 5.80
C LEU G 650 2.35 36.93 4.33
N ARG G 651 1.81 38.07 3.89
CA ARG G 651 1.42 38.18 2.50
C ARG G 651 1.65 39.62 2.06
N PRO G 652 1.89 39.86 0.79
CA PRO G 652 2.15 41.23 0.34
C PRO G 652 0.92 41.99 -0.13
N VAL G 653 0.79 43.24 0.31
CA VAL G 653 -0.18 44.17 -0.23
C VAL G 653 0.54 45.49 -0.49
N ARG G 654 -0.20 46.42 -1.09
CA ARG G 654 0.35 47.70 -1.48
C ARG G 654 -0.17 48.77 -0.55
N TYR G 655 0.73 49.45 0.13
CA TYR G 655 0.36 50.57 0.98
C TYR G 655 0.14 51.80 0.12
N LEU G 656 -1.03 52.41 0.25
CA LEU G 656 -1.49 53.36 -0.76
C LEU G 656 -0.82 54.72 -0.73
N PRO G 657 -0.49 55.34 0.41
CA PRO G 657 0.57 56.33 0.36
C PRO G 657 1.87 55.61 0.10
N LEU G 658 2.68 56.17 -0.78
CA LEU G 658 3.98 55.75 -1.30
C LEU G 658 3.90 54.64 -2.35
N ASP G 659 2.74 54.00 -2.56
CA ASP G 659 2.53 52.91 -3.54
C ASP G 659 3.54 51.76 -3.40
N LYS G 660 4.06 51.51 -2.22
CA LYS G 660 5.06 50.48 -2.06
C LYS G 660 4.42 49.20 -1.52
N GLU G 661 5.17 48.13 -1.61
CA GLU G 661 4.75 46.85 -1.06
C GLU G 661 4.85 46.88 0.46
N ASP G 662 3.82 46.35 1.11
CA ASP G 662 3.78 46.17 2.55
C ASP G 662 3.53 44.70 2.83
N ILE G 663 3.97 44.25 4.00
CA ILE G 663 3.85 42.86 4.42
C ILE G 663 2.90 42.81 5.60
N VAL G 664 1.85 42.00 5.48
CA VAL G 664 0.74 41.98 6.42
C VAL G 664 0.54 40.56 6.91
N GLY G 665 0.37 40.40 8.22
CA GLY G 665 0.02 39.12 8.80
C GLY G 665 -1.46 39.04 9.12
N PRO G 666 -1.93 37.85 9.52
CA PRO G 666 -3.37 37.69 9.73
C PRO G 666 -3.88 38.26 11.03
N PHE G 667 -3.02 38.57 11.99
CA PHE G 667 -3.48 39.26 13.20
C PHE G 667 -3.81 40.71 12.90
N GLU G 668 -3.07 41.32 11.98
CA GLU G 668 -3.31 42.69 11.55
C GLU G 668 -4.57 42.82 10.71
N GLN G 669 -4.87 41.81 9.91
CA GLN G 669 -5.75 42.00 8.76
C GLN G 669 -7.19 42.16 9.17
N VAL G 670 -7.52 41.81 10.41
CA VAL G 670 -8.89 41.93 10.90
C VAL G 670 -9.30 43.39 10.99
N TYR G 671 -8.34 44.29 11.21
CA TYR G 671 -8.65 45.69 11.45
C TYR G 671 -8.19 46.58 10.31
N MET G 672 -7.72 46.02 9.21
CA MET G 672 -7.23 46.78 8.07
C MET G 672 -8.22 46.73 6.92
N ASN G 673 -8.40 47.86 6.25
CA ASN G 673 -9.29 47.94 5.10
C ASN G 673 -8.44 47.89 3.85
N ILE G 674 -8.52 46.77 3.13
CA ILE G 674 -7.63 46.47 2.02
C ILE G 674 -8.48 46.30 0.78
N ALA G 675 -8.38 47.22 -0.16
CA ALA G 675 -9.22 47.18 -1.34
C ALA G 675 -8.82 46.04 -2.29
N VAL G 676 -9.80 45.45 -2.95
CA VAL G 676 -9.53 44.32 -3.82
C VAL G 676 -8.91 44.79 -5.13
N THR G 677 -9.55 45.69 -5.80
CA THR G 677 -8.99 46.31 -6.97
C THR G 677 -8.71 47.77 -6.67
N PRO G 678 -7.83 48.45 -7.42
CA PRO G 678 -7.70 49.89 -7.21
C PRO G 678 -8.94 50.66 -7.58
N GLN G 679 -9.78 50.14 -8.47
CA GLN G 679 -11.02 50.83 -8.82
C GLN G 679 -12.00 50.90 -7.67
N GLU G 680 -11.90 49.99 -6.71
CA GLU G 680 -12.81 49.97 -5.58
C GLU G 680 -12.24 50.65 -4.36
N ILE G 681 -11.16 51.40 -4.50
CA ILE G 681 -10.70 52.23 -3.40
C ILE G 681 -11.69 53.36 -3.18
N GLN G 682 -12.23 53.42 -1.98
CA GLN G 682 -13.04 54.55 -1.56
C GLN G 682 -12.17 55.52 -0.81
N ASN G 683 -12.59 56.77 -0.75
CA ASN G 683 -11.84 57.77 -0.03
C ASN G 683 -11.91 57.47 1.46
N ASN G 684 -10.75 57.55 2.12
CA ASN G 684 -10.64 57.69 3.57
C ASN G 684 -11.08 56.43 4.30
N VAL G 685 -11.10 55.28 3.63
CA VAL G 685 -11.27 54.00 4.31
C VAL G 685 -10.13 53.05 3.96
N HIS G 686 -9.82 52.86 2.67
CA HIS G 686 -8.84 51.88 2.27
C HIS G 686 -7.45 52.47 2.34
N THR G 687 -6.60 51.91 3.19
CA THR G 687 -5.20 52.28 3.22
C THR G 687 -4.33 51.35 2.37
N HIS G 688 -4.87 50.20 1.98
CA HIS G 688 -4.12 49.21 1.23
C HIS G 688 -4.94 48.75 0.04
N VAL G 689 -4.27 48.13 -0.91
CA VAL G 689 -4.94 47.54 -2.06
C VAL G 689 -4.20 46.24 -2.39
N GLU G 690 -4.93 45.29 -2.96
CA GLU G 690 -4.31 44.06 -3.41
C GLU G 690 -3.41 44.34 -4.60
N PHE G 691 -2.35 43.56 -4.73
CA PHE G 691 -1.59 43.61 -5.97
C PHE G 691 -2.39 43.01 -7.11
N THR G 692 -3.02 41.87 -6.86
CA THR G 692 -3.85 41.17 -7.82
C THR G 692 -4.84 40.42 -6.95
N PRO G 693 -6.10 40.28 -7.33
CA PRO G 693 -7.00 39.44 -6.53
C PRO G 693 -6.68 37.96 -6.61
N THR G 694 -5.77 37.53 -7.48
CA THR G 694 -5.38 36.14 -7.55
C THR G 694 -4.36 35.75 -6.49
N ASN G 695 -3.94 36.67 -5.63
CA ASN G 695 -3.06 36.29 -4.55
C ASN G 695 -3.76 35.46 -3.51
N ILE G 696 -5.09 35.51 -3.46
CA ILE G 696 -5.84 34.83 -2.41
C ILE G 696 -6.06 33.37 -2.72
N LEU G 697 -5.79 32.93 -3.95
CA LEU G 697 -6.03 31.57 -4.37
C LEU G 697 -4.78 30.74 -4.18
N SER G 698 -4.87 29.45 -4.47
CA SER G 698 -3.76 28.53 -4.32
C SER G 698 -2.88 28.59 -5.57
N ILE G 699 -1.99 27.63 -5.73
CA ILE G 699 -1.33 27.47 -7.01
C ILE G 699 -2.21 26.67 -7.95
N LEU G 700 -2.73 25.56 -7.46
CA LEU G 700 -3.55 24.68 -8.28
C LEU G 700 -4.94 25.23 -8.46
N ALA G 701 -5.42 26.05 -7.53
CA ALA G 701 -6.69 26.72 -7.68
C ALA G 701 -6.62 27.91 -8.60
N ASN G 702 -5.42 28.31 -8.99
CA ASN G 702 -5.19 29.49 -9.79
C ASN G 702 -4.95 29.13 -11.25
N LEU G 703 -4.77 27.85 -11.54
CA LEU G 703 -4.56 27.37 -12.89
C LEU G 703 -5.83 26.98 -13.58
N THR G 704 -6.91 26.79 -12.84
CA THR G 704 -8.22 26.48 -13.38
C THR G 704 -8.69 27.62 -14.27
N PRO G 705 -9.00 27.36 -15.54
CA PRO G 705 -9.35 28.46 -16.45
C PRO G 705 -10.73 28.99 -16.14
N PHE G 706 -10.83 30.31 -16.02
CA PHE G 706 -12.08 31.05 -15.88
C PHE G 706 -12.87 30.60 -14.67
N SER G 707 -12.16 30.33 -13.56
CA SER G 707 -12.79 29.68 -12.41
C SER G 707 -13.76 30.56 -11.67
N ASP G 708 -13.80 31.86 -11.98
CA ASP G 708 -14.86 32.72 -11.49
C ASP G 708 -16.17 32.54 -12.23
N PHE G 709 -16.26 31.61 -13.18
CA PHE G 709 -17.51 31.36 -13.86
C PHE G 709 -18.11 30.02 -13.46
N ASN G 710 -17.42 29.23 -12.67
CA ASN G 710 -17.90 27.94 -12.25
C ASN G 710 -18.57 28.04 -10.90
N GLN G 711 -19.40 27.03 -10.62
CA GLN G 711 -20.01 26.85 -9.29
C GLN G 711 -18.85 26.42 -8.39
N SER G 712 -18.71 27.00 -7.22
CA SER G 712 -17.58 26.73 -6.35
C SER G 712 -17.35 25.29 -5.90
N PRO G 713 -18.36 24.41 -5.78
CA PRO G 713 -18.03 22.99 -5.57
C PRO G 713 -17.35 22.33 -6.75
N ARG G 714 -17.35 22.94 -7.93
CA ARG G 714 -16.65 22.35 -9.05
C ARG G 714 -15.21 22.79 -9.14
N ASN G 715 -14.90 23.96 -8.61
CA ASN G 715 -13.50 24.35 -8.53
C ASN G 715 -12.77 23.60 -7.43
N MET G 716 -13.49 23.23 -6.37
CA MET G 716 -12.88 22.42 -5.32
C MET G 716 -12.64 21.00 -5.80
N TYR G 717 -13.43 20.54 -6.76
CA TYR G 717 -13.28 19.20 -7.25
C TYR G 717 -12.20 19.11 -8.31
N GLN G 718 -11.91 20.21 -8.99
CA GLN G 718 -10.81 20.24 -9.93
C GLN G 718 -9.47 20.26 -9.22
N CYS G 719 -9.39 20.89 -8.06
CA CYS G 719 -8.17 20.84 -7.29
C CYS G 719 -7.91 19.43 -6.78
N GLN G 720 -8.96 18.65 -6.60
CA GLN G 720 -8.84 17.26 -6.21
C GLN G 720 -8.53 16.37 -7.40
N MET G 721 -9.21 16.58 -8.53
CA MET G 721 -8.97 15.75 -9.71
C MET G 721 -7.67 16.09 -10.40
N GLY G 722 -7.20 17.32 -10.29
CA GLY G 722 -5.94 17.67 -10.90
C GLY G 722 -4.74 17.05 -10.23
N LYS G 723 -4.86 16.70 -8.96
CA LYS G 723 -3.78 15.99 -8.30
C LYS G 723 -3.72 14.53 -8.69
N GLN G 724 -4.76 14.01 -9.32
CA GLN G 724 -4.85 12.59 -9.60
C GLN G 724 -4.76 12.25 -11.07
N THR G 725 -4.39 13.20 -11.92
CA THR G 725 -4.23 12.87 -13.31
C THR G 725 -2.89 12.19 -13.50
N MET G 726 -2.81 11.38 -14.55
CA MET G 726 -1.52 10.86 -14.98
C MET G 726 -0.93 11.90 -15.91
N GLY G 727 0.18 12.48 -15.52
CA GLY G 727 0.80 13.52 -16.29
C GLY G 727 2.26 13.22 -16.50
N THR G 728 3.11 14.12 -16.04
CA THR G 728 4.54 13.90 -16.06
C THR G 728 5.05 13.95 -14.63
N PRO G 729 5.57 12.84 -14.08
CA PRO G 729 6.22 12.95 -12.77
C PRO G 729 7.52 13.70 -12.86
N GLY G 730 8.30 13.43 -13.89
CA GLY G 730 9.58 14.08 -14.08
C GLY G 730 10.17 13.54 -15.36
N VAL G 731 11.33 14.08 -15.70
CA VAL G 731 12.05 13.64 -16.88
C VAL G 731 13.33 12.91 -16.54
N ALA G 732 13.62 12.73 -15.26
CA ALA G 732 14.79 12.00 -14.81
C ALA G 732 14.42 10.61 -14.38
N LEU G 733 13.50 9.97 -15.10
CA LEU G 733 12.85 8.78 -14.62
C LEU G 733 13.75 7.56 -14.63
N CYS G 734 14.82 7.57 -15.43
CA CYS G 734 15.67 6.39 -15.49
C CYS G 734 16.54 6.25 -14.26
N HIS G 735 16.71 7.30 -13.47
CA HIS G 735 17.47 7.22 -12.24
C HIS G 735 16.55 7.20 -11.03
N ARG G 736 15.36 6.64 -11.18
CA ARG G 736 14.37 6.55 -10.13
C ARG G 736 14.04 5.08 -9.92
N SER G 737 13.61 4.74 -8.72
CA SER G 737 13.20 3.38 -8.41
C SER G 737 11.93 3.39 -7.59
N ASP G 738 10.96 4.18 -8.03
CA ASP G 738 9.73 4.37 -7.29
C ASP G 738 8.88 3.11 -7.33
N ASN G 739 7.94 3.01 -6.37
CA ASN G 739 7.05 1.86 -6.34
C ASN G 739 6.13 1.85 -7.54
N LYS G 740 5.48 2.98 -7.83
CA LYS G 740 4.72 3.09 -9.07
C LYS G 740 4.70 4.53 -9.55
N LEU G 741 4.83 4.70 -10.86
CA LEU G 741 4.74 5.99 -11.52
C LEU G 741 3.70 5.93 -12.60
N TYR G 742 3.13 7.08 -12.92
CA TYR G 742 2.12 7.21 -13.96
C TYR G 742 2.60 8.27 -14.93
N ARG G 743 2.89 7.86 -16.15
CA ARG G 743 3.39 8.83 -17.12
C ARG G 743 2.47 8.85 -18.33
N LEU G 744 1.83 9.98 -18.59
CA LEU G 744 1.15 10.22 -19.84
C LEU G 744 2.17 10.54 -20.91
N GLN G 745 1.99 9.94 -22.09
CA GLN G 745 3.06 9.90 -23.08
C GLN G 745 3.27 11.25 -23.73
N THR G 746 2.27 11.75 -24.44
CA THR G 746 2.40 13.01 -25.17
C THR G 746 1.47 14.02 -24.53
N GLY G 747 2.02 14.85 -23.68
CA GLY G 747 1.30 15.99 -23.18
C GLY G 747 1.35 17.15 -24.13
N GLN G 748 0.48 18.10 -23.89
CA GLN G 748 0.44 19.34 -24.64
C GLN G 748 0.28 20.48 -23.66
N THR G 749 0.77 21.64 -24.01
CA THR G 749 0.48 22.80 -23.20
C THR G 749 -0.95 23.25 -23.48
N PRO G 750 -1.60 23.97 -22.58
CA PRO G 750 -2.95 24.42 -22.87
C PRO G 750 -2.97 25.67 -23.71
N ILE G 751 -3.94 25.73 -24.63
CA ILE G 751 -4.17 26.97 -25.35
C ILE G 751 -4.75 28.01 -24.41
N VAL G 752 -5.63 27.58 -23.52
CA VAL G 752 -6.31 28.44 -22.57
C VAL G 752 -5.69 28.18 -21.21
N LYS G 753 -4.83 29.10 -20.79
CA LYS G 753 -4.06 28.92 -19.58
C LYS G 753 -4.04 30.22 -18.81
N ALA G 754 -3.65 30.13 -17.55
CA ALA G 754 -3.43 31.30 -16.74
C ALA G 754 -2.04 31.84 -16.99
N ASN G 755 -1.83 33.08 -16.58
CA ASN G 755 -0.50 33.67 -16.70
C ASN G 755 0.50 33.05 -15.74
N LEU G 756 0.03 32.49 -14.63
CA LEU G 756 0.88 31.83 -13.65
C LEU G 756 1.23 30.42 -14.03
N TYR G 757 0.68 29.91 -15.14
CA TYR G 757 1.10 28.62 -15.64
C TYR G 757 2.56 28.66 -16.03
N ASP G 758 2.98 29.77 -16.63
CA ASP G 758 4.34 29.94 -17.10
C ASP G 758 5.30 30.24 -15.96
N ASP G 759 4.82 30.92 -14.93
CA ASP G 759 5.69 31.38 -13.86
C ASP G 759 6.14 30.25 -12.96
N TYR G 760 5.28 29.26 -12.76
CA TYR G 760 5.67 28.09 -12.03
C TYR G 760 6.33 27.04 -12.89
N GLY G 761 6.45 27.29 -14.19
CA GLY G 761 7.13 26.39 -15.09
C GLY G 761 6.40 25.08 -15.21
N MET G 762 5.08 25.12 -15.43
CA MET G 762 4.29 23.92 -15.54
C MET G 762 4.40 23.29 -16.91
N ASP G 763 5.07 23.94 -17.85
CA ASP G 763 5.36 23.37 -19.16
C ASP G 763 6.42 22.30 -19.12
N ASN G 764 7.21 22.25 -18.05
CA ASN G 764 8.13 21.14 -17.88
C ASN G 764 7.41 19.88 -17.48
N PHE G 765 6.18 20.00 -17.03
CA PHE G 765 5.39 18.87 -16.53
C PHE G 765 4.01 18.93 -17.15
N PRO G 766 3.86 18.54 -18.41
CA PRO G 766 2.55 18.65 -19.08
C PRO G 766 1.56 17.65 -18.50
N ASN G 767 0.39 18.14 -18.14
CA ASN G 767 -0.56 17.34 -17.40
C ASN G 767 -1.67 16.77 -18.27
N GLY G 768 -1.85 17.25 -19.47
CA GLY G 768 -2.97 16.79 -20.25
C GLY G 768 -2.83 17.03 -21.73
N PHE G 769 -3.94 17.23 -22.41
CA PHE G 769 -3.94 17.34 -23.85
C PHE G 769 -5.17 18.11 -24.29
N ASN G 770 -5.03 18.81 -25.40
CA ASN G 770 -6.11 19.60 -25.98
C ASN G 770 -6.97 18.70 -26.84
N ALA G 771 -8.26 18.69 -26.60
CA ALA G 771 -9.16 17.82 -27.32
C ALA G 771 -10.25 18.64 -27.99
N VAL G 772 -10.58 18.26 -29.22
CA VAL G 772 -11.74 18.81 -29.89
C VAL G 772 -12.98 18.18 -29.26
N VAL G 773 -13.71 18.94 -28.46
CA VAL G 773 -14.81 18.43 -27.66
C VAL G 773 -16.11 18.93 -28.28
N ALA G 774 -17.04 18.02 -28.49
CA ALA G 774 -18.38 18.40 -28.93
C ALA G 774 -19.35 18.21 -27.78
N VAL G 775 -20.14 19.23 -27.49
CA VAL G 775 -21.20 19.14 -26.48
C VAL G 775 -22.44 18.73 -27.27
N ILE G 776 -22.67 17.44 -27.32
CA ILE G 776 -23.73 16.87 -28.14
C ILE G 776 -24.21 15.62 -27.45
N SER G 777 -25.51 15.38 -27.50
CA SER G 777 -26.06 14.07 -27.16
C SER G 777 -26.37 13.43 -28.50
N TYR G 778 -25.62 12.43 -28.83
CA TYR G 778 -25.69 11.81 -30.14
C TYR G 778 -25.75 10.30 -30.08
N THR G 779 -25.02 9.68 -29.16
CA THR G 779 -24.79 8.25 -29.20
C THR G 779 -25.73 7.46 -28.32
N GLY G 780 -26.26 8.07 -27.27
CA GLY G 780 -27.05 7.36 -26.30
C GLY G 780 -26.24 6.65 -25.23
N TYR G 781 -24.92 6.62 -25.37
CA TYR G 781 -24.03 5.94 -24.44
C TYR G 781 -23.35 6.89 -23.48
N ASP G 782 -23.77 8.15 -23.44
CA ASP G 782 -23.11 9.16 -22.63
C ASP G 782 -24.15 9.86 -21.77
N MET G 783 -24.48 9.27 -20.63
CA MET G 783 -25.40 9.91 -19.71
C MET G 783 -24.94 9.65 -18.28
N ASP G 784 -25.22 10.65 -17.46
CA ASP G 784 -25.11 10.79 -16.00
C ASP G 784 -23.69 10.93 -15.48
N ASP G 785 -22.72 10.27 -16.10
CA ASP G 785 -21.30 10.53 -15.88
C ASP G 785 -20.45 10.09 -17.05
N ALA G 786 -21.00 9.89 -18.23
CA ALA G 786 -20.31 9.09 -19.23
C ALA G 786 -19.97 9.96 -20.42
N MET G 787 -18.80 9.74 -20.97
CA MET G 787 -18.36 10.41 -22.17
C MET G 787 -18.01 9.38 -23.23
N ILE G 788 -17.73 9.87 -24.42
CA ILE G 788 -17.51 9.04 -25.59
C ILE G 788 -16.21 9.48 -26.22
N ILE G 789 -15.31 8.54 -26.43
CA ILE G 789 -14.01 8.85 -27.01
C ILE G 789 -14.11 8.51 -28.49
N ASN G 790 -13.33 9.20 -29.31
CA ASN G 790 -13.25 8.83 -30.71
C ASN G 790 -12.34 7.63 -30.83
N LYS G 791 -12.72 6.69 -31.68
CA LYS G 791 -11.95 5.46 -31.78
C LYS G 791 -10.70 5.68 -32.60
N SER G 792 -10.82 6.35 -33.75
CA SER G 792 -9.65 6.60 -34.59
C SER G 792 -8.69 7.58 -33.96
N ALA G 793 -9.17 8.45 -33.08
CA ALA G 793 -8.25 9.28 -32.31
C ALA G 793 -7.42 8.43 -31.38
N ASP G 794 -8.06 7.44 -30.75
CA ASP G 794 -7.36 6.56 -29.83
C ASP G 794 -6.34 5.70 -30.53
N GLU G 795 -6.65 5.24 -31.74
CA GLU G 795 -5.72 4.41 -32.48
C GLU G 795 -4.52 5.23 -32.94
N ARG G 796 -4.71 6.54 -33.08
CA ARG G 796 -3.65 7.46 -33.42
C ARG G 796 -2.92 8.00 -32.21
N GLY G 797 -3.15 7.46 -31.02
CA GLY G 797 -2.32 7.76 -29.88
C GLY G 797 -2.87 8.75 -28.88
N PHE G 798 -4.18 8.94 -28.84
CA PHE G 798 -4.79 9.97 -28.00
C PHE G 798 -4.92 9.46 -26.57
N GLY G 799 -4.31 10.16 -25.64
CA GLY G 799 -4.44 9.80 -24.25
C GLY G 799 -3.66 8.59 -23.83
N TYR G 800 -2.62 8.24 -24.55
CA TYR G 800 -1.84 7.06 -24.21
C TYR G 800 -0.91 7.36 -23.05
N GLY G 801 -0.72 6.35 -22.19
CA GLY G 801 0.21 6.50 -21.09
C GLY G 801 0.69 5.15 -20.60
N THR G 802 1.76 5.17 -19.81
CA THR G 802 2.34 3.95 -19.26
C THR G 802 2.40 4.03 -17.75
N MET G 803 2.68 2.91 -17.13
CA MET G 803 2.86 2.83 -15.69
C MET G 803 4.10 2.01 -15.41
N TYR G 804 4.94 2.50 -14.52
CA TYR G 804 6.19 1.83 -14.18
C TYR G 804 6.08 1.29 -12.78
N LYS G 805 6.69 0.14 -12.51
CA LYS G 805 6.70 -0.43 -11.18
C LYS G 805 8.03 -1.09 -10.90
N THR G 806 8.58 -0.88 -9.72
CA THR G 806 9.84 -1.51 -9.33
C THR G 806 9.60 -2.54 -8.24
N GLU G 807 10.26 -3.68 -8.38
CA GLU G 807 10.24 -4.76 -7.41
C GLU G 807 11.66 -4.98 -6.92
N LYS G 808 11.84 -5.07 -5.61
CA LYS G 808 13.14 -5.35 -5.03
C LYS G 808 13.25 -6.84 -4.79
N VAL G 809 14.01 -7.53 -5.63
CA VAL G 809 14.32 -8.93 -5.37
C VAL G 809 15.51 -8.96 -4.42
N ASP G 810 15.31 -9.55 -3.25
CA ASP G 810 16.34 -9.55 -2.22
C ASP G 810 16.47 -10.95 -1.65
N LEU G 811 17.72 -11.36 -1.44
CA LEU G 811 18.05 -12.69 -0.95
C LEU G 811 18.75 -12.64 0.40
N ALA G 812 18.89 -11.46 0.98
CA ALA G 812 19.33 -11.31 2.35
C ALA G 812 18.17 -11.02 3.30
N LEU G 813 16.95 -11.10 2.79
CA LEU G 813 15.78 -10.73 3.58
C LEU G 813 15.50 -11.72 4.70
N ASN G 814 15.77 -13.01 4.47
CA ASN G 814 15.56 -14.03 5.47
C ASN G 814 16.80 -14.33 6.30
N ARG G 815 17.98 -14.04 5.77
CA ARG G 815 19.23 -14.50 6.36
C ARG G 815 19.63 -13.62 7.53
N ASN G 816 20.08 -14.25 8.61
CA ASN G 816 20.62 -13.54 9.75
C ASN G 816 21.98 -12.94 9.39
N ARG G 817 22.40 -11.97 10.19
CA ARG G 817 23.71 -11.35 10.00
C ARG G 817 24.85 -12.32 10.27
N GLY G 818 24.62 -13.30 11.15
CA GLY G 818 25.64 -14.29 11.43
C GLY G 818 25.60 -15.47 10.48
N ASP G 819 24.43 -15.74 9.92
CA ASP G 819 24.23 -16.86 9.01
C ASP G 819 24.97 -16.59 7.71
N PRO G 820 25.89 -17.46 7.28
CA PRO G 820 26.61 -17.23 6.02
C PRO G 820 25.75 -17.35 4.77
N ILE G 821 26.38 -17.18 3.62
CA ILE G 821 25.67 -16.99 2.36
C ILE G 821 25.16 -18.34 1.84
N THR G 822 23.85 -18.42 1.62
CA THR G 822 23.19 -19.66 1.23
C THR G 822 22.85 -19.73 -0.25
N GLN G 823 22.14 -18.73 -0.77
CA GLN G 823 21.61 -18.80 -2.12
C GLN G 823 22.22 -17.72 -3.02
N HIS G 824 22.32 -18.05 -4.30
CA HIS G 824 23.19 -17.36 -5.25
C HIS G 824 22.43 -17.12 -6.54
N PHE G 825 22.47 -15.90 -7.06
CA PHE G 825 21.90 -15.65 -8.37
C PHE G 825 22.66 -16.40 -9.45
N GLY G 826 21.93 -16.94 -10.39
CA GLY G 826 22.48 -17.75 -11.44
C GLY G 826 21.77 -19.06 -11.51
N PHE G 827 22.36 -20.02 -12.22
CA PHE G 827 21.84 -21.36 -12.31
C PHE G 827 22.82 -22.34 -11.68
N GLY G 828 22.29 -23.45 -11.19
CA GLY G 828 23.09 -24.55 -10.73
C GLY G 828 23.15 -25.65 -11.77
N ASN G 829 24.36 -26.09 -12.06
CA ASN G 829 24.57 -27.05 -13.13
C ASN G 829 24.09 -28.43 -12.73
N ASP G 830 23.74 -29.23 -13.75
CA ASP G 830 23.34 -30.63 -13.71
C ASP G 830 21.98 -30.85 -13.02
N GLU G 831 21.29 -29.79 -12.61
CA GLU G 831 20.02 -29.87 -11.89
C GLU G 831 19.13 -28.88 -12.61
N TRP G 832 18.48 -29.31 -13.68
CA TRP G 832 18.09 -28.38 -14.73
C TRP G 832 16.64 -28.46 -15.18
N PRO G 833 15.85 -27.42 -14.95
CA PRO G 833 14.68 -27.18 -15.80
C PRO G 833 15.04 -26.28 -16.96
N LYS G 834 14.65 -26.62 -18.18
CA LYS G 834 14.83 -25.67 -19.27
C LYS G 834 13.63 -24.72 -19.29
N GLU G 835 13.57 -23.93 -20.38
CA GLU G 835 12.56 -22.93 -20.79
C GLU G 835 12.52 -21.70 -19.87
N TRP G 836 13.30 -21.73 -18.79
CA TRP G 836 13.62 -20.54 -18.04
C TRP G 836 14.57 -19.64 -18.80
N LEU G 837 15.22 -20.17 -19.83
CA LEU G 837 16.24 -19.48 -20.58
C LEU G 837 15.65 -18.70 -21.75
N GLU G 838 14.33 -18.70 -21.89
CA GLU G 838 13.66 -17.80 -22.81
C GLU G 838 13.51 -16.40 -22.23
N LYS G 839 13.33 -16.31 -20.92
CA LYS G 839 13.12 -15.05 -20.22
C LYS G 839 14.36 -14.58 -19.51
N LEU G 840 15.24 -15.48 -19.10
CA LEU G 840 16.33 -15.17 -18.20
C LEU G 840 17.66 -15.38 -18.90
N ASP G 841 18.70 -14.84 -18.30
CA ASP G 841 20.02 -14.80 -18.90
C ASP G 841 20.96 -15.65 -18.06
N GLU G 842 22.24 -15.68 -18.44
CA GLU G 842 23.22 -16.55 -17.80
C GLU G 842 23.45 -16.18 -16.34
N ASP G 843 23.32 -14.91 -15.99
CA ASP G 843 23.48 -14.49 -14.62
C ASP G 843 22.22 -14.65 -13.79
N GLY G 844 21.18 -15.27 -14.34
CA GLY G 844 19.95 -15.46 -13.62
C GLY G 844 19.08 -14.23 -13.53
N LEU G 845 19.35 -13.23 -14.30
CA LEU G 845 18.61 -12.00 -14.33
C LEU G 845 17.90 -11.89 -15.67
N PRO G 846 16.76 -11.23 -15.75
CA PRO G 846 16.03 -11.21 -17.02
C PRO G 846 16.68 -10.29 -18.02
N TYR G 847 16.54 -10.66 -19.28
CA TYR G 847 16.85 -9.75 -20.37
C TYR G 847 15.92 -8.57 -20.28
N ILE G 848 16.45 -7.38 -20.41
CA ILE G 848 15.58 -6.23 -20.24
C ILE G 848 14.93 -5.93 -21.57
N GLY G 849 13.66 -5.57 -21.53
CA GLY G 849 12.83 -5.51 -22.71
C GLY G 849 11.92 -6.69 -22.92
N THR G 850 11.84 -7.59 -21.95
CA THR G 850 11.21 -8.89 -22.12
C THR G 850 9.77 -8.86 -21.63
N TYR G 851 8.87 -9.39 -22.44
CA TYR G 851 7.47 -9.44 -22.06
C TYR G 851 7.24 -10.53 -21.04
N VAL G 852 6.69 -10.16 -19.88
CA VAL G 852 6.38 -11.15 -18.85
C VAL G 852 4.89 -11.11 -18.53
N GLU G 853 4.42 -12.22 -17.99
CA GLU G 853 3.05 -12.40 -17.55
C GLU G 853 3.12 -13.03 -16.17
N GLU G 854 1.97 -13.21 -15.53
CA GLU G 854 1.99 -13.84 -14.23
C GLU G 854 2.29 -15.33 -14.39
N GLY G 855 3.21 -15.83 -13.58
CA GLY G 855 3.74 -17.15 -13.71
C GLY G 855 5.16 -17.17 -14.25
N ASP G 856 5.51 -16.19 -15.07
CA ASP G 856 6.80 -16.21 -15.75
C ASP G 856 7.93 -15.97 -14.75
N PRO G 857 9.09 -16.60 -14.95
CA PRO G 857 10.19 -16.42 -14.00
C PRO G 857 10.80 -15.05 -14.13
N ILE G 858 11.10 -14.45 -12.99
CA ILE G 858 11.59 -13.09 -12.99
C ILE G 858 13.05 -13.00 -12.59
N CYS G 859 13.61 -14.02 -11.94
CA CYS G 859 15.04 -14.25 -11.73
C CYS G 859 15.19 -15.64 -11.16
N ALA G 860 16.39 -16.21 -11.34
CA ALA G 860 16.71 -17.54 -10.86
C ALA G 860 17.73 -17.47 -9.75
N TYR G 861 17.71 -18.46 -8.87
CA TYR G 861 18.75 -18.58 -7.88
C TYR G 861 18.99 -20.04 -7.53
N PHE G 862 20.18 -20.30 -7.01
CA PHE G 862 20.59 -21.62 -6.56
C PHE G 862 20.86 -21.56 -5.07
N ASP G 863 20.12 -22.30 -4.27
CA ASP G 863 20.37 -22.35 -2.84
C ASP G 863 21.15 -23.60 -2.45
N ASP G 864 22.07 -23.42 -1.52
CA ASP G 864 22.95 -24.51 -1.11
C ASP G 864 22.21 -25.56 -0.29
N THR G 865 21.23 -25.12 0.51
CA THR G 865 20.59 -26.03 1.45
C THR G 865 19.69 -27.04 0.74
N LEU G 866 18.73 -26.56 -0.01
CA LEU G 866 17.84 -27.45 -0.76
C LEU G 866 18.51 -28.05 -1.98
N ASN G 867 19.67 -27.52 -2.35
CA ASN G 867 20.49 -27.98 -3.48
C ASN G 867 19.68 -27.95 -4.78
N LYS G 868 18.92 -26.87 -4.97
CA LYS G 868 18.03 -26.69 -6.09
C LYS G 868 18.32 -25.37 -6.79
N THR G 869 17.87 -25.29 -8.04
CA THR G 869 17.91 -24.04 -8.85
C THR G 869 16.50 -23.45 -8.71
N LYS G 870 16.31 -22.37 -7.96
CA LYS G 870 14.98 -21.76 -7.72
C LYS G 870 14.93 -20.37 -8.36
N ILE G 871 13.88 -20.07 -9.14
CA ILE G 871 13.71 -18.76 -9.84
C ILE G 871 12.47 -18.07 -9.25
N LYS G 872 12.55 -16.79 -8.89
CA LYS G 872 11.39 -16.03 -8.35
C LYS G 872 10.44 -15.79 -9.54
N THR G 873 9.12 -15.78 -9.29
CA THR G 873 8.09 -15.65 -10.35
C THR G 873 7.35 -14.31 -10.21
N TYR G 874 7.09 -13.62 -11.32
CA TYR G 874 6.34 -12.35 -11.35
C TYR G 874 4.86 -12.72 -11.30
N HIS G 875 4.14 -12.21 -10.31
CA HIS G 875 2.72 -12.53 -10.09
C HIS G 875 1.92 -11.25 -9.96
N SER G 876 1.46 -10.76 -11.11
CA SER G 876 0.54 -9.64 -11.19
C SER G 876 -0.25 -9.82 -12.47
N SER G 877 -1.52 -9.43 -12.45
CA SER G 877 -2.40 -9.71 -13.59
C SER G 877 -2.06 -8.86 -14.81
N GLU G 878 -1.32 -7.79 -14.63
CA GLU G 878 -0.97 -6.91 -15.73
C GLU G 878 0.31 -7.41 -16.40
N PRO G 879 0.30 -7.70 -17.69
CA PRO G 879 1.55 -8.05 -18.37
C PRO G 879 2.43 -6.82 -18.50
N ALA G 880 3.74 -7.03 -18.36
CA ALA G 880 4.67 -5.93 -18.34
C ALA G 880 5.86 -6.25 -19.23
N TYR G 881 6.79 -5.31 -19.28
CA TYR G 881 8.07 -5.47 -19.94
C TYR G 881 9.14 -5.16 -18.92
N ILE G 882 10.28 -5.82 -19.00
CA ILE G 882 11.36 -5.44 -18.10
C ILE G 882 11.99 -4.17 -18.64
N GLU G 883 11.88 -3.10 -17.86
CA GLU G 883 12.42 -1.80 -18.24
C GLU G 883 13.89 -1.70 -17.87
N GLU G 884 14.17 -1.76 -16.58
CA GLU G 884 15.54 -1.63 -16.02
C GLU G 884 15.80 -2.72 -14.99
N VAL G 885 17.03 -3.22 -14.93
CA VAL G 885 17.48 -4.10 -13.87
C VAL G 885 18.72 -3.47 -13.27
N ASN G 886 18.59 -2.94 -12.06
CA ASN G 886 19.75 -2.48 -11.29
C ASN G 886 20.13 -3.60 -10.36
N LEU G 887 21.41 -3.95 -10.34
CA LEU G 887 21.90 -4.89 -9.37
C LEU G 887 22.72 -4.14 -8.33
N ILE G 888 22.38 -4.34 -7.06
CA ILE G 888 22.76 -3.47 -5.98
C ILE G 888 23.93 -4.10 -5.24
N GLY G 889 25.06 -3.42 -5.21
CA GLY G 889 26.18 -3.89 -4.43
C GLY G 889 26.03 -3.54 -2.99
N ASP G 890 26.96 -4.03 -2.18
CA ASP G 890 26.93 -3.79 -0.74
C ASP G 890 28.05 -2.86 -0.31
N GLU G 891 27.78 -2.10 0.74
CA GLU G 891 28.72 -1.15 1.30
C GLU G 891 29.19 -1.53 2.69
N SER G 892 28.27 -1.96 3.56
CA SER G 892 28.63 -2.32 4.93
C SER G 892 29.46 -3.60 4.96
N ASN G 893 28.88 -4.71 4.50
CA ASN G 893 29.66 -5.90 4.21
C ASN G 893 30.20 -5.78 2.80
N LYS G 894 31.43 -5.30 2.68
CA LYS G 894 32.09 -5.19 1.39
C LYS G 894 32.41 -6.57 0.83
N PHE G 895 32.99 -6.58 -0.38
CA PHE G 895 33.63 -7.74 -1.07
C PHE G 895 32.74 -9.00 -1.11
N GLN G 896 31.43 -8.83 -1.05
CA GLN G 896 30.52 -9.96 -1.05
C GLN G 896 29.70 -9.97 -2.33
N GLU G 897 29.13 -11.13 -2.63
CA GLU G 897 28.56 -11.35 -3.96
C GLU G 897 27.21 -10.67 -4.10
N LEU G 898 26.64 -10.81 -5.29
CA LEU G 898 25.40 -10.13 -5.64
C LEU G 898 24.22 -10.79 -4.97
N GLN G 899 23.50 -10.03 -4.14
CA GLN G 899 22.28 -10.55 -3.53
C GLN G 899 21.13 -9.54 -3.44
N THR G 900 21.20 -8.41 -4.11
CA THR G 900 20.08 -7.49 -4.15
C THR G 900 19.93 -6.93 -5.56
N VAL G 901 18.78 -7.16 -6.17
CA VAL G 901 18.49 -6.74 -7.52
C VAL G 901 17.12 -6.08 -7.52
N SER G 902 17.05 -4.84 -8.00
CA SER G 902 15.78 -4.18 -8.21
C SER G 902 15.46 -4.20 -9.69
N ILE G 903 14.21 -4.52 -10.02
CA ILE G 903 13.78 -4.66 -11.39
C ILE G 903 12.55 -3.80 -11.64
N LYS G 904 12.65 -2.89 -12.60
CA LYS G 904 11.57 -1.98 -12.96
C LYS G 904 10.79 -2.52 -14.14
N TYR G 905 9.46 -2.54 -14.02
CA TYR G 905 8.59 -3.00 -15.09
C TYR G 905 7.94 -1.80 -15.75
N ARG G 906 7.43 -1.96 -16.97
CA ARG G 906 6.51 -0.97 -17.51
C ARG G 906 5.25 -1.67 -18.00
N ILE G 907 4.11 -1.11 -17.60
CA ILE G 907 2.81 -1.63 -17.97
C ILE G 907 2.17 -0.59 -18.88
N ARG G 908 1.86 -0.97 -20.10
CA ARG G 908 1.31 -0.03 -21.04
C ARG G 908 -0.20 0.08 -20.84
N ARG G 909 -0.70 1.32 -20.90
CA ARG G 909 -2.07 1.63 -20.53
C ARG G 909 -2.73 2.45 -21.63
N THR G 910 -3.25 1.75 -22.63
CA THR G 910 -4.11 2.38 -23.60
C THR G 910 -5.44 2.74 -22.92
N PRO G 911 -6.15 3.74 -23.44
CA PRO G 911 -7.44 4.11 -22.83
C PRO G 911 -8.47 3.00 -22.99
N GLN G 912 -8.88 2.43 -21.86
CA GLN G 912 -9.89 1.39 -21.84
C GLN G 912 -11.24 1.99 -21.47
N ILE G 913 -12.27 1.22 -21.73
CA ILE G 913 -13.62 1.62 -21.38
C ILE G 913 -13.80 1.51 -19.88
N GLY G 914 -14.14 2.61 -19.24
CA GLY G 914 -14.11 2.71 -17.82
C GLY G 914 -13.08 3.69 -17.30
N ASP G 915 -12.21 4.19 -18.16
CA ASP G 915 -11.20 5.14 -17.74
C ASP G 915 -11.81 6.52 -17.59
N LYS G 916 -11.43 7.20 -16.53
CA LYS G 916 -12.04 8.47 -16.16
C LYS G 916 -11.24 9.60 -16.77
N PHE G 917 -11.85 10.35 -17.65
CA PHE G 917 -11.21 11.56 -18.15
C PHE G 917 -11.88 12.74 -17.49
N SER G 918 -11.21 13.89 -17.50
CA SER G 918 -11.80 15.06 -16.88
C SER G 918 -11.26 16.31 -17.55
N SER G 919 -12.09 17.35 -17.62
CA SER G 919 -11.60 18.64 -18.04
C SER G 919 -11.09 19.37 -16.81
N ARG G 920 -10.75 20.64 -16.96
CA ARG G 920 -10.21 21.40 -15.84
C ARG G 920 -11.29 22.09 -15.03
N HIS G 921 -12.51 21.56 -15.02
CA HIS G 921 -13.61 22.24 -14.37
C HIS G 921 -14.40 21.31 -13.46
N GLY G 922 -13.85 20.16 -13.11
CA GLY G 922 -14.60 19.21 -12.30
C GLY G 922 -15.63 18.43 -13.07
N GLN G 923 -15.50 18.38 -14.38
CA GLN G 923 -16.40 17.61 -15.22
C GLN G 923 -15.78 16.27 -15.55
N LYS G 924 -15.70 15.40 -14.55
CA LYS G 924 -15.08 14.11 -14.83
C LYS G 924 -16.08 13.19 -15.49
N GLY G 925 -15.57 12.12 -16.10
CA GLY G 925 -16.43 11.22 -16.80
C GLY G 925 -15.76 9.94 -17.24
N VAL G 926 -16.43 8.83 -17.10
CA VAL G 926 -15.80 7.58 -17.51
C VAL G 926 -15.98 7.43 -19.00
N CYS G 927 -14.98 6.85 -19.65
CA CYS G 927 -15.11 6.52 -21.05
C CYS G 927 -16.07 5.35 -21.18
N SER G 928 -17.21 5.60 -21.79
CA SER G 928 -18.25 4.59 -21.80
C SER G 928 -18.18 3.71 -23.02
N ARG G 929 -17.67 4.23 -24.12
CA ARG G 929 -17.57 3.48 -25.36
C ARG G 929 -16.62 4.21 -26.29
N LYS G 930 -15.77 3.47 -26.99
CA LYS G 930 -14.88 4.02 -27.99
C LYS G 930 -15.59 3.91 -29.33
N TRP G 931 -15.96 5.02 -29.87
CA TRP G 931 -16.93 5.11 -30.94
C TRP G 931 -16.21 5.35 -32.26
N PRO G 932 -16.49 4.58 -33.30
CA PRO G 932 -15.72 4.71 -34.53
C PRO G 932 -16.01 5.98 -35.31
N THR G 933 -14.95 6.52 -35.93
CA THR G 933 -15.01 7.77 -36.69
C THR G 933 -15.97 7.68 -37.85
N ILE G 934 -16.12 6.50 -38.40
CA ILE G 934 -17.05 6.06 -39.42
C ILE G 934 -18.45 6.61 -39.15
N ASP G 935 -18.91 6.54 -37.90
CA ASP G 935 -20.26 6.97 -37.57
C ASP G 935 -20.30 7.87 -36.34
N MET G 936 -19.43 8.84 -36.27
CA MET G 936 -19.35 9.94 -35.34
C MET G 936 -19.66 11.21 -36.13
N PRO G 937 -20.24 12.28 -35.58
CA PRO G 937 -20.67 13.39 -36.45
C PRO G 937 -19.51 14.20 -36.96
N PHE G 938 -19.68 14.72 -38.17
CA PHE G 938 -18.62 15.42 -38.85
C PHE G 938 -19.10 16.81 -39.23
N SER G 939 -18.16 17.73 -39.29
CA SER G 939 -18.48 19.14 -39.39
C SER G 939 -18.38 19.62 -40.83
N GLU G 940 -18.58 20.93 -41.01
CA GLU G 940 -18.32 21.56 -42.30
C GLU G 940 -16.85 21.49 -42.65
N THR G 941 -16.00 21.61 -41.64
CA THR G 941 -14.56 21.55 -41.85
C THR G 941 -14.11 20.13 -42.16
N GLY G 942 -14.86 19.14 -41.70
CA GLY G 942 -14.53 17.76 -41.89
C GLY G 942 -14.04 17.07 -40.65
N ILE G 943 -14.25 17.66 -39.48
CA ILE G 943 -13.58 17.26 -38.26
C ILE G 943 -14.50 16.34 -37.47
N GLN G 944 -14.01 15.18 -37.10
CA GLN G 944 -14.77 14.50 -36.07
C GLN G 944 -14.19 14.85 -34.71
N PRO G 945 -15.02 15.11 -33.71
CA PRO G 945 -14.50 15.49 -32.40
C PRO G 945 -13.84 14.32 -31.70
N ASP G 946 -12.91 14.63 -30.81
CA ASP G 946 -12.21 13.57 -30.11
C ASP G 946 -13.02 13.08 -28.92
N ILE G 947 -13.74 13.98 -28.28
CA ILE G 947 -14.51 13.67 -27.09
C ILE G 947 -15.90 14.21 -27.30
N ILE G 948 -16.91 13.41 -26.99
CA ILE G 948 -18.29 13.85 -26.91
C ILE G 948 -18.68 13.93 -25.46
N ILE G 949 -19.17 15.07 -25.03
CA ILE G 949 -19.72 15.24 -23.68
C ILE G 949 -21.20 15.59 -23.82
N ASN G 950 -22.01 15.03 -22.94
CA ASN G 950 -23.45 15.21 -23.01
C ASN G 950 -23.81 16.58 -22.46
N PRO G 951 -24.69 17.34 -23.11
CA PRO G 951 -25.13 18.61 -22.53
C PRO G 951 -25.99 18.49 -21.29
N HIS G 952 -26.42 17.30 -20.93
CA HIS G 952 -27.12 17.10 -19.67
C HIS G 952 -26.19 16.99 -18.49
N ALA G 953 -24.90 17.18 -18.69
CA ALA G 953 -23.96 17.25 -17.58
C ALA G 953 -23.73 18.68 -17.15
N PHE G 954 -24.23 19.63 -17.90
CA PHE G 954 -24.11 21.04 -17.57
C PHE G 954 -25.14 21.71 -16.67
N PRO G 955 -26.47 21.45 -16.75
CA PRO G 955 -27.38 22.31 -16.01
C PRO G 955 -27.36 22.13 -14.51
N SER G 956 -27.01 20.96 -14.02
CA SER G 956 -26.93 20.78 -12.57
C SER G 956 -25.53 21.05 -12.04
N ARG G 957 -24.49 20.99 -12.87
CA ARG G 957 -23.10 21.28 -12.41
C ARG G 957 -22.79 22.78 -12.48
N MET G 958 -23.31 23.49 -13.47
CA MET G 958 -23.11 24.95 -13.69
C MET G 958 -21.62 25.31 -13.78
N THR G 959 -20.82 24.51 -14.48
CA THR G 959 -19.38 24.76 -14.75
C THR G 959 -19.32 25.57 -16.05
N ILE G 960 -19.55 26.88 -15.98
CA ILE G 960 -19.64 27.80 -17.16
C ILE G 960 -18.24 28.18 -17.64
N GLY G 961 -17.21 27.82 -16.89
CA GLY G 961 -15.84 27.99 -17.32
C GLY G 961 -15.47 27.05 -18.42
N MET G 962 -16.20 25.95 -18.57
CA MET G 962 -15.96 25.01 -19.65
C MET G 962 -16.58 25.49 -20.95
N PHE G 963 -17.72 26.18 -20.87
CA PHE G 963 -18.31 26.76 -22.06
C PHE G 963 -17.46 27.90 -22.62
N VAL G 964 -16.86 28.71 -21.75
CA VAL G 964 -16.05 29.79 -22.26
C VAL G 964 -14.67 29.29 -22.65
N GLU G 965 -14.21 28.17 -22.09
CA GLU G 965 -12.95 27.60 -22.55
C GLU G 965 -13.11 26.99 -23.92
N SER G 966 -14.31 26.52 -24.26
CA SER G 966 -14.54 25.86 -25.53
C SER G 966 -14.42 26.82 -26.70
N LEU G 967 -14.92 28.05 -26.54
CA LEU G 967 -14.80 29.06 -27.61
C LEU G 967 -13.48 29.83 -27.46
N ALA G 968 -12.85 29.90 -26.28
CA ALA G 968 -11.54 30.51 -26.21
C ALA G 968 -10.50 29.62 -26.85
N GLY G 969 -10.61 28.31 -26.65
CA GLY G 969 -9.60 27.41 -27.20
C GLY G 969 -9.70 27.25 -28.69
N LYS G 970 -10.90 27.36 -29.24
CA LYS G 970 -11.03 27.27 -30.69
C LYS G 970 -10.56 28.56 -31.34
N ALA G 971 -10.70 29.69 -30.66
CA ALA G 971 -10.17 30.95 -31.18
C ALA G 971 -8.65 30.95 -31.19
N GLY G 972 -8.04 30.23 -30.25
CA GLY G 972 -6.59 30.20 -30.20
C GLY G 972 -5.98 29.22 -31.16
N ALA G 973 -6.70 28.14 -31.48
CA ALA G 973 -6.22 27.21 -32.48
C ALA G 973 -6.27 27.80 -33.87
N LEU G 974 -7.24 28.68 -34.12
CA LEU G 974 -7.34 29.31 -35.43
C LEU G 974 -6.26 30.36 -35.62
N HIS G 975 -6.23 31.35 -34.73
CA HIS G 975 -5.32 32.46 -34.89
C HIS G 975 -3.91 32.15 -34.44
N GLY G 976 -3.68 31.02 -33.78
CA GLY G 976 -2.33 30.71 -33.35
C GLY G 976 -1.89 31.48 -32.13
N ILE G 977 -2.83 31.99 -31.35
CA ILE G 977 -2.52 32.74 -30.15
C ILE G 977 -2.93 31.91 -28.96
N ALA G 978 -2.47 32.31 -27.78
CA ALA G 978 -2.96 31.69 -26.56
C ALA G 978 -3.74 32.70 -25.75
N GLN G 979 -4.69 32.20 -24.98
CA GLN G 979 -5.59 33.05 -24.24
C GLN G 979 -5.34 32.98 -22.75
N ASP G 980 -5.39 34.13 -22.10
CA ASP G 980 -5.32 34.23 -20.66
C ASP G 980 -6.68 33.89 -20.09
N SER G 981 -6.69 33.04 -19.07
CA SER G 981 -7.91 32.63 -18.40
C SER G 981 -7.76 32.79 -16.90
N THR G 982 -6.93 33.73 -16.50
CA THR G 982 -6.87 34.17 -15.13
C THR G 982 -8.26 34.66 -14.72
N PRO G 983 -8.72 34.36 -13.52
CA PRO G 983 -9.98 34.93 -13.08
C PRO G 983 -9.88 36.43 -12.86
N TRP G 984 -11.00 37.10 -13.10
CA TRP G 984 -11.27 38.52 -12.88
C TRP G 984 -10.51 39.40 -13.86
N ILE G 985 -10.07 38.83 -14.98
CA ILE G 985 -9.63 39.65 -16.09
C ILE G 985 -10.82 40.31 -16.75
N PHE G 986 -11.90 39.58 -16.91
CA PHE G 986 -13.08 40.05 -17.61
C PHE G 986 -14.00 40.77 -16.65
N ASN G 987 -15.16 41.15 -17.15
CA ASN G 987 -16.03 42.05 -16.43
C ASN G 987 -17.44 41.76 -16.86
N GLU G 988 -18.41 42.32 -16.15
CA GLU G 988 -19.80 42.15 -16.56
C GLU G 988 -20.12 43.07 -17.74
N ASP G 989 -19.31 44.09 -17.96
CA ASP G 989 -19.39 44.92 -19.15
C ASP G 989 -18.44 44.46 -20.24
N ASP G 990 -17.65 43.43 -19.99
CA ASP G 990 -16.63 42.94 -20.90
C ASP G 990 -16.68 41.41 -20.95
N THR G 991 -17.87 40.88 -21.21
CA THR G 991 -18.14 39.45 -21.14
C THR G 991 -17.27 38.67 -22.15
N PRO G 992 -16.66 37.55 -21.72
CA PRO G 992 -15.75 36.84 -22.63
C PRO G 992 -16.44 36.13 -23.75
N ALA G 993 -17.74 35.85 -23.65
CA ALA G 993 -18.47 35.35 -24.81
C ALA G 993 -18.55 36.39 -25.91
N ASP G 994 -18.45 37.67 -25.56
CA ASP G 994 -18.31 38.72 -26.56
C ASP G 994 -16.87 38.87 -27.01
N TYR G 995 -15.91 38.56 -26.14
CA TYR G 995 -14.51 38.71 -26.51
C TYR G 995 -14.08 37.60 -27.45
N PHE G 996 -14.19 36.36 -27.00
CA PHE G 996 -13.77 35.26 -27.85
C PHE G 996 -14.80 34.96 -28.92
N GLY G 997 -16.02 35.45 -28.79
CA GLY G 997 -16.95 35.36 -29.90
C GLY G 997 -16.55 36.28 -31.03
N GLU G 998 -16.02 37.44 -30.71
CA GLU G 998 -15.57 38.38 -31.72
C GLU G 998 -14.36 37.85 -32.49
N GLN G 999 -13.57 36.99 -31.86
CA GLN G 999 -12.43 36.40 -32.55
C GLN G 999 -12.84 35.25 -33.44
N LEU G 1000 -13.89 34.52 -33.10
CA LEU G 1000 -14.41 33.49 -34.00
C LEU G 1000 -15.04 34.10 -35.23
N ALA G 1001 -15.65 35.27 -35.09
CA ALA G 1001 -16.28 35.91 -36.24
C ALA G 1001 -15.24 36.47 -37.21
N LYS G 1002 -14.09 36.91 -36.70
CA LYS G 1002 -13.04 37.39 -37.57
C LYS G 1002 -12.34 36.26 -38.29
N ALA G 1003 -12.33 35.07 -37.70
CA ALA G 1003 -11.82 33.92 -38.42
C ALA G 1003 -12.78 33.46 -39.49
N GLY G 1004 -14.08 33.58 -39.24
CA GLY G 1004 -15.03 33.14 -40.23
C GLY G 1004 -15.93 32.04 -39.70
N TYR G 1005 -15.83 31.79 -38.41
CA TYR G 1005 -16.71 30.85 -37.74
C TYR G 1005 -17.92 31.55 -37.16
N ASN G 1006 -18.79 30.75 -36.57
CA ASN G 1006 -19.96 31.29 -35.91
C ASN G 1006 -19.54 32.08 -34.69
N TYR G 1007 -20.28 33.14 -34.41
CA TYR G 1007 -19.99 33.98 -33.26
C TYR G 1007 -20.20 33.22 -31.96
N HIS G 1008 -21.20 32.37 -31.91
CA HIS G 1008 -21.62 31.72 -30.68
C HIS G 1008 -20.90 30.41 -30.43
N GLY G 1009 -19.98 30.01 -31.28
CA GLY G 1009 -19.23 28.80 -31.08
C GLY G 1009 -19.81 27.57 -31.71
N ASN G 1010 -20.99 27.68 -32.31
CA ASN G 1010 -21.64 26.53 -32.91
C ASN G 1010 -21.00 26.20 -34.25
N GLU G 1011 -21.18 24.96 -34.70
CA GLU G 1011 -20.70 24.56 -36.00
C GLU G 1011 -21.78 23.75 -36.69
N PRO G 1012 -22.00 23.96 -37.99
CA PRO G 1012 -22.93 23.09 -38.72
C PRO G 1012 -22.30 21.72 -38.88
N MET G 1013 -23.04 20.70 -38.47
CA MET G 1013 -22.46 19.40 -38.30
C MET G 1013 -23.45 18.35 -38.78
N TYR G 1014 -22.94 17.28 -39.38
CA TYR G 1014 -23.74 16.29 -40.06
C TYR G 1014 -23.75 14.99 -39.27
N SER G 1015 -24.70 14.13 -39.55
CA SER G 1015 -24.76 12.86 -38.84
C SER G 1015 -23.82 11.87 -39.47
N GLY G 1016 -23.07 11.16 -38.64
CA GLY G 1016 -22.18 10.16 -39.19
C GLY G 1016 -22.92 8.93 -39.64
N ALA G 1017 -24.06 8.65 -39.02
CA ALA G 1017 -24.75 7.41 -39.27
C ALA G 1017 -25.69 7.51 -40.45
N THR G 1018 -26.47 8.58 -40.55
CA THR G 1018 -27.43 8.74 -41.62
C THR G 1018 -26.96 9.69 -42.71
N GLY G 1019 -25.98 10.53 -42.42
CA GLY G 1019 -25.47 11.43 -43.41
C GLY G 1019 -26.24 12.71 -43.58
N GLU G 1020 -27.31 12.89 -42.83
CA GLU G 1020 -28.11 14.10 -42.93
C GLU G 1020 -27.59 15.14 -41.98
N GLU G 1021 -27.96 16.37 -42.24
CA GLU G 1021 -27.51 17.47 -41.41
C GLU G 1021 -28.29 17.45 -40.10
N LEU G 1022 -27.57 17.61 -39.00
CA LEU G 1022 -28.17 17.72 -37.69
C LEU G 1022 -29.03 18.98 -37.60
N ARG G 1023 -29.96 18.97 -36.67
CA ARG G 1023 -31.04 19.96 -36.66
C ARG G 1023 -30.54 21.32 -36.21
N ALA G 1024 -29.81 21.39 -35.13
CA ALA G 1024 -29.20 22.64 -34.69
C ALA G 1024 -27.69 22.52 -34.81
N ASP G 1025 -27.04 23.66 -34.98
CA ASP G 1025 -25.58 23.66 -35.03
C ASP G 1025 -24.99 23.33 -33.67
N ILE G 1026 -23.97 22.50 -33.69
CA ILE G 1026 -23.48 21.85 -32.48
C ILE G 1026 -22.37 22.68 -31.87
N TYR G 1027 -22.36 22.80 -30.57
CA TYR G 1027 -21.36 23.60 -29.87
C TYR G 1027 -20.09 22.79 -29.76
N VAL G 1028 -19.11 23.10 -30.60
CA VAL G 1028 -17.85 22.35 -30.65
C VAL G 1028 -16.75 23.33 -30.32
N GLY G 1029 -15.70 22.85 -29.67
CA GLY G 1029 -14.56 23.69 -29.39
C GLY G 1029 -13.37 22.88 -28.99
N VAL G 1030 -12.38 23.55 -28.41
CA VAL G 1030 -11.14 22.92 -28.01
C VAL G 1030 -10.96 23.10 -26.51
N VAL G 1031 -11.11 22.02 -25.75
CA VAL G 1031 -11.01 22.04 -24.30
C VAL G 1031 -9.86 21.15 -23.89
N TYR G 1032 -9.04 21.62 -22.96
CA TYR G 1032 -7.91 20.85 -22.43
C TYR G 1032 -8.42 19.74 -21.52
N TYR G 1033 -8.08 18.50 -21.84
CA TYR G 1033 -8.53 17.33 -21.09
C TYR G 1033 -7.40 16.64 -20.34
N GLN G 1034 -7.80 15.82 -19.39
CA GLN G 1034 -6.91 15.16 -18.45
C GLN G 1034 -7.34 13.73 -18.27
N ARG G 1035 -6.37 12.84 -18.10
CA ARG G 1035 -6.61 11.39 -17.89
C ARG G 1035 -6.27 11.09 -16.44
N LEU G 1036 -7.20 10.54 -15.68
CA LEU G 1036 -6.94 10.26 -14.28
C LEU G 1036 -6.18 8.96 -14.12
N ARG G 1037 -5.45 8.83 -13.01
CA ARG G 1037 -4.51 7.72 -12.88
C ARG G 1037 -5.21 6.43 -12.53
N HIS G 1038 -6.27 6.47 -11.74
CA HIS G 1038 -6.86 5.24 -11.24
C HIS G 1038 -7.77 4.63 -12.30
N MET G 1039 -7.58 3.34 -12.55
CA MET G 1039 -8.22 2.67 -13.65
C MET G 1039 -8.82 1.36 -13.17
N VAL G 1040 -9.53 0.68 -14.06
CA VAL G 1040 -10.52 -0.32 -13.67
C VAL G 1040 -10.04 -1.74 -13.91
N ASN G 1041 -8.73 -1.95 -13.87
CA ASN G 1041 -8.15 -3.26 -14.16
C ASN G 1041 -8.45 -4.26 -13.04
N ASP G 1042 -8.02 -3.96 -11.83
CA ASP G 1042 -8.17 -4.87 -10.69
C ASP G 1042 -9.53 -4.73 -10.02
N LYS G 1043 -10.59 -4.83 -10.82
CA LYS G 1043 -11.94 -4.59 -10.32
C LYS G 1043 -12.90 -5.73 -10.59
N PHE G 1044 -12.65 -6.56 -11.59
CA PHE G 1044 -13.59 -7.60 -11.95
C PHE G 1044 -13.04 -8.96 -11.56
N GLN G 1045 -13.95 -9.89 -11.30
CA GLN G 1045 -13.62 -11.25 -10.93
C GLN G 1045 -14.82 -12.13 -11.17
N VAL G 1046 -14.56 -13.40 -11.45
CA VAL G 1046 -15.60 -14.37 -11.72
C VAL G 1046 -15.15 -15.69 -11.11
N ARG G 1047 -16.07 -16.39 -10.46
CA ARG G 1047 -15.77 -17.70 -9.87
C ARG G 1047 -16.89 -18.68 -10.16
N SER G 1048 -16.61 -19.82 -10.77
CA SER G 1048 -17.62 -20.85 -10.91
C SER G 1048 -17.59 -21.80 -9.72
N THR G 1049 -16.42 -22.36 -9.44
CA THR G 1049 -16.13 -23.00 -8.18
C THR G 1049 -14.63 -22.84 -7.92
N GLY G 1050 -14.12 -23.48 -6.89
CA GLY G 1050 -12.70 -23.43 -6.66
C GLY G 1050 -12.26 -23.71 -5.24
N PRO G 1051 -11.37 -22.87 -4.73
CA PRO G 1051 -10.83 -23.08 -3.39
C PRO G 1051 -11.87 -22.86 -2.31
N VAL G 1052 -11.67 -23.53 -1.18
CA VAL G 1052 -12.58 -23.42 -0.04
C VAL G 1052 -11.78 -22.93 1.16
N ASN G 1053 -12.43 -22.91 2.31
CA ASN G 1053 -11.74 -22.77 3.59
C ASN G 1053 -11.79 -24.11 4.30
N SER G 1054 -10.81 -24.36 5.17
CA SER G 1054 -10.75 -25.67 5.80
C SER G 1054 -11.71 -25.81 6.96
N LEU G 1055 -12.03 -24.70 7.63
CA LEU G 1055 -12.94 -24.76 8.77
C LEU G 1055 -14.40 -24.81 8.31
N THR G 1056 -14.77 -23.94 7.39
CA THR G 1056 -16.17 -23.75 7.03
C THR G 1056 -16.57 -24.42 5.74
N MET G 1057 -15.60 -24.77 4.89
CA MET G 1057 -15.81 -25.27 3.52
C MET G 1057 -16.59 -24.28 2.67
N GLN G 1058 -16.46 -23.07 2.96
CA GLN G 1058 -17.00 -21.95 2.21
C GLN G 1058 -15.93 -21.42 1.28
N PRO G 1059 -16.35 -20.81 0.15
CA PRO G 1059 -15.40 -20.19 -0.76
C PRO G 1059 -14.49 -19.16 -0.09
N VAL G 1060 -13.23 -19.21 -0.49
CA VAL G 1060 -12.21 -18.37 0.09
C VAL G 1060 -12.40 -16.93 -0.37
N LYS G 1061 -11.88 -15.98 0.41
CA LYS G 1061 -11.84 -14.60 -0.04
C LYS G 1061 -10.69 -14.45 -1.02
N GLY G 1062 -10.81 -13.47 -1.92
CA GLY G 1062 -9.65 -13.07 -2.69
C GLY G 1062 -9.93 -12.59 -4.09
N ARG G 1063 -9.36 -11.43 -4.41
CA ARG G 1063 -9.39 -10.94 -5.78
C ARG G 1063 -8.53 -11.83 -6.67
N LYS G 1064 -7.29 -12.05 -6.27
CA LYS G 1064 -6.36 -12.86 -7.03
C LYS G 1064 -6.22 -14.27 -6.49
N ARG G 1065 -6.92 -14.60 -5.40
CA ARG G 1065 -7.00 -15.97 -4.93
C ARG G 1065 -8.15 -16.73 -5.56
N HIS G 1066 -8.80 -16.13 -6.57
CA HIS G 1066 -9.95 -16.68 -7.30
C HIS G 1066 -11.10 -17.01 -6.34
N GLY G 1067 -11.51 -15.98 -5.61
CA GLY G 1067 -12.36 -16.13 -4.45
C GLY G 1067 -13.77 -15.62 -4.64
N GLY G 1068 -14.64 -16.05 -3.73
CA GLY G 1068 -16.07 -15.88 -3.89
C GLY G 1068 -16.56 -14.48 -3.65
N ILE G 1069 -17.83 -14.31 -3.92
CA ILE G 1069 -18.53 -13.04 -3.73
C ILE G 1069 -19.41 -13.19 -2.50
N ARG G 1070 -19.43 -12.17 -1.66
CA ARG G 1070 -20.11 -12.26 -0.38
C ARG G 1070 -21.57 -11.84 -0.49
N VAL G 1071 -22.47 -12.76 -0.15
CA VAL G 1071 -23.87 -12.46 0.02
C VAL G 1071 -24.06 -12.09 1.48
N GLY G 1072 -24.04 -10.81 1.79
CA GLY G 1072 -23.96 -10.35 3.15
C GLY G 1072 -25.29 -10.42 3.88
N GLU G 1073 -25.35 -9.67 4.99
CA GLU G 1073 -26.53 -9.67 5.84
C GLU G 1073 -27.69 -8.95 5.17
N MET G 1074 -27.41 -7.84 4.50
CA MET G 1074 -28.47 -7.05 3.90
C MET G 1074 -29.04 -7.75 2.68
N GLU G 1075 -28.23 -8.53 1.99
CA GLU G 1075 -28.75 -9.27 0.84
C GLU G 1075 -29.55 -10.48 1.26
N ARG G 1076 -29.30 -11.00 2.47
CA ARG G 1076 -30.18 -12.03 3.02
C ARG G 1076 -31.55 -11.47 3.32
N ASP G 1077 -31.60 -10.23 3.80
CA ASP G 1077 -32.88 -9.59 4.06
C ASP G 1077 -33.57 -9.19 2.77
N ALA G 1078 -32.81 -8.94 1.73
CA ALA G 1078 -33.43 -8.59 0.46
C ALA G 1078 -34.02 -9.81 -0.22
N LEU G 1079 -33.45 -10.99 0.01
CA LEU G 1079 -33.98 -12.22 -0.56
C LEU G 1079 -35.14 -12.77 0.23
N ILE G 1080 -35.33 -12.37 1.48
CA ILE G 1080 -36.55 -12.71 2.17
C ILE G 1080 -37.67 -11.76 1.77
N GLY G 1081 -37.34 -10.49 1.49
CA GLY G 1081 -38.35 -9.52 1.12
C GLY G 1081 -39.00 -9.80 -0.21
N HIS G 1082 -38.30 -10.48 -1.11
CA HIS G 1082 -38.94 -10.95 -2.31
C HIS G 1082 -39.78 -12.19 -2.07
N GLY G 1083 -39.63 -12.84 -0.93
CA GLY G 1083 -40.31 -14.10 -0.68
C GLY G 1083 -39.74 -15.24 -1.48
N THR G 1084 -38.50 -15.12 -1.90
CA THR G 1084 -37.83 -16.14 -2.70
C THR G 1084 -37.05 -17.01 -1.75
N SER G 1085 -37.66 -18.10 -1.30
CA SER G 1085 -37.00 -18.99 -0.36
C SER G 1085 -35.97 -19.87 -1.02
N PHE G 1086 -36.04 -20.07 -2.32
CA PHE G 1086 -35.07 -20.93 -2.98
C PHE G 1086 -33.86 -20.17 -3.45
N LEU G 1087 -33.99 -18.88 -3.78
CA LEU G 1087 -32.82 -18.06 -4.04
C LEU G 1087 -32.02 -17.84 -2.77
N LEU G 1088 -32.69 -17.81 -1.63
CA LEU G 1088 -31.97 -17.77 -0.37
C LEU G 1088 -31.32 -19.11 -0.07
N GLN G 1089 -31.99 -20.20 -0.45
CA GLN G 1089 -31.44 -21.53 -0.29
C GLN G 1089 -30.26 -21.77 -1.20
N ASP G 1090 -30.30 -21.20 -2.40
CA ASP G 1090 -29.21 -21.37 -3.35
C ASP G 1090 -28.03 -20.49 -2.97
N ARG G 1091 -28.27 -19.25 -2.58
CA ARG G 1091 -27.17 -18.36 -2.27
C ARG G 1091 -26.63 -18.55 -0.87
N LEU G 1092 -27.20 -19.41 -0.04
CA LEU G 1092 -26.65 -19.59 1.29
C LEU G 1092 -26.47 -21.02 1.71
N LEU G 1093 -27.10 -21.98 1.05
CA LEU G 1093 -26.75 -23.37 1.30
C LEU G 1093 -26.27 -24.08 0.05
N ASN G 1094 -27.00 -24.00 -1.05
CA ASN G 1094 -26.75 -24.90 -2.15
C ASN G 1094 -25.50 -24.52 -2.94
N SER G 1095 -25.01 -23.30 -2.80
CA SER G 1095 -23.81 -22.88 -3.53
C SER G 1095 -22.74 -22.34 -2.61
N SER G 1096 -22.83 -22.58 -1.30
CA SER G 1096 -21.74 -22.16 -0.44
C SER G 1096 -21.07 -23.32 0.28
N ASP G 1097 -21.78 -24.05 1.14
CA ASP G 1097 -21.13 -25.09 1.94
C ASP G 1097 -22.03 -26.28 2.14
N TYR G 1098 -22.71 -26.71 1.09
CA TYR G 1098 -23.63 -27.82 1.19
C TYR G 1098 -22.87 -29.13 1.39
N THR G 1099 -23.07 -29.78 2.53
CA THR G 1099 -22.50 -31.09 2.79
C THR G 1099 -23.59 -32.02 3.26
N GLN G 1100 -23.69 -33.19 2.64
CA GLN G 1100 -24.55 -34.25 3.15
C GLN G 1100 -23.80 -35.00 4.23
N ALA G 1101 -24.24 -34.86 5.47
CA ALA G 1101 -23.55 -35.43 6.60
C ALA G 1101 -24.39 -36.52 7.26
N SER G 1102 -23.74 -37.28 8.13
CA SER G 1102 -24.36 -38.40 8.82
C SER G 1102 -24.79 -37.98 10.21
N VAL G 1103 -25.95 -38.47 10.64
CA VAL G 1103 -26.52 -38.16 11.94
C VAL G 1103 -27.08 -39.44 12.53
N CYS G 1104 -26.75 -39.70 13.80
CA CYS G 1104 -27.41 -40.77 14.52
C CYS G 1104 -28.83 -40.36 14.88
N ARG G 1105 -29.78 -41.26 14.62
CA ARG G 1105 -31.16 -41.05 15.02
C ARG G 1105 -31.47 -41.57 16.40
N GLU G 1106 -30.46 -41.76 17.25
CA GLU G 1106 -30.70 -42.08 18.65
C GLU G 1106 -30.23 -40.96 19.57
N CYS G 1107 -28.97 -40.57 19.50
CA CYS G 1107 -28.49 -39.50 20.35
C CYS G 1107 -28.66 -38.14 19.70
N GLY G 1108 -28.94 -38.10 18.41
CA GLY G 1108 -29.07 -36.85 17.68
C GLY G 1108 -27.80 -36.04 17.66
N SER G 1109 -26.78 -36.50 16.96
CA SER G 1109 -25.51 -35.82 16.95
C SER G 1109 -24.85 -35.92 15.59
N ILE G 1110 -24.07 -34.90 15.26
CA ILE G 1110 -23.34 -34.87 14.01
C ILE G 1110 -21.99 -35.56 14.13
N LEU G 1111 -21.31 -35.32 15.24
CA LEU G 1111 -19.88 -35.57 15.37
C LEU G 1111 -19.55 -36.89 16.05
N THR G 1112 -20.55 -37.65 16.46
CA THR G 1112 -20.30 -38.92 17.11
C THR G 1112 -20.38 -40.08 16.13
N THR G 1113 -20.71 -39.82 14.88
CA THR G 1113 -20.77 -40.86 13.88
C THR G 1113 -19.38 -41.15 13.35
N GLN G 1114 -19.25 -42.33 12.77
CA GLN G 1114 -18.00 -42.85 12.28
C GLN G 1114 -18.34 -43.93 11.27
N GLN G 1115 -17.57 -44.02 10.20
CA GLN G 1115 -17.66 -45.17 9.33
C GLN G 1115 -16.61 -46.18 9.78
N SER G 1116 -17.05 -47.41 10.01
CA SER G 1116 -16.23 -48.44 10.61
C SER G 1116 -15.12 -48.87 9.66
N VAL G 1117 -14.12 -49.55 10.22
CA VAL G 1117 -13.02 -50.08 9.44
C VAL G 1117 -13.22 -51.58 9.34
N PRO G 1118 -13.79 -52.08 8.26
CA PRO G 1118 -14.30 -53.45 8.26
C PRO G 1118 -13.24 -54.48 7.91
N ARG G 1119 -13.69 -55.72 7.76
CA ARG G 1119 -12.95 -56.72 7.03
C ARG G 1119 -12.80 -56.26 5.57
N ILE G 1120 -11.69 -56.67 4.94
CA ILE G 1120 -11.52 -56.45 3.50
C ILE G 1120 -12.46 -57.30 2.65
N GLY G 1121 -13.08 -58.33 3.23
CA GLY G 1121 -14.16 -59.06 2.64
C GLY G 1121 -15.54 -58.63 3.08
N SER G 1122 -15.67 -57.44 3.65
CA SER G 1122 -16.95 -56.91 4.11
C SER G 1122 -17.13 -55.47 3.66
N ILE G 1123 -18.24 -54.88 4.08
CA ILE G 1123 -18.63 -53.53 3.70
C ILE G 1123 -18.66 -52.68 4.96
N SER G 1124 -18.10 -51.48 4.89
CA SER G 1124 -18.19 -50.56 6.01
C SER G 1124 -19.55 -49.88 6.02
N THR G 1125 -19.97 -49.48 7.21
CA THR G 1125 -21.21 -48.75 7.40
C THR G 1125 -20.97 -47.64 8.41
N VAL G 1126 -21.97 -46.80 8.62
CA VAL G 1126 -21.83 -45.62 9.48
C VAL G 1126 -22.46 -45.94 10.82
N CYS G 1127 -21.72 -45.65 11.89
CA CYS G 1127 -22.10 -46.07 13.23
C CYS G 1127 -21.79 -44.96 14.22
N CYS G 1128 -22.70 -44.76 15.18
CA CYS G 1128 -22.49 -43.76 16.22
C CYS G 1128 -21.52 -44.28 17.25
N ARG G 1129 -20.82 -43.37 17.92
CA ARG G 1129 -19.86 -43.81 18.91
C ARG G 1129 -20.47 -43.91 20.31
N ARG G 1130 -21.13 -42.86 20.81
CA ARG G 1130 -21.64 -42.98 22.17
C ARG G 1130 -22.92 -43.79 22.27
N CYS G 1131 -23.59 -44.06 21.17
CA CYS G 1131 -24.66 -45.03 21.20
C CYS G 1131 -24.14 -46.45 21.15
N SER G 1132 -22.92 -46.64 20.69
CA SER G 1132 -22.31 -47.96 20.63
C SER G 1132 -21.67 -48.30 21.96
N MET G 1133 -21.99 -49.49 22.46
CA MET G 1133 -21.37 -50.05 23.64
C MET G 1133 -20.33 -51.07 23.21
N ARG G 1134 -19.17 -51.07 23.87
CA ARG G 1134 -18.07 -51.89 23.40
C ARG G 1134 -18.31 -53.36 23.72
N PHE G 1135 -17.56 -54.22 23.02
CA PHE G 1135 -17.80 -55.65 23.05
C PHE G 1135 -17.33 -56.28 24.34
N GLU G 1136 -16.47 -55.61 25.10
CA GLU G 1136 -16.17 -56.01 26.49
C GLU G 1136 -17.17 -55.34 27.44
N ASP G 1137 -18.44 -55.49 27.10
CA ASP G 1137 -19.58 -55.25 27.97
C ASP G 1137 -20.64 -56.29 27.73
N ALA G 1138 -20.21 -57.54 27.57
CA ALA G 1138 -21.16 -58.66 27.50
C ALA G 1138 -21.69 -58.94 28.89
N LYS G 1139 -23.02 -58.93 29.01
CA LYS G 1139 -23.70 -59.10 30.28
C LYS G 1139 -24.78 -60.16 30.14
N LYS G 1140 -24.89 -61.03 31.14
CA LYS G 1140 -25.85 -62.11 31.12
C LYS G 1140 -26.33 -62.45 32.52
N GLY G 1148 -35.21 -68.00 25.43
CA GLY G 1148 -33.92 -68.51 24.99
C GLY G 1148 -32.91 -68.59 26.11
N GLU G 1149 -33.21 -67.88 27.20
CA GLU G 1149 -32.48 -67.81 28.48
C GLU G 1149 -31.09 -67.18 28.38
N LYS G 1150 -30.66 -66.74 27.21
CA LYS G 1150 -29.35 -66.13 27.02
C LYS G 1150 -29.42 -65.25 25.78
N ILE G 1151 -28.43 -64.38 25.64
CA ILE G 1151 -28.37 -63.48 24.51
C ILE G 1151 -27.13 -63.79 23.70
N PHE G 1152 -27.13 -63.30 22.46
CA PHE G 1152 -26.12 -63.56 21.45
C PHE G 1152 -26.40 -62.58 20.32
N ILE G 1153 -25.35 -62.04 19.75
CA ILE G 1153 -25.48 -60.89 18.87
C ILE G 1153 -25.62 -61.39 17.44
N ASP G 1154 -26.41 -60.69 16.63
CA ASP G 1154 -26.75 -61.10 15.27
C ASP G 1154 -25.68 -60.75 14.24
N ASP G 1155 -24.43 -60.51 14.68
CA ASP G 1155 -23.19 -60.46 13.90
C ASP G 1155 -23.09 -59.20 13.05
N SER G 1156 -24.17 -58.42 12.98
CA SER G 1156 -24.20 -57.18 12.23
C SER G 1156 -24.40 -55.97 13.11
N GLN G 1157 -24.60 -56.17 14.41
CA GLN G 1157 -24.55 -55.09 15.36
C GLN G 1157 -23.12 -54.79 15.81
N ILE G 1158 -22.17 -55.62 15.39
CA ILE G 1158 -20.79 -55.57 15.86
C ILE G 1158 -19.94 -54.94 14.77
N TRP G 1159 -19.27 -53.84 15.10
CA TRP G 1159 -18.43 -53.15 14.14
C TRP G 1159 -17.13 -52.76 14.83
N GLU G 1160 -16.15 -52.38 14.02
CA GLU G 1160 -14.79 -52.15 14.48
C GLU G 1160 -14.22 -50.89 13.86
N ASP G 1161 -13.43 -50.16 14.64
CA ASP G 1161 -12.54 -49.16 14.08
C ASP G 1161 -11.16 -49.77 13.81
N GLY G 1162 -10.30 -48.99 13.16
CA GLY G 1162 -8.97 -49.47 12.77
C GLY G 1162 -8.03 -49.67 13.92
N GLN G 1163 -8.37 -49.13 15.09
CA GLN G 1163 -7.68 -49.40 16.34
C GLN G 1163 -7.94 -50.81 16.85
N GLY G 1164 -8.91 -51.52 16.27
CA GLY G 1164 -9.21 -52.89 16.62
C GLY G 1164 -10.31 -53.05 17.63
N ASN G 1165 -10.86 -51.96 18.15
CA ASN G 1165 -11.86 -52.02 19.20
C ASN G 1165 -13.20 -52.43 18.60
N LYS G 1166 -13.76 -53.54 19.06
CA LYS G 1166 -15.11 -53.85 18.63
C LYS G 1166 -16.11 -53.01 19.41
N PHE G 1167 -17.30 -52.87 18.82
CA PHE G 1167 -18.38 -52.12 19.44
C PHE G 1167 -19.69 -52.78 19.04
N VAL G 1168 -20.62 -52.87 19.99
CA VAL G 1168 -21.94 -53.46 19.76
C VAL G 1168 -22.96 -52.33 19.75
N GLY G 1169 -23.85 -52.34 18.75
CA GLY G 1169 -24.80 -51.27 18.62
C GLY G 1169 -24.14 -50.03 18.07
N GLY G 1170 -24.88 -48.93 18.14
CA GLY G 1170 -24.41 -47.68 17.59
C GLY G 1170 -24.85 -47.42 16.18
N ASN G 1171 -25.72 -48.26 15.64
CA ASN G 1171 -26.35 -48.09 14.33
C ASN G 1171 -27.49 -47.09 14.44
N GLU G 1172 -28.44 -47.16 13.51
CA GLU G 1172 -29.55 -46.22 13.38
C GLU G 1172 -29.01 -44.83 13.05
N THR G 1173 -28.37 -44.74 11.89
CA THR G 1173 -27.92 -43.48 11.33
C THR G 1173 -28.61 -43.23 10.01
N THR G 1174 -28.53 -41.98 9.57
CA THR G 1174 -29.07 -41.55 8.29
C THR G 1174 -28.29 -40.33 7.85
N THR G 1175 -28.61 -39.83 6.66
CA THR G 1175 -27.89 -38.73 6.06
C THR G 1175 -28.81 -37.53 5.92
N VAL G 1176 -28.38 -36.38 6.44
CA VAL G 1176 -29.12 -35.13 6.34
C VAL G 1176 -28.31 -34.16 5.50
N ALA G 1177 -28.84 -32.97 5.25
CA ALA G 1177 -28.18 -31.98 4.42
C ALA G 1177 -28.03 -30.69 5.21
N ILE G 1178 -26.84 -30.47 5.75
CA ILE G 1178 -26.59 -29.36 6.66
C ILE G 1178 -25.53 -28.48 6.00
N PRO G 1179 -25.44 -27.21 6.40
CA PRO G 1179 -24.24 -26.46 6.08
C PRO G 1179 -23.06 -26.97 6.87
N PHE G 1180 -21.87 -26.75 6.35
CA PHE G 1180 -20.71 -27.32 6.99
C PHE G 1180 -20.30 -26.57 8.24
N VAL G 1181 -20.69 -25.31 8.39
CA VAL G 1181 -20.37 -24.56 9.59
C VAL G 1181 -21.11 -25.11 10.80
N LEU G 1182 -22.22 -25.80 10.59
CA LEU G 1182 -22.92 -26.46 11.68
C LEU G 1182 -22.13 -27.64 12.24
N LYS G 1183 -21.16 -28.17 11.50
CA LYS G 1183 -20.18 -29.05 12.14
C LYS G 1183 -19.19 -28.25 12.96
N TYR G 1184 -18.69 -27.15 12.42
CA TYR G 1184 -17.78 -26.30 13.17
C TYR G 1184 -18.49 -25.57 14.31
N LEU G 1185 -19.81 -25.40 14.22
CA LEU G 1185 -20.53 -24.86 15.37
C LEU G 1185 -20.67 -25.89 16.47
N ASP G 1186 -20.96 -27.13 16.10
CA ASP G 1186 -21.18 -28.17 17.10
C ASP G 1186 -19.90 -28.51 17.84
N SER G 1187 -18.77 -28.53 17.15
CA SER G 1187 -17.52 -28.91 17.80
C SER G 1187 -17.01 -27.79 18.70
N GLU G 1188 -17.25 -26.54 18.33
CA GLU G 1188 -16.84 -25.43 19.16
C GLU G 1188 -17.87 -25.08 20.22
N LEU G 1189 -18.95 -25.85 20.33
CA LEU G 1189 -19.78 -25.83 21.52
C LEU G 1189 -19.53 -27.01 22.41
N SER G 1190 -19.01 -28.11 21.87
CA SER G 1190 -18.60 -29.20 22.73
C SER G 1190 -17.41 -28.79 23.58
N ALA G 1191 -16.54 -27.93 23.05
CA ALA G 1191 -15.42 -27.39 23.80
C ALA G 1191 -15.84 -26.44 24.90
N MET G 1192 -17.09 -26.01 24.92
CA MET G 1192 -17.70 -25.36 26.06
C MET G 1192 -18.52 -26.33 26.90
N GLY G 1193 -18.59 -27.60 26.53
CA GLY G 1193 -19.36 -28.57 27.26
C GLY G 1193 -20.82 -28.67 26.86
N ILE G 1194 -21.23 -28.00 25.79
CA ILE G 1194 -22.63 -27.86 25.41
C ILE G 1194 -22.98 -28.93 24.38
N ARG G 1195 -24.07 -29.63 24.62
CA ARG G 1195 -24.55 -30.68 23.74
C ARG G 1195 -25.75 -30.20 22.94
N LEU G 1196 -25.60 -30.12 21.63
CA LEU G 1196 -26.72 -29.88 20.72
C LEU G 1196 -27.30 -31.21 20.28
N ARG G 1197 -28.60 -31.34 20.37
CA ARG G 1197 -29.30 -32.55 19.97
C ARG G 1197 -30.18 -32.22 18.79
N TYR G 1198 -30.07 -33.01 17.72
CA TYR G 1198 -30.79 -32.77 16.48
C TYR G 1198 -31.87 -33.82 16.34
N ASN G 1199 -33.10 -33.40 16.12
CA ASN G 1199 -34.21 -34.33 16.03
C ASN G 1199 -34.54 -34.57 14.57
N VAL G 1200 -34.27 -35.77 14.09
CA VAL G 1200 -34.46 -36.07 12.69
C VAL G 1200 -35.79 -36.78 12.54
N GLU G 1201 -36.85 -36.00 12.47
CA GLU G 1201 -38.17 -36.56 12.67
C GLU G 1201 -38.78 -37.16 11.40
N PRO G 1202 -38.64 -36.57 10.22
CA PRO G 1202 -38.84 -37.39 9.02
C PRO G 1202 -37.73 -38.41 8.94
N LYS G 1203 -38.11 -39.66 9.11
CA LYS G 1203 -37.17 -40.74 9.20
C LYS G 1203 -37.73 -41.85 8.36
N GLU H 30 -41.63 9.04 -59.10
CA GLU H 30 -41.22 7.71 -59.47
C GLU H 30 -39.72 7.72 -59.73
N TRP H 31 -39.05 6.61 -59.46
CA TRP H 31 -37.60 6.55 -59.52
C TRP H 31 -37.16 5.38 -60.40
N ASN H 32 -36.02 5.56 -61.05
CA ASN H 32 -35.52 4.61 -62.02
C ASN H 32 -34.01 4.74 -62.05
N VAL H 33 -33.36 3.93 -62.87
CA VAL H 33 -31.93 4.12 -63.06
C VAL H 33 -31.66 5.03 -64.25
N GLU H 34 -32.56 5.08 -65.23
CA GLU H 34 -32.41 6.07 -66.30
C GLU H 34 -32.80 7.44 -65.79
N LYS H 35 -33.77 7.51 -64.88
CA LYS H 35 -34.15 8.80 -64.29
C LYS H 35 -33.09 9.33 -63.35
N PHE H 36 -32.22 8.46 -62.84
CA PHE H 36 -31.10 8.92 -62.05
C PHE H 36 -29.92 9.32 -62.92
N LYS H 37 -29.75 8.69 -64.08
CA LYS H 37 -28.61 9.03 -64.93
C LYS H 37 -28.80 10.37 -65.61
N LYS H 38 -30.04 10.79 -65.83
CA LYS H 38 -30.26 12.07 -66.50
C LYS H 38 -29.98 13.24 -65.57
N ASP H 39 -30.26 13.10 -64.29
CA ASP H 39 -30.16 14.21 -63.37
C ASP H 39 -28.82 14.30 -62.65
N PHE H 40 -28.07 13.20 -62.60
CA PHE H 40 -26.84 13.17 -61.84
C PHE H 40 -25.74 13.93 -62.56
N GLU H 41 -25.00 14.74 -61.82
CA GLU H 41 -23.92 15.55 -62.36
C GLU H 41 -22.70 15.48 -61.44
N VAL H 42 -21.54 15.59 -62.06
CA VAL H 42 -20.27 15.70 -61.33
C VAL H 42 -19.57 16.93 -61.85
N ASN H 43 -19.25 17.86 -60.95
CA ASN H 43 -18.45 19.03 -61.28
C ASN H 43 -17.18 18.98 -60.45
N ILE H 44 -16.05 18.84 -61.12
CA ILE H 44 -14.78 18.67 -60.43
C ILE H 44 -14.13 20.03 -60.27
N SER H 45 -13.99 20.47 -59.03
CA SER H 45 -13.47 21.80 -58.76
C SER H 45 -11.97 21.86 -58.94
N SER H 46 -11.24 21.16 -58.10
CA SER H 46 -9.80 21.12 -58.21
C SER H 46 -9.34 19.69 -58.01
N LEU H 47 -8.29 19.32 -58.73
CA LEU H 47 -7.72 18.00 -58.57
C LEU H 47 -6.22 18.18 -58.49
N ASP H 48 -5.59 17.38 -57.64
CA ASP H 48 -4.21 17.55 -57.26
C ASP H 48 -3.66 16.16 -56.99
N ALA H 49 -2.37 16.08 -56.70
CA ALA H 49 -1.81 14.80 -56.31
C ALA H 49 -2.18 14.41 -54.89
N ARG H 50 -2.68 15.34 -54.09
CA ARG H 50 -3.02 15.04 -52.70
C ARG H 50 -4.46 15.31 -52.34
N GLU H 51 -5.05 16.41 -52.76
CA GLU H 51 -6.46 16.63 -52.45
C GLU H 51 -7.27 16.85 -53.71
N ALA H 52 -8.58 16.68 -53.57
CA ALA H 52 -9.49 16.75 -54.70
C ALA H 52 -10.85 17.20 -54.22
N ASN H 53 -11.30 18.34 -54.70
CA ASN H 53 -12.63 18.84 -54.44
C ASN H 53 -13.48 18.62 -55.68
N PHE H 54 -14.71 18.17 -55.48
CA PHE H 54 -15.64 17.93 -56.58
C PHE H 54 -17.05 17.88 -56.02
N ASP H 55 -18.03 18.04 -56.90
CA ASP H 55 -19.43 18.07 -56.51
C ASP H 55 -20.17 16.86 -57.05
N LEU H 56 -21.16 16.41 -56.30
CA LEU H 56 -22.09 15.37 -56.71
C LEU H 56 -23.48 15.97 -56.63
N ILE H 57 -24.11 16.16 -57.77
CA ILE H 57 -25.40 16.83 -57.87
C ILE H 57 -26.45 15.76 -58.12
N ASN H 58 -27.59 15.87 -57.41
CA ASN H 58 -28.77 15.02 -57.56
C ASN H 58 -28.45 13.57 -57.21
N ILE H 59 -28.06 13.36 -55.96
CA ILE H 59 -27.83 12.04 -55.40
C ILE H 59 -28.36 12.12 -53.98
N ASP H 60 -28.63 10.97 -53.38
CA ASP H 60 -29.22 10.99 -52.05
C ASP H 60 -28.14 11.02 -50.97
N THR H 61 -28.51 11.47 -49.79
CA THR H 61 -27.58 11.55 -48.66
C THR H 61 -27.15 10.18 -48.20
N SER H 62 -27.98 9.16 -48.39
CA SER H 62 -27.61 7.83 -47.96
C SER H 62 -26.55 7.23 -48.86
N ILE H 63 -26.58 7.56 -50.14
CA ILE H 63 -25.55 7.11 -51.06
C ILE H 63 -24.26 7.87 -50.86
N ALA H 64 -24.36 9.19 -50.72
CA ALA H 64 -23.15 9.99 -50.55
C ALA H 64 -22.51 9.80 -49.19
N ASN H 65 -23.28 9.42 -48.18
CA ASN H 65 -22.66 9.06 -46.92
C ASN H 65 -21.95 7.73 -47.04
N ALA H 66 -22.40 6.86 -47.93
CA ALA H 66 -21.72 5.58 -48.12
C ALA H 66 -20.39 5.75 -48.82
N PHE H 67 -20.30 6.71 -49.74
CA PHE H 67 -19.02 7.00 -50.39
C PHE H 67 -18.05 7.60 -49.41
N ARG H 68 -18.52 8.52 -48.57
CA ARG H 68 -17.68 9.08 -47.52
C ARG H 68 -17.27 8.03 -46.52
N ARG H 69 -18.12 7.04 -46.33
CA ARG H 69 -17.88 6.03 -45.32
C ARG H 69 -16.74 5.11 -45.72
N ILE H 70 -16.82 4.59 -46.94
CA ILE H 70 -15.90 3.59 -47.44
C ILE H 70 -14.50 4.17 -47.59
N MET H 71 -14.40 5.45 -47.96
CA MET H 71 -13.09 6.08 -48.13
C MET H 71 -12.34 6.18 -46.81
N ILE H 72 -13.04 6.40 -45.72
CA ILE H 72 -12.38 6.43 -44.43
C ILE H 72 -12.10 5.02 -43.94
N SER H 73 -13.02 4.09 -44.18
CA SER H 73 -13.09 2.87 -43.40
C SER H 73 -12.82 1.59 -44.17
N GLU H 74 -13.01 1.57 -45.47
CA GLU H 74 -13.03 0.30 -46.19
C GLU H 74 -12.05 0.22 -47.34
N VAL H 75 -11.50 1.34 -47.80
CA VAL H 75 -10.48 1.32 -48.83
C VAL H 75 -9.19 0.87 -48.16
N PRO H 76 -8.57 -0.22 -48.60
CA PRO H 76 -7.42 -0.74 -47.90
C PRO H 76 -6.14 0.01 -48.22
N SER H 77 -5.16 -0.14 -47.34
CA SER H 77 -3.88 0.53 -47.52
C SER H 77 -2.81 -0.30 -46.84
N VAL H 78 -1.56 0.10 -47.03
CA VAL H 78 -0.42 -0.63 -46.50
C VAL H 78 0.17 0.15 -45.33
N ALA H 79 0.40 -0.53 -44.22
CA ALA H 79 1.03 0.08 -43.06
C ALA H 79 1.71 -1.02 -42.28
N ALA H 80 2.71 -0.64 -41.51
CA ALA H 80 3.45 -1.61 -40.72
C ALA H 80 2.57 -2.15 -39.62
N GLU H 81 2.56 -3.47 -39.48
CA GLU H 81 1.72 -4.09 -38.48
C GLU H 81 2.50 -4.77 -37.38
N TYR H 82 3.53 -5.54 -37.71
CA TYR H 82 4.34 -6.24 -36.73
C TYR H 82 5.72 -5.63 -36.75
N VAL H 83 6.28 -5.37 -35.58
CA VAL H 83 7.59 -4.74 -35.46
C VAL H 83 8.45 -5.64 -34.60
N TYR H 84 9.67 -5.91 -35.04
CA TYR H 84 10.55 -6.86 -34.39
C TYR H 84 11.81 -6.13 -33.96
N PHE H 85 11.83 -5.68 -32.71
CA PHE H 85 12.98 -4.96 -32.19
C PHE H 85 14.10 -5.93 -31.87
N PHE H 86 15.27 -5.67 -32.40
CA PHE H 86 16.45 -6.43 -31.99
C PHE H 86 17.22 -5.71 -30.92
N ASN H 87 17.31 -4.39 -31.01
CA ASN H 87 17.82 -3.60 -29.91
C ASN H 87 17.20 -2.22 -30.00
N ASN H 88 16.90 -1.66 -28.84
CA ASN H 88 16.33 -0.32 -28.76
C ASN H 88 16.81 0.26 -27.45
N THR H 89 17.87 1.06 -27.50
CA THR H 89 18.40 1.63 -26.28
C THR H 89 18.10 3.12 -26.20
N SER H 90 17.11 3.58 -26.96
CA SER H 90 16.71 4.97 -26.97
C SER H 90 15.81 5.28 -25.78
N VAL H 91 15.43 6.54 -25.67
CA VAL H 91 14.51 7.07 -24.63
C VAL H 91 13.08 6.58 -24.91
N ILE H 92 12.64 6.54 -26.18
CA ILE H 92 11.30 6.12 -26.58
C ILE H 92 11.12 4.64 -26.26
N GLN H 93 10.00 4.31 -25.62
CA GLN H 93 9.62 2.94 -25.34
C GLN H 93 9.50 2.14 -26.62
N ASP H 94 9.58 0.82 -26.49
CA ASP H 94 9.52 -0.04 -27.67
C ASP H 94 8.13 -0.03 -28.27
N GLU H 95 7.10 -0.15 -27.42
CA GLU H 95 5.74 -0.16 -27.91
C GLU H 95 5.28 1.20 -28.39
N VAL H 96 5.91 2.27 -27.92
CA VAL H 96 5.62 3.59 -28.45
C VAL H 96 6.25 3.75 -29.82
N LEU H 97 7.46 3.24 -29.99
CA LEU H 97 8.16 3.40 -31.26
C LEU H 97 7.58 2.49 -32.33
N ALA H 98 7.00 1.36 -31.93
CA ALA H 98 6.30 0.52 -32.88
C ALA H 98 5.01 1.18 -33.34
N HIS H 99 4.35 1.91 -32.45
CA HIS H 99 3.12 2.61 -32.80
C HIS H 99 3.38 3.73 -33.80
N ARG H 100 4.51 4.41 -33.66
CA ARG H 100 4.85 5.51 -34.55
C ARG H 100 5.21 5.02 -35.94
N ILE H 101 5.77 3.82 -36.04
CA ILE H 101 6.10 3.28 -37.35
C ILE H 101 4.85 2.88 -38.10
N GLY H 102 3.85 2.37 -37.38
CA GLY H 102 2.59 1.99 -38.00
C GLY H 102 1.83 3.15 -38.59
N LEU H 103 2.01 4.34 -38.05
CA LEU H 103 1.30 5.51 -38.53
C LEU H 103 1.98 6.19 -39.70
N VAL H 104 3.12 5.68 -40.17
CA VAL H 104 3.84 6.28 -41.28
C VAL H 104 3.21 5.84 -42.58
N PRO H 105 2.73 6.77 -43.43
CA PRO H 105 2.06 6.37 -44.66
C PRO H 105 3.05 5.96 -45.74
N LEU H 106 3.01 4.70 -46.11
CA LEU H 106 3.91 4.15 -47.11
C LEU H 106 3.33 4.40 -48.49
N LYS H 107 4.20 4.64 -49.47
CA LYS H 107 3.75 4.90 -50.83
C LYS H 107 3.58 3.62 -51.63
N VAL H 108 3.33 2.49 -50.96
CA VAL H 108 3.02 1.25 -51.65
C VAL H 108 1.67 1.38 -52.30
N ASP H 109 1.57 0.93 -53.53
CA ASP H 109 0.28 0.77 -54.18
C ASP H 109 -0.39 -0.49 -53.67
N PRO H 110 -1.57 -0.41 -53.07
CA PRO H 110 -2.37 -1.61 -52.90
C PRO H 110 -2.82 -2.10 -54.26
N ASP H 111 -3.20 -3.38 -54.31
CA ASP H 111 -3.37 -4.31 -55.42
C ASP H 111 -2.04 -4.85 -55.91
N MET H 112 -0.91 -4.36 -55.42
CA MET H 112 0.32 -5.11 -55.59
C MET H 112 0.43 -6.22 -54.56
N LEU H 113 -0.25 -6.08 -53.43
CA LEU H 113 -0.23 -7.08 -52.39
C LEU H 113 -1.55 -7.84 -52.35
N THR H 114 -1.50 -9.04 -51.82
CA THR H 114 -2.70 -9.78 -51.46
C THR H 114 -2.92 -9.66 -49.97
N TRP H 115 -3.99 -10.27 -49.50
CA TRP H 115 -4.34 -10.18 -48.10
C TRP H 115 -3.74 -11.32 -47.32
N VAL H 116 -3.27 -11.01 -46.11
CA VAL H 116 -2.70 -12.02 -45.24
C VAL H 116 -3.82 -12.91 -44.71
N ASP H 117 -3.44 -14.06 -44.15
CA ASP H 117 -4.42 -14.98 -43.56
C ASP H 117 -4.01 -15.17 -42.10
N SER H 118 -4.74 -14.54 -41.18
CA SER H 118 -4.33 -14.44 -39.79
C SER H 118 -4.63 -15.69 -38.96
N ASN H 119 -4.91 -16.83 -39.56
CA ASN H 119 -5.15 -18.03 -38.75
C ASN H 119 -4.00 -19.04 -38.84
N LEU H 120 -3.50 -19.31 -40.04
CA LEU H 120 -2.37 -20.21 -40.20
C LEU H 120 -1.10 -19.54 -39.68
N PRO H 121 -0.23 -20.29 -38.99
CA PRO H 121 0.74 -19.66 -38.09
C PRO H 121 1.90 -18.96 -38.79
N ASP H 122 2.83 -18.43 -37.98
CA ASP H 122 3.83 -17.48 -38.47
C ASP H 122 4.85 -18.11 -39.41
N ASP H 123 5.03 -19.42 -39.36
CA ASP H 123 5.96 -20.05 -40.29
C ASP H 123 5.40 -20.14 -41.72
N GLU H 124 4.11 -19.89 -41.90
CA GLU H 124 3.47 -20.00 -43.19
C GLU H 124 2.72 -18.76 -43.60
N LYS H 125 2.76 -17.68 -42.83
CA LYS H 125 1.80 -16.59 -42.98
C LYS H 125 2.34 -15.42 -43.79
N PHE H 126 3.56 -15.01 -43.55
CA PHE H 126 4.13 -13.85 -44.26
C PHE H 126 4.87 -14.36 -45.48
N THR H 127 4.27 -14.23 -46.64
CA THR H 127 4.95 -14.56 -47.88
C THR H 127 5.44 -13.26 -48.50
N ASP H 128 6.14 -13.38 -49.63
CA ASP H 128 6.62 -12.19 -50.31
C ASP H 128 5.53 -11.50 -51.10
N GLU H 129 4.37 -12.13 -51.25
CA GLU H 129 3.24 -11.55 -51.97
C GLU H 129 2.27 -10.86 -51.04
N ASN H 130 2.33 -11.13 -49.74
CA ASN H 130 1.55 -10.42 -48.73
C ASN H 130 2.29 -9.25 -48.12
N THR H 131 3.58 -9.37 -47.93
CA THR H 131 4.29 -8.63 -46.90
C THR H 131 5.39 -7.80 -47.54
N ILE H 132 5.62 -6.61 -46.99
CA ILE H 132 6.73 -5.76 -47.36
C ILE H 132 7.55 -5.50 -46.10
N VAL H 133 8.83 -5.80 -46.17
CA VAL H 133 9.71 -5.74 -45.02
C VAL H 133 10.45 -4.41 -45.05
N LEU H 134 10.38 -3.68 -43.94
CA LEU H 134 11.17 -2.49 -43.74
C LEU H 134 12.13 -2.76 -42.58
N SER H 135 13.28 -2.12 -42.62
CA SER H 135 14.27 -2.26 -41.57
C SER H 135 14.74 -0.90 -41.12
N LEU H 136 15.25 -0.84 -39.90
CA LEU H 136 15.80 0.39 -39.37
C LEU H 136 17.00 0.03 -38.52
N ASN H 137 18.15 0.63 -38.81
CA ASN H 137 19.39 0.32 -38.10
C ASN H 137 20.16 1.62 -37.96
N VAL H 138 20.01 2.29 -36.82
CA VAL H 138 20.61 3.58 -36.58
C VAL H 138 21.45 3.47 -35.31
N LYS H 139 22.65 4.02 -35.34
CA LYS H 139 23.49 4.18 -34.16
C LYS H 139 23.82 5.64 -34.02
N CYS H 140 23.85 6.15 -32.81
CA CYS H 140 24.27 7.53 -32.58
C CYS H 140 25.68 7.54 -32.01
N THR H 141 26.54 8.36 -32.60
CA THR H 141 27.87 8.62 -32.08
C THR H 141 28.04 10.12 -31.93
N ARG H 142 29.08 10.51 -31.22
CA ARG H 142 29.40 11.91 -31.03
C ARG H 142 30.24 12.43 -32.19
N ASN H 143 29.96 13.66 -32.60
CA ASN H 143 30.72 14.31 -33.65
C ASN H 143 31.79 15.19 -33.03
N PRO H 144 33.06 15.05 -33.38
CA PRO H 144 34.07 16.02 -32.93
C PRO H 144 34.00 17.35 -33.67
N ASP H 145 33.47 18.37 -32.98
CA ASP H 145 33.19 19.69 -33.53
C ASP H 145 33.73 20.75 -32.57
N ALA H 146 33.87 21.98 -33.09
CA ALA H 146 34.14 23.21 -32.37
C ALA H 146 32.83 23.94 -32.10
N PRO H 147 32.70 24.64 -30.96
CA PRO H 147 31.48 25.39 -30.63
C PRO H 147 31.29 26.61 -31.52
N SER H 150 25.94 24.07 -25.88
CA SER H 150 24.82 24.94 -26.22
C SER H 150 24.61 25.01 -27.74
N THR H 151 25.02 23.96 -28.43
CA THR H 151 25.10 23.95 -29.88
C THR H 151 24.03 23.01 -30.42
N ASP H 152 23.72 23.15 -31.70
CA ASP H 152 22.69 22.36 -32.36
C ASP H 152 23.11 20.90 -32.49
N PRO H 153 22.21 19.94 -32.25
CA PRO H 153 22.60 18.53 -32.26
C PRO H 153 22.69 17.89 -33.64
N LYS H 154 22.51 18.62 -34.73
CA LYS H 154 22.90 18.05 -36.01
C LYS H 154 24.40 18.21 -36.23
N GLU H 155 24.98 19.27 -35.70
CA GLU H 155 26.40 19.54 -35.78
C GLU H 155 27.15 18.96 -34.61
N LEU H 156 26.52 18.17 -33.78
CA LEU H 156 27.07 17.79 -32.51
C LEU H 156 27.01 16.29 -32.27
N TYR H 157 26.06 15.59 -32.87
CA TYR H 157 25.99 14.15 -32.82
C TYR H 157 25.85 13.63 -34.24
N ASN H 158 26.10 12.35 -34.42
CA ASN H 158 25.90 11.72 -35.71
C ASN H 158 24.68 10.81 -35.64
N ASN H 159 23.76 11.01 -36.59
CA ASN H 159 22.46 10.32 -36.65
C ASN H 159 21.66 10.53 -35.37
N ALA H 160 21.61 11.78 -34.91
CA ALA H 160 20.89 12.09 -33.68
C ALA H 160 19.39 12.00 -33.88
N HIS H 161 18.90 12.46 -35.02
CA HIS H 161 17.50 12.34 -35.39
C HIS H 161 17.32 11.18 -36.33
N VAL H 162 16.26 10.41 -36.14
CA VAL H 162 15.87 9.31 -37.00
C VAL H 162 14.60 9.73 -37.72
N TYR H 163 14.61 9.64 -39.04
CA TYR H 163 13.46 10.06 -39.82
C TYR H 163 12.80 8.83 -40.42
N ALA H 164 11.70 9.05 -41.12
CA ALA H 164 11.04 7.95 -41.79
C ALA H 164 11.75 7.56 -43.07
N ARG H 165 12.60 8.43 -43.61
CA ARG H 165 13.40 8.06 -44.77
C ARG H 165 14.54 7.12 -44.41
N ASP H 166 14.81 6.90 -43.14
CA ASP H 166 15.77 5.88 -42.72
C ASP H 166 15.18 4.48 -42.72
N LEU H 167 13.90 4.31 -43.04
CA LEU H 167 13.34 2.99 -43.23
C LEU H 167 13.73 2.46 -44.60
N LYS H 168 14.39 1.31 -44.62
CA LYS H 168 14.92 0.75 -45.85
C LYS H 168 14.02 -0.36 -46.34
N PHE H 169 13.70 -0.35 -47.63
CA PHE H 169 12.94 -1.44 -48.25
C PHE H 169 13.85 -2.60 -48.58
N GLU H 170 13.55 -3.77 -48.02
CA GLU H 170 14.29 -5.00 -48.27
C GLU H 170 13.46 -5.91 -49.17
N PRO H 171 13.76 -5.99 -50.46
CA PRO H 171 12.87 -6.68 -51.39
C PRO H 171 12.92 -8.19 -51.27
N GLN H 172 12.14 -8.74 -50.35
CA GLN H 172 12.16 -10.17 -50.08
C GLN H 172 11.55 -10.95 -51.22
N GLY H 173 12.16 -12.10 -51.53
CA GLY H 173 11.58 -13.06 -52.44
C GLY H 173 11.57 -12.59 -53.88
N ARG H 174 10.59 -13.09 -54.64
CA ARG H 174 10.50 -12.86 -56.07
C ARG H 174 9.99 -11.48 -56.41
N GLN H 175 9.70 -10.65 -55.42
CA GLN H 175 9.24 -9.30 -55.67
C GLN H 175 10.35 -8.29 -55.49
N SER H 176 11.57 -8.70 -55.83
CA SER H 176 12.69 -7.81 -56.09
C SER H 176 12.62 -7.22 -57.48
N THR H 177 11.83 -7.82 -58.35
CA THR H 177 11.72 -7.37 -59.73
C THR H 177 10.42 -6.66 -60.04
N THR H 178 9.38 -6.85 -59.24
CA THR H 178 8.14 -6.12 -59.47
C THR H 178 8.05 -4.86 -58.62
N PHE H 179 8.88 -4.73 -57.59
CA PHE H 179 9.05 -3.47 -56.88
C PHE H 179 10.31 -2.75 -57.29
N ALA H 180 11.01 -3.22 -58.31
CA ALA H 180 12.18 -2.51 -58.81
C ALA H 180 11.81 -1.33 -59.68
N ASP H 181 10.59 -1.29 -60.20
CA ASP H 181 10.14 -0.14 -60.97
C ASP H 181 9.98 1.07 -60.06
N CYS H 182 9.36 0.87 -58.90
CA CYS H 182 9.18 1.92 -57.91
C CYS H 182 9.21 1.31 -56.52
N PRO H 183 10.31 1.49 -55.78
CA PRO H 183 10.46 0.81 -54.50
C PRO H 183 9.63 1.48 -53.41
N VAL H 184 9.61 0.81 -52.26
CA VAL H 184 8.78 1.26 -51.15
C VAL H 184 9.45 2.41 -50.43
N VAL H 185 8.73 3.53 -50.35
CA VAL H 185 9.22 4.73 -49.67
C VAL H 185 8.08 5.30 -48.85
N PRO H 186 8.39 5.94 -47.73
CA PRO H 186 7.34 6.67 -47.02
C PRO H 186 6.88 7.88 -47.81
N ALA H 187 5.58 8.13 -47.77
CA ALA H 187 5.01 9.24 -48.53
C ALA H 187 5.38 10.59 -47.95
N ASP H 188 5.81 10.62 -46.68
CA ASP H 188 6.34 11.82 -46.06
C ASP H 188 7.67 11.46 -45.40
N PRO H 189 8.79 11.68 -46.09
CA PRO H 189 10.07 11.15 -45.59
C PRO H 189 10.67 11.91 -44.43
N ASP H 190 10.14 13.07 -44.06
CA ASP H 190 10.67 13.84 -42.94
C ASP H 190 9.89 13.63 -41.66
N ILE H 191 9.15 12.53 -41.53
CA ILE H 191 8.50 12.22 -40.26
C ILE H 191 9.57 11.85 -39.25
N LEU H 192 9.68 12.63 -38.20
CA LEU H 192 10.66 12.41 -37.16
C LEU H 192 10.19 11.25 -36.29
N LEU H 193 10.90 10.13 -36.34
CA LEU H 193 10.48 8.94 -35.60
C LEU H 193 11.07 8.91 -34.21
N ALA H 194 12.37 9.15 -34.08
CA ALA H 194 13.03 9.05 -32.80
C ALA H 194 14.17 10.03 -32.75
N LYS H 195 14.63 10.32 -31.54
CA LYS H 195 15.82 11.13 -31.34
C LYS H 195 16.78 10.36 -30.47
N LEU H 196 18.06 10.44 -30.81
CA LEU H 196 19.09 9.66 -30.14
C LEU H 196 20.17 10.56 -29.55
N ARG H 197 20.97 9.97 -28.69
CA ARG H 197 22.16 10.53 -28.09
C ARG H 197 23.21 9.44 -28.16
N PRO H 198 24.51 9.79 -28.15
CA PRO H 198 25.53 8.80 -28.50
C PRO H 198 25.67 7.67 -27.50
N GLY H 199 25.79 6.46 -28.05
CA GLY H 199 25.70 5.24 -27.30
C GLY H 199 24.42 4.47 -27.54
N GLN H 200 23.36 5.18 -27.93
CA GLN H 200 22.05 4.60 -28.12
C GLN H 200 21.89 4.13 -29.55
N GLU H 201 21.09 3.08 -29.76
CA GLU H 201 20.83 2.57 -31.09
C GLU H 201 19.42 2.03 -31.16
N ILE H 202 18.92 1.89 -32.39
CA ILE H 202 17.64 1.25 -32.66
C ILE H 202 17.85 0.28 -33.79
N SER H 203 17.53 -0.99 -33.57
CA SER H 203 17.61 -1.99 -34.62
C SER H 203 16.31 -2.77 -34.64
N LEU H 204 15.50 -2.54 -35.67
CA LEU H 204 14.19 -3.16 -35.76
C LEU H 204 13.99 -3.66 -37.18
N LYS H 205 12.85 -4.30 -37.39
CA LYS H 205 12.49 -4.81 -38.70
C LYS H 205 10.98 -5.00 -38.72
N ALA H 206 10.30 -4.22 -39.55
CA ALA H 206 8.85 -4.14 -39.53
C ALA H 206 8.26 -4.83 -40.74
N HIS H 207 7.28 -5.70 -40.51
CA HIS H 207 6.51 -6.27 -41.60
C HIS H 207 5.28 -5.42 -41.87
N CYS H 208 5.11 -5.04 -43.12
CA CYS H 208 4.02 -4.16 -43.53
C CYS H 208 2.99 -4.97 -44.27
N ILE H 209 1.73 -4.85 -43.87
CA ILE H 209 0.68 -5.74 -44.33
C ILE H 209 -0.49 -4.87 -44.79
N LEU H 210 -1.41 -5.48 -45.52
CA LEU H 210 -2.55 -4.79 -46.09
C LEU H 210 -3.75 -4.90 -45.16
N GLY H 211 -4.48 -3.80 -44.99
CA GLY H 211 -5.61 -3.78 -44.07
C GLY H 211 -6.50 -2.58 -44.31
N ILE H 212 -7.67 -2.59 -43.68
CA ILE H 212 -8.66 -1.54 -43.84
C ILE H 212 -8.73 -0.67 -42.59
N GLY H 213 -9.19 0.55 -42.80
CA GLY H 213 -9.22 1.57 -41.77
C GLY H 213 -10.28 1.41 -40.72
N GLY H 214 -11.22 0.47 -40.88
CA GLY H 214 -12.12 0.17 -39.80
C GLY H 214 -11.45 -0.62 -38.72
N ASP H 215 -10.44 -1.40 -39.08
CA ASP H 215 -9.65 -2.17 -38.13
C ASP H 215 -8.78 -1.26 -37.27
N HIS H 216 -7.99 -0.43 -37.91
CA HIS H 216 -7.14 0.51 -37.20
C HIS H 216 -6.98 1.72 -38.09
N ALA H 217 -6.81 2.88 -37.48
CA ALA H 217 -6.81 4.12 -38.25
C ALA H 217 -5.55 4.32 -39.06
N LYS H 218 -4.52 3.50 -38.84
CA LYS H 218 -3.30 3.59 -39.63
C LYS H 218 -3.49 3.10 -41.04
N PHE H 219 -4.50 2.28 -41.29
CA PHE H 219 -4.77 1.81 -42.63
C PHE H 219 -5.67 2.74 -43.41
N SER H 220 -6.11 3.83 -42.82
CA SER H 220 -7.05 4.70 -43.48
C SER H 220 -6.32 5.51 -44.54
N PRO H 221 -6.68 5.40 -45.82
CA PRO H 221 -5.90 6.01 -46.88
C PRO H 221 -6.16 7.48 -47.09
N VAL H 222 -6.96 8.12 -46.26
CA VAL H 222 -7.45 9.46 -46.51
C VAL H 222 -7.20 10.31 -45.27
N SER H 223 -6.76 11.55 -45.47
CA SER H 223 -6.52 12.43 -44.34
C SER H 223 -7.80 13.06 -43.86
N THR H 224 -8.70 13.39 -44.77
CA THR H 224 -10.11 13.57 -44.44
C THR H 224 -10.88 13.35 -45.73
N ALA H 225 -11.70 12.31 -45.75
CA ALA H 225 -12.77 12.21 -46.72
C ALA H 225 -14.02 12.76 -46.05
N SER H 226 -14.54 13.86 -46.57
CA SER H 226 -15.71 14.46 -45.98
C SER H 226 -16.45 15.22 -47.05
N TYR H 227 -17.70 15.54 -46.76
CA TYR H 227 -18.45 16.41 -47.64
C TYR H 227 -19.12 17.49 -46.82
N ARG H 228 -19.71 18.42 -47.55
CA ARG H 228 -20.58 19.44 -47.02
C ARG H 228 -21.67 19.65 -48.04
N LEU H 229 -22.77 20.20 -47.58
CA LEU H 229 -23.95 20.33 -48.40
C LEU H 229 -24.02 21.77 -48.86
N LEU H 230 -24.48 21.99 -50.09
CA LEU H 230 -24.34 23.30 -50.73
C LEU H 230 -25.21 24.34 -50.03
N PRO H 231 -24.62 25.45 -49.57
CA PRO H 231 -25.42 26.45 -48.88
C PRO H 231 -26.30 27.24 -49.82
N GLN H 232 -27.52 27.50 -49.38
CA GLN H 232 -28.50 28.25 -50.15
C GLN H 232 -28.87 29.51 -49.38
N ILE H 233 -28.70 30.66 -50.02
CA ILE H 233 -28.91 31.94 -49.37
C ILE H 233 -30.06 32.62 -50.10
N ASN H 234 -31.24 32.54 -49.52
CA ASN H 234 -32.46 33.04 -50.14
C ASN H 234 -32.70 34.46 -49.63
N ILE H 235 -32.44 35.44 -50.48
CA ILE H 235 -32.84 36.82 -50.17
C ILE H 235 -34.30 36.99 -50.52
N LEU H 236 -35.06 37.63 -49.63
CA LEU H 236 -36.50 37.69 -49.78
C LEU H 236 -36.99 39.07 -50.21
N GLN H 237 -36.62 40.08 -49.53
CA GLN H 237 -36.88 41.46 -49.88
C GLN H 237 -35.62 42.12 -50.42
N PRO H 238 -35.77 43.05 -51.36
CA PRO H 238 -34.60 43.76 -51.90
C PRO H 238 -33.93 44.62 -50.84
N ILE H 239 -32.64 44.40 -50.65
CA ILE H 239 -31.89 45.05 -49.58
C ILE H 239 -30.74 45.85 -50.17
N LYS H 240 -31.01 46.53 -51.28
CA LYS H 240 -30.08 47.41 -51.97
C LYS H 240 -29.56 48.55 -51.09
N GLY H 241 -28.56 49.24 -51.62
CA GLY H 241 -28.06 50.45 -51.01
C GLY H 241 -26.98 50.22 -50.00
N GLU H 242 -26.97 51.04 -48.95
CA GLU H 242 -26.02 50.85 -47.87
C GLU H 242 -26.42 49.67 -46.99
N SER H 243 -27.67 49.24 -47.06
CA SER H 243 -28.08 47.96 -46.46
C SER H 243 -27.65 46.76 -47.28
N ALA H 244 -26.91 46.95 -48.36
CA ALA H 244 -26.20 45.87 -49.03
C ALA H 244 -24.72 45.87 -48.75
N ARG H 245 -24.14 47.04 -48.46
CA ARG H 245 -22.72 47.12 -48.11
C ARG H 245 -22.45 46.41 -46.79
N ARG H 246 -23.38 46.49 -45.85
CA ARG H 246 -23.25 45.76 -44.61
C ARG H 246 -23.84 44.36 -44.69
N PHE H 247 -24.49 44.04 -45.80
CA PHE H 247 -24.89 42.67 -46.08
C PHE H 247 -23.78 41.92 -46.81
N GLN H 248 -22.91 42.66 -47.52
CA GLN H 248 -21.66 42.11 -48.01
C GLN H 248 -20.85 41.49 -46.89
N LYS H 249 -20.71 42.20 -45.79
CA LYS H 249 -19.72 41.86 -44.78
C LYS H 249 -20.18 40.77 -43.84
N CYS H 250 -21.45 40.34 -43.91
CA CYS H 250 -21.92 39.24 -43.10
C CYS H 250 -21.73 37.89 -43.78
N PHE H 251 -20.88 37.83 -44.79
CA PHE H 251 -20.60 36.63 -45.56
C PHE H 251 -19.14 36.66 -45.95
N PRO H 252 -18.58 35.56 -46.42
CA PRO H 252 -17.24 35.61 -47.03
C PRO H 252 -17.22 36.51 -48.25
N PRO H 253 -16.04 37.00 -48.66
CA PRO H 253 -16.01 38.12 -49.62
C PRO H 253 -16.54 37.80 -51.01
N GLY H 254 -16.37 36.60 -51.51
CA GLY H 254 -16.86 36.37 -52.84
C GLY H 254 -18.32 35.99 -52.94
N VAL H 255 -19.06 36.02 -51.85
CA VAL H 255 -20.37 35.39 -51.80
C VAL H 255 -21.47 36.31 -52.28
N ILE H 256 -21.48 37.55 -51.81
CA ILE H 256 -22.51 38.52 -52.14
C ILE H 256 -21.90 39.57 -53.05
N GLY H 257 -22.64 39.97 -54.07
CA GLY H 257 -22.19 41.01 -54.97
C GLY H 257 -23.13 42.20 -55.01
N ILE H 258 -22.67 43.31 -55.57
CA ILE H 258 -23.46 44.53 -55.71
C ILE H 258 -23.23 45.11 -57.10
N ASP H 259 -24.31 45.59 -57.72
CA ASP H 259 -24.22 46.40 -58.93
C ASP H 259 -24.78 47.80 -58.72
N GLU H 260 -26.04 47.91 -58.32
CA GLU H 260 -26.77 49.16 -58.29
C GLU H 260 -27.94 48.91 -57.32
N GLY H 261 -28.98 49.74 -57.39
CA GLY H 261 -30.29 49.27 -56.98
C GLY H 261 -30.82 48.19 -57.90
N SER H 262 -30.37 48.19 -59.16
CA SER H 262 -30.56 47.06 -60.06
C SER H 262 -29.41 46.09 -59.92
N ASP H 263 -29.74 44.79 -59.96
CA ASP H 263 -28.83 43.67 -59.64
C ASP H 263 -28.18 43.92 -58.28
N GLU H 264 -29.03 44.28 -57.32
CA GLU H 264 -28.72 44.95 -56.07
C GLU H 264 -27.84 44.17 -55.10
N ALA H 265 -28.34 43.07 -54.56
CA ALA H 265 -27.56 42.20 -53.69
C ALA H 265 -27.97 40.78 -54.02
N TYR H 266 -27.03 40.02 -54.54
CA TYR H 266 -27.32 38.72 -55.11
C TYR H 266 -26.20 37.80 -54.66
N VAL H 267 -26.40 36.50 -54.88
CA VAL H 267 -25.39 35.51 -54.55
C VAL H 267 -24.49 35.32 -55.77
N LYS H 268 -23.24 35.75 -55.65
CA LYS H 268 -22.27 35.44 -56.70
C LYS H 268 -21.96 33.96 -56.73
N ASP H 269 -21.40 33.43 -55.64
CA ASP H 269 -21.06 32.03 -55.52
C ASP H 269 -21.55 31.56 -54.17
N ALA H 270 -22.58 30.71 -54.18
CA ALA H 270 -23.11 30.12 -52.97
C ALA H 270 -22.36 28.86 -52.57
N ARG H 271 -21.19 28.63 -53.16
CA ARG H 271 -20.30 27.55 -52.77
C ARG H 271 -19.22 28.02 -51.82
N LYS H 272 -18.88 29.30 -51.90
CA LYS H 272 -17.82 29.89 -51.11
C LYS H 272 -18.23 30.07 -49.65
N ASP H 273 -19.52 30.07 -49.36
CA ASP H 273 -20.02 30.43 -48.05
C ASP H 273 -19.76 29.36 -47.00
N THR H 274 -19.10 29.75 -45.92
CA THR H 274 -19.12 29.00 -44.68
C THR H 274 -20.38 29.42 -43.94
N VAL H 275 -21.09 28.45 -43.37
CA VAL H 275 -22.41 28.73 -42.80
C VAL H 275 -22.14 29.19 -41.36
N SER H 276 -21.82 30.47 -41.24
CA SER H 276 -21.53 31.07 -39.94
C SER H 276 -22.75 31.72 -39.32
N ARG H 277 -23.79 31.97 -40.12
CA ARG H 277 -25.04 32.60 -39.68
C ARG H 277 -24.80 33.98 -39.06
N GLU H 278 -23.83 34.71 -39.59
CA GLU H 278 -23.48 35.99 -39.02
C GLU H 278 -24.51 37.04 -39.36
N VAL H 279 -25.27 36.84 -40.44
CA VAL H 279 -26.27 37.81 -40.81
C VAL H 279 -27.50 37.69 -39.91
N LEU H 280 -27.64 36.58 -39.18
CA LEU H 280 -28.82 36.40 -38.36
C LEU H 280 -28.76 37.10 -37.03
N ARG H 281 -27.60 37.62 -36.64
CA ARG H 281 -27.50 38.35 -35.40
C ARG H 281 -27.54 39.86 -35.61
N TYR H 282 -27.99 40.30 -36.77
CA TYR H 282 -28.32 41.70 -37.03
C TYR H 282 -29.81 41.78 -37.31
N GLU H 283 -30.49 42.72 -36.65
CA GLU H 283 -31.94 42.81 -36.75
C GLU H 283 -32.42 43.45 -38.05
N GLU H 284 -31.51 44.02 -38.84
CA GLU H 284 -31.90 44.56 -40.12
C GLU H 284 -32.25 43.48 -41.11
N PHE H 285 -31.67 42.28 -40.96
CA PHE H 285 -31.77 41.25 -41.97
C PHE H 285 -32.45 40.00 -41.46
N ALA H 286 -33.00 40.00 -40.24
CA ALA H 286 -33.58 38.79 -39.67
C ALA H 286 -34.87 38.39 -40.35
N ASP H 287 -35.48 39.27 -41.13
CA ASP H 287 -36.64 38.92 -41.93
C ASP H 287 -36.33 38.79 -43.41
N LYS H 288 -35.28 39.43 -43.88
CA LYS H 288 -35.09 39.60 -45.32
C LYS H 288 -34.10 38.61 -45.91
N VAL H 289 -33.81 37.50 -45.21
CA VAL H 289 -32.90 36.48 -45.71
C VAL H 289 -33.26 35.17 -45.03
N LYS H 290 -32.91 34.06 -45.67
CA LYS H 290 -32.91 32.75 -45.04
C LYS H 290 -31.61 32.04 -45.34
N LEU H 291 -31.34 31.00 -44.58
CA LEU H 291 -30.15 30.18 -44.78
C LEU H 291 -30.60 28.74 -44.83
N GLY H 292 -30.58 28.15 -46.02
CA GLY H 292 -30.97 26.77 -46.18
C GLY H 292 -29.84 25.94 -46.75
N ARG H 293 -30.15 24.76 -47.25
CA ARG H 293 -29.18 23.95 -47.97
C ARG H 293 -29.81 23.48 -49.27
N VAL H 294 -28.97 23.18 -50.24
CA VAL H 294 -29.40 22.44 -51.42
C VAL H 294 -29.12 20.98 -51.11
N ARG H 295 -30.19 20.18 -51.01
CA ARG H 295 -30.09 18.95 -50.24
C ARG H 295 -29.46 17.81 -51.03
N ASN H 296 -29.48 17.88 -52.35
CA ASN H 296 -28.96 16.80 -53.16
C ASN H 296 -27.64 17.15 -53.80
N HIS H 297 -27.04 18.26 -53.42
CA HIS H 297 -25.81 18.74 -54.02
C HIS H 297 -24.75 18.74 -52.94
N PHE H 298 -23.80 17.82 -53.06
CA PHE H 298 -22.78 17.55 -52.05
C PHE H 298 -21.45 18.05 -52.57
N ILE H 299 -20.60 18.53 -51.67
CA ILE H 299 -19.29 19.04 -52.04
C ILE H 299 -18.26 18.19 -51.30
N PHE H 300 -17.73 17.19 -51.97
CA PHE H 300 -16.76 16.27 -51.39
C PHE H 300 -15.37 16.88 -51.39
N ASN H 301 -14.67 16.80 -50.28
CA ASN H 301 -13.28 17.21 -50.20
C ASN H 301 -12.48 15.99 -49.74
N VAL H 302 -11.80 15.34 -50.67
CA VAL H 302 -11.03 14.13 -50.38
C VAL H 302 -9.55 14.48 -50.38
N GLU H 303 -8.87 14.21 -49.28
CA GLU H 303 -7.43 14.38 -49.18
C GLU H 303 -6.77 13.02 -49.31
N SER H 304 -5.48 12.95 -49.02
CA SER H 304 -4.79 11.68 -49.14
C SER H 304 -3.69 11.59 -48.10
N ALA H 305 -3.50 10.38 -47.56
CA ALA H 305 -2.34 10.15 -46.72
C ALA H 305 -1.07 10.02 -47.55
N GLY H 306 -1.19 9.68 -48.82
CA GLY H 306 -0.05 9.69 -49.70
C GLY H 306 0.04 8.55 -50.70
N ALA H 307 -0.51 7.38 -50.34
CA ALA H 307 -0.28 6.18 -51.14
C ALA H 307 -1.00 6.24 -52.48
N MET H 308 -2.17 6.85 -52.52
CA MET H 308 -3.00 6.90 -53.72
C MET H 308 -3.44 8.33 -53.97
N THR H 309 -3.65 8.65 -55.24
CA THR H 309 -4.22 9.94 -55.57
C THR H 309 -5.69 9.98 -55.15
N PRO H 310 -6.21 11.14 -54.76
CA PRO H 310 -7.55 11.17 -54.18
C PRO H 310 -8.66 10.97 -55.18
N GLU H 311 -8.43 11.16 -56.47
CA GLU H 311 -9.45 10.78 -57.44
C GLU H 311 -9.54 9.28 -57.59
N GLU H 312 -8.52 8.54 -57.17
CA GLU H 312 -8.46 7.13 -57.39
C GLU H 312 -9.06 6.36 -56.23
N ILE H 313 -9.05 6.94 -55.03
CA ILE H 313 -9.78 6.34 -53.91
C ILE H 313 -11.21 6.80 -53.85
N PHE H 314 -11.66 7.62 -54.78
CA PHE H 314 -13.09 7.79 -54.94
C PHE H 314 -13.66 6.73 -55.89
N PHE H 315 -12.94 6.41 -56.98
CA PHE H 315 -13.31 5.25 -57.79
C PHE H 315 -13.25 3.98 -56.99
N LYS H 316 -12.23 3.85 -56.14
CA LYS H 316 -12.05 2.64 -55.40
C LYS H 316 -13.11 2.48 -54.33
N SER H 317 -13.75 3.57 -53.93
CA SER H 317 -14.88 3.55 -53.00
C SER H 317 -16.19 3.23 -53.68
N VAL H 318 -16.46 3.82 -54.84
CA VAL H 318 -17.72 3.56 -55.52
C VAL H 318 -17.73 2.13 -56.10
N ARG H 319 -16.58 1.51 -56.31
CA ARG H 319 -16.56 0.12 -56.69
C ARG H 319 -16.60 -0.84 -55.51
N ILE H 320 -16.19 -0.41 -54.31
CA ILE H 320 -16.37 -1.26 -53.14
C ILE H 320 -17.84 -1.40 -52.80
N LEU H 321 -18.60 -0.31 -52.85
CA LEU H 321 -20.04 -0.36 -52.60
C LEU H 321 -20.77 -1.17 -53.64
N LYS H 322 -20.32 -1.13 -54.89
CA LYS H 322 -20.92 -1.97 -55.93
C LYS H 322 -20.64 -3.44 -55.67
N ASN H 323 -19.40 -3.80 -55.33
CA ASN H 323 -19.11 -5.19 -55.01
C ASN H 323 -19.68 -5.60 -53.67
N LYS H 324 -19.97 -4.65 -52.79
CA LYS H 324 -20.59 -4.98 -51.52
C LYS H 324 -22.02 -5.43 -51.71
N ALA H 325 -22.66 -5.05 -52.83
CA ALA H 325 -23.99 -5.49 -53.18
C ALA H 325 -23.99 -6.72 -54.07
N GLU H 326 -22.98 -6.89 -54.93
CA GLU H 326 -22.86 -8.10 -55.73
C GLU H 326 -22.68 -9.32 -54.86
N TYR H 327 -21.91 -9.20 -53.80
CA TYR H 327 -21.64 -10.33 -52.94
C TYR H 327 -22.86 -10.73 -52.14
N LEU H 328 -23.83 -9.83 -51.95
CA LEU H 328 -25.11 -10.20 -51.37
C LEU H 328 -26.11 -10.68 -52.39
N LYS H 329 -26.05 -10.18 -53.62
CA LYS H 329 -26.95 -10.69 -54.65
C LYS H 329 -26.60 -12.11 -55.01
N ASN H 330 -25.31 -12.42 -55.09
CA ASN H 330 -24.83 -13.70 -55.54
C ASN H 330 -24.63 -14.67 -54.38
N CYS H 331 -25.46 -14.55 -53.34
CA CYS H 331 -25.31 -15.28 -52.10
C CYS H 331 -26.61 -15.97 -51.73
N PRO H 332 -26.56 -17.23 -51.32
CA PRO H 332 -27.80 -17.98 -51.05
C PRO H 332 -28.46 -17.51 -49.76
N ILE H 333 -29.76 -17.26 -49.83
CA ILE H 333 -30.54 -16.85 -48.66
C ILE H 333 -30.72 -18.08 -47.77
N THR H 334 -30.16 -18.01 -46.57
CA THR H 334 -29.99 -19.17 -45.70
C THR H 334 -31.23 -19.35 -44.83
N GLN H 335 -31.67 -20.61 -44.71
CA GLN H 335 -32.78 -21.06 -43.84
C GLN H 335 -34.10 -20.37 -44.18
N MET I 1 -6.12 -53.42 -4.08
CA MET I 1 -5.78 -52.02 -4.34
C MET I 1 -6.92 -51.23 -5.00
N MET I 2 -7.58 -51.79 -6.00
CA MET I 2 -8.63 -51.08 -6.73
C MET I 2 -10.01 -51.31 -6.14
N LYS I 3 -10.12 -52.04 -5.02
CA LYS I 3 -11.32 -51.99 -4.20
C LYS I 3 -11.28 -50.86 -3.18
N GLY I 4 -10.21 -50.06 -3.15
CA GLY I 4 -10.00 -49.08 -2.11
C GLY I 4 -10.24 -47.63 -2.52
N SER I 5 -10.60 -47.40 -3.78
CA SER I 5 -11.02 -46.09 -4.25
C SER I 5 -12.45 -46.15 -4.77
N ARG I 6 -13.02 -44.97 -5.00
CA ARG I 6 -14.46 -44.77 -5.24
C ARG I 6 -15.30 -45.42 -4.14
N ARG I 7 -14.91 -45.13 -2.90
CA ARG I 7 -15.51 -45.80 -1.74
C ARG I 7 -16.87 -45.25 -1.33
N THR I 8 -17.28 -44.12 -1.90
CA THR I 8 -18.69 -43.76 -1.82
C THR I 8 -19.50 -44.59 -2.81
N GLY I 9 -18.91 -44.91 -3.96
CA GLY I 9 -19.52 -45.87 -4.86
C GLY I 9 -19.38 -47.30 -4.36
N ASN I 10 -18.37 -47.55 -3.51
CA ASN I 10 -18.24 -48.86 -2.90
C ASN I 10 -19.15 -48.98 -1.67
N ASN I 11 -19.73 -47.85 -1.23
CA ASN I 11 -20.85 -47.91 -0.31
C ASN I 11 -22.11 -48.34 -1.04
N THR I 12 -22.44 -47.63 -2.14
CA THR I 12 -23.46 -48.01 -3.12
C THR I 12 -24.86 -48.10 -2.51
N ALA I 13 -25.14 -47.19 -1.58
CA ALA I 13 -26.33 -47.27 -0.76
C ALA I 13 -27.01 -45.91 -0.63
N THR I 14 -27.28 -45.26 -1.76
CA THR I 14 -27.86 -43.93 -1.71
C THR I 14 -29.35 -44.00 -1.39
N THR I 15 -29.98 -42.82 -1.32
CA THR I 15 -31.40 -42.74 -1.01
C THR I 15 -32.27 -43.13 -2.18
N LEU I 16 -31.71 -43.21 -3.39
CA LEU I 16 -32.46 -43.72 -4.51
C LEU I 16 -32.49 -45.23 -4.50
N ASN I 17 -31.60 -45.84 -3.74
CA ASN I 17 -31.25 -47.25 -3.86
C ASN I 17 -31.83 -48.08 -2.74
N THR I 18 -31.64 -47.64 -1.51
CA THR I 18 -32.07 -48.27 -0.27
C THR I 18 -33.10 -47.40 0.44
N PRO I 19 -34.04 -47.99 1.16
CA PRO I 19 -35.04 -47.19 1.88
C PRO I 19 -34.42 -46.45 3.05
N VAL I 20 -35.15 -45.43 3.51
CA VAL I 20 -34.61 -44.58 4.56
C VAL I 20 -34.69 -45.28 5.91
N VAL I 21 -35.86 -45.77 6.28
CA VAL I 21 -36.02 -46.65 7.44
C VAL I 21 -36.87 -47.84 7.05
N ILE I 22 -36.63 -48.96 7.73
CA ILE I 22 -37.50 -50.13 7.70
C ILE I 22 -37.79 -50.50 9.13
N HIS I 23 -39.06 -50.50 9.50
CA HIS I 23 -39.48 -50.89 10.83
C HIS I 23 -40.36 -52.11 10.73
N ALA I 24 -40.10 -53.10 11.57
CA ALA I 24 -41.04 -54.20 11.72
C ALA I 24 -42.31 -53.67 12.37
N THR I 25 -43.46 -53.96 11.79
CA THR I 25 -44.68 -53.33 12.30
C THR I 25 -45.57 -54.28 13.10
N GLN I 26 -45.30 -55.59 13.11
CA GLN I 26 -45.97 -56.52 13.99
C GLN I 26 -44.97 -57.60 14.37
N LEU I 27 -45.45 -58.63 15.06
CA LEU I 27 -44.62 -59.80 15.28
C LEU I 27 -44.64 -60.70 14.05
N PRO I 28 -43.49 -61.23 13.65
CA PRO I 28 -43.44 -62.14 12.49
C PRO I 28 -44.19 -63.43 12.73
N GLN I 29 -44.94 -63.86 11.73
CA GLN I 29 -45.89 -64.96 11.89
C GLN I 29 -45.59 -66.05 10.88
N HIS I 30 -45.41 -67.27 11.37
CA HIS I 30 -44.85 -68.36 10.55
C HIS I 30 -45.84 -68.88 9.53
N VAL I 31 -45.37 -69.02 8.30
CA VAL I 31 -46.12 -69.64 7.23
C VAL I 31 -45.78 -71.12 7.17
N SER I 32 -46.64 -71.87 6.49
CA SER I 32 -46.44 -73.29 6.29
C SER I 32 -45.87 -73.56 4.90
N THR I 33 -45.50 -74.82 4.68
CA THR I 33 -44.96 -75.26 3.39
C THR I 33 -46.01 -75.13 2.29
N ASP I 34 -47.29 -75.30 2.64
CA ASP I 34 -48.38 -75.20 1.69
C ASP I 34 -48.58 -73.77 1.18
N GLU I 35 -48.06 -72.79 1.92
CA GLU I 35 -48.25 -71.38 1.64
C GLU I 35 -47.06 -70.75 0.92
N VAL I 36 -45.84 -71.16 1.26
CA VAL I 36 -44.66 -70.72 0.54
C VAL I 36 -44.69 -71.23 -0.89
N LEU I 37 -45.22 -72.44 -1.09
CA LEU I 37 -45.41 -72.95 -2.43
C LEU I 37 -46.43 -72.13 -3.21
N GLN I 38 -47.48 -71.67 -2.53
CA GLN I 38 -48.49 -70.85 -3.18
C GLN I 38 -48.02 -69.42 -3.33
N PHE I 39 -47.11 -68.97 -2.46
CA PHE I 39 -46.51 -67.66 -2.65
C PHE I 39 -45.56 -67.64 -3.83
N LEU I 40 -44.57 -68.53 -3.84
CA LEU I 40 -43.52 -68.52 -4.86
C LEU I 40 -44.05 -68.84 -6.25
N GLU I 41 -45.19 -69.50 -6.35
CA GLU I 41 -45.86 -69.61 -7.64
C GLU I 41 -46.33 -68.25 -8.11
N SER I 42 -46.83 -67.43 -7.20
CA SER I 42 -47.37 -66.12 -7.57
C SER I 42 -46.25 -65.11 -7.82
N PHE I 43 -45.22 -65.12 -6.98
CA PHE I 43 -44.17 -64.11 -7.03
C PHE I 43 -43.24 -64.27 -8.23
N ILE I 44 -43.11 -65.48 -8.76
CA ILE I 44 -42.20 -65.75 -9.87
C ILE I 44 -42.97 -65.57 -11.17
N ASP I 45 -44.24 -65.95 -11.19
CA ASP I 45 -45.06 -65.74 -12.37
C ASP I 45 -45.33 -64.27 -12.62
N GLU I 46 -45.42 -63.47 -11.55
CA GLU I 46 -45.60 -62.03 -11.72
C GLU I 46 -44.37 -61.37 -12.30
N LYS I 47 -43.18 -61.87 -11.97
CA LYS I 47 -41.94 -61.34 -12.48
C LYS I 47 -41.47 -62.07 -13.73
N GLU I 48 -42.39 -62.62 -14.52
CA GLU I 48 -42.13 -63.26 -15.80
C GLU I 48 -43.14 -62.82 -16.85
N ASN I 49 -43.35 -61.51 -16.96
CA ASN I 49 -44.22 -60.95 -17.98
C ASN I 49 -43.57 -61.08 -19.36
N THR I 80 -33.91 -57.02 -17.08
CA THR I 80 -34.00 -56.23 -15.86
C THR I 80 -32.90 -56.63 -14.90
N ASN I 81 -33.12 -56.32 -13.63
CA ASN I 81 -32.45 -57.01 -12.54
C ASN I 81 -33.32 -58.21 -12.19
N LEU I 82 -33.06 -58.83 -11.03
CA LEU I 82 -33.94 -59.80 -10.36
C LEU I 82 -34.01 -61.15 -11.05
N SER I 83 -33.52 -61.25 -12.28
CA SER I 83 -33.48 -62.53 -12.97
C SER I 83 -32.23 -63.32 -12.62
N SER I 84 -31.34 -62.73 -11.84
CA SER I 84 -30.27 -63.46 -11.16
C SER I 84 -30.69 -63.89 -9.78
N SER I 85 -31.88 -63.49 -9.34
CA SER I 85 -32.41 -63.90 -8.05
C SER I 85 -33.70 -64.68 -8.17
N ILE I 86 -34.39 -64.62 -9.31
CA ILE I 86 -35.48 -65.55 -9.58
C ILE I 86 -34.95 -66.97 -9.68
N SER I 87 -33.76 -67.14 -10.24
CA SER I 87 -33.14 -68.45 -10.34
C SER I 87 -32.82 -69.04 -8.97
N GLN I 88 -32.50 -68.19 -8.02
CA GLN I 88 -32.32 -68.67 -6.66
C GLN I 88 -33.66 -69.08 -6.05
N LEU I 89 -34.74 -68.40 -6.43
CA LEU I 89 -36.06 -68.82 -6.01
C LEU I 89 -36.51 -70.10 -6.69
N LYS I 90 -36.11 -70.31 -7.94
CA LYS I 90 -36.50 -71.54 -8.62
C LYS I 90 -35.72 -72.75 -8.14
N ARG I 91 -34.60 -72.56 -7.46
CA ARG I 91 -34.05 -73.66 -6.67
C ARG I 91 -34.74 -73.82 -5.34
N ILE I 92 -35.34 -72.75 -4.81
CA ILE I 92 -36.13 -72.86 -3.60
C ILE I 92 -37.49 -73.47 -3.90
N GLN I 93 -38.11 -73.06 -5.02
CA GLN I 93 -39.43 -73.54 -5.38
C GLN I 93 -39.43 -75.04 -5.68
N ARG I 94 -38.42 -75.51 -6.41
CA ARG I 94 -38.32 -76.92 -6.76
C ARG I 94 -38.05 -77.78 -5.52
N ASP I 95 -37.40 -77.21 -4.51
CA ASP I 95 -37.07 -77.97 -3.31
C ASP I 95 -38.30 -78.35 -2.50
N PHE I 96 -39.34 -77.52 -2.49
CA PHE I 96 -40.48 -77.79 -1.63
C PHE I 96 -41.42 -78.84 -2.20
N LYS I 97 -41.27 -79.23 -3.47
CA LYS I 97 -42.27 -80.13 -4.03
C LYS I 97 -41.68 -81.23 -4.92
N GLY I 98 -40.38 -81.43 -4.89
CA GLY I 98 -39.75 -82.35 -5.82
C GLY I 98 -38.43 -82.85 -5.31
N LEU I 99 -37.56 -83.20 -6.25
CA LEU I 99 -36.34 -83.91 -5.91
C LEU I 99 -35.18 -83.52 -6.82
N PRO I 100 -34.01 -83.20 -6.26
CA PRO I 100 -32.81 -82.96 -7.07
C PRO I 100 -32.25 -84.24 -7.68
N MET J 1 -66.41 33.76 47.15
CA MET J 1 -66.45 32.68 48.11
C MET J 1 -66.09 31.35 47.46
N ASP J 2 -65.74 31.41 46.18
CA ASP J 2 -65.61 30.22 45.35
C ASP J 2 -64.25 30.27 44.67
N GLN J 3 -63.22 29.77 45.37
CA GLN J 3 -61.86 29.84 44.86
C GLN J 3 -61.18 28.47 44.95
N GLU J 4 -61.54 27.69 45.94
CA GLU J 4 -61.12 26.29 46.06
C GLU J 4 -62.30 25.36 46.23
N ASN J 5 -63.31 25.76 47.00
CA ASN J 5 -64.48 24.92 47.22
C ASN J 5 -65.29 24.80 45.95
N GLU J 6 -65.22 25.78 45.06
CA GLU J 6 -65.82 25.64 43.74
C GLU J 6 -65.12 24.55 42.93
N ARG J 7 -63.80 24.40 43.13
CA ARG J 7 -63.05 23.43 42.36
C ARG J 7 -62.71 22.16 43.12
N ASN J 8 -62.83 22.15 44.44
CA ASN J 8 -62.76 20.85 45.12
C ASN J 8 -64.06 20.08 44.93
N ILE J 9 -65.16 20.79 44.72
CA ILE J 9 -66.42 20.13 44.35
C ILE J 9 -66.39 19.72 42.89
N SER J 10 -65.91 20.60 42.01
CA SER J 10 -65.86 20.29 40.59
C SER J 10 -64.86 19.19 40.26
N ARG J 11 -63.82 19.02 41.07
CA ARG J 11 -62.95 17.86 40.93
C ARG J 11 -63.51 16.62 41.59
N LEU J 12 -64.66 16.72 42.25
CA LEU J 12 -65.40 15.56 42.71
C LEU J 12 -66.69 15.36 41.94
N TRP J 13 -67.23 16.44 41.38
CA TRP J 13 -68.36 16.30 40.46
C TRP J 13 -67.96 15.60 39.18
N ARG J 14 -66.81 15.96 38.61
CA ARG J 14 -66.36 15.28 37.42
C ARG J 14 -65.90 13.87 37.72
N ALA J 15 -65.30 13.64 38.88
CA ALA J 15 -64.84 12.31 39.25
C ALA J 15 -66.00 11.37 39.55
N PHE J 16 -67.18 11.90 39.81
CA PHE J 16 -68.38 11.12 40.04
C PHE J 16 -69.09 10.77 38.75
N ARG J 17 -69.02 11.67 37.76
CA ARG J 17 -69.60 11.38 36.45
C ARG J 17 -68.87 10.26 35.76
N THR J 18 -67.56 10.18 35.94
CA THR J 18 -66.77 9.16 35.26
C THR J 18 -67.08 7.78 35.79
N VAL J 19 -67.28 7.66 37.10
CA VAL J 19 -67.60 6.38 37.71
C VAL J 19 -68.97 5.90 37.25
N LYS J 20 -69.92 6.82 37.11
CA LYS J 20 -71.20 6.44 36.53
C LYS J 20 -71.07 6.11 35.04
N GLU J 21 -70.13 6.72 34.34
CA GLU J 21 -69.85 6.31 32.98
C GLU J 21 -69.06 5.01 32.94
N MET J 22 -68.20 4.79 33.93
CA MET J 22 -67.42 3.56 33.98
C MET J 22 -68.31 2.36 34.28
N VAL J 23 -69.27 2.55 35.19
CA VAL J 23 -70.16 1.46 35.56
C VAL J 23 -71.17 1.19 34.46
N LYS J 24 -71.61 2.23 33.75
CA LYS J 24 -72.46 2.01 32.58
C LYS J 24 -71.69 1.35 31.45
N ASP J 25 -70.40 1.62 31.32
CA ASP J 25 -69.60 0.95 30.30
C ASP J 25 -69.34 -0.51 30.64
N ARG J 26 -69.34 -0.85 31.93
CA ARG J 26 -69.18 -2.25 32.30
C ARG J 26 -70.47 -3.04 32.16
N GLY J 27 -71.55 -2.43 31.70
CA GLY J 27 -72.79 -3.15 31.44
C GLY J 27 -73.77 -3.19 32.59
N TYR J 28 -73.68 -2.25 33.51
CA TYR J 28 -74.62 -2.14 34.62
C TYR J 28 -75.66 -1.07 34.29
N PHE J 29 -76.67 -0.97 35.14
CA PHE J 29 -77.82 -0.13 34.86
C PHE J 29 -77.59 1.24 35.48
N ILE J 30 -77.05 2.16 34.68
CA ILE J 30 -76.94 3.57 35.05
C ILE J 30 -77.59 4.36 33.94
N THR J 31 -78.66 5.07 34.26
CA THR J 31 -79.43 5.76 33.25
C THR J 31 -78.72 7.03 32.78
N GLN J 32 -79.22 7.59 31.69
CA GLN J 32 -78.55 8.73 31.10
C GLN J 32 -78.74 10.00 31.92
N GLU J 33 -79.87 10.10 32.63
CA GLU J 33 -80.10 11.24 33.51
C GLU J 33 -79.18 11.21 34.72
N GLU J 34 -78.77 10.03 35.16
CA GLU J 34 -77.78 9.94 36.22
C GLU J 34 -76.41 10.33 35.73
N VAL J 35 -76.11 10.03 34.46
CA VAL J 35 -74.82 10.36 33.88
C VAL J 35 -74.68 11.87 33.71
N GLU J 36 -75.70 12.49 33.12
CA GLU J 36 -75.65 13.92 32.80
C GLU J 36 -76.31 14.71 33.93
N LEU J 37 -75.63 14.71 35.06
CA LEU J 37 -76.09 15.44 36.23
C LEU J 37 -75.35 16.77 36.31
N PRO J 38 -76.03 17.91 36.17
CA PRO J 38 -75.34 19.19 36.18
C PRO J 38 -74.77 19.52 37.55
N LEU J 39 -73.85 20.49 37.55
CA LEU J 39 -73.08 20.81 38.75
C LEU J 39 -73.94 21.47 39.81
N GLU J 40 -74.95 22.25 39.41
CA GLU J 40 -75.85 22.83 40.39
C GLU J 40 -76.79 21.79 40.98
N ASP J 41 -77.05 20.71 40.23
CA ASP J 41 -77.86 19.61 40.74
C ASP J 41 -77.05 18.64 41.58
N PHE J 42 -75.73 18.61 41.38
CA PHE J 42 -74.87 17.82 42.24
C PHE J 42 -74.77 18.42 43.63
N LYS J 43 -74.78 19.74 43.74
CA LYS J 43 -74.77 20.38 45.04
C LYS J 43 -76.12 20.35 45.72
N ALA J 44 -77.21 20.32 44.96
CA ALA J 44 -78.54 20.21 45.52
C ALA J 44 -78.88 18.82 46.01
N LYS J 45 -77.99 17.86 45.84
CA LYS J 45 -78.27 16.50 46.23
C LYS J 45 -77.18 15.89 47.10
N TYR J 46 -75.92 16.19 46.83
CA TYR J 46 -74.83 15.57 47.57
C TYR J 46 -74.02 16.56 48.38
N CYS J 47 -74.30 17.86 48.30
CA CYS J 47 -73.71 18.84 49.18
C CYS J 47 -74.73 19.28 50.20
N ASP J 48 -74.30 19.39 51.46
CA ASP J 48 -75.20 19.72 52.54
C ASP J 48 -75.50 21.22 52.55
N SER J 49 -76.20 21.66 53.60
CA SER J 49 -76.69 23.03 53.68
C SER J 49 -75.57 24.06 53.82
N MET J 50 -74.43 23.67 54.38
CA MET J 50 -73.29 24.58 54.40
C MET J 50 -72.63 24.67 53.03
N GLY J 51 -72.57 23.55 52.32
CA GLY J 51 -72.03 23.53 50.97
C GLY J 51 -70.83 22.64 50.81
N ARG J 52 -70.53 21.85 51.85
CA ARG J 52 -69.35 21.02 51.67
C ARG J 52 -69.70 19.78 50.87
N PRO J 53 -68.72 19.15 50.21
CA PRO J 53 -68.98 17.85 49.58
C PRO J 53 -68.87 16.73 50.61
N GLN J 54 -69.92 15.93 50.72
CA GLN J 54 -69.92 14.76 51.58
C GLN J 54 -69.94 13.50 50.73
N ARG J 55 -69.12 12.54 51.12
CA ARG J 55 -68.87 11.35 50.32
C ARG J 55 -69.51 10.13 50.98
N LYS J 56 -70.70 10.32 51.51
CA LYS J 56 -71.50 9.23 52.05
C LYS J 56 -72.75 8.93 51.25
N MET J 57 -73.47 9.96 50.79
CA MET J 57 -74.60 9.72 49.92
C MET J 57 -74.14 9.38 48.51
N MET J 58 -72.90 9.73 48.16
CA MET J 58 -72.40 9.52 46.81
C MET J 58 -72.21 8.05 46.49
N SER J 59 -71.92 7.24 47.50
CA SER J 59 -71.77 5.81 47.32
C SER J 59 -73.10 5.19 46.93
N PHE J 60 -73.06 4.19 46.04
CA PHE J 60 -74.28 3.67 45.43
C PHE J 60 -74.08 2.22 45.04
N GLN J 61 -75.12 1.64 44.46
CA GLN J 61 -75.15 0.25 44.04
C GLN J 61 -75.78 0.15 42.66
N ALA J 62 -75.18 -0.64 41.77
CA ALA J 62 -75.69 -0.84 40.43
C ALA J 62 -75.89 -2.32 40.15
N ASN J 63 -76.77 -2.60 39.21
CA ASN J 63 -77.20 -3.95 38.86
C ASN J 63 -77.12 -4.11 37.34
N PRO J 64 -77.00 -5.33 36.84
CA PRO J 64 -76.84 -5.52 35.39
C PRO J 64 -78.09 -5.19 34.60
N THR J 65 -77.87 -4.83 33.35
CA THR J 65 -78.98 -4.74 32.42
C THR J 65 -79.41 -6.12 31.98
N GLU J 66 -80.55 -6.19 31.29
CA GLU J 66 -80.98 -7.47 30.74
C GLU J 66 -80.08 -7.93 29.60
N GLU J 67 -79.49 -6.99 28.88
CA GLU J 67 -78.56 -7.34 27.82
C GLU J 67 -77.30 -7.98 28.38
N SER J 68 -76.86 -7.55 29.56
CA SER J 68 -75.61 -8.05 30.11
C SER J 68 -75.77 -9.41 30.75
N ILE J 69 -76.94 -9.73 31.30
CA ILE J 69 -77.13 -11.03 31.94
C ILE J 69 -77.14 -12.13 30.90
N SER J 70 -77.80 -11.89 29.77
CA SER J 70 -77.88 -12.88 28.70
C SER J 70 -76.52 -13.12 28.07
N LYS J 71 -75.70 -12.09 27.99
CA LYS J 71 -74.37 -12.27 27.41
C LYS J 71 -73.37 -12.74 28.46
N PHE J 72 -73.46 -12.22 29.67
CA PHE J 72 -72.57 -12.61 30.76
C PHE J 72 -73.43 -13.18 31.87
N PRO J 73 -73.47 -14.50 32.05
CA PRO J 73 -74.41 -15.06 33.02
C PRO J 73 -74.02 -14.82 34.46
N ASP J 74 -72.73 -14.72 34.76
CA ASP J 74 -72.26 -14.63 36.13
C ASP J 74 -72.06 -13.21 36.59
N MET J 75 -72.55 -12.24 35.85
CA MET J 75 -72.46 -10.85 36.27
C MET J 75 -73.43 -10.64 37.42
N GLY J 76 -72.90 -10.25 38.58
CA GLY J 76 -73.72 -10.05 39.75
C GLY J 76 -73.90 -8.58 40.08
N SER J 77 -73.92 -8.25 41.36
CA SER J 77 -74.13 -6.88 41.75
C SER J 77 -72.81 -6.13 41.84
N LEU J 78 -72.89 -4.86 42.18
CA LEU J 78 -71.75 -3.97 42.24
C LEU J 78 -72.00 -2.89 43.27
N TRP J 79 -71.05 -2.71 44.17
CA TRP J 79 -71.10 -1.65 45.16
C TRP J 79 -69.97 -0.68 44.90
N VAL J 80 -70.30 0.60 44.75
CA VAL J 80 -69.32 1.64 44.51
C VAL J 80 -69.24 2.49 45.77
N GLU J 81 -68.05 2.60 46.34
CA GLU J 81 -67.85 3.20 47.64
C GLU J 81 -66.84 4.33 47.55
N PHE J 82 -67.22 5.51 48.05
CA PHE J 82 -66.30 6.63 48.21
C PHE J 82 -65.74 6.59 49.62
N CYS J 83 -64.95 7.60 49.97
CA CYS J 83 -64.34 7.62 51.29
C CYS J 83 -64.11 9.06 51.73
N ASP J 84 -64.58 9.40 52.93
CA ASP J 84 -64.28 10.70 53.51
C ASP J 84 -62.81 10.82 53.90
N GLU J 85 -62.23 9.77 54.44
CA GLU J 85 -60.89 9.87 54.99
C GLU J 85 -59.85 9.88 53.87
N PRO J 86 -59.02 10.91 53.77
CA PRO J 86 -58.04 10.97 52.67
C PRO J 86 -56.93 9.93 52.77
N SER J 87 -56.29 9.81 53.92
CA SER J 87 -55.30 8.76 54.14
C SER J 87 -56.08 7.57 54.66
N VAL J 88 -56.34 6.60 53.77
CA VAL J 88 -57.29 5.53 54.06
C VAL J 88 -56.67 4.54 55.03
N GLY J 89 -57.41 4.23 56.09
CA GLY J 89 -56.91 3.38 57.15
C GLY J 89 -57.48 1.99 57.08
N VAL J 90 -56.76 1.06 57.70
CA VAL J 90 -57.11 -0.35 57.69
C VAL J 90 -58.38 -0.65 58.47
N LYS J 91 -58.82 0.26 59.32
CA LYS J 91 -60.12 0.10 59.97
C LYS J 91 -61.26 0.24 58.96
N THR J 92 -61.19 1.26 58.10
CA THR J 92 -62.22 1.44 57.09
C THR J 92 -62.09 0.46 55.94
N MET J 93 -60.90 -0.07 55.68
CA MET J 93 -60.77 -1.10 54.65
C MET J 93 -61.34 -2.42 55.08
N LYS J 94 -61.29 -2.75 56.36
CA LYS J 94 -61.89 -4.02 56.78
C LYS J 94 -63.41 -3.94 56.78
N THR J 95 -63.97 -2.73 56.88
CA THR J 95 -65.42 -2.59 56.76
C THR J 95 -65.88 -2.88 55.35
N PHE J 96 -65.17 -2.33 54.36
CA PHE J 96 -65.59 -2.46 52.96
C PHE J 96 -65.42 -3.87 52.44
N VAL J 97 -64.42 -4.59 52.94
CA VAL J 97 -64.26 -6.01 52.63
C VAL J 97 -65.46 -6.80 53.12
N ILE J 98 -65.90 -6.53 54.35
CA ILE J 98 -67.00 -7.29 54.93
C ILE J 98 -68.34 -6.82 54.38
N HIS J 99 -68.47 -5.52 54.10
CA HIS J 99 -69.72 -4.99 53.54
C HIS J 99 -70.03 -5.57 52.18
N ILE J 100 -69.01 -5.85 51.37
CA ILE J 100 -69.22 -6.61 50.14
C ILE J 100 -69.62 -8.03 50.47
N GLN J 101 -68.91 -8.67 51.38
CA GLN J 101 -69.10 -10.10 51.59
C GLN J 101 -70.32 -10.40 52.46
N GLU J 102 -70.74 -9.47 53.32
CA GLU J 102 -72.01 -9.65 54.03
C GLU J 102 -73.18 -9.51 53.07
N LYS J 103 -73.25 -8.39 52.36
CA LYS J 103 -74.32 -8.12 51.42
C LYS J 103 -74.21 -8.96 50.15
N ASN J 104 -73.09 -9.68 49.99
CA ASN J 104 -72.83 -10.64 48.91
C ASN J 104 -72.85 -9.95 47.55
N PHE J 105 -71.90 -9.04 47.37
CA PHE J 105 -71.65 -8.46 46.06
C PHE J 105 -70.62 -9.30 45.31
N GLN J 106 -70.54 -9.06 44.01
CA GLN J 106 -69.49 -9.68 43.21
C GLN J 106 -68.31 -8.73 43.04
N THR J 107 -68.57 -7.49 42.70
CA THR J 107 -67.54 -6.52 42.41
C THR J 107 -67.67 -5.35 43.37
N GLY J 108 -66.54 -4.88 43.90
CA GLY J 108 -66.55 -3.70 44.74
C GLY J 108 -65.54 -2.67 44.31
N ILE J 109 -65.98 -1.42 44.16
CA ILE J 109 -65.13 -0.32 43.71
C ILE J 109 -64.94 0.65 44.86
N PHE J 110 -63.70 0.83 45.30
CA PHE J 110 -63.39 1.68 46.45
C PHE J 110 -62.63 2.90 45.98
N VAL J 111 -63.34 4.01 45.81
CA VAL J 111 -62.74 5.25 45.34
C VAL J 111 -62.21 6.04 46.53
N TYR J 112 -60.91 6.30 46.55
CA TYR J 112 -60.29 7.00 47.66
C TYR J 112 -59.77 8.36 47.20
N GLN J 113 -59.06 9.04 48.11
CA GLN J 113 -58.70 10.44 47.92
C GLN J 113 -57.20 10.66 47.76
N ASN J 114 -56.38 10.22 48.70
CA ASN J 114 -54.94 10.40 48.57
C ASN J 114 -54.18 9.09 48.44
N ASN J 115 -54.32 8.18 49.40
CA ASN J 115 -53.55 6.94 49.36
C ASN J 115 -54.24 5.90 50.21
N ILE J 116 -53.79 4.65 50.06
CA ILE J 116 -54.13 3.58 50.97
C ILE J 116 -52.85 3.14 51.68
N THR J 117 -52.97 2.88 52.98
CA THR J 117 -51.90 2.25 53.73
C THR J 117 -51.57 0.90 53.10
N PRO J 118 -50.30 0.60 52.82
CA PRO J 118 -49.95 -0.71 52.24
C PRO J 118 -50.17 -1.88 53.18
N SER J 119 -50.38 -1.62 54.47
CA SER J 119 -50.91 -2.65 55.36
C SER J 119 -52.35 -3.01 55.01
N ALA J 120 -53.09 -2.09 54.39
CA ALA J 120 -54.45 -2.34 53.96
C ALA J 120 -54.56 -2.70 52.49
N MET J 121 -53.47 -2.58 51.72
CA MET J 121 -53.47 -3.06 50.34
C MET J 121 -53.37 -4.57 50.25
N LYS J 122 -53.02 -5.25 51.34
CA LYS J 122 -53.00 -6.70 51.34
C LYS J 122 -54.40 -7.29 51.35
N LEU J 123 -55.39 -6.50 51.74
CA LEU J 123 -56.78 -6.95 51.79
C LEU J 123 -57.52 -6.72 50.49
N VAL J 124 -56.82 -6.34 49.43
CA VAL J 124 -57.41 -6.18 48.11
C VAL J 124 -57.71 -7.53 47.46
N PRO J 125 -56.81 -8.57 47.47
CA PRO J 125 -57.26 -9.86 46.94
C PRO J 125 -57.94 -10.76 47.95
N SER J 126 -58.46 -10.18 49.04
CA SER J 126 -58.80 -10.97 50.23
C SER J 126 -59.97 -11.91 50.00
N ILE J 127 -61.05 -11.45 49.37
CA ILE J 127 -62.19 -12.33 49.11
C ILE J 127 -61.88 -13.15 47.87
N PRO J 128 -62.04 -14.47 47.91
CA PRO J 128 -61.67 -15.28 46.74
C PRO J 128 -62.63 -15.19 45.56
N PRO J 129 -64.01 -15.19 45.72
CA PRO J 129 -64.81 -15.00 44.51
C PRO J 129 -64.89 -13.55 44.08
N ALA J 130 -64.87 -12.64 45.04
CA ALA J 130 -65.11 -11.23 44.75
C ALA J 130 -63.81 -10.52 44.42
N THR J 131 -63.95 -9.28 43.95
CA THR J 131 -62.83 -8.44 43.59
C THR J 131 -63.01 -7.06 44.19
N ILE J 132 -61.91 -6.48 44.64
CA ILE J 132 -61.88 -5.12 45.14
C ILE J 132 -61.01 -4.31 44.20
N GLU J 133 -61.55 -3.23 43.67
CA GLU J 133 -60.85 -2.35 42.75
C GLU J 133 -60.76 -0.98 43.38
N THR J 134 -59.56 -0.41 43.38
CA THR J 134 -59.32 0.87 44.02
C THR J 134 -59.00 1.92 42.97
N PHE J 135 -59.58 3.08 43.12
CA PHE J 135 -59.36 4.20 42.22
C PHE J 135 -59.01 5.43 43.03
N ASN J 136 -58.00 6.15 42.59
CA ASN J 136 -57.77 7.49 43.11
C ASN J 136 -58.70 8.45 42.40
N GLU J 137 -59.36 9.32 43.15
CA GLU J 137 -60.35 10.19 42.53
C GLU J 137 -59.72 11.38 41.84
N ALA J 138 -58.40 11.56 41.96
CA ALA J 138 -57.71 12.51 41.09
C ALA J 138 -57.48 11.90 39.71
N ALA J 139 -57.43 10.58 39.62
CA ALA J 139 -57.27 9.89 38.35
C ALA J 139 -58.59 9.70 37.62
N LEU J 140 -59.72 9.90 38.28
CA LEU J 140 -61.02 9.73 37.67
C LEU J 140 -61.62 11.03 37.16
N VAL J 141 -60.80 12.08 37.07
CA VAL J 141 -61.34 13.40 36.77
C VAL J 141 -61.77 13.48 35.32
N VAL J 142 -60.97 12.96 34.41
CA VAL J 142 -61.31 12.91 32.99
C VAL J 142 -61.47 11.45 32.59
N ASN J 143 -62.58 11.14 31.96
CA ASN J 143 -62.82 9.79 31.44
C ASN J 143 -61.91 9.59 30.24
N ILE J 144 -60.92 8.69 30.37
CA ILE J 144 -59.92 8.55 29.33
C ILE J 144 -60.42 7.81 28.12
N THR J 145 -61.58 7.16 28.19
CA THR J 145 -62.08 6.49 27.01
C THR J 145 -62.79 7.44 26.07
N HIS J 146 -63.04 8.66 26.49
CA HIS J 146 -63.59 9.68 25.61
C HIS J 146 -62.53 10.35 24.77
N HIS J 147 -61.27 10.05 25.05
CA HIS J 147 -60.17 10.69 24.35
C HIS J 147 -60.13 10.21 22.92
N GLU J 148 -59.68 11.08 22.02
CA GLU J 148 -59.76 10.78 20.60
C GLU J 148 -58.73 9.74 20.16
N LEU J 149 -57.74 9.44 20.99
CA LEU J 149 -56.76 8.44 20.65
C LEU J 149 -57.06 7.08 21.26
N VAL J 150 -58.03 6.98 22.15
CA VAL J 150 -58.36 5.73 22.83
C VAL J 150 -59.59 5.13 22.15
N PRO J 151 -59.45 4.07 21.37
CA PRO J 151 -60.58 3.55 20.60
C PRO J 151 -61.56 2.81 21.48
N LYS J 152 -62.66 2.42 20.86
CA LYS J 152 -63.74 1.76 21.57
C LYS J 152 -63.35 0.35 21.96
N HIS J 153 -63.20 0.10 23.26
CA HIS J 153 -62.90 -1.22 23.78
C HIS J 153 -64.18 -1.91 24.19
N ILE J 154 -64.37 -3.15 23.74
CA ILE J 154 -65.54 -3.95 24.05
C ILE J 154 -65.03 -5.28 24.57
N ARG J 155 -65.37 -5.62 25.81
CA ARG J 155 -64.99 -6.94 26.28
C ARG J 155 -65.95 -7.98 25.74
N LEU J 156 -65.43 -9.17 25.50
CA LEU J 156 -66.18 -10.23 24.83
C LEU J 156 -66.66 -11.25 25.84
N SER J 157 -67.77 -11.88 25.52
CA SER J 157 -68.19 -13.03 26.29
C SER J 157 -67.33 -14.22 25.94
N SER J 158 -67.41 -15.27 26.76
CA SER J 158 -66.62 -16.46 26.47
C SER J 158 -67.18 -17.24 25.29
N ASP J 159 -68.37 -16.88 24.80
CA ASP J 159 -68.87 -17.49 23.58
C ASP J 159 -68.12 -17.00 22.37
N GLU J 160 -68.02 -15.67 22.19
CA GLU J 160 -67.27 -15.18 21.05
C GLU J 160 -65.79 -15.03 21.31
N LYS J 161 -65.34 -15.18 22.56
CA LYS J 161 -63.93 -15.46 22.77
C LYS J 161 -63.56 -16.82 22.22
N ARG J 162 -64.50 -17.76 22.31
CA ARG J 162 -64.30 -19.09 21.74
C ARG J 162 -64.46 -19.07 20.23
N GLU J 163 -65.35 -18.21 19.71
CA GLU J 163 -65.48 -18.09 18.26
C GLU J 163 -64.28 -17.40 17.64
N LEU J 164 -63.63 -16.51 18.38
CA LEU J 164 -62.42 -15.86 17.91
C LEU J 164 -61.28 -16.86 17.77
N LEU J 165 -61.07 -17.67 18.80
CA LEU J 165 -59.94 -18.56 18.82
C LEU J 165 -60.11 -19.74 17.86
N LYS J 166 -61.34 -20.13 17.58
CA LYS J 166 -61.55 -21.19 16.59
C LYS J 166 -61.25 -20.68 15.19
N ARG J 167 -61.61 -19.44 14.91
CA ARG J 167 -61.49 -18.91 13.56
C ARG J 167 -60.04 -18.67 13.17
N TYR J 168 -59.24 -18.11 14.06
CA TYR J 168 -57.85 -17.85 13.75
C TYR J 168 -56.93 -18.97 14.17
N ARG J 169 -57.45 -19.97 14.88
CA ARG J 169 -56.71 -21.14 15.39
C ARG J 169 -55.56 -20.70 16.27
N LEU J 170 -55.91 -20.07 17.37
CA LEU J 170 -54.98 -19.45 18.28
C LEU J 170 -54.98 -20.15 19.61
N LYS J 171 -53.91 -19.95 20.36
CA LYS J 171 -53.94 -20.16 21.79
C LYS J 171 -54.31 -18.82 22.42
N GLU J 172 -54.50 -18.84 23.73
CA GLU J 172 -54.75 -17.57 24.40
C GLU J 172 -53.51 -16.69 24.41
N SER J 173 -52.35 -17.31 24.44
CA SER J 173 -51.10 -16.59 24.56
C SER J 173 -50.57 -16.08 23.23
N GLN J 174 -51.25 -16.39 22.13
CA GLN J 174 -50.81 -15.93 20.82
C GLN J 174 -51.53 -14.68 20.36
N LEU J 175 -52.37 -14.11 21.18
CA LEU J 175 -52.99 -12.83 20.88
C LEU J 175 -52.07 -11.69 21.30
N PRO J 176 -52.28 -10.48 20.79
CA PRO J 176 -51.65 -9.32 21.40
C PRO J 176 -52.17 -9.13 22.81
N ARG J 177 -51.31 -8.62 23.67
CA ARG J 177 -51.56 -8.60 25.10
C ARG J 177 -51.89 -7.19 25.55
N ILE J 178 -52.86 -7.07 26.44
CA ILE J 178 -53.10 -5.85 27.20
C ILE J 178 -52.73 -6.16 28.63
N GLN J 179 -52.14 -5.20 29.32
CA GLN J 179 -51.68 -5.48 30.66
C GLN J 179 -52.83 -5.55 31.64
N ARG J 180 -52.57 -6.18 32.77
CA ARG J 180 -53.53 -6.27 33.86
C ARG J 180 -53.84 -4.90 34.43
N ALA J 181 -52.86 -3.99 34.43
CA ALA J 181 -53.02 -2.66 34.99
C ALA J 181 -52.95 -1.58 33.93
N ASP J 182 -53.46 -1.86 32.74
CA ASP J 182 -53.64 -0.83 31.74
C ASP J 182 -54.76 0.10 32.21
N PRO J 183 -54.65 1.40 31.97
CA PRO J 183 -55.72 2.33 32.39
C PRO J 183 -57.07 2.11 31.72
N VAL J 184 -57.17 1.30 30.67
CA VAL J 184 -58.46 1.02 30.05
C VAL J 184 -58.90 -0.37 30.48
N ALA J 185 -57.93 -1.21 30.83
CA ALA J 185 -58.27 -2.49 31.43
C ALA J 185 -58.70 -2.34 32.88
N LEU J 186 -58.13 -1.39 33.60
CA LEU J 186 -58.62 -1.08 34.93
C LEU J 186 -59.98 -0.43 34.88
N TYR J 187 -60.24 0.33 33.81
CA TYR J 187 -61.54 0.92 33.58
C TYR J 187 -62.60 -0.14 33.39
N LEU J 188 -62.37 -1.07 32.47
CA LEU J 188 -63.37 -2.10 32.19
C LEU J 188 -63.35 -3.23 33.21
N GLY J 189 -62.40 -3.25 34.12
CA GLY J 189 -62.34 -4.28 35.14
C GLY J 189 -62.00 -5.64 34.58
N LEU J 190 -61.03 -5.71 33.69
CA LEU J 190 -60.76 -6.94 32.97
C LEU J 190 -59.99 -7.92 33.85
N LYS J 191 -60.43 -9.16 33.84
CA LYS J 191 -59.69 -10.23 34.48
C LYS J 191 -58.71 -10.82 33.50
N ARG J 192 -57.73 -11.57 34.03
CA ARG J 192 -56.78 -12.25 33.16
C ARG J 192 -57.48 -13.33 32.35
N GLY J 193 -57.20 -13.36 31.06
CA GLY J 193 -57.87 -14.25 30.16
C GLY J 193 -58.98 -13.61 29.36
N GLU J 194 -59.56 -12.52 29.83
CA GLU J 194 -60.65 -11.89 29.12
C GLU J 194 -60.14 -11.17 27.88
N VAL J 195 -60.85 -11.32 26.78
CA VAL J 195 -60.45 -10.75 25.51
C VAL J 195 -61.30 -9.52 25.24
N VAL J 196 -60.65 -8.39 25.01
CA VAL J 196 -61.32 -7.14 24.70
C VAL J 196 -61.17 -6.90 23.20
N LYS J 197 -62.19 -6.32 22.59
CA LYS J 197 -62.18 -6.01 21.17
C LYS J 197 -62.02 -4.51 20.99
N ILE J 198 -61.04 -4.12 20.18
CA ILE J 198 -60.78 -2.72 19.89
C ILE J 198 -61.23 -2.44 18.47
N ILE J 199 -62.08 -1.43 18.29
CA ILE J 199 -62.45 -0.97 16.97
C ILE J 199 -61.58 0.24 16.66
N ARG J 200 -60.53 0.03 15.88
CA ARG J 200 -59.62 1.09 15.53
C ARG J 200 -60.11 1.80 14.29
N LYS J 201 -59.87 3.11 14.25
CA LYS J 201 -60.21 3.92 13.08
C LYS J 201 -58.91 4.10 12.32
N SER J 202 -58.67 3.23 11.35
CA SER J 202 -57.39 3.20 10.67
C SER J 202 -57.29 4.29 9.62
N GLU J 203 -56.06 4.70 9.33
CA GLU J 203 -55.81 5.74 8.34
C GLU J 203 -56.10 5.27 6.93
N THR J 204 -56.06 3.97 6.69
CA THR J 204 -56.12 3.45 5.34
C THR J 204 -57.43 2.72 5.05
N SER J 205 -58.12 2.23 6.08
CA SER J 205 -59.31 1.43 5.87
C SER J 205 -60.58 1.97 6.50
N GLY J 206 -60.50 2.80 7.52
CA GLY J 206 -61.69 3.22 8.24
C GLY J 206 -61.81 2.42 9.51
N ARG J 207 -63.01 1.89 9.77
CA ARG J 207 -63.21 1.02 10.92
C ARG J 207 -62.51 -0.31 10.71
N TYR J 208 -61.83 -0.78 11.74
CA TYR J 208 -61.01 -1.97 11.69
C TYR J 208 -61.05 -2.64 13.04
N ALA J 209 -61.50 -3.89 13.07
CA ALA J 209 -61.74 -4.59 14.32
C ALA J 209 -60.49 -5.36 14.71
N SER J 210 -59.83 -4.93 15.77
CA SER J 210 -58.69 -5.62 16.32
C SER J 210 -59.08 -6.25 17.65
N TYR J 211 -58.19 -7.07 18.18
CA TYR J 211 -58.45 -7.78 19.42
C TYR J 211 -57.19 -7.75 20.26
N ARG J 212 -57.33 -8.07 21.53
CA ARG J 212 -56.23 -8.01 22.48
C ARG J 212 -56.67 -8.73 23.75
N ILE J 213 -55.78 -9.51 24.36
CA ILE J 213 -56.13 -10.35 25.50
C ILE J 213 -55.48 -9.78 26.75
N CYS J 214 -56.13 -10.00 27.90
CA CYS J 214 -55.61 -9.52 29.17
C CYS J 214 -54.80 -10.62 29.84
N MET J 215 -53.52 -10.37 30.02
CA MET J 215 -52.65 -11.20 30.84
C MET J 215 -51.73 -10.29 31.65
N PRO K 55 -41.65 -53.66 17.29
CA PRO K 55 -42.92 -53.71 16.56
C PRO K 55 -44.11 -53.37 17.44
N GLU K 56 -43.84 -53.21 18.74
CA GLU K 56 -44.89 -52.75 19.65
C GLU K 56 -44.92 -51.23 19.68
N ASP K 57 -43.75 -50.60 19.72
CA ASP K 57 -43.69 -49.15 19.73
C ASP K 57 -44.10 -48.57 18.40
N PHE K 58 -43.64 -49.17 17.30
CA PHE K 58 -43.88 -48.56 16.00
C PHE K 58 -45.34 -48.67 15.58
N GLN K 59 -46.04 -49.71 16.03
CA GLN K 59 -47.46 -49.82 15.72
C GLN K 59 -48.24 -48.68 16.36
N GLN K 60 -47.84 -48.28 17.56
CA GLN K 60 -48.51 -47.15 18.20
C GLN K 60 -47.95 -45.82 17.73
N HIS K 61 -46.63 -45.75 17.51
CA HIS K 61 -46.03 -44.47 17.12
C HIS K 61 -46.42 -44.08 15.71
N GLU K 62 -46.72 -45.05 14.85
CA GLU K 62 -47.33 -44.74 13.57
C GLU K 62 -48.76 -44.28 13.74
N GLN K 63 -49.53 -45.01 14.56
CA GLN K 63 -50.96 -44.77 14.67
C GLN K 63 -51.28 -43.44 15.32
N ILE K 64 -50.40 -42.99 16.22
CA ILE K 64 -50.47 -41.63 16.73
C ILE K 64 -50.20 -40.63 15.60
N ARG K 65 -49.25 -40.95 14.72
CA ARG K 65 -48.80 -40.00 13.71
C ARG K 65 -49.82 -39.83 12.59
N ARG K 66 -50.46 -40.91 12.16
CA ARG K 66 -51.45 -40.80 11.11
C ARG K 66 -52.77 -40.29 11.61
N LYS K 67 -53.02 -40.37 12.92
CA LYS K 67 -54.24 -39.81 13.47
C LYS K 67 -54.09 -38.33 13.74
N THR K 68 -52.92 -37.91 14.22
CA THR K 68 -52.60 -36.50 14.37
C THR K 68 -52.65 -35.79 13.03
N LEU K 69 -52.20 -36.47 11.97
CA LEU K 69 -52.23 -35.89 10.64
C LEU K 69 -53.63 -35.84 10.06
N LYS K 70 -54.57 -36.62 10.60
CA LYS K 70 -55.93 -36.52 10.11
C LYS K 70 -56.68 -35.38 10.76
N GLU K 71 -56.33 -35.03 12.00
CA GLU K 71 -56.99 -33.94 12.68
C GLU K 71 -56.62 -32.59 12.09
N LYS K 72 -55.45 -32.49 11.46
CA LYS K 72 -55.00 -31.25 10.86
C LYS K 72 -55.40 -31.11 9.41
N ALA K 73 -55.91 -32.17 8.78
CA ALA K 73 -56.41 -32.05 7.42
C ALA K 73 -57.78 -31.39 7.44
N ILE K 74 -57.94 -30.32 6.68
CA ILE K 74 -59.19 -29.59 6.60
C ILE K 74 -59.95 -30.11 5.38
N PRO K 75 -61.18 -30.59 5.54
CA PRO K 75 -61.90 -31.18 4.41
C PRO K 75 -62.28 -30.13 3.38
N LYS K 76 -62.61 -30.62 2.18
CA LYS K 76 -62.78 -29.75 1.01
C LYS K 76 -63.96 -28.81 1.17
N ASP K 77 -64.99 -29.21 1.91
CA ASP K 77 -66.12 -28.34 2.11
C ASP K 77 -65.91 -27.30 3.20
N GLN K 78 -64.87 -27.45 4.03
CA GLN K 78 -64.62 -26.52 5.11
C GLN K 78 -63.44 -25.61 4.87
N ARG K 79 -62.81 -25.68 3.70
CA ARG K 79 -61.58 -24.95 3.50
C ARG K 79 -61.88 -23.49 3.14
N ALA K 80 -61.11 -22.59 3.74
CA ALA K 80 -61.50 -21.19 3.84
C ALA K 80 -60.53 -20.21 3.21
N THR K 81 -59.44 -20.67 2.61
CA THR K 81 -58.47 -19.75 2.06
C THR K 81 -58.88 -19.35 0.65
N THR K 82 -58.00 -18.62 -0.01
CA THR K 82 -58.31 -17.96 -1.26
C THR K 82 -58.43 -18.97 -2.41
N PRO K 83 -59.28 -18.68 -3.40
CA PRO K 83 -59.34 -19.52 -4.58
C PRO K 83 -58.30 -19.21 -5.63
N TYR K 84 -57.34 -18.35 -5.34
CA TYR K 84 -56.35 -17.92 -6.30
C TYR K 84 -55.00 -18.56 -6.02
N MET K 85 -54.16 -18.58 -7.04
CA MET K 85 -52.79 -19.02 -6.91
C MET K 85 -51.96 -17.79 -6.57
N THR K 86 -51.28 -17.83 -5.43
CA THR K 86 -50.81 -16.60 -4.78
C THR K 86 -49.38 -16.27 -5.14
N LYS K 87 -48.99 -16.26 -6.42
CA LYS K 87 -47.73 -15.76 -7.00
C LYS K 87 -46.46 -16.43 -6.49
N TYR K 88 -46.52 -17.08 -5.33
CA TYR K 88 -45.46 -17.89 -4.79
C TYR K 88 -45.78 -19.34 -4.98
N GLU K 89 -47.06 -19.66 -4.95
CA GLU K 89 -47.51 -20.96 -5.41
C GLU K 89 -47.25 -21.11 -6.89
N ARG K 90 -47.44 -20.04 -7.66
CA ARG K 90 -47.16 -20.12 -9.09
C ARG K 90 -45.68 -20.25 -9.37
N ALA K 91 -44.83 -19.61 -8.58
CA ALA K 91 -43.41 -19.69 -8.85
C ALA K 91 -42.82 -21.03 -8.43
N ARG K 92 -43.39 -21.67 -7.41
CA ARG K 92 -42.86 -22.94 -6.96
C ARG K 92 -43.38 -24.10 -7.78
N ILE K 93 -44.63 -24.02 -8.25
CA ILE K 93 -45.16 -25.02 -9.15
C ILE K 93 -44.35 -25.08 -10.44
N LEU K 94 -44.02 -23.93 -11.01
CA LEU K 94 -43.21 -23.95 -12.21
C LEU K 94 -41.77 -24.32 -11.91
N GLY K 95 -41.31 -24.10 -10.70
CA GLY K 95 -39.99 -24.53 -10.33
C GLY K 95 -39.93 -26.02 -10.10
N THR K 96 -40.96 -26.57 -9.45
CA THR K 96 -40.95 -27.99 -9.12
C THR K 96 -41.32 -28.84 -10.32
N ARG K 97 -42.22 -28.35 -11.17
CA ARG K 97 -42.60 -29.13 -12.35
C ARG K 97 -41.47 -29.18 -13.35
N ALA K 98 -40.80 -28.06 -13.59
CA ALA K 98 -39.67 -28.04 -14.53
C ALA K 98 -38.52 -28.89 -14.04
N LEU K 99 -38.35 -28.98 -12.73
CA LEU K 99 -37.31 -29.81 -12.16
C LEU K 99 -37.67 -31.29 -12.26
N GLN K 100 -38.95 -31.60 -12.43
CA GLN K 100 -39.38 -32.97 -12.68
C GLN K 100 -39.31 -33.33 -14.15
N ILE K 101 -39.66 -32.40 -15.03
CA ILE K 101 -39.58 -32.60 -16.47
C ILE K 101 -38.16 -32.85 -16.91
N SER K 102 -37.19 -32.16 -16.31
CA SER K 102 -35.79 -32.37 -16.64
C SER K 102 -35.23 -33.68 -16.10
N MET K 103 -35.96 -34.36 -15.24
CA MET K 103 -35.59 -35.67 -14.73
C MET K 103 -36.50 -36.74 -15.27
N ASN K 104 -37.00 -36.53 -16.49
CA ASN K 104 -37.71 -37.52 -17.31
C ASN K 104 -39.09 -37.88 -16.75
N ALA K 105 -39.81 -36.90 -16.28
CA ALA K 105 -41.22 -37.14 -16.00
C ALA K 105 -42.02 -37.04 -17.29
N PRO K 106 -43.11 -37.79 -17.40
CA PRO K 106 -43.92 -37.75 -18.63
C PRO K 106 -44.65 -36.42 -18.79
N VAL K 107 -44.40 -35.77 -19.92
CA VAL K 107 -44.98 -34.46 -20.23
C VAL K 107 -46.32 -34.68 -20.92
N PHE K 108 -47.31 -33.88 -20.56
CA PHE K 108 -48.67 -33.99 -21.08
C PHE K 108 -49.01 -32.86 -22.03
N VAL K 109 -48.04 -32.37 -22.79
CA VAL K 109 -48.29 -31.26 -23.71
C VAL K 109 -47.32 -31.40 -24.87
N ASP K 110 -47.72 -30.90 -26.03
CA ASP K 110 -46.87 -30.97 -27.20
C ASP K 110 -45.78 -29.92 -27.07
N LEU K 111 -44.56 -30.33 -26.71
CA LEU K 111 -43.46 -29.34 -26.57
C LEU K 111 -42.96 -29.09 -27.99
N GLU K 112 -43.54 -28.05 -28.58
CA GLU K 112 -43.39 -27.69 -30.00
C GLU K 112 -42.01 -27.11 -30.25
N GLY K 113 -41.00 -27.98 -30.16
CA GLY K 113 -39.64 -27.52 -30.35
C GLY K 113 -39.11 -26.67 -29.22
N GLU K 114 -39.68 -26.77 -28.03
CA GLU K 114 -39.21 -26.05 -26.88
C GLU K 114 -38.15 -26.88 -26.17
N THR K 115 -37.03 -26.25 -25.82
CA THR K 115 -35.89 -26.94 -25.22
C THR K 115 -35.62 -26.49 -23.80
N ASP K 116 -36.53 -25.72 -23.23
CA ASP K 116 -36.34 -25.12 -21.91
C ASP K 116 -37.31 -25.80 -20.96
N PRO K 117 -36.85 -26.41 -19.86
CA PRO K 117 -37.78 -27.06 -18.93
C PRO K 117 -38.73 -26.10 -18.27
N LEU K 118 -38.32 -24.85 -18.08
CA LEU K 118 -39.17 -23.88 -17.41
C LEU K 118 -40.27 -23.40 -18.33
N ARG K 119 -40.02 -23.36 -19.63
CA ARG K 119 -41.03 -23.00 -20.60
C ARG K 119 -41.99 -24.13 -20.90
N ILE K 120 -41.60 -25.38 -20.63
CA ILE K 120 -42.52 -26.50 -20.79
C ILE K 120 -43.59 -26.46 -19.72
N ALA K 121 -43.18 -26.22 -18.48
CA ALA K 121 -44.12 -26.15 -17.37
C ALA K 121 -45.02 -24.93 -17.48
N MET K 122 -44.54 -23.86 -18.10
CA MET K 122 -45.41 -22.71 -18.35
C MET K 122 -46.47 -22.99 -19.40
N LYS K 123 -46.30 -24.03 -20.21
CA LYS K 123 -47.36 -24.42 -21.13
C LYS K 123 -48.29 -25.45 -20.51
N GLU K 124 -47.77 -26.32 -19.64
CA GLU K 124 -48.63 -27.22 -18.89
C GLU K 124 -49.51 -26.47 -17.90
N LEU K 125 -49.04 -25.34 -17.40
CA LEU K 125 -49.86 -24.54 -16.50
C LEU K 125 -50.98 -23.85 -17.23
N ALA K 126 -50.77 -23.51 -18.50
CA ALA K 126 -51.81 -22.86 -19.28
C ALA K 126 -52.90 -23.81 -19.71
N GLU K 127 -52.61 -25.10 -19.84
CA GLU K 127 -53.62 -26.07 -20.22
C GLU K 127 -54.18 -26.84 -19.04
N LYS K 128 -53.83 -26.44 -17.82
CA LYS K 128 -54.23 -27.09 -16.57
C LYS K 128 -53.81 -28.56 -16.55
N LYS K 129 -52.55 -28.81 -16.88
CA LYS K 129 -52.06 -30.17 -17.01
C LYS K 129 -51.06 -30.56 -15.94
N ILE K 130 -50.75 -29.68 -14.99
CA ILE K 130 -49.76 -30.02 -13.97
C ILE K 130 -50.44 -30.83 -12.88
N PRO K 131 -49.96 -32.03 -12.58
CA PRO K 131 -50.56 -32.87 -11.56
C PRO K 131 -49.99 -32.67 -10.16
N LEU K 132 -49.89 -31.43 -9.71
CA LEU K 132 -49.37 -31.15 -8.39
C LEU K 132 -50.50 -30.73 -7.47
N VAL K 133 -50.19 -30.63 -6.18
CA VAL K 133 -51.15 -30.26 -5.14
C VAL K 133 -50.47 -29.29 -4.20
N ILE K 134 -51.10 -28.15 -3.97
CA ILE K 134 -50.64 -27.20 -2.96
C ILE K 134 -51.22 -27.62 -1.63
N ARG K 135 -50.37 -27.67 -0.60
CA ARG K 135 -50.81 -27.91 0.76
C ARG K 135 -50.53 -26.66 1.57
N ARG K 136 -51.58 -25.95 1.94
CA ARG K 136 -51.47 -24.61 2.51
C ARG K 136 -51.52 -24.71 4.01
N TYR K 137 -50.40 -24.48 4.68
CA TYR K 137 -50.35 -24.66 6.13
C TYR K 137 -50.86 -23.42 6.85
N LEU K 138 -51.94 -23.60 7.59
CA LEU K 138 -52.37 -22.59 8.54
C LEU K 138 -51.44 -22.62 9.75
N PRO K 139 -51.34 -21.53 10.52
CA PRO K 139 -50.23 -21.39 11.46
C PRO K 139 -50.26 -22.29 12.68
N ASP K 140 -51.31 -23.07 12.91
CA ASP K 140 -51.24 -24.10 13.93
C ASP K 140 -50.81 -25.44 13.38
N GLY K 141 -50.38 -25.49 12.13
CA GLY K 141 -49.96 -26.72 11.51
C GLY K 141 -51.02 -27.37 10.65
N SER K 142 -52.28 -27.03 10.84
CA SER K 142 -53.34 -27.57 10.02
C SER K 142 -53.26 -27.03 8.61
N PHE K 143 -53.85 -27.75 7.67
CA PHE K 143 -53.58 -27.49 6.27
C PHE K 143 -54.80 -27.74 5.40
N GLU K 144 -54.80 -27.10 4.23
CA GLU K 144 -55.80 -27.31 3.19
C GLU K 144 -55.09 -27.79 1.95
N ASP K 145 -55.65 -28.77 1.28
CA ASP K 145 -55.07 -29.30 0.06
C ASP K 145 -55.86 -28.77 -1.13
N TRP K 146 -55.21 -27.94 -1.93
CA TRP K 146 -55.77 -27.36 -3.13
C TRP K 146 -55.03 -27.95 -4.32
N SER K 147 -55.75 -28.54 -5.25
CA SER K 147 -55.06 -28.99 -6.44
C SER K 147 -54.81 -27.81 -7.35
N VAL K 148 -53.83 -27.98 -8.25
CA VAL K 148 -53.40 -26.89 -9.13
C VAL K 148 -54.45 -26.64 -10.21
N GLU K 149 -55.22 -27.67 -10.55
CA GLU K 149 -56.20 -27.53 -11.61
C GLU K 149 -57.38 -26.66 -11.19
N GLU K 150 -57.67 -26.59 -9.90
CA GLU K 150 -58.82 -25.85 -9.43
C GLU K 150 -58.46 -24.48 -8.85
N LEU K 151 -57.20 -24.10 -8.86
CA LEU K 151 -56.83 -22.75 -8.46
C LEU K 151 -56.88 -21.82 -9.64
N ILE K 152 -57.44 -20.65 -9.42
CA ILE K 152 -57.46 -19.60 -10.43
C ILE K 152 -56.04 -19.07 -10.58
N VAL K 153 -55.58 -18.90 -11.81
CA VAL K 153 -54.24 -18.44 -12.08
C VAL K 153 -54.31 -16.98 -12.50
N ASP K 154 -53.56 -16.13 -11.79
CA ASP K 154 -53.50 -14.71 -12.07
C ASP K 154 -52.66 -14.44 -13.31
N ASN L 8 -31.59 -48.17 39.50
CA ASN L 8 -30.57 -49.21 39.51
C ASN L 8 -30.23 -49.72 38.11
N GLU L 9 -29.54 -50.86 38.06
CA GLU L 9 -29.14 -51.50 36.82
C GLU L 9 -30.00 -52.72 36.47
N ASN L 10 -31.11 -52.95 37.19
CA ASN L 10 -32.05 -53.98 36.79
C ASN L 10 -33.09 -53.47 35.81
N ARG L 11 -33.22 -52.16 35.66
CA ARG L 11 -34.10 -51.57 34.66
C ARG L 11 -33.36 -50.55 33.79
N GLU L 12 -32.10 -50.28 34.07
CA GLU L 12 -31.27 -49.50 33.16
C GLU L 12 -30.92 -50.31 31.92
N THR L 13 -30.70 -51.61 32.07
CA THR L 13 -30.22 -52.47 31.01
C THR L 13 -31.32 -52.98 30.10
N ALA L 14 -32.57 -52.54 30.31
CA ALA L 14 -33.63 -52.90 29.39
C ALA L 14 -33.45 -52.22 28.04
N ARG L 15 -32.79 -51.07 28.02
CA ARG L 15 -32.40 -50.44 26.77
C ARG L 15 -31.21 -51.13 26.10
N PHE L 16 -30.63 -52.14 26.73
CA PHE L 16 -29.60 -52.95 26.12
C PHE L 16 -30.06 -54.38 25.84
N ILE L 17 -30.68 -55.05 26.82
CA ILE L 17 -30.87 -56.48 26.72
C ILE L 17 -32.09 -56.82 25.87
N LYS L 18 -33.13 -55.99 25.93
CA LYS L 18 -34.35 -56.25 25.16
C LYS L 18 -34.12 -56.08 23.66
N LYS L 19 -33.10 -55.32 23.28
CA LYS L 19 -32.82 -55.01 21.89
C LYS L 19 -32.30 -56.22 21.12
N HIS L 20 -31.70 -57.19 21.82
CA HIS L 20 -31.02 -58.31 21.20
C HIS L 20 -31.79 -59.61 21.33
N LYS L 21 -33.03 -59.57 21.79
CA LYS L 21 -33.83 -60.77 21.99
C LYS L 21 -34.80 -60.92 20.82
N LYS L 22 -34.54 -61.92 19.97
CA LYS L 22 -35.45 -62.19 18.87
C LYS L 22 -36.77 -62.74 19.41
N GLN L 23 -37.86 -62.14 18.93
CA GLN L 23 -39.18 -62.39 19.50
C GLN L 23 -39.69 -63.77 19.13
N VAL L 24 -39.71 -64.06 17.84
CA VAL L 24 -40.46 -65.18 17.30
C VAL L 24 -39.47 -66.31 17.04
N THR L 25 -39.44 -67.27 17.95
CA THR L 25 -38.60 -68.45 17.76
C THR L 25 -39.22 -69.38 16.74
N ASN L 26 -38.46 -70.42 16.37
CA ASN L 26 -38.89 -71.30 15.31
C ASN L 26 -39.37 -72.62 15.90
N PRO L 27 -40.60 -73.03 15.69
CA PRO L 27 -41.07 -74.33 16.16
C PRO L 27 -40.82 -75.45 15.15
N ILE L 28 -40.70 -76.67 15.67
CA ILE L 28 -40.54 -77.84 14.83
C ILE L 28 -41.88 -78.19 14.19
N ASP L 29 -41.83 -78.96 13.10
CA ASP L 29 -43.03 -79.25 12.32
C ASP L 29 -43.29 -80.74 12.20
N GLU L 30 -44.57 -81.07 11.96
CA GLU L 30 -45.15 -82.42 11.79
C GLU L 30 -44.71 -83.42 12.88
N LYS L 31 -44.30 -82.94 14.05
CA LYS L 31 -43.56 -83.71 15.06
C LYS L 31 -42.40 -84.48 14.42
N ASN L 32 -41.51 -83.74 13.76
CA ASN L 32 -40.31 -84.30 13.16
C ASN L 32 -39.05 -83.84 13.87
N GLY L 33 -38.85 -82.54 13.99
CA GLY L 33 -37.63 -82.01 14.55
C GLY L 33 -37.10 -80.83 13.77
N THR L 34 -37.35 -80.83 12.45
CA THR L 34 -36.94 -79.71 11.61
C THR L 34 -37.80 -78.50 11.92
N SER L 35 -37.15 -77.38 12.23
CA SER L 35 -37.86 -76.19 12.65
C SER L 35 -38.55 -75.51 11.46
N ASN L 36 -39.41 -74.56 11.77
CA ASN L 36 -40.11 -73.78 10.76
C ASN L 36 -39.49 -72.39 10.74
N CYS L 37 -38.66 -72.14 9.73
CA CYS L 37 -37.87 -70.92 9.70
C CYS L 37 -38.35 -69.88 8.71
N ILE L 38 -39.06 -70.28 7.66
CA ILE L 38 -39.66 -69.30 6.76
C ILE L 38 -40.82 -68.66 7.47
N VAL L 39 -40.73 -67.34 7.68
CA VAL L 39 -41.72 -66.60 8.44
C VAL L 39 -42.29 -65.53 7.51
N ARG L 40 -43.40 -64.93 7.92
CA ARG L 40 -43.94 -63.76 7.27
C ARG L 40 -43.88 -62.59 8.25
N VAL L 41 -43.36 -61.46 7.81
CA VAL L 41 -43.27 -60.28 8.66
C VAL L 41 -43.83 -59.08 7.91
N PRO L 42 -44.70 -58.29 8.53
CA PRO L 42 -45.09 -57.02 7.91
C PRO L 42 -44.17 -55.88 8.31
N ILE L 43 -43.76 -55.06 7.35
CA ILE L 43 -42.81 -53.99 7.63
C ILE L 43 -43.38 -52.65 7.18
N ALA L 44 -42.63 -51.58 7.39
CA ALA L 44 -43.01 -50.27 6.89
C ALA L 44 -41.77 -49.56 6.36
N LEU L 45 -41.83 -49.15 5.10
CA LEU L 45 -40.69 -48.58 4.40
C LEU L 45 -40.89 -47.09 4.25
N TYR L 46 -39.80 -46.33 4.22
CA TYR L 46 -39.86 -44.93 3.83
C TYR L 46 -38.92 -44.77 2.64
N VAL L 47 -39.49 -44.68 1.44
CA VAL L 47 -38.72 -44.83 0.21
C VAL L 47 -38.90 -43.60 -0.66
N SER L 48 -37.92 -43.36 -1.52
CA SER L 48 -38.02 -42.30 -2.51
C SER L 48 -38.80 -42.79 -3.71
N LEU L 49 -39.18 -41.87 -4.56
CA LEU L 49 -39.81 -42.22 -5.81
C LEU L 49 -39.28 -41.29 -6.88
N ALA L 50 -38.92 -41.87 -7.99
CA ALA L 50 -38.29 -41.14 -9.07
C ALA L 50 -39.30 -40.26 -9.79
N PRO L 51 -38.84 -39.19 -10.44
CA PRO L 51 -39.73 -38.48 -11.38
C PRO L 51 -40.10 -39.29 -12.59
N MET L 52 -39.30 -40.29 -12.96
CA MET L 52 -39.67 -41.12 -14.10
C MET L 52 -40.77 -42.11 -13.78
N TYR L 53 -40.92 -42.51 -12.52
CA TYR L 53 -41.97 -43.42 -12.11
C TYR L 53 -43.13 -42.69 -11.50
N LEU L 54 -43.41 -41.49 -11.97
CA LEU L 54 -44.39 -40.64 -11.33
C LEU L 54 -45.76 -40.81 -11.95
N GLU L 55 -45.82 -41.42 -13.12
CA GLU L 55 -47.06 -41.92 -13.72
C GLU L 55 -47.36 -43.34 -13.28
N ASN L 56 -46.36 -44.04 -12.75
CA ASN L 56 -46.46 -45.45 -12.38
C ASN L 56 -45.71 -45.64 -11.07
N PRO L 57 -46.34 -45.33 -9.95
CA PRO L 57 -45.60 -45.26 -8.68
C PRO L 57 -45.26 -46.61 -8.07
N LEU L 58 -46.09 -47.62 -8.29
CA LEU L 58 -45.84 -48.91 -7.66
C LEU L 58 -44.72 -49.66 -8.36
N GLN L 59 -44.62 -49.55 -9.68
CA GLN L 59 -43.50 -50.15 -10.40
C GLN L 59 -42.19 -49.47 -10.03
N GLY L 60 -42.25 -48.20 -9.63
CA GLY L 60 -41.05 -47.53 -9.17
C GLY L 60 -40.56 -48.06 -7.84
N VAL L 61 -41.47 -48.27 -6.90
CA VAL L 61 -41.07 -48.75 -5.58
C VAL L 61 -40.54 -50.17 -5.66
N MET L 62 -41.10 -50.96 -6.57
CA MET L 62 -40.62 -52.32 -6.78
C MET L 62 -39.22 -52.31 -7.38
N LYS L 63 -39.00 -51.50 -8.40
CA LYS L 63 -37.75 -51.57 -9.14
C LYS L 63 -36.63 -50.84 -8.41
N GLN L 64 -36.94 -49.84 -7.58
CA GLN L 64 -35.90 -49.14 -6.86
C GLN L 64 -35.54 -49.81 -5.54
N HIS L 65 -36.52 -50.16 -4.73
CA HIS L 65 -36.24 -50.49 -3.33
C HIS L 65 -36.48 -51.94 -2.97
N LEU L 66 -37.44 -52.59 -3.61
CA LEU L 66 -37.83 -53.94 -3.19
C LEU L 66 -37.01 -55.00 -3.90
N ASN L 67 -36.81 -54.86 -5.20
CA ASN L 67 -35.98 -55.81 -5.93
C ASN L 67 -34.51 -55.85 -5.52
N PRO L 68 -33.83 -54.77 -5.11
CA PRO L 68 -32.47 -54.97 -4.55
C PRO L 68 -32.47 -55.62 -3.20
N LEU L 69 -33.61 -55.81 -2.58
CA LEU L 69 -33.64 -56.27 -1.21
C LEU L 69 -33.83 -57.77 -1.12
N VAL L 70 -34.33 -58.41 -2.19
CA VAL L 70 -34.65 -59.82 -2.13
C VAL L 70 -33.38 -60.65 -2.16
N MET L 71 -33.46 -61.85 -1.58
CA MET L 71 -32.41 -62.85 -1.48
C MET L 71 -31.13 -62.33 -0.85
N LYS L 72 -31.22 -61.32 0.00
CA LYS L 72 -30.10 -60.85 0.77
C LYS L 72 -30.50 -60.77 2.22
N TYR L 73 -29.51 -60.76 3.10
CA TYR L 73 -29.79 -60.60 4.51
C TYR L 73 -30.14 -59.15 4.80
N ASN L 74 -31.23 -58.96 5.56
CA ASN L 74 -31.59 -57.65 6.06
C ASN L 74 -31.47 -57.66 7.56
N ASN L 75 -30.97 -56.56 8.12
CA ASN L 75 -30.77 -56.50 9.56
C ASN L 75 -32.09 -56.38 10.29
N LYS L 76 -33.00 -55.57 9.77
CA LYS L 76 -34.20 -55.20 10.51
C LYS L 76 -35.29 -56.26 10.47
N VAL L 77 -35.08 -57.36 9.75
CA VAL L 77 -35.95 -58.53 9.87
C VAL L 77 -35.20 -59.76 10.36
N GLY L 78 -33.87 -59.74 10.36
CA GLY L 78 -33.09 -60.86 10.84
C GLY L 78 -33.00 -62.03 9.91
N GLY L 79 -33.55 -61.93 8.71
CA GLY L 79 -33.53 -63.05 7.80
C GLY L 79 -33.10 -62.69 6.40
N VAL L 80 -33.42 -63.54 5.45
CA VAL L 80 -33.11 -63.32 4.04
C VAL L 80 -34.42 -63.16 3.31
N VAL L 81 -34.61 -61.99 2.69
CA VAL L 81 -35.89 -61.62 2.12
C VAL L 81 -36.16 -62.45 0.88
N LEU L 82 -37.23 -63.24 0.92
CA LEU L 82 -37.56 -64.10 -0.20
C LEU L 82 -38.52 -63.45 -1.17
N GLY L 83 -39.35 -62.53 -0.71
CA GLY L 83 -40.28 -61.86 -1.61
C GLY L 83 -41.03 -60.78 -0.88
N TYR L 84 -42.13 -60.37 -1.49
CA TYR L 84 -42.97 -59.31 -0.94
C TYR L 84 -44.34 -59.43 -1.57
N GLU L 85 -45.38 -59.26 -0.76
CA GLU L 85 -46.73 -59.41 -1.26
C GLU L 85 -47.63 -58.37 -0.62
N GLY L 86 -48.23 -57.53 -1.44
CA GLY L 86 -49.21 -56.58 -0.95
C GLY L 86 -48.65 -55.21 -0.69
N LEU L 87 -47.85 -54.71 -1.64
CA LEU L 87 -47.27 -53.38 -1.51
C LEU L 87 -48.35 -52.33 -1.59
N LYS L 88 -48.30 -51.38 -0.68
CA LYS L 88 -49.37 -50.41 -0.49
C LYS L 88 -48.75 -49.08 -0.13
N ILE L 89 -48.84 -48.11 -1.04
CA ILE L 89 -48.36 -46.77 -0.76
C ILE L 89 -49.33 -46.09 0.20
N LEU L 90 -48.81 -45.51 1.27
CA LEU L 90 -49.67 -44.72 2.16
C LEU L 90 -49.93 -43.37 1.54
N ASP L 91 -51.19 -42.97 1.53
CA ASP L 91 -51.54 -41.67 0.99
C ASP L 91 -51.10 -40.58 1.95
N ALA L 92 -50.63 -39.48 1.41
CA ALA L 92 -50.36 -38.30 2.20
C ALA L 92 -51.57 -37.39 2.32
N ASP L 93 -52.73 -37.83 1.87
CA ASP L 93 -53.99 -37.12 1.98
C ASP L 93 -54.99 -37.99 2.74
N PRO L 94 -55.17 -37.78 4.04
CA PRO L 94 -56.21 -38.53 4.75
C PRO L 94 -57.60 -38.08 4.33
N LEU L 95 -58.49 -39.05 4.22
CA LEU L 95 -59.78 -38.82 3.58
C LEU L 95 -60.90 -39.68 4.18
N ASP L 99 -57.18 -48.17 -1.51
CA ASP L 99 -58.52 -47.63 -1.37
C ASP L 99 -58.91 -46.84 -2.59
N THR L 100 -58.12 -45.82 -2.91
CA THR L 100 -58.35 -44.97 -4.07
C THR L 100 -57.18 -45.05 -5.04
N SER L 101 -57.46 -44.71 -6.29
CA SER L 101 -56.48 -44.90 -7.35
C SER L 101 -55.43 -43.79 -7.32
N GLU L 102 -55.87 -42.56 -7.20
CA GLU L 102 -54.99 -41.40 -7.28
C GLU L 102 -54.57 -41.01 -5.87
N LYS L 103 -53.46 -41.55 -5.41
CA LYS L 103 -52.86 -41.08 -4.17
C LYS L 103 -51.98 -39.88 -4.50
N LEU L 104 -51.29 -39.38 -3.48
CA LEU L 104 -50.35 -38.29 -3.69
C LEU L 104 -49.24 -38.36 -2.65
N ILE L 105 -48.01 -38.17 -3.11
CA ILE L 105 -46.83 -38.23 -2.27
C ILE L 105 -46.18 -36.85 -2.26
N LYS L 106 -45.26 -36.64 -1.33
CA LYS L 106 -44.74 -35.31 -1.04
C LYS L 106 -43.38 -35.10 -1.69
N ILE L 107 -43.34 -34.18 -2.64
CA ILE L 107 -42.09 -33.79 -3.29
C ILE L 107 -41.22 -33.03 -2.30
N THR L 108 -39.95 -33.41 -2.19
CA THR L 108 -38.98 -32.70 -1.37
C THR L 108 -38.76 -31.29 -1.91
N PRO L 109 -38.30 -30.35 -1.08
CA PRO L 109 -38.11 -28.98 -1.60
C PRO L 109 -36.97 -28.82 -2.57
N ASP L 110 -35.83 -29.49 -2.37
CA ASP L 110 -34.68 -29.22 -3.23
C ASP L 110 -34.72 -30.01 -4.53
N THR L 111 -35.05 -31.26 -4.45
CA THR L 111 -34.97 -32.21 -5.55
C THR L 111 -36.37 -32.48 -6.09
N PRO L 112 -36.51 -33.08 -7.27
CA PRO L 112 -37.82 -33.52 -7.73
C PRO L 112 -38.25 -34.88 -7.22
N PHE L 113 -37.56 -35.44 -6.22
CA PHE L 113 -37.88 -36.76 -5.70
C PHE L 113 -38.94 -36.67 -4.61
N GLY L 114 -39.80 -37.66 -4.60
CA GLY L 114 -40.88 -37.72 -3.63
C GLY L 114 -40.68 -38.90 -2.70
N PHE L 115 -40.82 -38.65 -1.41
CA PHE L 115 -40.74 -39.66 -0.38
C PHE L 115 -42.12 -39.96 0.16
N THR L 116 -42.33 -41.21 0.57
CA THR L 116 -43.60 -41.65 1.09
C THR L 116 -43.37 -42.89 1.93
N TRP L 117 -44.40 -43.26 2.67
CA TRP L 117 -44.40 -44.49 3.44
C TRP L 117 -45.09 -45.60 2.66
N CYS L 118 -44.67 -46.83 2.91
CA CYS L 118 -45.28 -47.98 2.28
C CYS L 118 -45.37 -49.11 3.29
N HIS L 119 -46.40 -49.93 3.16
CA HIS L 119 -46.45 -51.20 3.85
C HIS L 119 -46.29 -52.31 2.84
N VAL L 120 -45.67 -53.40 3.28
CA VAL L 120 -45.60 -54.62 2.48
C VAL L 120 -45.34 -55.75 3.45
N ASN L 121 -45.65 -56.98 3.05
CA ASN L 121 -45.41 -58.15 3.86
C ASN L 121 -44.24 -58.91 3.26
N LEU L 122 -43.18 -59.07 4.03
CA LEU L 122 -42.06 -59.86 3.59
C LEU L 122 -42.34 -61.34 3.83
N TYR L 123 -41.44 -62.18 3.33
CA TYR L 123 -41.48 -63.62 3.50
C TYR L 123 -40.10 -64.16 3.88
N VAL L 124 -39.47 -63.58 4.89
CA VAL L 124 -38.06 -63.82 5.12
C VAL L 124 -37.83 -65.20 5.73
N TRP L 125 -36.64 -65.74 5.50
CA TRP L 125 -36.21 -67.02 6.04
C TRP L 125 -35.34 -66.80 7.26
N GLN L 126 -35.76 -67.33 8.41
CA GLN L 126 -35.24 -66.91 9.70
C GLN L 126 -34.72 -68.12 10.49
N PRO L 127 -33.47 -68.48 10.33
CA PRO L 127 -32.87 -69.48 11.21
C PRO L 127 -32.27 -68.86 12.47
N GLN L 128 -32.38 -69.62 13.56
CA GLN L 128 -31.87 -69.21 14.85
C GLN L 128 -31.03 -70.35 15.42
N VAL L 129 -30.38 -70.11 16.56
CA VAL L 129 -29.61 -71.17 17.21
C VAL L 129 -30.58 -72.24 17.71
N GLY L 130 -30.09 -73.47 17.76
CA GLY L 130 -30.94 -74.58 18.13
C GLY L 130 -31.98 -74.99 17.11
N ASP L 131 -32.09 -74.29 15.98
CA ASP L 131 -32.97 -74.74 14.93
C ASP L 131 -32.33 -75.92 14.21
N VAL L 132 -33.18 -76.72 13.59
CA VAL L 132 -32.77 -77.94 12.91
C VAL L 132 -33.15 -77.82 11.45
N LEU L 133 -32.16 -77.91 10.58
CA LEU L 133 -32.38 -77.70 9.15
C LEU L 133 -32.01 -78.94 8.36
N GLU L 134 -32.55 -79.04 7.16
CA GLU L 134 -32.24 -80.10 6.24
C GLU L 134 -31.55 -79.56 5.00
N GLY L 135 -30.89 -80.46 4.28
CA GLY L 135 -30.18 -80.05 3.09
C GLY L 135 -29.36 -81.17 2.48
N TYR L 136 -29.18 -81.12 1.18
CA TYR L 136 -28.37 -82.11 0.49
C TYR L 136 -26.89 -81.78 0.64
N ILE L 137 -26.09 -82.82 0.88
CA ILE L 137 -24.66 -82.62 1.07
C ILE L 137 -24.02 -82.31 -0.28
N PHE L 138 -23.29 -81.20 -0.34
CA PHE L 138 -22.69 -80.76 -1.59
C PHE L 138 -21.30 -81.37 -1.74
N ILE L 139 -20.41 -81.07 -0.79
CA ILE L 139 -19.12 -81.75 -0.66
C ILE L 139 -18.91 -82.13 0.79
N GLN L 140 -17.82 -82.85 1.03
CA GLN L 140 -17.36 -83.25 2.35
C GLN L 140 -15.89 -83.62 2.26
N SER L 141 -15.12 -83.18 3.24
CA SER L 141 -13.68 -83.42 3.27
C SER L 141 -13.30 -83.85 4.68
N ALA L 142 -12.00 -83.96 4.93
CA ALA L 142 -11.54 -84.10 6.30
C ALA L 142 -11.20 -82.75 6.91
N SER L 143 -12.09 -81.79 6.70
CA SER L 143 -12.14 -80.56 7.48
C SER L 143 -13.54 -80.13 7.84
N HIS L 144 -14.57 -80.54 7.10
CA HIS L 144 -15.92 -80.00 7.21
C HIS L 144 -16.83 -80.82 6.33
N ILE L 145 -18.13 -80.53 6.44
CA ILE L 145 -19.13 -80.95 5.45
C ILE L 145 -19.77 -79.66 4.94
N GLY L 146 -20.15 -79.65 3.66
CA GLY L 146 -20.85 -78.50 3.11
C GLY L 146 -22.20 -78.85 2.55
N LEU L 147 -23.22 -78.04 2.85
CA LEU L 147 -24.58 -78.35 2.45
C LEU L 147 -25.23 -77.17 1.76
N LEU L 148 -26.34 -77.44 1.07
CA LEU L 148 -27.21 -76.43 0.49
C LEU L 148 -28.61 -76.57 1.05
N ILE L 149 -28.98 -75.66 1.94
CA ILE L 149 -30.31 -75.67 2.54
C ILE L 149 -31.29 -75.17 1.50
N HIS L 150 -32.34 -75.97 1.26
CA HIS L 150 -33.43 -75.68 0.30
C HIS L 150 -32.92 -75.44 -1.11
N ASP L 151 -31.77 -76.06 -1.44
CA ASP L 151 -31.04 -75.91 -2.69
C ASP L 151 -30.55 -74.47 -2.92
N ALA L 152 -30.46 -73.64 -1.89
CA ALA L 152 -29.94 -72.29 -2.11
C ALA L 152 -28.99 -71.75 -1.06
N PHE L 153 -28.97 -72.26 0.16
CA PHE L 153 -28.33 -71.57 1.28
C PHE L 153 -27.14 -72.38 1.76
N ASN L 154 -25.98 -71.75 1.83
CA ASN L 154 -24.76 -72.45 2.21
C ASN L 154 -24.70 -72.67 3.71
N ALA L 155 -24.23 -73.85 4.11
CA ALA L 155 -24.06 -74.21 5.50
C ALA L 155 -22.89 -75.18 5.61
N SER L 156 -21.96 -74.88 6.51
CA SER L 156 -20.76 -75.68 6.70
C SER L 156 -20.74 -76.24 8.11
N ILE L 157 -20.54 -77.55 8.23
CA ILE L 157 -20.43 -78.23 9.51
C ILE L 157 -18.96 -78.58 9.68
N LYS L 158 -18.24 -77.80 10.46
CA LYS L 158 -16.80 -77.97 10.57
C LYS L 158 -16.45 -79.17 11.46
N LYS L 159 -15.14 -79.41 11.59
CA LYS L 159 -14.65 -80.62 12.23
C LYS L 159 -14.86 -80.61 13.74
N ASN L 160 -14.61 -79.47 14.40
CA ASN L 160 -14.77 -79.37 15.84
C ASN L 160 -16.23 -79.37 16.30
N ASN L 161 -17.18 -79.52 15.39
CA ASN L 161 -18.58 -79.75 15.70
C ASN L 161 -19.09 -81.09 15.19
N ILE L 162 -18.23 -81.89 14.55
CA ILE L 162 -18.57 -83.26 14.17
C ILE L 162 -18.07 -84.16 15.30
N PRO L 163 -18.81 -85.20 15.67
CA PRO L 163 -18.34 -86.12 16.72
C PRO L 163 -17.04 -86.81 16.35
N VAL L 164 -16.35 -87.29 17.38
CA VAL L 164 -15.01 -87.83 17.22
C VAL L 164 -15.04 -89.18 16.52
N ASP L 165 -16.11 -89.95 16.72
CA ASP L 165 -16.16 -91.36 16.34
C ASP L 165 -16.50 -91.59 14.88
N TRP L 166 -16.36 -90.59 14.01
CA TRP L 166 -16.64 -90.76 12.60
C TRP L 166 -15.36 -90.63 11.81
N THR L 167 -15.22 -91.44 10.77
CA THR L 167 -14.01 -91.49 9.98
C THR L 167 -14.27 -91.05 8.56
N PHE L 168 -13.24 -90.48 7.94
CA PHE L 168 -13.28 -90.03 6.56
C PHE L 168 -12.63 -91.09 5.69
N VAL L 169 -13.45 -91.84 4.95
CA VAL L 169 -12.89 -92.78 4.00
C VAL L 169 -12.28 -91.98 2.85
N HIS L 170 -11.26 -92.55 2.23
CA HIS L 170 -10.43 -91.78 1.31
C HIS L 170 -10.50 -92.42 -0.07
N ASN L 171 -11.01 -91.67 -1.05
CA ASN L 171 -10.78 -92.06 -2.43
C ASN L 171 -9.31 -91.85 -2.72
N ASP L 172 -8.63 -92.95 -3.09
CA ASP L 172 -7.18 -93.01 -2.93
C ASP L 172 -6.43 -92.33 -4.07
N VAL L 173 -7.11 -91.95 -5.15
CA VAL L 173 -6.45 -91.31 -6.29
C VAL L 173 -6.89 -89.85 -6.43
N GLU L 174 -8.19 -89.60 -6.48
CA GLU L 174 -8.71 -88.25 -6.71
C GLU L 174 -9.37 -87.69 -5.46
N LEU L 214 -11.53 -86.05 -1.84
CA LEU L 214 -12.82 -86.63 -2.22
C LEU L 214 -13.00 -87.96 -1.49
N GLY L 215 -14.23 -88.27 -1.14
CA GLY L 215 -14.54 -89.48 -0.41
C GLY L 215 -15.60 -89.22 0.64
N HIS L 216 -16.21 -90.31 1.11
CA HIS L 216 -17.31 -90.21 2.06
C HIS L 216 -16.82 -89.91 3.46
N TRP L 217 -17.67 -89.23 4.22
CA TRP L 217 -17.48 -89.07 5.66
C TRP L 217 -18.41 -90.10 6.31
N VAL L 218 -17.85 -91.23 6.71
CA VAL L 218 -18.64 -92.37 7.19
C VAL L 218 -18.77 -92.27 8.70
N ASP L 219 -19.97 -92.54 9.20
CA ASP L 219 -20.27 -92.41 10.63
C ASP L 219 -19.76 -93.60 11.42
N SER L 220 -20.20 -93.72 12.67
CA SER L 220 -19.82 -94.82 13.53
C SER L 220 -20.48 -96.13 13.14
N ASN L 221 -21.53 -96.09 12.34
CA ASN L 221 -22.31 -97.25 11.99
C ASN L 221 -21.82 -97.94 10.73
N GLY L 222 -20.76 -97.44 10.11
CA GLY L 222 -20.36 -97.96 8.83
C GLY L 222 -21.34 -97.61 7.73
N GLU L 223 -21.78 -96.36 7.69
CA GLU L 223 -22.72 -95.89 6.68
C GLU L 223 -22.11 -94.69 5.98
N PRO L 224 -21.79 -94.79 4.69
CA PRO L 224 -21.52 -93.59 3.90
C PRO L 224 -22.79 -92.75 3.80
N ILE L 225 -22.67 -91.46 4.17
CA ILE L 225 -23.85 -90.63 4.33
C ILE L 225 -24.32 -90.10 2.98
N ASP L 226 -25.64 -90.10 2.80
CA ASP L 226 -26.28 -89.67 1.55
C ASP L 226 -26.42 -88.14 1.59
N GLY L 227 -27.19 -87.57 0.67
CA GLY L 227 -27.37 -86.13 0.61
C GLY L 227 -28.15 -85.52 1.75
N LYS L 228 -29.38 -85.99 1.94
CA LYS L 228 -30.35 -85.37 2.86
C LYS L 228 -29.89 -85.54 4.30
N LEU L 229 -29.36 -84.46 4.89
CA LEU L 229 -28.80 -84.49 6.22
C LEU L 229 -29.70 -83.68 7.16
N ARG L 230 -29.58 -83.94 8.46
CA ARG L 230 -30.32 -83.23 9.50
C ARG L 230 -29.35 -82.78 10.58
N PHE L 231 -29.18 -81.48 10.73
CA PHE L 231 -28.18 -80.92 11.64
C PHE L 231 -28.76 -79.70 12.33
N THR L 232 -28.10 -79.27 13.39
CA THR L 232 -28.61 -78.23 14.26
C THR L 232 -27.75 -76.99 14.14
N VAL L 233 -28.40 -75.83 14.03
CA VAL L 233 -27.70 -74.56 13.87
C VAL L 233 -26.97 -74.19 15.15
N ARG L 234 -25.70 -73.80 15.02
CA ARG L 234 -24.93 -73.21 16.09
C ARG L 234 -24.77 -71.71 15.93
N ASN L 235 -24.49 -71.24 14.72
CA ASN L 235 -24.29 -69.80 14.49
C ASN L 235 -24.68 -69.48 13.06
N VAL L 236 -25.02 -68.21 12.82
CA VAL L 236 -25.41 -67.71 11.51
C VAL L 236 -24.51 -66.53 11.20
N HIS L 237 -24.05 -66.45 9.96
CA HIS L 237 -23.00 -65.51 9.57
C HIS L 237 -23.54 -64.37 8.71
N THR L 238 -23.13 -63.15 9.07
CA THR L 238 -23.42 -61.93 8.33
C THR L 238 -22.06 -61.35 7.94
N THR L 239 -21.21 -62.22 7.39
CA THR L 239 -19.81 -61.87 7.19
C THR L 239 -19.63 -60.92 6.02
N GLY L 240 -19.96 -61.37 4.82
CA GLY L 240 -19.85 -60.53 3.65
C GLY L 240 -21.19 -60.39 2.98
N ARG L 241 -21.22 -60.59 1.67
CA ARG L 241 -22.46 -60.65 0.93
C ARG L 241 -22.96 -62.08 0.77
N VAL L 242 -22.49 -62.98 1.63
CA VAL L 242 -22.85 -64.39 1.63
C VAL L 242 -23.40 -64.71 3.01
N VAL L 243 -24.52 -65.43 3.06
CA VAL L 243 -25.08 -65.92 4.32
C VAL L 243 -24.72 -67.39 4.48
N SER L 244 -24.07 -67.72 5.60
CA SER L 244 -23.60 -69.08 5.85
C SER L 244 -24.02 -69.51 7.25
N VAL L 245 -24.55 -70.72 7.36
CA VAL L 245 -24.99 -71.28 8.63
C VAL L 245 -23.85 -72.10 9.22
N ASP L 246 -23.42 -71.75 10.41
CA ASP L 246 -22.49 -72.55 11.19
C ASP L 246 -23.31 -73.52 12.05
N GLY L 247 -23.14 -74.83 11.82
CA GLY L 247 -23.98 -75.82 12.46
C GLY L 247 -23.16 -76.83 13.24
N THR L 248 -23.87 -77.73 13.91
CA THR L 248 -23.27 -78.81 14.68
C THR L 248 -23.90 -80.15 14.33
N LEU L 249 -23.29 -81.20 14.90
CA LEU L 249 -23.86 -82.53 14.92
C LEU L 249 -23.86 -83.12 16.32
N ILE L 250 -23.42 -82.37 17.33
CA ILE L 250 -23.37 -82.82 18.72
C ILE L 250 -24.79 -82.85 19.29
N SER L 251 -24.95 -83.42 20.48
CA SER L 251 -26.25 -83.45 21.14
C SER L 251 -26.62 -82.08 21.67
N ASN M 3 -68.25 11.00 -48.57
CA ASN M 3 -69.34 11.98 -48.58
C ASN M 3 -68.93 13.21 -47.80
N THR M 4 -69.42 14.37 -48.24
CA THR M 4 -69.05 15.64 -47.63
C THR M 4 -69.88 15.89 -46.39
N LEU M 5 -69.22 16.14 -45.26
CA LEU M 5 -69.89 16.39 -44.00
C LEU M 5 -70.01 17.87 -43.68
N PHE M 6 -69.22 18.72 -44.30
CA PHE M 6 -69.19 20.13 -43.95
C PHE M 6 -68.54 20.88 -45.09
N ASP M 7 -69.00 22.09 -45.34
CA ASP M 7 -68.42 22.90 -46.39
C ASP M 7 -68.77 24.34 -46.11
N ASP M 8 -67.77 25.22 -46.16
CA ASP M 8 -67.98 26.64 -45.96
C ASP M 8 -66.77 27.38 -46.49
N ILE M 9 -66.93 28.68 -46.70
CA ILE M 9 -65.84 29.55 -47.09
C ILE M 9 -65.50 30.41 -45.88
N PHE M 10 -64.29 30.23 -45.36
CA PHE M 10 -63.87 30.94 -44.17
C PHE M 10 -62.94 32.08 -44.56
N GLN M 11 -62.87 33.07 -43.69
CA GLN M 11 -62.06 34.26 -43.92
C GLN M 11 -61.04 34.35 -42.80
N VAL M 12 -59.77 34.15 -43.13
CA VAL M 12 -58.69 34.11 -42.14
C VAL M 12 -58.50 35.51 -41.55
N SER M 13 -58.49 35.59 -40.23
CA SER M 13 -58.22 36.87 -39.59
C SER M 13 -56.82 36.98 -39.02
N GLU M 14 -56.31 35.92 -38.40
CA GLU M 14 -55.02 36.00 -37.73
C GLU M 14 -54.22 34.76 -38.06
N VAL M 15 -52.94 34.94 -38.37
CA VAL M 15 -52.00 33.86 -38.61
C VAL M 15 -50.88 34.00 -37.59
N ASP M 16 -50.83 33.08 -36.62
CA ASP M 16 -49.88 33.19 -35.52
C ASP M 16 -48.83 32.09 -35.57
N PRO M 17 -47.55 32.42 -35.75
CA PRO M 17 -46.51 31.38 -35.69
C PRO M 17 -46.37 30.75 -34.32
N GLY M 18 -46.06 31.55 -33.30
CA GLY M 18 -46.02 31.09 -31.93
C GLY M 18 -45.00 30.03 -31.65
N ARG M 19 -43.72 30.38 -31.66
CA ARG M 19 -42.59 29.52 -31.27
C ARG M 19 -42.43 28.30 -32.16
N TYR M 20 -43.04 28.28 -33.34
CA TYR M 20 -42.88 27.17 -34.27
C TYR M 20 -42.27 27.68 -35.56
N ASN M 21 -41.68 26.76 -36.32
CA ASN M 21 -41.07 27.08 -37.58
C ASN M 21 -41.89 26.63 -38.78
N LYS M 22 -42.79 25.68 -38.60
CA LYS M 22 -43.51 25.10 -39.71
C LYS M 22 -45.01 25.14 -39.55
N VAL M 23 -45.53 25.43 -38.35
CA VAL M 23 -46.95 25.32 -38.06
C VAL M 23 -47.44 26.69 -37.61
N CYS M 24 -48.55 27.14 -38.16
CA CYS M 24 -49.21 28.36 -37.74
C CYS M 24 -50.59 28.04 -37.20
N ARG M 25 -51.09 28.92 -36.36
CA ARG M 25 -52.43 28.82 -35.80
C ARG M 25 -53.31 29.83 -36.53
N ILE M 26 -54.43 29.37 -37.06
CA ILE M 26 -55.24 30.14 -38.00
C ILE M 26 -56.60 30.39 -37.38
N GLU M 27 -56.94 31.66 -37.18
CA GLU M 27 -58.29 32.04 -36.78
C GLU M 27 -59.06 32.47 -38.02
N ALA M 28 -60.22 31.86 -38.23
CA ALA M 28 -61.01 32.14 -39.42
C ALA M 28 -62.48 32.19 -39.06
N ALA M 29 -63.12 33.30 -39.38
CA ALA M 29 -64.56 33.40 -39.29
C ALA M 29 -65.18 33.16 -40.66
N SER M 30 -66.43 32.76 -40.67
CA SER M 30 -67.06 32.36 -41.92
C SER M 30 -67.59 33.56 -42.69
N THR M 31 -68.04 33.28 -43.90
CA THR M 31 -68.69 34.29 -44.73
C THR M 31 -70.14 33.97 -45.04
N THR M 32 -70.58 32.74 -44.84
CA THR M 32 -71.99 32.40 -45.07
C THR M 32 -72.82 32.58 -43.80
N GLN M 33 -72.47 31.90 -42.71
CA GLN M 33 -73.15 32.12 -41.45
C GLN M 33 -72.42 33.17 -40.62
N ASP M 34 -72.91 33.41 -39.41
CA ASP M 34 -72.28 34.33 -38.48
C ASP M 34 -71.95 33.67 -37.15
N GLN M 35 -72.11 32.36 -37.05
CA GLN M 35 -71.89 31.66 -35.80
C GLN M 35 -70.66 30.77 -35.81
N CYS M 36 -70.22 30.31 -36.98
CA CYS M 36 -69.14 29.33 -37.06
C CYS M 36 -67.80 30.03 -37.24
N LYS M 37 -66.95 29.90 -36.23
CA LYS M 37 -65.55 30.28 -36.30
C LYS M 37 -64.70 29.04 -36.51
N LEU M 38 -63.46 29.27 -36.91
CA LEU M 38 -62.53 28.19 -37.19
C LEU M 38 -61.19 28.50 -36.54
N THR M 39 -60.70 27.59 -35.73
CA THR M 39 -59.35 27.61 -35.21
C THR M 39 -58.65 26.39 -35.74
N LEU M 40 -57.46 26.55 -36.31
CA LEU M 40 -56.83 25.45 -37.02
C LEU M 40 -55.32 25.60 -37.01
N ASP M 41 -54.62 24.48 -36.85
CA ASP M 41 -53.17 24.42 -37.07
C ASP M 41 -52.91 23.84 -38.45
N ILE M 42 -52.12 24.53 -39.26
CA ILE M 42 -51.77 24.03 -40.57
C ILE M 42 -50.26 24.02 -40.71
N ASN M 43 -49.76 23.16 -41.61
CA ASN M 43 -48.35 23.11 -41.92
C ASN M 43 -48.08 24.21 -42.93
N VAL M 44 -47.65 25.38 -42.44
CA VAL M 44 -47.54 26.57 -43.26
C VAL M 44 -46.35 26.52 -44.19
N GLU M 45 -45.45 25.56 -44.01
CA GLU M 45 -44.40 25.37 -45.00
C GLU M 45 -44.96 24.73 -46.25
N LEU M 46 -45.96 23.88 -46.12
CA LEU M 46 -46.57 23.24 -47.29
C LEU M 46 -47.70 24.05 -47.88
N PHE M 47 -48.45 24.79 -47.06
CA PHE M 47 -49.59 25.55 -47.54
C PHE M 47 -49.56 26.91 -46.87
N PRO M 48 -48.87 27.88 -47.46
CA PRO M 48 -48.71 29.18 -46.80
C PRO M 48 -50.01 29.98 -46.80
N VAL M 49 -50.35 30.47 -45.61
CA VAL M 49 -51.57 31.24 -45.38
C VAL M 49 -51.16 32.60 -44.83
N ALA M 50 -51.68 33.66 -45.44
CA ALA M 50 -51.53 35.01 -44.93
C ALA M 50 -52.83 35.44 -44.25
N ALA M 51 -52.78 36.57 -43.57
CA ALA M 51 -54.00 37.11 -43.01
C ALA M 51 -54.86 37.68 -44.13
N GLN M 52 -56.17 37.78 -43.84
CA GLN M 52 -57.20 38.24 -44.77
C GLN M 52 -57.29 37.35 -46.01
N ASP M 53 -57.14 36.04 -45.83
CA ASP M 53 -57.32 35.09 -46.92
C ASP M 53 -58.69 34.42 -46.81
N SER M 54 -59.13 33.85 -47.92
CA SER M 54 -60.43 33.20 -48.00
C SER M 54 -60.24 31.74 -48.38
N LEU M 55 -60.41 30.85 -47.42
CA LEU M 55 -60.13 29.44 -47.58
C LEU M 55 -61.44 28.66 -47.68
N THR M 56 -61.45 27.61 -48.47
CA THR M 56 -62.64 26.78 -48.65
C THR M 56 -62.46 25.50 -47.86
N VAL M 57 -62.97 25.47 -46.63
CA VAL M 57 -62.75 24.35 -45.74
C VAL M 57 -63.86 23.33 -45.92
N THR M 58 -63.49 22.09 -46.23
CA THR M 58 -64.41 21.00 -46.39
C THR M 58 -64.02 19.90 -45.44
N ILE M 59 -64.99 19.29 -44.77
CA ILE M 59 -64.76 18.07 -43.99
C ILE M 59 -65.51 16.95 -44.66
N ALA M 60 -64.78 15.94 -45.11
CA ALA M 60 -65.36 14.82 -45.82
C ALA M 60 -65.21 13.56 -44.99
N SER M 61 -66.00 12.55 -45.31
CA SER M 61 -65.93 11.29 -44.60
C SER M 61 -64.96 10.32 -45.25
N SER M 62 -64.90 10.30 -46.57
CA SER M 62 -63.89 9.54 -47.30
C SER M 62 -63.62 10.28 -48.61
N LEU M 63 -62.87 9.64 -49.49
CA LEU M 63 -62.48 10.27 -50.73
C LEU M 63 -63.01 9.47 -51.92
N ASN M 64 -63.36 10.17 -52.98
CA ASN M 64 -64.00 9.54 -54.14
C ASN M 64 -63.06 9.57 -55.34
N ALA M 75 -64.19 1.10 -52.77
CA ALA M 75 -63.91 0.10 -51.75
C ALA M 75 -62.41 -0.13 -51.63
N THR M 76 -61.78 0.64 -50.76
CA THR M 76 -60.34 0.54 -50.48
C THR M 76 -60.12 0.01 -49.08
N ARG M 77 -58.85 -0.29 -48.78
CA ARG M 77 -58.49 -0.94 -47.52
C ARG M 77 -57.81 0.03 -46.55
N SER M 78 -56.68 0.60 -46.96
CA SER M 78 -55.85 1.42 -46.09
C SER M 78 -55.06 2.37 -46.99
N TRP M 79 -54.23 3.20 -46.37
CA TRP M 79 -53.48 4.15 -47.16
C TRP M 79 -52.35 3.44 -47.89
N ARG M 80 -52.13 3.86 -49.13
CA ARG M 80 -51.17 3.31 -50.02
C ARG M 80 -50.81 4.47 -50.92
N PRO M 81 -49.52 4.73 -51.17
CA PRO M 81 -49.14 5.93 -51.91
C PRO M 81 -49.66 5.88 -53.35
N PRO M 82 -49.98 7.03 -53.93
CA PRO M 82 -50.70 7.03 -55.21
C PRO M 82 -49.85 6.59 -56.37
N GLN M 83 -50.48 6.44 -57.53
CA GLN M 83 -49.79 5.99 -58.73
C GLN M 83 -50.34 6.78 -59.90
N ALA M 84 -49.95 6.37 -61.10
CA ALA M 84 -50.58 6.92 -62.30
C ALA M 84 -51.94 6.27 -62.49
N GLY M 85 -52.99 7.07 -62.46
CA GLY M 85 -54.31 6.53 -62.71
C GLY M 85 -55.25 6.61 -61.53
N ASP M 86 -54.81 7.27 -60.47
CA ASP M 86 -55.66 7.44 -59.30
C ASP M 86 -56.74 8.48 -59.57
N ARG M 87 -57.76 8.48 -58.72
CA ARG M 87 -58.88 9.39 -58.88
C ARG M 87 -59.49 9.55 -57.50
N SER M 88 -59.37 10.75 -56.93
CA SER M 88 -59.73 10.95 -55.54
C SER M 88 -60.43 12.27 -55.37
N LEU M 89 -61.06 12.44 -54.21
CA LEU M 89 -61.68 13.70 -53.88
C LEU M 89 -60.64 14.76 -53.55
N ALA M 90 -59.44 14.35 -53.16
CA ALA M 90 -58.35 15.26 -52.89
C ALA M 90 -57.81 15.94 -54.13
N ASP M 91 -58.25 15.56 -55.33
CA ASP M 91 -57.74 16.13 -56.57
C ASP M 91 -58.28 17.53 -56.83
N ASP M 92 -59.16 18.04 -55.97
CA ASP M 92 -59.75 19.35 -56.09
C ASP M 92 -59.08 20.40 -55.23
N TYR M 93 -58.54 19.99 -54.10
CA TYR M 93 -58.09 20.87 -53.04
C TYR M 93 -56.58 21.03 -53.10
N ASP M 94 -56.03 21.77 -52.15
CA ASP M 94 -54.60 22.04 -52.10
C ASP M 94 -53.93 21.46 -50.88
N TYR M 95 -54.68 21.02 -49.89
CA TYR M 95 -54.13 20.66 -48.60
C TYR M 95 -55.15 19.75 -47.94
N VAL M 96 -54.80 18.49 -47.77
CA VAL M 96 -55.70 17.49 -47.20
C VAL M 96 -55.06 16.96 -45.94
N MET M 97 -55.81 16.91 -44.86
CA MET M 97 -55.38 16.25 -43.64
C MET M 97 -56.31 15.09 -43.32
N TYR M 98 -55.98 14.36 -42.27
CA TYR M 98 -56.80 13.23 -41.85
C TYR M 98 -56.67 13.06 -40.35
N GLY M 99 -57.78 13.17 -39.63
CA GLY M 99 -57.72 13.09 -38.19
C GLY M 99 -58.94 12.50 -37.51
N THR M 100 -59.06 12.70 -36.20
CA THR M 100 -60.14 12.14 -35.42
C THR M 100 -60.85 13.26 -34.69
N ALA M 101 -62.11 13.03 -34.34
CA ALA M 101 -62.84 13.89 -33.44
C ALA M 101 -62.72 13.33 -32.03
N TYR M 102 -62.36 14.17 -31.07
CA TYR M 102 -62.19 13.68 -29.72
C TYR M 102 -63.09 14.34 -28.69
N LYS M 103 -63.86 15.36 -29.06
CA LYS M 103 -64.62 16.08 -28.07
C LYS M 103 -65.79 16.76 -28.73
N PHE M 104 -66.96 16.68 -28.08
CA PHE M 104 -68.12 17.49 -28.42
C PHE M 104 -68.41 18.42 -27.27
N GLU M 105 -68.83 19.63 -27.59
CA GLU M 105 -69.16 20.58 -26.54
C GLU M 105 -70.24 21.51 -27.05
N GLU M 106 -71.31 21.66 -26.29
CA GLU M 106 -72.31 22.66 -26.60
C GLU M 106 -71.92 23.97 -25.93
N VAL M 107 -71.65 24.98 -26.75
CA VAL M 107 -71.11 26.24 -26.25
C VAL M 107 -72.18 27.00 -25.48
N SER M 108 -73.40 26.99 -26.00
CA SER M 108 -74.56 27.57 -25.37
C SER M 108 -75.75 26.74 -25.85
N LYS M 109 -76.95 27.29 -25.72
CA LYS M 109 -78.02 26.75 -26.54
C LYS M 109 -77.78 27.16 -27.97
N ASP M 110 -78.05 26.23 -28.90
CA ASP M 110 -77.93 26.42 -30.34
C ASP M 110 -76.52 26.80 -30.77
N LEU M 111 -75.51 26.29 -30.08
CA LEU M 111 -74.14 26.28 -30.57
C LEU M 111 -73.49 24.97 -30.16
N ILE M 112 -72.75 24.38 -31.10
CA ILE M 112 -72.06 23.12 -30.89
C ILE M 112 -70.63 23.29 -31.39
N ALA M 113 -69.66 22.96 -30.57
CA ALA M 113 -68.26 22.91 -30.96
C ALA M 113 -67.84 21.46 -31.11
N VAL M 114 -67.15 21.15 -32.20
CA VAL M 114 -66.52 19.85 -32.38
C VAL M 114 -65.01 20.07 -32.43
N TYR M 115 -64.26 19.15 -31.85
CA TYR M 115 -62.82 19.31 -31.79
C TYR M 115 -62.18 18.19 -32.59
N TYR M 116 -61.20 18.55 -33.40
CA TYR M 116 -60.48 17.57 -34.21
C TYR M 116 -58.99 17.63 -33.89
N SER M 117 -58.34 16.48 -33.97
CA SER M 117 -56.90 16.36 -33.77
C SER M 117 -56.30 15.66 -34.97
N PHE M 118 -55.46 16.36 -35.72
CA PHE M 118 -54.80 15.82 -36.90
C PHE M 118 -53.36 15.51 -36.51
N GLY M 119 -53.17 14.41 -35.81
CA GLY M 119 -51.85 14.04 -35.33
C GLY M 119 -51.28 14.93 -34.27
N GLY M 120 -52.07 15.78 -33.64
CA GLY M 120 -51.56 16.81 -32.75
C GLY M 120 -51.80 18.21 -33.25
N LEU M 121 -52.14 18.36 -34.52
CA LEU M 121 -52.56 19.63 -35.10
C LEU M 121 -54.06 19.73 -34.89
N LEU M 122 -54.49 20.70 -34.09
CA LEU M 122 -55.85 20.71 -33.56
C LEU M 122 -56.75 21.61 -34.38
N MET M 123 -58.05 21.33 -34.34
CA MET M 123 -59.04 22.16 -35.00
C MET M 123 -60.30 22.23 -34.14
N ARG M 124 -60.86 23.42 -33.98
CA ARG M 124 -62.09 23.62 -33.24
C ARG M 124 -63.09 24.34 -34.13
N LEU M 125 -64.21 23.69 -34.41
CA LEU M 125 -65.33 24.33 -35.08
C LEU M 125 -66.35 24.84 -34.08
N GLU M 126 -67.43 25.41 -34.60
CA GLU M 126 -68.48 26.06 -33.82
C GLU M 126 -69.65 26.22 -34.76
N GLY M 127 -70.84 26.51 -34.23
CA GLY M 127 -72.05 26.58 -35.02
C GLY M 127 -73.10 25.66 -34.46
N ASN M 128 -74.16 25.41 -35.22
CA ASN M 128 -75.34 24.85 -34.56
C ASN M 128 -75.98 23.61 -35.18
N TYR M 129 -76.02 23.52 -36.50
CA TYR M 129 -76.89 22.56 -37.20
C TYR M 129 -76.25 21.19 -37.42
N ARG M 130 -74.97 21.01 -37.08
CA ARG M 130 -74.14 19.92 -37.58
C ARG M 130 -74.32 18.62 -36.81
N ASN M 131 -75.41 18.47 -36.08
CA ASN M 131 -75.80 17.15 -35.59
C ASN M 131 -76.20 16.24 -36.75
N LEU M 132 -76.59 16.86 -37.88
CA LEU M 132 -76.90 16.15 -39.10
C LEU M 132 -75.76 15.26 -39.58
N ASN M 133 -74.53 15.77 -39.57
CA ASN M 133 -73.47 15.03 -40.25
C ASN M 133 -72.12 14.95 -39.55
N ASN M 134 -71.74 15.87 -38.67
CA ASN M 134 -70.48 15.69 -37.96
C ASN M 134 -70.67 14.69 -36.82
N LEU M 135 -69.80 13.69 -36.76
CA LEU M 135 -69.91 12.67 -35.73
C LEU M 135 -68.61 12.55 -34.95
N LYS M 136 -68.56 11.61 -34.01
CA LYS M 136 -67.41 11.39 -33.14
C LYS M 136 -66.40 10.44 -33.74
N GLN M 137 -66.33 10.41 -35.07
CA GLN M 137 -65.60 9.40 -35.80
C GLN M 137 -64.10 9.56 -35.64
N GLU M 138 -63.40 8.46 -35.79
CA GLU M 138 -61.96 8.24 -35.85
C GLU M 138 -61.36 8.62 -37.19
N ASN M 139 -62.16 9.28 -38.01
CA ASN M 139 -61.82 9.48 -39.41
C ASN M 139 -62.61 10.65 -39.93
N ALA M 140 -61.89 11.70 -40.34
CA ALA M 140 -62.48 12.81 -41.05
C ALA M 140 -61.38 13.42 -41.88
N TYR M 141 -61.56 13.46 -43.19
CA TYR M 141 -60.62 14.13 -44.06
C TYR M 141 -60.96 15.60 -44.09
N LEU M 142 -59.94 16.43 -44.23
CA LEU M 142 -60.13 17.86 -44.08
C LEU M 142 -59.32 18.62 -45.11
N LEU M 143 -60.00 19.44 -45.90
CA LEU M 143 -59.50 19.81 -47.22
C LEU M 143 -59.66 21.31 -47.39
N ILE M 144 -58.55 22.01 -47.61
CA ILE M 144 -58.52 23.47 -47.75
C ILE M 144 -58.03 23.82 -49.15
N ARG M 145 -58.80 24.63 -49.86
CA ARG M 145 -58.46 25.04 -51.21
C ARG M 145 -58.11 26.52 -51.25
N ARG M 146 -57.12 26.85 -52.08
CA ARG M 146 -56.76 28.21 -52.51
C ARG M 146 -56.22 29.11 -51.42
N MET N 1 6.73 14.47 -25.37
CA MET N 1 7.79 13.74 -26.04
C MET N 1 7.91 14.19 -27.47
N ILE N 2 8.12 13.25 -28.40
CA ILE N 2 8.28 13.62 -29.79
C ILE N 2 6.93 13.98 -30.39
N VAL N 3 6.99 14.66 -31.53
CA VAL N 3 5.81 15.18 -32.21
C VAL N 3 4.94 14.03 -32.65
N PRO N 4 3.63 14.11 -32.52
CA PRO N 4 2.77 13.03 -32.99
C PRO N 4 2.89 12.88 -34.50
N VAL N 5 2.91 11.62 -34.96
CA VAL N 5 3.08 11.34 -36.37
C VAL N 5 1.89 11.85 -37.16
N ARG N 6 0.71 11.52 -36.69
CA ARG N 6 -0.53 11.96 -37.28
C ARG N 6 -1.29 12.83 -36.28
N CYS N 7 -2.23 13.61 -36.80
CA CYS N 7 -3.12 14.35 -35.94
C CYS N 7 -4.22 13.45 -35.42
N PHE N 8 -4.69 13.76 -34.21
CA PHE N 8 -5.64 12.92 -33.52
C PHE N 8 -7.00 12.96 -34.17
N SER N 9 -7.46 14.14 -34.59
CA SER N 9 -8.80 14.31 -35.11
C SER N 9 -8.87 14.08 -36.61
N CYS N 10 -8.11 14.87 -37.38
CA CYS N 10 -8.18 14.76 -38.82
C CYS N 10 -7.45 13.51 -39.31
N GLY N 11 -6.20 13.33 -38.93
CA GLY N 11 -5.41 12.24 -39.45
C GLY N 11 -4.37 12.67 -40.45
N LYS N 12 -4.19 13.97 -40.65
CA LYS N 12 -3.05 14.47 -41.41
C LYS N 12 -1.76 14.07 -40.75
N VAL N 13 -0.78 13.74 -41.59
CA VAL N 13 0.59 13.59 -41.11
C VAL N 13 1.09 14.96 -40.69
N VAL N 14 1.56 15.04 -39.46
CA VAL N 14 1.88 16.28 -38.80
C VAL N 14 3.32 16.18 -38.30
N GLY N 15 3.80 14.96 -38.11
CA GLY N 15 5.13 14.67 -37.61
C GLY N 15 6.28 15.15 -38.47
N ASP N 16 6.04 15.54 -39.71
CA ASP N 16 7.09 16.07 -40.56
C ASP N 16 7.18 17.59 -40.50
N LYS N 17 6.41 18.21 -39.61
CA LYS N 17 6.27 19.65 -39.62
C LYS N 17 6.74 20.31 -38.34
N TRP N 18 7.46 19.60 -37.49
CA TRP N 18 7.89 20.23 -36.25
C TRP N 18 9.20 20.97 -36.40
N GLU N 19 10.13 20.47 -37.20
CA GLU N 19 11.37 21.19 -37.41
C GLU N 19 11.20 22.29 -38.43
N SER N 20 10.27 22.13 -39.36
CA SER N 20 9.92 23.22 -40.26
C SER N 20 9.28 24.36 -39.51
N TYR N 21 8.51 24.04 -38.47
CA TYR N 21 7.78 25.04 -37.71
C TYR N 21 8.71 25.86 -36.86
N LEU N 22 9.71 25.23 -36.24
CA LEU N 22 10.64 25.95 -35.41
C LEU N 22 11.59 26.81 -36.21
N ASN N 23 11.72 26.58 -37.52
CA ASN N 23 12.56 27.45 -38.32
C ASN N 23 11.76 28.62 -38.87
N LEU N 24 10.45 28.44 -39.06
CA LEU N 24 9.62 29.58 -39.45
C LEU N 24 9.48 30.56 -38.31
N LEU N 25 9.63 30.10 -37.08
CA LEU N 25 9.56 31.00 -35.95
C LEU N 25 10.90 31.65 -35.65
N GLN N 26 11.99 30.90 -35.85
CA GLN N 26 13.33 31.39 -35.52
C GLN N 26 13.90 32.23 -36.66
N GLU N 27 14.05 31.63 -37.83
CA GLU N 27 14.69 32.30 -38.95
C GLU N 27 13.80 33.39 -39.51
N ASP N 28 12.61 33.03 -39.96
CA ASP N 28 11.73 33.97 -40.63
C ASP N 28 11.02 34.91 -39.67
N GLU N 29 11.05 34.60 -38.37
CA GLU N 29 10.49 35.42 -37.30
C GLU N 29 9.00 35.65 -37.48
N LEU N 30 8.32 34.63 -38.01
CA LEU N 30 6.88 34.68 -38.19
C LEU N 30 6.19 34.52 -36.84
N ASP N 31 4.95 34.97 -36.77
CA ASP N 31 4.14 34.58 -35.64
C ASP N 31 3.58 33.18 -35.88
N GLU N 32 2.96 32.63 -34.84
CA GLU N 32 2.54 31.23 -34.89
C GLU N 32 1.39 31.03 -35.85
N GLY N 33 0.58 32.05 -36.10
CA GLY N 33 -0.53 31.89 -37.00
C GLY N 33 -0.14 31.83 -38.45
N THR N 34 0.84 32.65 -38.85
CA THR N 34 1.30 32.61 -40.22
C THR N 34 2.17 31.38 -40.46
N ALA N 35 2.91 30.96 -39.44
CA ALA N 35 3.80 29.82 -39.58
C ALA N 35 3.03 28.52 -39.74
N LEU N 36 1.86 28.42 -39.12
CA LEU N 36 1.07 27.21 -39.28
C LEU N 36 0.39 27.17 -40.63
N SER N 37 0.08 28.32 -41.20
CA SER N 37 -0.64 28.35 -42.45
C SER N 37 0.29 28.21 -43.65
N ARG N 38 1.59 28.47 -43.47
CA ARG N 38 2.52 28.19 -44.55
C ARG N 38 2.92 26.72 -44.57
N LEU N 39 2.79 26.04 -43.43
CA LEU N 39 3.00 24.60 -43.38
C LEU N 39 1.81 23.82 -43.92
N GLY N 40 0.71 24.47 -44.25
CA GLY N 40 -0.42 23.78 -44.82
C GLY N 40 -1.36 23.16 -43.83
N LEU N 41 -1.27 23.54 -42.57
CA LEU N 41 -2.23 23.14 -41.55
C LEU N 41 -3.32 24.20 -41.54
N LYS N 42 -4.56 23.81 -41.79
CA LYS N 42 -5.61 24.82 -41.77
C LYS N 42 -6.90 24.39 -41.09
N ARG N 43 -7.09 23.12 -40.79
CA ARG N 43 -8.13 22.75 -39.84
C ARG N 43 -7.60 23.00 -38.44
N TYR N 44 -8.41 23.62 -37.58
CA TYR N 44 -7.95 23.95 -36.23
C TYR N 44 -7.66 22.73 -35.38
N CYS N 45 -8.16 21.56 -35.77
CA CYS N 45 -7.74 20.35 -35.10
C CYS N 45 -6.31 20.00 -35.49
N CYS N 46 -5.95 20.23 -36.74
CA CYS N 46 -4.60 19.94 -37.19
C CYS N 46 -3.66 21.05 -36.80
N ARG N 47 -4.19 22.26 -36.51
CA ARG N 47 -3.35 23.39 -36.09
C ARG N 47 -2.81 23.17 -34.69
N ARG N 48 -3.67 22.78 -33.75
CA ARG N 48 -3.28 22.62 -32.36
C ARG N 48 -2.33 21.47 -32.12
N MET N 49 -2.06 20.64 -33.13
CA MET N 49 -1.13 19.55 -32.91
C MET N 49 0.29 20.03 -32.97
N ILE N 50 0.57 20.99 -33.85
CA ILE N 50 1.88 21.63 -33.93
C ILE N 50 1.98 22.85 -33.04
N LEU N 51 0.88 23.60 -32.91
CA LEU N 51 0.84 24.82 -32.13
C LEU N 51 1.14 24.59 -30.66
N THR N 52 0.79 23.42 -30.15
CA THR N 52 0.64 23.27 -28.72
C THR N 52 1.51 22.14 -28.18
N HIS N 53 2.43 21.64 -28.98
CA HIS N 53 3.30 20.53 -28.64
C HIS N 53 4.43 21.00 -27.73
N VAL N 54 4.77 20.18 -26.74
CA VAL N 54 5.70 20.58 -25.70
C VAL N 54 7.14 20.19 -26.02
N ASP N 55 7.33 19.02 -26.63
CA ASP N 55 8.63 18.47 -27.04
C ASP N 55 9.53 18.21 -25.82
N LEU N 56 9.05 17.33 -24.95
CA LEU N 56 9.82 16.92 -23.78
C LEU N 56 10.93 15.95 -24.07
N ILE N 57 11.05 15.43 -25.30
CA ILE N 57 12.12 14.49 -25.60
C ILE N 57 13.48 15.18 -25.47
N GLU N 58 13.54 16.49 -25.70
CA GLU N 58 14.78 17.22 -25.52
C GLU N 58 15.19 17.30 -24.07
N LYS N 59 14.26 17.12 -23.15
CA LYS N 59 14.55 17.18 -21.74
C LYS N 59 14.86 15.79 -21.18
N PHE N 60 14.36 14.74 -21.84
CA PHE N 60 14.70 13.38 -21.47
C PHE N 60 16.08 12.98 -21.95
N LEU N 61 16.52 13.52 -23.08
CA LEU N 61 17.75 13.04 -23.70
C LEU N 61 19.00 13.49 -22.95
N ARG N 62 18.88 14.44 -22.03
CA ARG N 62 20.00 14.86 -21.23
C ARG N 62 20.40 13.81 -20.20
N TYR N 63 19.54 12.85 -19.93
CA TYR N 63 19.79 11.80 -18.96
C TYR N 63 20.17 10.56 -19.75
N ASN N 64 21.42 10.48 -20.15
CA ASN N 64 21.91 9.38 -20.97
C ASN N 64 22.78 8.49 -20.11
N PRO N 65 22.38 7.25 -19.83
CA PRO N 65 23.22 6.36 -19.03
C PRO N 65 24.30 5.63 -19.81
N LEU N 66 24.42 5.88 -21.11
CA LEU N 66 25.35 5.15 -21.95
C LEU N 66 26.58 5.95 -22.33
N GLU N 67 26.69 7.19 -21.88
CA GLU N 67 27.83 8.02 -22.18
C GLU N 67 28.29 8.67 -20.87
N LYS N 68 29.57 8.98 -20.79
CA LYS N 68 30.15 9.56 -19.60
C LYS N 68 29.63 10.99 -19.40
N ARG N 69 29.62 11.43 -18.15
CA ARG N 69 29.13 12.73 -17.64
C ARG N 69 27.64 12.91 -17.88
N GLU O 40 -16.80 -26.15 -56.19
CA GLU O 40 -16.90 -24.93 -55.40
C GLU O 40 -18.00 -25.05 -54.35
N GLU O 41 -18.07 -24.07 -53.46
CA GLU O 41 -19.06 -24.02 -52.38
C GLU O 41 -19.18 -22.59 -51.89
N PRO O 42 -20.38 -22.02 -51.89
CA PRO O 42 -20.55 -20.59 -51.59
C PRO O 42 -20.51 -20.33 -50.09
N ASP O 43 -20.72 -19.06 -49.74
CA ASP O 43 -20.68 -18.59 -48.36
C ASP O 43 -22.10 -18.45 -47.86
N ARG O 44 -22.59 -19.46 -47.15
CA ARG O 44 -23.96 -19.47 -46.67
C ARG O 44 -24.09 -18.87 -45.28
N GLU O 45 -23.10 -18.11 -44.83
CA GLU O 45 -23.15 -17.48 -43.53
C GLU O 45 -23.37 -15.98 -43.60
N LYS O 46 -23.47 -15.41 -44.81
CA LYS O 46 -23.55 -13.96 -44.93
C LYS O 46 -24.96 -13.46 -44.71
N ILE O 47 -25.87 -13.81 -45.60
CA ILE O 47 -27.25 -13.36 -45.54
C ILE O 47 -28.12 -14.51 -45.05
N LYS O 48 -29.04 -14.20 -44.16
CA LYS O 48 -29.81 -15.22 -43.47
C LYS O 48 -31.22 -14.69 -43.23
N LEU O 49 -32.19 -15.33 -43.85
CA LEU O 49 -33.59 -15.01 -43.61
C LEU O 49 -34.00 -15.50 -42.25
N LEU O 50 -34.47 -14.59 -41.40
CA LEU O 50 -34.97 -14.96 -40.09
C LEU O 50 -36.38 -15.52 -40.27
N THR O 51 -36.52 -16.83 -40.10
CA THR O 51 -37.77 -17.50 -40.43
C THR O 51 -38.86 -17.24 -39.42
N GLN O 52 -38.52 -16.70 -38.26
CA GLN O 52 -39.53 -16.41 -37.26
C GLN O 52 -40.35 -15.19 -37.61
N ALA O 53 -39.81 -14.29 -38.43
CA ALA O 53 -40.52 -13.08 -38.83
C ALA O 53 -40.89 -13.10 -40.30
N THR O 54 -40.78 -14.25 -40.95
CA THR O 54 -41.10 -14.38 -42.36
C THR O 54 -42.49 -14.97 -42.50
N SER O 55 -43.33 -14.33 -43.30
CA SER O 55 -44.71 -14.77 -43.43
C SER O 55 -44.81 -16.02 -44.29
N GLU O 56 -46.02 -16.57 -44.32
CA GLU O 56 -46.29 -17.77 -45.12
C GLU O 56 -46.18 -17.47 -46.62
N ASP O 57 -46.68 -16.32 -47.05
CA ASP O 57 -46.62 -15.94 -48.46
C ASP O 57 -45.22 -15.67 -48.93
N GLY O 58 -44.33 -15.23 -48.04
CA GLY O 58 -43.06 -14.69 -48.43
C GLY O 58 -43.06 -13.19 -48.69
N THR O 59 -44.22 -12.54 -48.60
CA THR O 59 -44.33 -11.12 -48.88
C THR O 59 -43.80 -10.24 -47.76
N SER O 60 -43.46 -10.81 -46.62
CA SER O 60 -42.95 -10.04 -45.49
C SER O 60 -41.87 -10.87 -44.83
N ALA O 61 -40.67 -10.31 -44.72
CA ALA O 61 -39.55 -11.11 -44.25
C ALA O 61 -38.58 -10.22 -43.51
N SER O 62 -37.66 -10.86 -42.82
CA SER O 62 -36.53 -10.19 -42.21
C SER O 62 -35.26 -10.92 -42.57
N PHE O 63 -34.17 -10.17 -42.59
CA PHE O 63 -32.88 -10.66 -43.04
C PHE O 63 -31.88 -10.32 -41.97
N GLN O 64 -30.74 -10.99 -41.99
CA GLN O 64 -29.66 -10.60 -41.08
C GLN O 64 -28.33 -10.82 -41.77
N ILE O 65 -27.58 -9.74 -41.93
CA ILE O 65 -26.32 -9.75 -42.66
C ILE O 65 -25.18 -9.59 -41.69
N VAL O 66 -24.17 -10.39 -41.82
CA VAL O 66 -23.04 -10.30 -40.92
C VAL O 66 -22.04 -9.32 -41.52
N GLU O 67 -21.29 -8.67 -40.63
CA GLU O 67 -20.25 -7.69 -40.97
C GLU O 67 -20.79 -6.54 -41.82
N GLU O 68 -21.91 -5.97 -41.38
CA GLU O 68 -22.46 -4.77 -41.99
C GLU O 68 -22.91 -3.79 -40.92
N ASP O 69 -23.14 -2.56 -41.37
CA ASP O 69 -23.51 -1.46 -40.50
C ASP O 69 -24.36 -0.51 -41.32
N HIS O 70 -24.42 0.76 -40.91
CA HIS O 70 -25.15 1.81 -41.58
C HIS O 70 -24.70 2.07 -43.01
N THR O 71 -23.56 1.55 -43.44
CA THR O 71 -22.99 1.89 -44.73
C THR O 71 -23.83 1.33 -45.86
N LEU O 72 -24.05 0.01 -45.86
CA LEU O 72 -24.89 -0.54 -46.91
C LEU O 72 -26.35 -0.52 -46.54
N GLY O 73 -26.67 -0.64 -45.25
CA GLY O 73 -28.06 -0.75 -44.84
C GLY O 73 -28.87 0.50 -45.10
N ASN O 74 -28.24 1.66 -45.02
CA ASN O 74 -28.94 2.89 -45.35
C ASN O 74 -29.01 3.11 -46.84
N ALA O 75 -27.98 2.69 -47.57
CA ALA O 75 -28.01 2.82 -49.02
C ALA O 75 -28.94 1.81 -49.66
N LEU O 76 -29.09 0.63 -49.05
CA LEU O 76 -29.98 -0.37 -49.60
C LEU O 76 -31.43 -0.11 -49.25
N ARG O 77 -31.69 0.49 -48.09
CA ARG O 77 -33.05 0.85 -47.72
C ARG O 77 -33.58 1.95 -48.62
N TYR O 78 -32.70 2.82 -49.11
CA TYR O 78 -33.12 3.89 -50.00
C TYR O 78 -33.56 3.34 -51.34
N VAL O 79 -32.89 2.31 -51.82
CA VAL O 79 -33.17 1.82 -53.17
C VAL O 79 -34.37 0.87 -53.15
N ILE O 80 -34.56 0.12 -52.07
CA ILE O 80 -35.73 -0.73 -51.94
C ILE O 80 -36.99 0.13 -51.79
N MET O 81 -36.90 1.27 -51.14
CA MET O 81 -38.07 2.13 -51.00
C MET O 81 -38.41 2.91 -52.25
N LYS O 82 -37.69 2.71 -53.33
CA LYS O 82 -38.11 3.22 -54.62
C LYS O 82 -38.84 2.18 -55.44
N ASN O 83 -39.15 1.06 -54.86
CA ASN O 83 -39.98 0.05 -55.50
C ASN O 83 -41.44 0.39 -55.22
N PRO O 84 -42.30 0.48 -56.23
CA PRO O 84 -43.71 0.77 -55.97
C PRO O 84 -44.50 -0.40 -55.39
N ASP O 85 -43.83 -1.48 -55.00
CA ASP O 85 -44.49 -2.62 -54.40
C ASP O 85 -44.08 -2.83 -52.95
N VAL O 86 -43.10 -2.11 -52.46
CA VAL O 86 -42.68 -2.26 -51.08
C VAL O 86 -43.56 -1.40 -50.19
N GLU O 87 -44.19 -2.02 -49.20
CA GLU O 87 -45.05 -1.36 -48.24
C GLU O 87 -44.28 -0.87 -47.02
N PHE O 88 -43.24 -1.59 -46.61
CA PHE O 88 -42.47 -1.23 -45.44
C PHE O 88 -41.04 -1.63 -45.69
N CYS O 89 -40.11 -0.78 -45.29
CA CYS O 89 -38.71 -1.15 -45.33
C CYS O 89 -37.96 -0.33 -44.31
N GLY O 90 -37.03 -0.97 -43.63
CA GLY O 90 -36.15 -0.27 -42.72
C GLY O 90 -35.04 -1.20 -42.32
N TYR O 91 -33.87 -0.63 -42.08
CA TYR O 91 -32.78 -1.41 -41.51
C TYR O 91 -32.73 -1.16 -40.03
N SER O 92 -31.97 -1.99 -39.34
CA SER O 92 -31.83 -1.87 -37.90
C SER O 92 -30.58 -2.60 -37.46
N ILE O 93 -29.85 -1.98 -36.55
CA ILE O 93 -28.67 -2.58 -35.94
C ILE O 93 -29.01 -2.91 -34.50
N PRO O 94 -29.03 -4.18 -34.12
CA PRO O 94 -29.47 -4.58 -32.77
C PRO O 94 -28.57 -4.07 -31.66
N HIS O 95 -27.27 -4.24 -31.82
CA HIS O 95 -26.35 -3.74 -30.85
C HIS O 95 -25.16 -3.25 -31.66
N PRO O 96 -24.48 -2.19 -31.22
CA PRO O 96 -23.31 -1.72 -31.96
C PRO O 96 -22.12 -2.64 -31.85
N SER O 97 -22.07 -3.47 -30.82
CA SER O 97 -20.87 -4.24 -30.54
C SER O 97 -20.81 -5.53 -31.33
N GLU O 98 -21.92 -5.98 -31.89
CA GLU O 98 -21.82 -7.01 -32.91
C GLU O 98 -22.19 -6.46 -34.27
N ASN O 99 -21.57 -7.02 -35.30
CA ASN O 99 -21.67 -6.52 -36.66
C ASN O 99 -22.75 -7.31 -37.41
N LEU O 100 -23.99 -6.97 -37.10
CA LEU O 100 -25.17 -7.62 -37.65
C LEU O 100 -26.13 -6.54 -38.13
N LEU O 101 -26.77 -6.80 -39.26
CA LEU O 101 -27.66 -5.83 -39.88
C LEU O 101 -28.98 -6.50 -40.21
N ASN O 102 -30.04 -6.12 -39.51
CA ASN O 102 -31.38 -6.58 -39.82
C ASN O 102 -32.02 -5.58 -40.77
N ILE O 103 -32.49 -6.06 -41.92
CA ILE O 103 -33.36 -5.25 -42.75
C ILE O 103 -34.68 -6.00 -42.89
N ARG O 104 -35.78 -5.27 -42.94
CA ARG O 104 -37.10 -5.87 -43.03
C ARG O 104 -37.82 -5.32 -44.23
N ILE O 105 -38.36 -6.19 -45.07
CA ILE O 105 -39.14 -5.79 -46.23
C ILE O 105 -40.53 -6.36 -46.07
N GLN O 106 -41.54 -5.54 -46.30
CA GLN O 106 -42.92 -5.97 -46.40
C GLN O 106 -43.48 -5.43 -47.70
N THR O 107 -43.93 -6.31 -48.58
CA THR O 107 -44.48 -5.87 -49.84
C THR O 107 -46.00 -5.80 -49.74
N TYR O 108 -46.63 -5.31 -50.79
CA TYR O 108 -48.09 -5.29 -50.82
C TYR O 108 -48.69 -6.61 -51.25
N GLY O 109 -47.86 -7.55 -51.66
CA GLY O 109 -48.29 -8.67 -52.46
C GLY O 109 -47.58 -8.64 -53.79
N GLU O 110 -47.90 -9.63 -54.62
CA GLU O 110 -47.53 -9.80 -56.03
C GLU O 110 -46.01 -9.82 -56.28
N THR O 111 -45.20 -9.84 -55.23
CA THR O 111 -43.75 -9.86 -55.24
C THR O 111 -43.31 -10.19 -53.83
N THR O 112 -42.48 -11.22 -53.66
CA THR O 112 -42.06 -11.57 -52.32
C THR O 112 -40.99 -10.59 -51.84
N ALA O 113 -40.64 -10.68 -50.57
CA ALA O 113 -39.62 -9.80 -50.02
C ALA O 113 -38.22 -10.23 -50.39
N VAL O 114 -38.05 -11.42 -50.97
CA VAL O 114 -36.75 -11.79 -51.51
C VAL O 114 -36.62 -11.22 -52.91
N ASP O 115 -37.73 -11.14 -53.66
CA ASP O 115 -37.69 -10.54 -54.97
C ASP O 115 -37.46 -9.04 -54.89
N ALA O 116 -37.93 -8.41 -53.83
CA ALA O 116 -37.72 -6.97 -53.66
C ALA O 116 -36.38 -6.66 -53.04
N LEU O 117 -35.73 -7.61 -52.38
CA LEU O 117 -34.38 -7.37 -51.90
C LEU O 117 -33.40 -7.38 -53.05
N GLN O 118 -33.57 -8.30 -53.99
CA GLN O 118 -32.62 -8.42 -55.08
C GLN O 118 -32.91 -7.49 -56.23
N LYS O 119 -34.10 -6.92 -56.32
CA LYS O 119 -34.26 -5.77 -57.20
C LYS O 119 -33.53 -4.57 -56.64
N GLY O 120 -33.46 -4.47 -55.32
CA GLY O 120 -32.77 -3.38 -54.68
C GLY O 120 -31.26 -3.47 -54.76
N LEU O 121 -30.72 -4.69 -54.62
CA LEU O 121 -29.28 -4.86 -54.80
C LEU O 121 -28.89 -4.70 -56.26
N LYS O 122 -29.77 -5.03 -57.19
CA LYS O 122 -29.45 -4.84 -58.59
C LYS O 122 -29.52 -3.37 -58.98
N ASP O 123 -30.46 -2.63 -58.41
CA ASP O 123 -30.54 -1.21 -58.71
C ASP O 123 -29.53 -0.38 -57.93
N LEU O 124 -28.79 -0.97 -57.00
CA LEU O 124 -27.68 -0.30 -56.34
C LEU O 124 -26.36 -0.64 -56.97
N MET O 125 -26.26 -1.81 -57.61
CA MET O 125 -25.16 -2.06 -58.51
C MET O 125 -25.22 -1.12 -59.70
N ASP O 126 -26.41 -0.90 -60.24
CA ASP O 126 -26.57 -0.05 -61.40
C ASP O 126 -26.34 1.41 -61.05
N LEU O 127 -26.64 1.79 -59.82
CA LEU O 127 -26.49 3.17 -59.39
C LEU O 127 -25.03 3.55 -59.18
N CYS O 128 -24.18 2.58 -58.89
CA CYS O 128 -22.75 2.89 -58.77
C CYS O 128 -22.03 2.83 -60.11
N ASP O 129 -22.65 2.25 -61.14
CA ASP O 129 -22.08 2.33 -62.46
C ASP O 129 -22.32 3.68 -63.11
N VAL O 130 -23.39 4.37 -62.70
CA VAL O 130 -23.67 5.69 -63.23
C VAL O 130 -22.72 6.72 -62.62
N VAL O 131 -22.44 6.60 -61.32
CA VAL O 131 -21.54 7.51 -60.64
C VAL O 131 -20.11 7.30 -61.11
N GLU O 132 -19.75 6.05 -61.41
CA GLU O 132 -18.41 5.78 -61.91
C GLU O 132 -18.23 6.31 -63.32
N SER O 133 -19.28 6.28 -64.13
CA SER O 133 -19.14 6.73 -65.51
C SER O 133 -19.10 8.24 -65.61
N LYS O 134 -19.92 8.94 -64.82
CA LYS O 134 -19.88 10.41 -64.81
C LYS O 134 -18.58 10.94 -64.24
N PHE O 135 -17.98 10.24 -63.30
CA PHE O 135 -16.73 10.68 -62.72
C PHE O 135 -15.52 10.31 -63.58
N THR O 136 -15.64 9.26 -64.39
CA THR O 136 -14.62 8.96 -65.38
C THR O 136 -14.63 9.98 -66.50
N GLU O 137 -15.81 10.35 -66.98
CA GLU O 137 -15.93 11.26 -68.11
C GLU O 137 -15.48 12.66 -67.76
N LYS O 138 -15.55 13.02 -66.49
CA LYS O 138 -15.34 14.40 -66.11
C LYS O 138 -13.91 14.64 -65.62
N ILE O 139 -13.17 13.58 -65.30
CA ILE O 139 -11.72 13.72 -65.12
C ILE O 139 -11.04 13.84 -66.47
N LYS O 140 -11.49 13.07 -67.45
CA LYS O 140 -10.98 13.19 -68.82
C LYS O 140 -11.44 14.44 -69.51
N SER O 141 -12.39 15.18 -68.95
CA SER O 141 -12.85 16.43 -69.51
C SER O 141 -12.09 17.64 -68.99
N MET O 142 -11.17 17.48 -68.05
CA MET O 142 -10.42 18.62 -67.56
C MET O 142 -9.37 19.05 -68.58
N THR P 26 28.44 -11.46 -25.40
CA THR P 26 28.96 -11.25 -24.07
C THR P 26 27.95 -10.56 -23.16
N LEU P 27 27.61 -11.25 -22.07
CA LEU P 27 26.82 -10.68 -20.98
C LEU P 27 27.57 -9.51 -20.33
N LYS P 28 26.90 -8.36 -20.23
CA LYS P 28 27.58 -7.17 -19.74
C LYS P 28 26.71 -6.36 -18.81
N TYR P 29 27.32 -5.37 -18.18
CA TYR P 29 26.67 -4.44 -17.28
C TYR P 29 27.19 -3.06 -17.60
N ILE P 30 26.65 -2.05 -16.93
CA ILE P 30 27.06 -0.66 -17.11
C ILE P 30 27.25 -0.04 -15.74
N CYS P 31 28.35 0.68 -15.56
CA CYS P 31 28.61 1.38 -14.31
C CYS P 31 27.56 2.47 -14.29
N ALA P 32 26.89 2.66 -13.16
CA ALA P 32 25.82 3.65 -13.09
C ALA P 32 26.33 5.05 -12.83
N GLU P 33 27.62 5.24 -12.60
CA GLU P 33 28.18 6.55 -12.34
C GLU P 33 29.02 7.08 -13.49
N CYS P 34 29.77 6.22 -14.20
CA CYS P 34 30.63 6.69 -15.25
C CYS P 34 30.39 6.03 -16.60
N SER P 35 29.36 5.19 -16.72
CA SER P 35 28.90 4.58 -17.98
C SER P 35 29.99 3.76 -18.65
N SER P 36 30.77 3.04 -17.86
CA SER P 36 31.81 2.18 -18.36
C SER P 36 31.30 0.75 -18.39
N LYS P 37 31.40 0.12 -19.56
CA LYS P 37 30.91 -1.24 -19.70
C LYS P 37 31.83 -2.22 -19.00
N LEU P 38 31.29 -3.39 -18.71
CA LEU P 38 31.77 -4.17 -17.58
C LEU P 38 31.09 -5.53 -17.61
N SER P 39 31.75 -6.52 -17.02
CA SER P 39 31.12 -7.82 -16.83
C SER P 39 31.69 -8.47 -15.59
N LEU P 40 30.85 -9.24 -14.90
CA LEU P 40 31.20 -9.87 -13.64
C LEU P 40 30.86 -11.34 -13.72
N SER P 41 31.74 -12.20 -13.20
CA SER P 41 31.51 -13.63 -13.31
C SER P 41 31.28 -14.31 -11.97
N ARG P 42 32.28 -14.35 -11.10
CA ARG P 42 32.26 -15.10 -9.86
C ARG P 42 33.53 -14.75 -9.08
N THR P 43 33.39 -14.68 -7.76
CA THR P 43 34.39 -14.08 -6.85
C THR P 43 34.74 -12.69 -7.34
N ASP P 44 33.71 -11.95 -7.75
CA ASP P 44 33.85 -10.64 -8.38
C ASP P 44 32.89 -9.72 -7.67
N ALA P 45 33.43 -8.68 -7.04
CA ALA P 45 32.58 -7.77 -6.27
C ALA P 45 31.75 -6.91 -7.21
N VAL P 46 30.55 -6.54 -6.73
CA VAL P 46 29.68 -5.68 -7.51
C VAL P 46 30.24 -4.28 -7.34
N ARG P 47 31.16 -3.90 -8.22
CA ARG P 47 31.77 -2.59 -8.22
C ARG P 47 32.17 -2.26 -9.64
N CYS P 48 32.44 -0.99 -9.87
CA CYS P 48 32.92 -0.47 -11.12
C CYS P 48 34.41 -0.66 -11.03
N LYS P 49 35.04 -1.13 -12.10
CA LYS P 49 36.49 -1.29 -12.03
C LYS P 49 37.19 0.05 -12.08
N ASP P 50 36.58 1.02 -12.75
CA ASP P 50 37.24 2.28 -13.06
C ASP P 50 37.05 3.29 -11.94
N CYS P 51 35.82 3.64 -11.64
CA CYS P 51 35.52 4.26 -10.35
C CYS P 51 35.16 3.13 -9.42
N GLY P 52 34.62 3.42 -8.25
CA GLY P 52 34.29 2.32 -7.37
C GLY P 52 32.82 2.22 -7.07
N HIS P 53 31.98 2.45 -8.06
CA HIS P 53 30.56 2.65 -7.80
C HIS P 53 29.90 1.31 -7.57
N ARG P 54 29.08 1.23 -6.53
CA ARG P 54 28.48 -0.02 -6.10
C ARG P 54 27.20 -0.36 -6.84
N ILE P 55 26.70 0.53 -7.69
CA ILE P 55 25.44 0.34 -8.38
C ILE P 55 25.74 0.11 -9.85
N LEU P 56 25.29 -1.03 -10.36
CA LEU P 56 25.50 -1.48 -11.76
C LEU P 56 24.12 -1.71 -12.39
N LEU P 57 23.92 -1.32 -13.64
CA LEU P 57 22.67 -1.51 -14.35
C LEU P 57 22.91 -2.36 -15.57
N LYS P 58 22.03 -3.32 -15.79
CA LYS P 58 22.20 -4.29 -16.85
C LYS P 58 21.95 -3.64 -18.20
N ALA P 59 22.80 -3.97 -19.17
CA ALA P 59 22.65 -3.47 -20.53
C ALA P 59 21.77 -4.41 -21.34
N ARG P 60 21.17 -3.88 -22.40
CA ARG P 60 20.40 -4.74 -23.29
C ARG P 60 21.19 -5.08 -24.54
N THR P 61 21.13 -6.35 -24.88
CA THR P 61 21.86 -6.92 -25.99
C THR P 61 20.88 -7.22 -27.11
N LYS P 62 21.41 -7.71 -28.23
CA LYS P 62 20.58 -8.00 -29.39
C LYS P 62 19.71 -9.19 -29.09
N ARG P 63 18.43 -8.94 -28.83
CA ARG P 63 17.50 -10.02 -28.56
C ARG P 63 16.13 -9.64 -29.10
N LEU P 64 15.48 -10.58 -29.75
CA LEU P 64 14.23 -10.33 -30.44
C LEU P 64 13.06 -10.14 -29.48
N VAL P 65 12.33 -9.04 -29.64
CA VAL P 65 11.00 -8.88 -29.08
C VAL P 65 10.07 -8.41 -30.19
N GLN P 66 8.82 -8.85 -30.16
CA GLN P 66 7.88 -8.50 -31.21
C GLN P 66 6.73 -7.69 -30.65
N PHE P 67 6.23 -6.80 -31.48
CA PHE P 67 5.18 -5.88 -31.13
C PHE P 67 4.21 -5.78 -32.28
N GLU P 68 2.93 -5.68 -31.97
CA GLU P 68 1.99 -5.18 -32.95
C GLU P 68 2.12 -3.67 -33.00
N ALA P 69 2.08 -3.10 -34.20
CA ALA P 69 2.24 -1.66 -34.37
C ALA P 69 0.91 -0.97 -34.09
N ARG P 70 0.49 -1.04 -32.83
CA ARG P 70 -0.78 -0.50 -32.37
C ARG P 70 -0.59 0.08 -30.97
N SER Q 48 13.66 -85.95 2.74
CA SER Q 48 13.97 -84.84 3.63
C SER Q 48 12.88 -83.77 3.59
N ALA Q 49 11.73 -84.14 3.04
CA ALA Q 49 10.59 -83.24 2.95
C ALA Q 49 9.62 -83.40 4.12
N ALA Q 50 9.97 -84.23 5.10
CA ALA Q 50 9.08 -84.47 6.23
C ALA Q 50 9.36 -83.55 7.41
N MET Q 51 10.62 -83.20 7.65
CA MET Q 51 10.95 -82.29 8.75
C MET Q 51 10.41 -80.89 8.48
N TYR Q 52 10.37 -80.48 7.21
CA TYR Q 52 9.73 -79.22 6.86
C TYR Q 52 8.21 -79.29 7.05
N SER Q 53 7.65 -80.50 6.95
CA SER Q 53 6.22 -80.71 7.21
C SER Q 53 5.91 -80.76 8.70
N ARG Q 54 6.92 -80.93 9.55
CA ARG Q 54 6.72 -80.79 10.98
C ARG Q 54 6.90 -79.36 11.45
N PHE Q 55 7.58 -78.52 10.67
CA PHE Q 55 7.75 -77.13 11.06
C PHE Q 55 6.45 -76.35 10.90
N VAL Q 56 5.66 -76.69 9.89
CA VAL Q 56 4.37 -76.02 9.73
C VAL Q 56 3.34 -76.59 10.70
N LYS Q 57 3.49 -77.86 11.11
CA LYS Q 57 2.57 -78.44 12.07
C LYS Q 57 2.92 -78.01 13.49
N SER Q 58 4.20 -77.75 13.76
CA SER Q 58 4.57 -77.08 15.01
C SER Q 58 4.13 -75.63 14.99
N ALA Q 59 4.08 -75.02 13.81
CA ALA Q 59 3.59 -73.66 13.69
C ALA Q 59 2.09 -73.57 13.82
N LEU Q 60 1.38 -74.68 13.59
CA LEU Q 60 -0.08 -74.67 13.51
C LEU Q 60 -0.73 -74.47 14.86
N ASP Q 61 -0.08 -74.90 15.94
CA ASP Q 61 -0.57 -74.74 17.30
C ASP Q 61 0.06 -73.54 18.00
N ASP Q 62 0.74 -72.69 17.26
CA ASP Q 62 1.33 -71.50 17.85
C ASP Q 62 0.33 -70.36 17.98
N LEU Q 63 -0.72 -70.37 17.16
CA LEU Q 63 -1.86 -69.50 17.43
C LEU Q 63 -2.60 -69.93 18.70
N ASP Q 64 -2.51 -71.21 19.07
CA ASP Q 64 -2.98 -71.63 20.37
C ASP Q 64 -2.02 -71.20 21.48
N LYS Q 65 -0.73 -71.05 21.15
CA LYS Q 65 0.21 -70.34 22.01
C LYS Q 65 0.07 -68.84 21.92
N ASN Q 66 -0.70 -68.35 20.94
CA ASN Q 66 -1.09 -66.94 20.78
C ASN Q 66 0.13 -66.03 20.55
N ASP Q 67 0.89 -66.33 19.50
CA ASP Q 67 2.01 -65.49 19.11
C ASP Q 67 1.90 -64.97 17.67
N SER Q 68 1.55 -65.85 16.72
CA SER Q 68 1.66 -65.62 15.27
C SER Q 68 3.04 -65.10 14.88
N THR Q 69 4.08 -65.79 15.36
CA THR Q 69 5.45 -65.34 15.17
C THR Q 69 6.13 -66.06 14.02
N GLN Q 70 6.17 -67.39 14.04
CA GLN Q 70 6.77 -68.14 12.95
C GLN Q 70 5.86 -68.24 11.75
N ILE Q 71 4.56 -67.96 11.92
CA ILE Q 71 3.65 -67.86 10.78
C ILE Q 71 4.02 -66.69 9.90
N GLY Q 72 4.41 -65.57 10.50
CA GLY Q 72 4.81 -64.38 9.80
C GLY Q 72 6.07 -64.50 8.97
N ILE Q 73 6.81 -65.60 9.10
CA ILE Q 73 7.88 -65.94 8.20
C ILE Q 73 7.46 -67.03 7.21
N ILE Q 74 6.64 -67.99 7.64
CA ILE Q 74 6.09 -69.00 6.72
C ILE Q 74 5.16 -68.35 5.70
N ALA Q 75 4.14 -67.65 6.18
CA ALA Q 75 3.14 -67.05 5.29
C ALA Q 75 3.72 -65.95 4.43
N ASN Q 76 4.79 -65.29 4.89
CA ASN Q 76 5.48 -64.32 4.05
C ASN Q 76 6.20 -65.03 2.91
N GLN Q 77 6.69 -66.25 3.17
CA GLN Q 77 7.59 -66.93 2.25
C GLN Q 77 6.88 -67.44 1.01
N VAL Q 78 5.57 -67.62 1.08
CA VAL Q 78 4.79 -68.10 -0.06
C VAL Q 78 4.23 -66.95 -0.91
N ALA Q 79 4.06 -65.76 -0.32
CA ALA Q 79 3.58 -64.59 -1.05
C ALA Q 79 4.69 -63.78 -1.70
N LEU Q 80 5.82 -64.39 -2.01
CA LEU Q 80 6.83 -63.71 -2.79
C LEU Q 80 6.39 -63.56 -4.23
N PRO Q 81 6.90 -62.54 -4.94
CA PRO Q 81 6.64 -62.44 -6.38
C PRO Q 81 7.20 -63.62 -7.15
N SER Q 82 6.55 -63.94 -8.28
CA SER Q 82 6.87 -65.14 -9.03
C SER Q 82 8.06 -64.96 -9.98
N LYS Q 83 8.91 -63.98 -9.74
CA LYS Q 83 10.25 -63.93 -10.29
C LYS Q 83 11.30 -63.94 -9.20
N ASN Q 84 10.91 -64.18 -7.95
CA ASN Q 84 11.80 -64.06 -6.81
C ASN Q 84 12.09 -65.45 -6.28
N PRO Q 85 13.32 -65.96 -6.40
CA PRO Q 85 13.58 -67.39 -6.19
C PRO Q 85 13.52 -67.87 -4.75
N GLU Q 86 13.21 -67.02 -3.77
CA GLU Q 86 12.91 -67.49 -2.42
C GLU Q 86 11.42 -67.73 -2.22
N ARG Q 87 10.68 -68.06 -3.27
CA ARG Q 87 9.29 -68.42 -3.16
C ARG Q 87 9.20 -69.89 -2.75
N ILE Q 88 8.01 -70.45 -2.84
CA ILE Q 88 7.80 -71.86 -2.52
C ILE Q 88 7.86 -72.65 -3.82
N ASN Q 89 8.15 -73.94 -3.73
CA ASN Q 89 8.13 -74.81 -4.90
C ASN Q 89 7.03 -75.87 -4.74
N ASP Q 90 6.87 -76.70 -5.78
CA ASP Q 90 5.80 -77.68 -5.85
C ASP Q 90 5.93 -78.81 -4.85
N LYS Q 91 7.14 -79.03 -4.31
CA LYS Q 91 7.32 -79.96 -3.20
C LYS Q 91 6.78 -79.35 -1.91
N ASN Q 92 7.30 -78.20 -1.53
CA ASN Q 92 6.96 -77.56 -0.26
C ASN Q 92 5.57 -76.94 -0.28
N LEU Q 93 4.95 -76.78 -1.45
CA LEU Q 93 3.57 -76.33 -1.49
C LEU Q 93 2.62 -77.44 -1.07
N ASN Q 94 2.84 -78.66 -1.58
CA ASN Q 94 2.01 -79.80 -1.18
C ASN Q 94 2.27 -80.20 0.27
N ILE Q 95 3.46 -79.88 0.77
CA ILE Q 95 3.73 -79.95 2.20
C ILE Q 95 2.82 -78.99 2.97
N LEU Q 96 2.77 -77.73 2.54
CA LEU Q 96 1.96 -76.73 3.21
C LEU Q 96 0.46 -76.93 3.00
N LEU Q 97 0.07 -77.43 1.82
CA LEU Q 97 -1.32 -77.34 1.39
C LEU Q 97 -2.22 -78.24 2.23
N ASP Q 98 -1.80 -79.48 2.48
CA ASP Q 98 -2.65 -80.44 3.14
C ASP Q 98 -2.50 -80.45 4.65
N ILE Q 99 -1.58 -79.64 5.19
CA ILE Q 99 -1.70 -79.26 6.59
C ILE Q 99 -2.91 -78.34 6.77
N LEU Q 100 -3.23 -77.57 5.73
CA LEU Q 100 -4.35 -76.66 5.74
C LEU Q 100 -5.64 -77.27 5.22
N SER Q 101 -5.57 -78.30 4.39
CA SER Q 101 -6.76 -78.96 3.89
C SER Q 101 -7.32 -79.99 4.85
N SER Q 102 -6.65 -80.22 5.98
CA SER Q 102 -7.16 -81.11 7.01
C SER Q 102 -7.38 -80.44 8.35
N ASN Q 103 -6.75 -79.30 8.60
CA ASN Q 103 -6.77 -78.68 9.93
C ASN Q 103 -7.01 -77.19 9.82
N ILE Q 104 -8.04 -76.79 9.06
CA ILE Q 104 -8.33 -75.38 8.81
C ILE Q 104 -9.14 -74.79 9.97
N ASN Q 105 -9.46 -75.64 10.97
CA ASN Q 105 -10.31 -75.29 12.10
C ASN Q 105 -9.78 -74.16 12.97
N ARG Q 106 -8.51 -73.77 12.84
CA ARG Q 106 -7.98 -72.70 13.65
C ARG Q 106 -7.28 -71.62 12.84
N ILE Q 107 -7.08 -71.80 11.54
CA ILE Q 107 -6.66 -70.70 10.68
C ILE Q 107 -7.78 -69.67 10.55
N GLU Q 108 -9.03 -70.10 10.75
CA GLU Q 108 -10.23 -69.27 10.72
C GLU Q 108 -10.27 -68.15 11.75
N SER Q 109 -9.30 -68.11 12.67
CA SER Q 109 -9.22 -67.10 13.70
C SER Q 109 -8.84 -65.74 13.11
N SER Q 110 -8.82 -64.73 13.98
CA SER Q 110 -8.57 -63.36 13.60
C SER Q 110 -7.11 -63.09 13.27
N ARG Q 111 -6.20 -64.02 13.56
CA ARG Q 111 -4.80 -63.85 13.21
C ARG Q 111 -4.28 -64.91 12.24
N GLY Q 112 -4.98 -66.02 12.08
CA GLY Q 112 -4.66 -66.95 11.01
C GLY Q 112 -5.13 -66.51 9.65
N THR Q 113 -5.90 -65.42 9.61
CA THR Q 113 -6.44 -64.85 8.37
C THR Q 113 -5.35 -64.50 7.36
N PHE Q 114 -4.18 -64.05 7.84
CA PHE Q 114 -3.18 -63.47 6.95
C PHE Q 114 -2.53 -64.51 6.05
N LEU Q 115 -2.38 -65.75 6.51
CA LEU Q 115 -1.78 -66.75 5.64
C LEU Q 115 -2.71 -67.14 4.50
N ILE Q 116 -4.02 -66.98 4.69
CA ILE Q 116 -4.98 -67.23 3.62
C ILE Q 116 -4.80 -66.21 2.50
N GLN Q 117 -4.49 -64.96 2.87
CA GLN Q 117 -4.20 -63.92 1.89
C GLN Q 117 -3.02 -64.30 1.01
N SER Q 118 -2.00 -64.90 1.60
CA SER Q 118 -0.82 -65.30 0.86
C SER Q 118 -1.09 -66.53 0.00
N ILE Q 119 -2.06 -67.35 0.39
CA ILE Q 119 -2.47 -68.46 -0.47
C ILE Q 119 -3.35 -67.96 -1.61
N ILE Q 120 -4.21 -66.99 -1.31
CA ILE Q 120 -5.05 -66.37 -2.33
C ILE Q 120 -4.22 -65.55 -3.30
N ASN Q 121 -3.37 -64.65 -2.78
CA ASN Q 121 -2.54 -63.81 -3.63
C ASN Q 121 -1.20 -64.47 -3.98
N PHE Q 122 -1.13 -65.79 -3.89
CA PHE Q 122 -0.03 -66.56 -4.47
C PHE Q 122 -0.13 -66.44 -5.97
N GLU Q 123 0.72 -65.61 -6.55
CA GLU Q 123 0.49 -65.14 -7.91
C GLU Q 123 0.90 -66.19 -8.92
N LYS Q 124 0.37 -66.02 -10.14
CA LYS Q 124 0.61 -66.88 -11.31
C LYS Q 124 0.18 -68.32 -11.03
N TRP Q 125 -0.87 -68.48 -10.22
CA TRP Q 125 -1.12 -69.76 -9.56
C TRP Q 125 -1.58 -70.86 -10.50
N TRP Q 126 -1.99 -70.55 -11.73
CA TRP Q 126 -2.39 -71.54 -12.72
C TRP Q 126 -1.21 -72.18 -13.43
N GLU Q 127 0.02 -71.81 -13.07
CA GLU Q 127 1.22 -72.28 -13.72
C GLU Q 127 1.80 -73.51 -13.03
N LEU Q 128 0.98 -74.32 -12.44
CA LEU Q 128 1.48 -75.42 -11.64
C LEU Q 128 1.29 -76.75 -12.37
N PRO Q 129 2.14 -77.74 -12.09
CA PRO Q 129 1.89 -79.08 -12.60
C PRO Q 129 0.66 -79.68 -11.92
N PRO Q 130 -0.03 -80.62 -12.58
CA PRO Q 130 -1.36 -81.04 -12.09
C PRO Q 130 -1.36 -81.77 -10.76
N HIS Q 131 -0.24 -82.36 -10.34
CA HIS Q 131 -0.14 -82.94 -9.01
C HIS Q 131 0.15 -81.88 -7.95
N THR Q 132 0.30 -80.63 -8.37
CA THR Q 132 0.36 -79.50 -7.48
C THR Q 132 -0.74 -78.49 -7.78
N LEU Q 133 -1.24 -78.46 -9.02
CA LEU Q 133 -2.31 -77.54 -9.41
C LEU Q 133 -3.66 -78.05 -8.94
N SER Q 134 -3.99 -79.30 -9.25
CA SER Q 134 -5.30 -79.85 -8.89
C SER Q 134 -5.43 -80.11 -7.40
N LYS Q 135 -4.34 -80.02 -6.64
CA LYS Q 135 -4.43 -79.99 -5.19
C LYS Q 135 -4.66 -78.58 -4.67
N TYR Q 136 -4.17 -77.58 -5.41
CA TYR Q 136 -4.47 -76.19 -5.07
C TYR Q 136 -5.89 -75.82 -5.46
N ILE Q 137 -6.40 -76.41 -6.54
CA ILE Q 137 -7.81 -76.25 -6.89
C ILE Q 137 -8.69 -76.93 -5.85
N TYR Q 138 -8.22 -78.05 -5.31
CA TYR Q 138 -8.96 -78.75 -4.25
C TYR Q 138 -9.01 -77.93 -2.96
N PHE Q 139 -8.01 -77.08 -2.73
CA PHE Q 139 -8.00 -76.28 -1.52
C PHE Q 139 -9.02 -75.16 -1.58
N ILE Q 140 -9.20 -74.55 -2.76
CA ILE Q 140 -10.13 -73.44 -2.87
C ILE Q 140 -11.56 -73.94 -2.81
N LYS Q 141 -11.80 -75.14 -3.33
CA LYS Q 141 -13.15 -75.71 -3.32
C LYS Q 141 -13.59 -76.12 -1.92
N ILE Q 142 -12.67 -76.18 -0.95
CA ILE Q 142 -13.05 -76.44 0.43
C ILE Q 142 -12.92 -75.21 1.31
N LEU Q 143 -11.96 -74.33 1.04
CA LEU Q 143 -11.82 -73.08 1.81
C LEU Q 143 -13.02 -72.17 1.58
N CYS Q 144 -13.44 -72.03 0.34
CA CYS Q 144 -14.59 -71.21 0.02
C CYS Q 144 -15.90 -71.97 0.18
N SER Q 145 -15.87 -73.17 0.75
CA SER Q 145 -17.05 -73.87 1.21
C SER Q 145 -17.07 -74.07 2.71
N SER Q 146 -15.90 -74.02 3.37
CA SER Q 146 -15.87 -73.99 4.82
C SER Q 146 -16.23 -72.62 5.35
N ILE Q 147 -15.55 -71.60 4.83
CA ILE Q 147 -15.82 -70.22 5.18
C ILE Q 147 -16.16 -69.54 3.86
N PRO Q 148 -17.44 -69.34 3.52
CA PRO Q 148 -17.76 -68.58 2.31
C PRO Q 148 -17.78 -67.08 2.55
N LYS Q 149 -16.84 -66.60 3.37
CA LYS Q 149 -16.42 -65.22 3.43
C LYS Q 149 -15.28 -64.99 2.46
N TRP Q 150 -14.67 -66.07 1.98
CA TRP Q 150 -13.55 -66.00 1.08
C TRP Q 150 -13.95 -66.11 -0.38
N TRP Q 151 -15.17 -66.57 -0.66
CA TRP Q 151 -15.64 -66.48 -2.02
C TRP Q 151 -15.92 -65.05 -2.43
N GLN Q 152 -16.20 -64.19 -1.44
CA GLN Q 152 -16.14 -62.74 -1.61
C GLN Q 152 -14.81 -62.29 -2.18
N ASP Q 153 -13.71 -62.90 -1.73
CA ASP Q 153 -12.38 -62.38 -1.99
C ASP Q 153 -11.63 -63.15 -3.06
N VAL Q 154 -11.93 -64.43 -3.24
CA VAL Q 154 -11.24 -65.22 -4.25
C VAL Q 154 -11.72 -64.87 -5.65
N SER Q 155 -13.03 -64.61 -5.80
CA SER Q 155 -13.58 -64.24 -7.10
C SER Q 155 -13.12 -62.85 -7.57
N MET Q 156 -12.54 -62.04 -6.68
CA MET Q 156 -11.80 -60.86 -7.09
C MET Q 156 -10.59 -61.22 -7.96
N ILE Q 157 -10.03 -62.40 -7.76
CA ILE Q 157 -8.88 -62.83 -8.54
C ILE Q 157 -9.31 -63.54 -9.81
N LEU Q 158 -10.40 -64.30 -9.74
CA LEU Q 158 -10.84 -65.12 -10.87
C LEU Q 158 -11.32 -64.29 -12.05
N VAL Q 159 -12.02 -63.18 -11.77
CA VAL Q 159 -12.51 -62.35 -12.87
C VAL Q 159 -11.39 -61.48 -13.41
N SER Q 160 -10.49 -61.03 -12.54
CA SER Q 160 -9.35 -60.18 -12.90
C SER Q 160 -8.28 -60.90 -13.71
N CYS Q 161 -8.42 -62.20 -13.95
CA CYS Q 161 -7.52 -62.93 -14.83
C CYS Q 161 -8.24 -63.43 -16.07
N PHE Q 162 -9.40 -62.84 -16.39
CA PHE Q 162 -10.03 -63.09 -17.68
C PHE Q 162 -9.33 -62.35 -18.82
N ILE Q 163 -8.37 -61.47 -18.50
CA ILE Q 163 -7.54 -60.78 -19.49
C ILE Q 163 -6.72 -61.78 -20.30
N LEU Q 164 -6.30 -62.88 -19.68
CA LEU Q 164 -5.60 -63.96 -20.35
C LEU Q 164 -6.51 -64.63 -21.38
N PRO Q 165 -5.93 -65.30 -22.40
CA PRO Q 165 -6.78 -65.90 -23.45
C PRO Q 165 -7.61 -67.09 -23.00
N ILE Q 166 -8.33 -67.71 -23.95
CA ILE Q 166 -9.23 -68.83 -23.63
C ILE Q 166 -8.45 -70.03 -23.10
N LYS Q 167 -7.39 -70.42 -23.81
CA LYS Q 167 -6.63 -71.59 -23.43
C LYS Q 167 -5.82 -71.39 -22.15
N GLN Q 168 -5.62 -70.14 -21.73
CA GLN Q 168 -4.84 -69.86 -20.54
C GLN Q 168 -5.67 -69.97 -19.26
N THR Q 169 -6.99 -69.81 -19.37
CA THR Q 169 -7.88 -69.80 -18.22
C THR Q 169 -8.90 -70.94 -18.28
N VAL Q 170 -8.43 -72.15 -18.55
CA VAL Q 170 -9.34 -73.30 -18.43
C VAL Q 170 -9.69 -73.54 -16.96
N CYS Q 171 -8.80 -73.21 -16.03
CA CYS Q 171 -9.05 -73.40 -14.62
C CYS Q 171 -9.81 -72.24 -14.00
N HIS Q 172 -9.64 -71.02 -14.54
CA HIS Q 172 -10.36 -69.87 -14.01
C HIS Q 172 -11.85 -69.96 -14.25
N HIS Q 173 -12.26 -70.66 -15.31
CA HIS Q 173 -13.68 -70.82 -15.61
C HIS Q 173 -14.28 -72.06 -14.96
N ASP Q 174 -13.45 -73.07 -14.64
CA ASP Q 174 -13.95 -74.24 -13.95
C ASP Q 174 -14.38 -73.89 -12.53
N MET Q 175 -13.55 -73.13 -11.82
CA MET Q 175 -13.91 -72.65 -10.51
C MET Q 175 -15.06 -71.65 -10.58
N LEU Q 176 -15.17 -70.95 -11.71
CA LEU Q 176 -16.25 -70.00 -11.89
C LEU Q 176 -17.58 -70.71 -12.16
N LYS Q 177 -17.58 -71.76 -12.97
CA LYS Q 177 -18.80 -72.53 -13.18
C LYS Q 177 -19.27 -73.22 -11.89
N TYR Q 178 -18.33 -73.63 -11.06
CA TYR Q 178 -18.65 -74.53 -9.95
C TYR Q 178 -19.33 -73.81 -8.80
N PHE Q 179 -18.74 -72.72 -8.31
CA PHE Q 179 -19.31 -72.01 -7.18
C PHE Q 179 -20.63 -71.32 -7.52
N LEU Q 180 -20.83 -70.95 -8.77
CA LEU Q 180 -22.12 -70.49 -9.24
C LEU Q 180 -23.23 -71.54 -9.12
N ARG Q 181 -22.87 -72.81 -9.07
CA ARG Q 181 -23.82 -73.83 -8.66
C ARG Q 181 -23.83 -73.99 -7.15
N MET Q 182 -22.68 -73.80 -6.50
CA MET Q 182 -22.60 -74.04 -5.07
C MET Q 182 -23.13 -72.85 -4.27
N ILE Q 183 -22.77 -71.63 -4.64
CA ILE Q 183 -23.27 -70.46 -3.95
C ILE Q 183 -24.22 -69.74 -4.90
N PRO Q 184 -25.52 -69.97 -4.81
CA PRO Q 184 -26.44 -69.30 -5.73
C PRO Q 184 -26.56 -67.81 -5.47
N SER Q 185 -26.24 -67.36 -4.26
CA SER Q 185 -26.15 -65.94 -3.95
C SER Q 185 -24.78 -65.39 -4.31
N SER Q 186 -24.34 -65.64 -5.54
CA SER Q 186 -23.14 -65.01 -6.06
C SER Q 186 -23.30 -64.56 -7.50
N MET Q 187 -24.49 -64.70 -8.09
CA MET Q 187 -24.78 -63.95 -9.30
C MET Q 187 -24.85 -62.45 -9.01
N GLY Q 188 -25.19 -62.08 -7.78
CA GLY Q 188 -25.47 -60.70 -7.44
C GLY Q 188 -24.25 -59.83 -7.19
N PHE Q 189 -23.10 -60.42 -6.87
CA PHE Q 189 -21.95 -59.56 -6.61
C PHE Q 189 -20.72 -59.91 -7.44
N ILE Q 190 -20.69 -61.05 -8.12
CA ILE Q 190 -19.66 -61.26 -9.13
C ILE Q 190 -19.98 -60.41 -10.36
N ASP Q 191 -21.26 -60.07 -10.55
CA ASP Q 191 -21.67 -59.08 -11.54
C ASP Q 191 -20.97 -57.74 -11.34
N THR Q 192 -20.82 -57.31 -10.10
CA THR Q 192 -20.09 -56.06 -9.89
C THR Q 192 -18.58 -56.23 -10.04
N TYR Q 193 -18.10 -57.43 -10.32
CA TYR Q 193 -16.70 -57.68 -10.64
C TYR Q 193 -16.44 -57.75 -12.14
N LEU Q 194 -17.47 -58.03 -12.94
CA LEU Q 194 -17.33 -57.98 -14.38
C LEU Q 194 -17.08 -56.56 -14.87
N ALA Q 195 -17.87 -55.61 -14.41
CA ALA Q 195 -17.69 -54.24 -14.84
C ALA Q 195 -16.50 -53.58 -14.15
N LYS Q 196 -16.09 -54.10 -13.01
CA LYS Q 196 -14.98 -53.49 -12.29
C LYS Q 196 -13.65 -53.79 -12.97
N PHE Q 197 -13.52 -54.98 -13.55
CA PHE Q 197 -12.27 -55.41 -14.14
C PHE Q 197 -12.29 -55.39 -15.66
N PHE Q 198 -13.26 -54.70 -16.27
CA PHE Q 198 -13.18 -54.48 -17.70
C PHE Q 198 -12.06 -53.48 -17.97
N PRO Q 199 -11.25 -53.71 -19.00
CA PRO Q 199 -10.06 -52.89 -19.19
C PRO Q 199 -10.38 -51.50 -19.71
N ASN Q 200 -9.41 -50.62 -19.54
CA ASN Q 200 -9.53 -49.25 -20.00
C ASN Q 200 -9.34 -49.20 -21.51
N LYS Q 201 -10.06 -48.28 -22.14
CA LYS Q 201 -10.15 -48.22 -23.59
C LYS Q 201 -8.86 -47.72 -24.23
N ASN Q 202 -8.13 -46.82 -23.58
CA ASN Q 202 -6.88 -46.32 -24.13
C ASN Q 202 -5.67 -47.18 -23.74
N ASP Q 203 -5.91 -48.42 -23.32
CA ASP Q 203 -4.85 -49.37 -23.06
C ASP Q 203 -4.56 -50.16 -24.34
N THR Q 204 -3.84 -51.27 -24.20
CA THR Q 204 -3.44 -52.06 -25.35
C THR Q 204 -4.62 -52.84 -25.93
N ARG Q 205 -4.34 -53.65 -26.93
CA ARG Q 205 -5.38 -54.29 -27.73
C ARG Q 205 -5.61 -55.74 -27.38
N ARG Q 206 -4.64 -56.40 -26.75
CA ARG Q 206 -4.85 -57.79 -26.35
C ARG Q 206 -5.84 -57.89 -25.20
N LYS Q 207 -5.86 -56.89 -24.32
CA LYS Q 207 -6.79 -56.93 -23.19
C LYS Q 207 -8.22 -56.78 -23.65
N LEU Q 208 -8.50 -55.89 -24.60
CA LEU Q 208 -9.88 -55.73 -25.05
C LEU Q 208 -10.35 -56.83 -25.98
N VAL Q 209 -9.46 -57.71 -26.45
CA VAL Q 209 -9.93 -58.79 -27.32
C VAL Q 209 -9.99 -60.08 -26.53
N ASN Q 210 -9.21 -60.18 -25.46
CA ASN Q 210 -9.15 -61.42 -24.70
C ASN Q 210 -9.87 -61.36 -23.37
N TYR Q 211 -10.11 -60.17 -22.80
CA TYR Q 211 -11.03 -60.09 -21.67
C TYR Q 211 -12.45 -60.36 -22.14
N THR Q 212 -12.79 -59.96 -23.36
CA THR Q 212 -14.13 -60.21 -23.86
C THR Q 212 -14.32 -61.64 -24.28
N SER Q 213 -13.26 -62.32 -24.70
CA SER Q 213 -13.42 -63.69 -25.19
C SER Q 213 -13.63 -64.65 -24.02
N ASN Q 214 -12.91 -64.43 -22.92
CA ASN Q 214 -13.15 -65.20 -21.70
C ASN Q 214 -14.51 -64.85 -21.10
N LEU Q 215 -15.01 -63.65 -21.37
CA LEU Q 215 -16.32 -63.23 -20.93
C LEU Q 215 -17.43 -63.84 -21.77
N LEU Q 216 -17.12 -64.30 -22.98
CA LEU Q 216 -18.12 -65.02 -23.77
C LEU Q 216 -18.20 -66.48 -23.34
N LYS Q 217 -17.11 -67.02 -22.79
CA LYS Q 217 -17.14 -68.31 -22.13
C LYS Q 217 -18.08 -68.29 -20.94
N LEU Q 218 -18.12 -67.16 -20.22
CA LEU Q 218 -18.96 -67.00 -19.05
C LEU Q 218 -20.45 -67.11 -19.38
N ARG Q 219 -20.86 -66.57 -20.52
CA ARG Q 219 -22.27 -66.58 -20.86
C ARG Q 219 -22.77 -67.99 -21.18
N GLY Q 220 -21.89 -68.85 -21.68
CA GLY Q 220 -22.25 -70.23 -21.95
C GLY Q 220 -22.60 -71.01 -20.70
N TYR Q 221 -21.67 -71.13 -19.77
CA TYR Q 221 -21.88 -71.91 -18.55
C TYR Q 221 -22.53 -71.09 -17.44
N CYS Q 222 -22.99 -69.88 -17.77
CA CYS Q 222 -23.60 -68.89 -16.82
C CYS Q 222 -24.86 -68.27 -17.45
N SER Q 223 -25.92 -69.07 -17.61
CA SER Q 223 -27.19 -68.68 -18.29
C SER Q 223 -27.93 -67.53 -17.58
N GLU Q 224 -27.93 -67.50 -16.26
CA GLU Q 224 -28.66 -66.47 -15.46
C GLU Q 224 -28.08 -65.08 -15.76
N LEU Q 225 -26.75 -64.98 -15.79
CA LEU Q 225 -26.00 -63.72 -16.03
C LEU Q 225 -25.80 -63.52 -17.54
N GLY Q 226 -26.89 -63.30 -18.30
CA GLY Q 226 -26.83 -63.16 -19.77
C GLY Q 226 -27.12 -61.76 -20.26
N PHE Q 227 -28.26 -61.17 -19.86
CA PHE Q 227 -28.68 -59.82 -20.32
C PHE Q 227 -27.65 -58.82 -19.83
N GLN Q 228 -26.96 -59.20 -18.76
CA GLN Q 228 -25.90 -58.38 -18.19
C GLN Q 228 -24.62 -58.44 -19.00
N ILE Q 229 -24.31 -59.59 -19.61
CA ILE Q 229 -23.13 -59.73 -20.46
C ILE Q 229 -23.23 -58.80 -21.65
N TRP Q 230 -24.38 -58.78 -22.31
CA TRP Q 230 -24.51 -57.99 -23.52
C TRP Q 230 -24.65 -56.51 -23.23
N SER Q 231 -25.21 -56.14 -22.08
CA SER Q 231 -25.24 -54.74 -21.68
C SER Q 231 -23.85 -54.25 -21.36
N LEU Q 232 -22.98 -55.11 -20.86
CA LEU Q 232 -21.63 -54.70 -20.54
C LEU Q 232 -20.76 -54.59 -21.77
N LEU Q 233 -21.08 -55.31 -22.84
CA LEU Q 233 -20.28 -55.25 -24.05
C LEU Q 233 -20.72 -54.15 -25.00
N ILE Q 234 -22.03 -54.08 -25.27
CA ILE Q 234 -22.59 -53.09 -26.20
C ILE Q 234 -22.36 -51.67 -25.71
N GLU Q 235 -22.37 -51.47 -24.40
CA GLU Q 235 -22.06 -50.14 -23.86
C GLU Q 235 -20.58 -49.81 -24.02
N LYS Q 236 -19.72 -50.82 -24.10
CA LYS Q 236 -18.29 -50.58 -24.21
C LYS Q 236 -17.74 -50.84 -25.59
N ILE Q 237 -18.61 -51.16 -26.56
CA ILE Q 237 -18.23 -51.01 -27.95
C ILE Q 237 -18.41 -49.56 -28.39
N ILE Q 238 -19.52 -48.94 -27.96
CA ILE Q 238 -19.86 -47.56 -28.30
C ILE Q 238 -18.78 -46.59 -27.87
N SER Q 239 -18.08 -46.89 -26.77
CA SER Q 239 -16.91 -46.12 -26.37
C SER Q 239 -15.82 -46.18 -27.43
N ILE Q 240 -15.77 -47.30 -28.16
CA ILE Q 240 -14.80 -47.49 -29.27
C ILE Q 240 -15.43 -47.14 -30.62
N ASP Q 241 -16.69 -47.51 -30.88
CA ASP Q 241 -17.38 -47.25 -32.17
C ASP Q 241 -17.55 -45.74 -32.38
N VAL Q 242 -17.89 -45.00 -31.33
CA VAL Q 242 -18.21 -43.53 -31.38
C VAL Q 242 -16.98 -42.68 -31.74
N GLU Q 243 -15.77 -43.04 -31.30
CA GLU Q 243 -14.53 -42.24 -31.50
C GLU Q 243 -13.91 -42.53 -32.87
N LEU Q 244 -14.52 -43.42 -33.66
CA LEU Q 244 -14.02 -43.81 -34.96
C LEU Q 244 -14.67 -43.06 -36.10
N GLN Q 245 -15.94 -42.68 -36.00
CA GLN Q 245 -16.55 -41.93 -37.09
C GLN Q 245 -16.09 -40.47 -37.08
N ASN Q 246 -15.85 -39.91 -35.90
CA ASN Q 246 -15.34 -38.53 -35.85
C ASN Q 246 -13.85 -38.47 -36.19
N GLU Q 247 -13.17 -39.62 -36.24
CA GLU Q 247 -11.83 -39.69 -36.81
C GLU Q 247 -11.85 -39.99 -38.30
N LEU Q 248 -13.04 -40.31 -38.84
CA LEU Q 248 -13.24 -40.71 -40.23
C LEU Q 248 -13.67 -39.51 -41.07
N ASP Q 249 -13.37 -39.57 -42.37
CA ASP Q 249 -13.67 -38.50 -43.31
C ASP Q 249 -15.12 -38.50 -43.78
N GLU Q 250 -15.39 -37.81 -44.88
CA GLU Q 250 -16.74 -37.57 -45.40
C GLU Q 250 -17.31 -38.83 -46.07
N LEU Q 251 -18.44 -38.66 -46.77
CA LEU Q 251 -19.14 -39.79 -47.38
C LEU Q 251 -18.43 -40.36 -48.60
N ASP Q 252 -17.49 -39.63 -49.18
CA ASP Q 252 -16.61 -40.21 -50.19
C ASP Q 252 -15.73 -41.27 -49.53
N ASP Q 253 -15.55 -42.40 -50.21
CA ASP Q 253 -14.89 -43.55 -49.60
C ASP Q 253 -13.39 -43.31 -49.45
N ASP Q 254 -12.84 -43.79 -48.33
CA ASP Q 254 -11.46 -43.55 -47.95
C ASP Q 254 -10.64 -44.81 -48.19
N VAL Q 255 -9.48 -44.65 -48.83
CA VAL Q 255 -8.58 -45.75 -49.13
C VAL Q 255 -7.22 -45.42 -48.55
N ASP Q 256 -6.63 -46.37 -47.81
CA ASP Q 256 -5.35 -46.17 -47.16
C ASP Q 256 -4.16 -46.65 -47.99
N ASP Q 257 -4.41 -47.19 -49.20
CA ASP Q 257 -3.39 -47.56 -50.19
C ASP Q 257 -2.39 -48.59 -49.65
N ASP Q 258 -2.89 -49.55 -48.88
CA ASP Q 258 -2.05 -50.54 -48.22
C ASP Q 258 -2.40 -51.91 -48.79
N ASP Q 259 -1.62 -52.37 -49.77
CA ASP Q 259 -1.93 -53.63 -50.43
C ASP Q 259 -1.58 -54.82 -49.55
N LEU Q 260 -0.49 -54.73 -48.80
CA LEU Q 260 -0.11 -55.75 -47.83
C LEU Q 260 -0.58 -55.28 -46.45
N GLU Q 261 -1.64 -55.90 -45.94
CA GLU Q 261 -2.20 -55.50 -44.65
C GLU Q 261 -1.29 -55.88 -43.50
N GLU Q 262 -1.46 -55.18 -42.39
CA GLU Q 262 -0.62 -55.38 -41.22
C GLU Q 262 -1.21 -56.51 -40.38
N VAL Q 263 -0.56 -57.68 -40.43
CA VAL Q 263 -0.92 -58.78 -39.53
C VAL Q 263 -0.64 -58.37 -38.09
N ASP Q 264 0.63 -58.06 -37.81
CA ASP Q 264 1.13 -57.54 -36.52
C ASP Q 264 0.75 -58.46 -35.36
N LEU Q 265 0.88 -59.76 -35.58
CA LEU Q 265 0.81 -60.71 -34.48
C LEU Q 265 1.97 -60.48 -33.51
N GLU Q 266 3.14 -60.13 -34.05
CA GLU Q 266 4.25 -59.61 -33.25
C GLU Q 266 4.14 -58.10 -33.28
N ASP Q 267 3.54 -57.53 -32.23
CA ASP Q 267 3.39 -56.08 -32.15
C ASP Q 267 3.65 -55.60 -30.73
N ASP Q 268 4.17 -56.48 -29.87
CA ASP Q 268 4.31 -56.21 -28.45
C ASP Q 268 5.67 -56.76 -28.02
N ASP Q 269 5.90 -56.82 -26.71
CA ASP Q 269 7.06 -57.44 -26.13
C ASP Q 269 6.71 -58.89 -25.80
N ASP Q 270 7.66 -59.65 -25.27
CA ASP Q 270 7.34 -60.96 -24.74
C ASP Q 270 6.50 -60.82 -23.46
N LEU Q 271 5.69 -61.85 -23.20
CA LEU Q 271 4.89 -61.87 -21.97
C LEU Q 271 5.82 -62.31 -20.86
N ASP Q 272 6.39 -61.33 -20.16
CA ASP Q 272 7.16 -61.58 -18.95
C ASP Q 272 6.40 -61.19 -17.68
N ASP Q 273 5.59 -60.13 -17.76
CA ASP Q 273 4.84 -59.66 -16.60
C ASP Q 273 3.36 -59.98 -16.77
N ILE Q 308 8.90 -43.79 -6.52
CA ILE Q 308 9.68 -44.96 -6.11
C ILE Q 308 10.60 -44.58 -4.96
N GLU Q 309 11.29 -43.45 -5.09
CA GLU Q 309 12.26 -42.99 -4.10
C GLU Q 309 11.64 -42.09 -3.05
N GLY Q 310 10.37 -42.31 -2.73
CA GLY Q 310 9.64 -41.52 -1.75
C GLY Q 310 8.85 -40.41 -2.39
N MET Q 311 9.55 -39.44 -2.96
CA MET Q 311 8.95 -38.43 -3.81
C MET Q 311 9.60 -38.52 -5.18
N ASP Q 312 9.17 -37.64 -6.08
CA ASP Q 312 9.72 -37.60 -7.41
C ASP Q 312 10.39 -36.27 -7.73
N GLY Q 313 9.69 -35.16 -7.52
CA GLY Q 313 10.12 -33.84 -7.97
C GLY Q 313 9.15 -33.33 -9.01
N THR Q 314 8.85 -32.04 -8.96
CA THR Q 314 7.78 -31.45 -9.77
C THR Q 314 8.16 -31.44 -11.25
N GLU Q 315 7.19 -31.72 -12.11
CA GLU Q 315 7.51 -32.06 -13.49
C GLU Q 315 6.88 -31.12 -14.50
N GLU Q 316 6.97 -31.47 -15.78
CA GLU Q 316 6.78 -30.54 -16.88
C GLU Q 316 5.96 -31.27 -17.96
N TYR Q 317 5.97 -30.73 -19.18
CA TYR Q 317 5.07 -31.03 -20.28
C TYR Q 317 5.41 -32.32 -20.99
N ASN Q 318 4.93 -32.43 -22.24
CA ASN Q 318 5.17 -33.56 -23.16
C ASN Q 318 4.49 -34.82 -22.63
N VAL Q 319 3.19 -34.67 -22.33
CA VAL Q 319 2.33 -35.82 -22.03
C VAL Q 319 2.22 -36.73 -23.24
N GLU Q 320 2.16 -36.14 -24.44
CA GLU Q 320 2.18 -36.77 -25.77
C GLU Q 320 1.21 -37.96 -25.89
N LEU Q 321 -0.08 -37.66 -25.75
CA LEU Q 321 -1.13 -38.63 -26.02
C LEU Q 321 -1.19 -38.89 -27.51
N THR Q 322 -0.74 -40.07 -27.94
CA THR Q 322 -0.90 -40.48 -29.32
C THR Q 322 -2.32 -40.92 -29.56
N GLN Q 323 -2.95 -40.36 -30.57
CA GLN Q 323 -4.38 -40.52 -30.78
C GLN Q 323 -4.68 -41.88 -31.40
N GLY Q 324 -5.92 -42.33 -31.23
CA GLY Q 324 -6.33 -43.62 -31.74
C GLY Q 324 -6.57 -43.62 -33.24
N ILE Q 325 -5.50 -43.40 -33.99
CA ILE Q 325 -5.63 -43.28 -35.44
C ILE Q 325 -5.82 -44.65 -36.08
N LYS Q 326 -4.82 -45.52 -35.92
CA LYS Q 326 -4.87 -46.87 -36.46
C LYS Q 326 -5.03 -47.91 -35.36
N GLU Q 327 -4.81 -47.54 -34.11
CA GLU Q 327 -5.00 -48.48 -33.00
C GLU Q 327 -6.47 -48.79 -32.80
N LEU Q 328 -7.30 -47.76 -32.73
CA LEU Q 328 -8.73 -47.93 -32.49
C LEU Q 328 -9.51 -48.24 -33.76
N SER Q 329 -8.83 -48.51 -34.87
CA SER Q 329 -9.49 -49.15 -35.99
C SER Q 329 -9.41 -50.66 -35.90
N THR Q 330 -8.32 -51.19 -35.36
CA THR Q 330 -8.18 -52.61 -35.13
C THR Q 330 -8.75 -53.04 -33.80
N LYS Q 331 -8.91 -52.12 -32.84
CA LYS Q 331 -9.64 -52.46 -31.63
C LYS Q 331 -11.09 -52.76 -31.95
N LEU Q 332 -11.67 -52.06 -32.92
CA LEU Q 332 -13.04 -52.36 -33.30
C LEU Q 332 -13.11 -53.44 -34.37
N ASP Q 333 -11.99 -53.71 -35.07
CA ASP Q 333 -11.91 -54.91 -35.88
C ASP Q 333 -11.91 -56.17 -35.02
N SER Q 334 -11.02 -56.21 -34.03
CA SER Q 334 -10.76 -57.42 -33.28
C SER Q 334 -11.97 -57.84 -32.44
N ILE Q 335 -12.69 -56.87 -31.89
CA ILE Q 335 -13.77 -57.14 -30.97
C ILE Q 335 -15.05 -57.49 -31.70
N LEU Q 336 -15.47 -56.64 -32.63
CA LEU Q 336 -16.79 -56.77 -33.20
C LEU Q 336 -16.85 -57.85 -34.27
N THR Q 337 -15.70 -58.42 -34.66
CA THR Q 337 -15.68 -59.66 -35.43
C THR Q 337 -15.84 -60.86 -34.50
N LEU Q 338 -15.17 -60.80 -33.35
CA LEU Q 338 -15.26 -61.84 -32.33
C LEU Q 338 -16.67 -61.97 -31.76
N VAL Q 339 -17.44 -60.88 -31.79
CA VAL Q 339 -18.82 -60.93 -31.32
C VAL Q 339 -19.69 -61.70 -32.30
N SER Q 340 -19.64 -61.34 -33.58
CA SER Q 340 -20.55 -61.94 -34.55
C SER Q 340 -20.12 -63.34 -34.99
N THR Q 341 -18.86 -63.69 -34.76
CA THR Q 341 -18.45 -65.09 -34.82
C THR Q 341 -19.20 -65.91 -33.79
N HIS Q 342 -19.32 -65.37 -32.58
CA HIS Q 342 -19.96 -66.07 -31.48
C HIS Q 342 -21.46 -66.24 -31.71
N VAL Q 343 -22.12 -65.22 -32.26
CA VAL Q 343 -23.56 -65.30 -32.48
C VAL Q 343 -23.90 -66.06 -33.75
N GLU Q 344 -22.92 -66.34 -34.61
CA GLU Q 344 -23.16 -67.26 -35.73
C GLU Q 344 -23.47 -68.66 -35.21
N GLU Q 345 -22.85 -69.03 -34.10
CA GLU Q 345 -23.21 -70.26 -33.39
C GLU Q 345 -24.58 -70.13 -32.75
N GLN Q 346 -24.79 -69.07 -31.96
CA GLN Q 346 -25.84 -69.07 -30.95
C GLN Q 346 -27.23 -68.95 -31.55
N VAL Q 347 -27.38 -68.36 -32.73
CA VAL Q 347 -28.61 -68.52 -33.49
C VAL Q 347 -28.36 -69.57 -34.57
N THR Q 348 -29.27 -70.54 -34.62
CA THR Q 348 -29.20 -71.73 -35.46
C THR Q 348 -30.58 -72.37 -35.41
N PRO Q 349 -30.98 -73.13 -36.46
CA PRO Q 349 -32.35 -73.67 -36.50
C PRO Q 349 -32.70 -74.70 -35.42
N GLU Q 350 -31.79 -75.04 -34.51
CA GLU Q 350 -32.13 -75.87 -33.36
C GLU Q 350 -32.15 -75.13 -32.03
N SER Q 351 -31.32 -74.10 -31.86
CA SER Q 351 -31.40 -73.26 -30.67
C SER Q 351 -32.61 -72.34 -30.69
N LEU Q 352 -33.15 -72.04 -31.88
CA LEU Q 352 -34.42 -71.34 -31.97
C LEU Q 352 -35.58 -72.18 -31.45
N GLU Q 353 -35.41 -73.50 -31.41
CA GLU Q 353 -36.33 -74.39 -30.71
C GLU Q 353 -35.86 -74.67 -29.29
N SER Q 354 -34.69 -75.27 -29.15
CA SER Q 354 -34.31 -75.95 -27.91
C SER Q 354 -33.43 -75.11 -27.00
N GLY Q 355 -32.45 -74.41 -27.54
CA GLY Q 355 -31.55 -73.61 -26.71
C GLY Q 355 -32.13 -72.27 -26.36
N GLU Q 356 -31.36 -71.21 -26.56
CA GLU Q 356 -31.82 -69.84 -26.38
C GLU Q 356 -31.40 -68.97 -27.55
N GLY Q 357 -31.52 -69.50 -28.77
CA GLY Q 357 -31.26 -68.70 -29.95
C GLY Q 357 -32.26 -67.57 -30.13
N VAL Q 358 -33.48 -67.74 -29.62
CA VAL Q 358 -34.40 -66.62 -29.53
C VAL Q 358 -33.97 -65.70 -28.40
N GLY Q 359 -33.43 -66.27 -27.32
CA GLY Q 359 -33.07 -65.48 -26.16
C GLY Q 359 -31.88 -64.58 -26.37
N VAL Q 360 -30.98 -64.96 -27.28
CA VAL Q 360 -29.93 -64.03 -27.67
C VAL Q 360 -30.52 -62.95 -28.57
N PHE Q 361 -31.52 -63.30 -29.36
CA PHE Q 361 -32.17 -62.31 -30.21
C PHE Q 361 -33.08 -61.38 -29.42
N ASN Q 362 -33.65 -61.83 -28.31
CA ASN Q 362 -34.39 -60.92 -27.44
C ASN Q 362 -33.46 -59.99 -26.67
N THR Q 363 -32.35 -60.52 -26.15
CA THR Q 363 -31.46 -59.73 -25.33
C THR Q 363 -30.64 -58.74 -26.15
N LEU Q 364 -30.70 -58.80 -27.47
CA LEU Q 364 -30.09 -57.74 -28.28
C LEU Q 364 -31.10 -56.77 -28.84
N THR Q 365 -32.34 -57.21 -29.13
CA THR Q 365 -33.33 -56.28 -29.67
C THR Q 365 -33.84 -55.34 -28.58
N THR Q 366 -34.03 -55.85 -27.36
CA THR Q 366 -34.29 -55.01 -26.20
C THR Q 366 -33.05 -54.29 -25.71
N LEU Q 367 -31.91 -54.54 -26.34
CA LEU Q 367 -30.71 -53.76 -26.17
C LEU Q 367 -30.43 -52.91 -27.38
N PHE Q 368 -31.15 -53.14 -28.47
CA PHE Q 368 -31.08 -52.30 -29.66
C PHE Q 368 -31.84 -51.00 -29.45
N LYS Q 369 -33.12 -51.10 -29.13
CA LYS Q 369 -33.97 -49.93 -28.99
C LYS Q 369 -33.68 -49.12 -27.73
N THR Q 370 -32.78 -49.57 -26.86
CA THR Q 370 -32.44 -48.85 -25.66
C THR Q 370 -31.04 -48.28 -25.65
N HIS Q 371 -30.08 -48.91 -26.31
CA HIS Q 371 -28.69 -48.49 -26.22
C HIS Q 371 -28.17 -47.88 -27.51
N VAL Q 372 -28.22 -48.60 -28.63
CA VAL Q 372 -27.67 -48.05 -29.86
C VAL Q 372 -28.62 -47.05 -30.50
N LEU Q 373 -29.93 -47.30 -30.44
CA LEU Q 373 -30.90 -46.39 -31.02
C LEU Q 373 -30.93 -44.98 -30.41
N PRO Q 374 -30.55 -44.72 -29.14
CA PRO Q 374 -30.34 -43.32 -28.75
C PRO Q 374 -28.93 -42.78 -28.94
N THR Q 375 -28.07 -43.43 -29.72
CA THR Q 375 -26.78 -42.83 -30.04
C THR Q 375 -26.91 -41.98 -31.29
N TYR Q 376 -26.05 -40.97 -31.39
CA TYR Q 376 -25.93 -40.12 -32.55
C TYR Q 376 -24.62 -40.43 -33.28
N TYR Q 377 -24.63 -40.23 -34.61
CA TYR Q 377 -23.42 -40.08 -35.42
C TYR Q 377 -22.56 -41.35 -35.34
N THR Q 378 -23.19 -42.50 -35.55
CA THR Q 378 -22.56 -43.76 -35.17
C THR Q 378 -22.84 -44.83 -36.22
N ARG Q 379 -21.81 -45.17 -36.99
CA ARG Q 379 -21.83 -46.36 -37.81
C ARG Q 379 -21.38 -47.56 -36.98
N SER Q 380 -21.14 -48.69 -37.64
CA SER Q 380 -20.34 -49.81 -37.15
C SER Q 380 -20.88 -50.61 -35.96
N ILE Q 381 -22.00 -50.24 -35.36
CA ILE Q 381 -22.53 -51.04 -34.25
C ILE Q 381 -23.84 -51.69 -34.67
N GLN Q 382 -24.62 -50.99 -35.49
CA GLN Q 382 -25.88 -51.54 -35.95
C GLN Q 382 -25.72 -52.59 -37.03
N TYR Q 383 -24.48 -52.92 -37.42
CA TYR Q 383 -24.25 -54.10 -38.23
C TYR Q 383 -24.45 -55.38 -37.43
N ILE Q 384 -24.37 -55.33 -36.09
CA ILE Q 384 -24.52 -56.54 -35.28
C ILE Q 384 -25.94 -57.07 -35.38
N MET Q 385 -26.93 -56.22 -35.16
CA MET Q 385 -28.32 -56.64 -35.37
C MET Q 385 -28.60 -56.90 -36.85
N PHE Q 386 -27.88 -56.20 -37.73
CA PHE Q 386 -27.93 -56.47 -39.16
C PHE Q 386 -27.33 -57.82 -39.51
N HIS Q 387 -26.45 -58.36 -38.66
CA HIS Q 387 -25.83 -59.67 -38.87
C HIS Q 387 -26.56 -60.79 -38.16
N VAL Q 388 -27.21 -60.50 -37.03
CA VAL Q 388 -27.93 -61.54 -36.30
C VAL Q 388 -29.26 -61.85 -36.98
N SER Q 389 -30.05 -60.81 -37.26
CA SER Q 389 -31.37 -60.97 -37.84
C SER Q 389 -31.32 -61.60 -39.22
N GLN Q 390 -30.23 -61.36 -39.93
CA GLN Q 390 -30.08 -61.82 -41.30
C GLN Q 390 -29.62 -63.27 -41.37
N GLN Q 391 -29.39 -63.92 -40.22
CA GLN Q 391 -29.10 -65.34 -40.21
C GLN Q 391 -30.31 -66.15 -40.63
N GLN Q 392 -31.39 -66.07 -39.87
CA GLN Q 392 -32.55 -66.90 -40.08
C GLN Q 392 -33.76 -66.06 -40.44
N LEU Q 393 -34.67 -66.64 -41.22
CA LEU Q 393 -35.81 -65.89 -41.73
C LEU Q 393 -36.84 -65.62 -40.64
N GLU Q 394 -36.81 -66.39 -39.55
CA GLU Q 394 -37.66 -66.10 -38.40
C GLU Q 394 -37.28 -64.77 -37.76
N LEU Q 395 -35.99 -64.47 -37.74
CA LEU Q 395 -35.47 -63.31 -37.02
C LEU Q 395 -35.79 -62.01 -37.73
N MET Q 396 -36.22 -62.07 -38.99
CA MET Q 396 -36.68 -60.88 -39.67
C MET Q 396 -38.12 -60.55 -39.31
N ASP Q 397 -38.95 -61.56 -39.03
CA ASP Q 397 -40.32 -61.34 -38.62
C ASP Q 397 -40.46 -60.94 -37.16
N SER Q 398 -39.35 -60.80 -36.43
CA SER Q 398 -39.35 -60.17 -35.12
C SER Q 398 -38.40 -58.99 -35.07
N PHE Q 399 -37.93 -58.51 -36.22
CA PHE Q 399 -37.15 -57.29 -36.28
C PHE Q 399 -37.64 -56.31 -37.33
N LEU Q 400 -38.35 -56.75 -38.36
CA LEU Q 400 -39.02 -55.79 -39.24
C LEU Q 400 -40.32 -55.27 -38.67
N VAL Q 401 -40.88 -55.95 -37.67
CA VAL Q 401 -42.06 -55.46 -36.99
C VAL Q 401 -41.75 -54.87 -35.61
N THR Q 402 -40.66 -55.30 -34.97
CA THR Q 402 -40.20 -54.63 -33.76
C THR Q 402 -39.67 -53.25 -34.08
N LEU Q 403 -39.11 -53.08 -35.27
CA LEU Q 403 -38.72 -51.76 -35.71
C LEU Q 403 -39.94 -50.89 -36.03
N ILE Q 404 -41.06 -51.50 -36.41
CA ILE Q 404 -42.28 -50.74 -36.61
C ILE Q 404 -42.99 -50.49 -35.27
N ASP Q 405 -42.75 -51.34 -34.25
CA ASP Q 405 -43.19 -51.04 -32.89
C ASP Q 405 -42.60 -49.74 -32.36
N ILE Q 406 -41.43 -49.37 -32.85
CA ILE Q 406 -40.80 -48.11 -32.50
C ILE Q 406 -41.28 -46.98 -33.39
N SER Q 407 -41.40 -47.23 -34.69
CA SER Q 407 -41.40 -46.16 -35.68
C SER Q 407 -42.80 -45.72 -36.11
N PHE Q 408 -43.83 -46.21 -35.44
CA PHE Q 408 -45.19 -45.76 -35.75
C PHE Q 408 -46.06 -45.62 -34.51
N ALA Q 409 -45.48 -45.64 -33.32
CA ALA Q 409 -46.24 -45.62 -32.08
C ALA Q 409 -46.81 -44.22 -31.83
N VAL Q 410 -47.71 -44.16 -30.85
CA VAL Q 410 -48.23 -42.87 -30.40
C VAL Q 410 -47.56 -42.42 -29.11
N ASN Q 411 -47.23 -43.35 -28.21
CA ASN Q 411 -46.64 -43.02 -26.92
C ASN Q 411 -45.19 -42.60 -27.00
N GLU Q 412 -44.54 -42.68 -28.16
CA GLU Q 412 -43.10 -42.40 -28.26
C GLU Q 412 -42.87 -40.99 -28.77
N ALA Q 413 -41.68 -40.47 -28.47
CA ALA Q 413 -41.30 -39.13 -28.87
C ALA Q 413 -40.99 -39.10 -30.36
N ALA Q 414 -40.79 -37.88 -30.87
CA ALA Q 414 -40.62 -37.67 -32.30
C ALA Q 414 -39.31 -38.27 -32.80
N GLU Q 415 -38.19 -37.80 -32.26
CA GLU Q 415 -36.87 -38.15 -32.80
C GLU Q 415 -36.50 -39.61 -32.60
N LYS Q 416 -37.23 -40.35 -31.74
CA LYS Q 416 -37.09 -41.80 -31.76
C LYS Q 416 -37.70 -42.38 -33.02
N LYS Q 417 -38.76 -41.76 -33.52
CA LYS Q 417 -39.48 -42.34 -34.65
C LYS Q 417 -38.79 -42.02 -35.96
N ILE Q 418 -38.26 -40.80 -36.09
CA ILE Q 418 -37.60 -40.40 -37.32
C ILE Q 418 -36.27 -41.14 -37.49
N LYS Q 419 -35.57 -41.40 -36.39
CA LYS Q 419 -34.36 -42.20 -36.51
C LYS Q 419 -34.68 -43.66 -36.78
N SER Q 420 -35.88 -44.11 -36.42
CA SER Q 420 -36.25 -45.50 -36.64
C SER Q 420 -36.84 -45.73 -38.02
N LEU Q 421 -37.62 -44.77 -38.54
CA LEU Q 421 -37.97 -44.77 -39.96
C LEU Q 421 -36.73 -44.65 -40.82
N GLN Q 422 -35.70 -44.01 -40.30
CA GLN Q 422 -34.41 -43.99 -40.96
C GLN Q 422 -33.76 -45.36 -40.93
N TYR Q 423 -33.87 -46.07 -39.80
CA TYR Q 423 -33.46 -47.47 -39.73
C TYR Q 423 -34.30 -48.34 -40.63
N LEU Q 424 -35.55 -47.95 -40.88
CA LEU Q 424 -36.47 -48.78 -41.66
C LEU Q 424 -36.04 -48.86 -43.11
N GLY Q 425 -35.85 -47.70 -43.74
CA GLY Q 425 -35.52 -47.67 -45.15
C GLY Q 425 -34.16 -48.25 -45.48
N SER Q 426 -33.21 -48.14 -44.57
CA SER Q 426 -31.87 -48.61 -44.89
C SER Q 426 -31.62 -50.04 -44.44
N TYR Q 427 -32.46 -50.60 -43.57
CA TYR Q 427 -32.40 -52.04 -43.35
C TYR Q 427 -32.97 -52.79 -44.53
N ILE Q 428 -34.12 -52.33 -45.04
CA ILE Q 428 -34.78 -53.00 -46.16
C ILE Q 428 -33.98 -52.86 -47.45
N ALA Q 429 -33.22 -51.78 -47.60
CA ALA Q 429 -32.50 -51.60 -48.85
C ALA Q 429 -31.14 -52.28 -48.89
N ARG Q 430 -30.48 -52.42 -47.75
CA ARG Q 430 -29.08 -52.85 -47.75
C ARG Q 430 -28.88 -54.30 -47.33
N ALA Q 431 -29.94 -55.08 -47.16
CA ALA Q 431 -29.84 -56.44 -46.67
C ALA Q 431 -30.18 -57.43 -47.80
N LYS Q 432 -29.16 -58.17 -48.28
CA LYS Q 432 -29.35 -59.02 -49.45
C LYS Q 432 -30.23 -60.22 -49.17
N LYS Q 433 -30.15 -60.78 -47.95
CA LYS Q 433 -30.86 -62.02 -47.64
C LYS Q 433 -32.34 -61.81 -47.38
N LEU Q 434 -32.86 -60.59 -47.51
CA LEU Q 434 -34.28 -60.35 -47.42
C LEU Q 434 -35.03 -60.97 -48.57
N SER Q 435 -36.21 -61.51 -48.26
CA SER Q 435 -37.09 -62.07 -49.26
C SER Q 435 -38.13 -61.03 -49.67
N ARG Q 436 -38.60 -61.17 -50.91
CA ARG Q 436 -39.61 -60.26 -51.46
C ARG Q 436 -40.98 -60.44 -50.83
N THR Q 437 -41.20 -61.52 -50.08
CA THR Q 437 -42.40 -61.67 -49.28
C THR Q 437 -42.39 -60.75 -48.06
N GLN Q 438 -41.26 -60.14 -47.73
CA GLN Q 438 -41.17 -59.22 -46.62
C GLN Q 438 -41.05 -57.78 -47.07
N ILE Q 439 -40.77 -57.55 -48.35
CA ILE Q 439 -40.59 -56.19 -48.85
C ILE Q 439 -41.93 -55.48 -48.96
N ILE Q 440 -42.90 -56.12 -49.63
CA ILE Q 440 -44.23 -55.54 -49.73
C ILE Q 440 -45.07 -55.90 -48.51
N PHE Q 441 -44.54 -56.72 -47.60
CA PHE Q 441 -45.08 -56.73 -46.25
C PHE Q 441 -44.80 -55.42 -45.56
N VAL Q 442 -43.63 -54.83 -45.81
CA VAL Q 442 -43.30 -53.51 -45.28
C VAL Q 442 -43.96 -52.42 -46.10
N ALA Q 443 -43.72 -52.44 -47.42
CA ALA Q 443 -44.05 -51.31 -48.29
C ALA Q 443 -45.53 -51.14 -48.54
N SER Q 444 -46.37 -52.04 -48.06
CA SER Q 444 -47.82 -51.82 -48.09
C SER Q 444 -48.31 -51.16 -46.82
N TYR Q 445 -47.73 -51.53 -45.68
CA TYR Q 445 -48.04 -50.88 -44.40
C TYR Q 445 -47.61 -49.42 -44.43
N LEU Q 446 -46.55 -49.12 -45.18
CA LEU Q 446 -46.05 -47.77 -45.29
C LEU Q 446 -46.97 -46.92 -46.17
N THR Q 447 -47.32 -47.42 -47.36
CA THR Q 447 -48.23 -46.72 -48.24
C THR Q 447 -49.64 -46.67 -47.68
N SER Q 448 -50.03 -47.64 -46.86
CA SER Q 448 -51.30 -47.53 -46.15
C SER Q 448 -51.25 -46.42 -45.12
N TRP Q 449 -50.11 -46.21 -44.48
CA TRP Q 449 -50.00 -45.15 -43.48
C TRP Q 449 -50.02 -43.78 -44.14
N LEU Q 450 -49.32 -43.65 -45.25
CA LEU Q 450 -49.19 -42.36 -45.93
C LEU Q 450 -50.50 -41.94 -46.57
N ASN Q 451 -51.20 -42.87 -47.22
CA ASN Q 451 -52.47 -42.54 -47.82
C ASN Q 451 -53.53 -42.30 -46.75
N ARG Q 452 -53.42 -42.96 -45.60
CA ARG Q 452 -54.32 -42.63 -44.49
C ARG Q 452 -53.97 -41.28 -43.91
N TYR Q 453 -52.71 -40.85 -44.03
CA TYR Q 453 -52.29 -39.58 -43.46
C TYR Q 453 -52.81 -38.42 -44.30
N VAL Q 454 -52.75 -38.55 -45.63
CA VAL Q 454 -53.18 -37.48 -46.51
C VAL Q 454 -54.71 -37.32 -46.50
N ILE Q 455 -55.43 -38.38 -46.13
CA ILE Q 455 -56.87 -38.29 -45.94
C ILE Q 455 -57.21 -37.39 -44.76
N GLU Q 456 -56.59 -37.66 -43.61
CA GLU Q 456 -57.03 -37.01 -42.38
C GLU Q 456 -56.47 -35.60 -42.25
N ARG Q 457 -55.36 -35.28 -42.91
CA ARG Q 457 -54.58 -34.09 -42.55
C ARG Q 457 -54.19 -33.21 -43.74
N GLU Q 458 -54.92 -33.24 -44.86
CA GLU Q 458 -54.68 -32.20 -45.85
C GLU Q 458 -55.23 -30.85 -45.45
N GLU Q 459 -56.32 -30.80 -44.68
CA GLU Q 459 -56.89 -29.50 -44.37
C GLU Q 459 -56.12 -28.77 -43.28
N GLU Q 460 -55.16 -29.44 -42.64
CA GLU Q 460 -54.28 -28.80 -41.67
C GLU Q 460 -53.06 -28.16 -42.33
N VAL Q 461 -52.95 -28.22 -43.65
CA VAL Q 461 -51.84 -27.60 -44.34
C VAL Q 461 -52.07 -26.10 -44.48
N ASP Q 462 -53.26 -25.71 -44.92
CA ASP Q 462 -53.53 -24.32 -45.27
C ASP Q 462 -53.81 -23.44 -44.05
N GLN Q 463 -53.69 -23.97 -42.85
CA GLN Q 463 -54.07 -23.26 -41.64
C GLN Q 463 -52.85 -22.54 -41.06
N ARG Q 464 -53.00 -22.06 -39.83
CA ARG Q 464 -51.85 -21.58 -39.07
C ARG Q 464 -50.92 -22.75 -38.77
N GLY Q 465 -49.64 -22.45 -38.71
CA GLY Q 465 -48.65 -23.46 -38.39
C GLY Q 465 -47.73 -23.71 -39.56
N GLY Q 466 -46.48 -24.06 -39.26
CA GLY Q 466 -45.50 -24.31 -40.29
C GLY Q 466 -45.57 -25.73 -40.80
N MET Q 467 -44.70 -26.02 -41.76
CA MET Q 467 -44.59 -27.36 -42.32
C MET Q 467 -43.72 -28.27 -41.49
N GLU Q 468 -43.25 -27.81 -40.32
CA GLU Q 468 -42.52 -28.67 -39.40
C GLU Q 468 -43.44 -29.50 -38.52
N ARG Q 469 -44.75 -29.33 -38.65
CA ARG Q 469 -45.69 -30.18 -37.92
C ARG Q 469 -45.74 -31.59 -38.49
N PHE Q 470 -45.25 -31.78 -39.70
CA PHE Q 470 -45.42 -33.01 -40.46
C PHE Q 470 -44.07 -33.69 -40.69
N LYS Q 471 -43.21 -33.65 -39.66
CA LYS Q 471 -41.91 -34.31 -39.76
C LYS Q 471 -42.06 -35.82 -39.89
N HIS Q 472 -43.14 -36.38 -39.33
CA HIS Q 472 -43.35 -37.82 -39.40
C HIS Q 472 -43.70 -38.26 -40.81
N PHE Q 473 -44.63 -37.53 -41.45
CA PHE Q 473 -45.01 -37.82 -42.83
C PHE Q 473 -43.85 -37.65 -43.79
N TYR Q 474 -43.06 -36.60 -43.59
CA TYR Q 474 -41.92 -36.34 -44.45
C TYR Q 474 -40.82 -37.36 -44.23
N ALA Q 475 -40.69 -37.90 -43.02
CA ALA Q 475 -39.73 -38.96 -42.80
C ALA Q 475 -40.18 -40.26 -43.41
N ALA Q 476 -41.49 -40.52 -43.42
CA ALA Q 476 -41.99 -41.77 -43.97
C ALA Q 476 -41.99 -41.77 -45.49
N PHE Q 477 -42.23 -40.61 -46.11
CA PHE Q 477 -42.17 -40.51 -47.57
C PHE Q 477 -40.75 -40.70 -48.08
N GLN Q 478 -39.76 -40.22 -47.31
CA GLN Q 478 -38.38 -40.53 -47.65
C GLN Q 478 -38.04 -41.98 -47.38
N ALA Q 479 -38.60 -42.54 -46.31
CA ALA Q 479 -38.39 -43.93 -45.99
C ALA Q 479 -39.01 -44.86 -47.02
N LEU Q 480 -39.96 -44.37 -47.80
CA LEU Q 480 -40.54 -45.12 -48.90
C LEU Q 480 -39.76 -44.95 -50.19
N CYS Q 481 -39.36 -43.72 -50.51
CA CYS Q 481 -38.65 -43.47 -51.75
C CYS Q 481 -37.23 -44.02 -51.73
N TYR Q 482 -36.66 -44.22 -50.55
CA TYR Q 482 -35.33 -44.81 -50.46
C TYR Q 482 -35.36 -46.29 -50.78
N ILE Q 483 -36.49 -46.97 -50.51
CA ILE Q 483 -36.66 -48.36 -50.90
C ILE Q 483 -36.64 -48.50 -52.41
N PHE Q 484 -37.39 -47.62 -53.08
CA PHE Q 484 -37.51 -47.64 -54.52
C PHE Q 484 -36.20 -47.32 -55.20
N CYS Q 485 -35.30 -46.60 -54.54
CA CYS Q 485 -34.02 -46.30 -55.17
C CYS Q 485 -33.11 -47.52 -55.19
N PHE Q 486 -33.24 -48.42 -54.21
CA PHE Q 486 -32.35 -49.56 -54.13
C PHE Q 486 -33.02 -50.91 -54.35
N ARG Q 487 -34.35 -50.97 -54.38
CA ARG Q 487 -35.05 -52.21 -54.63
C ARG Q 487 -36.20 -52.02 -55.59
N HIS Q 488 -35.97 -51.32 -56.71
CA HIS Q 488 -37.06 -51.09 -57.64
C HIS Q 488 -37.39 -52.30 -58.51
N ASN Q 489 -36.41 -53.13 -58.84
CA ASN Q 489 -36.69 -54.33 -59.63
C ASN Q 489 -37.42 -55.42 -58.87
N ILE Q 490 -37.59 -55.26 -57.56
CA ILE Q 490 -38.43 -56.15 -56.78
C ILE Q 490 -39.91 -55.85 -57.02
N PHE Q 491 -40.28 -54.56 -57.10
CA PHE Q 491 -41.67 -54.16 -57.25
C PHE Q 491 -42.24 -54.44 -58.62
N ARG Q 492 -41.42 -54.87 -59.58
CA ARG Q 492 -41.92 -55.26 -60.88
C ARG Q 492 -42.42 -56.70 -60.85
N ASP Q 493 -42.82 -57.16 -62.02
CA ASP Q 493 -43.26 -58.52 -62.28
C ASP Q 493 -42.83 -58.85 -63.71
N THR Q 494 -43.44 -59.86 -64.31
CA THR Q 494 -43.16 -60.12 -65.72
C THR Q 494 -43.72 -58.99 -66.59
N ASP Q 495 -44.90 -58.47 -66.23
CA ASP Q 495 -45.52 -57.40 -67.01
C ASP Q 495 -44.82 -56.06 -66.83
N GLY Q 496 -44.08 -55.85 -65.74
CA GLY Q 496 -43.61 -54.53 -65.38
C GLY Q 496 -44.56 -53.75 -64.50
N ASN Q 497 -45.54 -54.42 -63.88
CA ASN Q 497 -46.51 -53.74 -63.04
C ASN Q 497 -45.89 -53.34 -61.71
N TRP Q 498 -46.63 -52.58 -60.92
CA TRP Q 498 -46.16 -52.11 -59.64
C TRP Q 498 -47.12 -52.56 -58.56
N GLU Q 499 -46.60 -53.18 -57.51
CA GLU Q 499 -47.44 -53.55 -56.39
C GLU Q 499 -47.73 -52.30 -55.55
N CYS Q 500 -48.93 -52.27 -54.98
CA CYS Q 500 -49.50 -51.13 -54.25
C CYS Q 500 -49.66 -49.87 -55.11
N GLU Q 501 -49.73 -50.06 -56.43
CA GLU Q 501 -50.10 -49.03 -57.41
C GLU Q 501 -49.17 -47.82 -57.36
N LEU Q 502 -47.88 -48.08 -57.60
CA LEU Q 502 -46.85 -47.07 -57.34
C LEU Q 502 -46.94 -45.90 -58.32
N ASP Q 503 -47.27 -46.17 -59.59
CA ASP Q 503 -47.47 -45.06 -60.51
C ASP Q 503 -48.77 -44.31 -60.22
N LYS Q 504 -49.69 -44.94 -59.50
CA LYS Q 504 -50.88 -44.23 -59.04
C LYS Q 504 -50.66 -43.64 -57.66
N PHE Q 505 -49.77 -44.22 -56.87
CA PHE Q 505 -49.44 -43.66 -55.56
C PHE Q 505 -48.58 -42.42 -55.70
N PHE Q 506 -47.40 -42.58 -56.29
CA PHE Q 506 -46.41 -41.51 -56.35
C PHE Q 506 -46.82 -40.34 -57.22
N GLN Q 507 -47.67 -40.56 -58.23
CA GLN Q 507 -48.23 -39.43 -58.96
C GLN Q 507 -49.24 -38.68 -58.12
N ARG Q 508 -49.80 -39.33 -57.10
CA ARG Q 508 -50.80 -38.70 -56.25
C ARG Q 508 -50.18 -37.99 -55.06
N MET Q 509 -49.14 -38.57 -54.45
CA MET Q 509 -48.60 -38.03 -53.21
C MET Q 509 -47.61 -36.91 -53.43
N VAL Q 510 -46.88 -36.92 -54.55
CA VAL Q 510 -45.91 -35.88 -54.85
C VAL Q 510 -46.61 -34.53 -55.08
N ILE Q 511 -47.79 -34.56 -55.67
CA ILE Q 511 -48.49 -33.34 -56.05
C ILE Q 511 -49.45 -32.89 -54.95
N SER Q 512 -49.32 -33.47 -53.75
CA SER Q 512 -50.23 -33.15 -52.67
C SER Q 512 -49.92 -31.77 -52.08
N LYS Q 513 -50.75 -31.35 -51.13
CA LYS Q 513 -50.57 -30.06 -50.49
C LYS Q 513 -49.44 -30.04 -49.50
N PHE Q 514 -48.98 -31.21 -49.02
CA PHE Q 514 -47.79 -31.25 -48.20
C PHE Q 514 -46.55 -30.90 -48.99
N ASN Q 515 -46.57 -31.21 -50.28
CA ASN Q 515 -45.46 -31.14 -51.23
C ASN Q 515 -44.24 -31.86 -50.66
N PRO Q 516 -44.22 -33.19 -50.64
CA PRO Q 516 -43.12 -33.90 -49.98
C PRO Q 516 -41.81 -33.92 -50.74
N LEU Q 517 -41.67 -33.19 -51.84
CA LEU Q 517 -40.37 -33.12 -52.49
C LEU Q 517 -39.51 -32.01 -51.93
N LYS Q 518 -40.11 -30.96 -51.39
CA LYS Q 518 -39.33 -29.83 -50.91
C LYS Q 518 -38.80 -30.07 -49.50
N PHE Q 519 -39.54 -30.81 -48.67
CA PHE Q 519 -39.19 -30.95 -47.27
C PHE Q 519 -38.56 -32.29 -46.95
N CYS Q 520 -37.87 -32.91 -47.90
CA CYS Q 520 -37.17 -34.15 -47.66
C CYS Q 520 -35.74 -34.04 -48.20
N ASN Q 521 -35.00 -35.15 -48.13
CA ASN Q 521 -33.57 -35.12 -48.39
C ASN Q 521 -33.29 -34.88 -49.86
N GLU Q 522 -32.44 -33.89 -50.13
CA GLU Q 522 -32.23 -33.40 -51.49
C GLU Q 522 -31.56 -34.45 -52.38
N ASN Q 523 -30.59 -35.18 -51.83
CA ASN Q 523 -29.84 -36.12 -52.64
C ASN Q 523 -30.67 -37.36 -52.96
N VAL Q 524 -31.51 -37.82 -52.03
CA VAL Q 524 -32.25 -39.06 -52.26
C VAL Q 524 -33.62 -38.80 -52.85
N MET Q 525 -34.03 -37.54 -52.95
CA MET Q 525 -35.24 -37.21 -53.69
C MET Q 525 -34.92 -36.85 -55.13
N LEU Q 526 -33.69 -36.44 -55.40
CA LEU Q 526 -33.21 -36.34 -56.76
C LEU Q 526 -32.70 -37.67 -57.29
N MET Q 527 -32.24 -38.56 -56.40
CA MET Q 527 -31.99 -39.93 -56.79
C MET Q 527 -33.28 -40.62 -57.22
N PHE Q 528 -34.38 -40.32 -56.51
CA PHE Q 528 -35.69 -40.88 -56.84
C PHE Q 528 -36.23 -40.32 -58.15
N ALA Q 529 -35.92 -39.06 -58.45
CA ALA Q 529 -36.45 -38.43 -59.66
C ALA Q 529 -35.86 -39.05 -60.91
N ARG Q 530 -34.57 -39.34 -60.87
CA ARG Q 530 -33.88 -39.91 -62.03
C ARG Q 530 -34.19 -41.38 -62.22
N ILE Q 531 -34.74 -42.05 -61.21
CA ILE Q 531 -35.05 -43.47 -61.34
C ILE Q 531 -36.53 -43.67 -61.68
N ALA Q 532 -37.44 -42.98 -61.01
CA ALA Q 532 -38.86 -43.12 -61.29
C ALA Q 532 -39.29 -42.50 -62.62
N GLN Q 533 -38.39 -41.82 -63.31
CA GLN Q 533 -38.54 -41.52 -64.72
C GLN Q 533 -38.07 -42.69 -65.58
N GLN Q 534 -36.93 -43.29 -65.23
CA GLN Q 534 -36.48 -44.48 -65.92
C GLN Q 534 -37.40 -45.67 -65.70
N GLU Q 535 -38.04 -45.75 -64.53
CA GLU Q 535 -39.07 -46.74 -64.29
C GLU Q 535 -40.43 -46.24 -64.75
N SER Q 536 -40.54 -44.94 -65.07
CA SER Q 536 -41.75 -44.28 -65.55
C SER Q 536 -42.91 -44.43 -64.58
N VAL Q 537 -42.62 -44.23 -63.29
CA VAL Q 537 -43.59 -44.34 -62.21
C VAL Q 537 -44.31 -43.01 -62.01
N ALA Q 538 -43.56 -41.99 -61.63
CA ALA Q 538 -44.14 -40.65 -61.50
C ALA Q 538 -43.07 -39.64 -61.87
N TYR Q 539 -43.54 -38.50 -62.38
CA TYR Q 539 -42.67 -37.46 -62.93
C TYR Q 539 -42.68 -36.27 -61.98
N CYS Q 540 -41.50 -35.84 -61.58
CA CYS Q 540 -41.42 -34.82 -60.55
C CYS Q 540 -40.34 -33.78 -60.76
N PHE Q 541 -39.63 -33.79 -61.89
CA PHE Q 541 -38.60 -32.78 -62.15
C PHE Q 541 -39.18 -31.38 -62.31
N SER Q 542 -40.43 -31.27 -62.76
CA SER Q 542 -41.06 -29.96 -62.86
C SER Q 542 -41.37 -29.39 -61.49
N ILE Q 543 -41.66 -30.27 -60.52
CA ILE Q 543 -41.95 -29.81 -59.17
C ILE Q 543 -40.66 -29.56 -58.40
N ILE Q 544 -39.62 -30.36 -58.65
CA ILE Q 544 -38.31 -30.08 -58.07
C ILE Q 544 -37.77 -28.76 -58.60
N GLU Q 545 -38.03 -28.47 -59.88
CA GLU Q 545 -37.63 -27.19 -60.44
C GLU Q 545 -38.46 -26.05 -59.88
N ASN Q 546 -39.75 -26.26 -59.66
CA ASN Q 546 -40.59 -25.21 -59.13
C ASN Q 546 -40.42 -25.04 -57.63
N ASN Q 547 -39.86 -26.03 -56.93
CA ASN Q 547 -39.62 -25.85 -55.50
C ASN Q 547 -38.39 -25.01 -55.24
N ASN Q 548 -37.30 -25.22 -55.97
CA ASN Q 548 -36.12 -24.42 -55.70
C ASN Q 548 -36.09 -23.11 -56.49
N ASN Q 549 -37.10 -22.86 -57.33
CA ASN Q 549 -37.33 -21.50 -57.80
C ASN Q 549 -38.23 -20.71 -56.86
N GLU Q 550 -39.13 -21.38 -56.14
CA GLU Q 550 -39.87 -20.70 -55.09
C GLU Q 550 -39.00 -20.41 -53.89
N ARG Q 551 -37.94 -21.18 -53.70
CA ARG Q 551 -37.12 -21.03 -52.52
C ARG Q 551 -35.83 -20.28 -52.85
N THR Q 581 -33.19 -26.78 -34.57
CA THR Q 581 -34.28 -26.28 -35.39
C THR Q 581 -34.52 -27.18 -36.60
N ARG Q 582 -34.59 -26.57 -37.77
CA ARG Q 582 -34.59 -27.29 -39.04
C ARG Q 582 -33.28 -28.03 -39.28
N GLN Q 583 -32.18 -27.58 -38.67
CA GLN Q 583 -30.86 -28.08 -39.04
C GLN Q 583 -30.64 -29.49 -38.52
N GLN Q 584 -31.05 -29.79 -37.28
CA GLN Q 584 -30.83 -31.16 -36.84
C GLN Q 584 -31.90 -32.12 -37.35
N PHE Q 585 -32.98 -31.62 -37.94
CA PHE Q 585 -33.96 -32.50 -38.57
C PHE Q 585 -33.50 -32.99 -39.93
N ILE Q 586 -32.78 -32.16 -40.67
CA ILE Q 586 -32.19 -32.61 -41.93
C ILE Q 586 -31.07 -33.61 -41.66
N ASP Q 587 -30.41 -33.52 -40.51
CA ASP Q 587 -29.29 -34.37 -40.21
C ASP Q 587 -29.70 -35.77 -39.79
N LEU Q 588 -30.97 -36.01 -39.51
CA LEU Q 588 -31.45 -37.37 -39.46
C LEU Q 588 -31.74 -37.91 -40.85
N GLN Q 589 -32.14 -37.03 -41.76
CA GLN Q 589 -32.38 -37.40 -43.15
C GLN Q 589 -31.11 -37.58 -43.94
N SER Q 590 -29.96 -37.27 -43.36
CA SER Q 590 -28.68 -37.47 -44.00
C SER Q 590 -27.90 -38.60 -43.38
N TYR Q 591 -28.43 -39.21 -42.33
CA TYR Q 591 -27.77 -40.32 -41.63
C TYR Q 591 -28.34 -41.60 -42.20
N PHE Q 592 -27.68 -42.16 -43.21
CA PHE Q 592 -28.04 -43.50 -43.64
C PHE Q 592 -27.31 -44.49 -42.76
N PRO Q 593 -28.02 -45.34 -42.01
CA PRO Q 593 -27.36 -46.15 -41.00
C PRO Q 593 -26.53 -47.27 -41.55
N TYR Q 594 -26.87 -47.79 -42.73
CA TYR Q 594 -26.15 -48.93 -43.27
C TYR Q 594 -25.37 -48.52 -44.51
N ASP Q 595 -24.69 -47.37 -44.41
CA ASP Q 595 -23.65 -47.02 -45.34
C ASP Q 595 -22.48 -47.99 -45.17
N PRO Q 596 -21.62 -48.14 -46.20
CA PRO Q 596 -20.53 -49.12 -46.10
C PRO Q 596 -19.50 -48.79 -45.02
N LEU Q 597 -18.57 -49.71 -44.84
CA LEU Q 597 -17.86 -49.86 -43.58
C LEU Q 597 -16.40 -49.42 -43.68
N PHE Q 598 -15.85 -49.02 -42.54
CA PHE Q 598 -14.43 -48.70 -42.36
C PHE Q 598 -13.63 -49.87 -41.83
N LEU Q 599 -14.29 -50.80 -41.13
CA LEU Q 599 -13.64 -51.93 -40.51
C LEU Q 599 -13.13 -52.90 -41.58
N LYS Q 600 -11.81 -53.05 -41.66
CA LYS Q 600 -11.21 -53.76 -42.79
C LYS Q 600 -11.34 -55.27 -42.69
N ASN Q 601 -11.79 -55.80 -41.56
CA ASN Q 601 -11.86 -57.24 -41.39
C ASN Q 601 -13.27 -57.73 -41.13
N TYR Q 602 -14.09 -56.92 -40.46
CA TYR Q 602 -15.49 -57.27 -40.24
C TYR Q 602 -16.31 -57.17 -41.51
N LYS Q 603 -15.84 -56.41 -42.49
CA LYS Q 603 -16.56 -56.21 -43.75
C LYS Q 603 -16.62 -57.50 -44.57
N ILE Q 604 -15.62 -58.37 -44.41
CA ILE Q 604 -15.48 -59.59 -45.18
C ILE Q 604 -16.66 -60.54 -44.92
N LEU Q 605 -17.10 -60.65 -43.69
CA LEU Q 605 -18.30 -61.42 -43.38
C LEU Q 605 -19.57 -60.70 -43.76
N MET Q 606 -19.51 -59.40 -44.01
CA MET Q 606 -20.71 -58.66 -44.40
C MET Q 606 -20.99 -58.74 -45.89
N LYS Q 607 -19.97 -59.08 -46.69
CA LYS Q 607 -20.10 -59.18 -48.14
C LYS Q 607 -21.12 -60.23 -48.55
N GLU Q 608 -21.25 -61.30 -47.76
CA GLU Q 608 -22.28 -62.30 -47.99
C GLU Q 608 -23.66 -61.79 -47.67
N TYR Q 609 -23.76 -60.72 -46.88
CA TYR Q 609 -25.03 -60.18 -46.42
C TYR Q 609 -25.37 -58.81 -47.00
N TYR Q 610 -24.37 -57.96 -47.22
CA TYR Q 610 -24.61 -56.54 -47.47
C TYR Q 610 -24.62 -56.21 -48.96
N ILE Q 611 -25.66 -55.51 -49.39
CA ILE Q 611 -25.77 -55.03 -50.76
C ILE Q 611 -24.87 -53.81 -50.91
N GLU Q 612 -24.05 -53.79 -51.96
CA GLU Q 612 -23.21 -52.64 -52.24
C GLU Q 612 -24.04 -51.55 -52.93
N TRP Q 613 -23.38 -50.45 -53.32
CA TRP Q 613 -24.06 -49.30 -53.90
C TRP Q 613 -24.70 -49.64 -55.24
N SER Q 614 -24.11 -50.58 -55.97
CA SER Q 614 -24.63 -51.01 -57.25
C SER Q 614 -24.72 -52.55 -57.31
N THR R 3 5.10 -27.81 -15.74
CA THR R 3 4.51 -26.83 -14.86
C THR R 3 3.65 -27.53 -13.81
N PHE R 4 3.70 -28.85 -13.79
CA PHE R 4 2.98 -29.67 -12.84
C PHE R 4 3.72 -29.71 -11.52
N ILE R 5 2.97 -29.71 -10.41
CA ILE R 5 3.54 -29.74 -9.08
C ILE R 5 3.14 -31.04 -8.40
N ARG R 6 3.99 -31.51 -7.49
CA ARG R 6 3.84 -32.82 -6.85
C ARG R 6 2.83 -32.79 -5.70
N GLY R 7 2.85 -33.86 -4.92
CA GLY R 7 1.95 -34.05 -3.81
C GLY R 7 1.68 -35.53 -3.59
N PRO R 8 0.42 -35.89 -3.49
CA PRO R 8 0.04 -37.29 -3.37
C PRO R 8 0.06 -38.00 -4.72
N ILE R 9 -0.31 -39.28 -4.68
CA ILE R 9 -0.34 -40.15 -5.85
C ILE R 9 -1.63 -39.89 -6.63
N CYS R 10 -1.73 -40.44 -7.83
CA CYS R 10 -2.95 -40.31 -8.61
C CYS R 10 -3.52 -41.67 -8.97
N GLY R 11 -4.84 -41.67 -9.16
CA GLY R 11 -5.56 -42.82 -9.65
C GLY R 11 -6.18 -42.52 -11.00
N THR R 12 -7.51 -42.54 -11.06
CA THR R 12 -8.33 -42.48 -12.30
C THR R 12 -7.86 -43.55 -13.28
N ASP R 13 -7.52 -44.71 -12.74
CA ASP R 13 -7.21 -45.94 -13.44
C ASP R 13 -6.01 -45.81 -14.37
N ASN R 14 -5.12 -44.83 -14.15
CA ASN R 14 -3.91 -44.76 -14.97
C ASN R 14 -2.62 -44.85 -14.17
N CYS R 15 -2.33 -43.90 -13.27
CA CYS R 15 -0.93 -43.65 -12.98
C CYS R 15 -0.62 -42.98 -11.65
N PRO R 16 0.24 -43.55 -10.81
CA PRO R 16 0.67 -42.85 -9.59
C PRO R 16 1.64 -41.73 -9.91
N SER R 17 1.17 -40.48 -9.89
CA SER R 17 2.01 -39.33 -10.23
C SER R 17 1.39 -38.08 -9.64
N ARG R 18 1.81 -36.93 -10.14
CA ARG R 18 1.28 -35.62 -9.81
C ARG R 18 0.22 -35.21 -10.83
N LEU R 19 -0.73 -34.41 -10.37
CA LEU R 19 -1.98 -34.18 -11.09
C LEU R 19 -2.03 -32.75 -11.61
N TRP R 20 -3.20 -32.35 -12.07
CA TRP R 20 -3.40 -31.01 -12.63
C TRP R 20 -4.59 -30.36 -11.96
N ARG R 21 -4.33 -29.37 -11.11
CA ARG R 21 -5.39 -28.67 -10.39
C ARG R 21 -6.03 -27.68 -11.35
N ILE R 22 -7.34 -27.52 -11.26
CA ILE R 22 -8.02 -26.79 -12.32
C ILE R 22 -8.31 -25.34 -11.90
N ILE R 23 -8.85 -25.14 -10.69
CA ILE R 23 -9.20 -23.80 -10.21
C ILE R 23 -8.51 -23.60 -8.86
N ASP R 24 -7.29 -24.11 -8.74
CA ASP R 24 -6.35 -23.83 -7.62
C ASP R 24 -6.89 -24.34 -6.29
N GLY R 25 -7.32 -25.60 -6.27
CA GLY R 25 -8.00 -26.16 -5.12
C GLY R 25 -9.02 -27.20 -5.54
N ARG R 26 -9.29 -27.26 -6.84
CA ARG R 26 -9.99 -28.38 -7.46
C ARG R 26 -9.03 -29.06 -8.41
N ARG R 27 -8.85 -30.37 -8.26
CA ARG R 27 -7.77 -31.08 -8.93
C ARG R 27 -8.33 -32.15 -9.87
N THR R 28 -7.81 -32.17 -11.08
CA THR R 28 -8.25 -33.09 -12.13
C THR R 28 -7.12 -34.06 -12.44
N CYS R 29 -7.36 -35.01 -13.33
CA CYS R 29 -6.30 -35.90 -13.76
C CYS R 29 -5.72 -35.36 -15.05
N GLN R 30 -4.87 -36.15 -15.69
CA GLN R 30 -4.28 -35.76 -16.95
C GLN R 30 -5.18 -36.04 -18.14
N TYR R 31 -6.25 -36.81 -17.97
CA TYR R 31 -7.12 -37.16 -19.08
C TYR R 31 -8.55 -36.66 -18.90
N GLY R 32 -8.79 -35.84 -17.87
CA GLY R 32 -10.12 -35.30 -17.65
C GLY R 32 -11.00 -36.13 -16.74
N HIS R 33 -10.50 -36.47 -15.56
CA HIS R 33 -11.29 -37.07 -14.50
C HIS R 33 -10.98 -36.28 -13.23
N VAL R 34 -11.97 -36.03 -12.37
CA VAL R 34 -11.82 -35.06 -11.25
C VAL R 34 -11.48 -35.71 -9.89
N MET R 35 -10.62 -35.04 -9.08
CA MET R 35 -10.20 -35.42 -7.69
C MET R 35 -11.13 -34.71 -6.69
N GLU R 36 -10.91 -34.79 -5.36
CA GLU R 36 -11.86 -34.21 -4.38
C GLU R 36 -11.27 -33.19 -3.37
N GLY R 37 -11.91 -32.01 -3.20
CA GLY R 37 -11.73 -31.00 -2.13
C GLY R 37 -10.35 -30.51 -1.73
N ASP R 38 -9.56 -29.87 -2.59
CA ASP R 38 -8.28 -29.24 -2.14
C ASP R 38 -8.73 -28.05 -1.27
N VAL R 39 -8.18 -27.85 -0.05
CA VAL R 39 -8.72 -26.84 0.85
C VAL R 39 -8.06 -25.47 0.72
N GLU R 40 -6.86 -25.38 0.17
CA GLU R 40 -6.22 -24.15 -0.31
C GLU R 40 -6.10 -23.10 0.80
N PHE R 41 -5.20 -23.40 1.75
CA PHE R 41 -4.95 -22.56 2.91
C PHE R 41 -4.55 -21.13 2.54
N ASN R 42 -5.44 -20.19 2.81
CA ASN R 42 -5.19 -18.79 2.58
C ASN R 42 -5.62 -18.02 3.82
N ASP R 43 -5.09 -16.81 3.97
CA ASP R 43 -5.49 -15.95 5.08
C ASP R 43 -5.32 -14.49 4.67
N ASP R 44 -6.01 -13.63 5.39
CA ASP R 44 -5.96 -12.20 5.17
C ASP R 44 -5.06 -11.53 6.20
N GLU R 45 -4.49 -10.40 5.80
CA GLU R 45 -3.66 -9.58 6.67
C GLU R 45 -4.53 -8.45 7.21
N ASP R 46 -5.05 -8.66 8.42
CA ASP R 46 -5.93 -7.73 9.15
C ASP R 46 -7.18 -7.30 8.36
N LEU R 51 3.77 -6.03 13.48
CA LEU R 51 3.33 -5.04 12.51
C LEU R 51 1.81 -4.88 12.55
N GLY R 52 1.16 -5.69 13.38
CA GLY R 52 -0.27 -5.72 13.54
C GLY R 52 -0.81 -7.13 13.46
N ALA R 53 -2.15 -7.21 13.50
CA ALA R 53 -2.90 -8.47 13.57
C ALA R 53 -2.43 -9.34 14.74
N GLY R 54 -2.42 -8.75 15.94
CA GLY R 54 -1.87 -9.40 17.10
C GLY R 54 -0.44 -8.97 17.38
N VAL R 55 0.49 -9.91 17.41
CA VAL R 55 1.90 -9.64 17.67
C VAL R 55 2.72 -10.73 17.02
N ILE R 56 3.97 -10.41 16.66
CA ILE R 56 4.93 -11.43 16.30
C ILE R 56 5.27 -12.16 17.60
N THR R 57 4.71 -13.37 17.76
CA THR R 57 4.74 -14.03 19.07
C THR R 57 6.13 -14.60 19.35
N ARG R 58 6.58 -15.53 18.52
CA ARG R 58 7.79 -16.29 18.78
C ARG R 58 8.62 -16.30 17.50
N ARG R 59 9.62 -17.19 17.48
CA ARG R 59 10.50 -17.38 16.33
C ARG R 59 10.59 -18.90 16.12
N LEU R 60 9.84 -19.41 15.13
CA LEU R 60 9.85 -20.83 14.83
C LEU R 60 9.99 -21.05 13.33
N ASN R 61 10.84 -22.00 12.95
CA ASN R 61 11.28 -22.18 11.57
C ASN R 61 10.52 -23.32 10.88
N LEU R 62 9.30 -23.00 10.47
CA LEU R 62 8.47 -23.92 9.69
C LEU R 62 8.04 -23.19 8.43
N THR R 63 8.08 -23.88 7.28
CA THR R 63 7.94 -23.22 5.99
C THR R 63 7.21 -24.11 4.98
N THR R 64 6.28 -23.53 4.24
CA THR R 64 5.60 -24.23 3.15
C THR R 64 6.52 -24.39 1.94
N ASN R 65 6.62 -25.62 1.42
CA ASN R 65 7.27 -25.83 0.13
C ASN R 65 6.60 -26.91 -0.71
N ALA R 66 5.51 -27.51 -0.25
CA ALA R 66 4.91 -28.67 -0.90
C ALA R 66 3.39 -28.54 -1.00
N THR R 67 2.93 -27.38 -1.47
CA THR R 67 1.53 -26.91 -1.59
C THR R 67 0.72 -27.23 -0.33
N GLY R 68 1.11 -26.55 0.74
CA GLY R 68 0.33 -26.62 1.97
C GLY R 68 1.16 -26.73 3.22
N SER R 69 1.00 -27.84 3.93
CA SER R 69 1.66 -28.01 5.22
C SER R 69 3.17 -28.22 5.03
N PHE R 70 3.86 -28.19 6.16
CA PHE R 70 5.29 -27.93 6.21
C PHE R 70 6.12 -29.13 5.74
N GLN R 71 7.06 -28.86 4.84
CA GLN R 71 8.10 -29.80 4.50
C GLN R 71 9.46 -29.12 4.46
N SER R 72 9.51 -27.81 4.28
CA SER R 72 10.76 -27.07 4.25
C SER R 72 11.23 -26.84 5.68
N SER R 73 12.47 -26.33 5.81
CA SER R 73 13.14 -26.04 7.08
C SER R 73 13.23 -27.28 7.97
N GLN R 74 13.45 -28.43 7.35
CA GLN R 74 13.67 -29.68 8.07
C GLN R 74 15.14 -30.04 8.03
N LEU R 75 15.64 -30.55 9.15
CA LEU R 75 17.07 -30.65 9.41
C LEU R 75 17.62 -32.00 8.96
N THR R 76 18.96 -32.10 9.01
CA THR R 76 19.82 -33.28 8.85
C THR R 76 19.40 -34.27 7.75
N ASN R 77 18.89 -33.74 6.64
CA ASN R 77 18.45 -34.55 5.52
C ASN R 77 19.08 -34.10 4.20
N SER R 78 19.48 -32.83 4.14
CA SER R 78 20.20 -32.28 3.00
C SER R 78 21.45 -31.57 3.49
N GLN R 79 22.18 -32.19 4.42
CA GLN R 79 23.17 -31.44 5.19
C GLN R 79 24.54 -32.12 5.15
N LEU R 80 24.55 -33.44 4.86
CA LEU R 80 25.78 -34.23 4.92
C LEU R 80 26.78 -33.85 3.84
N LEU R 81 26.31 -33.63 2.62
CA LEU R 81 27.13 -33.17 1.52
C LEU R 81 27.35 -31.66 1.54
N GLN R 82 26.73 -30.96 2.49
CA GLN R 82 26.95 -29.53 2.69
C GLN R 82 27.99 -29.24 3.77
N GLN R 83 28.18 -30.15 4.71
CA GLN R 83 29.17 -29.95 5.76
C GLN R 83 30.57 -30.41 5.36
N GLN R 84 30.78 -30.77 4.10
CA GLN R 84 32.10 -31.16 3.61
C GLN R 84 32.50 -30.46 2.32
N GLN R 85 31.65 -29.57 1.79
CA GLN R 85 31.93 -28.91 0.53
C GLN R 85 32.99 -27.83 0.65
N ARG R 86 33.28 -27.35 1.87
CA ARG R 86 34.23 -26.27 2.04
C ARG R 86 35.66 -26.75 1.76
N GLN R 87 36.00 -27.93 2.27
CA GLN R 87 37.37 -28.45 2.16
C GLN R 87 37.69 -29.02 0.78
N SER R 88 36.68 -29.30 -0.05
CA SER R 88 36.89 -30.00 -1.31
C SER R 88 36.80 -29.08 -2.52
N HIS R 89 35.85 -28.16 -2.55
CA HIS R 89 35.58 -27.43 -3.79
C HIS R 89 36.55 -26.28 -4.01
N LYS R 90 37.02 -25.63 -2.95
CA LYS R 90 37.96 -24.53 -3.15
C LYS R 90 39.35 -25.09 -3.38
N LYS R 91 40.14 -24.36 -4.16
CA LYS R 91 41.40 -24.86 -4.68
C LYS R 91 42.59 -24.25 -3.95
N PHE R 92 43.75 -24.90 -4.11
CA PHE R 92 45.06 -24.46 -3.61
C PHE R 92 45.04 -24.30 -2.09
N LYS R 93 44.74 -25.41 -1.42
CA LYS R 93 44.41 -25.47 0.01
C LYS R 93 45.63 -25.26 0.92
N LYS R 94 46.84 -25.22 0.35
CA LYS R 94 48.12 -25.17 1.07
C LYS R 94 48.25 -26.35 2.03
N LEU R 95 48.30 -27.54 1.44
CA LEU R 95 48.68 -28.77 2.13
C LEU R 95 49.86 -29.43 1.44
N ILE R 96 50.51 -28.74 0.50
CA ILE R 96 51.40 -29.35 -0.47
C ILE R 96 52.81 -29.28 0.07
N GLY R 97 53.33 -30.42 0.53
CA GLY R 97 54.66 -30.46 1.13
C GLY R 97 55.75 -31.10 0.28
N HIS R 98 55.47 -32.26 -0.33
CA HIS R 98 56.47 -32.97 -1.11
C HIS R 98 56.29 -32.82 -2.61
N GLU R 99 55.04 -32.69 -3.09
CA GLU R 99 54.83 -32.25 -4.46
C GLU R 99 55.35 -30.83 -4.67
N ALA R 100 55.34 -30.01 -3.61
CA ALA R 100 55.97 -28.69 -3.64
C ALA R 100 57.47 -28.77 -3.79
N LYS R 101 58.04 -29.92 -3.44
CA LYS R 101 59.49 -30.16 -3.64
C LYS R 101 59.66 -30.54 -5.11
N LEU R 102 58.62 -31.15 -5.70
CA LEU R 102 58.64 -31.51 -7.13
C LEU R 102 58.16 -30.35 -7.99
N LEU R 103 57.13 -29.63 -7.55
CA LEU R 103 56.64 -28.48 -8.31
C LEU R 103 57.67 -27.36 -8.36
N PHE R 104 58.52 -27.27 -7.33
CA PHE R 104 59.69 -26.41 -7.38
C PHE R 104 60.59 -26.78 -8.55
N LEU R 105 60.82 -28.09 -8.76
CA LEU R 105 61.71 -28.56 -9.82
C LEU R 105 61.16 -28.26 -11.20
N LYS R 106 59.85 -28.41 -11.38
CA LYS R 106 59.24 -28.12 -12.66
C LYS R 106 59.21 -26.61 -12.92
N SER R 107 59.18 -25.80 -11.86
CA SER R 107 59.23 -24.36 -12.04
C SER R 107 60.66 -23.85 -12.15
N PHE R 108 61.59 -24.47 -11.41
CA PHE R 108 63.01 -24.16 -11.54
C PHE R 108 63.53 -24.52 -12.92
N GLN R 109 62.91 -25.49 -13.58
CA GLN R 109 63.14 -25.70 -15.01
C GLN R 109 62.60 -24.53 -15.82
N PHE R 110 61.43 -24.01 -15.43
CA PHE R 110 60.67 -23.14 -16.30
C PHE R 110 61.33 -21.78 -16.46
N ILE R 111 62.05 -21.33 -15.43
CA ILE R 111 62.80 -20.09 -15.53
C ILE R 111 63.99 -20.27 -16.47
N LEU R 112 64.62 -21.46 -16.43
CA LEU R 112 65.79 -21.74 -17.26
C LEU R 112 65.44 -21.72 -18.75
N LYS R 113 64.22 -22.12 -19.10
CA LYS R 113 63.81 -22.08 -20.50
C LYS R 113 63.71 -20.65 -20.99
N ARG R 114 63.18 -19.75 -20.16
CA ARG R 114 63.11 -18.35 -20.54
C ARG R 114 64.48 -17.68 -20.50
N GLN R 115 65.40 -18.16 -19.66
CA GLN R 115 66.75 -17.65 -19.72
C GLN R 115 67.46 -18.08 -21.00
N ILE R 116 67.18 -19.28 -21.46
CA ILE R 116 67.85 -19.80 -22.65
C ILE R 116 67.19 -19.30 -23.92
N ARG R 117 65.84 -19.28 -23.97
CA ARG R 117 65.16 -18.77 -25.15
C ARG R 117 65.40 -17.27 -25.33
N TRP R 118 65.78 -16.57 -24.26
CA TRP R 118 66.41 -15.28 -24.42
C TRP R 118 67.76 -15.42 -25.11
N LEU R 119 68.66 -16.23 -24.54
CA LEU R 119 70.00 -16.41 -25.07
C LEU R 119 70.00 -17.10 -26.43
N ILE R 120 68.96 -17.87 -26.74
CA ILE R 120 68.79 -18.36 -28.11
C ILE R 120 68.47 -17.20 -29.04
N THR R 121 67.59 -16.30 -28.62
CA THR R 121 67.11 -15.25 -29.51
C THR R 121 67.96 -13.99 -29.46
N GLU R 122 68.07 -13.35 -28.30
CA GLU R 122 68.60 -12.00 -28.30
C GLU R 122 70.12 -11.96 -28.33
N MET R 123 70.80 -12.64 -27.42
CA MET R 123 72.25 -12.61 -27.43
C MET R 123 72.86 -13.52 -28.50
N ARG R 124 72.02 -14.16 -29.32
CA ARG R 124 72.37 -15.02 -30.46
C ARG R 124 73.47 -16.03 -30.13
N PHE R 125 73.23 -16.69 -29.01
CA PHE R 125 73.91 -17.96 -28.60
C PHE R 125 73.06 -18.95 -29.39
N PRO R 126 73.60 -19.72 -30.34
CA PRO R 126 72.74 -20.42 -31.31
C PRO R 126 72.00 -21.61 -30.74
N LYS R 127 71.25 -22.29 -31.61
CA LYS R 127 70.32 -23.33 -31.20
C LYS R 127 71.00 -24.63 -30.78
N GLU R 128 72.33 -24.70 -30.83
CA GLU R 128 73.07 -25.80 -30.23
C GLU R 128 73.04 -25.79 -28.71
N PHE R 129 72.58 -24.69 -28.11
CA PHE R 129 72.79 -24.49 -26.68
C PHE R 129 71.79 -25.27 -25.84
N GLU R 130 70.51 -25.24 -26.23
CA GLU R 130 69.49 -25.96 -25.47
C GLU R 130 69.66 -27.47 -25.59
N HIS R 131 70.18 -27.95 -26.72
CA HIS R 131 70.39 -29.37 -26.93
C HIS R 131 71.54 -29.91 -26.08
N VAL R 132 72.43 -29.04 -25.60
CA VAL R 132 73.50 -29.43 -24.71
C VAL R 132 73.17 -29.10 -23.26
N ALA R 133 72.56 -27.93 -23.01
CA ALA R 133 72.23 -27.54 -21.65
C ALA R 133 71.11 -28.38 -21.05
N LYS R 134 70.31 -29.04 -21.87
CA LYS R 134 69.35 -29.99 -21.34
C LYS R 134 70.05 -31.18 -20.71
N ILE R 135 71.17 -31.62 -21.31
CA ILE R 135 71.92 -32.77 -20.81
C ILE R 135 72.49 -32.46 -19.43
N ILE R 136 72.95 -31.23 -19.23
CA ILE R 136 73.38 -30.79 -17.91
C ILE R 136 72.20 -30.72 -16.96
N TRP R 137 71.03 -30.33 -17.48
CA TRP R 137 69.83 -30.28 -16.66
C TRP R 137 69.22 -31.66 -16.43
N LEU R 138 69.33 -32.57 -17.40
CA LEU R 138 68.78 -33.90 -17.20
C LEU R 138 69.64 -34.72 -16.24
N LYS R 139 70.95 -34.50 -16.25
CA LYS R 139 71.82 -35.24 -15.36
C LYS R 139 71.71 -34.76 -13.92
N ILE R 140 71.57 -33.44 -13.73
CA ILE R 140 71.68 -32.84 -12.40
C ILE R 140 70.48 -33.21 -11.53
N LEU R 141 69.38 -33.66 -12.14
CA LEU R 141 68.25 -34.17 -11.38
C LEU R 141 68.52 -35.58 -10.85
N LYS R 142 69.41 -36.33 -11.52
CA LYS R 142 69.65 -37.71 -11.13
C LYS R 142 70.50 -37.80 -9.86
N THR R 143 71.28 -36.77 -9.58
CA THR R 143 72.02 -36.76 -8.32
C THR R 143 71.06 -36.55 -7.15
N ILE R 144 69.98 -35.80 -7.39
CA ILE R 144 68.91 -35.66 -6.42
C ILE R 144 68.03 -36.91 -6.38
N ASN R 145 68.02 -37.70 -7.46
CA ASN R 145 67.27 -38.96 -7.50
C ASN R 145 67.80 -39.95 -6.48
N ASP R 146 69.12 -40.12 -6.43
CA ASP R 146 69.74 -41.13 -5.57
C ASP R 146 69.86 -40.65 -4.12
N GLN R 147 69.28 -39.51 -3.79
CA GLN R 147 68.95 -39.16 -2.42
C GLN R 147 67.74 -39.97 -1.97
N PRO R 148 67.56 -40.14 -0.66
CA PRO R 148 66.28 -40.67 -0.17
C PRO R 148 65.18 -39.66 -0.40
N GLN R 149 64.09 -40.11 -1.04
CA GLN R 149 62.96 -39.23 -1.31
C GLN R 149 62.28 -38.77 -0.03
N GLU R 150 62.33 -39.61 1.01
CA GLU R 150 61.98 -39.18 2.37
C GLU R 150 63.07 -38.25 2.88
N GLU R 151 62.74 -36.96 3.05
CA GLU R 151 63.63 -35.92 3.58
C GLU R 151 64.92 -35.79 2.76
N LEU R 152 64.76 -35.33 1.52
CA LEU R 152 65.87 -35.34 0.58
C LEU R 152 66.81 -34.15 0.78
N LYS R 153 66.26 -32.97 1.04
CA LYS R 153 66.99 -31.70 1.21
C LYS R 153 67.87 -31.41 -0.01
N LEU R 154 67.23 -31.32 -1.18
CA LEU R 154 67.92 -30.93 -2.40
C LEU R 154 68.41 -29.50 -2.30
N GLN R 155 69.55 -29.22 -2.91
CA GLN R 155 70.18 -27.91 -2.83
C GLN R 155 70.11 -27.24 -4.19
N LEU R 156 69.05 -26.45 -4.41
CA LEU R 156 68.91 -25.69 -5.65
C LEU R 156 68.51 -24.26 -5.30
N HIS R 157 69.04 -23.32 -6.06
CA HIS R 157 68.92 -21.89 -5.78
C HIS R 157 69.02 -21.18 -7.12
N MET R 158 68.70 -19.88 -7.14
CA MET R 158 68.90 -19.10 -8.37
C MET R 158 70.37 -18.97 -8.75
N THR R 159 71.28 -19.18 -7.79
CA THR R 159 72.69 -19.34 -8.12
C THR R 159 72.95 -20.61 -8.92
N SER R 160 72.04 -21.59 -8.87
CA SER R 160 72.23 -22.83 -9.61
C SER R 160 71.74 -22.78 -11.04
N THR R 161 70.77 -21.93 -11.36
CA THR R 161 70.30 -21.86 -12.73
C THR R 161 71.20 -21.01 -13.61
N ILE R 162 72.16 -20.31 -13.02
CA ILE R 162 73.09 -19.48 -13.79
C ILE R 162 74.36 -20.28 -13.93
N SER R 163 74.65 -21.12 -12.93
CA SER R 163 75.84 -21.95 -12.96
C SER R 163 75.74 -22.99 -14.07
N ILE R 164 74.60 -23.66 -14.18
CA ILE R 164 74.37 -24.59 -15.28
C ILE R 164 74.16 -23.87 -16.61
N LEU R 165 73.93 -22.56 -16.57
CA LEU R 165 73.96 -21.75 -17.77
C LEU R 165 75.38 -21.36 -18.13
N TYR R 166 76.31 -21.52 -17.20
CA TYR R 166 77.71 -21.21 -17.43
C TYR R 166 78.53 -22.46 -17.74
N LEU R 167 78.12 -23.60 -17.21
CA LEU R 167 78.78 -24.85 -17.57
C LEU R 167 78.54 -25.19 -19.03
N ALA R 168 77.31 -24.96 -19.49
CA ALA R 168 76.98 -25.12 -20.91
C ALA R 168 77.64 -24.06 -21.78
N SER R 169 78.09 -22.95 -21.19
CA SER R 169 78.82 -21.96 -21.97
C SER R 169 80.29 -22.31 -22.06
N THR R 170 80.88 -22.81 -20.98
CA THR R 170 82.30 -23.17 -21.01
C THR R 170 82.52 -24.54 -21.63
N HIS R 171 81.46 -25.28 -21.98
CA HIS R 171 81.60 -26.37 -22.93
C HIS R 171 81.81 -25.85 -24.34
N LEU R 172 80.99 -24.90 -24.79
CA LEU R 172 81.07 -24.48 -26.21
C LEU R 172 82.27 -23.57 -26.53
N SER R 173 83.18 -23.37 -25.57
CA SER R 173 84.42 -22.61 -25.76
C SER R 173 84.15 -21.12 -25.93
N LEU R 174 83.09 -20.64 -25.29
CA LEU R 174 82.51 -19.35 -25.59
C LEU R 174 83.32 -18.21 -25.01
N PRO R 175 83.35 -17.06 -25.69
CA PRO R 175 83.97 -15.85 -25.12
C PRO R 175 83.10 -15.13 -24.11
N VAL R 176 81.98 -15.71 -23.68
CA VAL R 176 81.28 -15.22 -22.50
C VAL R 176 82.04 -15.70 -21.27
N TYR R 177 81.96 -14.93 -20.19
CA TYR R 177 82.58 -15.27 -18.91
C TYR R 177 81.59 -15.00 -17.80
N THR R 178 82.01 -15.26 -16.56
CA THR R 178 81.13 -14.97 -15.42
C THR R 178 81.01 -13.49 -15.16
N CYS R 179 81.89 -12.68 -15.74
CA CYS R 179 81.70 -11.24 -15.74
C CYS R 179 80.40 -10.86 -16.42
N ASP R 180 80.10 -11.52 -17.55
CA ASP R 180 78.88 -11.20 -18.27
C ASP R 180 77.65 -11.78 -17.60
N TYR R 181 77.76 -12.98 -17.00
CA TYR R 181 76.62 -13.54 -16.29
C TYR R 181 76.29 -12.76 -15.03
N ILE R 182 77.26 -12.06 -14.44
CA ILE R 182 76.96 -11.20 -13.30
C ILE R 182 76.64 -9.78 -13.74
N LYS R 183 76.89 -9.44 -15.00
CA LYS R 183 76.44 -8.15 -15.52
C LYS R 183 75.02 -8.23 -16.06
N TRP R 184 74.72 -9.34 -16.74
CA TRP R 184 73.41 -9.58 -17.42
C TRP R 184 72.22 -9.64 -16.45
N ILE R 185 72.45 -9.97 -15.19
CA ILE R 185 71.34 -10.06 -14.26
C ILE R 185 71.18 -8.77 -13.46
N CYS R 186 72.27 -8.01 -13.26
CA CYS R 186 72.14 -6.71 -12.64
C CYS R 186 71.42 -5.73 -13.55
N THR R 187 71.64 -5.84 -14.85
CA THR R 187 70.85 -5.09 -15.81
C THR R 187 69.50 -5.73 -16.09
N ALA R 188 69.24 -6.91 -15.52
CA ALA R 188 67.93 -7.57 -15.50
C ALA R 188 67.45 -7.92 -16.90
N LYS R 189 68.38 -8.29 -17.77
CA LYS R 189 68.03 -8.72 -19.11
C LYS R 189 67.44 -10.13 -19.10
N MET R 190 68.22 -11.10 -18.68
CA MET R 190 67.62 -12.41 -18.54
C MET R 190 66.90 -12.51 -17.20
N PRO R 191 65.78 -13.22 -17.15
CA PRO R 191 64.93 -13.19 -15.95
C PRO R 191 65.53 -13.89 -14.75
N TYR R 192 66.41 -13.20 -14.03
CA TYR R 192 66.96 -13.72 -12.78
C TYR R 192 66.17 -13.22 -11.57
N PHE R 193 66.19 -11.91 -11.34
CA PHE R 193 65.53 -11.32 -10.18
C PHE R 193 64.03 -11.27 -10.43
N GLN R 194 63.27 -11.68 -9.41
CA GLN R 194 61.81 -11.64 -9.41
C GLN R 194 61.21 -12.43 -10.57
N ALA R 195 61.86 -13.53 -10.92
CA ALA R 195 61.36 -14.41 -11.96
C ALA R 195 60.19 -15.26 -11.51
N SER R 196 59.91 -15.29 -10.20
CA SER R 196 58.75 -15.99 -9.68
C SER R 196 57.44 -15.33 -10.07
N GLU R 197 57.45 -14.04 -10.42
CA GLU R 197 56.21 -13.27 -10.47
C GLU R 197 55.33 -13.64 -11.65
N ILE R 198 55.80 -13.38 -12.86
CA ILE R 198 54.94 -13.44 -14.04
C ILE R 198 55.12 -14.71 -14.84
N LEU R 199 56.12 -15.51 -14.54
CA LEU R 199 56.41 -16.62 -15.43
C LEU R 199 55.47 -17.82 -15.21
N PRO R 200 55.32 -18.43 -13.98
CA PRO R 200 54.52 -19.66 -13.92
C PRO R 200 53.02 -19.44 -13.95
N LYS R 201 52.56 -18.40 -13.24
CA LYS R 201 51.20 -17.87 -13.14
C LYS R 201 50.22 -18.76 -12.38
N SER R 202 50.60 -20.00 -12.08
CA SER R 202 49.79 -20.87 -11.25
C SER R 202 50.59 -21.69 -10.25
N TRP R 203 51.88 -21.89 -10.48
CA TRP R 203 52.70 -22.62 -9.53
C TRP R 203 53.17 -21.70 -8.41
N ARG R 204 53.05 -20.39 -8.63
CA ARG R 204 53.33 -19.40 -7.60
C ARG R 204 52.30 -19.47 -6.47
N ILE R 205 51.03 -19.68 -6.82
CA ILE R 205 49.97 -19.53 -5.82
C ILE R 205 49.96 -20.69 -4.82
N GLN R 206 50.48 -21.86 -5.19
CA GLN R 206 50.49 -23.01 -4.29
C GLN R 206 51.89 -23.46 -3.88
N LEU R 207 52.88 -22.62 -4.09
CA LEU R 207 54.20 -22.97 -3.58
C LEU R 207 54.37 -22.30 -2.20
N PRO R 208 55.04 -22.96 -1.26
CA PRO R 208 55.26 -22.34 0.06
C PRO R 208 56.21 -21.15 -0.02
N ASN R 209 56.15 -20.31 1.02
CA ASN R 209 56.82 -19.02 0.99
C ASN R 209 58.34 -19.16 1.02
N TYR R 210 58.86 -20.08 1.84
CA TYR R 210 60.31 -20.29 1.83
C TYR R 210 60.73 -21.09 0.60
N TYR R 211 59.79 -21.83 0.01
CA TYR R 211 60.07 -22.47 -1.27
C TYR R 211 60.02 -21.51 -2.45
N VAL R 212 59.50 -20.30 -2.27
CA VAL R 212 59.49 -19.31 -3.35
C VAL R 212 60.42 -18.13 -3.05
N SER R 213 60.75 -17.88 -1.79
CA SER R 213 61.76 -16.87 -1.49
C SER R 213 63.14 -17.31 -1.94
N ILE R 214 63.38 -18.62 -1.96
CA ILE R 214 64.56 -19.15 -2.64
C ILE R 214 64.38 -19.03 -4.14
N LEU R 215 63.15 -19.19 -4.61
CA LEU R 215 62.90 -19.18 -6.05
C LEU R 215 62.98 -17.77 -6.62
N GLU R 216 62.44 -16.78 -5.93
CA GLU R 216 62.63 -15.43 -6.41
C GLU R 216 63.99 -14.91 -5.94
N GLY R 217 64.78 -14.46 -6.89
CA GLY R 217 66.10 -13.98 -6.58
C GLY R 217 65.98 -12.61 -5.95
N SER R 218 66.34 -12.50 -4.67
CA SER R 218 66.38 -11.21 -4.02
C SER R 218 67.78 -10.62 -4.07
N ILE R 219 68.74 -11.27 -3.43
CA ILE R 219 70.09 -10.74 -3.29
C ILE R 219 70.96 -11.36 -4.37
N SER R 220 71.92 -10.59 -4.85
CA SER R 220 72.75 -11.09 -5.92
C SER R 220 73.81 -12.04 -5.37
N PRO R 221 74.34 -12.95 -6.20
CA PRO R 221 75.45 -13.80 -5.73
C PRO R 221 76.69 -12.99 -5.42
N PHE R 222 77.19 -13.15 -4.20
CA PHE R 222 78.24 -12.31 -3.66
C PHE R 222 79.22 -13.17 -2.89
N ASN R 223 80.47 -12.69 -2.82
CA ASN R 223 81.59 -13.35 -2.13
C ASN R 223 81.83 -14.76 -2.65
N GLY R 224 81.86 -14.91 -3.96
CA GLY R 224 82.11 -16.20 -4.56
C GLY R 224 80.98 -17.18 -4.41
N GLN R 225 79.75 -16.69 -4.24
CA GLN R 225 78.59 -17.58 -4.20
C GLN R 225 78.35 -18.22 -5.55
N LEU R 226 78.75 -17.56 -6.62
CA LEU R 226 78.54 -18.13 -7.94
C LEU R 226 79.57 -19.22 -8.22
N TYR R 227 80.81 -19.01 -7.80
CA TYR R 227 81.86 -20.00 -8.09
C TYR R 227 81.67 -21.28 -7.29
N ASN R 228 81.20 -21.15 -6.04
CA ASN R 228 80.91 -22.33 -5.23
C ASN R 228 79.80 -23.17 -5.86
N LYS R 229 78.80 -22.50 -6.42
CA LYS R 229 77.67 -23.24 -6.97
C LYS R 229 78.03 -23.89 -8.30
N ILE R 230 79.03 -23.35 -9.00
CA ILE R 230 79.61 -24.07 -10.14
C ILE R 230 80.27 -25.36 -9.67
N ALA R 231 81.09 -25.26 -8.61
CA ALA R 231 81.83 -26.42 -8.13
C ALA R 231 80.91 -27.44 -7.46
N LEU R 232 79.88 -26.96 -6.76
CA LEU R 232 78.92 -27.87 -6.15
C LEU R 232 78.11 -28.60 -7.20
N THR R 233 77.84 -27.95 -8.33
CA THR R 233 77.16 -28.63 -9.42
C THR R 233 78.07 -29.64 -10.10
N CYS R 234 79.33 -29.25 -10.35
CA CYS R 234 80.27 -30.17 -11.00
C CYS R 234 80.66 -31.34 -10.10
N GLY R 235 80.45 -31.23 -8.79
CA GLY R 235 80.61 -32.40 -7.93
C GLY R 235 79.42 -33.33 -8.01
N MET R 236 78.23 -32.79 -8.29
CA MET R 236 77.04 -33.63 -8.45
C MET R 236 77.10 -34.41 -9.76
N ILE R 237 77.28 -33.72 -10.88
CA ILE R 237 77.46 -34.38 -12.16
C ILE R 237 78.83 -33.98 -12.71
N HIS R 238 79.59 -34.97 -13.14
CA HIS R 238 81.00 -34.74 -13.47
C HIS R 238 81.14 -34.13 -14.85
N PHE R 239 81.74 -32.94 -14.88
CA PHE R 239 81.95 -32.17 -16.10
C PHE R 239 83.06 -32.74 -16.96
N LYS R 240 83.85 -33.65 -16.42
CA LYS R 240 84.94 -34.30 -17.12
C LYS R 240 84.41 -35.47 -17.93
N GLU R 241 85.23 -35.90 -18.90
CA GLU R 241 85.05 -36.98 -19.89
C GLU R 241 83.76 -36.90 -20.72
N PHE R 242 83.02 -35.79 -20.62
CA PHE R 242 81.92 -35.49 -21.52
C PHE R 242 81.91 -34.04 -21.96
N PHE R 243 82.52 -33.14 -21.20
CA PHE R 243 82.63 -31.74 -21.56
C PHE R 243 84.09 -31.32 -21.42
N ASN R 244 84.44 -30.26 -22.12
CA ASN R 244 85.80 -29.73 -22.11
C ASN R 244 85.90 -28.60 -21.11
N SER R 245 86.55 -28.87 -19.97
CA SER R 245 86.86 -27.82 -18.99
C SER R 245 88.04 -27.02 -19.54
N GLU R 246 87.72 -26.14 -20.49
CA GLU R 246 88.73 -25.38 -21.22
C GLU R 246 88.27 -23.93 -21.24
N ILE R 247 88.93 -23.10 -20.45
CA ILE R 247 88.65 -21.67 -20.50
C ILE R 247 89.31 -21.10 -21.75
N SER R 248 88.55 -20.33 -22.52
CA SER R 248 89.12 -19.57 -23.63
C SER R 248 89.80 -18.33 -23.02
N CYS R 249 91.00 -18.55 -22.47
CA CYS R 249 91.72 -17.51 -21.76
C CYS R 249 92.24 -16.45 -22.70
N GLN R 250 92.43 -16.80 -23.97
CA GLN R 250 92.79 -15.82 -24.99
C GLN R 250 91.69 -14.78 -25.16
N GLY R 251 90.43 -15.20 -25.05
CA GLY R 251 89.34 -14.24 -25.08
C GLY R 251 89.24 -13.41 -23.82
N LEU R 252 89.53 -14.02 -22.67
CA LEU R 252 89.42 -13.31 -21.40
C LEU R 252 90.48 -12.24 -21.26
N LEU R 253 91.70 -12.53 -21.71
CA LEU R 253 92.75 -11.52 -21.66
C LEU R 253 92.48 -10.43 -22.68
N LEU R 254 92.00 -10.81 -23.87
CA LEU R 254 91.57 -9.83 -24.86
C LEU R 254 90.42 -8.99 -24.36
N LYS R 255 89.54 -9.59 -23.56
CA LYS R 255 88.51 -8.80 -22.87
C LYS R 255 89.17 -7.82 -21.89
N LEU R 256 90.07 -8.33 -21.04
CA LEU R 256 90.79 -7.51 -20.08
C LEU R 256 91.79 -6.55 -20.71
N VAL R 257 92.26 -6.82 -21.93
CA VAL R 257 92.98 -5.78 -22.65
C VAL R 257 92.02 -4.68 -23.08
N MET R 258 90.86 -5.08 -23.61
CA MET R 258 89.89 -4.10 -24.08
C MET R 258 89.18 -3.37 -22.96
N GLN R 259 89.34 -3.78 -21.70
CA GLN R 259 88.75 -3.02 -20.60
C GLN R 259 89.49 -1.71 -20.37
N CYS R 260 90.82 -1.78 -20.22
CA CYS R 260 91.59 -0.61 -19.83
C CYS R 260 92.57 -0.14 -20.89
N ALA R 261 92.32 -0.48 -22.16
CA ALA R 261 92.88 0.22 -23.34
C ALA R 261 94.40 0.23 -23.38
N LEU R 262 94.99 -0.84 -22.87
CA LEU R 262 96.42 -0.94 -22.67
C LEU R 262 97.15 -1.20 -23.98
N PRO R 263 98.48 -1.04 -24.02
CA PRO R 263 99.25 -1.52 -25.17
C PRO R 263 99.21 -3.05 -25.23
N PRO R 264 98.72 -3.62 -26.36
CA PRO R 264 98.37 -5.06 -26.37
C PRO R 264 99.53 -6.03 -26.32
N GLU R 265 100.74 -5.54 -26.03
CA GLU R 265 101.87 -6.41 -25.75
C GLU R 265 101.68 -7.15 -24.44
N PHE R 266 100.94 -6.55 -23.48
CA PHE R 266 100.61 -7.23 -22.24
C PHE R 266 99.65 -8.40 -22.44
N TYR R 267 98.91 -8.42 -23.55
CA TYR R 267 98.21 -9.63 -23.93
C TYR R 267 99.18 -10.76 -24.20
N PHE R 268 100.20 -10.49 -25.01
CA PHE R 268 101.18 -11.51 -25.37
C PHE R 268 102.06 -11.87 -24.18
N TYR R 269 102.24 -10.93 -23.24
CA TYR R 269 103.04 -11.23 -22.07
C TYR R 269 102.31 -12.18 -21.15
N THR R 270 101.02 -11.91 -20.90
CA THR R 270 100.25 -12.67 -19.91
C THR R 270 100.00 -14.09 -20.37
N LYS R 271 99.87 -14.29 -21.69
CA LYS R 271 99.80 -15.65 -22.22
C LYS R 271 101.09 -16.40 -21.92
N GLN R 272 102.23 -15.75 -22.12
CA GLN R 272 103.52 -16.34 -21.76
C GLN R 272 103.65 -16.56 -20.25
N VAL R 273 103.05 -15.67 -19.45
CA VAL R 273 103.19 -15.74 -17.99
C VAL R 273 102.44 -16.95 -17.44
N ILE R 274 101.27 -17.25 -17.98
CA ILE R 274 100.51 -18.42 -17.53
C ILE R 274 101.22 -19.70 -17.93
N GLU R 275 101.90 -19.69 -19.08
CA GLU R 275 102.72 -20.84 -19.51
C GLU R 275 103.83 -21.16 -18.52
N PHE R 276 104.32 -20.15 -17.81
CA PHE R 276 105.37 -20.36 -16.81
C PHE R 276 104.85 -21.14 -15.62
N GLU R 277 103.62 -20.87 -15.20
CA GLU R 277 103.02 -21.46 -14.01
C GLU R 277 101.62 -21.96 -14.37
N GLU R 278 101.52 -23.17 -14.93
CA GLU R 278 100.25 -23.82 -15.19
C GLU R 278 100.48 -25.30 -15.47
N THR R 279 99.66 -26.13 -14.85
CA THR R 279 99.68 -27.57 -15.09
C THR R 279 98.97 -27.88 -16.40
N ASP R 280 99.62 -28.63 -17.30
CA ASP R 280 99.04 -28.91 -18.65
C ASP R 280 98.71 -27.56 -19.31
N ILE R 281 99.73 -26.72 -19.45
CA ILE R 281 99.77 -25.30 -19.95
C ILE R 281 98.42 -24.78 -20.46
N ARG R 282 97.73 -25.42 -21.42
CA ARG R 282 96.43 -24.86 -21.82
C ARG R 282 95.35 -25.46 -20.93
N ASN R 283 94.10 -25.41 -21.41
CA ASN R 283 93.01 -26.26 -20.91
C ASN R 283 92.68 -26.02 -19.44
N LEU R 284 92.27 -24.80 -19.10
CA LEU R 284 92.28 -24.33 -17.71
C LEU R 284 91.22 -25.02 -16.87
N THR R 285 91.57 -25.29 -15.61
CA THR R 285 90.87 -26.27 -14.81
C THR R 285 89.60 -25.72 -14.21
N LEU R 286 88.46 -26.20 -14.70
CA LEU R 286 87.20 -26.09 -13.98
C LEU R 286 87.19 -27.14 -12.89
N TRP R 287 86.93 -26.71 -11.67
CA TRP R 287 87.27 -27.48 -10.48
C TRP R 287 86.01 -27.90 -9.75
N GLU R 288 85.68 -29.18 -9.83
CA GLU R 288 84.60 -29.76 -9.04
C GLU R 288 85.04 -29.97 -7.60
N ARG R 289 84.09 -30.00 -6.70
CA ARG R 289 84.41 -30.39 -5.33
C ARG R 289 83.28 -31.20 -4.73
N THR R 290 83.65 -32.32 -4.11
CA THR R 290 82.72 -33.21 -3.43
C THR R 290 83.23 -33.73 -2.09
N ASP R 291 84.53 -33.61 -1.80
CA ASP R 291 85.07 -34.13 -0.54
C ASP R 291 84.69 -33.23 0.62
N GLU R 292 84.83 -31.92 0.44
CA GLU R 292 84.61 -30.98 1.53
C GLU R 292 83.44 -30.06 1.21
N ARG R 293 82.81 -29.58 2.27
CA ARG R 293 81.91 -28.45 2.22
C ARG R 293 82.65 -27.12 2.37
N HIS R 294 83.92 -27.17 2.76
CA HIS R 294 84.78 -26.02 2.84
C HIS R 294 85.07 -25.47 1.44
N THR R 295 85.49 -24.21 1.39
CA THR R 295 85.92 -23.66 0.12
C THR R 295 87.39 -23.95 -0.10
N GLY R 296 87.80 -23.97 -1.36
CA GLY R 296 89.19 -24.19 -1.69
C GLY R 296 90.00 -22.95 -1.46
N ARG R 297 90.82 -22.98 -0.40
CA ARG R 297 91.58 -21.78 0.00
C ARG R 297 92.74 -21.51 -0.95
N VAL R 298 93.08 -22.46 -1.82
CA VAL R 298 94.00 -22.21 -2.93
C VAL R 298 93.32 -21.33 -3.99
N SER R 299 91.99 -21.26 -3.97
CA SER R 299 91.15 -20.56 -4.95
C SER R 299 91.41 -21.13 -6.35
N ASN R 300 90.98 -22.38 -6.51
CA ASN R 300 91.28 -23.18 -7.69
C ASN R 300 90.31 -22.96 -8.84
N HIS R 301 89.67 -21.81 -8.86
CA HIS R 301 88.81 -21.43 -9.98
C HIS R 301 89.66 -20.80 -11.06
N ALA R 302 89.59 -21.35 -12.28
CA ALA R 302 90.57 -21.04 -13.31
C ALA R 302 90.45 -19.62 -13.78
N GLU R 303 89.23 -19.13 -13.91
CA GLU R 303 89.00 -17.74 -14.26
C GLU R 303 89.43 -16.81 -13.14
N LEU R 304 89.23 -17.25 -11.90
CA LEU R 304 89.75 -16.50 -10.76
C LEU R 304 91.27 -16.56 -10.70
N ARG R 305 91.87 -17.61 -11.29
CA ARG R 305 93.33 -17.66 -11.34
C ARG R 305 93.90 -16.63 -12.29
N VAL R 306 93.26 -16.47 -13.47
CA VAL R 306 93.71 -15.51 -14.49
C VAL R 306 93.60 -14.08 -13.96
N LEU R 307 92.65 -13.83 -13.06
CA LEU R 307 92.52 -12.55 -12.37
C LEU R 307 93.75 -12.20 -11.55
N SER R 308 94.52 -13.20 -11.11
CA SER R 308 95.79 -12.88 -10.47
C SER R 308 96.90 -12.75 -11.50
N TYR R 309 96.86 -13.56 -12.56
CA TYR R 309 97.89 -13.52 -13.59
C TYR R 309 97.88 -12.22 -14.38
N PHE R 310 96.77 -11.48 -14.37
CA PHE R 310 96.74 -10.16 -14.97
C PHE R 310 97.14 -9.07 -13.99
N MET R 311 96.94 -9.29 -12.70
CA MET R 311 97.31 -8.31 -11.68
C MET R 311 98.79 -8.31 -11.35
N LEU R 312 99.57 -9.22 -11.91
CA LEU R 312 101.01 -9.26 -11.70
C LEU R 312 101.79 -9.00 -12.97
N THR R 313 101.21 -9.37 -14.13
CA THR R 313 101.90 -9.18 -15.41
C THR R 313 102.02 -7.70 -15.75
N ILE R 314 101.05 -6.89 -15.32
CA ILE R 314 101.16 -5.44 -15.51
C ILE R 314 102.10 -4.81 -14.51
N ASN R 315 102.40 -5.50 -13.40
CA ASN R 315 103.30 -4.96 -12.38
C ASN R 315 104.70 -5.54 -12.47
N TRP R 316 104.84 -6.76 -13.00
CA TRP R 316 106.17 -7.29 -13.28
C TRP R 316 106.90 -6.45 -14.32
N MET R 317 106.18 -6.01 -15.36
CA MET R 317 106.80 -5.20 -16.39
C MET R 317 107.16 -3.81 -15.88
N LEU R 318 106.18 -3.10 -15.31
CA LEU R 318 106.36 -1.67 -15.07
C LEU R 318 107.22 -1.36 -13.86
N SER R 319 107.32 -2.26 -12.89
CA SER R 319 108.13 -1.95 -11.72
C SER R 319 109.61 -2.01 -12.02
N PHE R 320 110.02 -2.94 -12.86
CA PHE R 320 111.42 -3.08 -13.27
C PHE R 320 111.63 -2.45 -14.65
N ASP R 321 111.53 -1.12 -14.69
CA ASP R 321 111.53 -0.36 -15.94
C ASP R 321 112.94 -0.34 -16.50
N ARG R 322 113.26 -1.38 -17.28
CA ARG R 322 114.62 -1.56 -17.79
C ARG R 322 114.83 -0.87 -19.13
N ASP R 323 113.87 -0.97 -20.03
CA ASP R 323 113.98 -0.42 -21.37
C ASP R 323 113.47 1.02 -21.45
N ARG R 324 112.87 1.53 -20.37
CA ARG R 324 112.09 2.76 -20.25
C ARG R 324 111.17 3.01 -21.45
N GLN R 325 110.53 1.95 -21.93
CA GLN R 325 109.71 2.06 -23.13
C GLN R 325 108.40 2.78 -22.83
N TYR R 326 107.81 2.52 -21.66
CA TYR R 326 106.59 3.19 -21.25
C TYR R 326 106.93 4.23 -20.20
N PRO R 327 106.90 5.52 -20.54
CA PRO R 327 107.38 6.54 -19.61
C PRO R 327 106.37 6.89 -18.53
N LEU R 328 106.88 7.59 -17.50
CA LEU R 328 106.05 8.01 -16.37
C LEU R 328 105.02 9.05 -16.79
N LYS R 329 105.37 9.91 -17.75
CA LYS R 329 104.43 10.91 -18.25
C LYS R 329 103.31 10.29 -19.05
N TRP R 330 103.50 9.08 -19.56
CA TRP R 330 102.44 8.31 -20.19
C TRP R 330 101.55 7.61 -19.17
N ILE R 331 102.11 7.24 -18.01
CA ILE R 331 101.34 6.58 -16.96
C ILE R 331 100.26 7.50 -16.42
N LEU R 332 100.57 8.79 -16.26
CA LEU R 332 99.57 9.80 -15.93
C LEU R 332 98.50 9.88 -17.02
N SER R 333 98.91 9.77 -18.29
CA SER R 333 97.94 9.75 -19.38
C SER R 333 97.17 8.43 -19.44
N LEU R 334 97.65 7.39 -18.76
CA LEU R 334 96.91 6.13 -18.68
C LEU R 334 96.05 6.05 -17.43
N THR R 335 96.61 6.42 -16.28
CA THR R 335 95.90 6.26 -15.01
C THR R 335 94.71 7.20 -14.93
N GLU R 336 94.86 8.43 -15.41
CA GLU R 336 93.74 9.34 -15.46
C GLU R 336 92.83 9.09 -16.65
N SER R 337 93.23 8.23 -17.59
CA SER R 337 92.34 7.87 -18.70
C SER R 337 91.23 6.96 -18.23
N LEU R 338 91.53 6.04 -17.31
CA LEU R 338 90.49 5.15 -16.80
C LEU R 338 89.55 5.86 -15.85
N THR R 339 90.08 6.75 -15.01
CA THR R 339 89.25 7.56 -14.14
C THR R 339 88.65 8.66 -15.01
N GLN R 340 87.58 8.27 -15.71
CA GLN R 340 86.94 9.14 -16.69
C GLN R 340 85.53 8.61 -16.87
N ARG R 341 84.56 9.33 -16.33
CA ARG R 341 83.17 8.93 -16.47
C ARG R 341 82.76 9.10 -17.93
N THR R 342 82.34 8.00 -18.55
CA THR R 342 81.82 8.04 -19.91
C THR R 342 80.49 7.29 -19.96
N THR R 343 79.75 7.51 -21.03
CA THR R 343 78.42 6.94 -21.20
C THR R 343 78.46 6.01 -22.40
N THR R 344 78.74 4.74 -22.16
CA THR R 344 78.67 3.72 -23.19
C THR R 344 77.52 2.76 -22.88
N SER R 345 77.36 1.78 -23.76
CA SER R 345 76.36 0.74 -23.52
C SER R 345 76.85 -0.32 -22.54
N GLU R 346 78.11 -0.24 -22.11
CA GLU R 346 78.71 -1.19 -21.20
C GLU R 346 79.20 -0.57 -19.90
N SER R 347 79.62 0.70 -19.93
CA SER R 347 79.97 1.38 -18.69
C SER R 347 78.74 1.66 -17.85
N ILE R 348 77.62 1.97 -18.49
CA ILE R 348 76.39 2.26 -17.77
C ILE R 348 75.81 0.98 -17.21
N GLY R 349 75.97 -0.15 -17.91
CA GLY R 349 75.66 -1.43 -17.31
C GLY R 349 76.60 -1.78 -16.17
N ARG R 350 77.82 -1.26 -16.21
CA ARG R 350 78.75 -1.44 -15.10
C ARG R 350 78.45 -0.49 -13.95
N ASN R 351 77.77 0.63 -14.23
CA ASN R 351 77.27 1.48 -13.16
C ASN R 351 76.22 0.77 -12.33
N ILE R 352 75.46 -0.13 -12.95
CA ILE R 352 74.40 -0.83 -12.25
C ILE R 352 74.98 -1.82 -11.26
N VAL R 353 76.14 -2.40 -11.57
CA VAL R 353 76.71 -3.42 -10.71
C VAL R 353 77.26 -2.80 -9.43
N LYS R 354 77.70 -1.54 -9.51
CA LYS R 354 78.12 -0.82 -8.32
C LYS R 354 76.96 -0.51 -7.40
N VAL R 355 75.74 -0.41 -7.96
CA VAL R 355 74.54 -0.21 -7.17
C VAL R 355 74.23 -1.43 -6.31
N VAL R 356 74.33 -2.63 -6.89
CA VAL R 356 73.82 -3.83 -6.27
C VAL R 356 74.70 -4.30 -5.13
N TYR R 357 76.00 -4.03 -5.19
CA TYR R 357 76.90 -4.48 -4.14
C TYR R 357 77.27 -3.30 -3.25
N PRO R 358 76.82 -3.28 -1.99
CA PRO R 358 77.14 -2.16 -1.10
C PRO R 358 78.38 -2.34 -0.25
N ASP R 359 78.90 -3.57 -0.12
CA ASP R 359 80.03 -3.85 0.74
C ASP R 359 81.31 -3.24 0.18
N LYS R 360 81.57 -3.46 -1.10
CA LYS R 360 82.77 -2.99 -1.74
C LYS R 360 82.74 -1.48 -1.90
N PRO R 361 83.91 -0.82 -1.93
CA PRO R 361 83.93 0.62 -2.14
C PRO R 361 83.51 0.98 -3.54
N THR R 362 83.31 2.29 -3.73
CA THR R 362 82.75 2.89 -4.95
C THR R 362 81.42 2.21 -5.28
N SER R 363 80.62 2.00 -4.24
CA SER R 363 79.20 1.68 -4.33
C SER R 363 78.35 2.93 -4.28
N SER R 364 79.00 4.09 -4.15
CA SER R 364 78.38 5.39 -4.02
C SER R 364 78.94 6.33 -5.08
N ASP R 365 79.26 5.78 -6.24
CA ASP R 365 79.74 6.54 -7.38
C ASP R 365 78.64 7.34 -8.04
N TYR R 366 77.37 7.02 -7.77
CA TYR R 366 76.23 7.70 -8.37
C TYR R 366 76.11 9.14 -7.93
N PHE R 367 76.80 9.55 -6.86
CA PHE R 367 76.91 10.96 -6.52
C PHE R 367 77.62 11.75 -7.61
N GLN R 368 78.50 11.11 -8.37
CA GLN R 368 79.33 11.80 -9.33
C GLN R 368 78.87 11.57 -10.76
N TRP R 369 77.65 11.12 -10.97
CA TRP R 369 77.14 10.95 -12.31
C TRP R 369 76.81 12.30 -12.93
N SER R 370 76.92 12.37 -14.25
CA SER R 370 76.58 13.61 -14.95
C SER R 370 75.07 13.69 -15.16
N GLU R 371 74.67 14.72 -15.88
CA GLU R 371 73.27 14.85 -16.30
C GLU R 371 72.90 13.73 -17.27
N GLU R 372 73.73 13.51 -18.29
CA GLU R 372 73.42 12.50 -19.29
C GLU R 372 73.62 11.09 -18.74
N GLU R 373 74.41 10.95 -17.68
CA GLU R 373 74.68 9.62 -17.15
C GLU R 373 73.49 9.09 -16.36
N THR R 374 72.71 9.97 -15.73
CA THR R 374 71.51 9.54 -15.03
C THR R 374 70.38 9.25 -16.01
N LEU R 375 70.33 9.96 -17.14
CA LEU R 375 69.26 9.78 -18.12
C LEU R 375 69.23 8.39 -18.73
N GLU R 376 70.40 7.84 -19.06
CA GLU R 376 70.41 6.46 -19.53
C GLU R 376 70.13 5.50 -18.39
N PHE R 377 70.57 5.83 -17.17
CA PHE R 377 70.20 5.06 -16.00
C PHE R 377 68.69 5.06 -15.79
N LEU R 378 68.05 6.20 -16.00
CA LEU R 378 66.60 6.25 -15.87
C LEU R 378 65.90 5.59 -17.04
N LYS R 379 66.51 5.61 -18.22
CA LYS R 379 65.94 4.81 -19.31
C LYS R 379 66.18 3.34 -19.08
N TRP R 380 67.23 2.98 -18.36
CA TRP R 380 67.35 1.61 -17.90
C TRP R 380 66.27 1.27 -16.88
N MET R 381 65.86 2.26 -16.07
CA MET R 381 64.82 2.00 -15.06
C MET R 381 63.49 1.63 -15.69
N GLU R 382 63.23 2.11 -16.90
CA GLU R 382 62.05 1.66 -17.62
C GLU R 382 62.18 0.22 -18.09
N LYS R 383 63.39 -0.34 -18.10
CA LYS R 383 63.60 -1.77 -18.25
C LYS R 383 63.75 -2.46 -16.87
N GLN R 384 63.47 -1.76 -15.78
CA GLN R 384 63.25 -2.43 -14.50
C GLN R 384 61.77 -2.62 -14.19
N PHE R 385 60.90 -1.70 -14.64
CA PHE R 385 59.50 -1.74 -14.21
C PHE R 385 58.78 -2.95 -14.79
N LEU R 386 59.07 -3.30 -16.02
CA LEU R 386 58.41 -4.45 -16.61
C LEU R 386 58.89 -5.76 -15.98
N PRO R 387 60.20 -5.93 -15.60
CA PRO R 387 60.52 -7.08 -14.73
C PRO R 387 60.07 -6.90 -13.30
N THR R 388 60.18 -5.69 -12.76
CA THR R 388 59.83 -5.48 -11.36
C THR R 388 58.65 -4.52 -11.21
N ASP R 405 39.33 -1.54 -6.79
CA ASP R 405 39.68 -1.93 -5.43
C ASP R 405 41.14 -1.62 -5.14
N GLN R 406 41.39 -0.38 -4.68
CA GLN R 406 42.68 0.20 -4.27
C GLN R 406 43.65 0.42 -5.41
N LYS R 407 43.30 -0.01 -6.62
CA LYS R 407 44.03 0.35 -7.81
C LYS R 407 43.50 1.62 -8.43
N ILE R 408 42.29 2.04 -8.02
CA ILE R 408 41.75 3.31 -8.50
C ILE R 408 42.53 4.49 -7.95
N ALA R 409 43.16 4.31 -6.78
CA ALA R 409 43.98 5.35 -6.21
C ALA R 409 45.31 5.49 -6.93
N ARG R 410 45.99 4.37 -7.18
CA ARG R 410 47.31 4.41 -7.80
C ARG R 410 47.22 4.81 -9.26
N ARG R 411 46.13 4.43 -9.92
CA ARG R 411 45.89 4.84 -11.31
C ARG R 411 45.78 6.35 -11.42
N LYS R 412 45.22 6.99 -10.40
CA LYS R 412 45.02 8.42 -10.39
C LYS R 412 46.29 9.16 -10.04
N LEU R 413 47.20 8.50 -9.30
CA LEU R 413 48.51 9.07 -9.07
C LEU R 413 49.42 8.91 -10.28
N TYR R 414 49.27 7.85 -11.04
CA TYR R 414 50.03 7.74 -12.27
C TYR R 414 49.48 8.67 -13.34
N LYS R 415 48.23 9.11 -13.18
CA LYS R 415 47.65 10.13 -14.03
C LYS R 415 48.32 11.48 -13.80
N ILE R 416 48.75 11.76 -12.56
CA ILE R 416 49.36 13.05 -12.29
C ILE R 416 50.87 13.00 -12.45
N PHE R 417 51.49 11.83 -12.32
CA PHE R 417 52.89 11.65 -12.68
C PHE R 417 52.95 10.69 -13.86
N PRO R 418 52.87 11.17 -15.10
CA PRO R 418 53.15 10.29 -16.23
C PRO R 418 54.60 9.86 -16.25
N LEU R 419 54.84 8.60 -16.59
CA LEU R 419 56.16 7.99 -16.42
C LEU R 419 57.16 8.56 -17.41
N ASP R 420 56.72 8.90 -18.62
CA ASP R 420 57.57 9.57 -19.57
C ASP R 420 57.71 11.04 -19.18
N ARG R 421 58.32 11.84 -20.05
CA ARG R 421 58.20 13.28 -19.88
C ARG R 421 56.75 13.67 -20.12
N GLU R 422 56.29 14.69 -19.40
CA GLU R 422 54.90 15.10 -19.46
C GLU R 422 54.51 15.62 -20.84
N ALA R 423 55.46 16.17 -21.58
CA ALA R 423 55.30 16.48 -23.00
C ALA R 423 56.68 16.58 -23.61
N ASN R 424 56.75 16.33 -24.93
CA ASN R 424 57.97 16.40 -25.74
C ASN R 424 59.04 15.43 -25.22
N HIS R 425 58.76 14.14 -25.35
CA HIS R 425 59.74 13.12 -25.07
C HIS R 425 60.72 12.98 -26.24
N ASP R 426 61.80 12.24 -25.99
CA ASP R 426 62.92 12.12 -26.93
C ASP R 426 62.88 10.83 -27.74
N GLY R 427 61.68 10.37 -28.11
CA GLY R 427 61.56 9.11 -28.81
C GLY R 427 61.64 9.21 -30.32
N GLU R 428 60.81 10.07 -30.91
CA GLU R 428 60.64 10.08 -32.36
C GLU R 428 61.60 11.04 -33.07
N PHE R 429 61.51 12.32 -32.76
CA PHE R 429 62.34 13.35 -33.39
C PHE R 429 63.38 13.77 -32.36
N ASN R 430 64.49 13.04 -32.31
CA ASN R 430 65.46 13.23 -31.24
C ASN R 430 66.80 13.76 -31.74
N ASP R 431 67.48 13.04 -32.63
CA ASP R 431 68.90 13.29 -32.85
C ASP R 431 69.37 12.59 -34.12
N SER R 432 70.68 12.60 -34.32
CA SER R 432 71.38 11.64 -35.17
C SER R 432 71.91 10.46 -34.37
N THR R 433 72.83 10.72 -33.43
CA THR R 433 73.30 9.73 -32.45
C THR R 433 73.48 10.42 -31.11
N HIS R 434 73.05 9.76 -30.03
CA HIS R 434 73.56 10.07 -28.70
C HIS R 434 74.58 9.03 -28.25
N GLN R 435 74.18 7.77 -28.24
CA GLN R 435 74.87 6.71 -27.51
C GLN R 435 76.01 6.19 -28.36
N LEU R 436 77.23 6.58 -28.02
CA LEU R 436 78.42 5.96 -28.60
C LEU R 436 78.59 4.55 -28.04
N THR R 437 79.25 3.70 -28.80
CA THR R 437 79.41 2.30 -28.45
C THR R 437 80.84 2.00 -28.03
N PHE R 438 81.10 0.73 -27.74
CA PHE R 438 82.35 0.31 -27.13
C PHE R 438 83.51 0.28 -28.12
N ILE R 439 83.21 0.38 -29.41
CA ILE R 439 84.29 0.53 -30.37
C ILE R 439 84.88 1.94 -30.30
N GLU R 440 84.06 2.93 -29.95
CA GLU R 440 84.41 4.32 -30.19
C GLU R 440 85.03 5.00 -28.99
N ASP R 441 84.68 4.58 -27.77
CA ASP R 441 85.33 5.15 -26.59
C ASP R 441 86.80 4.76 -26.52
N LEU R 442 87.14 3.57 -27.01
CA LEU R 442 88.53 3.17 -27.12
C LEU R 442 89.27 4.03 -28.12
N GLN R 443 88.59 4.47 -29.18
CA GLN R 443 89.18 5.39 -30.15
C GLN R 443 89.50 6.74 -29.53
N GLU R 444 88.72 7.17 -28.52
CA GLU R 444 89.16 8.28 -27.68
C GLU R 444 90.32 7.85 -26.80
N ARG R 445 90.18 6.66 -26.20
CA ARG R 445 91.19 6.13 -25.24
C ARG R 445 92.52 5.84 -25.95
N TYR R 446 92.49 5.16 -27.10
CA TYR R 446 93.71 4.89 -27.83
C TYR R 446 94.22 6.09 -28.60
N ALA R 447 93.59 7.26 -28.46
CA ALA R 447 94.16 8.52 -28.88
C ALA R 447 94.52 9.43 -27.73
N LYS R 448 94.04 9.11 -26.52
CA LYS R 448 94.36 9.91 -25.34
C LYS R 448 95.77 9.63 -24.85
N GLN R 449 96.21 8.39 -24.97
CA GLN R 449 97.48 7.94 -24.41
C GLN R 449 98.62 8.06 -25.41
N THR R 450 98.71 9.24 -26.02
CA THR R 450 99.69 9.63 -27.04
C THR R 450 101.18 9.74 -26.68
N PRO R 451 101.63 9.95 -25.43
CA PRO R 451 103.10 9.96 -25.25
C PRO R 451 103.67 8.56 -25.37
N PHE R 452 104.50 8.36 -26.39
CA PHE R 452 105.19 7.10 -26.60
C PHE R 452 106.70 7.23 -26.46
N PHE R 453 107.29 8.24 -27.09
CA PHE R 453 108.73 8.44 -27.02
C PHE R 453 109.13 9.24 -25.78
N PRO R 469 113.46 6.40 -8.06
CA PRO R 469 112.25 7.01 -8.62
C PRO R 469 111.05 6.91 -7.67
N PRO R 470 110.97 7.82 -6.69
CA PRO R 470 109.87 7.76 -5.73
C PRO R 470 108.52 8.18 -6.30
N ALA R 471 108.50 8.96 -7.38
CA ALA R 471 107.23 9.30 -8.01
C ALA R 471 106.65 8.13 -8.80
N ARG R 472 107.50 7.21 -9.25
CA ARG R 472 107.04 6.05 -10.00
C ARG R 472 106.48 4.97 -9.08
N LYS R 473 107.12 4.74 -7.93
CA LYS R 473 106.67 3.74 -6.98
C LYS R 473 105.39 4.14 -6.26
N GLU R 474 104.96 5.40 -6.37
CA GLU R 474 103.67 5.83 -5.88
C GLU R 474 102.58 5.64 -6.92
N ALA R 475 102.89 5.89 -8.20
CA ALA R 475 101.97 5.67 -9.30
C ALA R 475 102.06 4.25 -9.86
N ILE R 476 102.68 3.33 -9.13
CA ILE R 476 102.62 1.92 -9.47
C ILE R 476 101.53 1.19 -8.69
N GLY R 477 101.12 1.71 -7.53
CA GLY R 477 99.97 1.19 -6.82
C GLY R 477 98.72 1.96 -7.06
N ARG R 478 98.83 3.14 -7.67
CA ARG R 478 97.65 3.93 -8.00
C ARG R 478 96.88 3.32 -9.15
N LEU R 479 97.60 2.87 -10.19
CA LEU R 479 96.97 2.22 -11.32
C LEU R 479 96.51 0.82 -10.97
N LEU R 480 97.30 0.11 -10.16
CA LEU R 480 97.04 -1.29 -9.85
C LEU R 480 95.82 -1.44 -8.94
N THR R 481 95.63 -0.51 -8.01
CA THR R 481 94.43 -0.53 -7.19
C THR R 481 93.20 -0.20 -8.03
N HIS R 482 93.34 0.81 -8.89
CA HIS R 482 92.19 1.26 -9.73
C HIS R 482 91.67 0.12 -10.61
N ILE R 483 92.57 -0.59 -11.29
CA ILE R 483 92.11 -1.66 -12.18
C ILE R 483 91.57 -2.82 -11.35
N ALA R 484 92.10 -3.01 -10.14
CA ALA R 484 91.61 -4.07 -9.25
C ALA R 484 90.17 -3.81 -8.82
N SER R 485 89.82 -2.55 -8.58
CA SER R 485 88.47 -2.21 -8.15
C SER R 485 87.45 -2.53 -9.23
N GLN R 486 87.83 -2.38 -10.49
CA GLN R 486 86.96 -2.85 -11.57
C GLN R 486 86.93 -4.37 -11.62
N LEU R 487 88.01 -5.03 -11.20
CA LEU R 487 88.06 -6.49 -11.21
C LEU R 487 87.34 -7.10 -10.02
N LEU R 488 87.30 -6.40 -8.89
CA LEU R 488 86.45 -6.86 -7.80
C LEU R 488 84.98 -6.78 -8.18
N VAL R 489 84.56 -5.66 -8.78
CA VAL R 489 83.14 -5.40 -8.94
C VAL R 489 82.54 -6.24 -10.07
N ASP R 490 83.34 -6.65 -11.04
CA ASP R 490 82.81 -7.34 -12.21
C ASP R 490 82.83 -8.85 -12.07
N PHE R 491 83.22 -9.37 -10.91
CA PHE R 491 83.29 -10.79 -10.70
C PHE R 491 82.69 -11.26 -9.39
N ALA R 492 82.11 -10.35 -8.60
CA ALA R 492 81.23 -10.64 -7.46
C ALA R 492 81.97 -11.40 -6.35
N ILE R 493 83.21 -10.99 -6.10
CA ILE R 493 84.03 -11.54 -5.03
C ILE R 493 84.45 -10.39 -4.13
N SER R 494 84.91 -10.73 -2.94
CA SER R 494 85.24 -9.70 -1.97
C SER R 494 86.65 -9.17 -2.23
N LYS R 495 87.09 -8.28 -1.36
CA LYS R 495 88.50 -7.89 -1.32
C LYS R 495 89.36 -9.02 -0.80
N GLU R 496 88.89 -9.70 0.26
CA GLU R 496 89.62 -10.81 0.86
C GLU R 496 89.69 -12.04 -0.01
N GLN R 497 88.81 -12.17 -1.01
CA GLN R 497 88.95 -13.27 -1.95
C GLN R 497 90.16 -13.06 -2.84
N LEU R 498 90.39 -11.83 -3.29
CA LEU R 498 91.50 -11.57 -4.20
C LEU R 498 92.84 -11.51 -3.47
N LYS R 499 92.82 -11.05 -2.22
CA LYS R 499 94.04 -11.06 -1.42
C LYS R 499 94.48 -12.49 -1.08
N ASP R 500 93.53 -13.42 -1.03
CA ASP R 500 93.88 -14.84 -1.01
C ASP R 500 94.51 -15.27 -2.32
N CYS R 501 93.99 -14.78 -3.45
CA CYS R 501 94.37 -15.33 -4.73
C CYS R 501 95.77 -14.89 -5.17
N ILE R 502 96.18 -13.68 -4.76
CA ILE R 502 97.50 -13.18 -5.15
C ILE R 502 98.61 -13.99 -4.48
N SER R 503 98.47 -14.24 -3.17
CA SER R 503 99.47 -14.98 -2.44
C SER R 503 99.52 -16.46 -2.83
N ARG R 504 98.47 -16.98 -3.48
CA ARG R 504 98.49 -18.35 -3.97
C ARG R 504 98.91 -18.45 -5.44
N ILE R 505 99.25 -17.32 -6.07
CA ILE R 505 99.84 -17.33 -7.40
C ILE R 505 101.26 -16.78 -7.37
N LYS R 506 101.50 -15.72 -6.59
CA LYS R 506 102.85 -15.20 -6.43
C LYS R 506 103.74 -16.19 -5.71
N ASN R 507 103.24 -16.79 -4.63
CA ASN R 507 104.00 -17.81 -3.93
C ASN R 507 103.71 -19.21 -4.47
N ALA R 508 103.74 -19.29 -5.79
CA ALA R 508 103.96 -20.50 -6.57
C ALA R 508 104.86 -20.23 -7.74
N CYS R 509 105.11 -18.96 -8.06
CA CYS R 509 106.00 -18.54 -9.13
C CYS R 509 107.42 -18.35 -8.65
N LEU R 510 107.61 -17.87 -7.42
CA LEU R 510 108.92 -17.89 -6.77
C LEU R 510 109.40 -19.31 -6.52
N HIS R 511 108.47 -20.26 -6.34
CA HIS R 511 108.79 -21.67 -6.18
C HIS R 511 109.39 -22.28 -7.44
N ARG R 512 109.28 -21.62 -8.59
CA ARG R 512 109.94 -22.09 -9.80
C ARG R 512 111.40 -21.67 -9.85
N MET R 513 111.71 -20.45 -9.41
CA MET R 513 113.10 -19.97 -9.46
C MET R 513 113.95 -20.62 -8.37
N ASN R 514 113.57 -20.44 -7.11
CA ASN R 514 114.32 -21.09 -6.03
C ASN R 514 113.44 -22.00 -5.18
N LEU S 16 57.47 39.63 13.35
CA LEU S 16 56.58 38.67 13.98
C LEU S 16 55.60 38.13 12.94
N GLY S 17 55.91 36.94 12.41
CA GLY S 17 54.99 36.25 11.52
C GLY S 17 53.99 35.47 12.34
N VAL S 18 53.18 34.61 11.71
CA VAL S 18 52.00 34.18 12.45
C VAL S 18 52.01 32.70 12.76
N GLY S 19 52.59 31.88 11.90
CA GLY S 19 52.30 30.48 12.08
C GLY S 19 53.25 29.82 13.05
N VAL S 20 52.86 29.82 14.32
CA VAL S 20 53.68 29.25 15.38
C VAL S 20 52.85 28.21 16.10
N GLN S 21 53.51 27.45 16.96
CA GLN S 21 52.78 26.68 17.95
C GLN S 21 52.95 27.31 19.32
N GLY S 22 53.89 28.23 19.47
CA GLY S 22 54.31 28.66 20.79
C GLY S 22 55.35 27.71 21.34
N ALA S 23 55.00 26.42 21.46
CA ALA S 23 55.98 25.41 21.86
C ALA S 23 56.98 25.14 20.75
N SER S 24 56.53 25.06 19.50
CA SER S 24 57.41 24.76 18.39
C SER S 24 57.15 25.71 17.24
N LEU S 25 57.97 25.59 16.19
CA LEU S 25 57.93 26.51 15.05
C LEU S 25 58.65 25.96 13.81
N TYR S 26 57.94 25.74 12.70
CA TYR S 26 58.44 24.92 11.60
C TYR S 26 58.59 25.70 10.30
N CYS S 27 59.73 25.55 9.63
CA CYS S 27 59.83 25.75 8.18
C CYS S 27 60.53 24.55 7.57
N PRO S 28 59.79 23.49 7.24
CA PRO S 28 60.42 22.23 6.86
C PRO S 28 60.68 22.11 5.37
N GLN S 29 61.13 20.89 4.99
CA GLN S 29 61.76 20.61 3.71
C GLN S 29 60.79 20.66 2.55
N GLU S 30 60.69 21.84 1.94
CA GLU S 30 59.97 22.08 0.69
C GLU S 30 58.50 21.74 0.79
N ASN S 31 57.90 21.99 1.96
CA ASN S 31 56.50 21.72 2.18
C ASN S 31 55.70 23.00 2.39
N TYR S 32 56.20 24.12 1.85
CA TYR S 32 55.42 25.33 1.64
C TYR S 32 54.90 25.92 2.94
N THR S 33 55.81 26.53 3.71
CA THR S 33 55.70 26.84 5.13
C THR S 33 54.41 27.49 5.61
N THR S 34 54.15 27.35 6.89
CA THR S 34 52.80 27.42 7.43
C THR S 34 52.46 28.81 7.97
N LYS S 35 52.60 29.85 7.16
CA LYS S 35 52.07 31.13 7.58
C LYS S 35 51.76 32.01 6.39
N LYS S 36 51.00 33.07 6.66
CA LYS S 36 50.88 34.25 5.84
C LYS S 36 50.27 35.34 6.71
N GLN S 37 50.82 36.56 6.62
CA GLN S 37 50.16 37.67 7.27
C GLN S 37 49.02 38.26 6.47
N GLU S 38 49.09 38.15 5.14
CA GLU S 38 48.27 38.94 4.22
C GLU S 38 48.44 40.43 4.52
N LYS S 39 49.62 40.90 4.18
CA LYS S 39 49.96 42.32 4.18
C LYS S 39 49.54 42.91 2.85
N PRO S 40 48.42 43.62 2.77
CA PRO S 40 47.93 44.12 1.47
C PRO S 40 48.66 45.37 1.02
N GLN S 41 49.92 45.21 0.64
CA GLN S 41 50.76 46.38 0.41
C GLN S 41 51.38 46.40 -0.99
N TRP S 42 50.87 45.57 -1.91
CA TRP S 42 51.31 45.50 -3.32
C TRP S 42 52.80 45.23 -3.46
N LEU S 43 53.39 44.55 -2.48
CA LEU S 43 54.84 44.42 -2.36
C LEU S 43 55.14 42.97 -2.04
N ARG S 44 54.63 42.06 -2.90
CA ARG S 44 54.53 40.63 -2.70
C ARG S 44 53.70 40.38 -1.45
N PRO S 45 52.36 40.55 -1.55
CA PRO S 45 51.51 40.65 -0.36
C PRO S 45 51.35 39.37 0.46
N VAL S 46 52.48 38.90 1.02
CA VAL S 46 52.62 37.61 1.68
C VAL S 46 53.96 37.68 2.40
N ASP S 47 54.07 37.05 3.58
CA ASP S 47 55.38 36.96 4.23
C ASP S 47 55.60 35.53 4.76
N ASP S 48 55.56 34.57 3.84
CA ASP S 48 55.98 33.20 4.11
C ASP S 48 57.38 33.17 4.73
N THR S 49 57.63 32.16 5.56
CA THR S 49 58.97 31.92 6.08
C THR S 49 59.93 31.56 4.96
N LEU S 50 59.45 30.90 3.91
CA LEU S 50 60.21 30.78 2.68
C LEU S 50 60.46 32.17 2.09
N ALA S 51 61.72 32.44 1.78
CA ALA S 51 62.12 33.70 1.19
C ALA S 51 62.14 33.58 -0.33
N GLU S 52 62.69 34.59 -1.00
CA GLU S 52 62.87 34.54 -2.45
C GLU S 52 64.17 35.23 -2.83
N ASP S 53 64.95 34.56 -3.68
CA ASP S 53 66.14 35.11 -4.32
C ASP S 53 66.48 34.21 -5.50
N ALA S 54 67.70 34.36 -6.01
CA ALA S 54 68.24 33.46 -7.01
C ALA S 54 68.92 32.28 -6.31
N LEU S 55 69.72 31.53 -7.05
CA LEU S 55 70.41 30.37 -6.50
C LEU S 55 71.58 30.78 -5.63
N ASP S 56 72.28 29.77 -5.11
CA ASP S 56 73.55 29.95 -4.43
C ASP S 56 74.38 28.68 -4.60
N LEU S 57 75.27 28.70 -5.58
CA LEU S 57 76.21 27.61 -5.81
C LEU S 57 77.52 27.90 -5.11
N HIS S 58 78.14 26.85 -4.57
CA HIS S 58 79.38 26.97 -3.81
C HIS S 58 80.52 26.25 -4.50
N ILE S 59 81.70 26.84 -4.39
CA ILE S 59 82.91 26.40 -5.09
C ILE S 59 84.03 26.33 -4.08
N VAL S 60 84.68 25.18 -3.97
CA VAL S 60 85.77 25.03 -3.00
C VAL S 60 87.01 25.77 -3.49
N VAL S 61 87.81 26.25 -2.54
CA VAL S 61 89.15 26.75 -2.80
C VAL S 61 90.09 25.87 -1.97
N LYS S 62 90.60 24.81 -2.60
CA LYS S 62 91.31 23.75 -1.88
C LYS S 62 92.74 24.18 -1.61
N SER S 63 93.11 24.29 -0.34
CA SER S 63 94.47 24.67 0.01
C SER S 63 94.82 24.11 1.38
N LEU S 64 96.12 23.88 1.59
CA LEU S 64 96.63 23.33 2.83
C LEU S 64 96.76 24.44 3.88
N LEU S 65 96.62 24.03 5.13
CA LEU S 65 96.96 24.89 6.27
C LEU S 65 98.13 24.35 7.08
N CYS S 66 98.03 23.12 7.57
CA CYS S 66 99.06 22.57 8.44
C CYS S 66 99.05 21.06 8.32
N ASP S 67 99.84 20.39 9.15
CA ASP S 67 99.99 18.95 9.09
C ASP S 67 100.33 18.42 10.47
N THR S 68 100.82 17.19 10.54
CA THR S 68 101.40 16.63 11.76
C THR S 68 102.47 15.60 11.43
N ASP S 170 84.68 -4.32 15.60
CA ASP S 170 85.59 -3.35 16.20
C ASP S 170 85.43 -1.99 15.53
N ALA S 171 85.59 -1.97 14.21
CA ALA S 171 85.30 -0.77 13.43
C ALA S 171 83.82 -0.61 13.14
N PHE S 172 82.98 -1.49 13.66
CA PHE S 172 81.54 -1.48 13.48
C PHE S 172 80.86 -0.59 14.50
N PHE S 173 81.64 0.07 15.35
CA PHE S 173 81.15 1.01 16.34
C PHE S 173 82.06 2.22 16.32
N TRP S 174 81.74 3.20 17.14
CA TRP S 174 82.50 4.44 17.15
C TRP S 174 82.30 5.08 18.50
N ASP S 175 83.32 5.82 18.94
CA ASP S 175 83.33 6.34 20.28
C ASP S 175 82.65 7.70 20.32
N PRO S 176 81.61 7.89 21.14
CA PRO S 176 80.99 9.22 21.22
C PRO S 176 81.76 10.19 22.09
N THR S 177 82.57 9.68 23.01
CA THR S 177 83.20 10.53 24.01
C THR S 177 84.35 11.35 23.39
N VAL S 178 85.01 10.81 22.37
CA VAL S 178 85.98 11.61 21.63
C VAL S 178 85.24 12.65 20.81
N ALA S 179 85.70 13.90 20.88
CA ALA S 179 84.94 15.00 20.33
C ALA S 179 85.65 15.66 19.15
N ASN S 180 86.86 16.18 19.37
CA ASN S 180 87.63 16.85 18.33
C ASN S 180 89.10 16.63 18.59
N ARG S 181 89.93 17.20 17.73
CA ARG S 181 91.38 17.21 17.97
C ARG S 181 92.01 18.55 17.59
N LEU S 182 91.24 19.61 17.40
CA LEU S 182 91.78 20.90 16.98
C LEU S 182 90.77 22.00 17.31
N ASP S 183 91.15 23.24 16.98
CA ASP S 183 90.38 24.45 17.25
C ASP S 183 91.04 25.59 16.48
N SER S 184 90.25 26.64 16.20
CA SER S 184 90.75 27.79 15.42
C SER S 184 89.90 29.02 15.67
N GLN S 185 90.41 29.99 16.43
CA GLN S 185 89.64 31.21 16.72
C GLN S 185 90.54 32.32 17.21
N TYR S 186 90.16 33.57 16.91
CA TYR S 186 90.92 34.76 17.30
C TYR S 186 90.97 34.94 18.81
N ILE S 187 92.17 35.08 19.36
CA ILE S 187 92.36 35.18 20.80
C ILE S 187 93.04 36.53 21.11
N GLN S 188 92.57 37.20 22.15
CA GLN S 188 93.13 38.48 22.55
C GLN S 188 93.69 38.36 23.95
N THR S 189 95.00 38.48 24.08
CA THR S 189 95.72 38.06 25.27
C THR S 189 95.71 39.15 26.34
N ALA S 190 96.49 38.92 27.40
CA ALA S 190 96.44 39.79 28.58
C ALA S 190 97.15 41.12 28.34
N SER S 191 98.22 41.12 27.56
CA SER S 191 98.96 42.37 27.31
C SER S 191 98.31 43.24 26.25
N ASP S 192 97.30 42.74 25.54
CA ASP S 192 96.61 43.56 24.56
C ASP S 192 95.58 44.50 25.21
N LEU S 193 95.30 44.30 26.50
CA LEU S 193 94.39 45.20 27.22
C LEU S 193 95.02 46.57 27.39
N ARG S 194 96.20 46.61 28.00
CA ARG S 194 96.86 47.89 28.30
C ARG S 194 97.37 48.55 27.03
N ASN S 195 97.87 47.76 26.09
CA ASN S 195 98.42 48.31 24.87
C ASN S 195 97.31 48.44 23.84
N TYR S 196 97.66 48.77 22.59
CA TYR S 196 96.67 49.07 21.56
C TYR S 196 96.14 47.82 20.86
N ARG S 197 96.80 46.67 21.03
CA ARG S 197 96.57 45.50 20.19
C ARG S 197 95.18 44.90 20.43
N ASP S 198 94.60 44.31 19.38
CA ASP S 198 93.25 43.77 19.45
C ASP S 198 93.15 42.52 18.57
N GLY S 199 93.39 41.35 19.16
CA GLY S 199 93.01 40.11 18.51
C GLY S 199 94.09 39.41 17.69
N THR S 200 94.44 38.19 18.10
CA THR S 200 95.42 37.37 17.40
C THR S 200 94.80 36.00 17.13
N GLU S 201 95.08 35.42 15.96
CA GLU S 201 94.41 34.19 15.57
C GLU S 201 95.32 32.99 15.80
N ILE S 202 94.79 31.95 16.42
CA ILE S 202 95.57 30.76 16.76
C ILE S 202 94.86 29.51 16.25
N ILE S 203 95.63 28.41 16.23
CA ILE S 203 95.13 27.08 15.93
C ILE S 203 95.93 26.05 16.72
N ALA S 204 95.23 25.26 17.54
CA ALA S 204 95.88 24.36 18.48
C ALA S 204 95.35 22.95 18.26
N TYR S 205 96.24 22.03 17.87
CA TYR S 205 95.77 20.69 17.55
C TYR S 205 96.62 19.64 18.25
N ALA S 206 96.00 18.48 18.47
CA ALA S 206 96.71 17.35 19.05
C ALA S 206 97.69 16.78 18.03
N SER S 207 98.70 16.10 18.55
CA SER S 207 99.72 15.46 17.72
C SER S 207 100.35 14.32 18.50
N GLY S 208 101.34 13.68 17.88
CA GLY S 208 102.10 12.64 18.56
C GLY S 208 101.90 11.23 18.04
N LYS S 209 101.59 10.31 18.95
CA LYS S 209 101.48 8.90 18.65
C LYS S 209 100.09 8.34 18.92
N THR S 210 99.56 8.61 20.11
CA THR S 210 98.20 8.23 20.49
C THR S 210 97.28 9.43 20.61
N GLY S 211 97.63 10.55 19.99
CA GLY S 211 96.87 11.77 20.16
C GLY S 211 97.11 12.40 21.52
N SER S 212 98.32 12.88 21.75
CA SER S 212 98.69 13.33 23.09
C SER S 212 99.52 14.62 23.13
N VAL S 213 99.84 15.23 22.00
CA VAL S 213 100.72 16.40 21.95
C VAL S 213 99.93 17.57 21.38
N LEU S 214 99.41 18.42 22.26
CA LEU S 214 98.76 19.64 21.83
C LEU S 214 99.77 20.73 21.53
N ASN S 215 99.61 21.41 20.39
CA ASN S 215 100.48 22.55 20.09
C ASN S 215 99.70 23.85 19.84
N LEU S 219 100.12 31.20 12.07
CA LEU S 219 98.95 31.40 12.92
C LEU S 219 98.12 32.54 12.35
N THR S 220 98.77 33.45 11.62
CA THR S 220 98.16 34.69 11.18
C THR S 220 97.73 34.61 9.72
N ARG S 221 96.96 35.61 9.31
CA ARG S 221 96.22 35.59 8.06
C ARG S 221 96.78 36.64 7.11
N GLN S 222 97.38 36.20 6.00
CA GLN S 222 97.87 37.14 5.00
C GLN S 222 96.74 37.62 4.11
N ASN S 223 96.18 36.71 3.34
CA ASN S 223 94.88 36.82 2.71
C ASN S 223 94.05 35.57 2.96
N THR S 224 94.68 34.40 2.89
CA THR S 224 94.14 33.14 3.35
C THR S 224 94.93 32.71 4.58
N LEU S 225 94.26 32.02 5.50
CA LEU S 225 94.87 31.65 6.77
C LEU S 225 95.97 30.63 6.54
N HIS S 226 97.19 30.98 6.93
CA HIS S 226 98.35 30.13 6.72
C HIS S 226 99.21 30.15 7.99
N LEU S 227 100.02 29.13 8.16
CA LEU S 227 100.94 29.11 9.29
C LEU S 227 102.04 30.16 9.08
N ASN S 228 102.43 30.81 10.17
CA ASN S 228 103.15 32.07 10.09
C ASN S 228 104.63 31.86 9.75
N ARG S 229 105.42 32.94 9.88
CA ARG S 229 106.82 32.92 9.42
C ARG S 229 107.67 31.97 10.26
N HIS S 230 107.78 32.24 11.56
CA HIS S 230 108.64 31.45 12.42
C HIS S 230 108.10 30.05 12.70
N ASN S 231 106.81 29.83 12.39
CA ASN S 231 106.10 28.54 12.23
C ASN S 231 106.53 27.44 13.21
N ASN S 232 106.52 27.79 14.48
CA ASN S 232 107.08 26.97 15.55
C ASN S 232 105.96 26.29 16.34
N VAL S 233 105.99 24.95 16.38
CA VAL S 233 105.01 24.20 17.15
C VAL S 233 105.37 24.30 18.63
N THR S 234 104.38 24.67 19.45
CA THR S 234 104.59 24.87 20.89
C THR S 234 104.10 23.60 21.59
N SER S 235 104.91 22.56 21.48
CA SER S 235 104.49 21.20 21.84
C SER S 235 104.54 21.03 23.36
N ILE S 236 103.45 21.41 24.01
CA ILE S 236 103.27 21.05 25.40
C ILE S 236 102.92 19.57 25.47
N GLU S 237 103.50 18.87 26.44
CA GLU S 237 103.46 17.42 26.47
C GLU S 237 102.53 16.90 27.57
N LEU S 238 101.73 15.90 27.21
CA LEU S 238 100.79 15.26 28.10
C LEU S 238 101.06 13.76 28.11
N HIS S 239 100.32 13.06 28.95
CA HIS S 239 100.46 11.61 29.08
C HIS S 239 99.09 10.93 29.02
N SER S 240 98.18 11.49 28.24
CA SER S 240 96.81 11.01 28.19
C SER S 240 96.27 11.31 26.81
N PRO S 241 95.33 10.50 26.30
CA PRO S 241 94.76 10.77 24.98
C PRO S 241 93.90 12.03 24.97
N ILE S 242 94.17 12.89 24.00
CA ILE S 242 93.31 14.04 23.72
C ILE S 242 91.97 13.55 23.22
N LYS S 243 90.89 14.06 23.81
CA LYS S 243 89.55 13.71 23.36
C LYS S 243 88.64 14.90 23.08
N SER S 244 89.04 16.11 23.45
CA SER S 244 88.31 17.31 23.05
C SER S 244 89.23 18.51 23.17
N ILE S 245 89.18 19.39 22.17
CA ILE S 245 89.92 20.65 22.20
C ILE S 245 88.96 21.75 21.80
N LYS S 246 88.59 22.61 22.74
CA LYS S 246 87.72 23.73 22.41
C LYS S 246 87.94 24.88 23.38
N ILE S 247 87.74 26.09 22.86
CA ILE S 247 87.66 27.32 23.63
C ILE S 247 86.24 27.46 24.14
N PRO S 248 85.89 28.51 24.91
CA PRO S 248 84.46 28.85 25.03
C PRO S 248 83.95 29.77 23.94
N GLY S 249 84.83 30.60 23.37
CA GLY S 249 84.38 31.70 22.54
C GLY S 249 84.61 33.04 23.22
N ALA S 250 83.70 33.99 23.03
CA ALA S 250 83.84 35.31 23.61
C ALA S 250 82.46 35.84 23.98
N SER S 251 82.43 37.11 24.38
CA SER S 251 81.19 37.86 24.57
C SER S 251 81.41 39.26 24.05
N GLU S 252 80.35 39.88 23.55
CA GLU S 252 80.40 41.29 23.21
C GLU S 252 79.82 42.17 24.30
N SER S 253 79.13 41.58 25.28
CA SER S 253 78.78 42.33 26.48
C SER S 253 79.98 42.47 27.41
N ILE S 254 80.89 41.49 27.39
CA ILE S 254 82.11 41.63 28.18
C ILE S 254 83.08 42.58 27.49
N GLY S 255 82.88 42.84 26.20
CA GLY S 255 83.72 43.74 25.44
C GLY S 255 85.03 43.17 24.98
N ARG S 256 85.57 42.18 25.66
CA ARG S 256 86.90 41.66 25.35
C ARG S 256 86.80 40.23 24.87
N ARG S 257 87.95 39.59 24.63
CA ARG S 257 88.00 38.21 24.21
C ARG S 257 88.76 37.41 25.25
N SER S 258 88.38 36.14 25.39
CA SER S 258 88.98 35.29 26.40
C SER S 258 90.35 34.82 25.96
N ASN S 259 91.29 34.72 26.91
CA ASN S 259 92.62 34.23 26.60
C ASN S 259 92.96 32.95 27.38
N LEU S 260 92.02 32.02 27.45
CA LEU S 260 92.21 30.77 28.17
C LEU S 260 91.42 29.67 27.50
N VAL S 261 92.00 28.47 27.44
CA VAL S 261 91.42 27.35 26.73
C VAL S 261 91.54 26.08 27.58
N GLY S 262 90.53 25.24 27.53
CA GLY S 262 90.51 24.01 28.31
C GLY S 262 90.31 22.78 27.45
N ILE S 263 91.01 21.70 27.82
CA ILE S 263 91.00 20.45 27.06
C ILE S 263 90.62 19.31 28.00
N ILE S 264 90.19 18.21 27.39
CA ILE S 264 89.62 17.06 28.12
C ILE S 264 90.38 15.82 27.70
N THR S 265 90.90 15.08 28.69
CA THR S 265 91.63 13.84 28.44
C THR S 265 91.05 12.73 29.30
N GLU S 266 91.56 11.50 29.07
CA GLU S 266 91.09 10.34 29.84
C GLU S 266 91.52 10.37 31.29
N ASN S 267 92.69 10.95 31.60
CA ASN S 267 93.25 10.84 32.93
C ASN S 267 92.99 12.05 33.81
N SER S 268 92.72 13.21 33.21
CA SER S 268 92.61 14.43 33.98
C SER S 268 91.82 15.44 33.16
N PHE S 269 91.69 16.64 33.71
CA PHE S 269 91.11 17.78 33.01
C PHE S 269 92.10 18.93 33.10
N GLN S 270 92.38 19.56 31.95
CA GLN S 270 93.41 20.58 31.90
C GLN S 270 92.87 21.92 31.42
N ILE S 271 93.55 22.99 31.83
CA ILE S 271 93.24 24.37 31.45
C ILE S 271 94.54 25.03 31.01
N PHE S 272 94.56 25.60 29.81
CA PHE S 272 95.69 26.37 29.34
C PHE S 272 95.33 27.84 29.24
N ARG S 273 96.34 28.69 29.43
CA ARG S 273 96.13 30.13 29.55
C ARG S 273 97.15 30.81 28.66
N ILE S 274 96.67 31.50 27.64
CA ILE S 274 97.54 32.05 26.61
C ILE S 274 97.91 33.49 27.00
N GLU S 275 99.20 33.72 27.24
CA GLU S 275 99.66 34.96 27.85
C GLU S 275 100.68 35.61 26.93
N SER S 276 100.31 36.77 26.38
CA SER S 276 101.19 37.67 25.62
C SER S 276 101.80 36.97 24.41
N VAL S 277 100.93 36.70 23.43
CA VAL S 277 101.38 36.22 22.13
C VAL S 277 102.34 37.22 21.50
N HIS S 278 103.44 36.71 20.96
CA HIS S 278 104.54 37.56 20.53
C HIS S 278 104.47 37.83 19.02
N SER S 279 104.95 39.02 18.65
CA SER S 279 104.97 39.44 17.26
C SER S 279 106.37 39.57 16.68
N ARG S 280 107.40 39.77 17.52
CA ARG S 280 108.76 39.83 17.02
C ARG S 280 109.34 38.46 16.73
N SER S 281 108.77 37.41 17.29
CA SER S 281 109.29 36.07 17.11
C SER S 281 108.24 35.05 16.70
N CYS S 282 106.97 35.45 16.63
CA CYS S 282 105.83 34.61 16.24
C CYS S 282 105.68 33.38 17.14
N ASP S 283 106.15 33.49 18.38
CA ASP S 283 106.15 32.37 19.32
C ASP S 283 105.17 32.66 20.43
N VAL S 284 104.29 31.69 20.70
CA VAL S 284 103.27 31.81 21.72
C VAL S 284 103.73 31.01 22.92
N MET S 285 104.18 31.69 23.96
CA MET S 285 104.44 30.99 25.21
C MET S 285 103.13 30.75 25.94
N VAL S 286 102.99 29.55 26.47
CA VAL S 286 101.72 29.10 27.04
C VAL S 286 101.94 28.77 28.51
N SER S 287 100.90 28.97 29.30
CA SER S 287 100.89 28.64 30.71
C SER S 287 99.76 27.67 30.99
N SER S 288 99.80 27.02 32.15
CA SER S 288 98.85 25.96 32.41
C SER S 288 98.40 25.99 33.87
N SER S 289 97.28 25.35 34.11
CA SER S 289 96.70 25.23 35.44
C SER S 289 96.98 23.83 35.98
N GLU S 290 96.39 23.52 37.12
CA GLU S 290 96.59 22.22 37.76
C GLU S 290 95.71 21.19 37.07
N PRO S 291 96.27 20.11 36.50
CA PRO S 291 95.42 19.07 35.91
C PRO S 291 94.79 18.22 37.00
N LEU S 292 93.50 18.46 37.25
CA LEU S 292 92.81 17.69 38.28
C LEU S 292 92.51 16.28 37.78
N TYR S 293 93.01 15.30 38.52
CA TYR S 293 92.70 13.91 38.24
C TYR S 293 91.33 13.56 38.82
N PHE S 294 90.98 12.29 38.75
CA PHE S 294 89.64 11.85 39.07
C PHE S 294 89.57 11.38 40.52
N VAL S 295 88.71 12.04 41.30
CA VAL S 295 88.32 11.53 42.60
C VAL S 295 87.26 10.44 42.43
N GLU S 296 86.29 10.68 41.55
CA GLU S 296 85.35 9.65 41.11
C GLU S 296 85.75 9.14 39.73
N ILE S 297 85.68 7.83 39.54
CA ILE S 297 86.29 7.20 38.36
C ILE S 297 85.20 7.12 37.30
N ASP S 298 84.96 8.25 36.65
CA ASP S 298 83.91 8.39 35.63
C ASP S 298 84.35 9.42 34.60
N ASP S 299 84.30 9.04 33.33
CA ASP S 299 84.96 9.79 32.27
C ASP S 299 84.08 10.99 31.87
N LEU S 300 84.59 12.19 32.14
CA LEU S 300 83.88 13.43 31.83
C LEU S 300 83.80 13.63 30.31
N GLN S 301 82.86 14.48 29.90
CA GLN S 301 82.51 14.56 28.48
C GLN S 301 82.79 15.89 27.82
N VAL S 302 82.21 17.00 28.30
CA VAL S 302 82.18 18.27 27.56
C VAL S 302 82.52 19.41 28.53
N VAL S 303 83.30 20.38 28.05
CA VAL S 303 83.57 21.62 28.78
C VAL S 303 82.98 22.79 28.01
N ASP S 304 82.57 23.83 28.75
CA ASP S 304 82.16 25.12 28.20
C ASP S 304 82.20 26.14 29.33
N PHE S 305 82.46 27.40 28.98
CA PHE S 305 82.64 28.47 29.96
C PHE S 305 81.72 29.66 29.77
N ALA S 306 81.48 30.09 28.52
CA ALA S 306 80.80 31.36 28.17
C ALA S 306 81.36 32.60 28.87
N ALA S 316 86.16 25.11 35.13
CA ALA S 316 86.02 23.68 34.91
C ALA S 316 84.55 23.27 34.94
N ILE S 317 83.72 23.95 34.17
CA ILE S 317 82.30 23.66 34.09
C ILE S 317 82.13 22.48 33.13
N ILE S 318 81.90 21.29 33.69
CA ILE S 318 82.07 20.05 32.95
C ILE S 318 80.88 19.13 33.20
N ASP S 319 80.74 18.14 32.31
CA ASP S 319 79.67 17.16 32.38
C ASP S 319 80.30 15.78 32.37
N ILE S 320 80.16 15.07 33.49
CA ILE S 320 80.59 13.69 33.65
C ILE S 320 79.45 12.82 33.09
N LYS S 321 79.68 11.53 32.93
CA LYS S 321 78.65 10.60 32.46
C LYS S 321 77.58 10.44 33.54
N GLY S 322 76.64 11.37 33.56
CA GLY S 322 75.47 11.28 34.42
C GLY S 322 75.30 12.42 35.41
N ASN S 323 76.32 13.25 35.62
CA ASN S 323 76.23 14.34 36.59
C ASN S 323 77.22 15.44 36.24
N TRP S 324 76.92 16.65 36.71
CA TRP S 324 77.73 17.82 36.41
C TRP S 324 78.04 18.58 37.69
N SER S 325 78.97 19.52 37.57
CA SER S 325 79.38 20.39 38.66
C SER S 325 80.01 21.64 38.05
N ILE S 326 80.10 22.69 38.86
CA ILE S 326 80.68 23.96 38.43
C ILE S 326 82.09 24.06 38.99
N GLY S 327 83.06 24.30 38.11
CA GLY S 327 84.46 24.38 38.48
C GLY S 327 84.94 25.82 38.47
N ARG S 328 85.83 26.15 39.39
CA ARG S 328 86.34 27.51 39.58
C ARG S 328 87.72 27.66 38.96
N ILE S 329 87.89 28.71 38.15
CA ILE S 329 89.17 28.98 37.51
C ILE S 329 89.94 30.00 38.33
N PRO S 330 91.23 29.75 38.60
CA PRO S 330 92.00 30.68 39.41
C PRO S 330 92.71 31.74 38.56
N LYS S 331 93.32 32.70 39.25
CA LYS S 331 94.16 33.71 38.63
C LYS S 331 95.64 33.43 38.77
N ASN S 332 96.02 32.43 39.57
CA ASN S 332 97.41 32.22 39.96
C ASN S 332 97.86 30.85 39.49
N PHE S 333 98.75 30.83 38.51
CA PHE S 333 99.34 29.60 38.01
C PHE S 333 100.64 29.26 38.71
N ASN S 334 100.97 30.00 39.76
CA ASN S 334 102.22 29.88 40.49
C ASN S 334 101.91 29.26 41.86
N ASN S 335 101.92 27.93 41.91
CA ASN S 335 101.71 27.21 43.15
C ASN S 335 102.78 26.14 43.29
N LEU S 343 88.61 24.85 41.73
CA LEU S 343 88.01 23.53 41.71
C LEU S 343 86.48 23.60 41.80
N ILE S 344 85.86 22.50 42.22
CA ILE S 344 84.41 22.40 42.23
C ILE S 344 83.81 23.26 43.35
N ASP S 345 82.77 24.02 43.02
CA ASP S 345 82.06 24.85 43.97
C ASP S 345 81.05 23.98 44.75
N ASN S 346 80.34 24.58 45.70
CA ASN S 346 79.41 23.88 46.60
C ASN S 346 78.04 23.64 45.97
N LEU S 347 77.92 23.64 44.65
CA LEU S 347 76.64 23.43 43.99
C LEU S 347 76.84 22.51 42.79
N HIS S 348 75.95 21.53 42.65
CA HIS S 348 76.10 20.50 41.64
C HIS S 348 74.75 19.87 41.36
N GLY S 349 74.63 19.26 40.19
CA GLY S 349 73.38 18.64 39.79
C GLY S 349 73.61 17.45 38.89
N THR S 350 72.53 16.73 38.61
CA THR S 350 72.62 15.51 37.84
C THR S 350 71.34 15.30 37.04
N ILE S 351 71.50 14.65 35.88
CA ILE S 351 70.41 14.38 34.96
C ILE S 351 70.23 12.89 34.72
N PHE S 352 70.74 12.05 35.62
CA PHE S 352 71.05 10.66 35.29
C PHE S 352 69.81 9.85 34.95
N ASP S 353 69.79 9.29 33.74
CA ASP S 353 68.65 8.51 33.21
C ASP S 353 69.03 7.03 33.18
N PRO S 354 68.25 6.14 33.82
CA PRO S 354 68.54 4.70 33.84
C PRO S 354 68.29 4.01 32.51
N GLU S 355 67.72 4.69 31.51
CA GLU S 355 67.32 4.05 30.28
C GLU S 355 67.84 4.75 29.03
N GLU S 356 68.61 5.81 29.18
CA GLU S 356 69.52 6.26 28.13
C GLU S 356 70.83 5.51 28.28
N LEU S 357 71.32 4.96 27.19
CA LEU S 357 72.45 4.03 27.24
C LEU S 357 73.76 4.61 26.76
N SER S 358 73.70 5.62 25.89
CA SER S 358 74.90 6.15 25.26
C SER S 358 75.77 6.93 26.24
N SER S 359 76.94 7.31 25.76
CA SER S 359 77.91 8.07 26.53
C SER S 359 78.20 9.42 25.89
N TRP S 360 77.14 10.00 25.34
CA TRP S 360 77.24 11.34 24.73
C TRP S 360 76.44 12.31 25.60
N LYS S 361 77.12 13.26 26.22
CA LYS S 361 76.45 14.34 26.90
C LYS S 361 76.96 15.65 26.33
N ARG S 362 76.45 16.75 26.86
CA ARG S 362 76.87 18.08 26.35
C ARG S 362 76.35 19.14 27.31
N ILE S 363 77.10 20.23 27.46
CA ILE S 363 76.72 21.35 28.31
C ILE S 363 77.03 22.66 27.61
N GLU S 364 76.17 23.66 27.83
CA GLU S 364 76.34 25.02 27.35
C GLU S 364 75.66 25.98 28.30
N TRP S 365 76.25 27.16 28.47
CA TRP S 365 75.60 28.25 29.19
C TRP S 365 74.69 29.00 28.24
N PHE S 366 73.54 29.43 28.74
CA PHE S 366 72.48 29.96 27.89
C PHE S 366 72.14 31.39 28.32
N SER S 367 72.42 32.35 27.44
CA SER S 367 71.85 33.69 27.47
C SER S 367 72.27 34.51 28.69
N HIS S 368 73.47 34.25 29.22
CA HIS S 368 74.21 35.08 30.17
C HIS S 368 73.55 35.15 31.56
N PHE S 369 72.37 34.56 31.74
CA PHE S 369 71.65 34.54 33.02
C PHE S 369 72.29 33.57 34.02
N GLN S 370 73.39 32.91 33.62
CA GLN S 370 73.97 31.75 34.29
C GLN S 370 72.92 30.65 34.38
N LYS S 371 72.16 30.50 33.30
CA LYS S 371 71.40 29.30 32.98
C LYS S 371 72.28 28.37 32.17
N ILE S 372 72.20 27.07 32.45
CA ILE S 372 72.93 26.08 31.68
C ILE S 372 71.93 25.21 30.92
N LEU S 373 72.44 24.53 29.89
CA LEU S 373 71.67 23.58 29.11
C LEU S 373 72.45 22.29 29.01
N VAL S 374 71.85 21.19 29.46
CA VAL S 374 72.53 19.91 29.57
C VAL S 374 71.81 18.94 28.63
N PHE S 375 72.57 18.03 28.01
CA PHE S 375 72.06 17.16 26.96
C PHE S 375 72.42 15.71 27.21
N ASP S 376 71.58 14.84 26.68
CA ASP S 376 71.94 13.46 26.35
C ASP S 376 71.38 13.27 24.95
N ARG S 377 71.20 12.00 24.59
CA ARG S 377 70.62 11.64 23.28
C ARG S 377 69.10 11.55 23.42
N SER S 378 68.56 11.91 24.58
CA SER S 378 67.12 11.76 24.78
C SER S 378 66.41 12.97 25.34
N LYS S 379 67.07 13.88 26.05
CA LYS S 379 66.37 15.07 26.50
C LYS S 379 67.33 16.23 26.69
N MET S 380 66.78 17.43 26.58
CA MET S 380 67.46 18.64 27.02
C MET S 380 66.82 19.12 28.30
N ILE S 381 67.63 19.30 29.33
CA ILE S 381 67.20 19.83 30.61
C ILE S 381 67.73 21.25 30.73
N GLU S 382 66.87 22.18 31.09
CA GLU S 382 67.31 23.55 31.37
C GLU S 382 67.44 23.71 32.88
N ILE S 383 68.63 24.08 33.32
CA ILE S 383 68.96 24.23 34.73
C ILE S 383 69.52 25.62 34.93
N ASP S 384 68.95 26.36 35.89
CA ASP S 384 69.50 27.63 36.34
C ASP S 384 69.94 27.46 37.77
N PHE S 385 71.24 27.42 37.99
CA PHE S 385 71.83 27.22 39.31
C PHE S 385 71.87 28.49 40.14
N MET S 386 71.39 29.62 39.60
CA MET S 386 71.21 30.82 40.40
C MET S 386 70.18 30.58 41.49
N ASN S 387 69.07 29.96 41.12
CA ASN S 387 68.06 29.45 42.04
C ASN S 387 68.16 27.94 42.04
N ASN S 388 67.18 27.29 42.66
CA ASN S 388 66.95 25.86 42.42
C ASN S 388 65.76 25.74 41.47
N TRP S 389 66.07 25.56 40.20
CA TRP S 389 65.08 25.64 39.14
C TRP S 389 65.57 24.75 38.00
N GLN S 390 64.82 23.69 37.71
CA GLN S 390 65.20 22.70 36.71
C GLN S 390 63.99 22.39 35.86
N THR S 391 64.09 22.58 34.55
CA THR S 391 62.97 22.33 33.66
C THR S 391 63.42 21.43 32.51
N GLU S 392 62.62 20.40 32.21
CA GLU S 392 62.80 19.62 30.99
C GLU S 392 62.12 20.34 29.84
N VAL S 393 62.86 20.61 28.77
CA VAL S 393 62.35 21.34 27.63
C VAL S 393 62.17 20.42 26.42
N VAL S 394 63.26 19.83 25.96
CA VAL S 394 63.19 18.82 24.90
C VAL S 394 63.10 17.46 25.58
N GLN S 395 62.29 16.57 24.99
CA GLN S 395 62.12 15.15 25.39
C GLN S 395 62.20 14.42 24.05
N ALA S 396 63.34 13.80 23.75
CA ALA S 396 63.53 13.38 22.37
C ALA S 396 63.71 11.87 22.29
N LYS S 397 62.82 11.12 22.94
CA LYS S 397 62.94 9.68 23.00
C LYS S 397 62.21 8.97 21.88
N ALA S 398 61.11 9.54 21.39
CA ALA S 398 60.13 8.75 20.64
C ALA S 398 60.56 8.44 19.22
N TRP S 399 60.84 9.49 18.43
CA TRP S 399 61.17 9.24 16.99
C TRP S 399 62.50 9.85 16.56
N SER S 400 63.17 10.61 17.43
CA SER S 400 64.42 11.21 17.02
C SER S 400 65.42 11.09 18.16
N ASN S 401 66.55 11.79 18.04
CA ASN S 401 67.58 11.87 19.06
C ASN S 401 68.34 13.17 18.90
N ILE S 402 68.87 13.68 20.00
CA ILE S 402 69.74 14.84 19.95
C ILE S 402 71.11 14.39 19.45
N ARG S 403 71.63 15.10 18.44
CA ARG S 403 72.87 14.72 17.80
C ARG S 403 74.01 15.68 18.08
N ASP S 404 73.79 16.99 17.93
CA ASP S 404 74.84 17.96 18.14
C ASP S 404 74.21 19.26 18.60
N TYR S 405 75.01 20.12 19.24
CA TYR S 405 74.49 21.38 19.76
C TYR S 405 75.60 22.43 19.73
N LYS S 406 75.53 23.32 18.76
CA LYS S 406 76.43 24.46 18.69
C LYS S 406 75.75 25.69 19.25
N ARG S 407 76.45 26.39 20.14
CA ARG S 407 75.98 27.69 20.61
C ARG S 407 76.54 28.78 19.70
N ILE S 408 75.65 29.36 18.89
CA ILE S 408 75.96 30.44 17.92
C ILE S 408 76.38 31.68 18.70
N ASP S 409 77.41 32.39 18.24
CA ASP S 409 77.94 33.58 18.89
C ASP S 409 76.87 34.66 19.10
N ASP S 410 75.78 34.62 18.33
CA ASP S 410 74.60 35.39 18.66
C ASP S 410 74.10 34.97 20.04
N LYS S 411 74.00 35.93 20.94
CA LYS S 411 73.60 35.63 22.31
C LYS S 411 72.10 35.43 22.45
N ASN S 412 71.35 35.58 21.36
CA ASN S 412 69.96 35.15 21.30
C ASN S 412 69.81 33.81 20.59
N GLY S 413 70.27 33.72 19.35
CA GLY S 413 70.04 32.54 18.53
C GLY S 413 71.10 31.48 18.75
N ILE S 414 70.65 30.22 18.85
CA ILE S 414 71.49 29.04 19.10
C ILE S 414 70.87 27.88 18.31
N LEU S 415 71.70 27.06 17.66
CA LEU S 415 71.22 26.08 16.70
C LEU S 415 71.44 24.65 17.22
N LEU S 416 70.39 23.84 17.14
CA LEU S 416 70.39 22.45 17.59
C LEU S 416 70.20 21.51 16.41
N THR S 417 70.98 20.43 16.37
CA THR S 417 70.79 19.37 15.39
C THR S 417 70.20 18.17 16.10
N SER S 418 68.92 17.94 15.86
CA SER S 418 68.30 16.68 16.21
C SER S 418 68.56 15.69 15.09
N ARG S 419 68.18 14.44 15.31
CA ARG S 419 67.91 13.55 14.20
C ARG S 419 66.59 14.03 13.61
N GLU S 420 66.49 13.97 12.29
CA GLU S 420 65.28 14.20 11.48
C GLU S 420 64.85 15.66 11.40
N ILE S 421 65.44 16.59 12.17
CA ILE S 421 65.08 18.00 12.04
C ILE S 421 66.26 18.86 12.52
N ILE S 422 66.39 20.04 11.93
CA ILE S 422 67.42 21.03 12.27
C ILE S 422 66.73 22.21 12.94
N ILE S 423 67.13 22.53 14.17
CA ILE S 423 66.39 23.46 15.01
C ILE S 423 67.28 24.64 15.37
N VAL S 424 66.77 25.86 15.18
CA VAL S 424 67.54 27.09 15.37
C VAL S 424 66.90 27.84 16.53
N GLY S 425 66.45 27.08 17.53
CA GLY S 425 65.77 27.65 18.70
C GLY S 425 66.54 28.69 19.47
N ALA S 426 66.04 29.93 19.45
CA ALA S 426 66.72 31.10 19.97
C ALA S 426 66.32 31.33 21.43
N SER S 427 66.62 32.52 21.95
CA SER S 427 66.27 32.92 23.32
C SER S 427 65.16 33.96 23.28
N GLU S 428 64.33 33.96 24.32
CA GLU S 428 63.16 34.84 24.38
C GLU S 428 63.44 36.05 25.24
N SER S 429 62.98 37.23 24.78
CA SER S 429 63.28 38.48 25.47
C SER S 429 62.52 38.61 26.77
N ASN S 430 61.33 38.00 26.88
CA ASN S 430 60.55 38.07 28.11
C ASN S 430 61.22 37.26 29.22
N ASP S 431 61.31 35.95 29.02
CA ASP S 431 62.07 35.07 29.88
C ASP S 431 63.16 34.46 29.02
N PRO S 432 64.44 34.56 29.38
CA PRO S 432 65.48 33.95 28.54
C PRO S 432 65.52 32.44 28.67
N VAL S 433 64.47 31.77 28.18
CA VAL S 433 64.32 30.34 28.46
C VAL S 433 64.54 29.48 27.21
N ARG S 434 63.65 29.60 26.21
CA ARG S 434 63.88 29.10 24.85
C ARG S 434 62.86 29.67 23.87
N ARG S 435 63.31 30.48 22.93
CA ARG S 435 62.48 30.87 21.80
C ARG S 435 62.69 29.84 20.70
N ILE S 436 61.80 28.86 20.63
CA ILE S 436 61.91 27.78 19.67
C ILE S 436 61.54 28.36 18.32
N SER S 437 62.53 28.55 17.47
CA SER S 437 62.36 29.31 16.26
C SER S 437 62.21 28.38 15.07
N TRP S 438 62.25 28.97 13.87
CA TRP S 438 61.90 28.29 12.63
C TRP S 438 62.87 27.17 12.32
N LYS S 439 62.40 25.93 12.42
CA LYS S 439 63.24 24.74 12.31
C LYS S 439 62.98 24.02 11.00
N HIS S 440 64.01 23.35 10.49
CA HIS S 440 63.98 22.75 9.16
C HIS S 440 64.13 21.25 9.24
N ASP S 441 63.20 20.53 8.59
CA ASP S 441 63.18 19.07 8.55
C ASP S 441 64.29 18.58 7.64
N LEU S 442 65.42 18.16 8.22
CA LEU S 442 66.45 17.62 7.37
C LEU S 442 66.14 16.17 7.03
N ASP S 443 66.52 15.78 5.84
CA ASP S 443 66.30 14.45 5.33
C ASP S 443 67.23 13.31 5.78
N PRO S 444 68.57 13.45 5.87
CA PRO S 444 69.39 12.26 6.13
C PRO S 444 69.20 11.68 7.52
N ASP S 445 69.12 10.35 7.55
CA ASP S 445 69.01 9.59 8.79
C ASP S 445 70.34 8.90 9.01
N ASP S 446 70.90 9.08 10.22
CA ASP S 446 72.28 8.71 10.52
C ASP S 446 72.43 8.70 12.03
N THR S 447 73.55 8.14 12.52
CA THR S 447 73.82 8.07 13.94
C THR S 447 75.02 8.92 14.36
N THR S 448 75.69 9.60 13.43
CA THR S 448 76.97 10.23 13.72
C THR S 448 77.07 11.63 13.12
N LEU S 449 75.97 12.37 13.12
CA LEU S 449 75.96 13.70 12.53
C LEU S 449 76.41 14.75 13.54
N ARG S 450 77.22 15.69 13.05
CA ARG S 450 77.66 16.87 13.79
C ARG S 450 77.03 18.10 13.16
N ILE S 451 77.40 19.28 13.67
CA ILE S 451 77.10 20.54 13.00
C ILE S 451 78.15 21.58 13.39
N THR S 452 78.50 22.43 12.42
CA THR S 452 79.09 23.73 12.70
C THR S 452 78.33 24.80 11.92
N VAL S 453 78.32 26.01 12.47
CA VAL S 453 77.52 27.14 11.99
C VAL S 453 78.46 28.34 11.84
N GLN S 454 78.26 29.15 10.81
CA GLN S 454 78.94 30.43 10.73
C GLN S 454 77.93 31.54 10.51
N LYS S 455 77.97 32.56 11.36
CA LYS S 455 77.21 33.78 11.16
C LYS S 455 77.81 34.57 10.01
N VAL S 456 76.96 35.19 9.21
CA VAL S 456 77.38 36.17 8.22
C VAL S 456 76.62 37.44 8.49
N LYS S 457 77.33 38.49 8.88
CA LYS S 457 76.72 39.72 9.33
C LYS S 457 76.66 40.70 8.17
N LYS S 458 75.47 40.97 7.69
CA LYS S 458 75.21 42.01 6.73
C LYS S 458 74.59 43.19 7.46
N PRO S 459 74.64 44.40 6.89
CA PRO S 459 74.05 45.55 7.60
C PRO S 459 72.54 45.52 7.70
N ASP S 460 71.84 44.88 6.76
CA ASP S 460 70.38 44.79 6.84
C ASP S 460 69.91 43.60 7.68
N HIS S 461 70.60 42.47 7.61
CA HIS S 461 70.12 41.26 8.27
C HIS S 461 71.29 40.36 8.59
N ILE S 462 70.99 39.29 9.32
CA ILE S 462 71.99 38.34 9.79
C ILE S 462 71.69 36.97 9.20
N LEU S 463 72.68 36.37 8.57
CA LEU S 463 72.55 35.02 8.04
C LEU S 463 73.09 34.00 9.05
N LEU S 464 72.60 32.77 8.94
CA LEU S 464 73.08 31.64 9.74
C LEU S 464 73.14 30.42 8.82
N VAL S 465 74.27 30.22 8.16
CA VAL S 465 74.46 29.01 7.38
C VAL S 465 74.89 27.88 8.30
N ALA S 466 74.26 26.72 8.14
CA ALA S 466 74.48 25.61 9.05
C ALA S 466 74.99 24.42 8.26
N PHE S 467 76.11 23.87 8.70
CA PHE S 467 76.82 22.81 7.98
C PHE S 467 76.81 21.57 8.86
N VAL S 468 76.04 20.56 8.46
CA VAL S 468 76.08 19.27 9.15
C VAL S 468 76.99 18.34 8.39
N TYR S 469 77.71 17.48 9.11
CA TYR S 469 78.66 16.58 8.49
C TYR S 469 78.68 15.27 9.26
N SER S 470 79.02 14.20 8.54
CA SER S 470 78.99 12.86 9.09
C SER S 470 80.38 12.25 9.09
N MET S 471 80.54 11.25 9.95
CA MET S 471 81.79 10.51 10.07
C MET S 471 81.82 9.27 9.21
N ARG S 472 80.72 8.94 8.51
CA ARG S 472 80.65 7.71 7.74
C ARG S 472 80.84 7.95 6.24
N HIS S 473 80.40 9.09 5.72
CA HIS S 473 80.60 9.39 4.32
C HIS S 473 81.22 10.76 4.16
N LYS S 474 81.26 11.26 2.92
CA LYS S 474 82.16 12.34 2.56
C LYS S 474 81.43 13.62 2.19
N ARG S 475 80.26 13.87 2.77
CA ARG S 475 79.40 14.95 2.31
C ARG S 475 79.12 15.98 3.41
N ILE S 476 78.78 17.18 2.96
CA ILE S 476 78.26 18.24 3.80
C ILE S 476 76.80 18.43 3.39
N TYR S 477 76.03 19.08 4.24
CA TYR S 477 74.66 19.43 3.91
C TYR S 477 74.38 20.78 4.53
N MET S 478 73.92 21.73 3.74
CA MET S 478 73.79 23.09 4.23
C MET S 478 72.35 23.59 4.13
N HIS S 479 72.10 24.67 4.87
CA HIS S 479 70.83 25.38 4.79
C HIS S 479 71.07 26.82 5.16
N VAL S 480 70.30 27.72 4.57
CA VAL S 480 70.51 29.16 4.73
C VAL S 480 69.34 29.75 5.49
N PHE S 481 69.64 30.37 6.61
CA PHE S 481 68.67 31.09 7.42
C PHE S 481 68.95 32.58 7.35
N SER S 482 67.92 33.38 7.64
CA SER S 482 68.10 34.82 7.71
C SER S 482 67.36 35.33 8.92
N HIS S 483 67.81 36.45 9.48
CA HIS S 483 67.22 37.01 10.67
C HIS S 483 67.15 38.52 10.55
N ARG S 484 66.00 39.09 10.86
CA ARG S 484 65.82 40.53 10.88
C ARG S 484 65.43 40.94 12.29
N LYS S 485 65.08 42.22 12.45
CA LYS S 485 65.00 42.83 13.78
C LYS S 485 63.82 42.32 14.60
N ALA S 486 62.73 41.92 13.95
CA ALA S 486 61.51 41.55 14.65
C ALA S 486 61.40 40.06 14.91
N ASN S 487 62.52 39.39 15.17
CA ASN S 487 62.65 37.92 15.29
C ASN S 487 62.13 37.23 14.03
N LEU S 488 62.34 37.89 12.88
CA LEU S 488 61.85 37.38 11.62
C LEU S 488 62.88 36.39 11.06
N PHE S 489 62.94 35.23 11.71
CA PHE S 489 63.73 34.13 11.18
C PHE S 489 63.08 33.61 9.91
N GLN S 490 63.88 33.35 8.89
CA GLN S 490 63.35 32.83 7.64
C GLN S 490 64.24 31.68 7.18
N SER S 491 64.02 31.26 5.94
CA SER S 491 64.71 30.11 5.37
C SER S 491 64.72 30.28 3.86
N LEU S 492 65.79 29.80 3.23
CA LEU S 492 66.00 30.07 1.81
C LEU S 492 66.04 28.80 0.98
N GLY S 493 66.86 27.83 1.34
CA GLY S 493 66.97 26.60 0.59
C GLY S 493 68.11 25.77 1.11
N CYS S 494 68.42 24.68 0.40
CA CYS S 494 69.49 23.78 0.80
C CYS S 494 70.34 23.41 -0.40
N SER S 495 71.60 23.05 -0.13
CA SER S 495 72.46 22.52 -1.17
C SER S 495 73.47 21.56 -0.54
N THR S 496 74.14 20.77 -1.37
CA THR S 496 75.14 19.85 -0.89
C THR S 496 76.33 19.84 -1.83
N VAL S 497 77.54 19.68 -1.26
CA VAL S 497 78.77 19.45 -2.01
C VAL S 497 79.54 18.30 -1.36
N LEU S 498 80.70 17.96 -1.91
CA LEU S 498 81.43 16.75 -1.60
C LEU S 498 82.75 17.11 -0.90
N GLU S 499 83.62 16.11 -0.73
CA GLU S 499 84.92 16.30 -0.07
C GLU S 499 86.00 15.53 -0.83
N ILE S 500 87.13 15.35 -0.16
CA ILE S 500 88.28 14.58 -0.67
C ILE S 500 87.91 13.10 -0.66
N PRO S 501 88.35 12.30 -1.66
CA PRO S 501 88.01 10.87 -1.66
C PRO S 501 88.72 10.01 -0.62
N GLY S 502 89.77 10.48 0.05
CA GLY S 502 90.44 9.60 1.01
C GLY S 502 90.09 9.86 2.47
N GLY S 503 89.16 9.08 3.02
CA GLY S 503 88.66 9.29 4.37
C GLY S 503 87.24 9.82 4.40
N THR S 504 86.77 10.13 5.62
CA THR S 504 85.51 10.78 5.92
C THR S 504 85.74 11.91 6.90
N PRO S 505 84.98 13.01 6.82
CA PRO S 505 85.24 14.15 7.72
C PRO S 505 84.90 13.85 9.17
N THR S 506 85.71 14.45 10.06
CA THR S 506 85.57 14.27 11.49
C THR S 506 85.64 15.56 12.29
N GLY S 507 86.18 16.65 11.74
CA GLY S 507 86.15 17.92 12.42
C GLY S 507 86.16 19.06 11.43
N ILE S 508 85.16 19.93 11.49
CA ILE S 508 85.00 21.02 10.54
C ILE S 508 84.73 22.29 11.32
N GLU S 509 85.54 23.31 11.09
CA GLU S 509 85.43 24.56 11.84
C GLU S 509 85.51 25.74 10.89
N THR S 510 84.69 26.74 11.14
CA THR S 510 84.70 27.96 10.36
C THR S 510 85.59 29.02 10.98
N ILE S 511 86.43 29.62 10.14
CA ILE S 511 87.18 30.81 10.54
C ILE S 511 86.21 31.98 10.56
N LEU S 512 86.21 32.71 11.69
CA LEU S 512 85.25 33.78 11.96
C LEU S 512 85.30 34.92 10.94
N THR S 513 86.47 35.11 10.28
CA THR S 513 86.74 36.21 9.35
C THR S 513 86.49 37.55 10.03
N LEU S 514 87.15 37.75 11.17
CA LEU S 514 87.32 38.99 11.92
C LEU S 514 86.03 39.54 12.53
N ASP S 515 84.86 38.98 12.21
CA ASP S 515 83.61 39.59 12.59
C ASP S 515 82.72 38.59 13.32
N PHE S 531 74.14 39.43 -4.12
CA PHE S 531 74.58 39.69 -2.75
C PHE S 531 75.93 39.05 -2.47
N GLU S 532 76.26 38.04 -3.29
CA GLU S 532 77.57 37.35 -3.40
C GLU S 532 78.14 36.95 -2.03
N LEU S 533 77.43 36.02 -1.40
CA LEU S 533 77.88 35.40 -0.16
C LEU S 533 79.19 34.64 -0.34
N VAL S 534 80.16 34.94 0.51
CA VAL S 534 81.41 34.20 0.58
C VAL S 534 81.55 33.66 2.00
N VAL S 535 82.24 32.52 2.14
CA VAL S 535 82.33 31.83 3.42
C VAL S 535 83.53 30.88 3.35
N ASP S 536 84.22 30.73 4.48
CA ASP S 536 85.45 29.94 4.47
C ASP S 536 85.64 29.23 5.80
N PHE S 537 86.34 28.10 5.76
CA PHE S 537 86.37 27.16 6.87
C PHE S 537 87.45 26.12 6.62
N LEU S 538 87.73 25.33 7.64
CA LEU S 538 88.64 24.20 7.55
C LEU S 538 87.93 22.89 7.87
N VAL S 539 88.33 21.81 7.21
CA VAL S 539 87.85 20.49 7.51
C VAL S 539 88.96 19.70 8.20
N LYS S 540 88.63 18.50 8.65
CA LYS S 540 89.62 17.47 8.92
C LYS S 540 88.96 16.13 8.66
N LEU S 541 89.63 15.27 7.91
CA LEU S 541 89.09 13.97 7.53
C LEU S 541 89.62 12.92 8.48
N ARG S 542 88.78 11.93 8.75
CA ARG S 542 89.22 10.79 9.55
C ARG S 542 90.11 9.91 8.69
N ASN S 543 90.98 9.15 9.36
CA ASN S 543 91.99 8.26 8.78
C ASN S 543 93.01 9.00 7.92
N SER S 544 93.22 10.28 8.22
CA SER S 544 94.33 11.05 7.66
C SER S 544 94.59 12.22 8.59
N SER S 545 95.86 12.50 8.84
CA SER S 545 96.25 13.53 9.80
C SER S 545 96.55 14.87 9.15
N GLU S 546 95.86 15.20 8.07
CA GLU S 546 96.07 16.44 7.34
C GLU S 546 94.86 17.35 7.54
N VAL S 547 95.11 18.66 7.58
CA VAL S 547 94.07 19.67 7.70
C VAL S 547 94.24 20.63 6.53
N TYR S 548 93.18 20.80 5.75
CA TYR S 548 93.19 21.72 4.62
C TYR S 548 92.25 22.89 4.88
N TYR S 549 92.43 23.94 4.09
CA TYR S 549 91.64 25.16 4.22
C TYR S 549 90.80 25.38 2.97
N TYR S 550 89.54 25.75 3.18
CA TYR S 550 88.57 25.87 2.09
C TYR S 550 87.87 27.22 2.17
N ALA S 551 87.57 27.77 1.01
CA ALA S 551 86.74 28.96 0.87
C ALA S 551 85.63 28.63 -0.10
N LEU S 552 84.41 29.05 0.22
CA LEU S 552 83.26 28.88 -0.66
C LEU S 552 82.71 30.25 -1.01
N SER S 553 82.64 30.54 -2.30
CA SER S 553 82.10 31.79 -2.81
C SER S 553 80.80 31.54 -3.54
N ASN S 554 79.98 32.59 -3.64
CA ASN S 554 78.76 32.50 -4.43
C ASN S 554 79.08 32.41 -5.91
N THR S 555 80.09 33.12 -6.38
CA THR S 555 80.40 33.12 -7.80
C THR S 555 81.70 32.38 -8.07
N VAL S 569 93.05 7.83 -4.86
CA VAL S 569 92.38 6.68 -4.27
C VAL S 569 93.39 5.60 -3.94
N ASP S 570 94.66 5.99 -3.88
CA ASP S 570 95.76 5.03 -3.77
C ASP S 570 95.79 4.43 -2.36
N HIS S 571 95.77 3.10 -2.29
CA HIS S 571 95.89 2.36 -1.04
C HIS S 571 97.27 1.71 -0.95
N PRO S 572 97.94 1.84 0.21
CA PRO S 572 99.22 1.15 0.39
C PRO S 572 99.10 -0.36 0.59
N GLU S 573 97.89 -0.89 0.74
CA GLU S 573 97.74 -2.33 0.92
C GLU S 573 98.08 -3.08 -0.35
N TRP S 574 97.82 -2.48 -1.51
CA TRP S 574 98.28 -3.06 -2.76
C TRP S 574 99.76 -2.83 -2.96
N ALA S 575 100.29 -1.76 -2.37
CA ALA S 575 101.75 -1.57 -2.34
C ALA S 575 102.40 -2.54 -1.37
N SER S 576 101.74 -2.83 -0.24
CA SER S 576 102.23 -3.84 0.69
C SER S 576 101.70 -5.22 0.30
N LEU S 577 101.88 -5.59 -0.97
CA LEU S 577 101.61 -6.92 -1.47
C LEU S 577 102.67 -7.36 -2.48
N PHE S 578 103.51 -6.43 -2.94
CA PHE S 578 104.55 -6.68 -3.91
C PHE S 578 105.88 -6.28 -3.30
N ASN S 579 106.92 -6.18 -4.14
CA ASN S 579 108.13 -5.40 -3.87
C ASN S 579 108.93 -5.98 -2.70
N ASN S 580 109.34 -7.24 -2.84
CA ASN S 580 110.14 -7.88 -1.81
C ASN S 580 111.53 -7.26 -1.73
N ALA S 581 112.13 -7.36 -0.54
CA ALA S 581 113.46 -6.80 -0.27
C ALA S 581 114.56 -7.82 -0.52
N ASP S 582 114.32 -8.79 -1.39
CA ASP S 582 115.19 -9.95 -1.57
C ASP S 582 116.04 -9.71 -2.80
N GLU S 583 117.25 -9.22 -2.59
CA GLU S 583 118.10 -8.77 -3.69
C GLU S 583 118.65 -9.92 -4.54
N ARG S 584 118.79 -11.10 -3.94
CA ARG S 584 119.13 -12.29 -4.73
C ARG S 584 117.92 -12.78 -5.53
N GLU S 585 116.72 -12.59 -4.98
CA GLU S 585 115.48 -12.91 -5.65
C GLU S 585 114.96 -11.74 -6.48
N LYS S 586 115.68 -10.62 -6.48
CA LYS S 586 115.26 -9.43 -7.21
C LYS S 586 115.36 -9.64 -8.71
N GLU S 587 116.57 -9.94 -9.21
CA GLU S 587 116.70 -10.25 -10.61
C GLU S 587 116.26 -11.67 -10.94
N SER S 588 116.14 -12.54 -9.93
CA SER S 588 115.61 -13.88 -10.17
C SER S 588 114.14 -13.81 -10.52
N ILE S 589 113.42 -12.87 -9.90
CA ILE S 589 112.13 -12.45 -10.42
C ILE S 589 112.32 -11.62 -11.69
N GLY S 590 113.27 -10.69 -11.67
CA GLY S 590 113.49 -9.77 -12.77
C GLY S 590 114.08 -10.38 -14.02
N ALA S 591 114.50 -11.65 -13.97
CA ALA S 591 114.92 -12.34 -15.19
C ALA S 591 113.75 -12.59 -16.11
N LEU S 592 112.56 -12.80 -15.54
CA LEU S 592 111.38 -13.13 -16.35
C LEU S 592 110.92 -11.94 -17.16
N VAL S 593 111.16 -10.72 -16.66
CA VAL S 593 110.85 -9.52 -17.43
C VAL S 593 111.92 -9.28 -18.49
N SER S 594 113.12 -9.80 -18.28
CA SER S 594 114.13 -9.82 -19.32
C SER S 594 114.08 -11.07 -20.18
N GLN S 595 113.47 -12.15 -19.68
CA GLN S 595 113.22 -13.32 -20.51
C GLN S 595 112.23 -13.01 -21.63
N ILE S 596 111.24 -12.16 -21.35
CA ILE S 596 110.25 -11.82 -22.37
C ILE S 596 110.80 -10.78 -23.34
N LYS S 597 111.92 -10.13 -22.99
CA LYS S 597 112.60 -9.28 -23.96
C LYS S 597 113.15 -10.08 -25.14
N LEU S 598 113.46 -11.35 -24.93
CA LEU S 598 113.87 -12.24 -26.01
C LEU S 598 112.67 -12.79 -26.78
N LYS S 599 111.67 -13.31 -26.05
CA LYS S 599 110.62 -14.10 -26.66
C LYS S 599 109.67 -13.24 -27.50
N GLU S 600 109.54 -11.97 -27.17
CA GLU S 600 108.66 -11.11 -27.95
C GLU S 600 109.29 -10.70 -29.27
N ARG S 601 110.58 -10.34 -29.24
CA ARG S 601 111.27 -9.84 -30.42
C ARG S 601 111.39 -10.88 -31.52
N GLU S 602 111.37 -12.16 -31.17
CA GLU S 602 111.26 -13.21 -32.16
C GLU S 602 109.91 -13.14 -32.86
N ARG S 603 108.85 -12.91 -32.08
CA ARG S 603 107.50 -12.94 -32.61
C ARG S 603 107.19 -11.69 -33.41
N ILE S 604 107.84 -10.57 -33.12
CA ILE S 604 107.67 -9.38 -33.94
C ILE S 604 108.47 -9.52 -35.23
N SER S 605 109.39 -10.47 -35.30
CA SER S 605 110.28 -10.64 -36.44
C SER S 605 109.94 -11.85 -37.30
N ARG S 606 109.37 -12.89 -36.72
CA ARG S 606 109.06 -14.09 -37.49
C ARG S 606 107.81 -13.90 -38.33
N VAL S 607 106.78 -13.26 -37.78
CA VAL S 607 105.61 -12.91 -38.59
C VAL S 607 105.94 -11.72 -39.50
N GLN S 608 107.01 -10.98 -39.18
CA GLN S 608 107.52 -9.98 -40.12
C GLN S 608 108.06 -10.65 -41.38
N ASN S 609 108.58 -11.87 -41.27
CA ASN S 609 108.92 -12.65 -42.45
C ASN S 609 107.67 -13.03 -43.24
N LEU S 610 106.53 -13.16 -42.57
CA LEU S 610 105.25 -13.29 -43.27
C LEU S 610 104.74 -11.94 -43.75
N ILE S 611 105.19 -10.83 -43.16
CA ILE S 611 104.91 -9.52 -43.74
C ILE S 611 105.70 -9.35 -45.03
N GLU S 612 106.84 -10.03 -45.16
CA GLU S 612 107.65 -9.94 -46.37
C GLU S 612 106.96 -10.56 -47.58
N HIS S 613 106.02 -11.47 -47.37
CA HIS S 613 105.30 -12.13 -48.44
C HIS S 613 103.84 -11.70 -48.44
N GLU S 614 103.26 -11.61 -49.63
CA GLU S 614 101.94 -11.00 -49.82
C GLU S 614 101.14 -11.85 -50.81
N ASN S 615 100.29 -12.73 -50.26
CA ASN S 615 99.36 -13.58 -51.02
C ASN S 615 100.08 -14.48 -52.01
N SER S 616 101.18 -15.08 -51.58
CA SER S 616 102.03 -15.83 -52.49
C SER S 616 101.39 -17.17 -52.85
N HIS S 617 101.76 -17.67 -54.04
CA HIS S 617 101.42 -19.02 -54.42
C HIS S 617 102.21 -20.04 -53.60
N ASP S 618 103.38 -19.64 -53.09
CA ASP S 618 104.13 -20.47 -52.18
C ASP S 618 103.44 -20.60 -50.83
N GLU S 619 102.66 -19.60 -50.44
CA GLU S 619 101.84 -19.76 -49.25
C GLU S 619 100.40 -20.16 -49.57
N ASP S 620 99.97 -20.00 -50.83
CA ASP S 620 98.74 -20.65 -51.30
C ASP S 620 98.90 -22.17 -51.25
N LYS S 621 100.10 -22.66 -51.55
CA LYS S 621 100.44 -24.06 -51.32
C LYS S 621 100.42 -24.40 -49.83
N TYR S 622 100.92 -23.48 -48.99
CA TYR S 622 100.98 -23.68 -47.55
C TYR S 622 99.60 -23.77 -46.91
N LEU S 623 98.59 -23.14 -47.53
CA LEU S 623 97.22 -23.25 -47.05
C LEU S 623 96.42 -24.32 -47.77
N GLN S 624 96.86 -24.75 -48.96
CA GLN S 624 96.34 -25.98 -49.53
C GLN S 624 96.77 -27.18 -48.69
N ASP S 625 97.97 -27.10 -48.12
CA ASP S 625 98.45 -28.09 -47.17
C ASP S 625 97.79 -27.95 -45.82
N LEU S 626 97.23 -26.78 -45.51
CA LEU S 626 96.56 -26.56 -44.23
C LEU S 626 95.29 -27.41 -44.14
N GLY S 627 94.36 -27.21 -45.07
CA GLY S 627 93.09 -27.90 -45.02
C GLY S 627 93.17 -29.40 -45.26
N TYR S 628 94.23 -29.86 -45.93
CA TYR S 628 94.40 -31.28 -46.20
C TYR S 628 94.61 -32.04 -44.91
N ARG S 629 95.37 -31.47 -43.98
CA ARG S 629 95.51 -31.99 -42.64
C ARG S 629 94.45 -31.43 -41.70
N LEU S 630 93.46 -30.71 -42.22
CA LEU S 630 92.21 -30.49 -41.52
C LEU S 630 91.10 -31.38 -42.04
N SER S 631 91.16 -31.78 -43.31
CA SER S 631 90.14 -32.67 -43.84
C SER S 631 90.30 -34.08 -43.32
N ILE S 632 91.47 -34.68 -43.55
CA ILE S 632 91.70 -36.06 -43.15
C ILE S 632 91.84 -36.19 -41.64
N ALA S 633 92.27 -35.12 -40.96
CA ALA S 633 92.24 -35.13 -39.50
C ALA S 633 90.80 -35.14 -38.97
N THR S 634 89.91 -34.39 -39.62
CA THR S 634 88.48 -34.52 -39.33
C THR S 634 87.99 -35.92 -39.68
N ASN S 635 88.37 -36.41 -40.86
CA ASN S 635 88.09 -37.77 -41.26
C ASN S 635 88.76 -38.81 -40.37
N GLU S 636 89.80 -38.42 -39.61
CA GLU S 636 90.32 -39.25 -38.55
C GLU S 636 89.60 -39.03 -37.23
N LEU S 637 89.10 -37.81 -36.98
CA LEU S 637 88.40 -37.56 -35.73
C LEU S 637 86.91 -37.87 -35.83
N LEU S 638 86.39 -38.04 -37.05
CA LEU S 638 85.01 -38.50 -37.22
C LEU S 638 84.88 -40.00 -36.96
N GLU S 639 85.82 -40.79 -37.46
CA GLU S 639 85.64 -42.24 -37.53
C GLU S 639 85.82 -42.95 -36.19
N SER S 640 86.10 -42.25 -35.12
CA SER S 640 86.07 -42.89 -33.80
C SER S 640 84.70 -42.78 -33.17
N TRP S 641 84.00 -41.66 -33.40
CA TRP S 641 82.78 -41.35 -32.69
C TRP S 641 81.60 -42.18 -33.17
N GLN S 642 81.63 -42.65 -34.42
CA GLN S 642 80.57 -43.52 -34.93
C GLN S 642 80.61 -44.88 -34.25
N LYS S 643 81.80 -45.44 -34.05
CA LYS S 643 81.87 -46.76 -33.43
C LYS S 643 81.67 -46.70 -31.92
N THR S 644 82.08 -45.59 -31.30
CA THR S 644 81.87 -45.38 -29.87
C THR S 644 80.51 -44.75 -29.55
N LYS S 645 79.61 -44.70 -30.54
CA LYS S 645 78.37 -43.93 -30.42
C LYS S 645 77.42 -44.53 -29.41
N ASP S 646 77.50 -45.84 -29.17
CA ASP S 646 76.64 -46.52 -28.20
C ASP S 646 77.22 -46.38 -26.79
N GLU S 647 77.45 -45.13 -26.38
CA GLU S 647 78.06 -44.87 -25.09
C GLU S 647 77.03 -44.88 -23.98
N SER S 648 75.94 -44.12 -24.15
CA SER S 648 74.74 -44.16 -23.31
C SER S 648 75.03 -43.83 -21.84
N ILE S 649 76.00 -42.96 -21.61
CA ILE S 649 76.28 -42.51 -20.25
C ILE S 649 76.73 -41.06 -20.26
N HIS S 656 83.27 -30.03 -27.72
CA HIS S 656 83.40 -31.49 -27.67
C HIS S 656 84.88 -31.85 -27.73
N SER S 657 85.47 -31.70 -28.90
CA SER S 657 86.87 -32.04 -29.08
C SER S 657 87.72 -30.77 -29.16
N LYS S 658 89.01 -30.96 -29.46
CA LYS S 658 90.07 -29.99 -29.17
C LYS S 658 90.38 -29.05 -30.32
N LEU S 659 90.56 -29.59 -31.55
CA LEU S 659 90.98 -28.88 -32.76
C LEU S 659 92.35 -28.19 -32.57
N LYS S 660 93.18 -28.74 -31.69
CA LYS S 660 94.60 -28.37 -31.58
C LYS S 660 95.47 -29.60 -31.75
N ASN S 661 94.99 -30.56 -32.54
CA ASN S 661 95.70 -31.81 -32.72
C ASN S 661 96.95 -31.61 -33.57
N LEU S 662 96.81 -30.88 -34.67
CA LEU S 662 97.95 -30.54 -35.51
C LEU S 662 98.74 -29.41 -34.85
N LEU S 663 99.99 -29.71 -34.51
CA LEU S 663 100.91 -28.74 -33.94
C LEU S 663 102.06 -28.44 -34.91
N GLU S 664 101.75 -28.52 -36.20
CA GLU S 664 102.68 -28.17 -37.26
C GLU S 664 102.35 -26.83 -37.90
N ASN S 665 101.07 -26.47 -37.95
CA ASN S 665 100.62 -25.29 -38.68
C ASN S 665 99.67 -24.55 -37.75
N SER S 666 98.91 -23.59 -38.30
CA SER S 666 98.18 -22.53 -37.59
C SER S 666 99.12 -21.65 -36.76
N ASP S 667 100.35 -21.48 -37.25
CA ASP S 667 101.30 -20.53 -36.72
C ASP S 667 101.77 -19.52 -37.78
N SER S 668 101.99 -19.96 -39.01
CA SER S 668 102.58 -19.10 -40.03
C SER S 668 101.69 -18.95 -41.27
N PHE S 669 100.39 -18.78 -41.09
CA PHE S 669 99.47 -18.50 -42.18
C PHE S 669 99.15 -17.01 -42.20
N ALA S 670 99.23 -16.39 -43.38
CA ALA S 670 99.37 -14.94 -43.47
C ALA S 670 98.24 -14.30 -44.24
N SER S 671 97.00 -14.72 -43.99
CA SER S 671 95.84 -14.03 -44.56
C SER S 671 94.62 -14.32 -43.72
N ILE S 672 93.97 -13.26 -43.26
CA ILE S 672 92.69 -13.36 -42.56
C ILE S 672 91.50 -13.58 -43.50
N PRO S 673 91.30 -12.84 -44.62
CA PRO S 673 90.13 -13.15 -45.45
C PRO S 673 90.20 -14.48 -46.17
N GLU S 674 91.39 -15.03 -46.38
CA GLU S 674 91.50 -16.32 -47.06
C GLU S 674 91.10 -17.46 -46.12
N PHE S 675 91.65 -17.48 -44.90
CA PHE S 675 91.34 -18.57 -43.97
C PHE S 675 89.91 -18.52 -43.49
N SER S 676 89.33 -17.31 -43.42
CA SER S 676 87.89 -17.20 -43.20
C SER S 676 87.12 -17.87 -44.32
N SER S 677 87.55 -17.65 -45.56
CA SER S 677 86.95 -18.37 -46.69
C SER S 677 87.36 -19.84 -46.67
N LEU S 678 88.59 -20.14 -46.26
CA LEU S 678 89.09 -21.51 -46.27
C LEU S 678 88.34 -22.39 -45.29
N LEU S 679 87.97 -21.83 -44.13
CA LEU S 679 87.16 -22.60 -43.22
C LEU S 679 85.72 -22.67 -43.71
N ASP S 680 85.24 -21.63 -44.40
CA ASP S 680 83.98 -21.74 -45.13
C ASP S 680 84.11 -22.70 -46.30
N GLN S 681 85.30 -22.75 -46.92
CA GLN S 681 85.60 -23.80 -47.88
C GLN S 681 85.68 -25.15 -47.19
N PHE S 682 86.11 -25.17 -45.94
CA PHE S 682 86.10 -26.39 -45.16
C PHE S 682 84.72 -26.70 -44.57
N PHE S 683 83.89 -25.67 -44.35
CA PHE S 683 82.53 -25.90 -43.86
C PHE S 683 81.67 -26.59 -44.92
N GLN S 684 81.82 -26.19 -46.18
CA GLN S 684 80.93 -26.69 -47.24
C GLN S 684 81.19 -28.17 -47.54
N TYR S 685 82.40 -28.65 -47.23
CA TYR S 685 82.81 -30.01 -47.57
C TYR S 685 82.02 -31.08 -46.82
N TYR S 686 81.56 -30.78 -45.61
CA TYR S 686 80.94 -31.80 -44.76
C TYR S 686 79.43 -31.62 -44.81
N GLN S 687 78.85 -32.13 -45.89
CA GLN S 687 77.41 -32.29 -46.04
C GLN S 687 76.90 -33.50 -45.26
N ASP S 688 77.81 -34.39 -44.86
CA ASP S 688 77.48 -35.68 -44.27
C ASP S 688 77.05 -35.50 -42.81
N GLN S 689 76.86 -36.63 -42.12
CA GLN S 689 76.45 -36.63 -40.73
C GLN S 689 77.65 -36.70 -39.81
N ASP S 690 77.38 -36.65 -38.49
CA ASP S 690 78.34 -36.64 -37.38
C ASP S 690 79.23 -35.40 -37.39
N VAL S 691 78.91 -34.38 -38.18
CA VAL S 691 79.73 -33.19 -38.25
C VAL S 691 78.87 -31.95 -38.48
N THR S 692 78.87 -31.06 -37.50
CA THR S 692 78.24 -29.75 -37.57
C THR S 692 79.23 -28.73 -37.00
N PHE S 693 78.83 -27.46 -37.02
CA PHE S 693 79.73 -26.40 -36.57
C PHE S 693 78.94 -25.34 -35.83
N ILE S 694 79.67 -24.39 -35.27
CA ILE S 694 79.12 -23.15 -34.76
C ILE S 694 79.75 -21.99 -35.52
N GLY S 695 78.91 -21.13 -36.08
CA GLY S 695 79.40 -20.07 -36.95
C GLY S 695 80.01 -18.94 -36.15
N PHE S 696 81.13 -18.44 -36.65
CA PHE S 696 81.92 -17.46 -35.92
C PHE S 696 81.33 -16.06 -36.03
N GLU S 697 80.83 -15.73 -37.22
CA GLU S 697 80.46 -14.34 -37.49
C GLU S 697 79.20 -13.93 -36.75
N LYS S 698 78.32 -14.88 -36.43
CA LYS S 698 77.17 -14.57 -35.60
C LYS S 698 77.49 -14.62 -34.11
N LEU S 699 78.76 -14.74 -33.73
CA LEU S 699 79.15 -14.90 -32.35
C LEU S 699 80.37 -14.06 -31.98
N LEU S 700 81.10 -13.52 -32.95
CA LEU S 700 82.35 -12.81 -32.73
C LEU S 700 82.14 -11.39 -32.20
N HIS S 701 80.89 -10.95 -32.06
CA HIS S 701 80.55 -9.60 -31.65
C HIS S 701 80.66 -9.36 -30.15
N LEU S 702 80.99 -10.39 -29.37
CA LEU S 702 80.92 -10.29 -27.91
C LEU S 702 82.01 -9.43 -27.31
N PHE S 703 83.03 -9.11 -28.12
CA PHE S 703 84.16 -8.28 -27.63
C PHE S 703 83.91 -6.79 -27.93
N LEU S 704 83.29 -6.50 -29.08
CA LEU S 704 83.02 -5.13 -29.50
C LEU S 704 81.67 -4.61 -29.00
N HIS S 705 80.80 -5.53 -28.58
CA HIS S 705 79.47 -5.23 -28.01
C HIS S 705 78.58 -4.46 -28.96
N GLU S 706 78.70 -4.77 -30.25
CA GLU S 706 77.82 -4.21 -31.26
C GLU S 706 77.39 -5.30 -32.24
N ASP S 707 76.81 -4.89 -33.35
CA ASP S 707 76.46 -5.80 -34.44
C ASP S 707 77.69 -6.03 -35.31
N VAL S 708 78.33 -7.18 -35.18
CA VAL S 708 79.49 -7.54 -35.98
C VAL S 708 79.13 -8.77 -36.80
N PRO S 709 78.64 -8.59 -38.03
CA PRO S 709 78.20 -9.75 -38.83
C PRO S 709 79.31 -10.48 -39.57
N GLY S 710 80.57 -10.07 -39.43
CA GLY S 710 81.62 -10.67 -40.22
C GLY S 710 82.92 -10.83 -39.44
N LEU S 711 83.79 -11.67 -40.00
CA LEU S 711 85.14 -11.87 -39.50
C LEU S 711 86.13 -10.94 -40.18
N ASP S 712 85.83 -10.54 -41.42
CA ASP S 712 86.69 -9.63 -42.16
C ASP S 712 86.52 -8.18 -41.70
N ILE S 713 85.29 -7.78 -41.36
CA ILE S 713 85.09 -6.47 -40.76
C ILE S 713 85.43 -6.46 -39.29
N PHE S 714 85.50 -7.63 -38.65
CA PHE S 714 85.97 -7.71 -37.27
C PHE S 714 87.41 -7.28 -37.15
N TYR S 715 88.23 -7.63 -38.14
CA TYR S 715 89.58 -7.07 -38.16
C TYR S 715 89.54 -5.58 -38.44
N ASN S 716 88.59 -5.14 -39.27
CA ASN S 716 88.52 -3.75 -39.68
C ASN S 716 88.14 -2.83 -38.53
N LYS S 717 87.54 -3.37 -37.47
CA LYS S 717 87.30 -2.57 -36.28
C LYS S 717 88.59 -2.39 -35.48
N LEU S 718 89.32 -3.48 -35.27
CA LEU S 718 90.60 -3.41 -34.57
C LEU S 718 91.67 -2.71 -35.40
N LEU S 719 91.46 -2.63 -36.71
CA LEU S 719 92.42 -2.01 -37.61
C LEU S 719 92.56 -0.51 -37.35
N GLN S 720 91.43 0.17 -37.14
CA GLN S 720 91.46 1.57 -36.74
C GLN S 720 91.71 1.76 -35.25
N CYS S 721 91.72 0.67 -34.48
CA CYS S 721 91.65 0.78 -33.04
C CYS S 721 93.01 0.79 -32.37
N TRP S 722 93.96 0.04 -32.89
CA TRP S 722 95.24 -0.16 -32.23
C TRP S 722 96.37 0.51 -32.98
N VAL S 723 96.10 1.71 -33.50
CA VAL S 723 97.05 2.37 -34.38
C VAL S 723 98.16 3.04 -33.57
N LEU S 724 97.79 3.82 -32.56
CA LEU S 724 98.76 4.68 -31.90
C LEU S 724 99.61 3.92 -30.90
N VAL S 725 99.04 2.91 -30.25
CA VAL S 725 99.62 2.36 -29.03
C VAL S 725 100.56 1.19 -29.28
N SER S 726 100.99 1.00 -30.53
CA SER S 726 101.87 -0.12 -30.82
C SER S 726 102.92 0.25 -31.86
N PRO S 727 104.18 -0.15 -31.67
CA PRO S 727 105.17 0.00 -32.74
C PRO S 727 104.85 -0.88 -33.93
N GLN S 728 104.47 -0.22 -35.03
CA GLN S 728 104.12 -0.72 -36.36
C GLN S 728 102.75 -1.40 -36.39
N ALA S 729 102.16 -1.65 -35.21
CA ALA S 729 100.73 -1.71 -34.92
C ALA S 729 99.95 -2.78 -35.69
N GLU S 730 100.60 -3.65 -36.46
CA GLU S 730 99.86 -4.46 -37.42
C GLU S 730 99.87 -5.94 -37.11
N LEU S 731 101.03 -6.58 -37.06
CA LEU S 731 101.05 -8.04 -36.96
C LEU S 731 100.68 -8.51 -35.56
N LEU S 732 100.82 -7.65 -34.55
CA LEU S 732 100.25 -7.94 -33.25
C LEU S 732 98.72 -7.96 -33.34
N THR S 733 98.16 -7.00 -34.06
CA THR S 733 96.73 -6.96 -34.29
C THR S 733 96.29 -8.10 -35.20
N LYS S 734 97.17 -8.49 -36.13
CA LYS S 734 96.90 -9.66 -36.97
C LYS S 734 96.93 -10.94 -36.17
N GLU S 735 97.89 -11.10 -35.27
CA GLU S 735 98.10 -12.39 -34.61
C GLU S 735 96.98 -12.71 -33.63
N ILE S 736 96.40 -11.69 -32.99
CA ILE S 736 95.30 -11.92 -32.07
C ILE S 736 94.04 -12.32 -32.84
N VAL S 737 93.79 -11.67 -33.98
CA VAL S 737 92.71 -12.10 -34.86
C VAL S 737 93.01 -13.49 -35.43
N LYS S 738 94.29 -13.79 -35.67
CA LYS S 738 94.71 -15.14 -35.97
C LYS S 738 94.69 -16.08 -34.76
N ASP S 739 94.43 -15.56 -33.56
CA ASP S 739 94.40 -16.41 -32.37
C ASP S 739 92.98 -16.79 -31.97
N ILE S 740 92.03 -15.86 -32.11
CA ILE S 740 90.72 -16.01 -31.49
C ILE S 740 89.89 -17.10 -32.16
N ILE S 741 89.99 -17.22 -33.49
CA ILE S 741 89.28 -18.29 -34.19
C ILE S 741 89.89 -19.64 -33.84
N TRP S 742 91.20 -19.68 -33.61
CA TRP S 742 91.84 -20.84 -33.01
C TRP S 742 91.71 -20.87 -31.49
N SER S 743 91.19 -19.81 -30.88
CA SER S 743 90.94 -19.87 -29.44
C SER S 743 89.58 -20.50 -29.15
N LEU S 744 88.58 -20.19 -29.97
CA LEU S 744 87.35 -20.98 -30.00
C LEU S 744 87.57 -22.10 -31.02
N ALA S 745 88.35 -23.07 -30.59
CA ALA S 745 88.59 -24.28 -31.39
C ALA S 745 87.64 -25.39 -30.98
N ARG S 746 86.35 -25.09 -30.91
CA ARG S 746 85.31 -26.09 -30.70
C ARG S 746 84.49 -26.06 -31.99
N LEU S 747 84.95 -26.81 -32.97
CA LEU S 747 84.21 -26.98 -34.22
C LEU S 747 83.85 -28.44 -34.44
N GLU S 748 83.86 -29.22 -33.37
CA GLU S 748 83.76 -30.66 -33.44
C GLU S 748 82.46 -31.13 -32.82
N LYS S 749 81.40 -30.43 -33.12
CA LYS S 749 80.12 -30.97 -32.75
C LYS S 749 79.74 -32.09 -33.70
N PRO S 750 79.13 -33.15 -33.20
CA PRO S 750 78.44 -34.11 -34.08
C PRO S 750 77.20 -33.53 -34.74
N SER S 751 76.44 -34.38 -35.40
CA SER S 751 75.13 -33.95 -35.90
C SER S 751 74.16 -33.79 -34.73
N LEU S 752 72.90 -33.51 -35.07
CA LEU S 752 71.87 -33.32 -34.05
C LEU S 752 71.59 -34.61 -33.28
N PHE S 753 71.92 -35.77 -33.86
CA PHE S 753 71.58 -37.07 -33.30
C PHE S 753 72.26 -37.32 -31.96
N GLU S 754 73.45 -36.79 -31.76
CA GLU S 754 74.26 -37.21 -30.63
C GLU S 754 73.80 -36.64 -29.27
N PRO S 755 73.41 -35.36 -29.12
CA PRO S 755 72.79 -34.98 -27.84
C PRO S 755 71.33 -35.38 -27.70
N ILE S 756 70.61 -35.59 -28.81
CA ILE S 756 69.20 -36.00 -28.71
C ILE S 756 69.09 -37.42 -28.17
N GLN S 757 69.97 -38.32 -28.62
CA GLN S 757 69.98 -39.67 -28.05
C GLN S 757 70.55 -39.68 -26.64
N ASN S 758 71.20 -38.61 -26.21
CA ASN S 758 71.63 -38.50 -24.83
C ASN S 758 70.60 -37.76 -23.97
N GLU S 759 69.56 -37.20 -24.60
CA GLU S 759 68.41 -36.70 -23.86
C GLU S 759 67.56 -37.85 -23.35
N ILE S 760 67.25 -38.81 -24.25
CA ILE S 760 66.30 -39.86 -23.95
C ILE S 760 66.82 -40.87 -22.92
N SER S 761 68.14 -40.94 -22.74
CA SER S 761 68.70 -41.96 -21.85
C SER S 761 68.56 -41.58 -20.38
N ARG S 762 68.52 -40.28 -20.06
CA ARG S 762 68.57 -39.89 -18.66
C ARG S 762 67.20 -39.96 -18.01
N SER S 763 66.15 -39.62 -18.75
CA SER S 763 64.79 -39.68 -18.21
C SER S 763 64.32 -41.11 -17.98
N LEU S 764 64.85 -42.06 -18.77
CA LEU S 764 64.63 -43.48 -18.47
C LEU S 764 65.27 -43.87 -17.15
N SER S 765 66.44 -43.29 -16.84
CA SER S 765 67.19 -43.66 -15.64
C SER S 765 66.57 -43.11 -14.37
N GLY S 766 66.02 -41.90 -14.41
CA GLY S 766 65.24 -41.39 -13.30
C GLY S 766 63.89 -42.06 -13.24
N PRO S 767 63.22 -41.91 -12.09
CA PRO S 767 61.97 -42.64 -11.89
C PRO S 767 60.82 -42.01 -12.64
N TYR S 768 59.63 -42.58 -12.50
CA TYR S 768 58.43 -42.03 -13.12
C TYR S 768 57.91 -40.78 -12.41
N GLN S 769 58.55 -40.37 -11.31
CA GLN S 769 58.24 -39.10 -10.68
C GLN S 769 58.89 -37.92 -11.40
N ASP S 770 60.00 -38.15 -12.08
CA ASP S 770 60.70 -37.12 -12.83
C ASP S 770 60.33 -37.10 -14.31
N ILE S 771 59.33 -37.89 -14.72
CA ILE S 771 58.80 -37.79 -16.08
C ILE S 771 58.07 -36.47 -16.26
N ILE S 772 57.12 -36.19 -15.36
CA ILE S 772 56.31 -34.98 -15.46
C ILE S 772 57.14 -33.75 -15.07
N SER S 773 58.24 -33.95 -14.33
CA SER S 773 59.11 -32.84 -13.97
C SER S 773 59.91 -32.31 -15.16
N SER S 774 60.08 -33.10 -16.22
CA SER S 774 60.92 -32.70 -17.36
C SER S 774 60.04 -32.45 -18.58
N TRP S 775 59.58 -31.21 -18.72
CA TRP S 775 58.79 -30.80 -19.88
C TRP S 775 59.14 -29.37 -20.26
N ASP S 776 59.99 -29.22 -21.27
CA ASP S 776 60.20 -27.94 -21.90
C ASP S 776 59.08 -27.65 -22.89
N MET S 777 59.09 -26.43 -23.44
CA MET S 777 58.27 -26.02 -24.60
C MET S 777 56.77 -26.17 -24.31
N ASP S 778 56.29 -25.34 -23.39
CA ASP S 778 54.87 -25.44 -23.02
C ASP S 778 54.02 -24.31 -23.57
N ASP S 779 54.45 -23.06 -23.47
CA ASP S 779 53.69 -21.91 -23.93
C ASP S 779 54.63 -20.71 -24.12
N MET T 1 73.05 8.33 2.18
CA MET T 1 73.00 9.52 3.01
C MET T 1 71.57 9.87 3.45
N PHE T 2 70.68 10.09 2.49
CA PHE T 2 69.33 10.54 2.80
C PHE T 2 68.44 9.38 3.25
N GLU T 3 67.32 9.72 3.87
CA GLU T 3 66.40 8.73 4.41
C GLU T 3 65.68 8.02 3.28
N VAL T 4 65.33 6.76 3.50
CA VAL T 4 64.70 5.96 2.47
C VAL T 4 63.26 5.60 2.82
N PRO T 5 62.37 5.51 1.85
CA PRO T 5 60.98 5.10 2.11
C PRO T 5 60.77 3.60 2.00
N ILE T 6 61.43 2.83 2.86
CA ILE T 6 61.32 1.38 2.82
C ILE T 6 60.80 0.91 4.17
N THR T 7 59.88 -0.05 4.15
CA THR T 7 59.54 -0.79 5.35
C THR T 7 60.49 -2.00 5.42
N LEU T 8 61.72 -1.71 5.83
CA LEU T 8 62.77 -2.72 5.85
C LEU T 8 62.91 -3.28 7.25
N THR T 9 62.99 -4.59 7.34
CA THR T 9 63.19 -5.28 8.61
C THR T 9 64.07 -6.50 8.40
N ASN T 10 64.94 -6.75 9.35
CA ASN T 10 65.77 -7.94 9.39
C ASN T 10 65.72 -8.52 10.79
N ARG T 11 66.04 -9.81 10.90
CA ARG T 11 66.00 -10.47 12.19
C ARG T 11 67.08 -9.95 13.11
N LYS T 12 68.22 -9.54 12.55
CA LYS T 12 69.30 -9.01 13.38
C LYS T 12 68.95 -7.64 13.94
N PHE T 13 68.05 -6.91 13.30
CA PHE T 13 67.59 -5.64 13.86
C PHE T 13 66.38 -5.82 14.75
N ALA T 14 65.52 -6.78 14.44
CA ALA T 14 64.39 -7.07 15.32
C ALA T 14 64.87 -7.63 16.65
N GLN T 15 65.97 -8.37 16.64
CA GLN T 15 66.55 -8.88 17.87
C GLN T 15 67.29 -7.80 18.64
N ARG T 16 68.14 -7.01 17.96
CA ARG T 16 69.10 -6.18 18.69
C ARG T 16 68.40 -5.01 19.38
N ARG T 17 67.23 -4.61 18.87
CA ARG T 17 66.44 -3.68 19.65
C ARG T 17 65.68 -4.42 20.76
N LYS T 18 65.23 -5.64 20.49
CA LYS T 18 64.54 -6.42 21.52
C LYS T 18 65.51 -6.87 22.59
N LEU T 19 66.74 -7.21 22.19
CA LEU T 19 67.80 -7.49 23.15
C LEU T 19 68.11 -6.27 24.00
N LYS T 20 67.93 -5.08 23.44
CA LYS T 20 68.15 -3.85 24.18
C LYS T 20 66.98 -3.55 25.10
N TYR T 21 65.75 -3.56 24.59
CA TYR T 21 64.61 -3.16 25.39
C TYR T 21 64.13 -4.25 26.35
N GLN T 22 64.62 -5.49 26.21
CA GLN T 22 64.45 -6.44 27.30
C GLN T 22 65.29 -6.04 28.50
N TYR T 23 66.54 -5.66 28.26
CA TYR T 23 67.47 -5.25 29.30
C TYR T 23 67.01 -4.01 30.04
N ILE T 24 66.49 -3.04 29.30
CA ILE T 24 66.20 -1.71 29.83
C ILE T 24 65.07 -1.77 30.85
N ASN T 25 64.15 -2.71 30.67
CA ASN T 25 63.06 -2.90 31.62
C ASN T 25 63.56 -3.35 32.99
N TYR T 26 64.61 -4.17 33.02
CA TYR T 26 65.14 -4.62 34.30
C TYR T 26 65.92 -3.50 35.00
N ILE T 27 66.76 -2.80 34.25
CA ILE T 27 67.59 -1.74 34.85
C ILE T 27 66.74 -0.54 35.24
N SER T 28 65.55 -0.39 34.65
CA SER T 28 64.64 0.67 35.07
C SER T 28 64.00 0.33 36.41
N ARG T 29 63.62 -0.94 36.60
CA ARG T 29 63.06 -1.37 37.87
C ARG T 29 64.11 -1.36 38.97
N ARG T 30 65.36 -1.70 38.63
CA ARG T 30 66.44 -1.72 39.61
C ARG T 30 66.77 -0.32 40.08
N PHE T 31 66.65 0.68 39.20
CA PHE T 31 66.92 2.05 39.60
C PHE T 31 65.90 2.58 40.59
N ASP T 32 64.70 2.02 40.61
CA ASP T 32 63.66 2.50 41.52
C ASP T 32 63.61 1.75 42.84
N ARG T 33 64.20 0.56 42.93
CA ARG T 33 64.32 -0.08 44.24
C ARG T 33 65.50 0.49 45.01
N ILE T 34 66.53 0.95 44.31
CA ILE T 34 67.59 1.73 44.96
C ILE T 34 67.09 3.16 45.20
N SER T 35 66.11 3.60 44.41
CA SER T 35 65.35 4.78 44.79
C SER T 35 64.26 4.48 45.80
N LYS T 36 64.07 3.21 46.17
CA LYS T 36 63.19 2.86 47.27
C LYS T 36 63.95 2.72 48.59
N LYS T 37 65.26 2.50 48.54
CA LYS T 37 66.09 2.61 49.73
C LYS T 37 66.58 4.04 49.97
N SER T 38 66.50 4.89 48.95
CA SER T 38 66.86 6.30 49.10
C SER T 38 65.66 7.18 48.81
N SER T 121 53.92 -9.14 28.24
CA SER T 121 55.35 -8.82 28.24
C SER T 121 55.98 -8.89 26.86
N ASP T 122 55.64 -7.92 26.01
CA ASP T 122 56.36 -7.69 24.76
C ASP T 122 57.75 -7.11 25.00
N GLU T 123 57.93 -6.46 26.15
CA GLU T 123 59.14 -5.85 26.70
C GLU T 123 59.54 -4.56 26.00
N GLU T 124 58.88 -4.19 24.92
CA GLU T 124 59.01 -2.88 24.32
C GLU T 124 57.69 -2.13 24.26
N ARG T 125 56.58 -2.86 24.08
CA ARG T 125 55.26 -2.29 24.35
C ARG T 125 55.14 -1.88 25.82
N LYS T 126 55.75 -2.66 26.70
CA LYS T 126 55.83 -2.31 28.12
C LYS T 126 56.72 -1.09 28.35
N PHE T 127 57.67 -0.83 27.45
CA PHE T 127 58.57 0.29 27.65
C PHE T 127 57.87 1.62 27.41
N TRP T 128 57.19 1.77 26.28
CA TRP T 128 56.62 3.06 25.88
C TRP T 128 55.36 3.43 26.67
N LYS T 129 54.98 2.67 27.69
CA LYS T 129 53.91 3.04 28.60
C LYS T 129 54.41 3.94 29.72
N LYS T 130 55.67 4.33 29.66
CA LYS T 130 56.26 5.31 30.56
C LYS T 130 56.23 6.71 29.95
N TYR T 131 55.88 6.82 28.67
CA TYR T 131 56.05 8.05 27.91
C TYR T 131 54.86 8.28 27.00
N GLU T 132 54.63 9.53 26.65
CA GLU T 132 53.56 9.95 25.72
C GLU T 132 54.21 10.24 24.37
N LYS T 133 53.82 9.51 23.33
CA LYS T 133 54.35 9.69 21.95
C LYS T 133 53.79 11.03 21.47
N PRO T 134 54.65 11.99 21.08
CA PRO T 134 54.21 13.38 20.81
C PRO T 134 53.13 13.57 19.77
N GLU T 135 53.34 13.00 18.58
CA GLU T 135 52.37 12.83 17.49
C GLU T 135 52.01 14.13 16.78
N LYS T 136 52.44 15.25 17.33
CA LYS T 136 52.34 16.57 16.70
C LYS T 136 53.70 17.05 16.25
N SER T 137 54.68 17.02 17.16
CA SER T 137 56.08 17.25 16.84
C SER T 137 56.85 15.95 16.89
N PHE T 138 58.13 16.02 16.51
CA PHE T 138 59.01 14.88 16.70
C PHE T 138 59.22 14.60 18.17
N GLU T 139 59.46 15.65 18.92
CA GLU T 139 59.93 15.61 20.29
C GLU T 139 58.91 16.32 21.13
N ILE T 140 58.65 15.83 22.33
CA ILE T 140 57.59 16.48 23.07
C ILE T 140 58.18 17.70 23.77
N TRP T 141 58.22 18.80 23.02
CA TRP T 141 58.62 20.11 23.52
C TRP T 141 57.64 20.60 24.57
N ARG T 142 58.09 21.50 25.44
CA ARG T 142 57.14 21.95 26.49
C ARG T 142 57.52 23.32 27.05
N THR T 143 56.54 24.24 27.14
CA THR T 143 56.83 25.51 27.76
C THR T 143 57.58 25.26 29.06
N VAL T 144 58.27 26.30 29.52
CA VAL T 144 59.24 26.19 30.58
C VAL T 144 58.94 27.13 31.74
N SER T 145 58.62 28.39 31.46
CA SER T 145 58.24 29.36 32.49
C SER T 145 56.82 29.04 32.95
N SER T 146 56.71 27.95 33.73
CA SER T 146 55.45 27.43 34.20
C SER T 146 55.73 26.60 35.43
N GLN T 147 54.77 25.73 35.79
CA GLN T 147 54.84 24.88 37.01
C GLN T 147 55.53 23.55 36.69
N ASN T 148 56.05 23.38 35.47
CA ASN T 148 56.69 22.14 35.07
C ASN T 148 58.14 22.06 35.51
N LYS T 149 58.51 23.02 36.39
CA LYS T 149 59.88 23.25 36.93
C LYS T 149 60.17 22.24 38.05
N GLN T 150 61.43 22.21 38.52
CA GLN T 150 61.88 21.28 39.54
C GLN T 150 63.05 21.89 40.30
N PRO T 151 63.19 21.64 41.59
CA PRO T 151 64.48 21.89 42.25
C PRO T 151 65.49 20.85 41.79
N ILE T 152 66.74 21.30 41.59
CA ILE T 152 67.78 20.39 41.12
C ILE T 152 68.08 19.37 42.22
N ASN T 153 68.05 18.09 41.86
CA ASN T 153 68.39 17.04 42.82
C ASN T 153 69.85 17.14 43.23
N LYS T 154 70.10 17.02 44.53
CA LYS T 154 71.43 17.29 45.05
C LYS T 154 72.34 16.08 44.90
N GLN T 155 71.94 14.93 45.41
CA GLN T 155 72.81 13.78 45.48
C GLN T 155 73.02 13.18 44.09
N LYS T 156 74.28 12.99 43.72
CA LYS T 156 74.66 12.58 42.39
C LYS T 156 75.21 11.16 42.38
N MET T 157 75.50 10.68 41.18
CA MET T 157 75.97 9.33 40.95
C MET T 157 77.46 9.19 41.29
N THR T 158 77.91 7.93 41.34
CA THR T 158 79.33 7.63 41.30
C THR T 158 79.53 6.30 40.58
N TYR T 159 80.79 5.99 40.30
CA TYR T 159 81.15 4.75 39.63
C TYR T 159 80.90 3.54 40.51
N HIS T 160 80.99 3.70 41.83
CA HIS T 160 80.76 2.58 42.72
C HIS T 160 79.29 2.21 42.80
N ASN T 161 78.40 3.21 42.75
CA ASN T 161 76.97 2.93 42.73
C ASN T 161 76.46 2.52 41.36
N PHE T 162 77.12 2.95 40.29
CA PHE T 162 76.62 2.61 38.95
C PHE T 162 76.93 1.17 38.57
N LYS T 163 78.10 0.67 38.94
CA LYS T 163 78.45 -0.69 38.56
C LYS T 163 77.79 -1.73 39.46
N LYS T 164 77.17 -1.31 40.56
CA LYS T 164 76.38 -2.20 41.39
C LYS T 164 74.89 -2.09 41.13
N ILE T 165 74.44 -1.03 40.46
CA ILE T 165 73.04 -0.93 40.08
C ILE T 165 72.79 -1.54 38.71
N GLU T 166 73.84 -1.77 37.92
CA GLU T 166 73.71 -2.41 36.63
C GLU T 166 74.00 -3.90 36.69
N LYS T 167 74.57 -4.37 37.79
CA LYS T 167 75.20 -5.70 37.82
C LYS T 167 74.16 -6.81 37.78
N ILE T 168 73.16 -6.74 38.64
CA ILE T 168 72.06 -7.70 38.67
C ILE T 168 71.20 -7.66 37.40
N PRO T 169 70.96 -6.53 36.72
CA PRO T 169 70.44 -6.66 35.34
C PRO T 169 71.44 -7.23 34.36
N LEU T 170 72.73 -6.99 34.53
CA LEU T 170 73.71 -7.64 33.66
C LEU T 170 73.90 -9.11 33.98
N ARG T 171 73.46 -9.58 35.16
CA ARG T 171 73.51 -11.00 35.44
C ARG T 171 72.43 -11.75 34.67
N LYS T 172 71.18 -11.31 34.80
CA LYS T 172 70.07 -12.01 34.17
C LYS T 172 70.12 -11.90 32.66
N MET T 173 70.83 -10.91 32.12
CA MET T 173 70.85 -10.73 30.69
C MET T 173 71.78 -11.72 30.00
N GLU T 174 72.78 -12.26 30.72
CA GLU T 174 73.86 -12.99 30.05
C GLU T 174 73.42 -14.34 29.51
N ILE T 175 72.36 -14.93 30.06
CA ILE T 175 71.88 -16.22 29.55
C ILE T 175 71.03 -16.08 28.29
N PRO T 176 70.17 -15.06 28.09
CA PRO T 176 69.69 -14.83 26.72
C PRO T 176 70.72 -14.22 25.79
N LEU T 177 71.86 -13.73 26.29
CA LEU T 177 72.91 -13.25 25.40
C LEU T 177 73.63 -14.37 24.68
N LEU T 178 73.56 -15.61 25.17
CA LEU T 178 74.17 -16.69 24.42
C LEU T 178 73.20 -17.35 23.46
N HIS T 179 71.89 -17.10 23.61
CA HIS T 179 70.93 -17.61 22.65
C HIS T 179 70.83 -16.73 21.43
N CYS T 180 71.02 -15.42 21.59
CA CYS T 180 71.04 -14.52 20.45
C CYS T 180 72.32 -14.69 19.66
N THR T 181 72.34 -14.12 18.45
CA THR T 181 73.51 -14.23 17.61
C THR T 181 74.65 -13.39 18.17
N LYS T 182 75.87 -13.78 17.85
CA LYS T 182 77.04 -13.24 18.51
C LYS T 182 77.29 -11.77 18.16
N GLU T 183 76.84 -11.33 16.98
CA GLU T 183 77.03 -9.92 16.62
C GLU T 183 75.92 -9.05 17.18
N ASN T 184 74.72 -9.60 17.36
CA ASN T 184 73.75 -8.95 18.24
C ASN T 184 74.28 -8.94 19.67
N LYS T 185 74.97 -10.01 20.06
CA LYS T 185 75.61 -10.07 21.37
C LYS T 185 76.84 -9.16 21.41
N LEU T 186 77.55 -9.02 20.29
CA LEU T 186 78.62 -8.03 20.21
C LEU T 186 78.06 -6.61 20.22
N TYR T 187 76.83 -6.43 19.76
CA TYR T 187 76.20 -5.11 19.77
C TYR T 187 75.89 -4.66 21.19
N PHE T 188 75.17 -5.49 21.95
CA PHE T 188 74.78 -5.15 23.31
C PHE T 188 75.97 -5.04 24.25
N GLN T 189 77.02 -5.81 23.98
CA GLN T 189 78.25 -5.59 24.72
C GLN T 189 78.88 -4.26 24.35
N SER T 190 78.71 -3.82 23.11
CA SER T 190 79.35 -2.58 22.72
C SER T 190 78.49 -1.37 23.05
N ILE T 191 77.17 -1.44 22.86
CA ILE T 191 76.32 -0.28 23.10
C ILE T 191 76.09 0.00 24.59
N SER T 192 76.47 -0.91 25.48
CA SER T 192 76.27 -0.67 26.89
C SER T 192 77.42 0.06 27.55
N ARG T 193 78.56 0.20 26.87
CA ARG T 193 79.69 0.93 27.40
C ARG T 193 79.90 2.27 26.69
N GLY T 194 78.85 2.80 26.06
CA GLY T 194 79.00 3.89 25.11
C GLY T 194 78.87 3.28 23.74
N LEU T 195 79.63 3.75 22.75
CA LEU T 195 79.87 3.05 21.49
C LEU T 195 78.58 2.74 20.71
N GLU T 196 77.98 3.81 20.20
CA GLU T 196 76.84 3.69 19.31
C GLU T 196 77.23 2.96 18.02
N PRO T 197 76.27 2.35 17.31
CA PRO T 197 76.61 1.65 16.06
C PRO T 197 77.01 2.61 14.95
N LEU T 198 78.06 2.23 14.23
CA LEU T 198 78.54 2.97 13.08
C LEU T 198 78.00 2.40 11.77
N LYS T 199 77.42 1.20 11.83
CA LYS T 199 76.85 0.54 10.66
C LYS T 199 75.38 0.93 10.56
N THR T 200 75.03 1.73 9.56
CA THR T 200 73.67 2.19 9.37
C THR T 200 72.84 1.11 8.69
N SER T 201 71.61 0.92 9.17
CA SER T 201 70.81 -0.26 8.88
C SER T 201 70.41 -0.40 7.42
N THR T 202 70.39 0.70 6.67
CA THR T 202 69.96 0.65 5.29
C THR T 202 71.11 0.47 4.32
N SER T 203 72.26 -0.01 4.79
CA SER T 203 73.42 -0.20 3.92
C SER T 203 73.69 -1.67 3.63
N GLU T 204 73.55 -2.55 4.61
CA GLU T 204 73.84 -3.95 4.41
C GLU T 204 72.61 -4.78 4.06
N VAL T 205 71.56 -4.14 3.54
CA VAL T 205 70.31 -4.85 3.33
C VAL T 205 70.29 -5.64 2.02
N ARG T 206 71.06 -5.19 1.02
CA ARG T 206 71.47 -5.91 -0.22
C ARG T 206 70.34 -6.60 -0.99
N ASN T 207 69.11 -6.14 -0.84
CA ASN T 207 67.94 -6.82 -1.38
C ASN T 207 67.78 -6.67 -2.90
N TYR T 208 68.60 -5.82 -3.54
CA TYR T 208 68.62 -5.45 -4.96
C TYR T 208 67.43 -4.60 -5.39
N ARG T 209 66.34 -4.64 -4.65
CA ARG T 209 65.30 -3.68 -4.92
C ARG T 209 65.42 -2.49 -4.01
N THR T 210 65.75 -2.74 -2.74
CA THR T 210 66.12 -1.66 -1.84
C THR T 210 67.41 -0.98 -2.28
N ARG T 211 68.28 -1.70 -2.99
CA ARG T 211 69.52 -1.12 -3.49
C ARG T 211 69.26 -0.08 -4.56
N HIS T 212 68.13 -0.18 -5.26
CA HIS T 212 67.74 0.91 -6.14
C HIS T 212 66.93 1.97 -5.43
N ILE T 213 66.19 1.56 -4.39
CA ILE T 213 65.44 2.54 -3.62
C ILE T 213 66.39 3.40 -2.77
N VAL T 214 67.52 2.85 -2.32
CA VAL T 214 68.53 3.71 -1.71
C VAL T 214 69.20 4.56 -2.78
N THR T 215 69.38 4.01 -3.98
CA THR T 215 70.03 4.74 -5.06
C THR T 215 69.18 5.90 -5.54
N LEU T 216 67.88 5.68 -5.68
CA LEU T 216 67.04 6.71 -6.27
C LEU T 216 66.80 7.87 -5.32
N THR T 217 66.65 7.60 -4.02
CA THR T 217 66.38 8.69 -3.10
C THR T 217 67.60 9.54 -2.80
N ASP T 218 68.80 8.96 -2.85
CA ASP T 218 69.98 9.81 -2.81
C ASP T 218 70.20 10.54 -4.11
N LEU T 219 69.62 10.07 -5.21
CA LEU T 219 69.58 10.86 -6.44
C LEU T 219 68.35 11.74 -6.53
N LEU T 220 67.30 11.42 -5.79
CA LEU T 220 66.14 12.29 -5.72
C LEU T 220 66.48 13.60 -5.02
N HIS T 221 67.04 13.52 -3.82
CA HIS T 221 67.35 14.72 -3.05
C HIS T 221 68.48 15.50 -3.69
N LEU T 222 69.39 14.81 -4.38
CA LEU T 222 70.60 15.43 -4.88
C LEU T 222 70.29 16.45 -5.97
N ASN T 223 69.27 16.20 -6.77
CA ASN T 223 68.90 17.15 -7.79
C ASN T 223 68.02 18.25 -7.23
N VAL T 224 67.21 17.93 -6.22
CA VAL T 224 66.44 18.96 -5.52
C VAL T 224 67.39 19.85 -4.73
N SER T 225 68.49 19.29 -4.24
CA SER T 225 69.58 20.08 -3.70
C SER T 225 70.19 20.99 -4.76
N ARG T 226 70.34 20.50 -5.99
CA ARG T 226 71.00 21.21 -7.06
C ARG T 226 70.02 21.97 -7.94
N HIS T 227 68.74 22.02 -7.54
CA HIS T 227 67.68 22.80 -8.20
C HIS T 227 67.48 22.36 -9.65
N ASN T 228 67.69 21.08 -9.89
CA ASN T 228 67.54 20.47 -11.21
C ASN T 228 66.22 19.74 -11.19
N TRP T 229 65.21 20.32 -11.83
CA TRP T 229 63.85 19.87 -11.58
C TRP T 229 63.30 18.94 -12.65
N SER T 230 63.74 19.06 -13.91
CA SER T 230 63.24 18.13 -14.91
C SER T 230 63.82 16.74 -14.71
N LEU T 231 65.01 16.67 -14.13
CA LEU T 231 65.64 15.40 -13.79
C LEU T 231 65.08 14.82 -12.49
N ALA T 232 64.89 15.66 -11.47
CA ALA T 232 64.34 15.18 -10.21
C ALA T 232 62.87 14.82 -10.34
N TYR T 233 62.18 15.35 -11.35
CA TYR T 233 60.87 14.82 -11.70
C TYR T 233 60.97 13.38 -12.17
N LYS T 234 61.98 13.09 -12.99
CA LYS T 234 62.05 11.78 -13.61
C LYS T 234 62.41 10.72 -12.58
N ILE T 235 63.23 11.06 -11.60
CA ILE T 235 63.54 10.12 -10.53
C ILE T 235 62.32 9.91 -9.64
N PHE T 236 61.54 10.97 -9.42
CA PHE T 236 60.40 10.87 -8.53
C PHE T 236 59.25 10.11 -9.18
N ALA T 237 59.11 10.21 -10.50
CA ALA T 237 58.10 9.42 -11.19
C ALA T 237 58.47 7.95 -11.22
N THR T 238 59.77 7.65 -11.23
CA THR T 238 60.20 6.26 -11.23
C THR T 238 60.20 5.65 -9.83
N LEU T 239 60.38 6.47 -8.80
CA LEU T 239 60.45 5.94 -7.45
C LEU T 239 59.08 5.54 -6.92
N ILE T 240 58.03 6.25 -7.31
CA ILE T 240 56.70 5.95 -6.81
C ILE T 240 56.12 4.71 -7.46
N ARG T 241 56.69 4.26 -8.57
CA ARG T 241 56.22 3.07 -9.26
C ARG T 241 56.89 1.81 -8.78
N ILE T 242 58.01 1.92 -8.08
CA ILE T 242 58.66 0.75 -7.51
C ILE T 242 57.93 0.34 -6.24
N PRO T 243 57.52 -0.92 -6.10
CA PRO T 243 56.71 -1.31 -4.94
C PRO T 243 57.45 -1.21 -3.62
N GLY T 244 56.72 -0.83 -2.58
CA GLY T 244 57.26 -0.72 -1.25
C GLY T 244 57.72 0.65 -0.85
N VAL T 245 57.37 1.69 -1.60
CA VAL T 245 57.79 3.05 -1.25
C VAL T 245 56.68 3.72 -0.46
N GLN T 246 57.06 4.67 0.38
CA GLN T 246 56.20 5.18 1.43
C GLN T 246 55.61 6.54 1.11
N ILE T 247 54.93 7.11 2.10
CA ILE T 247 54.43 8.48 2.07
C ILE T 247 55.55 9.50 2.19
N LYS T 248 56.71 9.09 2.75
CA LYS T 248 57.82 10.01 3.05
C LYS T 248 58.32 10.73 1.82
N SER T 249 58.66 9.97 0.77
CA SER T 249 59.02 10.60 -0.49
C SER T 249 57.85 11.31 -1.11
N LEU T 250 56.65 10.74 -0.96
CA LEU T 250 55.46 11.12 -1.72
C LEU T 250 55.07 12.59 -1.61
N TRP T 251 54.63 13.04 -0.45
CA TRP T 251 54.05 14.36 -0.48
C TRP T 251 55.07 15.45 -0.25
N GLY T 252 56.20 15.13 0.38
CA GLY T 252 57.06 16.15 0.95
C GLY T 252 57.68 17.04 -0.11
N ILE T 253 58.37 16.45 -1.07
CA ILE T 253 58.79 17.20 -2.24
C ILE T 253 57.68 17.05 -3.27
N GLY T 254 56.62 17.83 -3.06
CA GLY T 254 55.66 18.29 -4.04
C GLY T 254 56.06 19.65 -4.55
N VAL T 255 57.27 20.08 -4.19
CA VAL T 255 57.90 21.25 -4.76
C VAL T 255 58.19 21.02 -6.24
N GLU T 256 58.37 19.78 -6.64
CA GLU T 256 58.79 19.48 -8.01
C GLU T 256 57.69 19.74 -9.01
N ILE T 257 56.42 19.54 -8.64
CA ILE T 257 55.37 19.81 -9.61
C ILE T 257 55.14 21.31 -9.74
N LEU T 258 55.15 22.01 -8.62
CA LEU T 258 54.91 23.45 -8.65
C LEU T 258 56.08 24.17 -9.29
N ASP T 259 57.30 23.81 -8.92
CA ASP T 259 58.47 24.42 -9.52
C ASP T 259 58.96 23.62 -10.72
N ASN T 260 58.03 23.28 -11.62
CA ASN T 260 58.39 22.75 -12.93
C ASN T 260 57.77 23.64 -13.98
N LEU T 261 56.48 23.93 -13.80
CA LEU T 261 55.70 24.94 -14.50
C LEU T 261 55.53 24.70 -15.99
N SER T 262 55.83 23.49 -16.49
CA SER T 262 55.72 23.28 -17.93
C SER T 262 54.35 22.73 -18.32
N ASN T 263 54.03 21.54 -17.84
CA ASN T 263 52.75 20.89 -18.03
C ASN T 263 52.21 20.47 -16.68
N SER T 264 52.29 21.41 -15.76
CA SER T 264 52.32 21.12 -14.35
C SER T 264 50.91 21.08 -13.76
N SER T 265 50.74 20.23 -12.77
CA SER T 265 49.56 20.26 -11.91
C SER T 265 49.72 21.26 -10.78
N SER T 266 50.88 21.93 -10.72
CA SER T 266 51.26 22.96 -9.75
C SER T 266 51.25 22.45 -8.32
N GLY T 267 51.31 21.14 -8.13
CA GLY T 267 51.37 20.56 -6.82
C GLY T 267 50.06 20.52 -6.07
N LEU T 268 49.05 21.24 -6.52
CA LEU T 268 47.83 21.39 -5.75
C LEU T 268 46.85 20.26 -6.01
N ASP T 269 46.89 19.65 -7.19
CA ASP T 269 46.12 18.45 -7.43
C ASP T 269 46.76 17.23 -6.79
N PHE T 270 48.05 17.29 -6.48
CA PHE T 270 48.67 16.16 -5.81
C PHE T 270 48.47 16.21 -4.31
N LEU T 271 48.51 17.40 -3.71
CA LEU T 271 48.11 17.53 -2.32
C LEU T 271 46.63 17.26 -2.15
N GLN T 272 45.83 17.48 -3.19
CA GLN T 272 44.44 17.05 -3.15
C GLN T 272 44.35 15.53 -3.20
N TRP T 273 45.29 14.89 -3.89
CA TRP T 273 45.33 13.43 -3.90
C TRP T 273 45.74 12.88 -2.54
N MET T 274 46.65 13.58 -1.86
CA MET T 274 47.12 13.11 -0.57
C MET T 274 46.02 13.24 0.48
N CYS T 275 45.27 14.32 0.44
CA CYS T 275 44.27 14.56 1.47
C CYS T 275 42.94 13.89 1.15
N GLN T 276 42.84 13.20 0.02
CA GLN T 276 41.66 12.38 -0.21
C GLN T 276 41.85 10.95 0.26
N ILE T 277 42.96 10.31 -0.10
CA ILE T 277 43.07 8.90 0.25
C ILE T 277 43.72 8.68 1.60
N TYR T 278 44.31 9.72 2.21
CA TYR T 278 44.86 9.59 3.55
C TYR T 278 44.08 10.42 4.55
N SER T 279 42.79 10.60 4.33
CA SER T 279 41.92 11.19 5.34
C SER T 279 41.56 10.11 6.34
N SER T 280 42.05 10.22 7.56
CA SER T 280 41.76 9.23 8.59
C SER T 280 41.57 9.93 9.91
N LYS T 281 40.33 9.96 10.40
CA LYS T 281 40.00 10.58 11.67
C LYS T 281 40.14 9.62 12.84
N SER T 282 40.89 8.55 12.66
CA SER T 282 41.03 7.53 13.69
C SER T 282 41.93 8.02 14.81
N ARG T 283 41.81 7.39 15.97
CA ARG T 283 42.54 7.81 17.14
C ARG T 283 43.93 7.19 17.13
N PHE T 284 44.91 7.95 17.60
CA PHE T 284 46.28 7.47 17.71
C PHE T 284 46.39 6.58 18.95
N VAL T 285 46.65 5.30 18.74
CA VAL T 285 46.43 4.32 19.80
C VAL T 285 47.54 4.38 20.84
N GLN T 286 48.75 4.81 20.44
CA GLN T 286 49.83 5.21 21.34
C GLN T 286 50.32 4.06 22.21
N ASN T 287 50.23 2.85 21.72
CA ASN T 287 50.80 1.75 22.48
C ASN T 287 51.74 0.90 21.64
N ILE T 288 51.42 0.68 20.37
CA ILE T 288 52.25 -0.17 19.55
C ILE T 288 53.55 0.57 19.19
N ASN T 289 54.63 -0.19 19.04
CA ASN T 289 55.83 0.37 18.47
C ASN T 289 55.55 0.67 17.00
N TYR T 290 56.16 1.73 16.48
CA TYR T 290 55.84 2.16 15.13
C TYR T 290 57.01 1.92 14.18
N ARG T 291 56.70 1.28 13.07
CA ARG T 291 57.68 0.94 12.05
C ARG T 291 57.20 1.51 10.74
N SER T 292 58.09 2.26 10.08
CA SER T 292 57.97 2.86 8.75
C SER T 292 56.95 3.99 8.67
N ILE T 293 56.18 4.26 9.71
CA ILE T 293 55.36 5.46 9.73
C ILE T 293 55.90 6.34 10.84
N VAL T 294 55.67 7.64 10.71
CA VAL T 294 55.95 8.56 11.80
C VAL T 294 54.81 9.58 11.76
N PRO T 295 54.35 10.10 12.88
CA PRO T 295 53.25 11.04 12.84
C PRO T 295 53.59 12.39 12.21
N PRO T 296 54.65 13.12 12.61
CA PRO T 296 54.61 14.59 12.40
C PRO T 296 54.70 15.05 10.95
N PHE T 297 54.91 14.18 9.98
CA PHE T 297 54.95 14.61 8.59
C PHE T 297 54.24 13.74 7.59
N GLN T 298 53.65 12.61 7.99
CA GLN T 298 53.05 11.74 7.01
C GLN T 298 51.76 11.03 7.42
N THR T 299 51.28 11.20 8.64
CA THR T 299 49.98 10.63 9.00
C THR T 299 49.10 11.72 9.61
N GLY T 300 47.80 11.42 9.66
CA GLY T 300 46.81 12.41 9.94
C GLY T 300 45.73 12.08 10.94
N SER T 301 46.07 11.47 12.06
CA SER T 301 45.08 10.92 13.00
C SER T 301 44.23 12.02 13.64
N ARG T 302 43.24 11.60 14.41
CA ARG T 302 42.44 12.53 15.18
C ARG T 302 43.31 13.22 16.22
N THR T 303 43.00 14.49 16.49
CA THR T 303 43.78 15.46 17.29
C THR T 303 45.14 15.79 16.68
N HIS T 304 45.32 15.58 15.37
CA HIS T 304 46.54 16.01 14.67
C HIS T 304 46.21 16.17 13.20
N THR T 305 46.06 17.40 12.74
CA THR T 305 45.82 17.62 11.32
C THR T 305 47.07 17.27 10.52
N ALA T 306 46.87 16.60 9.40
CA ALA T 306 48.01 16.13 8.61
C ALA T 306 48.70 17.31 7.96
N LYS T 307 50.02 17.18 7.79
CA LYS T 307 50.78 18.31 7.28
C LYS T 307 50.49 18.55 5.81
N PHE T 308 50.17 17.50 5.07
CA PHE T 308 49.70 17.73 3.71
C PHE T 308 48.30 18.31 3.67
N ALA T 309 47.53 18.18 4.76
CA ALA T 309 46.22 18.81 4.79
C ALA T 309 46.33 20.31 5.00
N ILE T 310 47.21 20.75 5.90
CA ILE T 310 47.38 22.19 6.09
C ILE T 310 48.26 22.82 5.03
N THR T 311 49.09 22.04 4.35
CA THR T 311 49.79 22.60 3.18
C THR T 311 48.82 22.75 2.02
N TYR T 312 47.82 21.87 1.93
CA TYR T 312 46.77 22.06 0.93
C TYR T 312 45.91 23.27 1.22
N LEU T 313 45.81 23.67 2.48
CA LEU T 313 45.03 24.86 2.81
C LEU T 313 45.82 26.14 2.65
N TRP T 314 47.11 26.15 2.98
CA TRP T 314 47.89 27.34 2.75
C TRP T 314 48.13 27.55 1.27
N SER T 315 48.56 26.51 0.57
CA SER T 315 48.98 26.67 -0.81
C SER T 315 47.82 26.78 -1.78
N SER T 316 46.59 26.63 -1.33
CA SER T 316 45.46 26.94 -2.18
C SER T 316 44.81 28.27 -1.84
N LEU T 317 45.16 28.85 -0.69
CA LEU T 317 44.81 30.24 -0.43
C LEU T 317 45.75 31.16 -1.19
N ILE T 318 47.05 30.86 -1.13
CA ILE T 318 48.05 31.69 -1.79
C ILE T 318 47.91 31.57 -3.30
N ASN T 319 47.52 30.38 -3.76
CA ASN T 319 47.32 30.11 -5.20
C ASN T 319 46.07 30.83 -5.71
N CYS T 320 45.09 31.05 -4.83
CA CYS T 320 43.87 31.71 -5.28
C CYS T 320 44.01 33.21 -5.23
N GLN T 321 44.85 33.71 -4.33
CA GLN T 321 45.23 35.13 -4.34
C GLN T 321 45.98 35.49 -5.61
N LYS T 322 46.96 34.66 -5.99
CA LYS T 322 47.76 34.89 -7.18
C LYS T 322 46.98 34.70 -8.47
N SER T 323 45.78 34.13 -8.42
CA SER T 323 44.93 34.03 -9.60
C SER T 323 44.14 35.30 -9.88
N MET T 324 44.44 36.39 -9.20
CA MET T 324 43.77 37.66 -9.39
C MET T 324 44.77 38.75 -9.65
N LEU T 345 37.06 32.32 -6.91
CA LEU T 345 37.40 30.93 -6.64
C LEU T 345 37.66 30.80 -5.15
N ILE T 346 37.80 31.95 -4.48
CA ILE T 346 37.94 31.99 -3.02
C ILE T 346 36.66 31.51 -2.36
N ASP T 347 35.52 31.64 -3.04
CA ASP T 347 34.30 31.05 -2.53
C ASP T 347 34.44 29.54 -2.45
N LYS T 348 35.09 28.92 -3.43
CA LYS T 348 35.19 27.47 -3.45
C LYS T 348 36.15 26.93 -2.39
N ILE T 349 37.21 27.67 -2.05
CA ILE T 349 38.00 27.23 -0.91
C ILE T 349 37.25 27.52 0.38
N SER T 350 36.52 28.64 0.45
CA SER T 350 35.80 28.95 1.67
C SER T 350 34.61 28.03 1.85
N GLU T 351 34.10 27.46 0.76
CA GLU T 351 33.12 26.39 0.89
C GLU T 351 33.75 25.10 1.37
N TRP T 352 34.99 24.79 0.97
CA TRP T 352 35.59 23.55 1.44
C TRP T 352 35.96 23.65 2.91
N VAL T 353 36.62 24.73 3.33
CA VAL T 353 37.10 24.86 4.71
C VAL T 353 35.92 24.91 5.68
N LEU T 354 34.76 25.38 5.21
CA LEU T 354 33.51 25.28 5.95
C LEU T 354 33.18 23.85 6.36
N THR T 355 33.28 22.95 5.38
CA THR T 355 32.88 21.51 5.44
C THR T 355 33.68 20.76 6.49
N PRO T 356 35.01 20.95 6.66
CA PRO T 356 35.74 20.26 7.71
C PRO T 356 35.96 21.20 8.90
N PRO T 357 35.17 21.09 10.00
CA PRO T 357 35.35 21.94 11.16
C PRO T 357 36.34 21.21 12.08
N PHE T 358 37.64 21.38 11.84
CA PHE T 358 38.65 20.68 12.62
C PHE T 358 38.56 21.27 14.01
N MET T 359 37.83 20.60 14.87
CA MET T 359 37.51 21.09 16.19
C MET T 359 38.61 20.82 17.21
N GLU T 360 39.85 20.63 16.76
CA GLU T 360 40.95 20.33 17.64
C GLU T 360 42.18 21.19 17.40
N ASP T 361 42.11 22.19 16.53
CA ASP T 361 43.31 22.98 16.25
C ASP T 361 42.93 24.40 15.88
N ALA T 362 43.91 25.29 15.97
CA ALA T 362 43.69 26.69 15.69
C ALA T 362 44.21 27.13 14.33
N GLU T 363 45.01 26.32 13.66
CA GLU T 363 45.63 26.78 12.43
C GLU T 363 44.65 26.75 11.27
N VAL T 364 43.74 25.77 11.26
CA VAL T 364 42.70 25.76 10.25
C VAL T 364 41.74 26.91 10.42
N TRP T 365 41.43 27.30 11.66
CA TRP T 365 40.58 28.46 11.88
C TRP T 365 41.26 29.77 11.53
N PHE T 366 42.59 29.85 11.63
CA PHE T 366 43.27 31.03 11.16
C PHE T 366 43.21 31.13 9.65
N ILE T 367 43.28 29.98 8.97
CA ILE T 367 43.17 29.97 7.52
C ILE T 367 41.76 30.34 7.10
N TYR T 368 40.77 29.86 7.83
CA TYR T 368 39.37 30.16 7.55
C TYR T 368 39.04 31.60 7.88
N ALA T 369 39.71 32.18 8.88
CA ALA T 369 39.61 33.61 9.10
C ALA T 369 40.33 34.40 8.04
N SER T 370 41.42 33.87 7.50
CA SER T 370 42.19 34.62 6.52
C SER T 370 41.62 34.54 5.13
N CYS T 371 40.79 33.53 4.84
CA CYS T 371 40.09 33.52 3.57
C CYS T 371 39.07 34.65 3.49
N HIS T 372 38.37 34.91 4.60
CA HIS T 372 37.41 35.99 4.59
C HIS T 372 38.07 37.35 4.62
N LEU T 373 39.27 37.44 5.18
CA LEU T 373 40.00 38.71 5.16
C LEU T 373 40.43 39.05 3.74
N LEU T 374 40.59 38.04 2.89
CA LEU T 374 41.02 38.31 1.53
C LEU T 374 39.86 38.81 0.69
N LYS T 375 38.64 38.29 0.93
CA LYS T 375 37.46 38.86 0.30
C LYS T 375 37.19 40.26 0.83
N ALA T 376 37.35 40.46 2.14
CA ALA T 376 37.17 41.78 2.73
C ALA T 376 38.24 42.76 2.29
N ASP T 377 39.38 42.27 1.82
CA ASP T 377 40.41 43.12 1.23
C ASP T 377 40.06 43.49 -0.20
N THR T 378 39.66 42.49 -1.00
CA THR T 378 39.46 42.69 -2.42
C THR T 378 38.24 43.56 -2.67
N LEU T 379 37.14 43.30 -1.97
CA LEU T 379 35.90 44.01 -2.21
C LEU T 379 35.94 45.43 -1.66
N SER T 380 36.90 45.75 -0.81
CA SER T 380 37.01 47.08 -0.21
C SER T 380 37.87 47.99 -1.08
N ARG T 381 37.40 48.18 -2.29
CA ARG T 381 37.90 49.16 -3.25
C ARG T 381 36.78 50.02 -3.80
N GLN T 382 35.57 49.46 -3.91
CA GLN T 382 34.26 50.06 -4.13
C GLN T 382 34.01 50.57 -5.55
N PHE T 383 35.07 50.76 -6.34
CA PHE T 383 35.03 50.95 -7.80
C PHE T 383 34.09 52.08 -8.23
N VAL T 384 34.14 53.20 -7.49
CA VAL T 384 33.27 54.34 -7.78
C VAL T 384 34.10 55.55 -8.17
N ASN T 385 34.95 56.00 -7.24
CA ASN T 385 35.59 57.30 -7.35
C ASN T 385 37.06 57.15 -7.67
N ARG T 397 24.21 50.55 -4.47
CA ARG T 397 25.34 50.03 -3.70
C ARG T 397 24.90 49.55 -2.34
N ASP T 398 23.63 49.20 -2.21
CA ASP T 398 23.10 48.74 -0.93
C ASP T 398 23.59 47.33 -0.59
N ILE T 399 24.12 46.61 -1.58
CA ILE T 399 24.52 45.22 -1.44
C ILE T 399 26.04 45.16 -1.35
N LYS T 400 26.72 46.11 -1.99
CA LYS T 400 28.17 46.20 -1.89
C LYS T 400 28.62 46.52 -0.47
N ILE T 401 27.80 47.23 0.30
CA ILE T 401 28.20 47.59 1.66
C ILE T 401 28.18 46.36 2.54
N ASN T 402 26.99 45.79 2.75
CA ASN T 402 26.77 44.85 3.85
C ASN T 402 27.44 43.50 3.65
N GLN T 403 27.79 43.14 2.41
CA GLN T 403 28.53 41.91 2.19
C GLN T 403 29.93 41.98 2.77
N VAL T 404 30.56 43.16 2.72
CA VAL T 404 31.89 43.32 3.29
C VAL T 404 31.81 43.24 4.81
N ILE T 405 30.74 43.80 5.41
CA ILE T 405 30.50 43.70 6.84
C ILE T 405 30.33 42.24 7.28
N LYS T 406 29.73 41.42 6.43
CA LYS T 406 29.65 39.98 6.70
C LYS T 406 31.02 39.35 6.78
N HIS T 407 31.91 39.69 5.84
CA HIS T 407 33.25 39.12 5.84
C HIS T 407 34.09 39.68 6.98
N ILE T 408 33.91 40.96 7.33
CA ILE T 408 34.60 41.52 8.49
C ILE T 408 34.14 40.82 9.77
N HIS T 409 32.85 40.53 9.86
CA HIS T 409 32.37 39.83 11.04
C HIS T 409 32.76 38.36 11.05
N TYR T 410 32.99 37.76 9.88
CA TYR T 410 33.51 36.39 9.89
C TYR T 410 34.96 36.36 10.37
N VAL T 411 35.74 37.38 10.04
CA VAL T 411 37.13 37.40 10.47
C VAL T 411 37.23 37.58 11.98
N ARG T 412 36.45 38.51 12.54
CA ARG T 412 36.52 38.80 13.96
C ARG T 412 35.99 37.66 14.81
N THR T 413 35.16 36.79 14.25
CA THR T 413 34.63 35.66 14.98
C THR T 413 35.38 34.36 14.75
N PHE T 414 36.08 34.24 13.63
CA PHE T 414 36.91 33.06 13.44
C PHE T 414 38.28 33.26 14.07
N LEU T 415 38.76 34.51 14.13
CA LEU T 415 40.00 34.78 14.83
C LEU T 415 39.83 34.68 16.33
N LYS T 416 38.62 34.94 16.81
CA LYS T 416 38.35 34.77 18.24
C LYS T 416 38.34 33.30 18.61
N ILE T 417 37.67 32.47 17.83
CA ILE T 417 37.67 31.04 18.12
C ILE T 417 39.01 30.41 17.80
N CYS T 418 39.81 31.03 16.93
CA CYS T 418 41.20 30.61 16.76
C CYS T 418 42.01 30.88 18.02
N LEU T 419 41.85 32.06 18.60
CA LEU T 419 42.62 32.46 19.76
C LEU T 419 42.18 31.76 21.02
N ASP T 420 40.95 31.25 21.06
CA ASP T 420 40.48 30.54 22.24
C ASP T 420 41.09 29.14 22.32
N LYS T 421 41.53 28.60 21.18
CA LYS T 421 42.09 27.25 21.13
C LYS T 421 43.52 27.26 21.68
N GLY T 422 44.25 26.20 21.43
CA GLY T 422 45.63 26.09 21.87
C GLY T 422 46.61 26.98 21.14
N GLY T 423 47.87 26.57 21.09
CA GLY T 423 48.91 27.47 20.70
C GLY T 423 49.00 27.75 19.22
N PHE T 424 48.51 28.91 18.82
CA PHE T 424 48.78 29.45 17.50
C PHE T 424 48.74 30.96 17.68
N ALA T 425 49.88 31.56 17.99
CA ALA T 425 49.92 32.96 18.36
C ALA T 425 49.87 33.82 17.11
N VAL T 426 48.85 34.67 17.04
CA VAL T 426 48.65 35.53 15.88
C VAL T 426 49.02 36.95 16.31
N PRO T 427 49.32 37.84 15.39
CA PRO T 427 49.38 39.28 15.75
C PRO T 427 47.99 39.89 15.78
N SER T 428 47.25 39.56 16.83
CA SER T 428 45.84 39.88 16.94
C SER T 428 45.56 41.37 17.04
N ARG T 429 46.54 42.17 17.46
CA ARG T 429 46.41 43.61 17.37
C ARG T 429 46.56 44.07 15.92
N LEU T 430 47.57 43.54 15.23
CA LEU T 430 47.94 44.04 13.91
C LEU T 430 46.89 43.71 12.87
N ILE T 431 46.14 42.63 13.07
CA ILE T 431 45.08 42.27 12.15
C ILE T 431 43.87 43.17 12.35
N GLU T 432 43.61 43.60 13.59
CA GLU T 432 42.54 44.55 13.85
C GLU T 432 42.80 45.92 13.23
N ASN T 433 44.07 46.27 13.04
CA ASN T 433 44.36 47.51 12.33
C ASN T 433 44.02 47.39 10.85
N GLN T 434 44.02 46.16 10.31
CA GLN T 434 43.69 45.96 8.90
C GLN T 434 42.19 45.80 8.67
N LEU T 435 41.44 45.33 9.66
CA LEU T 435 40.00 45.23 9.50
C LEU T 435 39.35 46.60 9.56
N LYS T 436 39.82 47.45 10.49
CA LYS T 436 39.34 48.82 10.58
C LYS T 436 39.66 49.61 9.32
N SER T 437 40.84 49.36 8.73
CA SER T 437 41.22 49.97 7.47
C SER T 437 40.35 49.53 6.31
N PHE T 438 39.72 48.37 6.40
CA PHE T 438 38.78 47.97 5.35
C PHE T 438 37.49 48.77 5.46
N GLU T 439 37.11 49.15 6.67
CA GLU T 439 35.88 49.89 6.91
C GLU T 439 36.05 51.38 6.69
N SER T 440 37.24 51.93 6.96
CA SER T 440 37.49 53.34 6.69
C SER T 440 37.46 53.63 5.20
N ARG T 441 37.90 52.67 4.39
CA ARG T 441 37.74 52.75 2.95
C ARG T 441 36.28 52.58 2.54
N LEU T 442 35.46 52.05 3.44
CA LEU T 442 34.03 51.85 3.20
C LEU T 442 33.21 52.98 3.82
N TYR T 443 33.53 53.34 5.06
CA TYR T 443 32.86 54.39 5.86
C TYR T 443 31.36 54.20 5.99
ZN ZN U . -7.91 -40.13 -15.31
#